data_3OGL
#
_entry.id   3OGL
#
_cell.length_a   122.354
_cell.length_b   220.825
_cell.length_c   148.674
_cell.angle_alpha   90.00
_cell.angle_beta   104.52
_cell.angle_gamma   90.00
#
_symmetry.space_group_name_H-M   'P 1 21 1'
#
loop_
_entity.id
_entity.type
_entity.pdbx_description
1 polymer 'SKP1-like protein 1A'
2 polymer 'Coronatine-insensitive protein 1'
3 polymer 'JAZ1 incomplete degron peptide'
4 non-polymer N-({(1R,2S)-3-oxo-2-[(2Z)-pent-2-en-1-yl]cyclopentyl}acetyl)-L-isoleucine
5 non-polymer 'PHOSPHATE ION'
#
loop_
_entity_poly.entity_id
_entity_poly.type
_entity_poly.pdbx_seq_one_letter_code
_entity_poly.pdbx_strand_id
1 'polypeptide(L)'
;MSAKKIVLKSSDGESFEVEEAVALESQTIAHMVEDDCVDNGVPLPNVTSKILAKVIEYCKRHVEAAASKAEAVEGAATSD
DDLKAWDADFMKIDQATLFELILAANYLNIKNLLDLTCQTVADMIKGKTPEEIRTTFNIKNDFTPEEEEEVRRENQWAFE
;
A,C,E,G,I,K,M,O
2 'polypeptide(L)'
;MEDPDIKRCKLSCVATVDDVIEQVMTYITDPKDRDSASLVCRRWFKIDSETREHVTMALCYTATPDRLSRRFPNLRSLKL
KGKPRAAMFNLIPENWGGYVTPWVTEISNNLRQLKSVHFRRMIVSDLDLDRLAKARADDLETLKLDKCSGFTTDGLLSIV
THCRKIKTLLMEESSFSEKDGKWLHELAQHNTSLEVLNFYMTEFAKISPKDLETIARNCRSLVSVKVGDFEILELVGFFK
AAANLEEFCGGSLNEDIGMPEKYMNLVFPRKLCRLGLSYMGPNEMPILFPFAAQIRKLDLLYALLETEDHCTLIQKCPNL
EVLETRNVIGDRGLEVLAQYCKQLKRLRIERGADEQGMEDEEGLVSQRGLIALAQGCQELEYMAVYVSDITNESLESIGT
YLKNLCDFRLVLLDREERITDLPLDNGVRSLLIGCKKLRRFAFYLRQGGLTDLGLSYIGQYSPNVRWMLLGYVGESDEGL
MEFSRGCPNLQKLEMRGCCFSERAIAAAVTKLPSLRYLWVQGYRASMTGQDLMQMARPYWNIELIPSRRVPEVNQQGEIR
EMEHPAHILAYYSLAGQRTDCPTTVRVLKEPI
;
B,D,F,H,J,L,N,P
3 'polypeptide(L)' ELPIARRASLHRFLEKRKDRV Q,R,S,U,V,W,X
#
# COMPACT_ATOMS: atom_id res chain seq x y z
N LYS A 5 -1.60 24.85 -54.16
CA LYS A 5 -0.40 24.08 -53.88
C LYS A 5 0.22 24.44 -52.53
N ILE A 6 0.60 23.41 -51.76
CA ILE A 6 1.20 23.58 -50.42
C ILE A 6 2.60 22.93 -50.26
N VAL A 7 3.37 23.44 -49.31
CA VAL A 7 4.73 22.94 -49.06
C VAL A 7 4.84 22.20 -47.74
N LEU A 8 5.37 20.97 -47.80
CA LEU A 8 5.54 20.16 -46.61
C LEU A 8 7.01 19.87 -46.36
N LYS A 9 7.53 20.34 -45.23
CA LYS A 9 8.94 20.15 -44.92
C LYS A 9 9.20 18.92 -44.04
N SER A 10 9.82 17.91 -44.66
CA SER A 10 10.07 16.61 -44.02
C SER A 10 11.09 16.66 -42.86
N SER A 11 11.27 15.50 -42.22
CA SER A 11 12.09 15.40 -41.02
C SER A 11 13.60 15.42 -41.27
N ASP A 12 14.00 15.85 -42.46
CA ASP A 12 15.42 15.99 -42.76
C ASP A 12 15.62 17.14 -43.73
N GLY A 13 14.80 18.17 -43.56
CA GLY A 13 14.78 19.31 -44.47
C GLY A 13 14.58 18.86 -45.90
N GLU A 14 13.36 18.92 -46.39
CA GLU A 14 13.05 18.37 -47.70
C GLU A 14 11.72 18.87 -48.20
N SER A 15 11.72 20.08 -48.75
CA SER A 15 10.47 20.64 -49.26
C SER A 15 9.75 19.68 -50.22
N PHE A 16 8.42 19.64 -50.09
CA PHE A 16 7.58 18.80 -50.94
C PHE A 16 6.42 19.61 -51.56
N GLU A 17 6.43 19.74 -52.88
CA GLU A 17 5.39 20.45 -53.60
C GLU A 17 4.18 19.54 -53.76
N VAL A 18 3.07 19.88 -53.11
CA VAL A 18 1.86 19.05 -53.22
C VAL A 18 0.61 19.89 -53.40
N GLU A 19 -0.39 19.29 -54.05
CA GLU A 19 -1.59 20.04 -54.41
C GLU A 19 -2.43 20.35 -53.18
N GLU A 20 -3.35 21.29 -53.34
CA GLU A 20 -4.28 21.68 -52.28
C GLU A 20 -4.99 20.48 -51.66
N ALA A 21 -5.85 19.83 -52.46
CA ALA A 21 -6.72 18.75 -51.98
C ALA A 21 -5.97 17.47 -51.56
N VAL A 22 -4.72 17.33 -52.00
CA VAL A 22 -3.90 16.17 -51.65
C VAL A 22 -3.39 16.28 -50.23
N ALA A 23 -2.94 17.48 -49.85
CA ALA A 23 -2.46 17.68 -48.51
C ALA A 23 -3.60 17.70 -47.49
N LEU A 24 -4.83 17.89 -47.97
CA LEU A 24 -5.98 17.99 -47.07
C LEU A 24 -6.54 16.63 -46.65
N GLU A 25 -5.96 15.56 -47.18
CA GLU A 25 -6.37 14.24 -46.73
C GLU A 25 -5.99 14.09 -45.25
N SER A 26 -4.90 14.74 -44.88
CA SER A 26 -4.46 14.75 -43.49
C SER A 26 -5.20 15.80 -42.70
N GLN A 27 -6.09 15.37 -41.81
CA GLN A 27 -6.76 16.31 -40.93
C GLN A 27 -5.79 17.00 -39.98
N THR A 28 -4.52 16.62 -40.01
CA THR A 28 -3.52 17.30 -39.20
C THR A 28 -3.03 18.51 -39.97
N ILE A 29 -2.93 18.38 -41.28
CA ILE A 29 -2.51 19.50 -42.12
C ILE A 29 -3.72 20.38 -42.44
N ALA A 30 -4.91 19.81 -42.33
CA ALA A 30 -6.13 20.60 -42.44
C ALA A 30 -6.30 21.55 -41.25
N HIS A 31 -6.25 21.00 -40.03
CA HIS A 31 -6.41 21.80 -38.82
C HIS A 31 -5.21 22.72 -38.61
N MET A 32 -4.38 22.83 -39.64
CA MET A 32 -3.18 23.63 -39.57
C MET A 32 -3.16 24.68 -40.68
N VAL A 33 -4.27 24.80 -41.38
CA VAL A 33 -4.47 25.90 -42.31
C VAL A 33 -5.45 26.89 -41.68
N GLU A 34 -5.72 26.71 -40.38
CA GLU A 34 -6.50 27.67 -39.61
C GLU A 34 -5.55 28.67 -38.99
N ASP A 35 -4.80 28.22 -37.98
CA ASP A 35 -3.67 28.95 -37.45
C ASP A 35 -2.51 28.87 -38.44
N ASP A 36 -2.84 29.06 -39.71
CA ASP A 36 -1.93 28.84 -40.85
C ASP A 36 -0.44 29.16 -40.65
N CYS A 37 0.30 28.15 -40.19
CA CYS A 37 1.77 28.23 -40.16
C CYS A 37 2.28 28.02 -41.57
N VAL A 38 1.36 27.91 -42.51
CA VAL A 38 1.68 27.60 -43.90
C VAL A 38 2.59 28.65 -44.54
N ASP A 39 2.71 29.80 -43.88
CA ASP A 39 3.57 30.90 -44.36
C ASP A 39 4.98 30.38 -44.68
N ASN A 40 5.52 29.58 -43.77
CA ASN A 40 6.85 29.00 -43.93
C ASN A 40 6.77 27.52 -44.31
N GLY A 41 5.64 27.14 -44.90
CA GLY A 41 5.38 25.75 -45.21
C GLY A 41 5.14 24.94 -43.94
N VAL A 42 4.23 23.96 -44.03
CA VAL A 42 3.91 23.10 -42.89
C VAL A 42 5.06 22.18 -42.47
N PRO A 43 5.61 22.42 -41.28
CA PRO A 43 6.77 21.67 -40.79
C PRO A 43 6.33 20.39 -40.08
N LEU A 44 6.79 19.24 -40.54
CA LEU A 44 6.48 18.01 -39.83
C LEU A 44 7.67 17.06 -39.73
N PRO A 45 8.41 17.19 -38.64
CA PRO A 45 9.74 16.59 -38.45
C PRO A 45 9.68 15.22 -37.82
N ASN A 46 8.52 14.57 -37.91
CA ASN A 46 8.39 13.22 -37.37
C ASN A 46 8.16 12.22 -38.48
N VAL A 47 8.27 12.71 -39.71
CA VAL A 47 8.16 11.87 -40.90
C VAL A 47 9.46 11.82 -41.67
N THR A 48 10.00 10.61 -41.78
CA THR A 48 11.12 10.35 -42.66
C THR A 48 10.72 10.86 -44.06
N SER A 49 11.68 11.42 -44.79
CA SER A 49 11.34 11.96 -46.10
C SER A 49 10.97 10.84 -47.09
N LYS A 50 11.71 9.74 -47.01
CA LYS A 50 11.41 8.55 -47.78
C LYS A 50 9.95 8.11 -47.59
N ILE A 51 9.46 8.24 -46.37
CA ILE A 51 8.10 7.82 -45.99
C ILE A 51 7.04 8.80 -46.46
N LEU A 52 7.25 10.07 -46.13
CA LEU A 52 6.34 11.14 -46.52
C LEU A 52 6.09 11.05 -48.01
N ALA A 53 7.12 10.68 -48.76
CA ALA A 53 7.02 10.42 -50.20
C ALA A 53 5.93 9.40 -50.49
N LYS A 54 6.09 8.23 -49.88
CA LYS A 54 5.12 7.14 -50.03
C LYS A 54 3.71 7.54 -49.59
N VAL A 55 3.62 8.38 -48.57
CA VAL A 55 2.31 8.85 -48.10
C VAL A 55 1.58 9.69 -49.14
N ILE A 56 2.31 10.65 -49.73
CA ILE A 56 1.74 11.55 -50.72
C ILE A 56 1.28 10.76 -51.94
N GLU A 57 2.05 9.73 -52.28
CA GLU A 57 1.71 8.87 -53.40
C GLU A 57 0.34 8.26 -53.19
N TYR A 58 0.05 7.86 -51.96
CA TYR A 58 -1.23 7.23 -51.62
C TYR A 58 -2.38 8.22 -51.76
N CYS A 59 -2.20 9.37 -51.12
CA CYS A 59 -3.22 10.41 -51.16
C CYS A 59 -3.46 10.88 -52.60
N LYS A 60 -2.38 11.08 -53.34
CA LYS A 60 -2.50 11.46 -54.74
C LYS A 60 -3.54 10.58 -55.42
N ARG A 61 -3.32 9.27 -55.41
CA ARG A 61 -4.17 8.33 -56.13
C ARG A 61 -5.62 8.28 -55.62
N HIS A 62 -5.80 8.44 -54.32
CA HIS A 62 -7.14 8.33 -53.73
C HIS A 62 -8.02 9.52 -54.02
N VAL A 63 -7.41 10.72 -54.03
CA VAL A 63 -8.09 11.95 -54.43
C VAL A 63 -8.60 11.87 -55.87
N GLU A 64 -7.82 11.20 -56.73
CA GLU A 64 -8.23 10.89 -58.10
C GLU A 64 -9.28 9.77 -58.10
N ALA A 65 -10.22 9.88 -57.17
CA ALA A 65 -11.45 9.10 -57.19
C ALA A 65 -12.61 10.06 -57.48
N ALA A 66 -12.29 11.23 -58.00
CA ALA A 66 -13.28 12.17 -58.54
C ALA A 66 -13.91 11.55 -59.80
N ALA A 67 -13.05 11.20 -60.76
CA ALA A 67 -13.42 10.24 -61.77
C ALA A 67 -13.64 8.95 -60.99
N ASP A 80 -13.93 1.91 -58.15
CA ASP A 80 -13.62 1.20 -56.90
C ASP A 80 -12.91 -0.12 -57.15
N ASP A 81 -13.22 -0.72 -58.29
CA ASP A 81 -12.69 -2.02 -58.64
C ASP A 81 -11.16 -1.99 -58.69
N ASP A 82 -10.62 -0.95 -59.34
CA ASP A 82 -9.19 -0.84 -59.60
C ASP A 82 -8.42 -0.20 -58.45
N LEU A 83 -9.14 0.18 -57.40
CA LEU A 83 -8.51 0.76 -56.22
C LEU A 83 -7.98 -0.30 -55.26
N LYS A 84 -8.84 -1.23 -54.86
CA LYS A 84 -8.38 -2.32 -54.00
C LYS A 84 -7.21 -2.99 -54.70
N ALA A 85 -7.18 -2.85 -56.01
CA ALA A 85 -6.07 -3.31 -56.82
C ALA A 85 -4.75 -2.56 -56.51
N TRP A 86 -4.71 -1.26 -56.76
CA TRP A 86 -3.53 -0.42 -56.49
C TRP A 86 -3.16 -0.50 -55.02
N ASP A 87 -4.18 -0.52 -54.16
CA ASP A 87 -3.97 -0.60 -52.72
C ASP A 87 -3.17 -1.86 -52.35
N ALA A 88 -3.70 -3.02 -52.73
CA ALA A 88 -3.00 -4.28 -52.50
C ALA A 88 -1.56 -4.26 -53.00
N ASP A 89 -1.36 -3.75 -54.21
CA ASP A 89 -0.03 -3.65 -54.79
C ASP A 89 0.83 -2.57 -54.06
N PHE A 90 0.18 -1.56 -53.49
CA PHE A 90 0.88 -0.50 -52.78
C PHE A 90 1.48 -1.05 -51.49
N MET A 91 0.87 -2.11 -50.96
CA MET A 91 1.23 -2.66 -49.65
C MET A 91 2.34 -3.71 -49.71
N LYS A 92 2.71 -4.13 -50.92
CA LYS A 92 3.84 -5.04 -51.09
C LYS A 92 5.17 -4.37 -50.69
N ILE A 93 5.32 -4.08 -49.40
CA ILE A 93 6.53 -3.48 -48.86
C ILE A 93 7.00 -4.30 -47.69
N ASP A 94 8.20 -4.02 -47.18
CA ASP A 94 8.71 -4.75 -46.03
C ASP A 94 8.05 -4.30 -44.72
N GLN A 95 8.12 -5.16 -43.69
CA GLN A 95 7.49 -4.85 -42.41
C GLN A 95 7.91 -3.50 -41.89
N ALA A 96 9.20 -3.35 -41.68
CA ALA A 96 9.73 -2.12 -41.12
C ALA A 96 9.10 -0.88 -41.79
N THR A 97 8.95 -0.92 -43.10
CA THR A 97 8.39 0.21 -43.80
C THR A 97 6.92 0.33 -43.51
N LEU A 98 6.23 -0.79 -43.54
CA LEU A 98 4.81 -0.86 -43.21
C LEU A 98 4.50 -0.19 -41.88
N PHE A 99 5.26 -0.52 -40.85
CA PHE A 99 5.04 0.06 -39.55
C PHE A 99 5.22 1.58 -39.57
N GLU A 100 6.30 2.04 -40.19
CA GLU A 100 6.60 3.46 -40.29
C GLU A 100 5.49 4.24 -40.96
N LEU A 101 4.67 3.54 -41.74
CA LEU A 101 3.56 4.16 -42.46
C LEU A 101 2.38 4.32 -41.56
N ILE A 102 2.11 3.30 -40.75
CA ILE A 102 1.04 3.37 -39.76
C ILE A 102 1.29 4.56 -38.84
N LEU A 103 2.48 4.54 -38.23
CA LEU A 103 2.94 5.65 -37.42
C LEU A 103 2.73 7.01 -38.08
N ALA A 104 2.99 7.07 -39.39
CA ALA A 104 2.87 8.28 -40.17
C ALA A 104 1.44 8.69 -40.37
N ALA A 105 0.57 7.73 -40.70
CA ALA A 105 -0.86 8.03 -40.89
C ALA A 105 -1.49 8.52 -39.60
N ASN A 106 -0.98 8.02 -38.49
CA ASN A 106 -1.47 8.41 -37.18
C ASN A 106 -0.96 9.79 -36.77
N TYR A 107 0.25 10.12 -37.21
CA TYR A 107 0.88 11.42 -36.95
C TYR A 107 0.22 12.53 -37.75
N LEU A 108 -0.05 12.25 -39.02
CA LEU A 108 -0.96 13.05 -39.80
C LEU A 108 -2.30 12.54 -39.34
N ASN A 109 -3.34 12.66 -40.15
CA ASN A 109 -4.59 12.06 -39.71
C ASN A 109 -5.39 11.49 -40.86
N ILE A 110 -4.81 10.52 -41.52
CA ILE A 110 -5.40 9.98 -42.71
C ILE A 110 -6.12 8.70 -42.37
N LYS A 111 -7.42 8.81 -42.12
CA LYS A 111 -8.21 7.67 -41.65
C LYS A 111 -8.25 6.54 -42.67
N ASN A 112 -8.39 6.87 -43.94
CA ASN A 112 -8.40 5.86 -44.98
C ASN A 112 -7.06 5.11 -45.03
N LEU A 113 -5.97 5.74 -44.61
CA LEU A 113 -4.65 5.14 -44.70
C LEU A 113 -4.26 4.27 -43.51
N LEU A 114 -4.76 4.59 -42.34
CA LEU A 114 -4.51 3.81 -41.16
C LEU A 114 -5.29 2.50 -41.32
N ASP A 115 -6.55 2.64 -41.71
CA ASP A 115 -7.40 1.50 -42.00
C ASP A 115 -6.73 0.56 -43.02
N LEU A 116 -5.64 1.00 -43.63
CA LEU A 116 -4.95 0.15 -44.58
C LEU A 116 -3.65 -0.42 -44.03
N THR A 117 -2.82 0.42 -43.42
CA THR A 117 -1.57 -0.07 -42.87
C THR A 117 -1.81 -1.03 -41.70
N CYS A 118 -2.63 -0.60 -40.74
CA CYS A 118 -2.99 -1.44 -39.60
C CYS A 118 -3.58 -2.76 -40.04
N GLN A 119 -4.58 -2.67 -40.90
CA GLN A 119 -5.17 -3.86 -41.49
C GLN A 119 -4.15 -4.74 -42.22
N THR A 120 -3.07 -4.15 -42.73
CA THR A 120 -2.04 -4.92 -43.41
C THR A 120 -1.26 -5.75 -42.39
N VAL A 121 -0.95 -5.13 -41.26
CA VAL A 121 -0.23 -5.79 -40.19
C VAL A 121 -1.15 -6.84 -39.62
N ALA A 122 -2.40 -6.47 -39.41
CA ALA A 122 -3.37 -7.42 -38.88
C ALA A 122 -3.49 -8.65 -39.76
N ASP A 123 -3.37 -8.47 -41.06
CA ASP A 123 -3.48 -9.60 -41.97
C ASP A 123 -2.31 -10.57 -41.82
N MET A 124 -1.16 -10.06 -41.39
CA MET A 124 0.01 -10.87 -41.15
C MET A 124 -0.22 -11.82 -39.99
N ILE A 125 -1.02 -11.36 -39.02
CA ILE A 125 -1.35 -12.16 -37.84
C ILE A 125 -2.44 -13.17 -38.14
N LYS A 126 -3.53 -12.67 -38.69
CA LYS A 126 -4.72 -13.48 -38.96
C LYS A 126 -4.41 -14.84 -39.60
N GLY A 127 -4.46 -15.89 -38.78
CA GLY A 127 -4.23 -17.24 -39.25
C GLY A 127 -3.04 -17.93 -38.60
N LYS A 128 -2.08 -17.16 -38.11
CA LYS A 128 -0.88 -17.73 -37.53
C LYS A 128 -1.13 -18.20 -36.10
N THR A 129 -0.23 -19.04 -35.59
CA THR A 129 -0.29 -19.48 -34.21
C THR A 129 0.68 -18.67 -33.39
N PRO A 130 0.53 -18.69 -32.06
CA PRO A 130 1.36 -17.81 -31.23
C PRO A 130 2.86 -17.94 -31.56
N GLU A 131 3.31 -19.16 -31.86
CA GLU A 131 4.72 -19.33 -32.18
C GLU A 131 4.97 -18.69 -33.54
N GLU A 132 4.21 -19.11 -34.55
CA GLU A 132 4.32 -18.54 -35.88
C GLU A 132 4.30 -17.01 -35.88
N ILE A 133 3.58 -16.43 -34.94
CA ILE A 133 3.55 -14.99 -34.79
C ILE A 133 4.93 -14.48 -34.37
N ARG A 134 5.38 -14.82 -33.15
CA ARG A 134 6.59 -14.20 -32.60
C ARG A 134 7.83 -14.61 -33.35
N THR A 135 7.66 -15.62 -34.21
CA THR A 135 8.64 -15.99 -35.23
C THR A 135 8.74 -14.88 -36.25
N THR A 136 7.64 -14.64 -36.96
CA THR A 136 7.60 -13.64 -38.02
C THR A 136 7.52 -12.18 -37.52
N PHE A 137 8.07 -11.91 -36.33
CA PHE A 137 8.13 -10.57 -35.77
C PHE A 137 9.32 -10.50 -34.83
N ASN A 138 9.92 -11.66 -34.61
CA ASN A 138 11.02 -11.79 -33.69
C ASN A 138 10.65 -11.19 -32.34
N ILE A 139 9.79 -11.92 -31.62
CA ILE A 139 9.36 -11.53 -30.27
C ILE A 139 9.67 -12.62 -29.25
N LYS A 140 10.39 -12.25 -28.20
CA LYS A 140 10.72 -13.21 -27.16
C LYS A 140 9.48 -13.47 -26.27
N ASN A 141 9.07 -14.74 -26.23
CA ASN A 141 8.03 -15.22 -25.34
C ASN A 141 8.41 -15.14 -23.83
N ASP A 142 7.88 -14.14 -23.12
CA ASP A 142 8.22 -13.95 -21.71
C ASP A 142 7.20 -14.49 -20.72
N PHE A 143 6.45 -15.49 -21.14
CA PHE A 143 5.45 -16.12 -20.29
C PHE A 143 6.02 -17.19 -19.35
N THR A 144 5.87 -17.02 -18.05
CA THR A 144 6.18 -18.13 -17.19
C THR A 144 5.23 -19.25 -17.63
N PRO A 145 5.64 -20.52 -17.45
CA PRO A 145 4.78 -21.60 -17.93
C PRO A 145 3.40 -21.63 -17.27
N GLU A 146 3.29 -21.17 -16.04
CA GLU A 146 2.00 -21.13 -15.35
C GLU A 146 1.13 -20.11 -16.03
N GLU A 147 1.69 -18.94 -16.30
CA GLU A 147 0.97 -17.87 -16.97
C GLU A 147 0.43 -18.37 -18.28
N GLU A 148 1.32 -18.83 -19.15
CA GLU A 148 0.93 -19.37 -20.44
C GLU A 148 -0.19 -20.41 -20.30
N GLU A 149 -0.09 -21.27 -19.29
CA GLU A 149 -1.07 -22.32 -19.10
C GLU A 149 -2.42 -21.74 -18.69
N GLU A 150 -2.42 -20.87 -17.69
CA GLU A 150 -3.67 -20.22 -17.34
C GLU A 150 -4.27 -19.55 -18.55
N VAL A 151 -3.51 -18.72 -19.24
CA VAL A 151 -4.06 -18.03 -20.41
C VAL A 151 -4.64 -19.02 -21.41
N ARG A 152 -3.89 -20.05 -21.70
CA ARG A 152 -4.35 -21.05 -22.64
C ARG A 152 -5.64 -21.71 -22.12
N ARG A 153 -5.66 -22.05 -20.83
CA ARG A 153 -6.83 -22.66 -20.23
C ARG A 153 -8.05 -21.77 -20.34
N GLU A 154 -7.93 -20.51 -19.91
CA GLU A 154 -9.00 -19.53 -20.05
C GLU A 154 -9.48 -19.50 -21.48
N ASN A 155 -8.53 -19.32 -22.40
CA ASN A 155 -8.84 -19.27 -23.82
C ASN A 155 -9.62 -20.45 -24.37
N GLN A 156 -9.36 -21.67 -23.91
CA GLN A 156 -9.95 -22.82 -24.59
C GLN A 156 -11.04 -23.50 -23.82
N TRP A 157 -11.16 -23.16 -22.55
CA TRP A 157 -12.17 -23.77 -21.68
C TRP A 157 -13.29 -22.82 -21.33
N ALA A 158 -13.01 -21.52 -21.18
CA ALA A 158 -14.01 -20.57 -20.67
C ALA A 158 -14.48 -19.50 -21.65
N PHE A 159 -13.54 -18.68 -22.13
CA PHE A 159 -13.89 -17.52 -22.92
C PHE A 159 -13.69 -17.62 -24.44
N GLU A 160 -14.80 -17.77 -25.17
CA GLU A 160 -14.90 -17.51 -26.62
C GLU A 160 -15.42 -18.68 -27.47
N SER B 12 15.12 8.95 -32.82
CA SER B 12 14.61 8.02 -33.85
C SER B 12 15.43 6.75 -33.91
N CYS B 13 14.86 5.69 -33.34
CA CYS B 13 15.43 4.35 -33.44
C CYS B 13 14.53 3.55 -34.38
N VAL B 14 15.02 2.42 -34.89
CA VAL B 14 14.22 1.57 -35.77
C VAL B 14 12.86 1.33 -35.14
N ALA B 15 11.80 1.37 -35.93
CA ALA B 15 10.45 1.16 -35.36
C ALA B 15 10.04 -0.32 -35.28
N THR B 16 9.70 -0.77 -34.07
CA THR B 16 9.36 -2.18 -33.79
C THR B 16 7.86 -2.35 -33.94
N VAL B 17 7.39 -3.59 -33.88
CA VAL B 17 5.97 -3.87 -33.79
C VAL B 17 5.44 -3.29 -32.49
N ASP B 18 6.22 -3.43 -31.42
CA ASP B 18 5.82 -2.97 -30.10
C ASP B 18 5.45 -1.49 -30.09
N ASP B 19 5.78 -0.78 -31.18
CA ASP B 19 5.52 0.66 -31.28
C ASP B 19 4.18 0.94 -31.98
N VAL B 20 3.41 -0.09 -32.21
CA VAL B 20 2.34 0.00 -33.18
C VAL B 20 1.23 -1.03 -32.90
N ILE B 21 1.46 -1.89 -31.93
CA ILE B 21 0.57 -3.02 -31.68
C ILE B 21 -0.75 -2.62 -30.99
N GLU B 22 -0.68 -1.69 -30.05
CA GLU B 22 -1.87 -1.21 -29.38
C GLU B 22 -2.92 -0.77 -30.42
N GLN B 23 -2.43 -0.29 -31.57
CA GLN B 23 -3.26 0.24 -32.66
C GLN B 23 -3.80 -0.88 -33.54
N VAL B 24 -2.90 -1.74 -33.99
CA VAL B 24 -3.22 -2.83 -34.90
C VAL B 24 -4.21 -3.78 -34.29
N MET B 25 -4.07 -4.04 -32.99
CA MET B 25 -4.86 -5.06 -32.30
C MET B 25 -6.36 -4.86 -32.49
N THR B 26 -6.77 -3.60 -32.49
CA THR B 26 -8.18 -3.27 -32.66
C THR B 26 -8.68 -3.49 -34.09
N TYR B 27 -7.86 -4.09 -34.95
CA TYR B 27 -8.29 -4.43 -36.31
C TYR B 27 -8.41 -5.93 -36.45
N ILE B 28 -8.09 -6.64 -35.38
CA ILE B 28 -8.22 -8.08 -35.37
C ILE B 28 -9.53 -8.34 -34.71
N THR B 29 -10.43 -8.95 -35.47
CA THR B 29 -11.81 -9.08 -35.08
C THR B 29 -12.13 -10.53 -34.72
N ASP B 30 -11.52 -11.45 -35.46
CA ASP B 30 -11.72 -12.88 -35.26
C ASP B 30 -11.35 -13.33 -33.85
N PRO B 31 -12.30 -13.96 -33.15
CA PRO B 31 -12.13 -14.47 -31.79
C PRO B 31 -11.03 -15.50 -31.66
N LYS B 32 -10.67 -16.15 -32.77
CA LYS B 32 -9.65 -17.18 -32.75
C LYS B 32 -8.26 -16.57 -32.98
N ASP B 33 -8.23 -15.31 -33.38
CA ASP B 33 -6.96 -14.67 -33.66
C ASP B 33 -6.58 -13.86 -32.46
N ARG B 34 -7.59 -13.31 -31.80
CA ARG B 34 -7.39 -12.69 -30.49
C ARG B 34 -6.84 -13.75 -29.56
N ASP B 35 -7.40 -14.96 -29.64
CA ASP B 35 -6.94 -16.09 -28.85
C ASP B 35 -5.43 -16.24 -28.99
N SER B 36 -4.96 -16.37 -30.23
CA SER B 36 -3.54 -16.53 -30.50
C SER B 36 -2.78 -15.31 -29.99
N ALA B 37 -3.16 -14.15 -30.51
CA ALA B 37 -2.49 -12.90 -30.19
C ALA B 37 -2.24 -12.69 -28.68
N SER B 38 -3.14 -13.22 -27.87
CA SER B 38 -3.06 -13.05 -26.44
C SER B 38 -1.95 -13.87 -25.88
N LEU B 39 -1.37 -14.73 -26.71
CA LEU B 39 -0.42 -15.73 -26.29
C LEU B 39 0.99 -15.54 -26.82
N VAL B 40 1.24 -14.47 -27.56
CA VAL B 40 2.59 -14.30 -28.09
C VAL B 40 3.52 -13.71 -27.03
N CYS B 41 2.98 -13.01 -26.05
CA CYS B 41 3.80 -12.49 -24.96
C CYS B 41 2.99 -11.67 -23.98
N ARG B 42 3.59 -11.35 -22.85
CA ARG B 42 2.91 -10.61 -21.83
C ARG B 42 2.33 -9.27 -22.28
N ARG B 43 3.01 -8.56 -23.18
CA ARG B 43 2.48 -7.25 -23.56
C ARG B 43 1.25 -7.37 -24.43
N TRP B 44 1.39 -8.17 -25.47
CA TRP B 44 0.26 -8.47 -26.33
C TRP B 44 -0.93 -8.98 -25.53
N PHE B 45 -0.66 -9.83 -24.56
CA PHE B 45 -1.74 -10.34 -23.72
C PHE B 45 -2.47 -9.19 -23.03
N LYS B 46 -1.73 -8.23 -22.48
CA LYS B 46 -2.35 -7.13 -21.76
C LYS B 46 -3.14 -6.26 -22.72
N ILE B 47 -2.63 -6.11 -23.93
CA ILE B 47 -3.29 -5.24 -24.88
C ILE B 47 -4.58 -5.87 -25.33
N ASP B 48 -4.57 -7.16 -25.58
CA ASP B 48 -5.79 -7.85 -25.98
C ASP B 48 -6.79 -7.70 -24.86
N SER B 49 -6.33 -7.91 -23.63
CA SER B 49 -7.17 -7.82 -22.43
C SER B 49 -7.94 -6.52 -22.32
N GLU B 50 -7.28 -5.42 -22.66
CA GLU B 50 -7.89 -4.10 -22.46
C GLU B 50 -8.62 -3.60 -23.67
N THR B 51 -8.57 -4.35 -24.76
CA THR B 51 -9.26 -3.97 -25.98
C THR B 51 -10.35 -4.93 -26.43
N ARG B 52 -10.39 -6.12 -25.86
CA ARG B 52 -11.42 -7.11 -26.23
C ARG B 52 -12.79 -6.55 -25.95
N GLU B 53 -13.68 -6.61 -26.95
CA GLU B 53 -14.99 -5.97 -26.84
C GLU B 53 -16.11 -6.98 -26.57
N HIS B 54 -16.02 -8.15 -27.19
CA HIS B 54 -17.03 -9.18 -26.99
C HIS B 54 -16.49 -10.54 -26.56
N VAL B 55 -17.11 -11.13 -25.56
CA VAL B 55 -16.78 -12.46 -25.13
C VAL B 55 -18.03 -13.34 -25.02
N THR B 56 -17.90 -14.62 -25.23
CA THR B 56 -19.03 -15.51 -25.08
C THR B 56 -18.62 -16.69 -24.24
N MET B 57 -19.34 -16.99 -23.19
CA MET B 57 -19.05 -18.21 -22.46
C MET B 57 -20.09 -19.24 -22.82
N ALA B 58 -19.67 -20.37 -23.36
CA ALA B 58 -20.65 -21.38 -23.74
C ALA B 58 -21.25 -22.07 -22.53
N LEU B 59 -20.60 -21.95 -21.38
CA LEU B 59 -21.08 -22.54 -20.14
C LEU B 59 -20.65 -21.67 -19.05
N CYS B 60 -21.60 -21.01 -18.41
CA CYS B 60 -21.30 -20.05 -17.38
C CYS B 60 -20.54 -20.65 -16.21
N TYR B 61 -20.71 -21.94 -15.99
CA TYR B 61 -20.10 -22.55 -14.83
C TYR B 61 -18.62 -22.86 -15.06
N THR B 62 -18.13 -22.43 -16.21
CA THR B 62 -16.79 -22.76 -16.67
C THR B 62 -15.73 -21.84 -16.00
N ALA B 63 -16.17 -20.70 -15.50
CA ALA B 63 -15.29 -19.76 -14.82
C ALA B 63 -16.06 -18.83 -13.89
N THR B 64 -15.35 -18.23 -12.94
CA THR B 64 -15.93 -17.24 -12.03
C THR B 64 -16.17 -15.89 -12.69
N PRO B 65 -17.20 -15.17 -12.24
CA PRO B 65 -17.38 -13.89 -12.90
C PRO B 65 -16.23 -12.98 -12.56
N ASP B 66 -15.60 -13.23 -11.41
CA ASP B 66 -14.39 -12.50 -11.11
C ASP B 66 -13.33 -12.68 -12.19
N ARG B 67 -13.05 -13.91 -12.54
CA ARG B 67 -12.03 -14.23 -13.52
C ARG B 67 -12.26 -13.54 -14.84
N LEU B 68 -13.52 -13.47 -15.25
CA LEU B 68 -13.90 -12.82 -16.50
C LEU B 68 -13.62 -11.33 -16.48
N SER B 69 -14.06 -10.65 -15.42
CA SER B 69 -13.89 -9.19 -15.35
C SER B 69 -12.42 -8.80 -15.22
N ARG B 70 -11.65 -9.69 -14.60
CA ARG B 70 -10.22 -9.48 -14.40
C ARG B 70 -9.49 -9.58 -15.73
N ARG B 71 -9.89 -10.54 -16.54
CA ARG B 71 -9.29 -10.73 -17.86
C ARG B 71 -9.72 -9.70 -18.89
N PHE B 72 -11.00 -9.33 -18.89
CA PHE B 72 -11.53 -8.43 -19.92
C PHE B 72 -12.35 -7.29 -19.35
N PRO B 73 -11.70 -6.34 -18.67
CA PRO B 73 -12.32 -5.23 -17.94
C PRO B 73 -13.18 -4.35 -18.80
N ASN B 74 -12.93 -4.35 -20.11
CA ASN B 74 -13.62 -3.40 -20.96
C ASN B 74 -14.54 -3.98 -21.99
N LEU B 75 -15.11 -5.13 -21.67
CA LEU B 75 -16.14 -5.72 -22.50
C LEU B 75 -17.20 -4.71 -22.81
N ARG B 76 -17.70 -4.77 -24.04
CA ARG B 76 -18.79 -3.94 -24.45
C ARG B 76 -19.98 -4.87 -24.62
N SER B 77 -19.71 -6.12 -25.00
CA SER B 77 -20.75 -7.10 -25.20
C SER B 77 -20.40 -8.41 -24.50
N LEU B 78 -21.39 -9.03 -23.87
CA LEU B 78 -21.21 -10.33 -23.22
C LEU B 78 -22.33 -11.30 -23.63
N LYS B 79 -22.04 -12.59 -23.57
CA LYS B 79 -23.04 -13.59 -23.86
C LYS B 79 -22.76 -14.82 -23.01
N LEU B 80 -23.71 -15.22 -22.19
CA LEU B 80 -23.53 -16.38 -21.37
C LEU B 80 -24.59 -17.40 -21.68
N LYS B 81 -24.18 -18.66 -21.72
CA LYS B 81 -25.12 -19.76 -21.89
C LYS B 81 -25.12 -20.57 -20.58
N GLY B 82 -26.26 -21.15 -20.24
CA GLY B 82 -26.36 -21.93 -19.02
C GLY B 82 -26.72 -23.37 -19.26
N LYS B 83 -28.01 -23.68 -19.09
CA LYS B 83 -28.51 -25.04 -19.20
C LYS B 83 -28.03 -25.65 -20.48
N PRO B 84 -27.66 -26.94 -20.44
CA PRO B 84 -27.31 -27.80 -21.57
C PRO B 84 -28.34 -27.68 -22.69
N ARG B 85 -27.97 -28.11 -23.87
CA ARG B 85 -28.84 -27.93 -25.02
C ARG B 85 -30.04 -28.79 -24.82
N ALA B 86 -29.88 -29.89 -24.10
CA ALA B 86 -30.99 -30.81 -23.89
C ALA B 86 -32.18 -30.16 -23.22
N ALA B 87 -31.93 -29.05 -22.58
CA ALA B 87 -32.99 -28.32 -21.89
C ALA B 87 -34.05 -27.83 -22.86
N MET B 88 -33.67 -27.58 -24.11
CA MET B 88 -34.60 -27.14 -25.13
C MET B 88 -35.54 -28.25 -25.54
N PHE B 89 -35.41 -29.40 -24.89
CA PHE B 89 -36.23 -30.56 -25.21
C PHE B 89 -36.91 -31.15 -24.00
N ASN B 90 -37.07 -30.33 -22.97
CA ASN B 90 -37.65 -30.76 -21.72
C ASN B 90 -37.00 -32.03 -21.23
N LEU B 91 -35.68 -32.00 -21.16
CA LEU B 91 -34.93 -33.13 -20.70
C LEU B 91 -34.17 -32.73 -19.46
N ILE B 92 -34.00 -31.42 -19.29
CA ILE B 92 -33.26 -30.91 -18.14
C ILE B 92 -34.18 -30.30 -17.09
N PRO B 93 -33.95 -30.66 -15.80
CA PRO B 93 -34.71 -30.20 -14.65
C PRO B 93 -34.73 -28.71 -14.64
N GLU B 94 -35.81 -28.13 -14.14
CA GLU B 94 -35.98 -26.71 -14.23
C GLU B 94 -34.99 -26.01 -13.33
N ASN B 95 -34.79 -26.59 -12.15
CA ASN B 95 -33.91 -26.01 -11.12
C ASN B 95 -32.39 -26.27 -11.33
N TRP B 96 -32.03 -26.83 -12.48
CA TRP B 96 -30.68 -27.28 -12.72
C TRP B 96 -29.63 -26.23 -12.41
N GLY B 97 -29.90 -24.99 -12.77
CA GLY B 97 -28.97 -23.92 -12.53
C GLY B 97 -28.80 -23.09 -13.76
N GLY B 98 -27.98 -22.06 -13.69
CA GLY B 98 -27.77 -21.19 -14.81
C GLY B 98 -28.10 -19.82 -14.31
N TYR B 99 -28.14 -19.68 -12.99
CA TYR B 99 -28.53 -18.43 -12.37
C TYR B 99 -27.60 -17.33 -12.80
N VAL B 100 -28.17 -16.18 -13.04
CA VAL B 100 -27.49 -15.14 -13.78
C VAL B 100 -27.03 -14.05 -12.79
N THR B 101 -27.42 -14.15 -11.53
CA THR B 101 -27.22 -13.03 -10.61
C THR B 101 -25.72 -12.68 -10.33
N PRO B 102 -24.89 -13.69 -10.05
CA PRO B 102 -23.48 -13.45 -9.76
C PRO B 102 -22.91 -12.65 -10.91
N TRP B 103 -23.36 -12.97 -12.11
CA TRP B 103 -22.91 -12.29 -13.30
C TRP B 103 -23.38 -10.86 -13.35
N VAL B 104 -24.60 -10.57 -12.92
CA VAL B 104 -25.02 -9.16 -12.94
C VAL B 104 -24.43 -8.37 -11.77
N THR B 105 -24.12 -9.01 -10.64
CA THR B 105 -23.47 -8.20 -9.64
C THR B 105 -22.06 -7.95 -10.08
N GLU B 106 -21.51 -8.82 -10.91
CA GLU B 106 -20.19 -8.53 -11.46
C GLU B 106 -20.21 -7.45 -12.53
N ILE B 107 -21.20 -7.50 -13.41
CA ILE B 107 -21.43 -6.44 -14.38
C ILE B 107 -21.66 -5.08 -13.74
N SER B 108 -22.45 -5.10 -12.66
CA SER B 108 -22.78 -3.92 -11.91
C SER B 108 -21.54 -3.24 -11.41
N ASN B 109 -20.55 -4.05 -11.05
CA ASN B 109 -19.36 -3.57 -10.35
C ASN B 109 -18.10 -3.37 -11.16
N ASN B 110 -17.89 -4.23 -12.15
CA ASN B 110 -16.58 -4.29 -12.82
C ASN B 110 -16.62 -4.23 -14.35
N LEU B 111 -17.78 -4.43 -14.95
CA LEU B 111 -17.87 -4.34 -16.39
C LEU B 111 -18.60 -3.05 -16.73
N ARG B 112 -18.03 -1.94 -16.30
CA ARG B 112 -18.71 -0.66 -16.41
C ARG B 112 -18.78 -0.15 -17.83
N GLN B 113 -18.49 -1.01 -18.81
CA GLN B 113 -18.43 -0.57 -20.20
C GLN B 113 -19.46 -1.28 -21.02
N LEU B 114 -20.12 -2.23 -20.38
CA LEU B 114 -21.05 -3.14 -21.03
C LEU B 114 -22.21 -2.41 -21.62
N LYS B 115 -22.46 -2.61 -22.91
CA LYS B 115 -23.61 -2.02 -23.57
C LYS B 115 -24.60 -3.08 -24.08
N SER B 116 -24.22 -4.37 -24.03
CA SER B 116 -25.07 -5.42 -24.54
C SER B 116 -24.90 -6.75 -23.82
N VAL B 117 -26.01 -7.34 -23.41
CA VAL B 117 -26.00 -8.60 -22.67
C VAL B 117 -26.97 -9.60 -23.27
N HIS B 118 -26.50 -10.82 -23.46
CA HIS B 118 -27.32 -11.86 -24.04
C HIS B 118 -27.22 -13.03 -23.09
N PHE B 119 -28.32 -13.37 -22.44
CA PHE B 119 -28.39 -14.59 -21.65
C PHE B 119 -29.07 -15.68 -22.44
N ARG B 120 -28.52 -16.89 -22.42
CA ARG B 120 -29.10 -17.98 -23.17
C ARG B 120 -29.28 -19.21 -22.31
N ARG B 121 -30.52 -19.70 -22.24
CA ARG B 121 -30.88 -20.83 -21.39
C ARG B 121 -30.48 -20.60 -19.95
N MET B 122 -30.76 -19.40 -19.44
CA MET B 122 -30.45 -19.09 -18.06
C MET B 122 -31.64 -18.78 -17.14
N ILE B 123 -31.38 -18.69 -15.84
CA ILE B 123 -32.40 -18.32 -14.85
C ILE B 123 -32.24 -16.84 -14.54
N VAL B 124 -33.21 -16.02 -14.92
CA VAL B 124 -33.14 -14.60 -14.66
C VAL B 124 -34.28 -14.13 -13.74
N SER B 125 -33.94 -13.58 -12.57
CA SER B 125 -34.91 -13.12 -11.59
C SER B 125 -35.23 -11.63 -11.72
N ASP B 126 -36.38 -11.24 -11.18
CA ASP B 126 -36.85 -9.83 -11.27
C ASP B 126 -35.82 -8.95 -10.62
N LEU B 127 -35.27 -9.42 -9.51
CA LEU B 127 -34.30 -8.64 -8.76
C LEU B 127 -33.08 -8.47 -9.59
N ASP B 128 -32.52 -9.57 -10.06
CA ASP B 128 -31.27 -9.47 -10.80
C ASP B 128 -31.47 -8.68 -12.11
N LEU B 129 -32.66 -8.62 -12.68
CA LEU B 129 -32.73 -7.66 -13.78
C LEU B 129 -33.08 -6.24 -13.42
N ASP B 130 -33.75 -6.02 -12.28
CA ASP B 130 -33.88 -4.68 -11.75
C ASP B 130 -32.49 -4.16 -11.52
N ARG B 131 -31.63 -5.01 -10.97
CA ARG B 131 -30.23 -4.62 -10.66
C ARG B 131 -29.47 -4.24 -11.92
N LEU B 132 -29.63 -5.05 -12.96
CA LEU B 132 -29.00 -4.81 -14.22
C LEU B 132 -29.44 -3.47 -14.72
N ALA B 133 -30.76 -3.28 -14.82
CA ALA B 133 -31.33 -2.04 -15.37
C ALA B 133 -30.78 -0.76 -14.72
N LYS B 134 -30.83 -0.69 -13.40
CA LYS B 134 -30.25 0.43 -12.67
C LYS B 134 -28.70 0.56 -12.83
N ALA B 135 -27.99 -0.55 -12.71
CA ALA B 135 -26.54 -0.53 -12.86
C ALA B 135 -26.09 -0.02 -14.23
N ARG B 136 -26.79 -0.38 -15.29
CA ARG B 136 -26.29 -0.14 -16.63
C ARG B 136 -27.10 0.91 -17.35
N ALA B 137 -28.35 1.08 -16.91
CA ALA B 137 -29.26 2.14 -17.38
C ALA B 137 -29.14 2.53 -18.84
N ASP B 138 -28.98 3.83 -19.07
CA ASP B 138 -29.04 4.37 -20.43
C ASP B 138 -28.05 3.71 -21.36
N ASP B 139 -26.94 3.24 -20.82
CA ASP B 139 -25.88 2.60 -21.61
C ASP B 139 -26.27 1.26 -22.23
N LEU B 140 -27.22 0.56 -21.64
CA LEU B 140 -27.62 -0.73 -22.13
C LEU B 140 -28.37 -0.59 -23.45
N GLU B 141 -27.68 -0.88 -24.55
CA GLU B 141 -28.24 -0.72 -25.88
C GLU B 141 -29.01 -1.97 -26.27
N THR B 142 -28.55 -3.13 -25.81
CA THR B 142 -29.22 -4.37 -26.19
C THR B 142 -29.30 -5.39 -25.04
N LEU B 143 -30.43 -6.08 -24.95
CA LEU B 143 -30.65 -7.10 -23.94
C LEU B 143 -31.38 -8.30 -24.53
N LYS B 144 -30.77 -9.46 -24.45
CA LYS B 144 -31.41 -10.63 -25.03
C LYS B 144 -31.70 -11.68 -23.96
N LEU B 145 -32.95 -11.81 -23.54
CA LEU B 145 -33.33 -12.91 -22.67
C LEU B 145 -33.75 -14.11 -23.50
N ASP B 146 -32.76 -14.89 -23.94
CA ASP B 146 -32.93 -15.95 -24.91
C ASP B 146 -33.25 -17.31 -24.24
N LYS B 147 -34.49 -17.76 -24.34
CA LYS B 147 -34.88 -19.00 -23.73
C LYS B 147 -34.57 -19.02 -22.23
N CYS B 148 -34.81 -17.92 -21.53
CA CYS B 148 -34.60 -17.90 -20.08
C CYS B 148 -35.89 -18.00 -19.32
N SER B 149 -35.77 -18.14 -18.00
CA SER B 149 -36.93 -18.32 -17.13
C SER B 149 -36.70 -17.63 -15.80
N GLY B 150 -37.76 -17.50 -15.00
CA GLY B 150 -37.62 -17.03 -13.64
C GLY B 150 -37.84 -15.56 -13.29
N PHE B 151 -38.31 -14.77 -14.25
CA PHE B 151 -38.62 -13.37 -14.02
C PHE B 151 -40.09 -13.08 -14.29
N THR B 152 -40.45 -11.81 -14.28
CA THR B 152 -41.82 -11.40 -14.58
C THR B 152 -41.86 -10.05 -15.24
N THR B 153 -43.07 -9.59 -15.57
CA THR B 153 -43.23 -8.29 -16.20
C THR B 153 -42.63 -7.14 -15.36
N ASP B 154 -42.56 -7.32 -14.04
CA ASP B 154 -41.92 -6.32 -13.21
C ASP B 154 -40.49 -6.08 -13.66
N GLY B 155 -39.76 -7.18 -13.85
CA GLY B 155 -38.43 -7.13 -14.44
C GLY B 155 -38.45 -6.34 -15.71
N LEU B 156 -39.24 -6.79 -16.68
CA LEU B 156 -39.34 -6.10 -17.97
C LEU B 156 -39.54 -4.61 -17.74
N LEU B 157 -40.54 -4.26 -16.93
CA LEU B 157 -40.87 -2.87 -16.67
C LEU B 157 -39.68 -2.10 -16.15
N SER B 158 -38.91 -2.76 -15.28
CA SER B 158 -37.70 -2.16 -14.74
C SER B 158 -36.67 -1.85 -15.81
N ILE B 159 -36.48 -2.73 -16.80
CA ILE B 159 -35.44 -2.42 -17.78
C ILE B 159 -35.93 -1.43 -18.84
N VAL B 160 -37.23 -1.39 -19.11
CA VAL B 160 -37.71 -0.42 -20.11
C VAL B 160 -37.84 1.01 -19.58
N THR B 161 -37.92 1.15 -18.27
CA THR B 161 -38.01 2.49 -17.68
C THR B 161 -36.62 3.08 -17.40
N HIS B 162 -35.65 2.25 -17.00
CA HIS B 162 -34.33 2.72 -16.60
C HIS B 162 -33.37 2.72 -17.76
N CYS B 163 -33.57 1.83 -18.73
CA CYS B 163 -32.76 1.78 -19.94
C CYS B 163 -33.50 2.45 -21.08
N ARG B 164 -33.38 3.76 -21.16
CA ARG B 164 -34.25 4.55 -21.99
C ARG B 164 -33.81 4.52 -23.44
N LYS B 165 -32.63 3.96 -23.68
CA LYS B 165 -32.10 3.98 -25.00
C LYS B 165 -31.98 2.62 -25.69
N ILE B 166 -32.63 1.59 -25.12
CA ILE B 166 -32.56 0.26 -25.71
C ILE B 166 -32.78 0.22 -27.21
N LYS B 167 -31.83 -0.33 -27.95
CA LYS B 167 -31.96 -0.52 -29.40
C LYS B 167 -32.54 -1.90 -29.74
N THR B 168 -32.12 -2.93 -29.03
CA THR B 168 -32.68 -4.24 -29.28
C THR B 168 -33.05 -4.95 -27.98
N LEU B 169 -34.28 -5.44 -27.89
CA LEU B 169 -34.82 -6.09 -26.70
C LEU B 169 -35.51 -7.40 -27.05
N LEU B 170 -35.07 -8.51 -26.47
CA LEU B 170 -35.52 -9.81 -26.93
C LEU B 170 -35.88 -10.77 -25.82
N MET B 171 -36.97 -11.50 -25.97
CA MET B 171 -37.44 -12.45 -24.97
C MET B 171 -37.74 -13.82 -25.52
N GLU B 172 -37.43 -14.02 -26.80
CA GLU B 172 -37.90 -15.18 -27.53
C GLU B 172 -37.82 -16.48 -26.74
N GLU B 173 -38.96 -17.14 -26.61
CA GLU B 173 -39.07 -18.47 -26.01
C GLU B 173 -38.77 -18.45 -24.52
N SER B 174 -38.67 -17.25 -23.95
CA SER B 174 -38.48 -17.15 -22.50
C SER B 174 -39.78 -17.35 -21.79
N SER B 175 -39.73 -17.84 -20.56
CA SER B 175 -40.95 -18.02 -19.80
C SER B 175 -40.93 -17.26 -18.50
N PHE B 176 -42.00 -16.54 -18.25
CA PHE B 176 -42.03 -15.62 -17.14
C PHE B 176 -43.48 -15.55 -16.68
N SER B 177 -43.72 -14.77 -15.63
CA SER B 177 -45.07 -14.60 -15.09
C SER B 177 -45.65 -13.29 -15.57
N GLU B 178 -46.80 -13.31 -16.25
CA GLU B 178 -47.29 -12.06 -16.79
C GLU B 178 -48.32 -11.46 -15.89
N LYS B 179 -47.94 -10.38 -15.23
CA LYS B 179 -48.82 -9.74 -14.28
C LYS B 179 -49.57 -8.55 -14.92
N ASP B 180 -49.01 -8.01 -16.00
CA ASP B 180 -49.62 -6.89 -16.72
C ASP B 180 -48.95 -6.53 -18.05
N GLY B 181 -49.30 -5.36 -18.57
CA GLY B 181 -48.79 -4.89 -19.85
C GLY B 181 -48.03 -3.58 -19.80
N LYS B 182 -47.81 -3.04 -18.60
CA LYS B 182 -47.19 -1.71 -18.51
C LYS B 182 -45.82 -1.66 -19.16
N TRP B 183 -45.06 -2.75 -19.10
CA TRP B 183 -43.78 -2.74 -19.79
C TRP B 183 -43.88 -2.31 -21.25
N LEU B 184 -44.78 -2.91 -22.03
CA LEU B 184 -44.93 -2.53 -23.45
C LEU B 184 -45.34 -1.07 -23.57
N HIS B 185 -46.28 -0.66 -22.71
CA HIS B 185 -46.82 0.67 -22.79
C HIS B 185 -45.76 1.70 -22.47
N GLU B 186 -44.93 1.38 -21.50
CA GLU B 186 -43.82 2.26 -21.13
C GLU B 186 -42.82 2.39 -22.28
N LEU B 187 -42.73 1.36 -23.11
CA LEU B 187 -41.89 1.44 -24.30
C LEU B 187 -42.51 2.42 -25.28
N ALA B 188 -43.78 2.20 -25.56
CA ALA B 188 -44.57 3.03 -26.44
C ALA B 188 -44.48 4.50 -26.07
N GLN B 189 -44.64 4.79 -24.81
CA GLN B 189 -44.70 6.18 -24.41
C GLN B 189 -43.40 6.96 -24.42
N HIS B 190 -42.26 6.28 -24.33
CA HIS B 190 -40.99 7.00 -24.20
C HIS B 190 -39.84 6.54 -25.11
N ASN B 191 -39.92 5.36 -25.70
CA ASN B 191 -38.79 4.82 -26.48
C ASN B 191 -38.84 5.20 -27.94
N THR B 192 -37.65 5.40 -28.50
CA THR B 192 -37.47 5.97 -29.83
C THR B 192 -36.46 5.16 -30.63
N SER B 193 -35.49 4.60 -29.88
CA SER B 193 -34.28 4.01 -30.41
C SER B 193 -34.45 2.57 -30.86
N LEU B 194 -35.53 1.93 -30.41
CA LEU B 194 -35.83 0.55 -30.77
C LEU B 194 -35.56 0.19 -32.24
N GLU B 195 -34.72 -0.79 -32.45
CA GLU B 195 -34.37 -1.26 -33.78
C GLU B 195 -34.89 -2.67 -33.96
N VAL B 196 -34.74 -3.50 -32.93
CA VAL B 196 -35.33 -4.85 -32.99
C VAL B 196 -36.01 -5.27 -31.69
N LEU B 197 -37.24 -5.70 -31.83
CA LEU B 197 -38.09 -6.11 -30.71
C LEU B 197 -38.57 -7.52 -30.93
N ASN B 198 -38.40 -8.38 -29.94
CA ASN B 198 -38.62 -9.78 -30.18
C ASN B 198 -39.18 -10.55 -29.02
N PHE B 199 -40.48 -10.85 -29.04
CA PHE B 199 -41.03 -11.82 -28.11
C PHE B 199 -41.72 -12.97 -28.81
N TYR B 200 -40.97 -13.68 -29.65
CA TYR B 200 -41.56 -14.57 -30.64
C TYR B 200 -42.29 -15.83 -30.11
N MET B 201 -41.79 -16.44 -29.07
CA MET B 201 -42.45 -17.66 -28.65
C MET B 201 -42.98 -17.46 -27.26
N THR B 202 -43.92 -16.54 -27.11
CA THR B 202 -44.29 -16.11 -25.77
C THR B 202 -45.77 -15.89 -25.56
N GLU B 203 -46.25 -16.35 -24.42
CA GLU B 203 -47.65 -16.16 -24.03
C GLU B 203 -47.78 -14.81 -23.35
N PHE B 204 -48.12 -13.79 -24.12
CA PHE B 204 -48.50 -12.50 -23.54
C PHE B 204 -49.97 -12.32 -23.85
N ALA B 205 -50.77 -12.09 -22.83
CA ALA B 205 -52.19 -11.90 -23.04
C ALA B 205 -52.66 -10.55 -22.55
N LYS B 206 -51.74 -9.76 -21.99
CA LYS B 206 -52.10 -8.48 -21.41
C LYS B 206 -51.45 -7.25 -22.08
N ILE B 207 -50.88 -7.42 -23.27
CA ILE B 207 -50.32 -6.26 -23.93
C ILE B 207 -51.21 -5.81 -25.08
N SER B 208 -51.21 -4.51 -25.31
CA SER B 208 -52.13 -3.90 -26.26
C SER B 208 -51.49 -3.76 -27.61
N PRO B 209 -52.12 -4.29 -28.67
CA PRO B 209 -51.58 -4.02 -30.00
C PRO B 209 -51.43 -2.53 -30.25
N LYS B 210 -52.27 -1.68 -29.66
CA LYS B 210 -52.14 -0.24 -29.83
C LYS B 210 -50.72 0.24 -29.51
N ASP B 211 -50.20 -0.23 -28.37
CA ASP B 211 -48.85 0.15 -27.91
C ASP B 211 -47.82 -0.24 -28.93
N LEU B 212 -48.00 -1.43 -29.50
CA LEU B 212 -47.08 -1.95 -30.52
C LEU B 212 -47.09 -1.05 -31.73
N GLU B 213 -48.27 -0.56 -32.05
CA GLU B 213 -48.42 0.34 -33.16
C GLU B 213 -47.81 1.68 -32.81
N THR B 214 -48.07 2.16 -31.61
CA THR B 214 -47.50 3.47 -31.27
C THR B 214 -45.95 3.46 -31.20
N ILE B 215 -45.38 2.28 -31.00
CA ILE B 215 -43.95 2.09 -30.99
C ILE B 215 -43.41 2.15 -32.41
N ALA B 216 -44.15 1.52 -33.32
CA ALA B 216 -43.78 1.49 -34.73
C ALA B 216 -43.79 2.88 -35.29
N ARG B 217 -44.67 3.70 -34.73
CA ARG B 217 -44.84 5.07 -35.16
C ARG B 217 -43.62 5.88 -34.72
N ASN B 218 -43.14 5.63 -33.51
CA ASN B 218 -42.06 6.42 -32.88
C ASN B 218 -40.61 5.98 -33.10
N CYS B 219 -40.41 4.73 -33.53
CA CYS B 219 -39.06 4.21 -33.70
C CYS B 219 -38.77 4.11 -35.18
N ARG B 220 -38.12 5.14 -35.70
CA ARG B 220 -37.87 5.23 -37.12
C ARG B 220 -36.94 4.09 -37.59
N SER B 221 -36.13 3.54 -36.69
CA SER B 221 -35.15 2.59 -37.15
C SER B 221 -35.59 1.17 -36.90
N LEU B 222 -36.89 0.97 -36.75
CA LEU B 222 -37.44 -0.34 -36.40
C LEU B 222 -37.39 -1.29 -37.60
N VAL B 223 -36.58 -2.34 -37.48
CA VAL B 223 -36.28 -3.20 -38.61
C VAL B 223 -36.92 -4.57 -38.43
N SER B 224 -36.82 -5.13 -37.24
CA SER B 224 -37.37 -6.46 -37.02
C SER B 224 -38.28 -6.45 -35.81
N VAL B 225 -39.41 -7.13 -35.94
CA VAL B 225 -40.22 -7.44 -34.78
C VAL B 225 -40.94 -8.77 -34.92
N LYS B 226 -40.76 -9.62 -33.92
CA LYS B 226 -41.40 -10.91 -33.86
C LYS B 226 -42.28 -10.86 -32.62
N VAL B 227 -43.36 -11.62 -32.62
CA VAL B 227 -44.44 -11.36 -31.71
C VAL B 227 -45.25 -12.59 -31.32
N GLY B 228 -46.13 -12.45 -30.33
CA GLY B 228 -46.96 -13.56 -29.84
C GLY B 228 -48.21 -13.86 -30.65
N ASP B 229 -49.26 -14.33 -29.99
CA ASP B 229 -50.51 -14.66 -30.69
C ASP B 229 -51.47 -13.48 -30.86
N PHE B 230 -50.96 -12.31 -31.26
CA PHE B 230 -51.79 -11.17 -31.65
C PHE B 230 -52.62 -11.52 -32.85
N GLU B 231 -53.83 -10.99 -32.95
CA GLU B 231 -54.63 -11.17 -34.15
C GLU B 231 -54.09 -10.23 -35.21
N ILE B 232 -53.60 -10.79 -36.31
CA ILE B 232 -53.03 -9.97 -37.36
C ILE B 232 -53.85 -8.72 -37.67
N LEU B 233 -55.17 -8.90 -37.82
CA LEU B 233 -56.02 -7.76 -38.15
C LEU B 233 -55.82 -6.56 -37.19
N GLU B 234 -55.54 -6.87 -35.92
CA GLU B 234 -55.32 -5.85 -34.91
C GLU B 234 -54.01 -5.13 -35.14
N LEU B 235 -53.24 -5.60 -36.11
CA LEU B 235 -51.93 -5.06 -36.35
C LEU B 235 -51.85 -4.22 -37.61
N VAL B 236 -52.97 -3.98 -38.26
CA VAL B 236 -52.89 -3.23 -39.50
C VAL B 236 -52.38 -1.84 -39.23
N GLY B 237 -52.75 -1.29 -38.08
CA GLY B 237 -52.29 0.03 -37.69
C GLY B 237 -50.79 -0.01 -37.65
N PHE B 238 -50.30 -0.99 -36.90
CA PHE B 238 -48.87 -1.30 -36.83
C PHE B 238 -48.16 -1.34 -38.19
N PHE B 239 -48.56 -2.27 -39.06
CA PHE B 239 -47.90 -2.46 -40.35
C PHE B 239 -47.79 -1.18 -41.18
N LYS B 240 -48.84 -0.37 -41.22
CA LYS B 240 -48.75 0.90 -41.93
C LYS B 240 -47.67 1.79 -41.33
N ALA B 241 -47.60 1.81 -40.01
CA ALA B 241 -46.68 2.69 -39.29
C ALA B 241 -45.22 2.20 -39.34
N ALA B 242 -45.03 0.90 -39.46
CA ALA B 242 -43.70 0.32 -39.44
C ALA B 242 -43.00 0.35 -40.79
N ALA B 243 -42.70 1.55 -41.27
CA ALA B 243 -42.19 1.73 -42.63
C ALA B 243 -40.97 0.90 -42.96
N ASN B 244 -39.98 0.89 -42.07
CA ASN B 244 -38.71 0.31 -42.43
C ASN B 244 -38.60 -1.12 -42.06
N LEU B 245 -39.72 -1.71 -41.68
CA LEU B 245 -39.75 -3.08 -41.24
C LEU B 245 -39.24 -4.01 -42.31
N GLU B 246 -38.30 -4.88 -41.95
CA GLU B 246 -37.73 -5.87 -42.86
C GLU B 246 -38.07 -7.28 -42.44
N GLU B 247 -38.32 -7.47 -41.15
CA GLU B 247 -38.63 -8.81 -40.63
C GLU B 247 -39.86 -8.73 -39.78
N PHE B 248 -40.75 -9.70 -39.92
CA PHE B 248 -41.84 -9.87 -38.99
C PHE B 248 -42.15 -11.35 -38.91
N CYS B 249 -42.21 -11.88 -37.70
CA CYS B 249 -42.70 -13.25 -37.48
C CYS B 249 -43.68 -13.14 -36.35
N GLY B 250 -44.60 -14.06 -36.30
CA GLY B 250 -45.51 -14.12 -35.18
C GLY B 250 -46.91 -13.77 -35.59
N GLY B 251 -47.71 -13.38 -34.61
CA GLY B 251 -49.09 -13.04 -34.86
C GLY B 251 -49.91 -14.29 -35.00
N SER B 252 -51.18 -14.10 -35.34
CA SER B 252 -52.16 -15.17 -35.37
C SER B 252 -53.15 -14.87 -36.50
N LEU B 253 -53.20 -15.77 -37.47
CA LEU B 253 -54.19 -15.72 -38.53
C LEU B 253 -55.34 -16.62 -38.12
N ASN B 254 -56.46 -16.00 -37.76
CA ASN B 254 -57.64 -16.73 -37.34
C ASN B 254 -58.75 -16.56 -38.38
N GLU B 255 -59.09 -17.64 -39.07
CA GLU B 255 -60.13 -17.55 -40.07
C GLU B 255 -61.43 -17.97 -39.45
N ASP B 256 -62.46 -17.15 -39.63
CA ASP B 256 -63.84 -17.58 -39.41
C ASP B 256 -64.43 -17.73 -40.79
N ILE B 257 -65.55 -18.46 -40.90
CA ILE B 257 -66.15 -18.70 -42.20
C ILE B 257 -66.97 -17.48 -42.63
N GLY B 258 -67.48 -16.75 -41.63
CA GLY B 258 -68.23 -15.53 -41.86
C GLY B 258 -67.50 -14.48 -42.68
N MET B 259 -66.18 -14.61 -42.79
CA MET B 259 -65.39 -13.75 -43.65
C MET B 259 -64.46 -14.59 -44.50
N PRO B 260 -64.77 -14.74 -45.77
CA PRO B 260 -63.95 -15.53 -46.67
C PRO B 260 -62.77 -14.68 -47.08
N GLU B 261 -62.98 -13.39 -47.13
CA GLU B 261 -61.89 -12.47 -47.41
C GLU B 261 -61.59 -11.64 -46.18
N LYS B 262 -61.31 -12.31 -45.07
CA LYS B 262 -60.96 -11.64 -43.81
C LYS B 262 -59.68 -10.85 -43.97
N TYR B 263 -58.71 -11.46 -44.65
CA TYR B 263 -57.38 -10.87 -44.79
C TYR B 263 -57.00 -10.72 -46.25
N MET B 264 -57.62 -9.85 -47.02
CA MET B 264 -57.13 -9.71 -48.39
C MET B 264 -56.70 -8.28 -48.59
N ASN B 265 -56.90 -7.50 -47.54
CA ASN B 265 -56.57 -6.09 -47.54
C ASN B 265 -55.49 -5.82 -46.50
N LEU B 266 -54.37 -6.53 -46.64
CA LEU B 266 -53.26 -6.35 -45.74
C LEU B 266 -52.15 -5.51 -46.35
N VAL B 267 -51.90 -4.37 -45.75
CA VAL B 267 -50.73 -3.59 -46.08
C VAL B 267 -49.56 -4.24 -45.38
N PHE B 268 -48.67 -4.93 -46.09
CA PHE B 268 -47.41 -5.31 -45.45
C PHE B 268 -46.35 -4.27 -45.78
N PRO B 269 -45.52 -3.95 -44.79
CA PRO B 269 -44.50 -2.93 -45.05
C PRO B 269 -43.76 -3.25 -46.35
N ARG B 270 -43.32 -2.24 -47.07
CA ARG B 270 -42.76 -2.47 -48.38
C ARG B 270 -41.46 -3.29 -48.35
N LYS B 271 -40.60 -3.06 -47.37
CA LYS B 271 -39.31 -3.74 -47.36
C LYS B 271 -39.32 -5.18 -46.81
N LEU B 272 -40.45 -5.59 -46.23
CA LEU B 272 -40.60 -6.90 -45.58
C LEU B 272 -40.09 -8.03 -46.47
N CYS B 273 -39.07 -8.75 -46.00
CA CYS B 273 -38.45 -9.80 -46.82
C CYS B 273 -38.03 -11.02 -46.02
N ARG B 274 -38.23 -10.94 -44.71
CA ARG B 274 -37.94 -12.02 -43.80
C ARG B 274 -39.17 -12.20 -42.90
N LEU B 275 -39.88 -13.32 -43.02
CA LEU B 275 -41.14 -13.42 -42.31
C LEU B 275 -41.69 -14.82 -42.07
N GLY B 276 -42.71 -14.86 -41.22
CA GLY B 276 -43.44 -16.07 -40.89
C GLY B 276 -44.69 -15.77 -40.09
N LEU B 277 -45.86 -15.92 -40.72
CA LEU B 277 -47.12 -15.67 -40.05
C LEU B 277 -47.61 -16.95 -39.39
N SER B 278 -47.96 -16.86 -38.12
CA SER B 278 -48.36 -18.06 -37.40
C SER B 278 -49.78 -18.53 -37.74
N TYR B 279 -49.93 -19.84 -37.86
CA TYR B 279 -51.22 -20.48 -38.10
C TYR B 279 -51.70 -20.30 -39.50
N MET B 280 -50.87 -19.69 -40.33
CA MET B 280 -51.24 -19.39 -41.72
C MET B 280 -51.71 -20.60 -42.54
N GLY B 281 -52.97 -20.54 -42.97
CA GLY B 281 -53.58 -21.60 -43.74
C GLY B 281 -53.52 -21.37 -45.24
N PRO B 282 -54.09 -22.28 -46.02
CA PRO B 282 -53.98 -22.11 -47.46
C PRO B 282 -54.82 -20.92 -47.90
N ASN B 283 -55.90 -20.65 -47.18
CA ASN B 283 -56.80 -19.55 -47.51
C ASN B 283 -56.15 -18.17 -47.40
N GLU B 284 -55.28 -18.00 -46.41
CA GLU B 284 -54.63 -16.72 -46.14
C GLU B 284 -53.25 -16.62 -46.76
N MET B 285 -52.70 -17.77 -47.13
CA MET B 285 -51.40 -17.87 -47.79
C MET B 285 -51.17 -16.92 -48.96
N PRO B 286 -52.21 -16.64 -49.75
CA PRO B 286 -52.12 -15.77 -50.91
C PRO B 286 -51.71 -14.33 -50.64
N ILE B 287 -51.85 -13.84 -49.41
CA ILE B 287 -51.53 -12.44 -49.12
C ILE B 287 -50.05 -12.15 -49.28
N LEU B 288 -49.29 -13.22 -49.49
CA LEU B 288 -47.83 -13.16 -49.65
C LEU B 288 -47.40 -13.05 -51.10
N PHE B 289 -48.25 -13.52 -52.01
CA PHE B 289 -47.92 -13.57 -53.42
C PHE B 289 -47.51 -12.20 -53.97
N PRO B 290 -48.24 -11.12 -53.61
CA PRO B 290 -47.96 -9.76 -54.10
C PRO B 290 -46.51 -9.35 -54.07
N PHE B 291 -45.68 -10.04 -53.27
CA PHE B 291 -44.27 -9.68 -53.10
C PHE B 291 -43.39 -10.89 -52.76
N ALA B 292 -43.82 -12.09 -53.15
CA ALA B 292 -43.03 -13.28 -52.90
C ALA B 292 -41.65 -13.24 -53.53
N ALA B 293 -41.51 -12.46 -54.59
CA ALA B 293 -40.23 -12.36 -55.31
C ALA B 293 -39.13 -11.86 -54.38
N GLN B 294 -39.55 -11.15 -53.35
CA GLN B 294 -38.68 -10.37 -52.51
C GLN B 294 -38.28 -11.10 -51.22
N ILE B 295 -39.07 -12.10 -50.87
CA ILE B 295 -38.87 -12.90 -49.66
C ILE B 295 -37.60 -13.71 -49.68
N ARG B 296 -36.81 -13.59 -48.62
CA ARG B 296 -35.51 -14.24 -48.55
C ARG B 296 -35.42 -15.19 -47.36
N LYS B 297 -36.30 -15.01 -46.38
CA LYS B 297 -36.40 -15.93 -45.24
C LYS B 297 -37.87 -16.28 -44.98
N LEU B 298 -38.13 -17.55 -44.71
CA LEU B 298 -39.49 -18.02 -44.55
C LEU B 298 -39.57 -18.92 -43.32
N ASP B 299 -40.53 -18.64 -42.44
CA ASP B 299 -40.70 -19.44 -41.25
C ASP B 299 -42.08 -20.12 -41.14
N LEU B 300 -42.25 -21.20 -41.87
CA LEU B 300 -43.54 -21.89 -41.93
C LEU B 300 -43.51 -22.92 -40.87
N LEU B 301 -42.75 -22.63 -39.84
CA LEU B 301 -42.61 -23.57 -38.74
C LEU B 301 -43.95 -23.77 -38.06
N TYR B 302 -44.68 -22.69 -37.84
CA TYR B 302 -45.92 -22.74 -37.07
C TYR B 302 -47.08 -22.47 -37.99
N ALA B 303 -46.94 -22.89 -39.23
CA ALA B 303 -47.94 -22.66 -40.24
C ALA B 303 -48.86 -23.87 -40.43
N LEU B 304 -50.10 -23.59 -40.80
CA LEU B 304 -51.12 -24.62 -40.92
C LEU B 304 -51.39 -24.97 -42.36
N LEU B 305 -50.35 -25.07 -43.17
CA LEU B 305 -50.59 -25.46 -44.54
C LEU B 305 -49.95 -26.79 -44.90
N GLU B 306 -50.50 -27.49 -45.89
CA GLU B 306 -50.18 -28.88 -46.18
C GLU B 306 -49.23 -29.01 -47.35
N THR B 307 -48.83 -30.23 -47.61
CA THR B 307 -47.74 -30.45 -48.54
C THR B 307 -47.94 -29.78 -49.89
N GLU B 308 -49.16 -29.84 -50.42
CA GLU B 308 -49.48 -29.23 -51.71
C GLU B 308 -49.31 -27.72 -51.65
N ASP B 309 -49.89 -27.12 -50.60
CA ASP B 309 -49.81 -25.69 -50.34
C ASP B 309 -48.36 -25.22 -50.21
N HIS B 310 -47.49 -26.07 -49.69
CA HIS B 310 -46.08 -25.71 -49.61
C HIS B 310 -45.52 -25.47 -50.99
N CYS B 311 -45.72 -26.45 -51.85
CA CYS B 311 -45.13 -26.37 -53.17
C CYS B 311 -45.57 -25.10 -53.86
N THR B 312 -46.83 -24.73 -53.72
CA THR B 312 -47.36 -23.59 -54.48
C THR B 312 -46.72 -22.27 -54.02
N LEU B 313 -46.37 -22.20 -52.75
CA LEU B 313 -45.70 -21.00 -52.20
C LEU B 313 -44.20 -20.99 -52.49
N ILE B 314 -43.50 -22.06 -52.14
CA ILE B 314 -42.07 -22.18 -52.38
C ILE B 314 -41.75 -21.83 -53.83
N GLN B 315 -42.57 -22.34 -54.72
CA GLN B 315 -42.42 -22.16 -56.14
C GLN B 315 -42.41 -20.68 -56.51
N LYS B 316 -42.92 -19.83 -55.62
CA LYS B 316 -43.04 -18.40 -55.91
C LYS B 316 -41.92 -17.54 -55.36
N CYS B 317 -40.96 -18.17 -54.68
CA CYS B 317 -39.90 -17.44 -53.99
C CYS B 317 -38.53 -17.87 -54.45
N PRO B 318 -38.08 -17.39 -55.61
CA PRO B 318 -36.83 -17.81 -56.23
C PRO B 318 -35.63 -17.29 -55.46
N ASN B 319 -35.83 -16.27 -54.64
CA ASN B 319 -34.70 -15.65 -53.97
C ASN B 319 -34.55 -16.03 -52.52
N LEU B 320 -35.43 -16.93 -52.08
CA LEU B 320 -35.39 -17.55 -50.76
C LEU B 320 -34.02 -18.10 -50.47
N GLU B 321 -33.40 -17.70 -49.37
CA GLU B 321 -32.16 -18.34 -48.95
C GLU B 321 -32.26 -19.06 -47.62
N VAL B 322 -33.27 -18.74 -46.82
CA VAL B 322 -33.51 -19.50 -45.60
C VAL B 322 -34.93 -19.95 -45.52
N LEU B 323 -35.13 -21.23 -45.20
CA LEU B 323 -36.45 -21.78 -45.05
C LEU B 323 -36.49 -22.67 -43.86
N GLU B 324 -37.49 -22.47 -42.99
CA GLU B 324 -37.69 -23.33 -41.85
C GLU B 324 -39.09 -23.83 -41.95
N THR B 325 -39.27 -25.14 -41.91
CA THR B 325 -40.60 -25.71 -41.98
C THR B 325 -40.72 -27.06 -41.24
N ARG B 326 -41.91 -27.62 -41.18
CA ARG B 326 -42.12 -28.94 -40.59
C ARG B 326 -41.98 -29.99 -41.69
N ASN B 327 -41.97 -31.26 -41.33
CA ASN B 327 -41.75 -32.32 -42.31
C ASN B 327 -42.88 -32.43 -43.33
N VAL B 328 -43.99 -31.77 -43.05
CA VAL B 328 -45.11 -31.70 -43.98
C VAL B 328 -44.69 -31.25 -45.37
N ILE B 329 -43.67 -30.41 -45.42
CA ILE B 329 -43.10 -29.96 -46.67
C ILE B 329 -43.04 -31.09 -47.68
N GLY B 330 -42.74 -32.29 -47.19
CA GLY B 330 -42.74 -33.50 -48.00
C GLY B 330 -41.65 -33.62 -49.04
N ASP B 331 -41.46 -34.83 -49.56
CA ASP B 331 -40.51 -35.02 -50.63
C ASP B 331 -40.91 -34.12 -51.77
N ARG B 332 -42.21 -34.09 -52.08
CA ARG B 332 -42.72 -33.28 -53.17
C ARG B 332 -42.32 -31.84 -52.99
N GLY B 333 -42.54 -31.31 -51.79
CA GLY B 333 -42.11 -29.97 -51.46
C GLY B 333 -40.63 -29.72 -51.65
N LEU B 334 -39.81 -30.68 -51.20
CA LEU B 334 -38.37 -30.57 -51.34
C LEU B 334 -37.98 -30.50 -52.80
N GLU B 335 -38.65 -31.27 -53.65
CA GLU B 335 -38.40 -31.25 -55.10
C GLU B 335 -38.69 -29.89 -55.73
N VAL B 336 -39.78 -29.25 -55.31
CA VAL B 336 -40.11 -27.90 -55.75
C VAL B 336 -39.01 -26.92 -55.36
N LEU B 337 -38.63 -26.96 -54.08
CA LEU B 337 -37.51 -26.15 -53.56
C LEU B 337 -36.26 -26.32 -54.38
N ALA B 338 -36.00 -27.56 -54.79
CA ALA B 338 -34.82 -27.97 -55.54
C ALA B 338 -34.49 -27.16 -56.79
N GLN B 339 -35.47 -26.79 -57.61
CA GLN B 339 -35.10 -25.97 -58.77
C GLN B 339 -35.62 -24.55 -58.80
N TYR B 340 -36.48 -24.16 -57.86
CA TYR B 340 -36.88 -22.77 -57.84
C TYR B 340 -36.01 -21.88 -56.96
N CYS B 341 -35.47 -22.46 -55.90
CA CYS B 341 -34.65 -21.71 -54.96
C CYS B 341 -33.23 -22.22 -54.98
N LYS B 342 -32.42 -21.66 -55.84
CA LYS B 342 -31.09 -22.17 -56.01
C LYS B 342 -30.16 -21.53 -54.98
N GLN B 343 -30.54 -20.36 -54.50
CA GLN B 343 -29.69 -19.59 -53.59
C GLN B 343 -29.91 -19.99 -52.15
N LEU B 344 -30.64 -21.06 -51.93
CA LEU B 344 -30.91 -21.52 -50.58
C LEU B 344 -29.63 -21.79 -49.82
N LYS B 345 -29.52 -21.20 -48.62
CA LYS B 345 -28.35 -21.40 -47.78
C LYS B 345 -28.65 -22.15 -46.48
N ARG B 346 -29.85 -22.02 -45.93
CA ARG B 346 -30.17 -22.71 -44.69
C ARG B 346 -31.53 -23.34 -44.77
N LEU B 347 -31.62 -24.63 -44.41
CA LEU B 347 -32.88 -25.37 -44.40
C LEU B 347 -33.08 -26.15 -43.10
N ARG B 348 -34.21 -25.95 -42.45
CA ARG B 348 -34.53 -26.73 -41.27
C ARG B 348 -35.89 -27.39 -41.44
N ILE B 349 -35.97 -28.69 -41.19
CA ILE B 349 -37.23 -29.40 -41.32
C ILE B 349 -37.59 -30.03 -39.98
N GLU B 350 -38.16 -29.27 -39.05
CA GLU B 350 -38.49 -29.82 -37.74
C GLU B 350 -39.53 -30.90 -37.91
N ARG B 351 -39.82 -31.68 -36.88
CA ARG B 351 -40.76 -32.78 -37.05
C ARG B 351 -42.14 -32.41 -36.56
N GLY B 352 -43.12 -32.65 -37.43
CA GLY B 352 -44.51 -32.29 -37.19
C GLY B 352 -45.30 -33.30 -36.40
N ALA B 353 -46.63 -33.23 -36.47
CA ALA B 353 -47.47 -34.12 -35.66
C ALA B 353 -47.38 -35.58 -36.11
N ASP B 354 -46.55 -36.36 -35.42
CA ASP B 354 -46.35 -37.77 -35.73
C ASP B 354 -47.32 -38.65 -34.97
N GLU B 355 -48.57 -38.19 -34.92
CA GLU B 355 -49.63 -38.89 -34.19
C GLU B 355 -50.67 -39.49 -35.15
N GLN B 356 -51.59 -38.66 -35.65
CA GLN B 356 -52.63 -39.10 -36.58
C GLN B 356 -52.10 -39.08 -38.02
N GLY B 357 -51.52 -40.20 -38.45
CA GLY B 357 -50.75 -40.24 -39.68
C GLY B 357 -49.66 -39.20 -39.56
N MET B 358 -48.95 -38.89 -40.65
CA MET B 358 -48.17 -37.66 -40.66
C MET B 358 -49.22 -36.56 -40.71
N GLU B 359 -48.91 -35.39 -41.27
CA GLU B 359 -49.95 -34.36 -41.39
C GLU B 359 -50.70 -34.48 -42.73
N ASP B 360 -50.11 -35.25 -43.63
CA ASP B 360 -50.79 -35.83 -44.81
C ASP B 360 -50.06 -37.14 -45.25
N GLU B 361 -50.36 -37.64 -46.44
CA GLU B 361 -49.73 -38.87 -46.94
C GLU B 361 -48.45 -38.59 -47.77
N GLU B 362 -48.18 -37.32 -48.00
CA GLU B 362 -46.92 -36.89 -48.62
C GLU B 362 -46.00 -36.27 -47.57
N GLY B 363 -46.50 -36.13 -46.34
CA GLY B 363 -45.79 -35.49 -45.25
C GLY B 363 -44.64 -36.31 -44.67
N LEU B 364 -43.97 -37.03 -45.55
CA LEU B 364 -42.78 -37.79 -45.21
C LEU B 364 -41.67 -37.23 -46.07
N VAL B 365 -40.47 -37.05 -45.50
CA VAL B 365 -39.28 -36.77 -46.29
C VAL B 365 -38.42 -38.01 -46.31
N SER B 366 -37.71 -38.21 -47.43
CA SER B 366 -37.01 -39.48 -47.67
C SER B 366 -35.78 -39.31 -48.54
N GLN B 367 -35.09 -40.42 -48.79
CA GLN B 367 -34.01 -40.50 -49.78
C GLN B 367 -34.34 -39.62 -50.95
N ARG B 368 -35.58 -39.76 -51.45
CA ARG B 368 -36.06 -39.07 -52.65
C ARG B 368 -35.84 -37.57 -52.55
N GLY B 369 -36.46 -36.99 -51.53
CA GLY B 369 -36.35 -35.57 -51.30
C GLY B 369 -34.90 -35.14 -51.10
N LEU B 370 -34.18 -35.88 -50.28
CA LEU B 370 -32.83 -35.48 -49.93
C LEU B 370 -31.97 -35.40 -51.16
N ILE B 371 -31.98 -36.47 -51.97
CA ILE B 371 -31.10 -36.52 -53.13
C ILE B 371 -31.51 -35.51 -54.19
N ALA B 372 -32.80 -35.20 -54.21
CA ALA B 372 -33.32 -34.12 -55.04
C ALA B 372 -32.77 -32.77 -54.61
N LEU B 373 -32.81 -32.54 -53.30
CA LEU B 373 -32.34 -31.31 -52.69
C LEU B 373 -30.82 -31.11 -52.89
N ALA B 374 -30.09 -32.18 -52.66
CA ALA B 374 -28.66 -32.19 -52.80
C ALA B 374 -28.24 -31.74 -54.19
N GLN B 375 -29.08 -32.00 -55.18
CA GLN B 375 -28.73 -31.66 -56.55
C GLN B 375 -29.10 -30.22 -56.90
N GLY B 376 -30.18 -29.73 -56.32
CA GLY B 376 -30.69 -28.41 -56.64
C GLY B 376 -30.04 -27.29 -55.88
N CYS B 377 -30.02 -27.39 -54.55
CA CYS B 377 -29.58 -26.29 -53.70
C CYS B 377 -28.16 -26.48 -53.21
N GLN B 378 -27.20 -26.25 -54.09
CA GLN B 378 -25.84 -26.63 -53.80
C GLN B 378 -25.14 -25.58 -52.96
N GLU B 379 -25.81 -24.49 -52.70
CA GLU B 379 -25.17 -23.44 -51.93
C GLU B 379 -25.44 -23.62 -50.44
N LEU B 380 -26.17 -24.67 -50.10
CA LEU B 380 -26.52 -24.97 -48.71
C LEU B 380 -25.34 -25.00 -47.74
N GLU B 381 -25.50 -24.29 -46.63
CA GLU B 381 -24.51 -24.19 -45.58
C GLU B 381 -25.03 -24.80 -44.29
N TYR B 382 -26.35 -24.75 -44.11
CA TYR B 382 -26.96 -25.35 -42.93
C TYR B 382 -28.11 -26.24 -43.36
N MET B 383 -28.08 -27.49 -42.92
CA MET B 383 -29.15 -28.42 -43.22
C MET B 383 -29.51 -29.25 -42.01
N ALA B 384 -30.70 -29.04 -41.46
CA ALA B 384 -31.18 -29.87 -40.37
C ALA B 384 -32.52 -30.47 -40.74
N VAL B 385 -32.61 -31.80 -40.63
CA VAL B 385 -33.72 -32.53 -41.17
C VAL B 385 -34.14 -33.70 -40.31
N TYR B 386 -35.43 -33.82 -40.04
CA TYR B 386 -36.03 -35.04 -39.51
C TYR B 386 -36.62 -35.83 -40.67
N VAL B 387 -35.96 -36.92 -41.01
CA VAL B 387 -36.35 -37.74 -42.14
C VAL B 387 -37.10 -39.03 -41.73
N SER B 388 -37.98 -39.54 -42.59
CA SER B 388 -38.72 -40.76 -42.24
C SER B 388 -38.10 -42.00 -42.85
N ASP B 389 -37.12 -41.80 -43.73
CA ASP B 389 -36.42 -42.90 -44.39
C ASP B 389 -35.17 -42.45 -45.17
N ILE B 390 -34.01 -43.10 -44.96
CA ILE B 390 -32.79 -42.79 -45.72
C ILE B 390 -32.17 -43.99 -46.43
N THR B 391 -31.23 -43.67 -47.30
CA THR B 391 -30.45 -44.64 -48.01
C THR B 391 -29.01 -44.15 -48.05
N ASN B 392 -28.06 -45.08 -48.01
CA ASN B 392 -26.65 -44.71 -48.14
C ASN B 392 -26.45 -43.79 -49.35
N GLU B 393 -27.25 -44.00 -50.37
CA GLU B 393 -27.09 -43.27 -51.62
C GLU B 393 -27.23 -41.79 -51.37
N SER B 394 -28.27 -41.43 -50.65
CA SER B 394 -28.59 -40.04 -50.40
C SER B 394 -27.46 -39.32 -49.71
N LEU B 395 -26.86 -39.94 -48.70
CA LEU B 395 -25.77 -39.29 -48.01
C LEU B 395 -24.62 -39.06 -48.98
N GLU B 396 -24.43 -39.98 -49.92
CA GLU B 396 -23.35 -39.82 -50.87
C GLU B 396 -23.56 -38.58 -51.74
N SER B 397 -24.81 -38.37 -52.13
CA SER B 397 -25.13 -37.22 -52.97
C SER B 397 -24.96 -35.92 -52.19
N ILE B 398 -25.30 -35.94 -50.90
CA ILE B 398 -25.02 -34.82 -50.03
C ILE B 398 -23.56 -34.47 -50.15
N GLY B 399 -22.70 -35.41 -49.77
CA GLY B 399 -21.28 -35.19 -49.72
C GLY B 399 -20.71 -34.94 -51.10
N THR B 400 -21.53 -35.21 -52.11
CA THR B 400 -21.06 -35.08 -53.47
C THR B 400 -21.33 -33.68 -54.05
N TYR B 401 -22.49 -33.10 -53.72
CA TYR B 401 -22.92 -31.88 -54.37
C TYR B 401 -22.77 -30.60 -53.55
N LEU B 402 -23.05 -30.65 -52.25
CA LEU B 402 -23.08 -29.41 -51.47
C LEU B 402 -21.90 -29.28 -50.54
N LYS B 403 -20.89 -28.57 -51.00
CA LYS B 403 -19.59 -28.63 -50.39
C LYS B 403 -19.46 -27.73 -49.22
N ASN B 404 -20.05 -26.55 -49.28
CA ASN B 404 -19.86 -25.59 -48.19
C ASN B 404 -20.89 -25.71 -47.10
N LEU B 405 -21.38 -26.94 -46.94
CA LEU B 405 -22.16 -27.36 -45.81
C LEU B 405 -21.30 -27.24 -44.56
N CYS B 406 -21.73 -26.43 -43.59
CA CYS B 406 -21.02 -26.25 -42.33
C CYS B 406 -21.72 -26.96 -41.20
N ASP B 407 -23.03 -27.07 -41.26
CA ASP B 407 -23.78 -27.61 -40.16
C ASP B 407 -24.75 -28.61 -40.77
N PHE B 408 -24.62 -29.86 -40.41
CA PHE B 408 -25.51 -30.89 -40.93
C PHE B 408 -26.10 -31.74 -39.82
N ARG B 409 -27.42 -31.82 -39.74
CA ARG B 409 -28.02 -32.61 -38.71
C ARG B 409 -29.07 -33.48 -39.33
N LEU B 410 -29.08 -34.75 -38.97
CA LEU B 410 -30.05 -35.70 -39.49
C LEU B 410 -30.63 -36.53 -38.34
N VAL B 411 -31.94 -36.69 -38.28
CA VAL B 411 -32.55 -37.54 -37.25
C VAL B 411 -33.60 -38.36 -37.93
N LEU B 412 -33.58 -39.68 -37.80
CA LEU B 412 -34.62 -40.48 -38.45
C LEU B 412 -35.70 -41.02 -37.50
N LEU B 413 -36.94 -40.67 -37.79
CA LEU B 413 -38.09 -41.02 -36.96
C LEU B 413 -38.36 -42.53 -36.85
N ASP B 414 -38.86 -42.93 -35.69
CA ASP B 414 -39.10 -44.34 -35.41
C ASP B 414 -40.46 -44.78 -35.96
N ARG B 415 -41.14 -43.85 -36.61
CA ARG B 415 -42.47 -44.09 -37.20
C ARG B 415 -42.44 -45.29 -38.12
N GLU B 416 -41.49 -45.26 -39.06
CA GLU B 416 -41.34 -46.33 -40.03
C GLU B 416 -40.74 -47.59 -39.40
N GLU B 417 -41.23 -48.74 -39.87
CA GLU B 417 -40.83 -50.03 -39.32
C GLU B 417 -39.58 -50.52 -40.01
N ARG B 418 -39.64 -50.64 -41.34
CA ARG B 418 -38.47 -51.04 -42.12
C ARG B 418 -37.90 -49.82 -42.80
N ILE B 419 -36.58 -49.70 -42.74
CA ILE B 419 -35.88 -48.68 -43.48
C ILE B 419 -35.10 -49.35 -44.60
N THR B 420 -35.31 -48.87 -45.83
CA THR B 420 -34.74 -49.46 -47.04
C THR B 420 -33.43 -50.20 -46.77
N ASP B 421 -32.29 -49.54 -46.96
CA ASP B 421 -31.01 -50.14 -46.62
C ASP B 421 -30.52 -49.52 -45.33
N LEU B 422 -30.20 -50.33 -44.31
CA LEU B 422 -29.92 -49.69 -43.02
C LEU B 422 -28.46 -49.31 -42.74
N PRO B 423 -27.58 -50.26 -42.39
CA PRO B 423 -26.26 -49.77 -41.94
C PRO B 423 -25.70 -48.69 -42.89
N LEU B 424 -25.49 -47.49 -42.36
CA LEU B 424 -25.19 -46.32 -43.19
C LEU B 424 -23.71 -46.03 -43.29
N ASP B 425 -22.91 -46.97 -42.81
CA ASP B 425 -21.46 -46.84 -42.70
C ASP B 425 -20.83 -46.15 -43.90
N ASN B 426 -21.25 -46.52 -45.10
CA ASN B 426 -20.57 -46.03 -46.30
C ASN B 426 -21.07 -44.69 -46.77
N GLY B 427 -22.34 -44.41 -46.47
CA GLY B 427 -22.93 -43.11 -46.72
C GLY B 427 -22.36 -42.02 -45.81
N VAL B 428 -22.35 -42.27 -44.51
CA VAL B 428 -21.77 -41.31 -43.58
C VAL B 428 -20.40 -40.93 -44.08
N ARG B 429 -19.63 -41.96 -44.38
CA ARG B 429 -18.27 -41.79 -44.82
C ARG B 429 -18.14 -40.85 -46.02
N SER B 430 -18.86 -41.11 -47.12
CA SER B 430 -18.69 -40.25 -48.30
C SER B 430 -19.15 -38.84 -48.02
N LEU B 431 -20.13 -38.70 -47.12
CA LEU B 431 -20.61 -37.40 -46.71
C LEU B 431 -19.52 -36.64 -46.01
N LEU B 432 -19.01 -37.23 -44.93
CA LEU B 432 -17.97 -36.58 -44.14
C LEU B 432 -16.75 -36.24 -44.99
N ILE B 433 -16.56 -37.01 -46.05
CA ILE B 433 -15.40 -36.83 -46.92
C ILE B 433 -15.63 -35.74 -47.99
N GLY B 434 -16.87 -35.59 -48.43
CA GLY B 434 -17.22 -34.56 -49.38
C GLY B 434 -17.39 -33.18 -48.79
N CYS B 435 -18.05 -33.07 -47.63
CA CYS B 435 -18.23 -31.78 -46.97
C CYS B 435 -17.13 -31.58 -45.96
N LYS B 436 -16.05 -30.94 -46.37
CA LYS B 436 -14.91 -30.81 -45.51
C LYS B 436 -14.93 -29.47 -44.78
N LYS B 437 -16.01 -28.71 -44.97
CA LYS B 437 -16.15 -27.45 -44.26
C LYS B 437 -16.96 -27.65 -42.97
N LEU B 438 -17.46 -28.88 -42.79
CA LEU B 438 -18.35 -29.23 -41.69
C LEU B 438 -17.80 -28.97 -40.31
N ARG B 439 -18.47 -28.14 -39.51
CA ARG B 439 -18.05 -27.82 -38.13
C ARG B 439 -18.99 -28.41 -37.06
N ARG B 440 -20.25 -28.55 -37.38
CA ARG B 440 -21.18 -29.13 -36.46
C ARG B 440 -21.89 -30.24 -37.20
N PHE B 441 -22.13 -31.34 -36.53
CA PHE B 441 -22.67 -32.51 -37.18
C PHE B 441 -23.46 -33.34 -36.19
N ALA B 442 -24.72 -33.63 -36.51
CA ALA B 442 -25.59 -34.44 -35.66
C ALA B 442 -26.19 -35.54 -36.48
N PHE B 443 -26.21 -36.73 -35.88
CA PHE B 443 -26.59 -37.96 -36.56
C PHE B 443 -27.34 -38.88 -35.61
N TYR B 444 -28.67 -38.90 -35.69
CA TYR B 444 -29.45 -39.60 -34.69
C TYR B 444 -30.25 -40.68 -35.37
N LEU B 445 -29.93 -41.94 -35.09
CA LEU B 445 -30.56 -43.04 -35.81
C LEU B 445 -31.36 -43.98 -34.92
N ARG B 446 -31.63 -45.19 -35.44
CA ARG B 446 -32.25 -46.28 -34.69
C ARG B 446 -31.13 -47.29 -34.45
N GLN B 447 -31.37 -48.36 -33.71
CA GLN B 447 -30.24 -49.19 -33.28
C GLN B 447 -29.35 -49.71 -34.40
N GLY B 448 -29.92 -50.46 -35.32
CA GLY B 448 -29.12 -50.98 -36.41
C GLY B 448 -28.46 -49.93 -37.31
N GLY B 449 -28.63 -48.66 -36.98
CA GLY B 449 -28.26 -47.59 -37.88
C GLY B 449 -26.81 -47.53 -38.30
N LEU B 450 -25.91 -47.79 -37.37
CA LEU B 450 -24.49 -47.66 -37.66
C LEU B 450 -23.66 -48.65 -36.85
N THR B 451 -22.75 -49.33 -37.56
CA THR B 451 -21.92 -50.36 -37.00
C THR B 451 -20.62 -49.73 -36.55
N ASP B 452 -19.91 -50.40 -35.64
CA ASP B 452 -18.70 -49.85 -35.08
C ASP B 452 -17.76 -49.40 -36.20
N LEU B 453 -17.85 -50.07 -37.34
CA LEU B 453 -16.98 -49.73 -38.44
C LEU B 453 -17.33 -48.31 -38.88
N GLY B 454 -18.62 -48.07 -39.08
CA GLY B 454 -19.12 -46.77 -39.48
C GLY B 454 -18.81 -45.71 -38.46
N LEU B 455 -19.12 -46.00 -37.21
CA LEU B 455 -18.85 -45.05 -36.14
C LEU B 455 -17.42 -44.53 -36.24
N SER B 456 -16.46 -45.43 -36.41
CA SER B 456 -15.06 -45.03 -36.48
C SER B 456 -14.81 -44.18 -37.72
N TYR B 457 -15.64 -44.39 -38.74
CA TYR B 457 -15.57 -43.61 -39.97
C TYR B 457 -15.83 -42.16 -39.62
N ILE B 458 -16.77 -41.95 -38.71
CA ILE B 458 -17.05 -40.62 -38.21
C ILE B 458 -15.87 -39.98 -37.49
N GLY B 459 -15.26 -40.70 -36.57
CA GLY B 459 -14.08 -40.20 -35.92
C GLY B 459 -13.00 -39.89 -36.93
N GLN B 460 -12.87 -40.78 -37.90
CA GLN B 460 -11.81 -40.71 -38.87
C GLN B 460 -11.94 -39.59 -39.88
N TYR B 461 -13.16 -39.22 -40.27
CA TYR B 461 -13.32 -38.25 -41.35
C TYR B 461 -13.95 -36.92 -40.98
N SER B 462 -13.86 -36.51 -39.71
CA SER B 462 -14.43 -35.24 -39.32
C SER B 462 -13.42 -34.39 -38.60
N PRO B 463 -12.44 -33.86 -39.35
CA PRO B 463 -11.31 -33.08 -38.87
C PRO B 463 -11.74 -31.72 -38.34
N ASN B 464 -12.84 -31.19 -38.86
CA ASN B 464 -13.21 -29.83 -38.54
C ASN B 464 -14.34 -29.70 -37.54
N VAL B 465 -15.00 -30.81 -37.26
CA VAL B 465 -16.16 -30.80 -36.41
C VAL B 465 -15.84 -30.50 -34.96
N ARG B 466 -16.40 -29.42 -34.44
CA ARG B 466 -16.24 -29.05 -33.06
C ARG B 466 -17.39 -29.60 -32.21
N TRP B 467 -18.58 -29.73 -32.77
CA TRP B 467 -19.72 -30.25 -32.01
C TRP B 467 -20.40 -31.42 -32.70
N MET B 468 -20.68 -32.46 -31.93
CA MET B 468 -21.43 -33.58 -32.45
C MET B 468 -22.60 -33.97 -31.54
N LEU B 469 -23.74 -34.27 -32.15
CA LEU B 469 -24.83 -34.93 -31.45
C LEU B 469 -25.05 -36.28 -32.09
N LEU B 470 -24.77 -37.37 -31.35
CA LEU B 470 -24.89 -38.71 -31.90
C LEU B 470 -26.03 -39.50 -31.34
N GLY B 471 -26.84 -40.04 -32.26
CA GLY B 471 -28.09 -40.73 -31.96
C GLY B 471 -27.94 -42.13 -31.44
N TYR B 472 -28.27 -43.12 -32.24
CA TYR B 472 -28.17 -44.48 -31.76
C TYR B 472 -27.02 -45.21 -32.44
N VAL B 473 -25.89 -44.53 -32.60
CA VAL B 473 -24.80 -45.11 -33.36
C VAL B 473 -24.10 -46.28 -32.65
N GLY B 474 -23.36 -47.04 -33.43
CA GLY B 474 -22.57 -48.13 -32.91
C GLY B 474 -23.34 -49.40 -32.60
N GLU B 475 -22.60 -50.45 -32.26
CA GLU B 475 -23.15 -51.73 -31.80
C GLU B 475 -22.50 -52.14 -30.48
N SER B 476 -21.23 -51.81 -30.29
CA SER B 476 -20.55 -52.09 -29.03
C SER B 476 -19.52 -51.03 -28.69
N ASP B 477 -18.96 -51.09 -27.50
CA ASP B 477 -17.99 -50.09 -27.06
C ASP B 477 -16.80 -50.07 -28.00
N GLU B 478 -16.57 -51.15 -28.73
CA GLU B 478 -15.53 -51.17 -29.76
C GLU B 478 -15.65 -49.93 -30.65
N GLY B 479 -16.89 -49.58 -31.01
CA GLY B 479 -17.15 -48.47 -31.88
C GLY B 479 -16.77 -47.14 -31.25
N LEU B 480 -17.23 -46.93 -30.02
CA LEU B 480 -16.91 -45.70 -29.32
C LEU B 480 -15.40 -45.49 -29.20
N MET B 481 -14.68 -46.56 -28.87
CA MET B 481 -13.23 -46.46 -28.77
C MET B 481 -12.61 -46.11 -30.13
N GLU B 482 -13.04 -46.79 -31.18
CA GLU B 482 -12.52 -46.52 -32.51
C GLU B 482 -12.75 -45.07 -32.88
N PHE B 483 -13.94 -44.60 -32.55
CA PHE B 483 -14.33 -43.21 -32.70
C PHE B 483 -13.35 -42.31 -31.96
N SER B 484 -13.06 -42.67 -30.71
CA SER B 484 -12.30 -41.78 -29.84
C SER B 484 -10.88 -41.54 -30.32
N ARG B 485 -10.38 -42.36 -31.21
CA ARG B 485 -9.02 -42.11 -31.64
C ARG B 485 -8.98 -41.06 -32.75
N GLY B 486 -10.16 -40.59 -33.15
CA GLY B 486 -10.26 -39.56 -34.17
C GLY B 486 -10.68 -38.23 -33.59
N CYS B 487 -11.51 -37.51 -34.33
CA CYS B 487 -12.09 -36.26 -33.84
C CYS B 487 -11.05 -35.35 -33.24
N PRO B 488 -10.14 -34.86 -34.07
CA PRO B 488 -9.06 -33.98 -33.67
C PRO B 488 -9.60 -32.76 -32.94
N ASN B 489 -10.69 -32.18 -33.46
CA ASN B 489 -11.18 -30.89 -33.00
C ASN B 489 -12.51 -30.92 -32.33
N LEU B 490 -12.99 -32.11 -31.98
CA LEU B 490 -14.22 -32.25 -31.22
C LEU B 490 -14.17 -31.59 -29.83
N GLN B 491 -15.04 -30.62 -29.58
CA GLN B 491 -15.06 -29.90 -28.32
C GLN B 491 -16.25 -30.26 -27.44
N LYS B 492 -17.43 -30.37 -28.05
CA LYS B 492 -18.64 -30.69 -27.33
C LYS B 492 -19.18 -31.97 -27.93
N LEU B 493 -19.55 -32.90 -27.07
CA LEU B 493 -20.10 -34.19 -27.51
C LEU B 493 -21.37 -34.52 -26.75
N GLU B 494 -22.47 -34.71 -27.49
CA GLU B 494 -23.76 -35.06 -26.89
C GLU B 494 -24.21 -36.37 -27.50
N MET B 495 -24.41 -37.39 -26.68
CA MET B 495 -24.92 -38.66 -27.20
C MET B 495 -26.05 -39.11 -26.32
N ARG B 496 -27.15 -39.54 -26.93
CA ARG B 496 -28.20 -40.18 -26.15
C ARG B 496 -28.68 -41.45 -26.83
N GLY B 497 -29.19 -42.37 -26.03
CA GLY B 497 -29.65 -43.64 -26.54
C GLY B 497 -28.51 -44.48 -27.10
N CYS B 498 -27.44 -44.60 -26.36
CA CYS B 498 -26.35 -45.43 -26.82
C CYS B 498 -26.10 -46.62 -25.90
N CYS B 499 -25.42 -47.62 -26.45
CA CYS B 499 -25.25 -48.89 -25.77
C CYS B 499 -23.89 -49.01 -25.07
N PHE B 500 -23.19 -47.90 -24.91
CA PHE B 500 -21.84 -47.94 -24.37
C PHE B 500 -21.87 -47.97 -22.84
N SER B 501 -20.77 -48.44 -22.24
CA SER B 501 -20.69 -48.65 -20.80
C SER B 501 -19.97 -47.52 -20.13
N GLU B 502 -20.09 -47.39 -18.82
CA GLU B 502 -19.45 -46.28 -18.13
C GLU B 502 -17.98 -46.24 -18.47
N ARG B 503 -17.27 -47.36 -18.27
CA ARG B 503 -15.81 -47.35 -18.44
C ARG B 503 -15.43 -47.05 -19.87
N ALA B 504 -16.34 -47.35 -20.79
CA ALA B 504 -16.12 -47.14 -22.22
C ALA B 504 -16.15 -45.65 -22.56
N ILE B 505 -17.13 -44.97 -21.98
CA ILE B 505 -17.27 -43.54 -22.09
C ILE B 505 -16.07 -42.89 -21.50
N ALA B 506 -15.81 -43.18 -20.23
CA ALA B 506 -14.72 -42.56 -19.49
C ALA B 506 -13.43 -42.71 -20.27
N ALA B 507 -13.24 -43.89 -20.85
CA ALA B 507 -12.07 -44.14 -21.66
C ALA B 507 -12.02 -43.22 -22.89
N ALA B 508 -13.14 -43.12 -23.60
CA ALA B 508 -13.20 -42.32 -24.82
C ALA B 508 -12.95 -40.85 -24.54
N VAL B 509 -13.44 -40.39 -23.40
CA VAL B 509 -13.19 -39.01 -23.00
C VAL B 509 -11.69 -38.73 -22.88
N THR B 510 -10.98 -39.68 -22.27
CA THR B 510 -9.56 -39.55 -22.05
C THR B 510 -8.84 -39.46 -23.38
N LYS B 511 -9.21 -40.30 -24.34
CA LYS B 511 -8.60 -40.30 -25.67
C LYS B 511 -8.82 -39.03 -26.50
N LEU B 512 -9.95 -38.37 -26.31
CA LEU B 512 -10.26 -37.17 -27.08
C LEU B 512 -9.47 -35.94 -26.66
N PRO B 513 -8.63 -35.41 -27.58
CA PRO B 513 -7.73 -34.28 -27.37
C PRO B 513 -8.46 -33.00 -27.05
N SER B 514 -9.54 -32.69 -27.77
CA SER B 514 -10.13 -31.36 -27.73
C SER B 514 -11.36 -31.23 -26.85
N LEU B 515 -11.89 -32.35 -26.40
CA LEU B 515 -13.16 -32.40 -25.70
C LEU B 515 -13.18 -31.57 -24.42
N ARG B 516 -14.19 -30.71 -24.27
CA ARG B 516 -14.37 -29.92 -23.07
C ARG B 516 -15.77 -29.96 -22.48
N TYR B 517 -16.69 -30.66 -23.14
CA TYR B 517 -18.09 -30.73 -22.70
C TYR B 517 -18.72 -32.02 -23.17
N LEU B 518 -19.29 -32.75 -22.24
CA LEU B 518 -19.88 -34.04 -22.55
C LEU B 518 -21.21 -34.17 -21.87
N TRP B 519 -22.26 -34.42 -22.67
CA TRP B 519 -23.58 -34.74 -22.15
C TRP B 519 -24.02 -36.08 -22.74
N VAL B 520 -24.56 -36.93 -21.87
CA VAL B 520 -24.99 -38.27 -22.24
C VAL B 520 -26.28 -38.65 -21.53
N GLN B 521 -27.23 -39.21 -22.26
CA GLN B 521 -28.38 -39.87 -21.63
C GLN B 521 -28.52 -41.31 -22.15
N GLY B 522 -28.57 -42.28 -21.25
CA GLY B 522 -28.64 -43.68 -21.67
C GLY B 522 -27.31 -44.38 -21.93
N TYR B 523 -26.94 -45.26 -21.01
CA TYR B 523 -25.66 -45.94 -21.04
C TYR B 523 -25.69 -47.08 -20.02
N ARG B 524 -24.95 -48.16 -20.25
CA ARG B 524 -24.88 -49.24 -19.28
C ARG B 524 -24.21 -48.74 -18.00
N ALA B 525 -24.99 -48.56 -16.94
CA ALA B 525 -24.48 -48.03 -15.67
C ALA B 525 -23.74 -49.06 -14.80
N SER B 526 -23.76 -48.82 -13.49
CA SER B 526 -23.30 -49.79 -12.49
C SER B 526 -23.50 -49.13 -11.13
N MET B 527 -24.16 -49.86 -10.21
CA MET B 527 -24.48 -49.30 -8.91
C MET B 527 -23.23 -48.69 -8.25
N THR B 528 -22.10 -49.37 -8.40
CA THR B 528 -20.81 -48.84 -7.99
C THR B 528 -20.78 -47.33 -8.27
N GLY B 529 -20.93 -47.00 -9.55
CA GLY B 529 -20.82 -45.64 -10.06
C GLY B 529 -19.39 -45.39 -10.47
N GLN B 530 -18.50 -46.24 -9.96
CA GLN B 530 -17.07 -45.96 -9.92
C GLN B 530 -16.33 -46.11 -11.23
N ASP B 531 -17.02 -46.52 -12.27
CA ASP B 531 -16.34 -46.71 -13.55
C ASP B 531 -16.15 -45.39 -14.24
N LEU B 532 -17.16 -44.53 -14.12
CA LEU B 532 -17.06 -43.16 -14.59
C LEU B 532 -15.78 -42.52 -14.06
N MET B 533 -15.47 -42.79 -12.80
CA MET B 533 -14.32 -42.19 -12.14
C MET B 533 -13.02 -42.22 -12.94
N GLN B 534 -12.86 -43.18 -13.85
CA GLN B 534 -11.58 -43.32 -14.49
C GLN B 534 -11.34 -42.23 -15.53
N MET B 535 -12.16 -41.19 -15.49
CA MET B 535 -11.90 -39.98 -16.28
C MET B 535 -11.62 -38.75 -15.42
N ALA B 536 -11.51 -38.96 -14.11
CA ALA B 536 -11.11 -37.92 -13.18
C ALA B 536 -9.82 -37.25 -13.60
N ARG B 537 -9.93 -36.03 -14.08
CA ARG B 537 -8.78 -35.21 -14.36
C ARG B 537 -9.00 -34.07 -13.42
N PRO B 538 -7.97 -33.23 -13.22
CA PRO B 538 -8.14 -31.96 -12.50
C PRO B 538 -8.85 -30.97 -13.38
N TYR B 539 -9.66 -30.09 -12.81
CA TYR B 539 -10.51 -29.14 -13.59
C TYR B 539 -11.69 -29.78 -14.32
N TRP B 540 -11.77 -31.12 -14.28
CA TRP B 540 -12.88 -31.84 -14.89
C TRP B 540 -14.02 -32.07 -13.87
N ASN B 541 -15.13 -31.37 -14.07
CA ASN B 541 -16.33 -31.51 -13.26
C ASN B 541 -17.25 -32.53 -13.91
N ILE B 542 -17.73 -33.52 -13.16
CA ILE B 542 -18.74 -34.44 -13.68
C ILE B 542 -19.99 -34.35 -12.81
N GLU B 543 -21.17 -34.36 -13.46
CA GLU B 543 -22.47 -34.28 -12.78
C GLU B 543 -23.42 -35.36 -13.26
N LEU B 544 -24.31 -35.83 -12.38
CA LEU B 544 -25.33 -36.82 -12.72
C LEU B 544 -26.77 -36.27 -12.55
N ILE B 545 -27.64 -36.52 -13.51
CA ILE B 545 -28.96 -35.87 -13.53
C ILE B 545 -30.13 -36.85 -13.70
N PRO B 546 -31.36 -36.39 -13.35
CA PRO B 546 -32.71 -36.96 -13.59
C PRO B 546 -33.45 -36.48 -14.87
N SER B 547 -34.49 -35.65 -14.75
CA SER B 547 -35.21 -35.10 -15.92
C SER B 547 -36.51 -34.34 -15.57
N ARG B 548 -36.76 -33.22 -16.27
CA ARG B 548 -37.95 -32.38 -16.08
C ARG B 548 -38.38 -31.67 -17.37
N ARG B 549 -39.18 -30.61 -17.23
CA ARG B 549 -39.62 -29.76 -18.36
C ARG B 549 -39.50 -28.28 -18.03
N GLU B 563 -40.43 -42.03 -17.31
CA GLU B 563 -39.11 -42.63 -17.13
C GLU B 563 -38.03 -41.87 -17.89
N HIS B 564 -37.14 -41.21 -17.17
CA HIS B 564 -36.04 -40.50 -17.82
C HIS B 564 -34.69 -40.88 -17.21
N PRO B 565 -33.94 -41.78 -17.87
CA PRO B 565 -32.66 -42.35 -17.43
C PRO B 565 -31.61 -41.32 -17.01
N ALA B 566 -30.57 -41.76 -16.31
CA ALA B 566 -29.58 -40.82 -15.78
C ALA B 566 -28.87 -40.06 -16.89
N HIS B 567 -28.58 -38.80 -16.63
CA HIS B 567 -27.71 -38.01 -17.51
C HIS B 567 -26.34 -37.87 -16.92
N ILE B 568 -25.36 -37.80 -17.81
CA ILE B 568 -24.02 -37.46 -17.44
C ILE B 568 -23.74 -36.13 -18.07
N LEU B 569 -23.20 -35.21 -17.30
CA LEU B 569 -22.77 -33.95 -17.86
C LEU B 569 -21.42 -33.68 -17.26
N ALA B 570 -20.41 -33.52 -18.11
CA ALA B 570 -19.09 -33.15 -17.60
C ALA B 570 -18.49 -32.06 -18.46
N TYR B 571 -17.70 -31.19 -17.85
CA TYR B 571 -17.14 -30.05 -18.54
C TYR B 571 -15.89 -29.60 -17.79
N TYR B 572 -14.98 -28.93 -18.48
CA TYR B 572 -13.83 -28.31 -17.81
C TYR B 572 -14.28 -27.01 -17.19
N SER B 573 -13.71 -26.69 -16.04
CA SER B 573 -13.99 -25.43 -15.37
C SER B 573 -12.84 -25.03 -14.49
N LEU B 574 -12.41 -23.78 -14.64
CA LEU B 574 -11.38 -23.22 -13.78
C LEU B 574 -11.93 -22.81 -12.40
N ALA B 575 -13.15 -23.18 -12.10
CA ALA B 575 -13.84 -22.56 -11.00
C ALA B 575 -14.04 -23.52 -9.87
N GLY B 576 -14.04 -24.80 -10.19
CA GLY B 576 -14.35 -25.79 -9.18
C GLY B 576 -15.80 -26.18 -9.28
N GLN B 577 -16.25 -27.07 -8.39
CA GLN B 577 -17.63 -27.56 -8.46
C GLN B 577 -18.58 -26.46 -8.02
N ARG B 578 -19.66 -26.32 -8.76
CA ARG B 578 -20.65 -25.30 -8.49
C ARG B 578 -21.30 -25.46 -7.12
N THR B 579 -21.58 -24.34 -6.48
CA THR B 579 -22.31 -24.28 -5.22
C THR B 579 -23.81 -24.55 -5.36
N ASP B 580 -24.38 -24.13 -6.49
CA ASP B 580 -25.81 -24.05 -6.63
C ASP B 580 -26.55 -25.29 -7.18
N CYS B 581 -26.04 -26.50 -6.95
CA CYS B 581 -26.75 -27.68 -7.39
C CYS B 581 -28.10 -27.89 -6.73
N PRO B 582 -29.11 -28.30 -7.52
CA PRO B 582 -30.36 -28.79 -6.94
C PRO B 582 -30.13 -30.07 -6.16
N THR B 583 -31.19 -30.61 -5.61
CA THR B 583 -31.15 -31.89 -4.94
C THR B 583 -31.10 -33.02 -5.98
N THR B 584 -31.80 -32.82 -7.09
CA THR B 584 -31.83 -33.82 -8.14
C THR B 584 -30.50 -34.05 -8.83
N VAL B 585 -29.51 -33.20 -8.58
CA VAL B 585 -28.25 -33.34 -9.29
C VAL B 585 -27.03 -33.71 -8.42
N ARG B 586 -26.32 -34.78 -8.78
CA ARG B 586 -25.26 -35.29 -7.95
C ARG B 586 -23.89 -35.02 -8.55
N VAL B 587 -22.96 -34.56 -7.73
CA VAL B 587 -21.61 -34.27 -8.18
C VAL B 587 -20.64 -35.39 -7.78
N LEU B 588 -20.10 -36.11 -8.75
CA LEU B 588 -19.16 -37.19 -8.46
C LEU B 588 -17.78 -36.73 -7.99
N LYS B 589 -17.30 -37.31 -6.89
CA LYS B 589 -16.05 -36.90 -6.24
C LYS B 589 -15.21 -38.06 -5.69
N GLU B 590 -14.53 -38.78 -6.57
CA GLU B 590 -13.65 -39.88 -6.16
C GLU B 590 -14.39 -40.87 -5.26
N PRO B 591 -13.66 -41.65 -4.43
CA PRO B 591 -14.42 -42.49 -3.48
C PRO B 591 -15.37 -41.69 -2.59
N ILE B 592 -16.63 -42.12 -2.56
CA ILE B 592 -17.65 -41.49 -1.72
C ILE B 592 -17.34 -41.72 -0.23
N GLU C 1 -36.38 -47.73 -23.69
CA GLU C 1 -37.35 -47.10 -24.57
C GLU C 1 -37.17 -45.60 -24.62
N LEU C 2 -36.14 -45.12 -25.31
CA LEU C 2 -35.92 -43.67 -25.39
C LEU C 2 -36.71 -43.02 -26.53
N PRO C 3 -37.70 -42.20 -26.18
CA PRO C 3 -38.58 -41.59 -27.18
C PRO C 3 -37.91 -40.38 -27.77
N ILE C 4 -38.18 -40.06 -29.03
CA ILE C 4 -37.63 -38.85 -29.62
C ILE C 4 -38.24 -37.65 -28.90
N ALA C 5 -37.42 -36.89 -28.19
CA ALA C 5 -37.91 -35.76 -27.42
C ALA C 5 -38.24 -34.62 -28.35
N ARG C 6 -39.36 -33.97 -28.08
CA ARG C 6 -39.83 -32.96 -28.95
C ARG C 6 -39.23 -31.63 -28.53
N ARG C 7 -38.67 -30.87 -29.48
CA ARG C 7 -38.23 -29.50 -29.22
C ARG C 7 -39.40 -28.71 -28.64
N ALA C 8 -39.19 -28.10 -27.47
CA ALA C 8 -40.28 -27.50 -26.69
C ALA C 8 -41.15 -26.48 -27.41
N SER C 9 -40.55 -25.69 -28.29
CA SER C 9 -41.31 -24.69 -29.02
C SER C 9 -42.34 -25.32 -29.93
N LEU C 10 -42.03 -26.50 -30.46
CA LEU C 10 -42.95 -27.20 -31.32
C LEU C 10 -43.94 -27.99 -30.52
N HIS C 11 -43.51 -28.57 -29.42
CA HIS C 11 -44.45 -29.23 -28.53
C HIS C 11 -45.62 -28.29 -28.18
N ARG C 12 -45.28 -27.07 -27.75
CA ARG C 12 -46.28 -26.08 -27.40
C ARG C 12 -47.24 -25.82 -28.56
N PHE C 13 -46.70 -25.67 -29.76
CA PHE C 13 -47.48 -25.38 -30.94
C PHE C 13 -48.38 -26.53 -31.34
N LEU C 14 -47.84 -27.74 -31.36
CA LEU C 14 -48.61 -28.89 -31.80
C LEU C 14 -49.86 -29.09 -30.95
N GLU C 15 -49.83 -28.60 -29.71
CA GLU C 15 -51.01 -28.66 -28.84
C GLU C 15 -51.99 -27.54 -29.18
N LYS C 16 -51.48 -26.32 -29.29
CA LYS C 16 -52.31 -25.22 -29.74
C LYS C 16 -53.00 -25.57 -31.07
N ARG C 17 -52.30 -26.31 -31.92
CA ARG C 17 -52.84 -26.72 -33.21
C ARG C 17 -54.16 -27.47 -33.07
N LYS C 18 -54.17 -28.51 -32.23
CA LYS C 18 -55.39 -29.28 -32.00
C LYS C 18 -56.39 -28.54 -31.09
N LYS D 5 -0.64 -35.50 49.72
CA LYS D 5 -1.90 -35.37 48.97
C LYS D 5 -2.26 -33.89 48.63
N ILE D 6 -2.65 -33.66 47.36
CA ILE D 6 -2.99 -32.32 46.87
C ILE D 6 -4.40 -32.22 46.27
N VAL D 7 -4.99 -31.02 46.33
CA VAL D 7 -6.33 -30.76 45.80
C VAL D 7 -6.31 -29.97 44.48
N LEU D 8 -6.98 -30.49 43.45
CA LEU D 8 -7.07 -29.82 42.16
C LEU D 8 -8.51 -29.44 41.85
N LYS D 9 -8.78 -28.16 41.70
CA LYS D 9 -10.15 -27.69 41.46
C LYS D 9 -10.41 -27.48 39.96
N SER D 10 -11.25 -28.35 39.41
CA SER D 10 -11.56 -28.38 37.98
C SER D 10 -12.35 -27.17 37.48
N SER D 11 -12.58 -27.12 36.17
CA SER D 11 -13.22 -25.96 35.53
C SER D 11 -14.74 -25.85 35.72
N ASP D 12 -15.28 -26.61 36.66
CA ASP D 12 -16.69 -26.53 36.97
C ASP D 12 -16.88 -26.78 38.45
N GLY D 13 -15.91 -26.31 39.25
CA GLY D 13 -15.89 -26.54 40.69
C GLY D 13 -15.98 -28.02 41.00
N GLU D 14 -14.84 -28.64 41.25
CA GLU D 14 -14.84 -30.09 41.40
C GLU D 14 -13.55 -30.56 42.06
N SER D 15 -13.49 -30.48 43.38
CA SER D 15 -12.27 -30.90 44.08
C SER D 15 -11.83 -32.32 43.69
N PHE D 16 -10.51 -32.48 43.53
CA PHE D 16 -9.92 -33.77 43.19
C PHE D 16 -8.79 -34.15 44.15
N GLU D 17 -8.99 -35.22 44.90
CA GLU D 17 -8.01 -35.70 45.86
C GLU D 17 -6.97 -36.51 45.10
N VAL D 18 -5.75 -35.99 45.03
CA VAL D 18 -4.68 -36.73 44.35
C VAL D 18 -3.38 -36.75 45.13
N GLU D 19 -2.58 -37.79 44.91
CA GLU D 19 -1.34 -37.96 45.67
C GLU D 19 -0.29 -36.94 45.30
N GLU D 20 0.71 -36.82 46.16
CA GLU D 20 1.83 -35.92 45.95
C GLU D 20 2.46 -36.11 44.57
N ALA D 21 3.10 -37.26 44.37
CA ALA D 21 3.90 -37.53 43.17
C ALA D 21 3.08 -37.63 41.87
N VAL D 22 1.77 -37.85 42.02
CA VAL D 22 0.88 -37.93 40.87
C VAL D 22 0.63 -36.54 40.28
N ALA D 23 0.36 -35.57 41.14
CA ALA D 23 0.14 -34.20 40.68
C ALA D 23 1.42 -33.55 40.17
N LEU D 24 2.56 -34.12 40.53
CA LEU D 24 3.84 -33.53 40.16
C LEU D 24 4.27 -33.92 38.74
N GLU D 25 3.52 -34.81 38.11
CA GLU D 25 3.81 -35.12 36.71
C GLU D 25 3.64 -33.85 35.88
N SER D 26 2.70 -32.99 36.30
CA SER D 26 2.49 -31.72 35.63
C SER D 26 3.49 -30.68 36.12
N GLN D 27 4.43 -30.30 35.27
CA GLN D 27 5.34 -29.21 35.59
C GLN D 27 4.63 -27.87 35.77
N THR D 28 3.34 -27.84 35.50
CA THR D 28 2.54 -26.65 35.75
C THR D 28 2.08 -26.62 37.19
N ILE D 29 1.78 -27.80 37.73
CA ILE D 29 1.40 -27.91 39.13
C ILE D 29 2.65 -27.99 40.02
N ALA D 30 3.77 -28.39 39.42
CA ALA D 30 5.05 -28.37 40.11
C ALA D 30 5.51 -26.92 40.35
N HIS D 31 5.60 -26.13 39.30
CA HIS D 31 6.06 -24.74 39.40
C HIS D 31 5.04 -23.88 40.13
N MET D 32 4.07 -24.54 40.77
CA MET D 32 2.98 -23.88 41.48
C MET D 32 2.90 -24.33 42.94
N VAL D 33 3.90 -25.10 43.36
CA VAL D 33 4.08 -25.39 44.77
C VAL D 33 5.26 -24.57 45.29
N GLU D 34 5.71 -23.61 44.48
CA GLU D 34 6.74 -22.65 44.87
C GLU D 34 6.04 -21.44 45.48
N ASP D 35 5.42 -20.65 44.61
CA ASP D 35 4.47 -19.62 45.02
C ASP D 35 3.17 -20.28 45.49
N ASP D 36 3.32 -21.35 46.27
CA ASP D 36 2.23 -22.26 46.65
C ASP D 36 0.85 -21.62 46.90
N CYS D 37 0.06 -21.56 45.82
CA CYS D 37 -1.34 -21.21 45.93
C CYS D 37 -2.12 -22.41 46.46
N VAL D 38 -1.37 -23.46 46.78
CA VAL D 38 -1.95 -24.73 47.20
C VAL D 38 -2.80 -24.60 48.46
N ASP D 39 -2.67 -23.45 49.14
CA ASP D 39 -3.45 -23.18 50.36
C ASP D 39 -4.94 -23.41 50.14
N ASN D 40 -5.44 -22.92 49.00
CA ASN D 40 -6.85 -23.08 48.65
C ASN D 40 -7.00 -24.12 47.53
N GLY D 41 -6.01 -25.00 47.43
CA GLY D 41 -5.97 -25.98 46.36
C GLY D 41 -5.63 -25.33 45.02
N VAL D 42 -4.90 -26.06 44.19
CA VAL D 42 -4.51 -25.55 42.87
C VAL D 42 -5.69 -25.41 41.90
N PRO D 43 -6.02 -24.17 41.53
CA PRO D 43 -7.19 -23.88 40.69
C PRO D 43 -6.79 -23.97 39.23
N LEU D 44 -7.45 -24.82 38.47
CA LEU D 44 -7.21 -24.85 37.02
C LEU D 44 -8.50 -24.97 36.21
N PRO D 45 -9.05 -23.80 35.82
CA PRO D 45 -10.39 -23.65 35.23
C PRO D 45 -10.38 -23.79 33.71
N ASN D 46 -9.33 -24.40 33.15
CA ASN D 46 -9.29 -24.63 31.72
C ASN D 46 -9.33 -26.10 31.39
N VAL D 47 -9.60 -26.90 32.42
CA VAL D 47 -9.81 -28.33 32.26
C VAL D 47 -11.23 -28.76 32.64
N THR D 48 -11.94 -29.29 31.66
CA THR D 48 -13.18 -30.01 31.91
C THR D 48 -12.93 -31.03 33.03
N SER D 49 -13.91 -31.20 33.92
CA SER D 49 -13.73 -32.12 35.03
C SER D 49 -13.63 -33.55 34.50
N LYS D 50 -14.51 -33.89 33.56
CA LYS D 50 -14.49 -35.17 32.86
C LYS D 50 -13.08 -35.50 32.33
N ILE D 51 -12.40 -34.47 31.83
CA ILE D 51 -11.08 -34.62 31.23
C ILE D 51 -10.00 -34.75 32.28
N LEU D 52 -10.00 -33.83 33.25
CA LEU D 52 -9.05 -33.85 34.34
C LEU D 52 -9.01 -35.25 34.99
N ALA D 53 -10.19 -35.86 35.08
CA ALA D 53 -10.33 -37.23 35.56
C ALA D 53 -9.45 -38.18 34.77
N LYS D 54 -9.67 -38.19 33.46
CA LYS D 54 -8.88 -39.01 32.55
C LYS D 54 -7.37 -38.72 32.62
N VAL D 55 -7.01 -37.47 32.88
CA VAL D 55 -5.60 -37.09 32.99
C VAL D 55 -4.93 -37.71 34.22
N ILE D 56 -5.62 -37.62 35.35
CA ILE D 56 -5.12 -38.18 36.59
C ILE D 56 -4.95 -39.70 36.46
N GLU D 57 -5.92 -40.35 35.82
CA GLU D 57 -5.85 -41.79 35.57
C GLU D 57 -4.56 -42.19 34.86
N TYR D 58 -4.12 -41.36 33.92
CA TYR D 58 -2.90 -41.63 33.17
C TYR D 58 -1.68 -41.49 34.07
N CYS D 59 -1.61 -40.36 34.78
CA CYS D 59 -0.47 -40.10 35.65
C CYS D 59 -0.39 -41.16 36.75
N LYS D 60 -1.54 -41.50 37.31
CA LYS D 60 -1.60 -42.54 38.33
C LYS D 60 -0.79 -43.74 37.87
N ARG D 61 -1.19 -44.30 36.72
CA ARG D 61 -0.60 -45.54 36.23
C ARG D 61 0.89 -45.41 35.89
N HIS D 62 1.30 -44.25 35.37
CA HIS D 62 2.68 -44.06 34.96
C HIS D 62 3.66 -43.91 36.13
N VAL D 63 3.21 -43.25 37.20
CA VAL D 63 3.99 -43.14 38.42
C VAL D 63 4.24 -44.52 39.05
N GLU D 64 3.26 -45.41 38.91
CA GLU D 64 3.42 -46.82 39.29
C GLU D 64 4.34 -47.58 38.32
N ALA D 65 5.41 -46.92 37.91
CA ALA D 65 6.51 -47.56 37.19
C ALA D 65 7.72 -47.55 38.12
N ALA D 66 7.46 -47.39 39.41
CA ALA D 66 8.45 -47.60 40.47
C ALA D 66 8.81 -49.10 40.51
N ALA D 67 7.79 -49.92 40.74
CA ALA D 67 7.85 -51.32 40.36
C ALA D 67 8.02 -51.31 38.84
N ASP D 80 7.87 -52.28 31.32
CA ASP D 80 7.67 -51.49 30.10
C ASP D 80 6.76 -52.20 29.09
N ASP D 81 6.78 -53.52 29.13
CA ASP D 81 6.05 -54.33 28.18
C ASP D 81 4.54 -54.08 28.28
N ASP D 82 4.06 -54.00 29.52
CA ASP D 82 2.62 -53.88 29.78
C ASP D 82 2.12 -52.44 29.81
N LEU D 83 3.05 -51.49 29.62
CA LEU D 83 2.70 -50.08 29.57
C LEU D 83 2.19 -49.65 28.19
N LYS D 84 2.98 -49.89 27.13
CA LYS D 84 2.50 -49.63 25.78
C LYS D 84 1.16 -50.32 25.55
N ALA D 85 0.92 -51.36 26.36
CA ALA D 85 -0.35 -52.06 26.41
C ALA D 85 -1.49 -51.18 26.93
N TRP D 86 -1.40 -50.79 28.20
CA TRP D 86 -2.40 -49.92 28.82
C TRP D 86 -2.57 -48.63 28.03
N ASP D 87 -1.43 -48.08 27.59
CA ASP D 87 -1.41 -46.83 26.83
C ASP D 87 -2.29 -46.97 25.57
N ALA D 88 -1.97 -47.96 24.72
CA ALA D 88 -2.77 -48.23 23.53
C ALA D 88 -4.25 -48.33 23.86
N ASP D 89 -4.57 -49.06 24.92
CA ASP D 89 -5.95 -49.25 25.30
C ASP D 89 -6.53 -47.95 25.88
N PHE D 90 -5.67 -47.12 26.46
CA PHE D 90 -6.11 -45.86 27.07
C PHE D 90 -6.59 -44.87 25.99
N MET D 91 -6.06 -45.06 24.78
CA MET D 91 -6.27 -44.12 23.67
C MET D 91 -7.49 -44.43 22.83
N LYS D 92 -8.08 -45.61 23.05
CA LYS D 92 -9.33 -45.99 22.41
C LYS D 92 -10.49 -45.07 22.82
N ILE D 93 -10.40 -43.81 22.43
CA ILE D 93 -11.43 -42.82 22.75
C ILE D 93 -11.82 -42.12 21.45
N ASP D 94 -12.87 -41.31 21.50
CA ASP D 94 -13.26 -40.55 20.32
C ASP D 94 -12.34 -39.35 20.04
N GLN D 95 -12.35 -38.87 18.80
CA GLN D 95 -11.51 -37.75 18.42
C GLN D 95 -11.68 -36.58 19.38
N ALA D 96 -12.90 -36.04 19.45
CA ALA D 96 -13.15 -34.84 20.24
C ALA D 96 -12.51 -34.94 21.65
N THR D 97 -12.58 -36.11 22.25
CA THR D 97 -11.98 -36.32 23.56
C THR D 97 -10.46 -36.31 23.46
N LEU D 98 -9.94 -37.04 22.47
CA LEU D 98 -8.51 -37.09 22.20
C LEU D 98 -7.90 -35.69 22.13
N PHE D 99 -8.52 -34.81 21.35
CA PHE D 99 -8.03 -33.44 21.24
C PHE D 99 -8.05 -32.69 22.58
N GLU D 100 -9.15 -32.79 23.31
CA GLU D 100 -9.27 -32.14 24.59
C GLU D 100 -8.16 -32.57 25.55
N LEU D 101 -7.57 -33.74 25.28
CA LEU D 101 -6.53 -34.29 26.12
C LEU D 101 -5.21 -33.64 25.80
N ILE D 102 -4.92 -33.53 24.51
CA ILE D 102 -3.72 -32.87 24.07
C ILE D 102 -3.71 -31.48 24.66
N LEU D 103 -4.80 -30.74 24.43
CA LEU D 103 -4.92 -29.40 24.96
C LEU D 103 -4.68 -29.37 26.47
N ALA D 104 -5.11 -30.43 27.14
CA ALA D 104 -4.98 -30.52 28.58
C ALA D 104 -3.54 -30.76 28.99
N ALA D 105 -2.86 -31.70 28.32
CA ALA D 105 -1.44 -31.98 28.61
C ALA D 105 -0.57 -30.73 28.39
N ASN D 106 -0.92 -29.94 27.40
CA ASN D 106 -0.20 -28.73 27.10
C ASN D 106 -0.49 -27.61 28.11
N TYR D 107 -1.69 -27.63 28.68
CA TYR D 107 -2.11 -26.64 29.70
C TYR D 107 -1.46 -26.92 31.06
N LEU D 108 -1.45 -28.20 31.43
CA LEU D 108 -0.56 -28.69 32.46
C LEU D 108 0.75 -28.84 31.74
N ASN D 109 1.67 -29.63 32.24
CA ASN D 109 2.88 -29.78 31.45
C ASN D 109 3.43 -31.16 31.46
N ILE D 110 2.62 -32.09 30.98
CA ILE D 110 2.90 -33.50 31.05
C ILE D 110 3.52 -33.97 29.74
N LYS D 111 4.85 -33.93 29.66
CA LYS D 111 5.56 -34.24 28.43
C LYS D 111 5.33 -35.69 27.97
N ASN D 112 5.28 -36.63 28.89
CA ASN D 112 5.02 -38.00 28.51
C ASN D 112 3.63 -38.16 27.92
N LEU D 113 2.75 -37.23 28.28
CA LEU D 113 1.43 -37.17 27.69
C LEU D 113 1.43 -36.35 26.34
N LEU D 114 2.57 -35.57 25.93
CA LEU D 114 2.81 -34.77 24.62
C LEU D 114 3.58 -35.54 23.51
N ASP D 115 4.85 -35.89 23.75
CA ASP D 115 5.57 -36.76 22.82
C ASP D 115 4.74 -38.02 22.59
N LEU D 116 3.64 -38.16 23.34
CA LEU D 116 2.78 -39.33 23.18
C LEU D 116 1.42 -39.04 22.55
N THR D 117 0.74 -38.00 23.01
CA THR D 117 -0.55 -37.63 22.41
C THR D 117 -0.40 -37.13 20.96
N CYS D 118 0.42 -36.10 20.75
CA CYS D 118 0.76 -35.65 19.43
C CYS D 118 1.19 -36.82 18.53
N GLN D 119 2.19 -37.60 18.96
CA GLN D 119 2.62 -38.79 18.18
C GLN D 119 1.44 -39.75 17.89
N THR D 120 0.42 -39.70 18.72
CA THR D 120 -0.73 -40.57 18.52
C THR D 120 -1.59 -40.07 17.39
N VAL D 121 -1.78 -38.76 17.35
CA VAL D 121 -2.50 -38.12 16.26
C VAL D 121 -1.70 -38.23 14.97
N ALA D 122 -0.39 -37.99 15.07
CA ALA D 122 0.47 -38.08 13.91
C ALA D 122 0.38 -39.49 13.33
N ASP D 123 0.18 -40.49 14.18
CA ASP D 123 0.12 -41.88 13.69
C ASP D 123 -1.16 -42.13 12.90
N MET D 124 -2.17 -41.31 13.17
CA MET D 124 -3.43 -41.39 12.45
C MET D 124 -3.29 -40.87 11.02
N ILE D 125 -2.43 -39.88 10.82
CA ILE D 125 -2.16 -39.35 9.49
C ILE D 125 -1.19 -40.26 8.71
N LYS D 126 -0.06 -40.60 9.34
CA LYS D 126 1.02 -41.36 8.69
C LYS D 126 0.50 -42.54 7.88
N GLY D 127 0.41 -42.35 6.57
CA GLY D 127 0.02 -43.43 5.66
C GLY D 127 -1.22 -43.11 4.84
N LYS D 128 -2.04 -42.20 5.35
CA LYS D 128 -3.26 -41.85 4.65
C LYS D 128 -2.99 -40.89 3.50
N THR D 129 -3.98 -40.77 2.63
CA THR D 129 -3.91 -39.81 1.52
C THR D 129 -4.73 -38.58 1.88
N PRO D 130 -4.54 -37.48 1.13
CA PRO D 130 -5.15 -36.22 1.55
C PRO D 130 -6.65 -36.38 1.74
N GLU D 131 -7.27 -37.21 0.91
CA GLU D 131 -8.71 -37.43 1.06
C GLU D 131 -8.98 -38.22 2.34
N GLU D 132 -8.38 -39.40 2.42
CA GLU D 132 -8.45 -40.25 3.61
C GLU D 132 -8.26 -39.45 4.89
N ILE D 133 -7.39 -38.44 4.82
CA ILE D 133 -7.14 -37.57 5.96
C ILE D 133 -8.42 -36.82 6.29
N ARG D 134 -8.84 -35.89 5.42
CA ARG D 134 -9.91 -34.98 5.79
C ARG D 134 -11.23 -35.69 5.95
N THR D 135 -11.25 -36.94 5.49
CA THR D 135 -12.33 -37.87 5.81
C THR D 135 -12.30 -38.16 7.31
N THR D 136 -11.23 -38.81 7.77
CA THR D 136 -11.14 -39.25 9.14
C THR D 136 -10.85 -38.09 10.11
N PHE D 137 -11.28 -36.88 9.77
CA PHE D 137 -11.09 -35.72 10.64
C PHE D 137 -12.20 -34.76 10.33
N ASN D 138 -12.94 -35.08 9.29
CA ASN D 138 -14.00 -34.20 8.84
C ASN D 138 -13.51 -32.77 8.60
N ILE D 139 -12.73 -32.59 7.55
CA ILE D 139 -12.18 -31.28 7.20
C ILE D 139 -12.55 -30.96 5.78
N LYS D 140 -13.16 -29.79 5.61
CA LYS D 140 -13.55 -29.35 4.28
C LYS D 140 -12.36 -28.83 3.48
N ASN D 141 -12.17 -29.43 2.30
CA ASN D 141 -11.14 -29.05 1.36
C ASN D 141 -11.41 -27.69 0.69
N ASP D 142 -10.71 -26.64 1.12
CA ASP D 142 -10.96 -25.30 0.60
C ASP D 142 -9.95 -24.83 -0.42
N PHE D 143 -9.33 -25.79 -1.11
CA PHE D 143 -8.37 -25.49 -2.17
C PHE D 143 -9.05 -25.17 -3.49
N THR D 144 -8.78 -23.99 -4.05
CA THR D 144 -9.16 -23.77 -5.45
C THR D 144 -8.41 -24.78 -6.34
N PRO D 145 -9.00 -25.20 -7.47
CA PRO D 145 -8.37 -26.29 -8.21
C PRO D 145 -6.97 -25.94 -8.69
N GLU D 146 -6.71 -24.65 -8.93
CA GLU D 146 -5.40 -24.17 -9.33
C GLU D 146 -4.42 -24.31 -8.20
N GLU D 147 -4.82 -23.88 -7.01
CA GLU D 147 -3.97 -24.04 -5.84
C GLU D 147 -3.61 -25.50 -5.66
N GLU D 148 -4.59 -26.36 -5.45
CA GLU D 148 -4.36 -27.79 -5.32
C GLU D 148 -3.38 -28.30 -6.39
N GLU D 149 -3.55 -27.86 -7.62
CA GLU D 149 -2.72 -28.33 -8.71
C GLU D 149 -1.28 -27.87 -8.56
N GLU D 150 -1.09 -26.60 -8.25
CA GLU D 150 0.26 -26.10 -8.04
C GLU D 150 0.92 -26.85 -6.90
N VAL D 151 0.22 -26.98 -5.79
CA VAL D 151 0.79 -27.69 -4.65
C VAL D 151 1.16 -29.09 -5.01
N ARG D 152 0.22 -29.80 -5.61
CA ARG D 152 0.50 -31.15 -6.08
C ARG D 152 1.72 -31.15 -7.05
N ARG D 153 1.73 -30.27 -8.04
CA ARG D 153 2.87 -30.13 -8.95
C ARG D 153 4.22 -29.91 -8.23
N GLU D 154 4.28 -28.92 -7.36
CA GLU D 154 5.46 -28.65 -6.55
C GLU D 154 5.85 -29.92 -5.83
N ASN D 155 4.90 -30.51 -5.12
CA ASN D 155 5.13 -31.74 -4.39
C ASN D 155 5.70 -32.92 -5.20
N GLN D 156 5.31 -33.08 -6.45
CA GLN D 156 5.68 -34.29 -7.15
C GLN D 156 6.74 -34.11 -8.22
N TRP D 157 6.96 -32.86 -8.59
CA TRP D 157 7.91 -32.54 -9.61
C TRP D 157 9.21 -31.92 -9.09
N ALA D 158 9.13 -31.07 -8.06
CA ALA D 158 10.30 -30.32 -7.59
C ALA D 158 10.84 -30.72 -6.23
N PHE D 159 10.00 -30.61 -5.20
CA PHE D 159 10.42 -30.72 -3.82
C PHE D 159 10.11 -32.02 -3.10
N GLU D 160 11.14 -32.86 -3.00
CA GLU D 160 11.20 -33.98 -2.02
C GLU D 160 11.51 -35.35 -2.65
N SER E 12 -15.23 -22.57 26.51
CA SER E 12 -14.89 -23.95 26.19
C SER E 12 -15.88 -24.56 25.18
N CYS E 13 -15.43 -24.68 23.94
CA CYS E 13 -16.17 -25.38 22.90
C CYS E 13 -15.42 -26.68 22.60
N VAL E 14 -16.09 -27.62 21.94
CA VAL E 14 -15.46 -28.89 21.59
C VAL E 14 -14.13 -28.61 20.93
N ALA E 15 -13.09 -29.37 21.27
CA ALA E 15 -11.79 -29.13 20.68
C ALA E 15 -11.63 -29.84 19.32
N THR E 16 -11.27 -29.07 18.29
CA THR E 16 -11.10 -29.60 16.94
C THR E 16 -9.65 -30.00 16.69
N VAL E 17 -9.39 -30.59 15.53
CA VAL E 17 -8.00 -30.84 15.11
C VAL E 17 -7.29 -29.51 14.94
N ASP E 18 -8.02 -28.57 14.35
CA ASP E 18 -7.49 -27.25 14.07
C ASP E 18 -6.93 -26.56 15.32
N ASP E 19 -7.22 -27.09 16.50
CA ASP E 19 -6.78 -26.48 17.75
C ASP E 19 -5.49 -27.12 18.25
N VAL E 20 -4.87 -27.93 17.39
CA VAL E 20 -3.84 -28.83 17.86
C VAL E 20 -2.85 -29.24 16.73
N ILE E 21 -3.14 -28.82 15.52
CA ILE E 21 -2.41 -29.29 14.37
C ILE E 21 -1.00 -28.65 14.27
N GLU E 22 -0.89 -27.35 14.61
CA GLU E 22 0.40 -26.67 14.60
C GLU E 22 1.44 -27.47 15.38
N GLN E 23 0.95 -28.20 16.39
CA GLN E 23 1.76 -28.98 17.33
C GLN E 23 2.09 -30.34 16.79
N VAL E 24 1.06 -31.04 16.35
CA VAL E 24 1.20 -32.40 15.82
C VAL E 24 2.12 -32.47 14.60
N MET E 25 1.97 -31.51 13.69
CA MET E 25 2.67 -31.53 12.43
C MET E 25 4.16 -31.79 12.63
N THR E 26 4.72 -31.22 13.69
CA THR E 26 6.15 -31.31 13.95
C THR E 26 6.52 -32.69 14.47
N TYR E 27 5.56 -33.60 14.42
CA TYR E 27 5.79 -35.01 14.76
C TYR E 27 5.65 -35.92 13.54
N ILE E 28 5.34 -35.31 12.41
CA ILE E 28 5.36 -36.02 11.14
C ILE E 28 6.69 -35.74 10.46
N THR E 29 7.47 -36.80 10.25
CA THR E 29 8.83 -36.64 9.83
C THR E 29 8.92 -37.09 8.37
N ASP E 30 8.13 -38.11 8.04
CA ASP E 30 8.16 -38.70 6.70
C ASP E 30 7.85 -37.69 5.59
N PRO E 31 8.77 -37.52 4.64
CA PRO E 31 8.61 -36.60 3.53
C PRO E 31 7.37 -36.87 2.67
N LYS E 32 6.87 -38.09 2.73
CA LYS E 32 5.75 -38.48 1.91
C LYS E 32 4.44 -38.22 2.64
N ASP E 33 4.54 -37.96 3.94
CA ASP E 33 3.34 -37.70 4.74
C ASP E 33 3.14 -36.20 4.88
N ARG E 34 4.24 -35.46 4.92
CA ARG E 34 4.20 -34.00 4.80
C ARG E 34 3.56 -33.67 3.47
N ASP E 35 3.98 -34.38 2.43
CA ASP E 35 3.43 -34.26 1.09
C ASP E 35 1.90 -34.29 1.14
N SER E 36 1.32 -35.37 1.69
CA SER E 36 -0.14 -35.51 1.80
C SER E 36 -0.71 -34.40 2.68
N ALA E 37 -0.18 -34.28 3.90
CA ALA E 37 -0.69 -33.33 4.86
C ALA E 37 -0.80 -31.91 4.30
N SER E 38 0.07 -31.58 3.38
CA SER E 38 0.12 -30.24 2.83
C SER E 38 -1.07 -30.00 1.95
N LEU E 39 -1.79 -31.08 1.64
CA LEU E 39 -2.84 -31.07 0.63
C LEU E 39 -4.25 -31.27 1.19
N VAL E 40 -4.39 -31.38 2.51
CA VAL E 40 -5.72 -31.60 3.10
C VAL E 40 -6.56 -30.31 3.14
N CYS E 41 -5.89 -29.16 3.23
CA CYS E 41 -6.56 -27.88 3.15
C CYS E 41 -5.58 -26.71 3.27
N ARG E 42 -6.07 -25.51 3.04
CA ARG E 42 -5.23 -24.36 3.07
C ARG E 42 -4.47 -24.12 4.39
N ARG E 43 -5.09 -24.45 5.53
CA ARG E 43 -4.41 -24.19 6.79
C ARG E 43 -3.27 -25.16 7.03
N TRP E 44 -3.57 -26.45 6.95
CA TRP E 44 -2.52 -27.45 6.98
C TRP E 44 -1.38 -27.17 6.01
N PHE E 45 -1.72 -26.76 4.80
CA PHE E 45 -0.70 -26.38 3.85
C PHE E 45 0.24 -25.31 4.43
N LYS E 46 -0.36 -24.25 5.00
CA LYS E 46 0.47 -23.18 5.51
C LYS E 46 1.33 -23.67 6.68
N ILE E 47 0.76 -24.55 7.48
CA ILE E 47 1.49 -25.02 8.64
C ILE E 47 2.69 -25.87 8.22
N ASP E 48 2.49 -26.77 7.26
CA ASP E 48 3.58 -27.57 6.77
C ASP E 48 4.63 -26.64 6.19
N SER E 49 4.18 -25.64 5.45
CA SER E 49 5.08 -24.66 4.83
C SER E 49 6.02 -23.99 5.84
N GLU E 50 5.50 -23.65 7.00
CA GLU E 50 6.29 -22.90 7.96
C GLU E 50 7.07 -23.77 8.91
N THR E 51 6.83 -25.07 8.88
CA THR E 51 7.53 -26.01 9.76
C THR E 51 8.47 -26.99 9.05
N ARG E 52 8.35 -27.13 7.75
CA ARG E 52 9.22 -28.03 7.00
C ARG E 52 10.68 -27.66 7.25
N GLU E 53 11.49 -28.65 7.62
CA GLU E 53 12.86 -28.39 7.97
C GLU E 53 13.84 -28.80 6.86
N HIS E 54 13.57 -29.92 6.20
CA HIS E 54 14.45 -30.38 5.13
C HIS E 54 13.76 -30.59 3.77
N VAL E 55 14.37 -30.11 2.70
CA VAL E 55 13.85 -30.37 1.37
C VAL E 55 14.98 -30.88 0.48
N THR E 56 14.64 -31.69 -0.53
CA THR E 56 15.65 -32.16 -1.47
C THR E 56 15.16 -32.00 -2.88
N MET E 57 15.91 -31.31 -3.71
CA MET E 57 15.52 -31.24 -5.09
C MET E 57 16.37 -32.18 -5.91
N ALA E 58 15.74 -33.16 -6.55
CA ALA E 58 16.50 -34.13 -7.34
C ALA E 58 17.07 -33.51 -8.61
N LEU E 59 16.50 -32.40 -9.03
CA LEU E 59 17.02 -31.70 -10.19
C LEU E 59 16.75 -30.25 -9.96
N CYS E 60 17.81 -29.47 -9.86
CA CYS E 60 17.69 -28.08 -9.52
C CYS E 60 16.94 -27.29 -10.57
N TYR E 61 16.93 -27.78 -11.79
CA TYR E 61 16.30 -27.03 -12.86
C TYR E 61 14.78 -27.18 -12.86
N THR E 62 14.30 -27.94 -11.89
CA THR E 62 12.91 -28.31 -11.79
C THR E 62 12.04 -27.17 -11.25
N ALA E 63 12.64 -26.20 -10.54
CA ALA E 63 11.90 -25.04 -9.98
C ALA E 63 12.84 -23.88 -9.76
N THR E 64 12.27 -22.69 -9.64
CA THR E 64 13.03 -21.47 -9.33
C THR E 64 13.42 -21.40 -7.86
N PRO E 65 14.60 -20.85 -7.58
CA PRO E 65 14.90 -20.77 -6.15
C PRO E 65 13.89 -19.88 -5.44
N ASP E 66 13.28 -18.94 -6.17
CA ASP E 66 12.23 -18.13 -5.59
C ASP E 66 11.10 -19.02 -5.08
N ARG E 67 10.67 -19.92 -5.95
CA ARG E 67 9.54 -20.79 -5.65
C ARG E 67 9.78 -21.62 -4.40
N LEU E 68 11.01 -22.08 -4.22
CA LEU E 68 11.38 -22.86 -3.05
C LEU E 68 11.33 -22.06 -1.73
N SER E 69 11.88 -20.85 -1.75
CA SER E 69 11.95 -20.05 -0.54
C SER E 69 10.56 -19.57 -0.16
N ARG E 70 9.75 -19.35 -1.18
CA ARG E 70 8.36 -18.95 -1.00
C ARG E 70 7.56 -20.06 -0.30
N ARG E 71 7.75 -21.29 -0.73
CA ARG E 71 7.03 -22.43 -0.19
C ARG E 71 7.55 -22.86 1.14
N PHE E 72 8.87 -22.85 1.32
CA PHE E 72 9.46 -23.31 2.58
C PHE E 72 10.45 -22.34 3.22
N PRO E 73 9.97 -21.21 3.73
CA PRO E 73 10.79 -20.10 4.25
C PRO E 73 11.73 -20.49 5.39
N ASN E 74 11.47 -21.59 6.09
CA ASN E 74 12.25 -21.88 7.28
C ASN E 74 12.99 -23.19 7.21
N LEU E 75 13.38 -23.57 6.01
CA LEU E 75 14.26 -24.71 5.84
C LEU E 75 15.43 -24.60 6.79
N ARG E 76 15.85 -25.75 7.32
CA ARG E 76 17.03 -25.81 8.13
C ARG E 76 18.08 -26.57 7.34
N SER E 77 17.62 -27.47 6.49
CA SER E 77 18.51 -28.26 5.65
C SER E 77 18.05 -28.25 4.19
N LEU E 78 18.97 -28.13 3.25
CA LEU E 78 18.66 -28.20 1.83
C LEU E 78 19.59 -29.17 1.11
N LYS E 79 19.14 -29.70 -0.01
CA LYS E 79 19.95 -30.62 -0.82
C LYS E 79 19.58 -30.50 -2.27
N LEU E 80 20.50 -30.05 -3.10
CA LEU E 80 20.23 -29.89 -4.51
C LEU E 80 21.11 -30.83 -5.33
N LYS E 81 20.54 -31.47 -6.35
CA LYS E 81 21.30 -32.28 -7.30
C LYS E 81 21.27 -31.55 -8.62
N GLY E 82 22.35 -31.67 -9.39
CA GLY E 82 22.43 -30.99 -10.68
C GLY E 82 22.53 -31.93 -11.85
N LYS E 83 23.75 -32.07 -12.36
CA LYS E 83 24.05 -32.94 -13.49
C LYS E 83 23.43 -34.32 -13.31
N PRO E 84 22.90 -34.87 -14.40
CA PRO E 84 22.35 -36.22 -14.51
C PRO E 84 23.33 -37.24 -13.92
N ARG E 85 22.85 -38.44 -13.64
CA ARG E 85 23.67 -39.45 -13.01
C ARG E 85 24.76 -39.89 -13.97
N ALA E 86 24.50 -39.76 -15.26
CA ALA E 86 25.47 -40.15 -16.27
C ALA E 86 26.78 -39.38 -16.12
N ALA E 87 26.72 -38.23 -15.48
CA ALA E 87 27.90 -37.42 -15.31
C ALA E 87 28.99 -38.13 -14.51
N MET E 88 28.59 -39.06 -13.64
CA MET E 88 29.53 -39.80 -12.78
C MET E 88 30.29 -40.82 -13.58
N PHE E 89 30.08 -40.83 -14.90
CA PHE E 89 30.71 -41.82 -15.79
C PHE E 89 31.30 -41.13 -17.01
N ASN E 90 31.63 -39.85 -16.85
CA ASN E 90 32.20 -39.07 -17.94
C ASN E 90 31.42 -39.22 -19.20
N LEU E 91 30.12 -39.01 -19.10
CA LEU E 91 29.24 -39.05 -20.26
C LEU E 91 28.60 -37.68 -20.46
N ILE E 92 28.58 -36.87 -19.40
CA ILE E 92 28.00 -35.54 -19.49
C ILE E 92 29.06 -34.45 -19.58
N PRO E 93 28.87 -33.54 -20.54
CA PRO E 93 29.72 -32.38 -20.76
C PRO E 93 29.95 -31.65 -19.48
N GLU E 94 31.12 -31.07 -19.34
CA GLU E 94 31.46 -30.42 -18.09
C GLU E 94 30.61 -29.18 -17.91
N ASN E 95 30.42 -28.41 -18.98
CA ASN E 95 29.68 -27.15 -18.94
C ASN E 95 28.13 -27.28 -18.97
N TRP E 96 27.63 -28.50 -18.78
CA TRP E 96 26.21 -28.79 -18.95
C TRP E 96 25.32 -27.89 -18.09
N GLY E 97 25.75 -27.63 -16.86
CA GLY E 97 24.99 -26.78 -15.97
C GLY E 97 24.91 -27.38 -14.59
N GLY E 98 24.15 -26.74 -13.71
CA GLY E 98 24.05 -27.20 -12.35
C GLY E 98 24.62 -26.14 -11.46
N TYR E 99 24.74 -24.95 -12.01
CA TYR E 99 25.35 -23.83 -11.30
C TYR E 99 24.55 -23.53 -10.04
N VAL E 100 25.24 -23.20 -8.98
CA VAL E 100 24.66 -23.23 -7.66
C VAL E 100 24.41 -21.80 -7.19
N THR E 101 24.88 -20.81 -7.97
CA THR E 101 24.86 -19.42 -7.50
C THR E 101 23.44 -18.85 -7.21
N PRO E 102 22.49 -19.04 -8.13
CA PRO E 102 21.14 -18.51 -7.94
C PRO E 102 20.57 -19.03 -6.66
N TRP E 103 20.93 -20.27 -6.35
CA TRP E 103 20.54 -20.87 -5.09
C TRP E 103 21.24 -20.22 -3.88
N VAL E 104 22.52 -19.90 -3.97
CA VAL E 104 23.11 -19.26 -2.79
C VAL E 104 22.66 -17.82 -2.66
N THR E 105 22.33 -17.14 -3.76
CA THR E 105 21.87 -15.78 -3.53
C THR E 105 20.47 -15.82 -2.95
N GLU E 106 19.77 -16.91 -3.21
CA GLU E 106 18.46 -17.10 -2.57
C GLU E 106 18.59 -17.47 -1.10
N ILE E 107 19.53 -18.35 -0.78
CA ILE E 107 19.86 -18.67 0.61
C ILE E 107 20.36 -17.47 1.41
N SER E 108 21.18 -16.67 0.75
CA SER E 108 21.66 -15.44 1.34
C SER E 108 20.49 -14.55 1.81
N ASN E 109 19.43 -14.52 1.01
CA ASN E 109 18.38 -13.54 1.18
C ASN E 109 17.12 -14.01 1.86
N ASN E 110 16.76 -15.27 1.69
CA ASN E 110 15.43 -15.70 2.07
C ASN E 110 15.40 -16.98 2.87
N LEU E 111 16.51 -17.72 2.89
CA LEU E 111 16.52 -18.93 3.71
C LEU E 111 17.35 -18.70 4.94
N ARG E 112 16.97 -17.69 5.72
CA ARG E 112 17.77 -17.22 6.84
C ARG E 112 17.83 -18.23 8.02
N GLN E 113 17.41 -19.45 7.79
CA GLN E 113 17.37 -20.39 8.88
C GLN E 113 18.21 -21.61 8.57
N LEU E 114 18.85 -21.56 7.41
CA LEU E 114 19.55 -22.70 6.87
C LEU E 114 20.79 -22.99 7.67
N LYS E 115 20.94 -24.22 8.10
CA LYS E 115 22.12 -24.59 8.84
C LYS E 115 22.93 -25.67 8.12
N SER E 116 22.36 -26.26 7.06
CA SER E 116 23.03 -27.32 6.34
C SER E 116 22.72 -27.35 4.85
N VAL E 117 23.75 -27.39 4.03
CA VAL E 117 23.62 -27.37 2.58
C VAL E 117 24.37 -28.50 1.96
N HIS E 118 23.72 -29.25 1.08
CA HIS E 118 24.36 -30.34 0.37
C HIS E 118 24.20 -30.13 -1.13
N PHE E 119 25.30 -29.87 -1.82
CA PHE E 119 25.26 -29.82 -3.27
C PHE E 119 25.77 -31.15 -3.85
N ARG E 120 25.09 -31.66 -4.88
CA ARG E 120 25.44 -32.95 -5.47
C ARG E 120 25.50 -32.84 -6.97
N ARG E 121 26.67 -33.15 -7.54
CA ARG E 121 26.92 -33.00 -8.98
C ARG E 121 26.62 -31.64 -9.47
N MET E 122 27.07 -30.61 -8.76
CA MET E 122 26.81 -29.22 -9.19
C MET E 122 28.07 -28.39 -9.49
N ILE E 123 27.89 -27.21 -10.08
CA ILE E 123 29.01 -26.29 -10.34
C ILE E 123 29.13 -25.25 -9.21
N VAL E 124 30.20 -25.32 -8.43
CA VAL E 124 30.35 -24.39 -7.31
C VAL E 124 31.57 -23.46 -7.47
N SER E 125 31.34 -22.15 -7.63
CA SER E 125 32.41 -21.19 -7.79
C SER E 125 32.95 -20.63 -6.48
N ASP E 126 34.16 -20.07 -6.53
CA ASP E 126 34.76 -19.48 -5.34
C ASP E 126 33.87 -18.37 -4.84
N LEU E 127 33.35 -17.61 -5.77
CA LEU E 127 32.53 -16.48 -5.39
C LEU E 127 31.32 -16.96 -4.64
N ASP E 128 30.54 -17.79 -5.32
CA ASP E 128 29.30 -18.24 -4.71
C ASP E 128 29.56 -18.94 -3.36
N LEU E 129 30.73 -19.53 -3.13
CA LEU E 129 30.89 -20.05 -1.80
C LEU E 129 31.53 -19.11 -0.82
N ASP E 130 32.16 -18.06 -1.32
CA ASP E 130 32.52 -16.97 -0.41
C ASP E 130 31.20 -16.33 0.07
N ARG E 131 30.26 -16.19 -0.87
CA ARG E 131 28.97 -15.57 -0.59
C ARG E 131 28.18 -16.36 0.44
N LEU E 132 28.17 -17.68 0.26
CA LEU E 132 27.54 -18.59 1.18
C LEU E 132 28.15 -18.43 2.56
N ALA E 133 29.47 -18.52 2.66
CA ALA E 133 30.17 -18.46 3.94
C ALA E 133 29.81 -17.21 4.75
N LYS E 134 29.87 -16.05 4.09
CA LYS E 134 29.57 -14.79 4.74
C LYS E 134 28.09 -14.70 5.08
N ALA E 135 27.25 -15.10 4.15
CA ALA E 135 25.80 -15.03 4.36
C ALA E 135 25.29 -15.89 5.55
N ARG E 136 25.90 -17.05 5.74
CA ARG E 136 25.38 -18.02 6.68
C ARG E 136 26.32 -18.21 7.87
N ALA E 137 27.60 -17.94 7.66
CA ALA E 137 28.59 -17.85 8.73
C ALA E 137 28.43 -18.88 9.82
N ASP E 138 28.49 -18.41 11.06
CA ASP E 138 28.56 -19.30 12.21
C ASP E 138 27.44 -20.30 12.22
N ASP E 139 26.31 -19.96 11.61
CA ASP E 139 25.11 -20.80 11.59
C ASP E 139 25.24 -22.06 10.75
N LEU E 140 26.14 -22.05 9.76
CA LEU E 140 26.36 -23.19 8.88
C LEU E 140 27.04 -24.34 9.61
N GLU E 141 26.24 -25.34 9.97
CA GLU E 141 26.71 -26.48 10.73
C GLU E 141 27.28 -27.53 9.81
N THR E 142 26.66 -27.71 8.65
CA THR E 142 27.19 -28.67 7.69
C THR E 142 27.19 -28.20 6.23
N LEU E 143 28.24 -28.57 5.50
CA LEU E 143 28.40 -28.25 4.09
C LEU E 143 28.92 -29.46 3.34
N LYS E 144 28.19 -29.91 2.33
CA LYS E 144 28.58 -31.06 1.56
C LYS E 144 28.76 -30.68 0.12
N LEU E 145 30.00 -30.58 -0.34
CA LEU E 145 30.27 -30.41 -1.75
C LEU E 145 30.48 -31.77 -2.42
N ASP E 146 29.38 -32.40 -2.82
CA ASP E 146 29.36 -33.78 -3.21
C ASP E 146 29.51 -33.94 -4.70
N LYS E 147 30.67 -34.38 -5.16
CA LYS E 147 30.94 -34.53 -6.57
C LYS E 147 30.71 -33.23 -7.36
N CYS E 148 31.10 -32.10 -6.80
CA CYS E 148 30.97 -30.84 -7.52
C CYS E 148 32.30 -30.37 -8.10
N SER E 149 32.24 -29.31 -8.89
CA SER E 149 33.41 -28.78 -9.58
C SER E 149 33.34 -27.26 -9.64
N GLY E 150 34.45 -26.63 -10.03
CA GLY E 150 34.45 -25.22 -10.34
C GLY E 150 34.91 -24.25 -9.26
N PHE E 151 35.44 -24.76 -8.15
CA PHE E 151 35.95 -23.90 -7.10
C PHE E 151 37.43 -24.14 -6.85
N THR E 152 37.96 -23.52 -5.79
CA THR E 152 39.37 -23.68 -5.43
C THR E 152 39.55 -23.55 -3.94
N THR E 153 40.80 -23.72 -3.49
CA THR E 153 41.08 -23.67 -2.07
C THR E 153 40.64 -22.33 -1.44
N ASP E 154 40.56 -21.28 -2.27
CA ASP E 154 40.13 -19.95 -1.79
C ASP E 154 38.70 -20.02 -1.19
N GLY E 155 37.79 -20.57 -1.99
CA GLY E 155 36.51 -20.95 -1.48
C GLY E 155 36.62 -21.70 -0.17
N LEU E 156 37.29 -22.86 -0.16
CA LEU E 156 37.44 -23.62 1.07
C LEU E 156 37.84 -22.71 2.22
N LEU E 157 38.89 -21.94 2.01
CA LEU E 157 39.39 -21.09 3.05
C LEU E 157 38.30 -20.17 3.53
N SER E 158 37.58 -19.61 2.58
CA SER E 158 36.50 -18.69 2.95
C SER E 158 35.50 -19.37 3.87
N ILE E 159 35.13 -20.63 3.61
CA ILE E 159 34.11 -21.19 4.47
C ILE E 159 34.65 -21.67 5.81
N VAL E 160 35.92 -22.01 5.89
CA VAL E 160 36.44 -22.45 7.20
C VAL E 160 36.80 -21.30 8.13
N THR E 161 36.97 -20.10 7.57
CA THR E 161 37.29 -18.92 8.39
C THR E 161 36.02 -18.21 8.89
N HIS E 162 34.97 -18.18 8.06
CA HIS E 162 33.73 -17.47 8.38
C HIS E 162 32.70 -18.37 9.08
N CYS E 163 32.73 -19.66 8.78
CA CYS E 163 31.85 -20.62 9.44
C CYS E 163 32.62 -21.37 10.50
N ARG E 164 32.74 -20.74 11.66
CA ARG E 164 33.69 -21.18 12.68
C ARG E 164 33.15 -22.37 13.44
N LYS E 165 31.90 -22.72 13.19
CA LYS E 165 31.29 -23.79 13.96
C LYS E 165 30.92 -25.03 13.16
N ILE E 166 31.42 -25.13 11.94
CA ILE E 166 31.14 -26.31 11.11
C ILE E 166 31.31 -27.60 11.87
N LYS E 167 30.26 -28.43 11.87
CA LYS E 167 30.31 -29.76 12.42
C LYS E 167 30.68 -30.79 11.36
N THR E 168 30.13 -30.66 10.16
CA THR E 168 30.49 -31.61 9.10
C THR E 168 30.81 -30.92 7.79
N LEU E 169 31.96 -31.21 7.21
CA LEU E 169 32.48 -30.58 5.99
C LEU E 169 32.95 -31.65 5.01
N LEU E 170 32.39 -31.66 3.80
CA LEU E 170 32.65 -32.74 2.86
C LEU E 170 32.97 -32.30 1.41
N MET E 171 33.95 -32.93 0.80
CA MET E 171 34.32 -32.60 -0.57
C MET E 171 34.38 -33.78 -1.50
N GLU E 172 33.99 -34.94 -0.99
CA GLU E 172 34.25 -36.21 -1.66
C GLU E 172 34.04 -36.19 -3.16
N GLU E 173 35.10 -36.51 -3.89
CA GLU E 173 35.06 -36.71 -5.33
C GLU E 173 34.87 -35.40 -6.04
N SER E 174 34.94 -34.30 -5.31
CA SER E 174 34.82 -32.97 -5.92
C SER E 174 36.11 -32.65 -6.61
N SER E 175 36.06 -31.82 -7.65
CA SER E 175 37.27 -31.41 -8.34
C SER E 175 37.44 -29.90 -8.37
N PHE E 176 38.60 -29.44 -7.94
CA PHE E 176 38.84 -28.04 -7.71
C PHE E 176 40.30 -27.76 -8.03
N SER E 177 40.70 -26.50 -7.92
CA SER E 177 42.07 -26.11 -8.16
C SER E 177 42.76 -25.92 -6.83
N GLU E 178 43.86 -26.63 -6.63
CA GLU E 178 44.52 -26.54 -5.34
C GLU E 178 45.69 -25.56 -5.36
N LYS E 179 45.48 -24.42 -4.74
CA LYS E 179 46.50 -23.38 -4.77
C LYS E 179 47.37 -23.45 -3.52
N ASP E 180 46.83 -24.03 -2.44
CA ASP E 180 47.55 -24.14 -1.16
C ASP E 180 46.86 -25.02 -0.11
N GLY E 181 47.36 -24.90 1.12
CA GLY E 181 46.87 -25.70 2.22
C GLY E 181 46.24 -24.89 3.34
N LYS E 182 46.19 -23.57 3.22
CA LYS E 182 45.79 -22.80 4.39
C LYS E 182 44.42 -23.20 4.93
N TRP E 183 43.50 -23.62 4.04
CA TRP E 183 42.18 -24.02 4.49
C TRP E 183 42.22 -25.08 5.60
N LEU E 184 43.00 -26.13 5.41
CA LEU E 184 43.13 -27.18 6.46
C LEU E 184 43.77 -26.63 7.75
N HIS E 185 44.77 -25.79 7.58
CA HIS E 185 45.49 -25.24 8.70
C HIS E 185 44.58 -24.29 9.50
N GLU E 186 43.80 -23.50 8.78
CA GLU E 186 42.83 -22.63 9.42
C GLU E 186 41.82 -23.44 10.24
N LEU E 187 41.48 -24.64 9.77
CA LEU E 187 40.62 -25.53 10.53
C LEU E 187 41.32 -25.96 11.80
N ALA E 188 42.52 -26.49 11.64
CA ALA E 188 43.35 -26.91 12.74
C ALA E 188 43.46 -25.83 13.82
N GLN E 189 43.74 -24.61 13.40
CA GLN E 189 44.06 -23.61 14.38
C GLN E 189 42.87 -23.08 15.17
N HIS E 190 41.66 -23.25 14.66
CA HIS E 190 40.51 -22.61 15.30
C HIS E 190 39.26 -23.47 15.48
N ASN E 191 39.16 -24.60 14.77
CA ASN E 191 37.94 -25.41 14.82
C ASN E 191 37.94 -26.47 15.90
N THR E 192 36.77 -26.67 16.49
CA THR E 192 36.61 -27.53 17.65
C THR E 192 35.45 -28.49 17.44
N SER E 193 34.49 -28.03 16.66
CA SER E 193 33.17 -28.63 16.54
C SER E 193 33.10 -29.77 15.56
N LEU E 194 34.09 -29.83 14.69
CA LEU E 194 34.18 -30.86 13.66
C LEU E 194 33.77 -32.27 14.14
N GLU E 195 32.81 -32.86 13.42
CA GLU E 195 32.31 -34.19 13.74
C GLU E 195 32.63 -35.12 12.59
N VAL E 196 32.49 -34.61 11.38
CA VAL E 196 32.87 -35.39 10.20
C VAL E 196 33.55 -34.58 9.12
N LEU E 197 34.69 -35.05 8.69
CA LEU E 197 35.51 -34.38 7.73
C LEU E 197 35.77 -35.37 6.62
N ASN E 198 35.60 -34.94 5.37
CA ASN E 198 35.61 -35.88 4.28
C ASN E 198 36.14 -35.31 2.99
N PHE E 199 37.35 -35.68 2.63
CA PHE E 199 37.79 -35.41 1.27
C PHE E 199 38.28 -36.67 0.53
N TYR E 200 37.39 -37.63 0.36
CA TYR E 200 37.79 -38.99 0.10
C TYR E 200 38.35 -39.26 -1.27
N MET E 201 37.81 -38.63 -2.29
CA MET E 201 38.34 -38.94 -3.60
C MET E 201 38.98 -37.70 -4.19
N THR E 202 40.04 -37.22 -3.57
CA THR E 202 40.53 -35.90 -3.91
C THR E 202 42.05 -35.81 -3.97
N GLU E 203 42.54 -35.08 -4.98
CA GLU E 203 43.96 -34.83 -5.14
C GLU E 203 44.33 -33.59 -4.33
N PHE E 204 44.76 -33.79 -3.10
CA PHE E 204 45.32 -32.70 -2.33
C PHE E 204 46.77 -33.05 -2.14
N ALA E 205 47.65 -32.15 -2.57
CA ALA E 205 49.09 -32.37 -2.43
C ALA E 205 49.75 -31.34 -1.54
N LYS E 206 48.99 -30.39 -1.02
CA LYS E 206 49.57 -29.27 -0.33
C LYS E 206 49.13 -29.16 1.10
N ILE E 207 48.50 -30.20 1.65
CA ILE E 207 48.01 -30.08 3.02
C ILE E 207 48.86 -30.94 3.90
N SER E 208 49.10 -30.44 5.10
CA SER E 208 49.98 -31.09 6.06
C SER E 208 49.28 -32.07 6.97
N PRO E 209 49.74 -33.34 6.99
CA PRO E 209 49.16 -34.29 7.95
C PRO E 209 49.23 -33.75 9.37
N LYS E 210 50.24 -32.94 9.70
CA LYS E 210 50.29 -32.31 11.01
C LYS E 210 48.97 -31.62 11.39
N ASP E 211 48.46 -30.78 10.48
CA ASP E 211 47.21 -30.06 10.66
C ASP E 211 46.05 -31.04 10.96
N LEU E 212 46.04 -32.16 10.23
CA LEU E 212 45.01 -33.18 10.37
C LEU E 212 45.08 -33.77 11.75
N GLU E 213 46.29 -34.01 12.20
CA GLU E 213 46.50 -34.46 13.56
C GLU E 213 46.09 -33.40 14.60
N THR E 214 46.46 -32.15 14.37
CA THR E 214 46.10 -31.14 15.36
C THR E 214 44.59 -30.98 15.45
N ILE E 215 43.88 -31.35 14.38
CA ILE E 215 42.43 -31.21 14.34
C ILE E 215 41.85 -32.32 15.17
N ALA E 216 42.45 -33.49 15.05
CA ALA E 216 41.99 -34.69 15.73
C ALA E 216 42.17 -34.48 17.20
N ARG E 217 43.17 -33.67 17.53
CA ARG E 217 43.51 -33.35 18.90
C ARG E 217 42.46 -32.40 19.51
N ASN E 218 42.04 -31.41 18.73
CA ASN E 218 41.05 -30.40 19.14
C ASN E 218 39.54 -30.71 19.02
N CYS E 219 39.18 -31.68 18.20
CA CYS E 219 37.79 -31.97 17.96
C CYS E 219 37.38 -33.23 18.67
N ARG E 220 36.83 -33.07 19.86
CA ARG E 220 36.51 -34.19 20.72
C ARG E 220 35.47 -35.06 20.07
N SER E 221 34.62 -34.47 19.24
CA SER E 221 33.49 -35.22 18.73
C SER E 221 33.74 -35.80 17.35
N LEU E 222 35.00 -35.94 16.98
CA LEU E 222 35.37 -36.35 15.63
C LEU E 222 35.11 -37.82 15.43
N VAL E 223 34.17 -38.14 14.56
CA VAL E 223 33.70 -39.50 14.41
C VAL E 223 34.12 -40.11 13.10
N SER E 224 34.07 -39.35 12.02
CA SER E 224 34.45 -39.91 10.74
C SER E 224 35.39 -39.00 10.01
N VAL E 225 36.45 -39.55 9.45
CA VAL E 225 37.24 -38.79 8.51
C VAL E 225 37.74 -39.68 7.38
N LYS E 226 37.52 -39.22 6.15
CA LYS E 226 37.96 -39.89 4.96
C LYS E 226 38.93 -38.93 4.32
N VAL E 227 39.90 -39.46 3.58
CA VAL E 227 41.05 -38.66 3.22
C VAL E 227 41.69 -39.02 1.87
N GLY E 228 42.64 -38.20 1.40
CA GLY E 228 43.32 -38.42 0.14
C GLY E 228 44.50 -39.39 0.22
N ASP E 229 45.49 -39.20 -0.65
CA ASP E 229 46.62 -40.12 -0.69
C ASP E 229 47.73 -39.76 0.28
N PHE E 230 47.37 -39.45 1.52
CA PHE E 230 48.33 -39.28 2.61
C PHE E 230 49.06 -40.58 2.89
N GLU E 231 50.35 -40.53 3.23
CA GLU E 231 51.05 -41.75 3.66
C GLU E 231 50.58 -42.15 5.05
N ILE E 232 50.00 -43.34 5.19
CA ILE E 232 49.48 -43.77 6.48
C ILE E 232 50.44 -43.49 7.63
N LEU E 233 51.71 -43.78 7.41
CA LEU E 233 52.67 -43.62 8.49
C LEU E 233 52.71 -42.19 9.03
N GLU E 234 52.46 -41.22 8.16
CA GLU E 234 52.40 -39.83 8.56
C GLU E 234 51.17 -39.52 9.41
N LEU E 235 50.30 -40.49 9.57
CA LEU E 235 49.06 -40.26 10.27
C LEU E 235 49.01 -40.92 11.61
N VAL E 236 50.11 -41.51 12.06
CA VAL E 236 50.09 -42.18 13.36
C VAL E 236 49.79 -41.19 14.46
N GLY E 237 50.32 -39.97 14.32
CA GLY E 237 50.03 -38.91 15.27
C GLY E 237 48.54 -38.77 15.35
N PHE E 238 47.95 -38.51 14.19
CA PHE E 238 46.51 -38.49 13.98
C PHE E 238 45.76 -39.60 14.72
N PHE E 239 45.98 -40.84 14.33
CA PHE E 239 45.21 -41.94 14.88
C PHE E 239 45.22 -42.00 16.40
N LYS E 240 46.35 -41.69 17.02
CA LYS E 240 46.42 -41.69 18.48
C LYS E 240 45.53 -40.60 19.04
N ALA E 241 45.54 -39.44 18.39
CA ALA E 241 44.79 -38.31 18.88
C ALA E 241 43.29 -38.44 18.63
N ALA E 242 42.91 -39.15 17.57
CA ALA E 242 41.50 -39.30 17.19
C ALA E 242 40.76 -40.38 17.98
N ALA E 243 40.62 -40.17 19.29
CA ALA E 243 40.05 -41.17 20.17
C ALA E 243 38.72 -41.73 19.71
N ASN E 244 37.76 -40.86 19.38
CA ASN E 244 36.39 -41.30 19.17
C ASN E 244 36.09 -41.72 17.77
N LEU E 245 37.13 -41.78 16.95
CA LEU E 245 37.01 -42.11 15.54
C LEU E 245 36.34 -43.46 15.33
N GLU E 246 35.30 -43.49 14.51
CA GLU E 246 34.57 -44.70 14.17
C GLU E 246 34.76 -45.08 12.70
N GLU E 247 35.07 -44.10 11.86
CA GLU E 247 35.18 -44.36 10.45
C GLU E 247 36.43 -43.71 9.96
N PHE E 248 37.20 -44.43 9.15
CA PHE E 248 38.32 -43.86 8.39
C PHE E 248 38.48 -44.55 7.05
N CYS E 249 38.50 -43.75 6.00
CA CYS E 249 38.75 -44.29 4.69
C CYS E 249 39.79 -43.38 4.11
N GLY E 250 40.59 -43.89 3.19
CA GLY E 250 41.54 -43.07 2.48
C GLY E 250 42.95 -43.44 2.86
N GLY E 251 43.86 -42.51 2.62
CA GLY E 251 45.24 -42.73 2.95
C GLY E 251 45.88 -43.56 1.88
N SER E 252 47.14 -43.90 2.09
CA SER E 252 47.98 -44.58 1.13
C SER E 252 48.94 -45.52 1.85
N LEU E 253 48.81 -46.81 1.59
CA LEU E 253 49.75 -47.78 2.08
C LEU E 253 50.78 -48.02 1.00
N ASN E 254 51.99 -47.53 1.23
CA ASN E 254 53.07 -47.66 0.26
C ASN E 254 54.12 -48.58 0.82
N GLU E 255 54.28 -49.74 0.21
CA GLU E 255 55.28 -50.66 0.72
C GLU E 255 56.55 -50.48 -0.05
N ASP E 256 57.67 -50.36 0.66
CA ASP E 256 58.98 -50.54 0.04
C ASP E 256 59.50 -51.86 0.58
N ILE E 257 60.49 -52.44 -0.09
CA ILE E 257 60.99 -53.75 0.31
C ILE E 257 61.91 -53.59 1.51
N GLY E 258 62.57 -52.44 1.58
CA GLY E 258 63.46 -52.09 2.67
C GLY E 258 62.84 -52.19 4.05
N MET E 259 61.51 -52.20 4.12
CA MET E 259 60.82 -52.44 5.38
C MET E 259 59.74 -53.47 5.17
N PRO E 260 59.99 -54.69 5.65
CA PRO E 260 59.01 -55.78 5.51
C PRO E 260 57.93 -55.55 6.55
N GLU E 261 58.32 -54.98 7.68
CA GLU E 261 57.36 -54.61 8.70
C GLU E 261 57.24 -53.10 8.81
N LYS E 262 56.94 -52.46 7.67
CA LYS E 262 56.74 -51.02 7.65
C LYS E 262 55.55 -50.63 8.52
N TYR E 263 54.48 -51.39 8.42
CA TYR E 263 53.25 -51.08 9.13
C TYR E 263 52.82 -52.21 10.03
N MET E 264 53.50 -52.48 11.13
CA MET E 264 52.95 -53.52 11.98
C MET E 264 52.71 -52.93 13.34
N ASN E 265 53.10 -51.67 13.45
CA ASN E 265 52.95 -50.92 14.68
C ASN E 265 51.98 -49.76 14.48
N LEU E 266 50.77 -50.11 14.06
CA LEU E 266 49.73 -49.13 13.86
C LEU E 266 48.72 -49.11 15.00
N VAL E 267 48.67 -47.99 15.71
CA VAL E 267 47.59 -47.73 16.62
C VAL E 267 46.36 -47.32 15.81
N PHE E 268 45.38 -48.20 15.65
CA PHE E 268 44.10 -47.70 15.13
C PHE E 268 43.18 -47.34 16.29
N PRO E 269 42.43 -46.25 16.14
CA PRO E 269 41.52 -45.85 17.22
C PRO E 269 40.67 -47.02 17.66
N ARG E 270 40.36 -47.09 18.93
CA ARG E 270 39.72 -48.26 19.45
C ARG E 270 38.34 -48.49 18.85
N LYS E 271 37.56 -47.43 18.61
CA LYS E 271 36.18 -47.61 18.18
C LYS E 271 36.03 -47.86 16.67
N LEU E 272 37.15 -47.79 15.94
CA LEU E 272 37.17 -47.89 14.48
C LEU E 272 36.48 -49.14 13.99
N CYS E 273 35.39 -49.00 13.22
CA CYS E 273 34.59 -50.14 12.80
C CYS E 273 34.04 -50.00 11.38
N ARG E 274 34.34 -48.87 10.77
CA ARG E 274 33.91 -48.62 9.41
C ARG E 274 35.17 -48.10 8.75
N LEU E 275 35.71 -48.83 7.78
CA LEU E 275 36.97 -48.40 7.17
C LEU E 275 37.35 -48.92 5.80
N GLY E 276 38.42 -48.36 5.26
CA GLY E 276 38.95 -48.74 3.98
C GLY E 276 40.29 -48.05 3.73
N LEU E 277 41.39 -48.80 3.79
CA LEU E 277 42.69 -48.24 3.53
C LEU E 277 43.05 -48.41 2.08
N SER E 278 43.48 -47.31 1.46
CA SER E 278 43.74 -47.30 0.03
C SER E 278 45.04 -48.01 -0.32
N TYR E 279 45.01 -48.75 -1.41
CA TYR E 279 46.19 -49.44 -1.94
C TYR E 279 46.66 -50.58 -1.07
N MET E 280 45.90 -50.89 -0.02
CA MET E 280 46.22 -52.00 0.88
C MET E 280 46.46 -53.34 0.20
N GLY E 281 47.70 -53.82 0.30
CA GLY E 281 48.10 -55.11 -0.23
C GLY E 281 48.04 -56.27 0.76
N PRO E 282 48.43 -57.46 0.32
CA PRO E 282 48.26 -58.62 1.20
C PRO E 282 49.21 -58.51 2.37
N ASN E 283 50.36 -57.87 2.14
CA ASN E 283 51.36 -57.69 3.19
C ASN E 283 50.91 -56.82 4.37
N GLU E 284 50.12 -55.78 4.08
CA GLU E 284 49.68 -54.85 5.11
C GLU E 284 48.29 -55.18 5.63
N MET E 285 47.57 -55.99 4.86
CA MET E 285 46.24 -56.48 5.23
C MET E 285 46.10 -56.96 6.67
N PRO E 286 47.14 -57.58 7.21
CA PRO E 286 47.07 -58.15 8.55
C PRO E 286 46.85 -57.15 9.67
N ILE E 287 47.13 -55.89 9.45
CA ILE E 287 47.04 -54.91 10.52
C ILE E 287 45.58 -54.74 10.97
N LEU E 288 44.68 -55.39 10.23
CA LEU E 288 43.25 -55.31 10.51
C LEU E 288 42.77 -56.44 11.39
N PHE E 289 43.49 -57.57 11.36
CA PHE E 289 43.06 -58.75 12.10
C PHE E 289 42.83 -58.50 13.60
N PRO E 290 43.70 -57.73 14.27
CA PRO E 290 43.58 -57.40 15.70
C PRO E 290 42.19 -56.98 16.16
N PHE E 291 41.34 -56.54 15.23
CA PHE E 291 40.00 -56.08 15.59
C PHE E 291 38.96 -56.32 14.51
N ALA E 292 39.23 -57.27 13.62
CA ALA E 292 38.31 -57.60 12.53
C ALA E 292 36.90 -57.98 13.04
N ALA E 293 36.83 -58.45 14.27
CA ALA E 293 35.54 -58.85 14.83
C ALA E 293 34.56 -57.68 14.85
N GLN E 294 35.11 -56.49 14.84
CA GLN E 294 34.40 -55.29 15.19
C GLN E 294 33.98 -54.51 13.96
N ILE E 295 34.69 -54.76 12.85
CA ILE E 295 34.46 -54.09 11.58
C ILE E 295 33.06 -54.37 11.03
N ARG E 296 32.34 -53.31 10.67
CA ARG E 296 30.97 -53.42 10.17
C ARG E 296 30.79 -52.89 8.77
N LYS E 297 31.76 -52.11 8.30
CA LYS E 297 31.78 -51.62 6.93
C LYS E 297 33.19 -51.76 6.35
N LEU E 298 33.29 -52.21 5.13
CA LEU E 298 34.60 -52.43 4.53
C LEU E 298 34.67 -51.87 3.12
N ASP E 299 35.70 -51.08 2.84
CA ASP E 299 35.83 -50.44 1.55
C ASP E 299 37.11 -50.86 0.83
N LEU E 300 37.09 -52.06 0.25
CA LEU E 300 38.24 -52.58 -0.48
C LEU E 300 38.11 -52.16 -1.93
N LEU E 301 37.47 -51.02 -2.14
CA LEU E 301 37.24 -50.55 -3.46
C LEU E 301 38.55 -50.22 -4.12
N TYR E 302 39.44 -49.59 -3.35
CA TYR E 302 40.70 -49.09 -3.90
C TYR E 302 41.87 -49.88 -3.36
N ALA E 303 41.61 -51.14 -3.04
CA ALA E 303 42.58 -52.00 -2.42
C ALA E 303 43.29 -52.86 -3.45
N LEU E 304 44.53 -53.20 -3.15
CA LEU E 304 45.38 -53.96 -4.07
C LEU E 304 45.53 -55.41 -3.67
N LEU E 305 44.47 -56.03 -3.19
CA LEU E 305 44.60 -57.43 -2.84
C LEU E 305 43.76 -58.35 -3.75
N GLU E 306 44.17 -59.61 -3.86
CA GLU E 306 43.64 -60.52 -4.86
C GLU E 306 42.64 -61.46 -4.27
N THR E 307 42.05 -62.26 -5.15
CA THR E 307 40.86 -63.00 -4.78
C THR E 307 41.07 -63.83 -3.53
N GLU E 308 42.25 -64.45 -3.42
CA GLU E 308 42.55 -65.30 -2.27
C GLU E 308 42.58 -64.46 -0.99
N ASP E 309 43.30 -63.34 -1.06
CA ASP E 309 43.45 -62.41 0.05
C ASP E 309 42.11 -61.86 0.52
N HIS E 310 41.16 -61.72 -0.39
CA HIS E 310 39.83 -61.32 0.00
C HIS E 310 39.24 -62.34 0.96
N CYS E 311 39.27 -63.60 0.55
CA CYS E 311 38.62 -64.65 1.31
C CYS E 311 39.15 -64.70 2.71
N THR E 312 40.45 -64.50 2.84
CA THR E 312 41.10 -64.65 4.15
C THR E 312 40.68 -63.51 5.10
N LEU E 313 40.38 -62.34 4.53
CA LEU E 313 39.93 -61.19 5.32
C LEU E 313 38.42 -61.24 5.63
N ILE E 314 37.60 -61.36 4.59
CA ILE E 314 36.17 -61.44 4.75
C ILE E 314 35.85 -62.48 5.81
N GLN E 315 36.55 -63.60 5.74
CA GLN E 315 36.36 -64.74 6.64
C GLN E 315 36.50 -64.33 8.12
N LYS E 316 37.13 -63.19 8.35
CA LYS E 316 37.44 -62.74 9.71
C LYS E 316 36.47 -61.71 10.26
N CYS E 317 35.47 -61.33 9.48
CA CYS E 317 34.56 -60.24 9.86
C CYS E 317 33.13 -60.71 9.83
N PRO E 318 32.71 -61.44 10.85
CA PRO E 318 31.38 -62.02 10.95
C PRO E 318 30.29 -60.94 11.10
N ASN E 319 30.69 -59.75 11.53
CA ASN E 319 29.72 -58.69 11.82
C ASN E 319 29.61 -57.60 10.75
N LEU E 320 30.35 -57.81 9.67
CA LEU E 320 30.29 -57.00 8.47
C LEU E 320 28.88 -56.89 7.97
N GLU E 321 28.38 -55.66 7.82
CA GLU E 321 27.09 -55.47 7.17
C GLU E 321 27.15 -54.70 5.87
N VAL E 322 28.23 -53.95 5.68
CA VAL E 322 28.46 -53.33 4.38
C VAL E 322 29.81 -53.61 3.79
N LEU E 323 29.83 -54.09 2.56
CA LEU E 323 31.08 -54.37 1.88
C LEU E 323 31.02 -53.78 0.48
N GLU E 324 32.07 -53.05 0.11
CA GLU E 324 32.23 -52.53 -1.24
C GLU E 324 33.55 -53.02 -1.77
N THR E 325 33.55 -53.64 -2.93
CA THR E 325 34.78 -54.14 -3.49
C THR E 325 34.74 -54.19 -5.01
N ARG E 326 35.84 -54.61 -5.63
CA ARG E 326 35.87 -54.80 -7.09
C ARG E 326 35.59 -56.26 -7.40
N ASN E 327 35.40 -56.58 -8.68
CA ASN E 327 35.01 -57.94 -9.06
C ASN E 327 36.05 -59.01 -8.73
N VAL E 328 37.25 -58.57 -8.38
CA VAL E 328 38.32 -59.45 -7.97
C VAL E 328 37.88 -60.35 -6.84
N ILE E 329 36.98 -59.85 -6.01
CA ILE E 329 36.40 -60.63 -4.93
C ILE E 329 36.12 -62.06 -5.37
N GLY E 330 35.73 -62.21 -6.63
CA GLY E 330 35.51 -63.51 -7.27
C GLY E 330 34.36 -64.33 -6.72
N ASP E 331 33.97 -65.35 -7.47
CA ASP E 331 32.95 -66.27 -6.98
C ASP E 331 33.40 -66.86 -5.65
N ARG E 332 34.68 -67.22 -5.58
CA ARG E 332 35.23 -67.82 -4.36
C ARG E 332 35.01 -66.88 -3.19
N GLY E 333 35.38 -65.62 -3.37
CA GLY E 333 35.19 -64.60 -2.36
C GLY E 333 33.74 -64.50 -1.92
N LEU E 334 32.85 -64.48 -2.89
CA LEU E 334 31.42 -64.41 -2.59
C LEU E 334 30.99 -65.59 -1.73
N GLU E 335 31.50 -66.78 -2.05
CA GLU E 335 31.13 -67.97 -1.29
C GLU E 335 31.56 -67.81 0.16
N VAL E 336 32.75 -67.26 0.39
CA VAL E 336 33.26 -67.02 1.74
C VAL E 336 32.30 -66.09 2.48
N LEU E 337 31.99 -64.99 1.81
CA LEU E 337 31.06 -64.00 2.33
C LEU E 337 29.76 -64.65 2.78
N ALA E 338 29.32 -65.61 1.97
CA ALA E 338 28.04 -66.30 2.11
C ALA E 338 27.76 -66.94 3.47
N GLN E 339 28.76 -67.55 4.11
CA GLN E 339 28.42 -68.08 5.41
C GLN E 339 29.12 -67.46 6.61
N TYR E 340 30.09 -66.59 6.40
CA TYR E 340 30.68 -65.89 7.54
C TYR E 340 29.96 -64.60 7.92
N CYS E 341 29.44 -63.89 6.92
CA CYS E 341 28.77 -62.62 7.16
C CYS E 341 27.29 -62.72 6.88
N LYS E 342 26.52 -63.12 7.87
CA LYS E 342 25.11 -63.37 7.65
C LYS E 342 24.30 -62.07 7.76
N GLN E 343 24.87 -61.09 8.46
CA GLN E 343 24.19 -59.82 8.71
C GLN E 343 24.40 -58.80 7.58
N LEU E 344 25.04 -59.24 6.50
CA LEU E 344 25.36 -58.36 5.41
C LEU E 344 24.10 -57.69 4.94
N LYS E 345 24.13 -56.36 4.81
CA LYS E 345 22.99 -55.58 4.33
C LYS E 345 23.22 -54.90 2.96
N ARG E 346 24.43 -54.47 2.69
CA ARG E 346 24.70 -53.81 1.42
C ARG E 346 25.97 -54.35 0.78
N LEU E 347 25.91 -54.67 -0.51
CA LEU E 347 27.07 -55.19 -1.22
C LEU E 347 27.20 -54.52 -2.57
N ARG E 348 28.39 -54.02 -2.86
CA ARG E 348 28.65 -53.42 -4.15
C ARG E 348 29.89 -54.02 -4.72
N ILE E 349 29.82 -54.48 -5.97
CA ILE E 349 30.97 -55.11 -6.64
C ILE E 349 31.32 -54.31 -7.91
N GLU E 350 32.03 -53.20 -7.78
CA GLU E 350 32.34 -52.38 -8.96
C GLU E 350 33.23 -53.21 -9.87
N ARG E 351 33.41 -52.76 -11.10
CA ARG E 351 34.20 -53.56 -12.03
C ARG E 351 35.66 -53.11 -12.08
N GLY E 352 36.55 -54.10 -11.93
CA GLY E 352 37.98 -53.87 -11.89
C GLY E 352 38.67 -53.77 -13.24
N ALA E 353 39.98 -53.96 -13.27
CA ALA E 353 40.75 -53.78 -14.50
C ALA E 353 40.45 -54.89 -15.52
N ASP E 354 39.54 -54.60 -16.45
CA ASP E 354 39.13 -55.56 -17.47
C ASP E 354 40.02 -55.46 -18.70
N GLU E 355 41.31 -55.31 -18.45
CA GLU E 355 42.30 -55.17 -19.52
C GLU E 355 43.19 -56.42 -19.63
N GLN E 356 44.19 -56.52 -18.76
CA GLN E 356 45.12 -57.67 -18.75
C GLN E 356 44.53 -58.83 -17.94
N GLY E 357 43.78 -59.69 -18.62
CA GLY E 357 42.95 -60.67 -17.94
C GLY E 357 42.01 -59.92 -17.02
N MET E 358 41.28 -60.61 -16.15
CA MET E 358 40.67 -59.92 -15.02
C MET E 358 41.86 -59.51 -14.14
N GLU E 359 41.69 -59.38 -12.83
CA GLU E 359 42.85 -59.09 -11.99
C GLU E 359 43.52 -60.38 -11.48
N ASP E 360 42.77 -61.49 -11.62
CA ASP E 360 43.31 -62.87 -11.56
C ASP E 360 42.41 -63.81 -12.38
N GLU E 361 42.58 -65.13 -12.22
CA GLU E 361 41.75 -66.08 -12.97
C GLU E 361 40.49 -66.50 -12.20
N GLU E 362 40.39 -66.05 -10.95
CA GLU E 362 39.16 -66.22 -10.16
C GLU E 362 38.38 -64.90 -10.08
N GLY E 363 38.95 -63.85 -10.67
CA GLY E 363 38.40 -62.50 -10.65
C GLY E 363 37.18 -62.28 -11.54
N LEU E 364 36.37 -63.33 -11.64
CA LEU E 364 35.10 -63.28 -12.33
C LEU E 364 34.03 -63.59 -11.29
N VAL E 365 32.92 -62.86 -11.34
CA VAL E 365 31.73 -63.28 -10.59
C VAL E 365 30.67 -63.84 -11.55
N SER E 366 29.93 -64.84 -11.11
CA SER E 366 29.06 -65.60 -12.00
C SER E 366 27.84 -66.14 -11.28
N GLN E 367 26.97 -66.81 -12.02
CA GLN E 367 25.85 -67.56 -11.47
C GLN E 367 26.24 -68.20 -10.16
N ARG E 368 27.40 -68.83 -10.16
CA ARG E 368 27.89 -69.56 -9.00
C ARG E 368 27.90 -68.68 -7.77
N GLY E 369 28.63 -67.57 -7.86
CA GLY E 369 28.75 -66.64 -6.76
C GLY E 369 27.41 -66.07 -6.34
N LEU E 370 26.61 -65.67 -7.32
CA LEU E 370 25.33 -65.03 -7.04
C LEU E 370 24.43 -65.97 -6.28
N ILE E 371 24.26 -67.19 -6.78
CA ILE E 371 23.32 -68.11 -6.14
C ILE E 371 23.80 -68.53 -4.76
N ALA E 372 25.11 -68.53 -4.57
CA ALA E 372 25.73 -68.79 -3.27
C ALA E 372 25.40 -67.70 -2.26
N LEU E 373 25.53 -66.47 -2.73
CA LEU E 373 25.29 -65.26 -1.96
C LEU E 373 23.82 -65.16 -1.56
N ALA E 374 22.95 -65.39 -2.53
CA ALA E 374 21.53 -65.34 -2.33
C ALA E 374 21.11 -66.26 -1.20
N GLN E 375 21.87 -67.31 -0.98
CA GLN E 375 21.49 -68.30 0.01
C GLN E 375 22.02 -67.92 1.38
N GLY E 376 23.20 -67.32 1.41
CA GLY E 376 23.82 -66.97 2.66
C GLY E 376 23.35 -65.67 3.31
N CYS E 377 23.41 -64.59 2.55
CA CYS E 377 23.18 -63.26 3.10
C CYS E 377 21.79 -62.82 2.79
N GLN E 378 20.83 -63.35 3.52
CA GLN E 378 19.46 -63.13 3.13
C GLN E 378 18.94 -61.80 3.63
N GLU E 379 19.75 -61.09 4.41
CA GLU E 379 19.30 -59.82 4.95
C GLU E 379 19.62 -58.64 4.03
N LEU E 380 20.26 -58.93 2.91
CA LEU E 380 20.63 -57.91 1.92
C LEU E 380 19.50 -56.98 1.50
N GLU E 381 19.83 -55.70 1.49
CA GLU E 381 18.91 -54.62 1.16
C GLU E 381 19.39 -53.88 -0.05
N TYR E 382 20.69 -53.90 -0.27
CA TYR E 382 21.27 -53.26 -1.45
C TYR E 382 22.31 -54.18 -2.09
N MET E 383 22.15 -54.43 -3.38
CA MET E 383 23.06 -55.29 -4.11
C MET E 383 23.32 -54.72 -5.47
N ALA E 384 24.55 -54.29 -5.69
CA ALA E 384 24.95 -53.82 -7.00
C ALA E 384 26.17 -54.59 -7.47
N VAL E 385 26.09 -55.16 -8.66
CA VAL E 385 27.06 -56.14 -9.09
C VAL E 385 27.37 -56.02 -10.57
N TYR E 386 28.67 -56.04 -10.90
CA TYR E 386 29.12 -56.23 -12.27
C TYR E 386 29.52 -57.69 -12.43
N VAL E 387 28.72 -58.45 -13.16
CA VAL E 387 28.90 -59.88 -13.30
C VAL E 387 29.49 -60.24 -14.67
N SER E 388 30.24 -61.34 -14.78
CA SER E 388 30.83 -61.74 -16.05
C SER E 388 30.01 -62.82 -16.74
N ASP E 389 29.01 -63.35 -16.04
CA ASP E 389 28.15 -64.42 -16.55
C ASP E 389 26.93 -64.70 -15.64
N ILE E 390 25.71 -64.74 -16.21
CA ILE E 390 24.51 -65.10 -15.45
C ILE E 390 23.67 -66.22 -16.03
N THR E 391 22.76 -66.71 -15.21
CA THR E 391 21.81 -67.74 -15.59
C THR E 391 20.46 -67.35 -15.02
N ASN E 392 19.39 -67.63 -15.75
CA ASN E 392 18.04 -67.40 -15.23
C ASN E 392 17.91 -67.95 -13.82
N GLU E 393 18.61 -69.04 -13.56
CA GLU E 393 18.48 -69.73 -12.29
C GLU E 393 18.84 -68.80 -11.15
N SER E 394 19.94 -68.07 -11.32
CA SER E 394 20.49 -67.23 -10.27
C SER E 394 19.52 -66.11 -9.91
N LEU E 395 18.92 -65.49 -10.91
CA LEU E 395 17.94 -64.46 -10.60
C LEU E 395 16.81 -65.06 -9.78
N GLU E 396 16.45 -66.31 -10.05
CA GLU E 396 15.31 -66.92 -9.37
C GLU E 396 15.63 -67.05 -7.90
N SER E 397 16.88 -67.40 -7.60
CA SER E 397 17.31 -67.60 -6.23
C SER E 397 17.39 -66.28 -5.52
N ILE E 398 17.76 -65.23 -6.24
CA ILE E 398 17.70 -63.89 -5.68
C ILE E 398 16.28 -63.65 -5.19
N GLY E 399 15.34 -63.66 -6.13
CA GLY E 399 13.96 -63.38 -5.83
C GLY E 399 13.40 -64.36 -4.82
N THR E 400 14.12 -65.45 -4.60
CA THR E 400 13.58 -66.50 -3.76
C THR E 400 14.00 -66.30 -2.30
N TYR E 401 15.25 -65.87 -2.11
CA TYR E 401 15.85 -65.88 -0.77
C TYR E 401 15.95 -64.53 -0.07
N LEU E 402 16.29 -63.47 -0.79
CA LEU E 402 16.46 -62.17 -0.15
C LEU E 402 15.35 -61.18 -0.42
N LYS E 403 14.41 -61.14 0.52
CA LYS E 403 13.14 -60.50 0.30
C LYS E 403 13.18 -58.99 0.48
N ASN E 404 13.94 -58.52 1.47
CA ASN E 404 13.97 -57.08 1.72
C ASN E 404 15.07 -56.34 0.99
N LEU E 405 15.38 -56.86 -0.19
CA LEU E 405 16.15 -56.16 -1.20
C LEU E 405 15.37 -54.93 -1.68
N CYS E 406 15.95 -53.75 -1.54
CA CYS E 406 15.34 -52.48 -1.94
C CYS E 406 15.98 -51.90 -3.18
N ASP E 407 17.25 -52.17 -3.37
CA ASP E 407 17.99 -51.62 -4.49
C ASP E 407 18.78 -52.76 -5.12
N PHE E 408 18.47 -53.09 -6.36
CA PHE E 408 19.18 -54.15 -7.05
C PHE E 408 19.72 -53.68 -8.39
N ARG E 409 21.03 -53.82 -8.59
CA ARG E 409 21.60 -53.42 -9.87
C ARG E 409 22.52 -54.51 -10.41
N LEU E 410 22.35 -54.83 -11.68
CA LEU E 410 23.11 -55.88 -12.33
C LEU E 410 23.60 -55.39 -13.68
N VAL E 411 24.87 -55.56 -13.97
CA VAL E 411 25.41 -55.17 -15.26
C VAL E 411 26.30 -56.30 -15.70
N LEU E 412 26.11 -56.84 -16.91
CA LEU E 412 27.01 -57.90 -17.34
C LEU E 412 28.05 -57.49 -18.40
N LEU E 413 29.31 -57.74 -18.07
CA LEU E 413 30.44 -57.31 -18.88
C LEU E 413 30.48 -57.99 -20.24
N ASP E 414 30.97 -57.26 -21.24
CA ASP E 414 31.08 -57.75 -22.61
C ASP E 414 32.37 -58.58 -22.83
N ARG E 415 33.14 -58.74 -21.76
CA ARG E 415 34.37 -59.53 -21.79
C ARG E 415 34.11 -60.93 -22.35
N GLU E 416 33.17 -61.63 -21.73
CA GLU E 416 32.79 -62.98 -22.13
C GLU E 416 32.06 -63.00 -23.48
N GLU E 417 32.35 -64.04 -24.26
CA GLU E 417 31.80 -64.19 -25.60
C GLU E 417 30.44 -64.88 -25.58
N ARG E 418 30.42 -66.09 -25.01
CA ARG E 418 29.17 -66.81 -24.84
C ARG E 418 28.73 -66.72 -23.38
N ILE E 419 27.44 -66.47 -23.20
CA ILE E 419 26.85 -66.48 -21.87
C ILE E 419 25.91 -67.69 -21.80
N THR E 420 26.14 -68.53 -20.78
CA THR E 420 25.45 -69.81 -20.63
C THR E 420 24.05 -69.83 -21.28
N ASP E 421 23.03 -69.49 -20.51
CA ASP E 421 21.68 -69.36 -21.08
C ASP E 421 21.36 -67.88 -21.16
N LEU E 422 20.98 -67.37 -22.33
CA LEU E 422 20.86 -65.94 -22.41
C LEU E 422 19.48 -65.35 -22.09
N PRO E 423 18.51 -65.44 -23.00
CA PRO E 423 17.30 -64.64 -22.71
C PRO E 423 16.85 -64.83 -21.27
N LEU E 424 16.82 -63.75 -20.48
CA LEU E 424 16.65 -63.86 -19.04
C LEU E 424 15.22 -63.59 -18.60
N ASP E 425 14.31 -63.57 -19.57
CA ASP E 425 12.89 -63.23 -19.38
C ASP E 425 12.27 -63.85 -18.13
N ASN E 426 12.58 -65.10 -17.85
CA ASN E 426 11.92 -65.80 -16.76
C ASN E 426 12.59 -65.58 -15.42
N GLY E 427 13.90 -65.32 -15.45
CA GLY E 427 14.65 -64.97 -14.26
C GLY E 427 14.27 -63.59 -13.75
N VAL E 428 14.27 -62.61 -14.64
CA VAL E 428 13.93 -61.26 -14.24
C VAL E 428 12.63 -61.33 -13.53
N ARG E 429 11.68 -62.01 -14.18
CA ARG E 429 10.32 -62.13 -13.68
C ARG E 429 10.28 -62.66 -12.26
N SER E 430 10.91 -63.80 -12.00
CA SER E 430 10.80 -64.39 -10.66
C SER E 430 11.45 -63.49 -9.64
N LEU E 431 12.45 -62.74 -10.07
CA LEU E 431 13.14 -61.81 -9.21
C LEU E 431 12.22 -60.68 -8.80
N LEU E 432 11.71 -59.95 -9.80
CA LEU E 432 10.79 -58.85 -9.52
C LEU E 432 9.60 -59.31 -8.67
N ILE E 433 9.23 -60.58 -8.78
CA ILE E 433 8.05 -61.11 -8.11
C ILE E 433 8.36 -61.48 -6.68
N GLY E 434 9.59 -61.89 -6.45
CA GLY E 434 10.03 -62.25 -5.11
C GLY E 434 10.41 -61.10 -4.21
N CYS E 435 11.15 -60.12 -4.76
CA CYS E 435 11.54 -58.95 -3.99
C CYS E 435 10.55 -57.85 -4.23
N LYS E 436 9.56 -57.75 -3.35
CA LYS E 436 8.48 -56.83 -3.62
C LYS E 436 8.71 -55.54 -2.88
N LYS E 437 9.86 -55.45 -2.23
CA LYS E 437 10.21 -54.22 -1.54
C LYS E 437 11.06 -53.30 -2.44
N LEU E 438 11.44 -53.82 -3.60
CA LEU E 438 12.32 -53.16 -4.58
C LEU E 438 11.86 -51.77 -5.01
N ARG E 439 12.68 -50.76 -4.78
CA ARG E 439 12.36 -49.37 -5.17
C ARG E 439 13.26 -48.83 -6.27
N ARG E 440 14.49 -49.34 -6.34
CA ARG E 440 15.41 -48.97 -7.41
C ARG E 440 15.95 -50.24 -8.04
N PHE E 441 16.05 -50.25 -9.36
CA PHE E 441 16.38 -51.46 -10.09
C PHE E 441 17.12 -51.10 -11.37
N ALA E 442 18.31 -51.66 -11.55
CA ALA E 442 19.08 -51.46 -12.78
C ALA E 442 19.49 -52.78 -13.39
N PHE E 443 19.38 -52.88 -14.71
CA PHE E 443 19.54 -54.13 -15.41
C PHE E 443 20.17 -53.79 -16.73
N TYR E 444 21.48 -54.03 -16.85
CA TYR E 444 22.25 -53.64 -18.03
C TYR E 444 22.83 -54.89 -18.69
N LEU E 445 22.34 -55.22 -19.89
CA LEU E 445 22.75 -56.47 -20.53
C LEU E 445 23.42 -56.28 -21.88
N ARG E 446 23.55 -57.37 -22.64
CA ARG E 446 24.06 -57.35 -24.00
C ARG E 446 22.83 -57.53 -24.88
N GLN E 447 22.96 -57.47 -26.20
CA GLN E 447 21.75 -57.33 -27.01
C GLN E 447 20.74 -58.46 -26.83
N GLY E 448 21.15 -59.69 -27.02
CA GLY E 448 20.19 -60.77 -26.85
C GLY E 448 19.62 -60.97 -25.44
N GLY E 449 20.01 -60.08 -24.53
CA GLY E 449 19.77 -60.26 -23.11
C GLY E 449 18.33 -60.42 -22.69
N LEU E 450 17.44 -59.67 -23.32
CA LEU E 450 16.05 -59.71 -22.92
C LEU E 450 15.11 -59.44 -24.09
N THR E 451 14.09 -60.27 -24.20
CA THR E 451 13.17 -60.20 -25.33
C THR E 451 11.99 -59.35 -24.92
N ASP E 452 11.29 -58.80 -25.90
CA ASP E 452 10.16 -57.92 -25.61
C ASP E 452 9.23 -58.53 -24.57
N LEU E 453 9.14 -59.85 -24.55
CA LEU E 453 8.26 -60.54 -23.60
C LEU E 453 8.79 -60.28 -22.20
N GLY E 454 10.10 -60.42 -22.04
CA GLY E 454 10.76 -60.20 -20.78
C GLY E 454 10.67 -58.74 -20.37
N LEU E 455 10.95 -57.83 -21.30
CA LEU E 455 10.89 -56.43 -20.99
C LEU E 455 9.55 -56.09 -20.36
N SER E 456 8.46 -56.58 -20.93
CA SER E 456 7.14 -56.25 -20.41
C SER E 456 6.95 -56.87 -19.05
N TYR E 457 7.65 -57.97 -18.79
CA TYR E 457 7.62 -58.61 -17.47
C TYR E 457 8.09 -57.62 -16.44
N ILE E 458 9.09 -56.83 -16.82
CA ILE E 458 9.63 -55.78 -15.95
C ILE E 458 8.56 -54.76 -15.66
N GLY E 459 7.93 -54.23 -16.69
CA GLY E 459 6.86 -53.26 -16.50
C GLY E 459 5.80 -53.84 -15.59
N GLN E 460 5.44 -55.08 -15.88
CA GLN E 460 4.37 -55.76 -15.20
C GLN E 460 4.65 -56.03 -13.70
N TYR E 461 5.88 -56.34 -13.34
CA TYR E 461 6.08 -56.83 -11.98
C TYR E 461 6.91 -55.91 -11.07
N SER E 462 6.94 -54.62 -11.36
CA SER E 462 7.72 -53.71 -10.52
C SER E 462 6.89 -52.55 -10.05
N PRO E 463 5.95 -52.82 -9.15
CA PRO E 463 4.96 -51.89 -8.65
C PRO E 463 5.60 -50.82 -7.81
N ASN E 464 6.73 -51.11 -7.21
CA ASN E 464 7.30 -50.19 -6.22
C ASN E 464 8.50 -49.40 -6.72
N VAL E 465 9.04 -49.81 -7.85
CA VAL E 465 10.22 -49.19 -8.40
C VAL E 465 10.01 -47.75 -8.86
N ARG E 466 10.77 -46.85 -8.27
CA ARG E 466 10.73 -45.44 -8.64
C ARG E 466 11.83 -45.10 -9.64
N TRP E 467 12.93 -45.83 -9.62
CA TRP E 467 14.01 -45.52 -10.55
C TRP E 467 14.50 -46.76 -11.24
N MET E 468 14.68 -46.68 -12.56
CA MET E 468 15.20 -47.79 -13.35
C MET E 468 16.35 -47.37 -14.28
N LEU E 469 17.40 -48.16 -14.33
CA LEU E 469 18.43 -48.00 -15.33
C LEU E 469 18.42 -49.26 -16.16
N LEU E 470 18.08 -49.13 -17.45
CA LEU E 470 17.95 -50.30 -18.32
C LEU E 470 19.00 -50.35 -19.38
N GLY E 471 19.66 -51.51 -19.44
CA GLY E 471 20.83 -51.76 -20.27
C GLY E 471 20.50 -51.97 -21.72
N TYR E 472 20.65 -53.20 -22.20
CA TYR E 472 20.40 -53.44 -23.61
C TYR E 472 19.14 -54.25 -23.78
N VAL E 473 18.14 -53.96 -22.98
CA VAL E 473 16.92 -54.75 -23.02
C VAL E 473 16.09 -54.64 -24.31
N GLY E 474 15.18 -55.59 -24.48
CA GLY E 474 14.30 -55.64 -25.62
C GLY E 474 14.90 -56.10 -26.94
N GLU E 475 14.02 -56.33 -27.92
CA GLU E 475 14.42 -56.60 -29.30
C GLU E 475 13.80 -55.61 -30.29
N SER E 476 12.61 -55.11 -29.96
CA SER E 476 11.96 -54.09 -30.78
C SER E 476 11.09 -53.17 -29.94
N ASP E 477 10.61 -52.09 -30.57
CA ASP E 477 9.80 -51.07 -29.88
C ASP E 477 8.58 -51.72 -29.26
N GLU E 478 8.17 -52.87 -29.78
CA GLU E 478 7.10 -53.65 -29.18
C GLU E 478 7.35 -53.83 -27.69
N GLY E 479 8.60 -54.12 -27.32
CA GLY E 479 8.96 -54.32 -25.93
C GLY E 479 8.81 -53.07 -25.08
N LEU E 480 9.30 -51.96 -25.61
CA LEU E 480 9.22 -50.69 -24.90
C LEU E 480 7.79 -50.32 -24.65
N MET E 481 6.94 -50.50 -25.64
CA MET E 481 5.52 -50.19 -25.48
C MET E 481 4.87 -51.09 -24.43
N GLU E 482 5.16 -52.39 -24.50
CA GLU E 482 4.62 -53.33 -23.51
C GLU E 482 5.03 -52.94 -22.09
N PHE E 483 6.28 -52.55 -21.98
CA PHE E 483 6.84 -52.04 -20.73
C PHE E 483 6.04 -50.84 -20.25
N SER E 484 5.78 -49.91 -21.16
CA SER E 484 5.17 -48.63 -20.81
C SER E 484 3.78 -48.75 -20.24
N ARG E 485 3.13 -49.87 -20.43
CA ARG E 485 1.79 -49.98 -19.88
C ARG E 485 1.85 -50.41 -18.43
N GLY E 486 3.06 -50.61 -17.91
CA GLY E 486 3.24 -50.99 -16.51
C GLY E 486 3.88 -49.88 -15.73
N CYS E 487 4.73 -50.24 -14.79
CA CYS E 487 5.53 -49.25 -14.07
C CYS E 487 4.67 -48.16 -13.46
N PRO E 488 3.81 -48.53 -12.51
CA PRO E 488 2.86 -47.64 -11.88
C PRO E 488 3.59 -46.46 -11.29
N ASN E 489 4.71 -46.73 -10.64
CA ASN E 489 5.41 -45.74 -9.81
C ASN E 489 6.77 -45.31 -10.32
N LEU E 490 7.09 -45.65 -11.55
CA LEU E 490 8.35 -45.25 -12.15
C LEU E 490 8.43 -43.74 -12.27
N GLN E 491 9.43 -43.13 -11.65
CA GLN E 491 9.62 -41.69 -11.71
C GLN E 491 10.81 -41.23 -12.55
N LYS E 492 11.93 -41.95 -12.46
CA LYS E 492 13.11 -41.62 -13.22
C LYS E 492 13.50 -42.84 -14.02
N LEU E 493 13.76 -42.64 -15.32
CA LEU E 493 14.10 -43.72 -16.26
C LEU E 493 15.31 -43.39 -17.06
N GLU E 494 16.33 -44.23 -16.94
CA GLU E 494 17.59 -44.06 -17.66
C GLU E 494 17.78 -45.29 -18.49
N MET E 495 17.87 -45.13 -19.80
CA MET E 495 18.21 -46.26 -20.67
C MET E 495 19.31 -45.87 -21.63
N ARG E 496 20.29 -46.74 -21.83
CA ARG E 496 21.29 -46.48 -22.84
C ARG E 496 21.55 -47.74 -23.60
N GLY E 497 21.96 -47.57 -24.84
CA GLY E 497 22.25 -48.69 -25.71
C GLY E 497 21.01 -49.48 -26.03
N CYS E 498 19.95 -48.81 -26.42
CA CYS E 498 18.73 -49.51 -26.77
C CYS E 498 18.38 -49.30 -28.22
N CYS E 499 17.50 -50.17 -28.72
CA CYS E 499 17.22 -50.22 -30.15
C CYS E 499 15.91 -49.54 -30.50
N PHE E 500 15.34 -48.80 -29.55
CA PHE E 500 14.04 -48.18 -29.78
C PHE E 500 14.14 -46.89 -30.58
N SER E 501 13.01 -46.48 -31.15
CA SER E 501 12.99 -45.35 -32.08
C SER E 501 12.46 -44.11 -31.41
N GLU E 502 12.69 -42.94 -32.02
CA GLU E 502 12.24 -41.72 -31.39
C GLU E 502 10.77 -41.83 -31.02
N ARG E 503 9.92 -42.13 -32.00
CA ARG E 503 8.48 -42.10 -31.76
C ARG E 503 8.09 -43.14 -30.70
N ALA E 504 8.93 -44.16 -30.56
CA ALA E 504 8.66 -45.25 -29.63
C ALA E 504 8.90 -44.77 -28.21
N ILE E 505 9.97 -44.03 -28.03
CA ILE E 505 10.28 -43.45 -26.76
C ILE E 505 9.19 -42.51 -26.40
N ALA E 506 8.94 -41.55 -27.28
CA ALA E 506 8.00 -40.46 -27.00
C ALA E 506 6.65 -41.04 -26.62
N ALA E 507 6.28 -42.11 -27.31
CA ALA E 507 5.07 -42.83 -27.01
C ALA E 507 5.06 -43.40 -25.60
N ALA E 508 6.11 -44.11 -25.25
CA ALA E 508 6.21 -44.74 -23.94
C ALA E 508 6.20 -43.72 -22.81
N VAL E 509 6.78 -42.55 -23.05
CA VAL E 509 6.77 -41.49 -22.06
C VAL E 509 5.35 -41.07 -21.75
N THR E 510 4.55 -40.93 -22.80
CA THR E 510 3.17 -40.52 -22.63
C THR E 510 2.40 -41.54 -21.81
N LYS E 511 2.65 -42.83 -22.04
CA LYS E 511 1.96 -43.90 -21.34
C LYS E 511 2.32 -44.01 -19.87
N LEU E 512 3.52 -43.60 -19.51
CA LEU E 512 3.95 -43.71 -18.12
C LEU E 512 3.36 -42.63 -17.22
N PRO E 513 2.57 -43.07 -16.23
CA PRO E 513 1.84 -42.22 -15.28
C PRO E 513 2.75 -41.38 -14.42
N SER E 514 3.82 -41.95 -13.91
CA SER E 514 4.57 -41.32 -12.82
C SER E 514 5.85 -40.63 -13.28
N LEU E 515 6.25 -40.87 -14.52
CA LEU E 515 7.55 -40.44 -15.01
C LEU E 515 7.74 -38.95 -14.97
N ARG E 516 8.87 -38.53 -14.39
CA ARG E 516 9.22 -37.11 -14.34
C ARG E 516 10.65 -36.77 -14.79
N TYR E 517 11.43 -37.78 -15.16
CA TYR E 517 12.84 -37.60 -15.59
C TYR E 517 13.26 -38.74 -16.47
N LEU E 518 13.76 -38.41 -17.65
CA LEU E 518 14.15 -39.40 -18.64
C LEU E 518 15.49 -39.05 -19.22
N TRP E 519 16.43 -39.98 -19.11
CA TRP E 519 17.70 -39.83 -19.79
C TRP E 519 17.93 -41.05 -20.67
N VAL E 520 18.39 -40.79 -21.89
CA VAL E 520 18.61 -41.85 -22.87
C VAL E 520 19.84 -41.59 -23.71
N GLN E 521 20.67 -42.60 -23.89
CA GLN E 521 21.75 -42.52 -24.89
C GLN E 521 21.62 -43.70 -25.83
N GLY E 522 21.60 -43.43 -27.13
CA GLY E 522 21.50 -44.49 -28.12
C GLY E 522 20.09 -44.92 -28.46
N TYR E 523 19.62 -44.53 -29.64
CA TYR E 523 18.25 -44.74 -30.08
C TYR E 523 18.19 -44.44 -31.58
N ARG E 524 17.28 -45.08 -32.31
CA ARG E 524 17.16 -44.79 -33.74
C ARG E 524 16.64 -43.37 -33.93
N ALA E 525 17.49 -42.46 -34.43
CA ALA E 525 17.10 -41.05 -34.57
C ALA E 525 16.30 -40.75 -35.83
N SER E 526 16.39 -39.50 -36.29
CA SER E 526 15.87 -39.06 -37.58
C SER E 526 16.22 -37.59 -37.76
N MET E 527 16.82 -37.25 -38.90
CA MET E 527 17.31 -35.88 -39.11
C MET E 527 16.21 -34.88 -38.78
N THR E 528 14.97 -35.22 -39.17
CA THR E 528 13.79 -34.45 -38.83
C THR E 528 13.96 -33.93 -37.41
N GLY E 529 14.07 -34.87 -36.47
CA GLY E 529 14.12 -34.61 -35.04
C GLY E 529 12.71 -34.71 -34.50
N GLN E 530 11.75 -34.61 -35.41
CA GLN E 530 10.38 -34.25 -35.07
C GLN E 530 9.57 -35.36 -34.44
N ASP E 531 10.16 -36.52 -34.28
CA ASP E 531 9.38 -37.62 -33.74
C ASP E 531 9.35 -37.53 -32.25
N LEU E 532 10.46 -37.12 -31.67
CA LEU E 532 10.50 -36.83 -30.24
C LEU E 532 9.35 -35.93 -29.85
N MET E 533 9.08 -34.94 -30.71
CA MET E 533 8.06 -33.93 -30.43
C MET E 533 6.73 -34.48 -29.91
N GLN E 534 6.38 -35.70 -30.29
CA GLN E 534 5.07 -36.20 -29.95
C GLN E 534 4.93 -36.50 -28.45
N MET E 535 5.88 -36.01 -27.67
CA MET E 535 5.74 -36.07 -26.22
C MET E 535 5.70 -34.70 -25.60
N ALA E 536 5.67 -33.66 -26.43
CA ALA E 536 5.44 -32.29 -25.99
C ALA E 536 4.21 -32.19 -25.07
N ARG E 537 4.45 -32.02 -23.78
CA ARG E 537 3.43 -31.67 -22.81
C ARG E 537 3.83 -30.29 -22.33
N PRO E 538 2.93 -29.60 -21.64
CA PRO E 538 3.29 -28.37 -20.95
C PRO E 538 4.09 -28.73 -19.72
N TYR E 539 5.09 -27.92 -19.38
CA TYR E 539 6.01 -28.18 -18.26
C TYR E 539 7.06 -29.26 -18.52
N TRP E 540 6.97 -29.91 -19.66
CA TRP E 540 7.92 -30.94 -20.07
C TRP E 540 9.04 -30.34 -20.89
N ASN E 541 10.21 -30.27 -20.28
CA ASN E 541 11.41 -29.78 -20.93
C ASN E 541 12.14 -30.96 -21.57
N ILE E 542 12.48 -30.86 -22.86
CA ILE E 542 13.36 -31.87 -23.49
C ILE E 542 14.69 -31.22 -23.96
N GLU E 543 15.82 -31.89 -23.72
CA GLU E 543 17.16 -31.42 -24.09
C GLU E 543 17.97 -32.49 -24.85
N LEU E 544 18.83 -32.06 -25.78
CA LEU E 544 19.68 -32.97 -26.54
C LEU E 544 21.15 -32.68 -26.31
N ILE E 545 21.94 -33.72 -26.10
CA ILE E 545 23.32 -33.60 -25.64
C ILE E 545 24.34 -34.39 -26.50
N PRO E 546 25.62 -33.98 -26.45
CA PRO E 546 26.87 -34.63 -26.92
C PRO E 546 27.60 -35.59 -25.92
N SER E 547 28.74 -35.16 -25.34
CA SER E 547 29.49 -35.98 -24.35
C SER E 547 30.90 -35.45 -24.00
N ARG E 548 31.27 -35.51 -22.72
CA ARG E 548 32.58 -35.04 -22.19
C ARG E 548 33.02 -35.84 -20.96
N ARG E 549 33.97 -35.28 -20.21
CA ARG E 549 34.45 -35.87 -18.95
C ARG E 549 34.55 -34.84 -17.83
N GLU E 563 33.63 -41.24 -30.04
CA GLU E 563 32.25 -41.24 -30.52
C GLU E 563 31.25 -41.39 -29.38
N HIS E 564 30.51 -40.33 -29.11
CA HIS E 564 29.48 -40.40 -28.07
C HIS E 564 28.12 -39.90 -28.62
N PRO E 565 27.23 -40.85 -28.97
CA PRO E 565 25.89 -40.62 -29.55
C PRO E 565 25.02 -39.63 -28.77
N ALA E 566 23.97 -39.12 -29.41
CA ALA E 566 23.12 -38.09 -28.80
C ALA E 566 22.48 -38.57 -27.52
N HIS E 567 22.39 -37.67 -26.54
CA HIS E 567 21.61 -37.95 -25.33
C HIS E 567 20.29 -37.23 -25.38
N ILE E 568 19.28 -37.84 -24.78
CA ILE E 568 18.02 -37.18 -24.58
C ILE E 568 17.87 -37.03 -23.09
N LEU E 569 17.53 -35.83 -22.65
CA LEU E 569 17.25 -35.62 -21.25
C LEU E 569 15.98 -34.82 -21.20
N ALA E 570 14.96 -35.35 -20.54
CA ALA E 570 13.73 -34.59 -20.36
C ALA E 570 13.22 -34.71 -18.91
N TYR E 571 12.64 -33.64 -18.41
CA TYR E 571 12.17 -33.61 -17.04
C TYR E 571 11.02 -32.62 -16.93
N TYR E 572 10.21 -32.76 -15.89
CA TYR E 572 9.19 -31.77 -15.63
C TYR E 572 9.82 -30.62 -14.88
N SER E 573 9.39 -29.40 -15.19
CA SER E 573 9.85 -28.21 -14.48
C SER E 573 8.80 -27.11 -14.48
N LEU E 574 8.53 -26.57 -13.29
CA LEU E 574 7.67 -25.42 -13.11
C LEU E 574 8.36 -24.09 -13.49
N ALA E 575 9.54 -24.17 -14.05
CA ALA E 575 10.35 -22.98 -14.18
C ALA E 575 10.46 -22.55 -15.64
N GLY E 576 10.24 -23.50 -16.55
CA GLY E 576 10.43 -23.23 -17.96
C GLY E 576 11.85 -23.62 -18.40
N GLN E 577 12.19 -23.36 -19.65
CA GLN E 577 13.49 -23.78 -20.16
C GLN E 577 14.59 -22.95 -19.53
N ARG E 578 15.67 -23.64 -19.15
CA ARG E 578 16.80 -23.03 -18.50
C ARG E 578 17.48 -22.00 -19.37
N THR E 579 17.94 -20.93 -18.73
CA THR E 579 18.74 -19.89 -19.38
C THR E 579 20.18 -20.32 -19.71
N ASP E 580 20.76 -21.12 -18.81
CA ASP E 580 22.20 -21.39 -18.82
C ASP E 580 22.74 -22.58 -19.66
N CYS E 581 22.05 -22.95 -20.74
CA CYS E 581 22.57 -24.01 -21.58
C CYS E 581 23.90 -23.69 -22.24
N PRO E 582 24.79 -24.67 -22.33
CA PRO E 582 26.01 -24.58 -23.15
C PRO E 582 25.63 -24.51 -24.61
N THR E 583 26.65 -24.42 -25.46
CA THR E 583 26.46 -24.50 -26.90
C THR E 583 26.25 -25.95 -27.37
N THR E 584 26.92 -26.90 -26.71
CA THR E 584 26.72 -28.31 -26.98
C THR E 584 25.29 -28.86 -26.72
N VAL E 585 24.44 -28.12 -26.05
CA VAL E 585 23.15 -28.71 -25.66
C VAL E 585 21.96 -27.99 -26.27
N ARG E 586 21.10 -28.74 -26.95
CA ARG E 586 20.00 -28.14 -27.72
C ARG E 586 18.66 -28.35 -27.06
N VAL E 587 17.85 -27.30 -27.00
CA VAL E 587 16.53 -27.39 -26.39
C VAL E 587 15.45 -27.50 -27.46
N LEU E 588 14.78 -28.63 -27.54
CA LEU E 588 13.69 -28.81 -28.49
C LEU E 588 12.40 -28.01 -28.20
N LYS E 589 11.91 -27.31 -29.22
CA LYS E 589 10.76 -26.40 -29.08
C LYS E 589 9.81 -26.41 -30.30
N GLU E 590 9.01 -27.47 -30.41
CA GLU E 590 8.01 -27.57 -31.48
C GLU E 590 8.66 -27.38 -32.85
N PRO E 591 7.87 -26.97 -33.88
CA PRO E 591 8.55 -26.66 -35.15
C PRO E 591 9.64 -25.60 -35.01
N ILE E 592 10.83 -25.92 -35.52
CA ILE E 592 11.97 -25.01 -35.51
C ILE E 592 11.73 -23.81 -36.44
N GLU F 1 28.61 -49.20 -31.36
CA GLU F 1 29.61 -49.75 -30.44
C GLU F 1 29.64 -49.04 -29.08
N LEU F 2 28.64 -49.29 -28.23
CA LEU F 2 28.61 -48.59 -26.95
C LEU F 2 29.43 -49.31 -25.88
N PRO F 3 30.53 -48.69 -25.45
CA PRO F 3 31.45 -49.34 -24.51
C PRO F 3 30.93 -49.16 -23.09
N ILE F 4 31.19 -50.12 -22.21
CA ILE F 4 30.79 -49.99 -20.82
C ILE F 4 31.58 -48.84 -20.23
N ALA F 5 30.88 -47.75 -19.90
CA ALA F 5 31.52 -46.56 -19.32
C ALA F 5 31.97 -46.77 -17.89
N ARG F 6 33.20 -46.39 -17.63
CA ARG F 6 33.78 -46.66 -16.33
C ARG F 6 33.38 -45.56 -15.36
N ARG F 7 32.91 -45.95 -14.17
CA ARG F 7 32.64 -44.99 -13.11
C ARG F 7 33.92 -44.19 -12.84
N ALA F 8 33.84 -42.87 -12.89
CA ALA F 8 35.04 -42.02 -12.90
C ALA F 8 36.00 -42.22 -11.73
N SER F 9 35.47 -42.49 -10.55
CA SER F 9 36.30 -42.68 -9.37
C SER F 9 37.21 -43.89 -9.53
N LEU F 10 36.73 -44.92 -10.23
CA LEU F 10 37.54 -46.11 -10.50
C LEU F 10 38.49 -45.93 -11.68
N HIS F 11 38.01 -45.27 -12.72
CA HIS F 11 38.89 -44.91 -13.80
C HIS F 11 40.18 -44.24 -13.27
N ARG F 12 40.01 -43.25 -12.41
CA ARG F 12 41.14 -42.53 -11.86
C ARG F 12 42.06 -43.48 -11.13
N PHE F 13 41.48 -44.41 -10.40
CA PHE F 13 42.26 -45.33 -9.58
C PHE F 13 43.00 -46.31 -10.43
N LEU F 14 42.33 -46.86 -11.44
CA LEU F 14 42.92 -47.92 -12.25
C LEU F 14 44.17 -47.43 -12.94
N GLU F 15 44.26 -46.13 -13.18
CA GLU F 15 45.45 -45.56 -13.77
C GLU F 15 46.55 -45.40 -12.73
N LYS F 16 46.22 -44.82 -11.59
CA LYS F 16 47.18 -44.70 -10.47
C LYS F 16 47.75 -46.08 -10.18
N ARG F 17 46.93 -47.13 -10.34
CA ARG F 17 47.34 -48.51 -10.06
C ARG F 17 48.55 -48.91 -10.89
N LYS F 18 48.45 -48.73 -12.20
CA LYS F 18 49.57 -49.02 -13.09
C LYS F 18 50.67 -47.95 -13.02
N LYS G 5 -42.39 15.70 53.26
CA LYS G 5 -43.72 16.24 52.97
C LYS G 5 -43.72 17.42 51.97
N ILE G 6 -44.61 17.39 50.97
CA ILE G 6 -44.70 18.43 49.91
C ILE G 6 -46.08 19.14 49.81
N VAL G 7 -46.08 20.40 49.37
CA VAL G 7 -47.29 21.18 49.24
C VAL G 7 -47.75 21.34 47.79
N LEU G 8 -49.00 20.99 47.50
CA LEU G 8 -49.59 21.12 46.16
C LEU G 8 -50.74 22.13 46.15
N LYS G 9 -50.59 23.21 45.41
CA LYS G 9 -51.60 24.25 45.37
C LYS G 9 -52.58 24.07 44.20
N SER G 10 -53.83 23.74 44.52
CA SER G 10 -54.84 23.43 43.53
C SER G 10 -55.35 24.63 42.73
N SER G 11 -56.26 24.37 41.79
CA SER G 11 -56.67 25.37 40.82
C SER G 11 -57.67 26.36 41.35
N ASP G 12 -57.78 26.43 42.66
CA ASP G 12 -58.66 27.41 43.29
C ASP G 12 -58.08 27.82 44.62
N GLY G 13 -56.75 27.88 44.67
CA GLY G 13 -56.00 28.17 45.89
C GLY G 13 -56.38 27.21 46.98
N GLU G 14 -55.59 26.17 47.18
CA GLU G 14 -55.97 25.13 48.12
C GLU G 14 -54.80 24.26 48.49
N SER G 15 -53.97 24.71 49.42
CA SER G 15 -52.81 23.93 49.82
C SER G 15 -53.18 22.49 50.16
N PHE G 16 -52.33 21.55 49.77
CA PHE G 16 -52.51 20.14 50.07
C PHE G 16 -51.23 19.54 50.69
N GLU G 17 -51.32 19.11 51.94
CA GLU G 17 -50.21 18.47 52.62
C GLU G 17 -50.10 17.01 52.18
N VAL G 18 -49.07 16.65 51.43
CA VAL G 18 -48.90 15.25 51.02
C VAL G 18 -47.48 14.76 51.19
N GLU G 19 -47.34 13.46 51.38
CA GLU G 19 -46.05 12.87 51.70
C GLU G 19 -45.09 12.92 50.52
N GLU G 20 -43.81 12.72 50.81
CA GLU G 20 -42.77 12.68 49.78
C GLU G 20 -43.13 11.72 48.66
N ALA G 21 -43.16 10.43 48.98
CA ALA G 21 -43.30 9.40 47.97
C ALA G 21 -44.66 9.38 47.30
N VAL G 22 -45.65 9.99 47.93
CA VAL G 22 -46.99 10.06 47.37
C VAL G 22 -47.06 11.04 46.21
N ALA G 23 -46.43 12.18 46.38
CA ALA G 23 -46.42 13.20 45.33
C ALA G 23 -45.52 12.79 44.17
N LEU G 24 -44.64 11.83 44.42
CA LEU G 24 -43.69 11.40 43.40
C LEU G 24 -44.27 10.38 42.42
N GLU G 25 -45.51 9.95 42.65
CA GLU G 25 -46.20 9.09 41.67
C GLU G 25 -46.39 9.86 40.37
N SER G 26 -46.55 11.17 40.48
CA SER G 26 -46.63 12.03 39.31
C SER G 26 -45.26 12.45 38.79
N GLN G 27 -44.86 11.88 37.65
CA GLN G 27 -43.62 12.28 37.01
C GLN G 27 -43.61 13.75 36.60
N THR G 28 -44.71 14.44 36.83
CA THR G 28 -44.79 15.86 36.54
C THR G 28 -44.32 16.59 37.76
N ILE G 29 -44.65 16.06 38.92
CA ILE G 29 -44.21 16.66 40.16
C ILE G 29 -42.80 16.19 40.48
N ALA G 30 -42.41 15.05 39.93
CA ALA G 30 -41.04 14.59 40.08
C ALA G 30 -40.06 15.48 39.29
N HIS G 31 -40.31 15.66 38.00
CA HIS G 31 -39.45 16.48 37.14
C HIS G 31 -39.55 17.94 37.51
N MET G 32 -40.16 18.20 38.68
CA MET G 32 -40.35 19.55 39.18
C MET G 32 -39.75 19.72 40.57
N VAL G 33 -39.00 18.71 41.02
CA VAL G 33 -38.16 18.84 42.20
C VAL G 33 -36.69 18.94 41.77
N GLU G 34 -36.48 19.15 40.48
CA GLU G 34 -35.15 19.43 39.94
C GLU G 34 -34.95 20.95 39.93
N ASP G 35 -35.64 21.61 39.00
CA ASP G 35 -35.79 23.06 39.01
C ASP G 35 -36.74 23.46 40.14
N ASP G 36 -36.54 22.84 41.30
CA ASP G 36 -37.46 22.91 42.43
C ASP G 36 -38.18 24.24 42.68
N CYS G 37 -39.35 24.39 42.07
CA CYS G 37 -40.23 25.50 42.38
C CYS G 37 -40.90 25.22 43.71
N VAL G 38 -40.52 24.11 44.33
CA VAL G 38 -41.17 23.63 45.54
C VAL G 38 -41.08 24.65 46.69
N ASP G 39 -40.22 25.66 46.51
CA ASP G 39 -40.04 26.70 47.51
C ASP G 39 -41.37 27.32 47.92
N ASN G 40 -42.22 27.60 46.93
CA ASN G 40 -43.54 28.16 47.17
C ASN G 40 -44.61 27.11 46.97
N GLY G 41 -44.25 25.84 47.10
CA GLY G 41 -45.16 24.74 46.85
C GLY G 41 -45.42 24.59 45.37
N VAL G 42 -45.59 23.35 44.91
CA VAL G 42 -45.81 23.08 43.50
C VAL G 42 -47.18 23.55 43.02
N PRO G 43 -47.21 24.53 42.09
CA PRO G 43 -48.46 25.13 41.64
C PRO G 43 -49.02 24.35 40.48
N LEU G 44 -50.25 23.85 40.60
CA LEU G 44 -50.88 23.22 39.46
C LEU G 44 -52.35 23.59 39.31
N PRO G 45 -52.61 24.65 38.54
CA PRO G 45 -53.90 25.33 38.42
C PRO G 45 -54.77 24.74 37.34
N ASN G 46 -54.53 23.50 36.94
CA ASN G 46 -55.39 22.88 35.95
C ASN G 46 -56.09 21.68 36.55
N VAL G 47 -56.01 21.59 37.87
CA VAL G 47 -56.71 20.56 38.61
C VAL G 47 -57.70 21.16 39.57
N THR G 48 -58.96 20.82 39.38
CA THR G 48 -60.00 21.15 40.32
C THR G 48 -59.56 20.61 41.67
N SER G 49 -59.87 21.30 42.75
CA SER G 49 -59.41 20.84 44.06
C SER G 49 -60.11 19.56 44.47
N LYS G 50 -61.40 19.51 44.18
CA LYS G 50 -62.21 18.31 44.39
C LYS G 50 -61.55 17.07 43.76
N ILE G 51 -60.97 17.27 42.57
CA ILE G 51 -60.36 16.20 41.78
C ILE G 51 -58.98 15.80 42.33
N LEU G 52 -58.12 16.80 42.54
CA LEU G 52 -56.78 16.59 43.06
C LEU G 52 -56.86 15.77 44.33
N ALA G 53 -57.90 16.01 45.12
CA ALA G 53 -58.19 15.23 46.33
C ALA G 53 -58.33 13.75 46.00
N LYS G 54 -59.21 13.45 45.05
CA LYS G 54 -59.42 12.07 44.62
C LYS G 54 -58.12 11.47 44.10
N VAL G 55 -57.30 12.28 43.45
CA VAL G 55 -56.06 11.78 42.87
C VAL G 55 -55.11 11.33 43.95
N ILE G 56 -54.93 12.17 44.96
CA ILE G 56 -54.04 11.87 46.06
C ILE G 56 -54.50 10.63 46.79
N GLU G 57 -55.81 10.45 46.90
CA GLU G 57 -56.37 9.27 47.54
C GLU G 57 -55.92 8.00 46.83
N TYR G 58 -55.84 8.06 45.51
CA TYR G 58 -55.40 6.91 44.71
C TYR G 58 -53.92 6.63 44.94
N CYS G 59 -53.09 7.66 44.81
CA CYS G 59 -51.65 7.49 45.02
C CYS G 59 -51.34 7.01 46.44
N LYS G 60 -52.00 7.61 47.42
CA LYS G 60 -51.83 7.18 48.79
C LYS G 60 -51.89 5.65 48.86
N ARG G 61 -53.01 5.07 48.42
CA ARG G 61 -53.26 3.64 48.59
C ARG G 61 -52.30 2.77 47.80
N HIS G 62 -51.87 3.24 46.63
CA HIS G 62 -50.99 2.44 45.79
C HIS G 62 -49.57 2.37 46.30
N VAL G 63 -49.09 3.48 46.86
CA VAL G 63 -47.78 3.54 47.50
C VAL G 63 -47.71 2.57 48.68
N GLU G 64 -48.83 2.42 49.38
CA GLU G 64 -48.98 1.40 50.41
C GLU G 64 -49.09 -0.02 49.80
N ALA G 65 -48.28 -0.27 48.79
CA ALA G 65 -48.05 -1.61 48.29
C ALA G 65 -46.61 -1.98 48.63
N ALA G 66 -46.04 -1.28 49.61
CA ALA G 66 -44.77 -1.68 50.22
C ALA G 66 -44.99 -2.98 51.00
N ALA G 67 -45.92 -2.94 51.95
CA ALA G 67 -46.53 -4.16 52.45
C ALA G 67 -47.22 -4.75 51.23
N ASP G 80 -51.88 -7.86 46.08
CA ASP G 80 -52.45 -7.56 44.76
C ASP G 80 -53.91 -7.91 44.68
N ASP G 81 -54.32 -8.90 45.46
CA ASP G 81 -55.68 -9.40 45.41
C ASP G 81 -56.67 -8.30 45.80
N ASP G 82 -56.34 -7.57 46.85
CA ASP G 82 -57.25 -6.57 47.43
C ASP G 82 -57.10 -5.20 46.79
N LEU G 83 -56.20 -5.08 45.83
CA LEU G 83 -56.03 -3.83 45.09
C LEU G 83 -57.03 -3.66 43.94
N LYS G 84 -57.12 -4.66 43.06
CA LYS G 84 -58.11 -4.63 42.01
C LYS G 84 -59.47 -4.47 42.64
N ALA G 85 -59.57 -4.83 43.92
CA ALA G 85 -60.77 -4.60 44.72
C ALA G 85 -61.03 -3.12 44.98
N TRP G 86 -60.10 -2.46 45.68
CA TRP G 86 -60.23 -1.03 45.96
C TRP G 86 -60.36 -0.27 44.67
N ASP G 87 -59.54 -0.63 43.69
CA ASP G 87 -59.56 0.03 42.38
C ASP G 87 -60.97 0.03 41.76
N ALA G 88 -61.55 -1.15 41.60
CA ALA G 88 -62.90 -1.28 41.08
C ALA G 88 -63.89 -0.41 41.86
N ASP G 89 -63.77 -0.42 43.18
CA ASP G 89 -64.66 0.36 44.01
C ASP G 89 -64.36 1.86 43.91
N PHE G 90 -63.11 2.19 43.58
CA PHE G 90 -62.69 3.59 43.46
C PHE G 90 -63.29 4.20 42.22
N MET G 91 -63.63 3.35 41.27
CA MET G 91 -64.11 3.80 39.95
C MET G 91 -65.63 3.98 39.87
N LYS G 92 -66.35 3.54 40.90
CA LYS G 92 -67.78 3.77 40.97
C LYS G 92 -68.05 5.27 41.12
N ILE G 93 -67.79 6.03 40.06
CA ILE G 93 -68.05 7.45 40.04
C ILE G 93 -68.81 7.78 38.78
N ASP G 94 -69.33 9.01 38.67
CA ASP G 94 -70.07 9.42 37.47
C ASP G 94 -69.14 9.71 36.32
N GLN G 95 -69.67 9.66 35.10
CA GLN G 95 -68.85 9.90 33.93
C GLN G 95 -68.08 11.20 34.04
N ALA G 96 -68.79 12.30 34.16
CA ALA G 96 -68.11 13.60 34.16
C ALA G 96 -66.89 13.60 35.06
N THR G 97 -67.00 12.95 36.22
CA THR G 97 -65.88 12.90 37.16
C THR G 97 -64.78 11.98 36.64
N LEU G 98 -65.16 10.82 36.13
CA LEU G 98 -64.21 9.91 35.51
C LEU G 98 -63.34 10.58 34.46
N PHE G 99 -63.95 11.37 33.59
CA PHE G 99 -63.19 12.05 32.56
C PHE G 99 -62.20 13.02 33.15
N GLU G 100 -62.66 13.81 34.12
CA GLU G 100 -61.83 14.83 34.76
C GLU G 100 -60.62 14.21 35.43
N LEU G 101 -60.70 12.92 35.74
CA LEU G 101 -59.60 12.17 36.34
C LEU G 101 -58.56 11.78 35.29
N ILE G 102 -59.03 11.28 34.15
CA ILE G 102 -58.15 10.96 33.04
C ILE G 102 -57.35 12.19 32.69
N LEU G 103 -58.05 13.26 32.37
CA LEU G 103 -57.43 14.55 32.11
C LEU G 103 -56.38 14.93 33.16
N ALA G 104 -56.66 14.61 34.42
CA ALA G 104 -55.78 14.94 35.53
C ALA G 104 -54.54 14.06 35.56
N ALA G 105 -54.73 12.76 35.38
CA ALA G 105 -53.60 11.85 35.35
C ALA G 105 -52.66 12.17 34.19
N ASN G 106 -53.20 12.67 33.10
CA ASN G 106 -52.39 13.05 31.96
C ASN G 106 -51.68 14.38 32.17
N TYR G 107 -52.25 15.23 33.03
CA TYR G 107 -51.69 16.54 33.36
C TYR G 107 -50.54 16.41 34.34
N LEU G 108 -50.74 15.57 35.35
CA LEU G 108 -49.65 15.07 36.13
C LEU G 108 -49.09 13.97 35.24
N ASN G 109 -48.39 12.98 35.77
CA ASN G 109 -48.00 11.92 34.88
C ASN G 109 -48.07 10.56 35.52
N ILE G 110 -49.29 10.18 35.89
CA ILE G 110 -49.49 8.98 36.66
C ILE G 110 -49.89 7.81 35.76
N LYS G 111 -48.89 7.06 35.31
CA LYS G 111 -49.14 6.03 34.32
C LYS G 111 -50.10 4.98 34.85
N ASN G 112 -49.93 4.60 36.10
CA ASN G 112 -50.82 3.59 36.70
C ASN G 112 -52.27 4.10 36.79
N LEU G 113 -52.45 5.42 36.82
CA LEU G 113 -53.79 5.98 37.05
C LEU G 113 -54.64 6.13 35.84
N LEU G 114 -54.14 5.77 34.75
CA LEU G 114 -54.82 6.13 33.59
C LEU G 114 -55.28 4.80 33.10
N ASP G 115 -54.42 3.83 33.31
CA ASP G 115 -54.71 2.47 32.92
C ASP G 115 -56.02 2.00 33.54
N LEU G 116 -56.54 2.76 34.49
CA LEU G 116 -57.80 2.35 35.11
C LEU G 116 -59.01 3.18 34.61
N THR G 117 -58.81 4.49 34.52
CA THR G 117 -59.91 5.34 34.12
C THR G 117 -60.22 5.13 32.66
N CYS G 118 -59.20 5.22 31.82
CA CYS G 118 -59.33 4.94 30.40
C CYS G 118 -59.93 3.58 30.13
N GLN G 119 -59.34 2.56 30.73
CA GLN G 119 -59.90 1.23 30.61
C GLN G 119 -61.37 1.13 31.09
N THR G 120 -61.77 2.00 32.03
CA THR G 120 -63.15 2.04 32.50
C THR G 120 -64.06 2.55 31.39
N VAL G 121 -63.62 3.61 30.71
CA VAL G 121 -64.35 4.17 29.61
C VAL G 121 -64.39 3.18 28.47
N ALA G 122 -63.25 2.58 28.19
CA ALA G 122 -63.16 1.59 27.14
C ALA G 122 -64.10 0.43 27.38
N ASP G 123 -64.30 0.07 28.63
CA ASP G 123 -65.21 -1.02 28.94
C ASP G 123 -66.67 -0.69 28.65
N MET G 124 -67.02 0.59 28.71
CA MET G 124 -68.36 1.06 28.37
C MET G 124 -68.67 0.85 26.88
N ILE G 125 -67.62 0.98 26.06
CA ILE G 125 -67.69 0.79 24.61
C ILE G 125 -67.72 -0.68 24.24
N LYS G 126 -66.73 -1.41 24.73
CA LYS G 126 -66.55 -2.81 24.38
C LYS G 126 -67.86 -3.61 24.45
N GLY G 127 -68.44 -3.87 23.28
CA GLY G 127 -69.62 -4.70 23.18
C GLY G 127 -70.78 -3.98 22.53
N LYS G 128 -70.77 -2.66 22.59
CA LYS G 128 -71.87 -1.89 22.05
C LYS G 128 -71.75 -1.73 20.54
N THR G 129 -72.85 -1.34 19.91
CA THR G 129 -72.87 -1.07 18.48
C THR G 129 -72.80 0.44 18.32
N PRO G 130 -72.49 0.92 17.09
CA PRO G 130 -72.27 2.35 16.88
C PRO G 130 -73.45 3.19 17.40
N GLU G 131 -74.67 2.69 17.24
CA GLU G 131 -75.82 3.42 17.77
C GLU G 131 -75.83 3.39 19.30
N GLU G 132 -75.80 2.18 19.86
CA GLU G 132 -75.70 1.98 21.31
C GLU G 132 -74.60 2.85 21.94
N ILE G 133 -73.51 3.06 21.23
CA ILE G 133 -72.46 3.94 21.71
C ILE G 133 -72.97 5.38 21.80
N ARG G 134 -73.28 6.02 20.67
CA ARG G 134 -73.53 7.47 20.67
C ARG G 134 -74.79 7.78 21.41
N THR G 135 -75.56 6.72 21.70
CA THR G 135 -76.69 6.76 22.62
C THR G 135 -76.15 7.02 24.01
N THR G 136 -75.37 6.06 24.53
CA THR G 136 -74.86 6.15 25.90
C THR G 136 -73.69 7.12 26.09
N PHE G 137 -73.63 8.16 25.27
CA PHE G 137 -72.62 9.22 25.37
C PHE G 137 -73.21 10.51 24.78
N ASN G 138 -74.40 10.36 24.20
CA ASN G 138 -75.05 11.48 23.57
C ASN G 138 -74.10 12.14 22.53
N ILE G 139 -73.91 11.43 21.41
CA ILE G 139 -73.10 11.96 20.32
C ILE G 139 -73.86 11.95 19.02
N LYS G 140 -73.95 13.12 18.40
CA LYS G 140 -74.63 13.24 17.12
C LYS G 140 -73.81 12.61 15.98
N ASN G 141 -74.43 11.65 15.28
CA ASN G 141 -73.86 11.02 14.11
C ASN G 141 -73.79 11.96 12.91
N ASP G 142 -72.60 12.42 12.55
CA ASP G 142 -72.46 13.42 11.48
C ASP G 142 -71.96 12.85 10.14
N PHE G 143 -72.16 11.55 9.98
CA PHE G 143 -71.80 10.83 8.74
C PHE G 143 -72.81 11.03 7.60
N THR G 144 -72.37 11.61 6.49
CA THR G 144 -73.17 11.56 5.28
C THR G 144 -73.39 10.08 4.99
N PRO G 145 -74.50 9.75 4.35
CA PRO G 145 -74.79 8.31 4.20
C PRO G 145 -73.79 7.57 3.31
N GLU G 146 -73.18 8.26 2.34
CA GLU G 146 -72.07 7.69 1.53
C GLU G 146 -70.88 7.37 2.42
N GLU G 147 -70.48 8.33 3.25
CA GLU G 147 -69.39 8.15 4.19
C GLU G 147 -69.65 6.90 5.00
N GLU G 148 -70.72 6.91 5.76
CA GLU G 148 -71.04 5.77 6.61
C GLU G 148 -70.96 4.47 5.82
N GLU G 149 -71.45 4.49 4.59
CA GLU G 149 -71.52 3.28 3.80
C GLU G 149 -70.14 2.78 3.39
N GLU G 150 -69.32 3.68 2.85
CA GLU G 150 -67.92 3.36 2.57
C GLU G 150 -67.23 2.78 3.82
N VAL G 151 -67.31 3.51 4.95
CA VAL G 151 -66.68 3.02 6.17
C VAL G 151 -67.16 1.65 6.52
N ARG G 152 -68.47 1.47 6.49
CA ARG G 152 -69.06 0.18 6.79
C ARG G 152 -68.52 -0.86 5.82
N ARG G 153 -68.50 -0.52 4.53
CA ARG G 153 -67.99 -1.43 3.50
C ARG G 153 -66.55 -1.84 3.72
N GLU G 154 -65.68 -0.86 3.89
CA GLU G 154 -64.28 -1.11 4.22
C GLU G 154 -64.20 -2.04 5.41
N ASN G 155 -64.92 -1.69 6.48
CA ASN G 155 -64.95 -2.48 7.69
C ASN G 155 -65.36 -3.98 7.56
N GLN G 156 -66.28 -4.29 6.66
CA GLN G 156 -66.83 -5.62 6.66
C GLN G 156 -66.38 -6.42 5.49
N TRP G 157 -65.85 -5.73 4.50
CA TRP G 157 -65.42 -6.40 3.28
C TRP G 157 -63.92 -6.56 3.13
N ALA G 158 -63.16 -5.55 3.54
CA ALA G 158 -61.72 -5.54 3.32
C ALA G 158 -60.84 -5.69 4.59
N PHE G 159 -61.01 -4.80 5.57
CA PHE G 159 -60.10 -4.67 6.70
C PHE G 159 -60.57 -5.22 8.06
N GLU G 160 -60.04 -6.38 8.43
CA GLU G 160 -60.10 -6.95 9.79
C GLU G 160 -60.74 -8.35 9.94
N SER H 12 -63.13 26.49 32.41
CA SER H 12 -63.64 25.17 32.82
C SER H 12 -65.12 24.99 32.47
N CYS H 13 -65.37 24.24 31.40
CA CYS H 13 -66.72 23.83 31.03
C CYS H 13 -66.84 22.34 31.33
N VAL H 14 -68.07 21.83 31.41
CA VAL H 14 -68.27 20.40 31.70
C VAL H 14 -67.38 19.58 30.76
N ALA H 15 -66.80 18.50 31.26
CA ALA H 15 -65.92 17.69 30.40
C ALA H 15 -66.67 16.60 29.62
N THR H 16 -66.52 16.60 28.29
CA THR H 16 -67.22 15.68 27.39
C THR H 16 -66.35 14.46 27.18
N VAL H 17 -66.89 13.46 26.48
CA VAL H 17 -66.08 12.35 25.99
C VAL H 17 -65.06 12.87 24.98
N ASP H 18 -65.52 13.77 24.10
CA ASP H 18 -64.66 14.33 23.08
C ASP H 18 -63.37 14.90 23.66
N ASP H 19 -63.30 15.07 24.98
CA ASP H 19 -62.11 15.68 25.61
C ASP H 19 -61.13 14.61 26.08
N VAL H 20 -61.35 13.38 25.67
CA VAL H 20 -60.70 12.28 26.37
C VAL H 20 -60.62 11.05 25.47
N ILE H 21 -61.20 11.13 24.28
CA ILE H 21 -61.38 9.96 23.43
C ILE H 21 -60.08 9.54 22.77
N GLU H 22 -59.27 10.52 22.37
CA GLU H 22 -57.96 10.25 21.75
C GLU H 22 -57.13 9.35 22.64
N GLN H 23 -57.37 9.45 23.94
CA GLN H 23 -56.66 8.67 24.95
C GLN H 23 -57.26 7.29 25.11
N VAL H 24 -58.59 7.24 25.27
CA VAL H 24 -59.31 6.01 25.59
C VAL H 24 -59.14 5.02 24.45
N MET H 25 -59.19 5.54 23.24
CA MET H 25 -59.24 4.69 22.05
C MET H 25 -58.11 3.68 22.02
N THR H 26 -56.96 4.10 22.49
CA THR H 26 -55.81 3.23 22.47
C THR H 26 -55.91 2.12 23.52
N TYR H 27 -57.04 2.00 24.21
CA TYR H 27 -57.22 0.93 25.18
C TYR H 27 -58.23 -0.07 24.69
N ILE H 28 -58.79 0.24 23.53
CA ILE H 28 -59.69 -0.67 22.82
C ILE H 28 -58.84 -1.48 21.87
N THR H 29 -58.80 -2.77 22.12
CA THR H 29 -57.86 -3.63 21.45
C THR H 29 -58.60 -4.50 20.46
N ASP H 30 -59.83 -4.89 20.82
CA ASP H 30 -60.66 -5.78 20.01
C ASP H 30 -60.98 -5.19 18.62
N PRO H 31 -60.65 -5.94 17.57
CA PRO H 31 -60.84 -5.52 16.18
C PRO H 31 -62.29 -5.25 15.85
N LYS H 32 -63.19 -5.86 16.61
CA LYS H 32 -64.62 -5.72 16.37
C LYS H 32 -65.19 -4.50 17.09
N ASP H 33 -64.42 -3.95 18.03
CA ASP H 33 -64.86 -2.78 18.77
C ASP H 33 -64.31 -1.53 18.12
N ARG H 34 -63.11 -1.64 17.58
CA ARG H 34 -62.58 -0.60 16.70
C ARG H 34 -63.55 -0.41 15.51
N ASP H 35 -63.98 -1.52 14.94
CA ASP H 35 -64.95 -1.52 13.87
C ASP H 35 -66.13 -0.63 14.24
N SER H 36 -66.76 -0.89 15.39
CA SER H 36 -67.89 -0.08 15.82
C SER H 36 -67.45 1.35 16.07
N ALA H 37 -66.42 1.51 16.89
CA ALA H 37 -65.98 2.84 17.34
C ALA H 37 -65.72 3.76 16.18
N SER H 38 -65.31 3.18 15.05
CA SER H 38 -64.97 3.94 13.86
C SER H 38 -66.23 4.51 13.19
N LEU H 39 -67.38 4.04 13.64
CA LEU H 39 -68.65 4.36 13.03
C LEU H 39 -69.58 5.25 13.87
N VAL H 40 -69.15 5.69 15.04
CA VAL H 40 -70.02 6.51 15.86
C VAL H 40 -70.04 7.94 15.38
N CYS H 41 -69.00 8.37 14.70
CA CYS H 41 -69.00 9.72 14.13
C CYS H 41 -67.68 10.04 13.42
N ARG H 42 -67.65 11.15 12.69
CA ARG H 42 -66.47 11.54 11.96
C ARG H 42 -65.21 11.65 12.82
N ARG H 43 -65.32 12.19 14.03
CA ARG H 43 -64.11 12.40 14.82
C ARG H 43 -63.55 11.08 15.28
N TRP H 44 -64.40 10.27 15.88
CA TRP H 44 -64.02 8.94 16.31
C TRP H 44 -63.44 8.14 15.17
N PHE H 45 -64.01 8.32 13.99
CA PHE H 45 -63.49 7.63 12.84
C PHE H 45 -62.05 8.01 12.58
N LYS H 46 -61.77 9.32 12.59
CA LYS H 46 -60.41 9.79 12.34
C LYS H 46 -59.45 9.33 13.40
N ILE H 47 -59.91 9.30 14.65
CA ILE H 47 -59.05 8.88 15.76
C ILE H 47 -58.70 7.41 15.68
N ASP H 48 -59.66 6.55 15.35
CA ASP H 48 -59.36 5.14 15.16
C ASP H 48 -58.40 5.00 13.99
N SER H 49 -58.68 5.71 12.89
CA SER H 49 -57.80 5.71 11.72
C SER H 49 -56.30 5.95 12.06
N GLU H 50 -56.05 6.94 12.92
CA GLU H 50 -54.68 7.34 13.21
C GLU H 50 -54.02 6.53 14.30
N THR H 51 -54.80 5.67 14.95
CA THR H 51 -54.30 4.90 16.07
C THR H 51 -54.33 3.38 15.86
N ARG H 52 -55.04 2.92 14.85
CA ARG H 52 -55.10 1.49 14.57
C ARG H 52 -53.71 0.98 14.33
N GLU H 53 -53.34 -0.11 15.00
CA GLU H 53 -51.98 -0.63 14.91
C GLU H 53 -51.85 -1.86 14.03
N HIS H 54 -52.85 -2.73 14.06
CA HIS H 54 -52.81 -3.95 13.23
C HIS H 54 -54.08 -4.17 12.38
N VAL H 55 -53.88 -4.52 11.12
CA VAL H 55 -54.97 -4.81 10.23
C VAL H 55 -54.72 -6.14 9.54
N THR H 56 -55.79 -6.87 9.23
CA THR H 56 -55.66 -8.12 8.49
C THR H 56 -56.58 -8.14 7.30
N MET H 57 -56.05 -8.34 6.10
CA MET H 57 -56.92 -8.54 4.96
C MET H 57 -57.03 -10.03 4.65
N ALA H 58 -58.23 -10.58 4.73
CA ALA H 58 -58.37 -12.00 4.45
C ALA H 58 -58.22 -12.30 2.97
N LEU H 59 -58.35 -11.27 2.13
CA LEU H 59 -58.19 -11.40 0.68
C LEU H 59 -57.67 -10.10 0.17
N CYS H 60 -56.45 -10.14 -0.31
CA CYS H 60 -55.75 -8.95 -0.75
C CYS H 60 -56.49 -8.25 -1.90
N TYR H 61 -57.30 -9.03 -2.63
CA TYR H 61 -57.95 -8.49 -3.83
C TYR H 61 -59.21 -7.70 -3.47
N THR H 62 -59.43 -7.57 -2.17
CA THR H 62 -60.64 -6.99 -1.63
C THR H 62 -60.54 -5.48 -1.60
N ALA H 63 -59.33 -4.95 -1.67
CA ALA H 63 -59.12 -3.50 -1.68
C ALA H 63 -57.77 -3.10 -2.28
N THR H 64 -57.67 -1.86 -2.73
CA THR H 64 -56.42 -1.30 -3.23
C THR H 64 -55.45 -1.02 -2.08
N PRO H 65 -54.14 -1.15 -2.32
CA PRO H 65 -53.24 -0.80 -1.23
C PRO H 65 -53.34 0.69 -0.95
N ASP H 66 -53.72 1.48 -1.95
CA ASP H 66 -53.95 2.88 -1.68
C ASP H 66 -54.99 3.06 -0.58
N ARG H 67 -56.09 2.35 -0.73
CA ARG H 67 -57.24 2.49 0.17
C ARG H 67 -56.86 2.15 1.60
N LEU H 68 -55.98 1.18 1.75
CA LEU H 68 -55.53 0.71 3.04
C LEU H 68 -54.66 1.74 3.73
N SER H 69 -53.73 2.31 2.98
CA SER H 69 -52.79 3.25 3.54
C SER H 69 -53.50 4.56 3.88
N ARG H 70 -54.52 4.88 3.11
CA ARG H 70 -55.30 6.10 3.30
C ARG H 70 -56.08 6.01 4.61
N ARG H 71 -56.65 4.82 4.84
CA ARG H 71 -57.47 4.56 6.03
C ARG H 71 -56.68 4.39 7.32
N PHE H 72 -55.55 3.69 7.23
CA PHE H 72 -54.72 3.39 8.39
C PHE H 72 -53.25 3.71 8.18
N PRO H 73 -52.91 5.01 8.11
CA PRO H 73 -51.56 5.52 7.81
C PRO H 73 -50.50 5.01 8.80
N ASN H 74 -50.90 4.62 10.00
CA ASN H 74 -49.91 4.35 11.03
C ASN H 74 -49.92 2.92 11.50
N LEU H 75 -50.28 2.00 10.62
CA LEU H 75 -50.18 0.60 10.92
C LEU H 75 -48.81 0.28 11.43
N ARG H 76 -48.74 -0.64 12.37
CA ARG H 76 -47.48 -1.13 12.91
C ARG H 76 -47.34 -2.56 12.41
N SER H 77 -48.46 -3.23 12.26
CA SER H 77 -48.46 -4.60 11.79
C SER H 77 -49.49 -4.80 10.67
N LEU H 78 -49.12 -5.57 9.67
CA LEU H 78 -50.04 -5.92 8.57
C LEU H 78 -50.04 -7.44 8.31
N LYS H 79 -51.15 -7.94 7.76
CA LYS H 79 -51.28 -9.35 7.41
C LYS H 79 -52.18 -9.49 6.21
N LEU H 80 -51.64 -10.00 5.10
CA LEU H 80 -52.42 -10.16 3.89
C LEU H 80 -52.48 -11.61 3.54
N LYS H 81 -53.67 -12.10 3.19
CA LYS H 81 -53.83 -13.43 2.64
C LYS H 81 -54.13 -13.34 1.13
N GLY H 82 -53.69 -14.32 0.35
CA GLY H 82 -53.90 -14.28 -1.08
C GLY H 82 -54.76 -15.43 -1.57
N LYS H 83 -54.08 -16.43 -2.10
CA LYS H 83 -54.71 -17.61 -2.68
C LYS H 83 -55.71 -18.17 -1.72
N PRO H 84 -56.81 -18.68 -2.26
CA PRO H 84 -57.89 -19.37 -1.56
C PRO H 84 -57.33 -20.51 -0.72
N ARG H 85 -58.10 -20.97 0.25
CA ARG H 85 -57.65 -22.01 1.16
C ARG H 85 -57.38 -23.31 0.39
N ALA H 86 -58.10 -23.46 -0.71
CA ALA H 86 -57.98 -24.67 -1.52
C ALA H 86 -56.56 -24.85 -2.02
N ALA H 87 -55.81 -23.76 -2.09
CA ALA H 87 -54.44 -23.80 -2.60
C ALA H 87 -53.56 -24.72 -1.74
N MET H 88 -53.93 -24.85 -0.47
CA MET H 88 -53.15 -25.66 0.47
C MET H 88 -53.33 -27.13 0.15
N PHE H 89 -54.11 -27.42 -0.90
CA PHE H 89 -54.43 -28.79 -1.24
C PHE H 89 -54.18 -29.06 -2.70
N ASN H 90 -53.30 -28.27 -3.29
CA ASN H 90 -52.96 -28.39 -4.70
C ASN H 90 -54.22 -28.46 -5.54
N LEU H 91 -55.12 -27.51 -5.31
CA LEU H 91 -56.33 -27.39 -6.09
C LEU H 91 -56.32 -26.08 -6.85
N ILE H 92 -55.52 -25.13 -6.38
CA ILE H 92 -55.41 -23.84 -7.04
C ILE H 92 -54.16 -23.71 -7.90
N PRO H 93 -54.32 -23.21 -9.13
CA PRO H 93 -53.24 -22.97 -10.09
C PRO H 93 -52.15 -22.15 -9.45
N GLU H 94 -50.90 -22.41 -9.84
CA GLU H 94 -49.83 -21.71 -9.22
C GLU H 94 -49.87 -20.22 -9.55
N ASN H 95 -50.23 -19.88 -10.79
CA ASN H 95 -50.15 -18.51 -11.27
C ASN H 95 -51.40 -17.70 -10.88
N TRP H 96 -52.24 -18.26 -10.01
CA TRP H 96 -53.55 -17.67 -9.74
C TRP H 96 -53.48 -16.21 -9.34
N GLY H 97 -52.46 -15.86 -8.59
CA GLY H 97 -52.32 -14.47 -8.15
C GLY H 97 -52.10 -14.42 -6.65
N GLY H 98 -52.04 -13.23 -6.08
CA GLY H 98 -51.67 -13.09 -4.70
C GLY H 98 -50.33 -12.36 -4.68
N TYR H 99 -50.02 -11.71 -5.79
CA TYR H 99 -48.76 -11.02 -5.87
C TYR H 99 -48.69 -9.93 -4.82
N VAL H 100 -47.51 -9.74 -4.26
CA VAL H 100 -47.35 -8.98 -3.04
C VAL H 100 -46.79 -7.58 -3.37
N THR H 101 -46.32 -7.42 -4.60
CA THR H 101 -45.50 -6.25 -4.90
C THR H 101 -46.19 -4.88 -4.68
N PRO H 102 -47.41 -4.71 -5.20
CA PRO H 102 -48.16 -3.45 -5.05
C PRO H 102 -48.28 -3.09 -3.58
N TRP H 103 -48.32 -4.12 -2.74
CA TRP H 103 -48.40 -3.93 -1.31
C TRP H 103 -47.06 -3.45 -0.79
N VAL H 104 -45.96 -4.04 -1.26
CA VAL H 104 -44.71 -3.53 -0.72
C VAL H 104 -44.35 -2.16 -1.28
N THR H 105 -44.77 -1.83 -2.51
CA THR H 105 -44.45 -0.48 -2.93
C THR H 105 -45.31 0.53 -2.17
N GLU H 106 -46.43 0.05 -1.64
CA GLU H 106 -47.26 0.90 -0.79
C GLU H 106 -46.68 1.03 0.62
N ILE H 107 -46.15 -0.08 1.14
CA ILE H 107 -45.47 -0.05 2.41
C ILE H 107 -44.21 0.83 2.37
N SER H 108 -43.47 0.69 1.28
CA SER H 108 -42.30 1.50 1.04
C SER H 108 -42.66 2.98 1.15
N ASN H 109 -43.82 3.36 0.66
CA ASN H 109 -44.15 4.76 0.49
C ASN H 109 -45.04 5.40 1.53
N ASN H 110 -45.98 4.64 2.09
CA ASN H 110 -47.03 5.25 2.90
C ASN H 110 -47.28 4.61 4.24
N LEU H 111 -46.78 3.39 4.42
CA LEU H 111 -46.84 2.75 5.74
C LEU H 111 -45.53 2.85 6.50
N ARG H 112 -45.09 4.08 6.71
CA ARG H 112 -43.76 4.38 7.24
C ARG H 112 -43.56 3.98 8.69
N GLN H 113 -44.51 3.22 9.24
CA GLN H 113 -44.49 2.88 10.66
C GLN H 113 -44.47 1.40 10.86
N LEU H 114 -44.48 0.67 9.76
CA LEU H 114 -44.69 -0.75 9.78
C LEU H 114 -43.49 -1.46 10.35
N LYS H 115 -43.72 -2.34 11.31
CA LYS H 115 -42.62 -3.05 11.94
C LYS H 115 -42.82 -4.56 11.78
N SER H 116 -43.97 -4.96 11.22
CA SER H 116 -44.25 -6.39 11.08
C SER H 116 -45.18 -6.72 9.93
N VAL H 117 -44.76 -7.65 9.08
CA VAL H 117 -45.53 -8.01 7.91
C VAL H 117 -45.69 -9.48 7.85
N HIS H 118 -46.93 -9.93 7.64
CA HIS H 118 -47.23 -11.36 7.50
C HIS H 118 -47.93 -11.59 6.16
N PHE H 119 -47.27 -12.28 5.23
CA PHE H 119 -47.88 -12.69 3.97
C PHE H 119 -48.32 -14.16 4.09
N ARG H 120 -49.52 -14.46 3.62
CA ARG H 120 -50.08 -15.81 3.75
C ARG H 120 -50.68 -16.30 2.45
N ARG H 121 -50.11 -17.38 1.91
CA ARG H 121 -50.50 -17.88 0.61
C ARG H 121 -50.37 -16.83 -0.46
N MET H 122 -49.24 -16.13 -0.50
CA MET H 122 -48.98 -15.11 -1.52
C MET H 122 -47.79 -15.40 -2.45
N ILE H 123 -47.63 -14.58 -3.49
CA ILE H 123 -46.47 -14.71 -4.39
C ILE H 123 -45.44 -13.62 -4.03
N VAL H 124 -44.30 -14.04 -3.52
CA VAL H 124 -43.29 -13.05 -3.11
C VAL H 124 -41.99 -13.16 -3.91
N SER H 125 -41.63 -12.11 -4.66
CA SER H 125 -40.46 -12.14 -5.53
C SER H 125 -39.21 -11.61 -4.85
N ASP H 126 -38.04 -12.00 -5.33
CA ASP H 126 -36.79 -11.49 -4.76
C ASP H 126 -36.79 -9.99 -4.79
N LEU H 127 -37.29 -9.41 -5.87
CA LEU H 127 -37.25 -7.98 -6.03
C LEU H 127 -38.09 -7.37 -4.96
N ASP H 128 -39.34 -7.83 -4.86
CA ASP H 128 -40.26 -7.18 -3.94
C ASP H 128 -39.83 -7.39 -2.48
N LEU H 129 -39.08 -8.44 -2.20
CA LEU H 129 -38.53 -8.43 -0.86
C LEU H 129 -37.20 -7.72 -0.65
N ASP H 130 -36.40 -7.61 -1.69
CA ASP H 130 -35.28 -6.68 -1.61
C ASP H 130 -35.86 -5.30 -1.30
N ARG H 131 -36.93 -4.94 -2.01
CA ARG H 131 -37.54 -3.64 -1.87
C ARG H 131 -38.02 -3.38 -0.45
N LEU H 132 -38.64 -4.42 0.13
CA LEU H 132 -39.17 -4.37 1.49
C LEU H 132 -38.03 -4.11 2.47
N ALA H 133 -37.02 -4.99 2.40
CA ALA H 133 -35.86 -4.92 3.28
C ALA H 133 -35.27 -3.52 3.30
N LYS H 134 -34.96 -2.95 2.14
CA LYS H 134 -34.35 -1.65 2.11
C LYS H 134 -35.34 -0.61 2.65
N ALA H 135 -36.60 -0.73 2.26
CA ALA H 135 -37.59 0.31 2.61
C ALA H 135 -37.87 0.39 4.10
N ARG H 136 -37.82 -0.76 4.75
CA ARG H 136 -38.21 -0.84 6.14
C ARG H 136 -37.01 -1.11 7.06
N ALA H 137 -35.98 -1.75 6.52
CA ALA H 137 -34.69 -1.97 7.18
C ALA H 137 -34.77 -2.30 8.65
N ASP H 138 -33.96 -1.60 9.45
CA ASP H 138 -33.83 -1.91 10.87
C ASP H 138 -35.16 -1.98 11.60
N ASP H 139 -36.13 -1.19 11.15
CA ASP H 139 -37.45 -1.14 11.75
C ASP H 139 -38.26 -2.42 11.64
N LEU H 140 -37.93 -3.26 10.66
CA LEU H 140 -38.67 -4.49 10.46
C LEU H 140 -38.31 -5.50 11.56
N GLU H 141 -39.23 -5.66 12.51
CA GLU H 141 -39.02 -6.54 13.65
C GLU H 141 -39.46 -7.95 13.33
N THR H 142 -40.56 -8.09 12.59
CA THR H 142 -40.99 -9.44 12.22
C THR H 142 -41.43 -9.57 10.75
N LEU H 143 -41.14 -10.73 10.16
CA LEU H 143 -41.47 -11.03 8.77
C LEU H 143 -41.93 -12.49 8.64
N LYS H 144 -43.17 -12.70 8.20
CA LYS H 144 -43.68 -14.05 8.09
C LYS H 144 -44.03 -14.35 6.66
N LEU H 145 -43.17 -15.08 5.96
CA LEU H 145 -43.51 -15.61 4.64
C LEU H 145 -44.23 -16.96 4.77
N ASP H 146 -45.55 -16.90 4.93
CA ASP H 146 -46.37 -18.04 5.34
C ASP H 146 -46.99 -18.75 4.13
N LYS H 147 -46.45 -19.91 3.79
CA LYS H 147 -46.95 -20.63 2.62
C LYS H 147 -46.92 -19.75 1.37
N CYS H 148 -45.85 -18.99 1.19
CA CYS H 148 -45.68 -18.22 -0.04
C CYS H 148 -44.69 -18.85 -1.04
N SER H 149 -44.65 -18.31 -2.23
CA SER H 149 -43.83 -18.85 -3.28
C SER H 149 -43.26 -17.71 -4.10
N GLY H 150 -42.27 -18.03 -4.94
CA GLY H 150 -41.79 -17.10 -5.93
C GLY H 150 -40.53 -16.33 -5.66
N PHE H 151 -39.82 -16.67 -4.60
CA PHE H 151 -38.57 -15.98 -4.25
C PHE H 151 -37.43 -16.96 -4.17
N THR H 152 -36.26 -16.47 -3.75
CA THR H 152 -35.09 -17.32 -3.56
C THR H 152 -34.24 -16.83 -2.40
N THR H 153 -33.17 -17.57 -2.11
CA THR H 153 -32.27 -17.21 -1.02
C THR H 153 -31.74 -15.79 -1.16
N ASP H 154 -31.66 -15.25 -2.37
CA ASP H 154 -31.18 -13.86 -2.54
C ASP H 154 -32.13 -12.93 -1.78
N GLY H 155 -33.43 -13.15 -1.95
CA GLY H 155 -34.44 -12.44 -1.17
C GLY H 155 -34.11 -12.52 0.30
N LEU H 156 -34.14 -13.74 0.82
CA LEU H 156 -33.78 -13.96 2.21
C LEU H 156 -32.52 -13.18 2.60
N LEU H 157 -31.44 -13.36 1.85
CA LEU H 157 -30.19 -12.69 2.15
C LEU H 157 -30.40 -11.20 2.24
N SER H 158 -31.23 -10.68 1.37
CA SER H 158 -31.47 -9.25 1.36
C SER H 158 -32.12 -8.78 2.65
N ILE H 159 -33.06 -9.56 3.20
CA ILE H 159 -33.73 -9.04 4.39
C ILE H 159 -32.90 -9.25 5.63
N VAL H 160 -32.07 -10.30 5.67
CA VAL H 160 -31.25 -10.51 6.87
C VAL H 160 -30.09 -9.54 6.97
N THR H 161 -29.71 -8.94 5.85
CA THR H 161 -28.57 -8.05 5.86
C THR H 161 -29.00 -6.64 6.14
N HIS H 162 -30.18 -6.26 5.63
CA HIS H 162 -30.69 -4.88 5.76
C HIS H 162 -31.54 -4.66 7.00
N CYS H 163 -32.18 -5.74 7.47
CA CYS H 163 -33.04 -5.71 8.65
C CYS H 163 -32.30 -6.38 9.77
N ARG H 164 -31.45 -5.59 10.42
CA ARG H 164 -30.44 -6.16 11.30
C ARG H 164 -31.02 -6.50 12.66
N LYS H 165 -32.24 -6.04 12.90
CA LYS H 165 -32.88 -6.24 14.19
C LYS H 165 -34.12 -7.16 14.18
N ILE H 166 -34.27 -7.99 13.15
CA ILE H 166 -35.39 -8.92 13.11
C ILE H 166 -35.50 -9.75 14.37
N LYS H 167 -36.68 -9.75 14.99
CA LYS H 167 -36.98 -10.57 16.17
C LYS H 167 -37.63 -11.90 15.79
N THR H 168 -38.53 -11.88 14.82
CA THR H 168 -39.12 -13.13 14.35
C THR H 168 -39.17 -13.23 12.81
N LEU H 169 -38.59 -14.31 12.25
CA LEU H 169 -38.45 -14.53 10.81
C LEU H 169 -38.97 -15.92 10.46
N LEU H 170 -39.98 -16.00 9.60
CA LEU H 170 -40.67 -17.26 9.34
C LEU H 170 -40.90 -17.60 7.85
N MET H 171 -40.70 -18.85 7.46
CA MET H 171 -40.84 -19.24 6.06
C MET H 171 -41.69 -20.45 5.91
N GLU H 172 -42.26 -20.92 7.02
CA GLU H 172 -42.90 -22.24 7.06
C GLU H 172 -43.71 -22.57 5.81
N GLU H 173 -43.38 -23.69 5.19
CA GLU H 173 -44.17 -24.24 4.07
C GLU H 173 -44.09 -23.39 2.82
N SER H 174 -43.24 -22.37 2.84
CA SER H 174 -42.97 -21.58 1.66
C SER H 174 -42.08 -22.35 0.71
N SER H 175 -42.18 -22.05 -0.58
CA SER H 175 -41.36 -22.72 -1.57
C SER H 175 -40.62 -21.69 -2.39
N PHE H 176 -39.31 -21.87 -2.48
CA PHE H 176 -38.41 -20.91 -3.08
C PHE H 176 -37.30 -21.70 -3.74
N SER H 177 -36.39 -20.99 -4.39
CA SER H 177 -35.27 -21.62 -5.06
C SER H 177 -34.06 -21.44 -4.17
N GLU H 178 -33.41 -22.55 -3.78
CA GLU H 178 -32.27 -22.42 -2.86
C GLU H 178 -30.96 -22.42 -3.61
N LYS H 179 -30.32 -21.28 -3.62
CA LYS H 179 -29.10 -21.11 -4.42
C LYS H 179 -27.86 -21.26 -3.50
N ASP H 180 -28.06 -20.99 -2.21
CA ASP H 180 -26.99 -21.11 -1.23
C ASP H 180 -27.45 -21.00 0.24
N GLY H 181 -26.49 -20.82 1.12
CA GLY H 181 -26.78 -20.75 2.54
C GLY H 181 -26.40 -19.43 3.18
N LYS H 182 -25.91 -18.47 2.39
CA LYS H 182 -25.36 -17.29 3.01
C LYS H 182 -26.37 -16.56 3.88
N TRP H 183 -27.66 -16.66 3.56
CA TRP H 183 -28.67 -15.98 4.40
C TRP H 183 -28.57 -16.40 5.90
N LEU H 184 -28.51 -17.71 6.16
CA LEU H 184 -28.41 -18.22 7.56
C LEU H 184 -27.14 -17.76 8.20
N HIS H 185 -26.04 -17.88 7.46
CA HIS H 185 -24.75 -17.47 7.95
C HIS H 185 -24.69 -15.98 8.28
N GLU H 186 -25.32 -15.17 7.45
CA GLU H 186 -25.37 -13.74 7.70
C GLU H 186 -26.17 -13.44 8.96
N LEU H 187 -27.13 -14.29 9.28
CA LEU H 187 -27.86 -14.16 10.54
C LEU H 187 -26.94 -14.51 11.71
N ALA H 188 -26.31 -15.67 11.61
CA ALA H 188 -25.39 -16.12 12.63
C ALA H 188 -24.36 -15.03 12.93
N GLN H 189 -23.82 -14.42 11.88
CA GLN H 189 -22.66 -13.54 12.07
C GLN H 189 -23.00 -12.21 12.68
N HIS H 190 -24.24 -11.77 12.57
CA HIS H 190 -24.58 -10.40 12.99
C HIS H 190 -25.87 -10.22 13.82
N ASN H 191 -26.74 -11.20 13.83
CA ASN H 191 -28.02 -11.03 14.51
C ASN H 191 -27.99 -11.50 15.97
N THR H 192 -28.75 -10.78 16.80
CA THR H 192 -28.74 -10.91 18.23
C THR H 192 -30.15 -11.01 18.77
N SER H 193 -31.03 -10.29 18.08
CA SER H 193 -32.41 -10.03 18.50
C SER H 193 -33.38 -11.19 18.30
N LEU H 194 -33.01 -12.11 17.44
CA LEU H 194 -33.86 -13.24 17.09
C LEU H 194 -34.58 -13.85 18.29
N GLU H 195 -35.91 -13.92 18.19
CA GLU H 195 -36.77 -14.54 19.22
C GLU H 195 -37.49 -15.77 18.68
N VAL H 196 -37.93 -15.71 17.43
CA VAL H 196 -38.44 -16.92 16.81
C VAL H 196 -38.03 -17.07 15.35
N LEU H 197 -37.49 -18.24 15.04
CA LEU H 197 -36.99 -18.58 13.72
C LEU H 197 -37.73 -19.82 13.24
N ASN H 198 -38.25 -19.79 12.03
CA ASN H 198 -39.12 -20.85 11.60
C ASN H 198 -39.02 -21.14 10.13
N PHE H 199 -38.36 -22.24 9.76
CA PHE H 199 -38.50 -22.79 8.41
C PHE H 199 -38.97 -24.23 8.42
N TYR H 200 -40.17 -24.45 8.94
CA TYR H 200 -40.61 -25.77 9.34
C TYR H 200 -40.88 -26.77 8.20
N MET H 201 -41.47 -26.31 7.11
CA MET H 201 -41.76 -27.29 6.09
C MET H 201 -40.98 -26.96 4.85
N THR H 202 -39.67 -27.06 4.93
CA THR H 202 -38.87 -26.51 3.87
C THR H 202 -37.66 -27.35 3.49
N GLU H 203 -37.42 -27.44 2.19
CA GLU H 203 -36.26 -28.15 1.66
C GLU H 203 -35.10 -27.18 1.62
N PHE H 204 -34.30 -27.18 2.69
CA PHE H 204 -33.03 -26.47 2.68
C PHE H 204 -31.91 -27.51 2.71
N ALA H 205 -31.00 -27.48 1.76
CA ALA H 205 -29.95 -28.47 1.73
C ALA H 205 -28.58 -27.81 1.77
N LYS H 206 -28.54 -26.49 1.86
CA LYS H 206 -27.28 -25.80 1.75
C LYS H 206 -26.99 -24.94 2.97
N ILE H 207 -27.69 -25.18 4.06
CA ILE H 207 -27.42 -24.37 5.25
C ILE H 207 -26.70 -25.22 6.25
N SER H 208 -25.81 -24.57 7.01
CA SER H 208 -24.92 -25.24 7.98
C SER H 208 -25.48 -25.28 9.40
N PRO H 209 -25.64 -26.50 9.96
CA PRO H 209 -26.14 -26.55 11.34
C PRO H 209 -25.26 -25.72 12.25
N LYS H 210 -23.97 -25.59 11.91
CA LYS H 210 -23.07 -24.75 12.69
C LYS H 210 -23.64 -23.34 12.86
N ASP H 211 -24.04 -22.71 11.77
CA ASP H 211 -24.64 -21.36 11.81
C ASP H 211 -25.84 -21.29 12.77
N LEU H 212 -26.66 -22.35 12.74
CA LEU H 212 -27.86 -22.44 13.56
C LEU H 212 -27.46 -22.43 15.01
N GLU H 213 -26.42 -23.18 15.31
CA GLU H 213 -25.84 -23.22 16.65
C GLU H 213 -25.20 -21.88 17.05
N THR H 214 -24.46 -21.26 16.15
CA THR H 214 -23.90 -19.97 16.50
C THR H 214 -24.97 -18.89 16.70
N ILE H 215 -26.15 -19.10 16.14
CA ILE H 215 -27.27 -18.17 16.33
C ILE H 215 -27.84 -18.33 17.72
N ALA H 216 -28.01 -19.58 18.11
CA ALA H 216 -28.53 -19.97 19.42
C ALA H 216 -27.61 -19.39 20.47
N ARG H 217 -26.32 -19.40 20.16
CA ARG H 217 -25.31 -18.91 21.07
C ARG H 217 -25.52 -17.41 21.27
N ASN H 218 -25.78 -16.69 20.19
CA ASN H 218 -25.84 -15.22 20.20
C ASN H 218 -27.18 -14.57 20.53
N CYS H 219 -28.28 -15.31 20.41
CA CYS H 219 -29.62 -14.71 20.58
C CYS H 219 -30.20 -15.16 21.90
N ARG H 220 -30.09 -14.30 22.89
CA ARG H 220 -30.40 -14.71 24.26
C ARG H 220 -31.88 -14.95 24.40
N SER H 221 -32.67 -14.32 23.54
CA SER H 221 -34.12 -14.39 23.71
C SER H 221 -34.76 -15.40 22.78
N LEU H 222 -33.98 -16.37 22.32
CA LEU H 222 -34.47 -17.32 21.35
C LEU H 222 -35.39 -18.31 22.03
N VAL H 223 -36.66 -18.31 21.63
CA VAL H 223 -37.68 -19.08 22.32
C VAL H 223 -38.21 -20.22 21.45
N SER H 224 -38.44 -19.95 20.17
CA SER H 224 -38.95 -20.98 19.29
C SER H 224 -38.12 -21.13 18.03
N VAL H 225 -37.83 -22.37 17.66
CA VAL H 225 -37.23 -22.63 16.34
C VAL H 225 -37.75 -23.93 15.74
N LYS H 226 -38.21 -23.82 14.49
CA LYS H 226 -38.71 -24.98 13.76
C LYS H 226 -37.86 -25.05 12.51
N VAL H 227 -37.65 -26.25 12.00
CA VAL H 227 -36.55 -26.47 11.09
C VAL H 227 -36.78 -27.59 10.07
N GLY H 228 -35.91 -27.68 9.08
CA GLY H 228 -36.04 -28.67 8.01
C GLY H 228 -35.50 -30.04 8.38
N ASP H 229 -35.02 -30.78 7.39
CA ASP H 229 -34.53 -32.14 7.61
C ASP H 229 -33.08 -32.24 8.07
N PHE H 230 -32.66 -31.35 8.98
CA PHE H 230 -31.37 -31.48 9.66
C PHE H 230 -31.25 -32.80 10.40
N GLU H 231 -30.06 -33.37 10.48
CA GLU H 231 -29.87 -34.55 11.31
C GLU H 231 -29.80 -34.08 12.77
N ILE H 232 -30.73 -34.54 13.60
CA ILE H 232 -30.75 -34.12 14.99
C ILE H 232 -29.35 -34.11 15.61
N LEU H 233 -28.59 -35.20 15.41
CA LEU H 233 -27.26 -35.31 16.03
C LEU H 233 -26.38 -34.10 15.72
N GLU H 234 -26.56 -33.53 14.53
CA GLU H 234 -25.79 -32.35 14.16
C GLU H 234 -26.21 -31.10 14.93
N LEU H 235 -27.29 -31.23 15.68
CA LEU H 235 -27.84 -30.08 16.38
C LEU H 235 -27.54 -30.09 17.87
N VAL H 236 -26.69 -31.02 18.34
CA VAL H 236 -26.50 -31.13 19.78
C VAL H 236 -25.82 -29.87 20.28
N GLY H 237 -24.94 -29.34 19.44
CA GLY H 237 -24.27 -28.09 19.74
C GLY H 237 -25.33 -27.05 19.98
N PHE H 238 -26.19 -26.91 18.98
CA PHE H 238 -27.36 -26.05 19.06
C PHE H 238 -28.12 -26.16 20.39
N PHE H 239 -28.66 -27.35 20.68
CA PHE H 239 -29.52 -27.53 21.83
C PHE H 239 -28.84 -27.07 23.13
N LYS H 240 -27.58 -27.40 23.31
CA LYS H 240 -26.87 -26.94 24.49
C LYS H 240 -26.85 -25.40 24.54
N ALA H 241 -26.64 -24.79 23.39
CA ALA H 241 -26.50 -23.35 23.34
C ALA H 241 -27.84 -22.64 23.54
N ALA H 242 -28.92 -23.28 23.09
CA ALA H 242 -30.25 -22.65 23.08
C ALA H 242 -30.96 -22.72 24.43
N ALA H 243 -30.44 -22.02 25.41
CA ALA H 243 -30.91 -22.13 26.78
C ALA H 243 -32.40 -21.90 26.98
N ASN H 244 -32.89 -20.80 26.44
CA ASN H 244 -34.28 -20.42 26.69
C ASN H 244 -35.30 -21.01 25.77
N LEU H 245 -34.88 -21.99 24.97
CA LEU H 245 -35.74 -22.58 23.97
C LEU H 245 -36.95 -23.20 24.63
N GLU H 246 -38.14 -22.85 24.14
CA GLU H 246 -39.39 -23.44 24.60
C GLU H 246 -40.07 -24.31 23.55
N GLU H 247 -39.78 -24.04 22.28
CA GLU H 247 -40.41 -24.78 21.21
C GLU H 247 -39.36 -25.23 20.23
N PHE H 248 -39.43 -26.49 19.83
CA PHE H 248 -38.65 -26.97 18.70
C PHE H 248 -39.45 -27.98 17.92
N CYS H 249 -39.57 -27.78 16.61
CA CYS H 249 -40.15 -28.78 15.75
C CYS H 249 -39.18 -28.92 14.60
N GLY H 250 -39.18 -30.07 13.95
CA GLY H 250 -38.38 -30.22 12.76
C GLY H 250 -37.24 -31.19 13.03
N GLY H 251 -36.21 -31.11 12.19
CA GLY H 251 -35.12 -32.03 12.30
C GLY H 251 -35.47 -33.38 11.71
N SER H 252 -34.51 -34.29 11.81
CA SER H 252 -34.59 -35.60 11.20
C SER H 252 -33.92 -36.64 12.12
N LEU H 253 -34.72 -37.57 12.62
CA LEU H 253 -34.20 -38.72 13.35
C LEU H 253 -33.99 -39.87 12.36
N ASN H 254 -32.72 -40.16 12.07
CA ASN H 254 -32.36 -41.22 11.15
C ASN H 254 -31.68 -42.32 11.90
N GLU H 255 -32.34 -43.46 11.99
CA GLU H 255 -31.76 -44.58 12.72
C GLU H 255 -31.03 -45.47 11.73
N ASP H 256 -29.79 -45.81 12.05
CA ASP H 256 -29.13 -46.93 11.42
C ASP H 256 -29.08 -48.03 12.47
N ILE H 257 -28.86 -49.28 12.04
CA ILE H 257 -28.85 -50.40 12.96
C ILE H 257 -27.53 -50.46 13.71
N GLY H 258 -26.46 -50.01 13.03
CA GLY H 258 -25.13 -49.92 13.61
C GLY H 258 -25.05 -49.18 14.93
N MET H 259 -26.06 -48.36 15.21
CA MET H 259 -26.16 -47.67 16.50
C MET H 259 -27.56 -47.86 17.05
N PRO H 260 -27.69 -48.73 18.05
CA PRO H 260 -28.98 -48.98 18.69
C PRO H 260 -29.28 -47.81 19.63
N GLU H 261 -28.22 -47.28 20.21
CA GLU H 261 -28.34 -46.10 21.06
C GLU H 261 -27.72 -44.92 20.36
N LYS H 262 -28.18 -44.64 19.15
CA LYS H 262 -27.70 -43.47 18.42
C LYS H 262 -28.07 -42.16 19.13
N TYR H 263 -29.28 -42.09 19.68
CA TYR H 263 -29.78 -40.89 20.32
C TYR H 263 -30.22 -41.15 21.75
N MET H 264 -29.33 -41.43 22.67
CA MET H 264 -29.83 -41.61 24.01
C MET H 264 -29.16 -40.60 24.88
N ASN H 265 -28.27 -39.85 24.23
CA ASN H 265 -27.52 -38.81 24.90
C ASN H 265 -27.85 -37.43 24.32
N LEU H 266 -29.14 -37.10 24.35
CA LEU H 266 -29.61 -35.82 23.88
C LEU H 266 -29.89 -34.84 25.01
N VAL H 267 -29.13 -33.76 25.02
CA VAL H 267 -29.44 -32.63 25.87
C VAL H 267 -30.59 -31.86 25.22
N PHE H 268 -31.81 -31.97 25.70
CA PHE H 268 -32.83 -31.02 25.24
C PHE H 268 -32.87 -29.82 26.17
N PRO H 269 -33.02 -28.62 25.62
CA PRO H 269 -33.08 -27.44 26.47
C PRO H 269 -34.08 -27.65 27.60
N ARG H 270 -33.80 -27.07 28.75
CA ARG H 270 -34.59 -27.36 29.95
C ARG H 270 -36.05 -26.94 29.83
N LYS H 271 -36.30 -25.77 29.25
CA LYS H 271 -37.66 -25.27 29.22
C LYS H 271 -38.55 -25.90 28.14
N LEU H 272 -37.93 -26.69 27.26
CA LEU H 272 -38.61 -27.24 26.08
C LEU H 272 -39.94 -27.89 26.47
N CYS H 273 -41.05 -27.37 25.94
CA CYS H 273 -42.39 -27.86 26.30
C CYS H 273 -43.38 -27.92 25.13
N ARG H 274 -42.95 -27.44 23.97
CA ARG H 274 -43.76 -27.49 22.77
C ARG H 274 -42.84 -28.07 21.72
N LEU H 275 -43.16 -29.24 21.17
CA LEU H 275 -42.24 -29.88 20.24
C LEU H 275 -42.81 -30.95 19.30
N GLY H 276 -42.01 -31.28 18.28
CA GLY H 276 -42.29 -32.38 17.38
C GLY H 276 -41.05 -32.73 16.58
N LEU H 277 -40.51 -33.92 16.80
CA LEU H 277 -39.32 -34.36 16.08
C LEU H 277 -39.73 -35.19 14.87
N SER H 278 -39.18 -34.84 13.71
CA SER H 278 -39.64 -35.45 12.47
C SER H 278 -39.09 -36.85 12.31
N TYR H 279 -39.93 -37.74 11.79
CA TYR H 279 -39.52 -39.13 11.50
C TYR H 279 -39.27 -39.98 12.75
N MET H 280 -39.54 -39.41 13.91
CA MET H 280 -39.36 -40.10 15.19
C MET H 280 -40.06 -41.47 15.26
N GLY H 281 -39.26 -42.54 15.35
CA GLY H 281 -39.77 -43.89 15.50
C GLY H 281 -39.87 -44.35 16.95
N PRO H 282 -40.27 -45.61 17.16
CA PRO H 282 -40.52 -46.06 18.52
C PRO H 282 -39.21 -46.16 19.26
N ASN H 283 -38.13 -46.42 18.51
CA ASN H 283 -36.80 -46.56 19.11
C ASN H 283 -36.23 -45.29 19.71
N GLU H 284 -36.53 -44.15 19.10
CA GLU H 284 -36.03 -42.85 19.57
C GLU H 284 -37.06 -42.09 20.43
N MET H 285 -38.32 -42.49 20.31
CA MET H 285 -39.40 -41.95 21.13
C MET H 285 -39.04 -41.73 22.61
N PRO H 286 -38.28 -42.67 23.20
CA PRO H 286 -37.95 -42.61 24.62
C PRO H 286 -37.19 -41.40 25.10
N ILE H 287 -36.54 -40.68 24.19
CA ILE H 287 -35.74 -39.55 24.62
C ILE H 287 -36.59 -38.41 25.15
N LEU H 288 -37.90 -38.56 25.02
CA LEU H 288 -38.86 -37.57 25.48
C LEU H 288 -39.35 -37.83 26.90
N PHE H 289 -39.31 -39.10 27.30
CA PHE H 289 -39.79 -39.49 28.63
C PHE H 289 -39.22 -38.64 29.79
N PRO H 290 -37.90 -38.39 29.78
CA PRO H 290 -37.22 -37.60 30.81
C PRO H 290 -37.94 -36.33 31.24
N PHE H 291 -38.86 -35.84 30.42
CA PHE H 291 -39.53 -34.58 30.73
C PHE H 291 -40.91 -34.49 30.10
N ALA H 292 -41.50 -35.63 29.78
CA ALA H 292 -42.85 -35.66 29.22
C ALA H 292 -43.86 -34.91 30.09
N ALA H 293 -43.60 -34.82 31.39
CA ALA H 293 -44.52 -34.21 32.32
C ALA H 293 -44.77 -32.77 31.93
N GLN H 294 -43.82 -32.24 31.20
CA GLN H 294 -43.69 -30.81 30.98
C GLN H 294 -44.23 -30.39 29.62
N ILE H 295 -44.32 -31.35 28.71
CA ILE H 295 -44.78 -31.14 27.35
C ILE H 295 -46.24 -30.71 27.28
N ARG H 296 -46.50 -29.61 26.58
CA ARG H 296 -47.85 -29.05 26.47
C ARG H 296 -48.36 -29.04 25.01
N LYS H 297 -47.44 -29.11 24.05
CA LYS H 297 -47.80 -29.21 22.65
C LYS H 297 -47.02 -30.36 22.02
N LEU H 298 -47.69 -31.16 21.21
CA LEU H 298 -47.04 -32.29 20.59
C LEU H 298 -47.36 -32.34 19.08
N ASP H 299 -46.34 -32.53 18.25
CA ASP H 299 -46.54 -32.54 16.81
C ASP H 299 -46.05 -33.83 16.20
N LEU H 300 -46.84 -34.89 16.36
CA LEU H 300 -46.49 -36.20 15.82
C LEU H 300 -47.02 -36.30 14.41
N LEU H 301 -47.11 -35.16 13.75
CA LEU H 301 -47.68 -35.10 12.42
C LEU H 301 -46.79 -35.88 11.48
N TYR H 302 -45.49 -35.68 11.63
CA TYR H 302 -44.54 -36.26 10.68
C TYR H 302 -43.72 -37.34 11.35
N ALA H 303 -44.35 -38.02 12.30
CA ALA H 303 -43.68 -39.01 13.10
C ALA H 303 -43.93 -40.41 12.57
N LEU H 304 -42.96 -41.29 12.76
CA LEU H 304 -43.04 -42.65 12.25
C LEU H 304 -43.38 -43.69 13.30
N LEU H 305 -44.29 -43.35 14.20
CA LEU H 305 -44.66 -44.33 15.21
C LEU H 305 -46.13 -44.78 15.12
N GLU H 306 -46.39 -46.00 15.58
CA GLU H 306 -47.66 -46.68 15.31
C GLU H 306 -48.64 -46.58 16.45
N THR H 307 -49.84 -47.08 16.22
CA THR H 307 -50.92 -46.82 17.15
C THR H 307 -50.54 -47.17 18.60
N GLU H 308 -49.87 -48.29 18.78
CA GLU H 308 -49.48 -48.69 20.13
C GLU H 308 -48.50 -47.70 20.75
N ASP H 309 -47.48 -47.34 19.98
CA ASP H 309 -46.47 -46.38 20.40
C ASP H 309 -47.07 -45.03 20.74
N HIS H 310 -48.19 -44.67 20.10
CA HIS H 310 -48.86 -43.42 20.45
C HIS H 310 -49.34 -43.46 21.86
N CYS H 311 -50.07 -44.52 22.20
CA CYS H 311 -50.67 -44.66 23.51
C CYS H 311 -49.62 -44.55 24.59
N THR H 312 -48.48 -45.20 24.39
CA THR H 312 -47.45 -45.24 25.42
C THR H 312 -46.86 -43.85 25.70
N LEU H 313 -46.81 -43.00 24.68
CA LEU H 313 -46.32 -41.63 24.84
C LEU H 313 -47.38 -40.67 25.37
N ILE H 314 -48.54 -40.61 24.70
CA ILE H 314 -49.66 -39.80 25.17
C ILE H 314 -49.89 -39.99 26.66
N GLN H 315 -49.88 -41.26 27.06
CA GLN H 315 -50.12 -41.68 28.42
C GLN H 315 -49.17 -40.97 29.39
N LYS H 316 -48.06 -40.47 28.87
CA LYS H 316 -47.03 -39.88 29.73
C LYS H 316 -47.10 -38.36 29.85
N CYS H 317 -48.07 -37.74 29.18
CA CYS H 317 -48.14 -36.27 29.07
C CYS H 317 -49.47 -35.75 29.55
N PRO H 318 -49.64 -35.69 30.87
CA PRO H 318 -50.90 -35.28 31.49
C PRO H 318 -51.24 -33.82 31.26
N ASN H 319 -50.23 -33.03 30.90
CA ASN H 319 -50.43 -31.59 30.80
C ASN H 319 -50.52 -31.09 29.38
N LEU H 320 -50.46 -32.03 28.45
CA LEU H 320 -50.67 -31.78 27.03
C LEU H 320 -51.94 -31.00 26.83
N GLU H 321 -51.86 -29.88 26.12
CA GLU H 321 -53.07 -29.17 25.72
C GLU H 321 -53.26 -29.06 24.23
N VAL H 322 -52.18 -29.25 23.47
CA VAL H 322 -52.30 -29.34 22.02
C VAL H 322 -51.65 -30.57 21.45
N LEU H 323 -52.37 -31.32 20.64
CA LEU H 323 -51.81 -32.50 20.01
C LEU H 323 -52.23 -32.51 18.55
N GLU H 324 -51.25 -32.70 17.68
CA GLU H 324 -51.49 -32.83 16.27
C GLU H 324 -50.93 -34.17 15.87
N THR H 325 -51.73 -35.01 15.24
CA THR H 325 -51.23 -36.30 14.78
C THR H 325 -51.95 -36.82 13.53
N ARG H 326 -51.51 -37.97 13.01
CA ARG H 326 -52.18 -38.60 11.88
C ARG H 326 -53.19 -39.60 12.42
N ASN H 327 -54.06 -40.12 11.57
CA ASN H 327 -55.14 -40.99 12.03
C ASN H 327 -54.65 -42.31 12.66
N VAL H 328 -53.37 -42.61 12.47
CA VAL H 328 -52.73 -43.75 13.11
C VAL H 328 -52.94 -43.79 14.60
N ILE H 329 -53.07 -42.61 15.22
CA ILE H 329 -53.39 -42.47 16.64
C ILE H 329 -54.44 -43.50 17.05
N GLY H 330 -55.40 -43.73 16.15
CA GLY H 330 -56.41 -44.76 16.34
C GLY H 330 -57.44 -44.50 17.41
N ASP H 331 -58.51 -45.32 17.39
CA ASP H 331 -59.49 -45.25 18.45
C ASP H 331 -58.79 -45.51 19.77
N ARG H 332 -57.93 -46.54 19.79
CA ARG H 332 -57.21 -46.90 21.01
C ARG H 332 -56.45 -45.69 21.55
N GLY H 333 -55.70 -45.03 20.67
CA GLY H 333 -54.97 -43.84 21.02
C GLY H 333 -55.87 -42.76 21.60
N LEU H 334 -56.99 -42.52 20.94
CA LEU H 334 -57.92 -41.50 21.41
C LEU H 334 -58.43 -41.82 22.81
N GLU H 335 -58.67 -43.09 23.10
CA GLU H 335 -59.11 -43.51 24.43
C GLU H 335 -58.06 -43.17 25.49
N VAL H 336 -56.79 -43.40 25.17
CA VAL H 336 -55.70 -43.09 26.09
C VAL H 336 -55.73 -41.62 26.40
N LEU H 337 -55.81 -40.83 25.33
CA LEU H 337 -55.84 -39.38 25.43
C LEU H 337 -56.95 -38.95 26.35
N ALA H 338 -58.07 -39.67 26.24
CA ALA H 338 -59.31 -39.34 26.91
C ALA H 338 -59.21 -39.19 28.42
N GLN H 339 -58.41 -40.01 29.11
CA GLN H 339 -58.33 -39.77 30.55
C GLN H 339 -57.00 -39.31 31.09
N TYR H 340 -55.95 -39.33 30.28
CA TYR H 340 -54.68 -38.82 30.77
C TYR H 340 -54.50 -37.32 30.55
N CYS H 341 -55.09 -36.82 29.48
CA CYS H 341 -54.91 -35.42 29.12
C CYS H 341 -56.23 -34.71 29.21
N LYS H 342 -56.56 -34.20 30.39
CA LYS H 342 -57.88 -33.62 30.59
C LYS H 342 -57.89 -32.17 30.14
N GLN H 343 -56.70 -31.57 30.07
CA GLN H 343 -56.58 -30.13 29.79
C GLN H 343 -56.47 -29.89 28.29
N LEU H 344 -56.60 -30.94 27.50
CA LEU H 344 -56.49 -30.81 26.07
C LEU H 344 -57.41 -29.74 25.56
N LYS H 345 -56.87 -28.84 24.72
CA LYS H 345 -57.63 -27.74 24.14
C LYS H 345 -57.75 -27.83 22.61
N ARG H 346 -56.75 -28.38 21.95
CA ARG H 346 -56.76 -28.44 20.48
C ARG H 346 -56.27 -29.80 20.03
N LEU H 347 -57.04 -30.43 19.13
CA LEU H 347 -56.67 -31.74 18.60
C LEU H 347 -56.88 -31.77 17.08
N ARG H 348 -55.85 -32.19 16.36
CA ARG H 348 -55.96 -32.31 14.91
C ARG H 348 -55.50 -33.69 14.50
N ILE H 349 -56.32 -34.38 13.74
CA ILE H 349 -56.00 -35.72 13.28
C ILE H 349 -55.94 -35.76 11.75
N GLU H 350 -54.84 -35.33 11.15
CA GLU H 350 -54.72 -35.32 9.69
C GLU H 350 -54.81 -36.74 9.20
N ARG H 351 -55.04 -36.94 7.91
CA ARG H 351 -55.17 -38.30 7.40
C ARG H 351 -53.87 -38.87 6.84
N GLY H 352 -53.53 -40.08 7.29
CA GLY H 352 -52.28 -40.75 7.00
C GLY H 352 -52.30 -41.52 5.72
N ALA H 353 -51.34 -42.44 5.53
CA ALA H 353 -51.25 -43.19 4.28
C ALA H 353 -52.42 -44.15 4.05
N ASP H 354 -53.40 -43.69 3.29
CA ASP H 354 -54.60 -44.49 3.00
C ASP H 354 -54.40 -45.33 1.76
N GLU H 355 -53.22 -45.93 1.66
CA GLU H 355 -52.86 -46.76 0.52
C GLU H 355 -52.76 -48.25 0.90
N GLN H 356 -51.64 -48.63 1.50
CA GLN H 356 -51.42 -50.01 1.95
C GLN H 356 -52.03 -50.26 3.34
N GLY H 357 -53.30 -50.67 3.36
CA GLY H 357 -54.09 -50.67 4.58
C GLY H 357 -54.07 -49.26 5.14
N MET H 358 -54.56 -49.05 6.36
CA MET H 358 -54.22 -47.81 7.05
C MET H 358 -52.73 -47.93 7.37
N GLU H 359 -52.24 -47.29 8.41
CA GLU H 359 -50.83 -47.49 8.75
C GLU H 359 -50.66 -48.67 9.74
N ASP H 360 -51.78 -49.09 10.32
CA ASP H 360 -51.92 -50.40 10.96
C ASP H 360 -53.40 -50.82 10.95
N GLU H 361 -53.78 -51.84 11.73
CA GLU H 361 -55.18 -52.31 11.77
C GLU H 361 -56.03 -51.62 12.87
N GLU H 362 -55.36 -50.81 13.69
CA GLU H 362 -56.03 -49.94 14.65
C GLU H 362 -56.01 -48.48 14.16
N GLY H 363 -55.35 -48.24 13.02
CA GLY H 363 -55.18 -46.91 12.44
C GLY H 363 -56.43 -46.31 11.82
N LEU H 364 -57.57 -46.64 12.41
CA LEU H 364 -58.85 -46.05 12.05
C LEU H 364 -59.35 -45.31 13.28
N VAL H 365 -59.97 -44.16 13.06
CA VAL H 365 -60.73 -43.49 14.10
C VAL H 365 -62.21 -43.57 13.77
N SER H 366 -63.05 -43.70 14.81
CA SER H 366 -64.45 -44.04 14.63
C SER H 366 -65.31 -43.44 15.72
N GLN H 367 -66.62 -43.69 15.61
CA GLN H 367 -67.60 -43.37 16.65
C GLN H 367 -67.00 -43.66 18.01
N ARG H 368 -66.36 -44.83 18.14
CA ARG H 368 -65.79 -45.29 19.40
C ARG H 368 -64.85 -44.23 19.97
N GLY H 369 -63.83 -43.89 19.19
CA GLY H 369 -62.83 -42.91 19.59
C GLY H 369 -63.47 -41.57 19.88
N LEU H 370 -64.34 -41.12 18.99
CA LEU H 370 -64.92 -39.79 19.15
C LEU H 370 -65.69 -39.67 20.44
N ILE H 371 -66.58 -40.64 20.69
CA ILE H 371 -67.46 -40.54 21.87
C ILE H 371 -66.63 -40.68 23.13
N ALA H 372 -65.54 -41.44 23.05
CA ALA H 372 -64.59 -41.55 24.16
C ALA H 372 -63.95 -40.21 24.48
N LEU H 373 -63.48 -39.56 23.42
CA LEU H 373 -62.81 -38.27 23.50
C LEU H 373 -63.73 -37.19 24.03
N ALA H 374 -64.96 -37.17 23.52
CA ALA H 374 -65.98 -36.22 23.92
C ALA H 374 -66.19 -36.23 25.43
N GLN H 375 -66.03 -37.40 26.02
CA GLN H 375 -66.27 -37.57 27.44
C GLN H 375 -65.06 -37.17 28.26
N GLY H 376 -63.86 -37.46 27.77
CA GLY H 376 -62.65 -37.16 28.51
C GLY H 376 -62.17 -35.72 28.46
N CYS H 377 -61.97 -35.20 27.26
CA CYS H 377 -61.33 -33.90 27.06
C CYS H 377 -62.37 -32.83 26.83
N GLN H 378 -63.05 -32.42 27.89
CA GLN H 378 -64.20 -31.54 27.71
C GLN H 378 -63.80 -30.08 27.54
N GLU H 379 -62.52 -29.81 27.68
CA GLU H 379 -62.09 -28.43 27.54
C GLU H 379 -61.74 -28.08 26.10
N LEU H 380 -61.87 -29.06 25.19
CA LEU H 380 -61.56 -28.86 23.78
C LEU H 380 -62.20 -27.63 23.15
N GLU H 381 -61.40 -26.86 22.43
CA GLU H 381 -61.84 -25.65 21.76
C GLU H 381 -61.66 -25.80 20.26
N TYR H 382 -60.73 -26.65 19.85
CA TYR H 382 -60.49 -26.89 18.43
C TYR H 382 -60.38 -28.39 18.18
N MET H 383 -61.18 -28.90 17.27
CA MET H 383 -61.15 -30.31 16.97
C MET H 383 -61.29 -30.53 15.50
N ALA H 384 -60.24 -31.01 14.86
CA ALA H 384 -60.31 -31.33 13.43
C ALA H 384 -59.90 -32.77 13.21
N VAL H 385 -60.76 -33.53 12.55
CA VAL H 385 -60.61 -34.98 12.49
C VAL H 385 -61.00 -35.60 11.15
N TYR H 386 -60.15 -36.49 10.65
CA TYR H 386 -60.47 -37.32 9.51
C TYR H 386 -60.84 -38.68 10.05
N VAL H 387 -62.12 -38.99 9.99
CA VAL H 387 -62.65 -40.20 10.58
C VAL H 387 -62.93 -41.27 9.52
N SER H 388 -62.86 -42.54 9.89
CA SER H 388 -63.17 -43.61 8.94
C SER H 388 -64.59 -44.12 9.09
N ASP H 389 -65.29 -43.68 10.14
CA ASP H 389 -66.66 -44.11 10.39
C ASP H 389 -67.33 -43.33 11.51
N ILE H 390 -68.54 -42.79 11.28
CA ILE H 390 -69.31 -42.10 12.33
C ILE H 390 -70.72 -42.63 12.57
N THR H 391 -71.30 -42.14 13.66
CA THR H 391 -72.66 -42.45 14.06
C THR H 391 -73.30 -41.19 14.57
N ASN H 392 -74.61 -41.03 14.33
CA ASN H 392 -75.32 -39.86 14.86
C ASN H 392 -75.02 -39.71 16.32
N GLU H 393 -74.83 -40.85 16.99
CA GLU H 393 -74.67 -40.85 18.45
C GLU H 393 -73.48 -40.00 18.85
N SER H 394 -72.37 -40.23 18.15
CA SER H 394 -71.12 -39.57 18.47
C SER H 394 -71.24 -38.06 18.36
N LEU H 395 -71.89 -37.58 17.31
CA LEU H 395 -72.09 -36.14 17.20
C LEU H 395 -72.89 -35.61 18.38
N GLU H 396 -73.84 -36.38 18.87
CA GLU H 396 -74.65 -35.94 20.00
C GLU H 396 -73.78 -35.77 21.24
N SER H 397 -72.85 -36.70 21.43
CA SER H 397 -71.98 -36.65 22.59
C SER H 397 -71.02 -35.49 22.50
N ILE H 398 -70.61 -35.14 21.28
CA ILE H 398 -69.82 -33.95 21.05
C ILE H 398 -70.58 -32.73 21.59
N GLY H 399 -71.75 -32.50 21.00
CA GLY H 399 -72.58 -31.36 21.35
C GLY H 399 -73.05 -31.42 22.80
N THR H 400 -72.88 -32.59 23.41
CA THR H 400 -73.34 -32.80 24.76
C THR H 400 -72.29 -32.44 25.81
N TYR H 401 -71.03 -32.81 25.56
CA TYR H 401 -69.97 -32.71 26.56
C TYR H 401 -68.98 -31.54 26.41
N LEU H 402 -68.59 -31.19 25.19
CA LEU H 402 -67.57 -30.14 25.03
C LEU H 402 -68.13 -28.83 24.51
N LYS H 403 -68.37 -27.91 25.43
CA LYS H 403 -69.19 -26.77 25.14
C LYS H 403 -68.43 -25.64 24.49
N ASN H 404 -67.20 -25.41 24.91
CA ASN H 404 -66.47 -24.28 24.36
C ASN H 404 -65.61 -24.66 23.16
N LEU H 405 -66.11 -25.63 22.42
CA LEU H 405 -65.66 -25.92 21.06
C LEU H 405 -65.96 -24.72 20.18
N CYS H 406 -64.92 -24.14 19.57
CA CYS H 406 -65.08 -22.98 18.69
C CYS H 406 -64.88 -23.37 17.24
N ASP H 407 -64.06 -24.38 17.00
CA ASP H 407 -63.68 -24.75 15.65
C ASP H 407 -63.83 -26.25 15.58
N PHE H 408 -64.78 -26.73 14.77
CA PHE H 408 -64.98 -28.16 14.61
C PHE H 408 -64.97 -28.55 13.15
N ARG H 409 -64.11 -29.52 12.80
CA ARG H 409 -63.98 -29.98 11.43
C ARG H 409 -63.99 -31.49 11.38
N LEU H 410 -64.84 -32.05 10.52
CA LEU H 410 -65.01 -33.49 10.38
C LEU H 410 -64.98 -33.83 8.90
N VAL H 411 -64.19 -34.82 8.51
CA VAL H 411 -64.17 -35.26 7.12
C VAL H 411 -64.16 -36.78 7.16
N LEU H 412 -65.08 -37.45 6.46
CA LEU H 412 -65.06 -38.92 6.51
C LEU H 412 -64.52 -39.57 5.24
N LEU H 413 -63.48 -40.41 5.42
CA LEU H 413 -62.78 -41.07 4.32
C LEU H 413 -63.66 -42.05 3.53
N ASP H 414 -63.39 -42.14 2.23
CA ASP H 414 -64.16 -42.98 1.33
C ASP H 414 -63.63 -44.40 1.34
N ARG H 415 -62.61 -44.64 2.17
CA ARG H 415 -61.98 -45.96 2.31
C ARG H 415 -63.02 -47.03 2.63
N GLU H 416 -63.82 -46.75 3.65
CA GLU H 416 -64.86 -47.66 4.10
C GLU H 416 -66.05 -47.69 3.13
N GLU H 417 -66.63 -48.88 2.97
CA GLU H 417 -67.71 -49.09 2.03
C GLU H 417 -69.06 -48.78 2.66
N ARG H 418 -69.36 -49.48 3.76
CA ARG H 418 -70.58 -49.22 4.51
C ARG H 418 -70.24 -48.41 5.76
N ILE H 419 -71.07 -47.40 6.02
CA ILE H 419 -70.94 -46.62 7.24
C ILE H 419 -72.15 -46.94 8.09
N THR H 420 -71.89 -47.34 9.34
CA THR H 420 -72.94 -47.79 10.26
C THR H 420 -74.30 -47.16 9.97
N ASP H 421 -74.62 -46.06 10.64
CA ASP H 421 -75.88 -45.37 10.33
C ASP H 421 -75.52 -44.12 9.55
N LEU H 422 -76.12 -43.91 8.39
CA LEU H 422 -75.62 -42.80 7.58
C LEU H 422 -76.26 -41.43 7.77
N PRO H 423 -77.49 -41.20 7.24
CA PRO H 423 -77.98 -39.81 7.29
C PRO H 423 -77.81 -39.19 8.69
N LEU H 424 -76.99 -38.13 8.77
CA LEU H 424 -76.52 -37.63 10.07
C LEU H 424 -77.34 -36.45 10.55
N ASP H 425 -78.47 -36.25 9.89
CA ASP H 425 -79.33 -35.09 10.14
C ASP H 425 -79.54 -34.74 11.63
N ASN H 426 -79.69 -35.77 12.47
CA ASN H 426 -80.05 -35.53 13.85
C ASN H 426 -78.84 -35.35 14.75
N GLY H 427 -77.72 -35.96 14.34
CA GLY H 427 -76.44 -35.77 14.99
C GLY H 427 -75.90 -34.37 14.79
N VAL H 428 -75.85 -33.92 13.55
CA VAL H 428 -75.38 -32.58 13.24
C VAL H 428 -76.15 -31.62 14.09
N ARG H 429 -77.46 -31.77 14.06
CA ARG H 429 -78.35 -30.90 14.81
C ARG H 429 -77.97 -30.80 16.28
N SER H 430 -77.87 -31.93 16.97
CA SER H 430 -77.65 -31.84 18.41
C SER H 430 -76.30 -31.19 18.69
N LEU H 431 -75.37 -31.42 17.76
CA LEU H 431 -74.02 -30.87 17.89
C LEU H 431 -74.07 -29.36 17.79
N LEU H 432 -74.65 -28.86 16.70
CA LEU H 432 -74.78 -27.41 16.49
C LEU H 432 -75.53 -26.75 17.62
N ILE H 433 -76.40 -27.52 18.28
CA ILE H 433 -77.22 -26.97 19.35
C ILE H 433 -76.50 -26.96 20.69
N GLY H 434 -75.66 -27.97 20.90
CA GLY H 434 -74.82 -28.06 22.10
C GLY H 434 -73.63 -27.12 22.16
N CYS H 435 -72.89 -27.00 21.05
CA CYS H 435 -71.72 -26.13 20.99
C CYS H 435 -72.13 -24.80 20.40
N LYS H 436 -72.50 -23.89 21.25
CA LYS H 436 -73.03 -22.64 20.75
C LYS H 436 -71.95 -21.59 20.64
N LYS H 437 -70.71 -21.99 20.93
CA LYS H 437 -69.59 -21.06 20.84
C LYS H 437 -68.93 -21.17 19.47
N LEU H 438 -69.42 -22.14 18.69
CA LEU H 438 -68.86 -22.51 17.39
C LEU H 438 -68.82 -21.33 16.41
N ARG H 439 -67.63 -21.02 15.90
CA ARG H 439 -67.44 -19.95 14.90
C ARG H 439 -66.99 -20.49 13.53
N ARG H 440 -66.28 -21.62 13.50
CA ARG H 440 -65.82 -22.21 12.27
C ARG H 440 -66.24 -23.64 12.29
N PHE H 441 -66.78 -24.11 11.18
CA PHE H 441 -67.35 -25.45 11.14
C PHE H 441 -67.15 -26.08 9.76
N ALA H 442 -66.60 -27.29 9.72
CA ALA H 442 -66.39 -27.98 8.45
C ALA H 442 -66.88 -29.40 8.54
N PHE H 443 -67.63 -29.81 7.52
CA PHE H 443 -68.40 -31.06 7.52
C PHE H 443 -68.35 -31.68 6.13
N TYR H 444 -67.49 -32.66 5.94
CA TYR H 444 -67.21 -33.21 4.61
C TYR H 444 -67.57 -34.67 4.59
N LEU H 445 -68.63 -35.01 3.86
CA LEU H 445 -69.15 -36.38 3.88
C LEU H 445 -69.10 -37.10 2.52
N ARG H 446 -69.80 -38.23 2.44
CA ARG H 446 -70.02 -38.96 1.19
C ARG H 446 -71.46 -38.63 0.78
N GLN H 447 -71.93 -39.10 -0.39
CA GLN H 447 -73.20 -38.57 -0.91
C GLN H 447 -74.39 -38.73 0.05
N GLY H 448 -74.71 -39.96 0.45
CA GLY H 448 -75.82 -40.15 1.35
C GLY H 448 -75.72 -39.43 2.69
N GLY H 449 -74.63 -38.70 2.90
CA GLY H 449 -74.31 -38.24 4.24
C GLY H 449 -75.36 -37.38 4.93
N LEU H 450 -75.99 -36.50 4.18
CA LEU H 450 -76.89 -35.54 4.79
C LEU H 450 -78.00 -35.17 3.84
N THR H 451 -79.23 -35.22 4.34
CA THR H 451 -80.41 -34.96 3.55
C THR H 451 -80.76 -33.50 3.64
N ASP H 452 -81.50 -32.99 2.67
CA ASP H 452 -81.87 -31.58 2.69
C ASP H 452 -82.42 -31.15 4.05
N LEU H 453 -83.04 -32.08 4.75
CA LEU H 453 -83.61 -31.75 6.04
C LEU H 453 -82.48 -31.39 6.97
N GLY H 454 -81.46 -32.25 6.98
CA GLY H 454 -80.28 -32.03 7.79
C GLY H 454 -79.56 -30.77 7.42
N LEU H 455 -79.33 -30.59 6.12
CA LEU H 455 -78.63 -29.42 5.64
C LEU H 455 -79.26 -28.14 6.21
N SER H 456 -80.59 -28.06 6.17
CA SER H 456 -81.26 -26.87 6.69
C SER H 456 -81.10 -26.77 8.21
N TYR H 457 -80.87 -27.91 8.85
CA TYR H 457 -80.59 -27.93 10.28
C TYR H 457 -79.36 -27.10 10.55
N ILE H 458 -78.39 -27.25 9.65
CA ILE H 458 -77.12 -26.55 9.74
C ILE H 458 -77.35 -25.07 9.62
N GLY H 459 -78.11 -24.67 8.59
CA GLY H 459 -78.44 -23.26 8.43
C GLY H 459 -79.14 -22.73 9.67
N GLN H 460 -80.04 -23.56 10.19
CA GLN H 460 -80.90 -23.20 11.31
C GLN H 460 -80.20 -23.10 12.66
N TYR H 461 -79.18 -23.93 12.91
CA TYR H 461 -78.55 -23.95 14.23
C TYR H 461 -77.07 -23.47 14.34
N SER H 462 -76.62 -22.63 13.44
CA SER H 462 -75.27 -22.14 13.51
C SER H 462 -75.25 -20.62 13.43
N PRO H 463 -75.68 -19.99 14.52
CA PRO H 463 -75.84 -18.54 14.63
C PRO H 463 -74.49 -17.83 14.65
N ASN H 464 -73.45 -18.54 15.12
CA ASN H 464 -72.18 -17.88 15.36
C ASN H 464 -71.12 -18.17 14.33
N VAL H 465 -71.39 -19.18 13.50
CA VAL H 465 -70.45 -19.61 12.50
C VAL H 465 -70.19 -18.57 11.40
N ARG H 466 -68.92 -18.18 11.27
CA ARG H 466 -68.47 -17.25 10.24
C ARG H 466 -67.91 -17.98 9.03
N TRP H 467 -67.36 -19.16 9.24
CA TRP H 467 -66.81 -19.90 8.12
C TRP H 467 -67.27 -21.33 8.09
N MET H 468 -67.70 -21.79 6.91
CA MET H 468 -68.10 -23.17 6.73
C MET H 468 -67.47 -23.81 5.52
N LEU H 469 -66.98 -25.04 5.69
CA LEU H 469 -66.52 -25.86 4.59
C LEU H 469 -67.42 -27.05 4.54
N LEU H 470 -68.22 -27.18 3.48
CA LEU H 470 -69.18 -28.26 3.39
C LEU H 470 -68.80 -29.29 2.35
N GLY H 471 -68.84 -30.55 2.78
CA GLY H 471 -68.43 -31.70 1.99
C GLY H 471 -69.48 -32.13 0.97
N TYR H 472 -70.07 -33.30 1.16
CA TYR H 472 -71.01 -33.78 0.17
C TYR H 472 -72.44 -33.69 0.67
N VAL H 473 -72.75 -32.60 1.35
CA VAL H 473 -74.06 -32.47 1.98
C VAL H 473 -75.21 -32.33 1.00
N GLY H 474 -76.42 -32.58 1.49
CA GLY H 474 -77.62 -32.42 0.71
C GLY H 474 -77.93 -33.54 -0.28
N GLU H 475 -79.14 -33.47 -0.84
CA GLU H 475 -79.57 -34.39 -1.89
C GLU H 475 -80.06 -33.60 -3.10
N SER H 476 -80.60 -32.40 -2.87
CA SER H 476 -81.05 -31.55 -3.97
C SER H 476 -80.95 -30.08 -3.60
N ASP H 477 -81.09 -29.21 -4.60
CA ASP H 477 -81.03 -27.77 -4.38
C ASP H 477 -81.97 -27.32 -3.26
N GLU H 478 -83.02 -28.10 -3.03
CA GLU H 478 -83.97 -27.82 -1.93
C GLU H 478 -83.18 -27.59 -0.63
N GLY H 479 -82.19 -28.43 -0.40
CA GLY H 479 -81.39 -28.36 0.80
C GLY H 479 -80.60 -27.05 0.87
N LEU H 480 -79.94 -26.71 -0.23
CA LEU H 480 -79.12 -25.50 -0.28
C LEU H 480 -79.97 -24.26 -0.04
N MET H 481 -81.17 -24.24 -0.60
CA MET H 481 -82.05 -23.10 -0.39
C MET H 481 -82.51 -23.06 1.08
N GLU H 482 -82.87 -24.22 1.64
CA GLU H 482 -83.29 -24.25 3.03
C GLU H 482 -82.17 -23.71 3.92
N PHE H 483 -80.96 -24.19 3.65
CA PHE H 483 -79.75 -23.74 4.31
C PHE H 483 -79.65 -22.23 4.20
N SER H 484 -79.81 -21.71 2.99
CA SER H 484 -79.59 -20.30 2.76
C SER H 484 -80.47 -19.35 3.56
N ARG H 485 -81.55 -19.85 4.13
CA ARG H 485 -82.40 -18.93 4.86
C ARG H 485 -81.90 -18.78 6.28
N GLY H 486 -80.86 -19.55 6.61
CA GLY H 486 -80.23 -19.47 7.93
C GLY H 486 -78.89 -18.74 7.91
N CYS H 487 -77.96 -19.22 8.71
CA CYS H 487 -76.57 -18.73 8.68
C CYS H 487 -76.54 -17.21 8.74
N PRO H 488 -76.96 -16.67 9.88
CA PRO H 488 -77.04 -15.23 10.10
C PRO H 488 -75.68 -14.61 9.88
N ASN H 489 -74.63 -15.27 10.38
CA ASN H 489 -73.29 -14.71 10.43
C ASN H 489 -72.26 -15.38 9.55
N LEU H 490 -72.70 -16.20 8.61
CA LEU H 490 -71.81 -16.84 7.67
C LEU H 490 -71.15 -15.80 6.76
N GLN H 491 -69.81 -15.78 6.77
CA GLN H 491 -69.01 -14.84 5.97
C GLN H 491 -68.30 -15.49 4.82
N LYS H 492 -67.71 -16.64 5.09
CA LYS H 492 -66.98 -17.38 4.09
C LYS H 492 -67.60 -18.76 3.94
N LEU H 493 -67.84 -19.16 2.70
CA LEU H 493 -68.45 -20.45 2.40
C LEU H 493 -67.68 -21.22 1.34
N GLU H 494 -67.21 -22.40 1.70
CA GLU H 494 -66.47 -23.28 0.76
C GLU H 494 -67.19 -24.61 0.67
N MET H 495 -67.63 -24.97 -0.54
CA MET H 495 -68.28 -26.26 -0.73
C MET H 495 -67.68 -26.92 -1.91
N ARG H 496 -67.33 -28.20 -1.78
CA ARG H 496 -66.90 -28.94 -2.97
C ARG H 496 -67.59 -30.28 -3.01
N GLY H 497 -67.74 -30.81 -4.21
CA GLY H 497 -68.41 -32.09 -4.41
C GLY H 497 -69.87 -32.05 -4.05
N CYS H 498 -70.57 -31.02 -4.52
CA CYS H 498 -71.99 -30.90 -4.24
C CYS H 498 -72.83 -31.02 -5.50
N CYS H 499 -74.11 -31.32 -5.30
CA CYS H 499 -75.00 -31.65 -6.41
C CYS H 499 -75.88 -30.47 -6.79
N PHE H 500 -75.57 -29.29 -6.29
CA PHE H 500 -76.40 -28.12 -6.57
C PHE H 500 -76.10 -27.50 -7.94
N SER H 501 -77.04 -26.70 -8.43
CA SER H 501 -76.98 -26.18 -9.79
C SER H 501 -76.56 -24.75 -9.76
N GLU H 502 -76.16 -24.21 -10.90
CA GLU H 502 -75.70 -22.83 -10.93
C GLU H 502 -76.72 -21.90 -10.32
N ARG H 503 -77.96 -21.95 -10.82
CA ARG H 503 -78.98 -21.00 -10.37
C ARG H 503 -79.29 -21.19 -8.88
N ALA H 504 -79.06 -22.41 -8.41
CA ALA H 504 -79.34 -22.74 -7.02
C ALA H 504 -78.34 -22.04 -6.12
N ILE H 505 -77.07 -22.15 -6.48
CA ILE H 505 -75.98 -21.45 -5.82
C ILE H 505 -76.26 -19.96 -5.84
N ALA H 506 -76.40 -19.41 -7.03
CA ALA H 506 -76.56 -17.96 -7.18
C ALA H 506 -77.70 -17.44 -6.34
N ALA H 507 -78.75 -18.25 -6.24
CA ALA H 507 -79.90 -17.94 -5.41
C ALA H 507 -79.52 -17.89 -3.90
N ALA H 508 -78.87 -18.95 -3.43
CA ALA H 508 -78.43 -19.04 -2.05
C ALA H 508 -77.53 -17.87 -1.63
N VAL H 509 -76.64 -17.46 -2.52
CA VAL H 509 -75.75 -16.36 -2.23
C VAL H 509 -76.55 -15.11 -1.96
N THR H 510 -77.62 -14.94 -2.72
CA THR H 510 -78.45 -13.74 -2.60
C THR H 510 -79.15 -13.71 -1.24
N LYS H 511 -79.61 -14.88 -0.81
CA LYS H 511 -80.31 -15.02 0.46
C LYS H 511 -79.42 -14.83 1.68
N LEU H 512 -78.12 -15.12 1.55
CA LEU H 512 -77.17 -14.98 2.67
C LEU H 512 -76.77 -13.53 2.96
N PRO H 513 -77.20 -13.04 4.13
CA PRO H 513 -76.96 -11.67 4.59
C PRO H 513 -75.46 -11.37 4.65
N SER H 514 -74.67 -12.29 5.22
CA SER H 514 -73.36 -11.97 5.72
C SER H 514 -72.27 -12.37 4.78
N LEU H 515 -72.62 -13.17 3.79
CA LEU H 515 -71.60 -13.77 2.91
C LEU H 515 -70.74 -12.77 2.14
N ARG H 516 -69.42 -12.94 2.23
CA ARG H 516 -68.50 -12.10 1.47
C ARG H 516 -67.45 -12.85 0.62
N TYR H 517 -67.44 -14.19 0.74
CA TYR H 517 -66.47 -15.01 0.04
C TYR H 517 -67.07 -16.38 -0.20
N LEU H 518 -67.04 -16.81 -1.45
CA LEU H 518 -67.58 -18.11 -1.82
C LEU H 518 -66.64 -18.84 -2.73
N TRP H 519 -66.28 -20.05 -2.35
CA TRP H 519 -65.50 -20.90 -3.24
C TRP H 519 -66.27 -22.21 -3.38
N VAL H 520 -66.32 -22.71 -4.61
CA VAL H 520 -67.03 -23.93 -4.95
C VAL H 520 -66.32 -24.73 -6.05
N GLN H 521 -66.21 -26.05 -5.83
CA GLN H 521 -65.74 -26.94 -6.88
C GLN H 521 -66.78 -28.04 -6.99
N GLY H 522 -67.22 -28.32 -8.22
CA GLY H 522 -68.22 -29.35 -8.48
C GLY H 522 -69.66 -28.89 -8.29
N TYR H 523 -70.35 -28.73 -9.42
CA TYR H 523 -71.72 -28.22 -9.42
C TYR H 523 -72.31 -28.43 -10.82
N ARG H 524 -73.64 -28.61 -10.90
CA ARG H 524 -74.27 -28.79 -12.22
C ARG H 524 -74.14 -27.49 -13.00
N ALA H 525 -73.29 -27.48 -14.02
CA ALA H 525 -73.02 -26.27 -14.79
C ALA H 525 -74.10 -25.97 -15.84
N SER H 526 -73.69 -25.28 -16.90
CA SER H 526 -74.49 -25.08 -18.13
C SER H 526 -73.64 -24.26 -19.12
N MET H 527 -73.51 -24.74 -20.36
CA MET H 527 -72.62 -24.10 -21.34
C MET H 527 -72.91 -22.61 -21.42
N THR H 528 -74.19 -22.25 -21.34
CA THR H 528 -74.62 -20.86 -21.22
C THR H 528 -73.62 -20.12 -20.32
N GLY H 529 -73.55 -20.58 -19.07
CA GLY H 529 -72.76 -19.97 -18.02
C GLY H 529 -73.63 -19.00 -17.27
N GLN H 530 -74.73 -18.61 -17.90
CA GLN H 530 -75.49 -17.42 -17.53
C GLN H 530 -76.35 -17.53 -16.28
N ASP H 531 -76.37 -18.71 -15.67
CA ASP H 531 -77.21 -18.90 -14.50
C ASP H 531 -76.51 -18.31 -13.28
N LEU H 532 -75.20 -18.50 -13.21
CA LEU H 532 -74.42 -17.83 -12.20
C LEU H 532 -74.76 -16.35 -12.16
N MET H 533 -74.91 -15.76 -13.33
CA MET H 533 -75.16 -14.31 -13.44
C MET H 533 -76.19 -13.76 -12.49
N GLN H 534 -77.16 -14.57 -12.08
CA GLN H 534 -78.28 -14.01 -11.31
C GLN H 534 -77.85 -13.66 -9.87
N MET H 535 -76.54 -13.64 -9.63
CA MET H 535 -76.02 -13.12 -8.37
C MET H 535 -75.19 -11.88 -8.57
N ALA H 536 -75.17 -11.37 -9.79
CA ALA H 536 -74.53 -10.08 -10.11
C ALA H 536 -75.02 -8.97 -9.21
N ARG H 537 -74.19 -8.58 -8.25
CA ARG H 537 -74.42 -7.40 -7.43
C ARG H 537 -73.29 -6.48 -7.80
N PRO H 538 -73.39 -5.20 -7.43
CA PRO H 538 -72.24 -4.30 -7.55
C PRO H 538 -71.22 -4.62 -6.46
N TYR H 539 -69.91 -4.52 -6.77
CA TYR H 539 -68.80 -4.90 -5.88
C TYR H 539 -68.61 -6.41 -5.75
N TRP H 540 -69.47 -7.19 -6.40
CA TRP H 540 -69.38 -8.63 -6.33
C TRP H 540 -68.58 -9.17 -7.52
N ASN H 541 -67.36 -9.61 -7.24
CA ASN H 541 -66.49 -10.16 -8.25
C ASN H 541 -66.72 -11.66 -8.32
N ILE H 542 -66.98 -12.21 -9.51
CA ILE H 542 -66.99 -13.67 -9.66
C ILE H 542 -65.86 -14.15 -10.63
N GLU H 543 -65.23 -15.27 -10.31
CA GLU H 543 -64.14 -15.82 -11.10
C GLU H 543 -64.33 -17.33 -11.33
N LEU H 544 -63.88 -17.81 -12.49
CA LEU H 544 -63.94 -19.24 -12.80
C LEU H 544 -62.55 -19.85 -13.01
N ILE H 545 -62.31 -21.06 -12.51
CA ILE H 545 -60.96 -21.62 -12.42
C ILE H 545 -60.89 -23.05 -12.95
N PRO H 546 -59.66 -23.53 -13.28
CA PRO H 546 -59.16 -24.90 -13.55
C PRO H 546 -58.59 -25.72 -12.33
N SER H 547 -57.26 -25.92 -12.30
CA SER H 547 -56.59 -26.62 -11.18
C SER H 547 -55.10 -26.96 -11.43
N ARG H 548 -54.27 -26.82 -10.38
CA ARG H 548 -52.82 -27.09 -10.42
C ARG H 548 -52.27 -27.54 -9.05
N ARG H 549 -50.95 -27.45 -8.88
CA ARG H 549 -50.27 -27.76 -7.61
C ARG H 549 -49.24 -26.70 -7.23
N GLU H 563 -58.19 -34.83 -13.93
CA GLU H 563 -59.48 -34.15 -14.09
C GLU H 563 -59.81 -33.29 -12.87
N HIS H 564 -59.82 -31.98 -13.06
CA HIS H 564 -60.18 -31.09 -11.98
C HIS H 564 -61.26 -30.10 -12.44
N PRO H 565 -62.53 -30.36 -12.06
CA PRO H 565 -63.72 -29.58 -12.44
C PRO H 565 -63.63 -28.08 -12.13
N ALA H 566 -64.54 -27.30 -12.73
CA ALA H 566 -64.50 -25.86 -12.60
C ALA H 566 -64.63 -25.41 -11.16
N HIS H 567 -63.91 -24.35 -10.83
CA HIS H 567 -64.09 -23.71 -9.55
C HIS H 567 -64.88 -22.42 -9.74
N ILE H 568 -65.64 -22.06 -8.71
CA ILE H 568 -66.20 -20.74 -8.67
C ILE H 568 -65.62 -20.05 -7.47
N LEU H 569 -65.15 -18.84 -7.67
CA LEU H 569 -64.67 -18.05 -6.55
C LEU H 569 -65.32 -16.68 -6.69
N ALA H 570 -66.05 -16.25 -5.66
CA ALA H 570 -66.59 -14.91 -5.67
C ALA H 570 -66.43 -14.23 -4.32
N TYR H 571 -66.15 -12.94 -4.35
CA TYR H 571 -65.87 -12.17 -3.14
C TYR H 571 -66.28 -10.70 -3.35
N TYR H 572 -66.55 -9.99 -2.28
CA TYR H 572 -66.76 -8.56 -2.38
C TYR H 572 -65.42 -7.85 -2.44
N SER H 573 -65.35 -6.78 -3.23
CA SER H 573 -64.14 -5.97 -3.36
C SER H 573 -64.50 -4.56 -3.76
N LEU H 574 -63.94 -3.61 -3.04
CA LEU H 574 -64.13 -2.21 -3.37
C LEU H 574 -63.22 -1.78 -4.51
N ALA H 575 -62.54 -2.75 -5.11
CA ALA H 575 -61.39 -2.42 -5.98
C ALA H 575 -61.71 -2.59 -7.43
N GLY H 576 -62.69 -3.46 -7.70
CA GLY H 576 -63.05 -3.83 -9.07
C GLY H 576 -62.36 -5.11 -9.43
N GLN H 577 -62.51 -5.53 -10.68
CA GLN H 577 -61.90 -6.79 -11.08
C GLN H 577 -60.40 -6.65 -11.18
N ARG H 578 -59.69 -7.68 -10.74
CA ARG H 578 -58.23 -7.69 -10.73
C ARG H 578 -57.61 -7.65 -12.13
N THR H 579 -56.55 -6.88 -12.26
CA THR H 579 -55.76 -6.85 -13.48
C THR H 579 -54.96 -8.13 -13.77
N ASP H 580 -54.48 -8.80 -12.72
CA ASP H 580 -53.45 -9.81 -12.84
C ASP H 580 -53.92 -11.27 -13.00
N CYS H 581 -55.07 -11.49 -13.60
CA CYS H 581 -55.51 -12.86 -13.84
C CYS H 581 -54.64 -13.65 -14.81
N PRO H 582 -54.43 -14.93 -14.51
CA PRO H 582 -53.79 -15.86 -15.43
C PRO H 582 -54.68 -16.07 -16.62
N THR H 583 -54.22 -16.88 -17.56
CA THR H 583 -55.03 -17.27 -18.69
C THR H 583 -56.03 -18.34 -18.30
N THR H 584 -55.65 -19.18 -17.36
CA THR H 584 -56.55 -20.20 -16.82
C THR H 584 -57.75 -19.69 -16.02
N VAL H 585 -57.81 -18.40 -15.73
CA VAL H 585 -58.89 -17.92 -14.89
C VAL H 585 -59.79 -16.89 -15.59
N ARG H 586 -61.10 -17.16 -15.63
CA ARG H 586 -62.03 -16.32 -16.37
C ARG H 586 -62.87 -15.43 -15.45
N VAL H 587 -63.03 -14.16 -15.81
CA VAL H 587 -63.82 -13.24 -15.01
C VAL H 587 -65.19 -12.99 -15.62
N LEU H 588 -66.26 -13.45 -14.95
CA LEU H 588 -67.62 -13.28 -15.48
C LEU H 588 -68.11 -11.83 -15.43
N LYS H 589 -68.66 -11.35 -16.56
CA LYS H 589 -69.11 -9.96 -16.70
C LYS H 589 -70.40 -9.81 -17.52
N GLU H 590 -71.54 -10.13 -16.91
CA GLU H 590 -72.84 -9.97 -17.59
C GLU H 590 -72.88 -10.68 -18.96
N PRO H 591 -73.77 -10.25 -19.88
CA PRO H 591 -73.67 -10.84 -21.22
C PRO H 591 -72.29 -10.67 -21.86
N ILE H 592 -71.71 -11.78 -22.31
CA ILE H 592 -70.41 -11.78 -22.99
C ILE H 592 -70.49 -11.05 -24.35
N GLU I 1 -66.20 -37.97 -9.91
CA GLU I 1 -65.26 -38.68 -9.04
C GLU I 1 -64.33 -37.72 -8.30
N LEU I 2 -64.84 -37.02 -7.30
CA LEU I 2 -63.96 -36.09 -6.59
C LEU I 2 -63.18 -36.76 -5.47
N PRO I 3 -61.86 -36.82 -5.63
CA PRO I 3 -60.99 -37.52 -4.66
C PRO I 3 -60.70 -36.61 -3.49
N ILE I 4 -60.55 -37.17 -2.28
CA ILE I 4 -60.15 -36.37 -1.14
C ILE I 4 -58.75 -35.82 -1.39
N ALA I 5 -58.66 -34.51 -1.60
CA ALA I 5 -57.38 -33.84 -1.86
C ALA I 5 -56.49 -33.83 -0.61
N ARG I 6 -55.25 -34.21 -0.79
CA ARG I 6 -54.34 -34.33 0.34
C ARG I 6 -53.74 -32.96 0.61
N ARG I 7 -53.77 -32.53 1.87
CA ARG I 7 -53.04 -31.32 2.28
C ARG I 7 -51.57 -31.42 1.88
N ALA I 8 -51.07 -30.43 1.16
CA ALA I 8 -49.77 -30.55 0.49
C ALA I 8 -48.59 -30.90 1.40
N SER I 9 -48.60 -30.39 2.61
CA SER I 9 -47.52 -30.67 3.54
C SER I 9 -47.42 -32.16 3.89
N LEU I 10 -48.55 -32.84 3.91
CA LEU I 10 -48.58 -34.27 4.19
C LEU I 10 -48.28 -35.09 2.96
N HIS I 11 -48.81 -34.67 1.83
CA HIS I 11 -48.46 -35.32 0.58
C HIS I 11 -46.95 -35.43 0.41
N ARG I 12 -46.26 -34.31 0.62
CA ARG I 12 -44.81 -34.31 0.51
C ARG I 12 -44.17 -35.32 1.46
N PHE I 13 -44.68 -35.38 2.70
CA PHE I 13 -44.15 -36.27 3.73
C PHE I 13 -44.40 -37.73 3.45
N LEU I 14 -45.61 -38.05 3.00
CA LEU I 14 -46.00 -39.44 2.79
C LEU I 14 -45.14 -40.07 1.71
N GLU I 15 -44.61 -39.25 0.82
CA GLU I 15 -43.67 -39.73 -0.20
C GLU I 15 -42.26 -39.93 0.36
N LYS I 16 -41.73 -38.92 1.05
CA LYS I 16 -40.49 -39.06 1.78
C LYS I 16 -40.53 -40.32 2.66
N ARG I 17 -41.68 -40.61 3.24
CA ARG I 17 -41.87 -41.75 4.11
C ARG I 17 -41.46 -43.05 3.41
N LYS I 18 -42.06 -43.29 2.24
CA LYS I 18 -41.73 -44.49 1.49
C LYS I 18 -40.36 -44.37 0.81
N LYS J 5 19.58 -60.95 29.02
CA LYS J 5 21.00 -61.29 29.10
C LYS J 5 21.71 -61.15 27.75
N ILE J 6 22.91 -60.55 27.75
CA ILE J 6 23.71 -60.31 26.52
C ILE J 6 25.11 -60.93 26.57
N VAL J 7 25.66 -61.23 25.39
CA VAL J 7 26.99 -61.82 25.29
C VAL J 7 28.02 -60.83 24.75
N LEU J 8 29.13 -60.67 25.49
CA LEU J 8 30.23 -59.79 25.06
C LEU J 8 31.50 -60.59 24.79
N LYS J 9 32.00 -60.54 23.56
CA LYS J 9 33.17 -61.33 23.19
C LYS J 9 34.48 -60.50 23.25
N SER J 10 35.32 -60.83 24.23
CA SER J 10 36.53 -60.08 24.53
C SER J 10 37.64 -60.21 23.50
N SER J 11 38.74 -59.51 23.72
CA SER J 11 39.80 -59.37 22.71
C SER J 11 40.71 -60.57 22.61
N ASP J 12 40.25 -61.69 23.15
CA ASP J 12 41.01 -62.90 23.04
C ASP J 12 40.05 -64.08 23.02
N GLY J 13 38.91 -63.87 22.40
CA GLY J 13 37.83 -64.85 22.35
C GLY J 13 37.44 -65.29 23.73
N GLU J 14 36.38 -64.72 24.27
CA GLU J 14 36.05 -64.96 25.66
C GLU J 14 34.65 -64.51 25.97
N SER J 15 33.68 -65.32 25.60
CA SER J 15 32.30 -64.96 25.87
C SER J 15 32.08 -64.51 27.33
N PHE J 16 31.25 -63.48 27.50
CA PHE J 16 30.87 -62.99 28.81
C PHE J 16 29.36 -62.88 28.96
N GLU J 17 28.80 -63.66 29.87
CA GLU J 17 27.37 -63.62 30.15
C GLU J 17 27.04 -62.43 31.06
N VAL J 18 26.33 -61.44 30.55
CA VAL J 18 25.99 -60.29 31.38
C VAL J 18 24.56 -59.86 31.21
N GLU J 19 24.00 -59.23 32.24
CA GLU J 19 22.58 -58.90 32.26
C GLU J 19 22.27 -57.77 31.30
N GLU J 20 20.99 -57.63 30.99
CA GLU J 20 20.50 -56.57 30.13
C GLU J 20 21.01 -55.22 30.57
N ALA J 21 20.52 -54.74 31.71
CA ALA J 21 20.80 -53.39 32.18
C ALA J 21 22.26 -53.12 32.54
N VAL J 22 23.03 -54.19 32.75
CA VAL J 22 24.46 -54.05 33.08
C VAL J 22 25.27 -53.68 31.84
N ALA J 23 25.00 -54.35 30.73
CA ALA J 23 25.69 -54.03 29.49
C ALA J 23 25.28 -52.69 28.91
N LEU J 24 24.14 -52.16 29.36
CA LEU J 24 23.62 -50.92 28.83
C LEU J 24 24.24 -49.69 29.48
N GLU J 25 25.07 -49.90 30.49
CA GLU J 25 25.84 -48.78 31.03
C GLU J 25 26.74 -48.18 29.94
N SER J 26 27.25 -49.04 29.06
CA SER J 26 28.04 -48.60 27.94
C SER J 26 27.19 -48.11 26.79
N GLN J 27 27.19 -46.80 26.55
CA GLN J 27 26.48 -46.25 25.41
C GLN J 27 27.04 -46.73 24.09
N THR J 28 28.10 -47.52 24.14
CA THR J 28 28.66 -48.10 22.93
C THR J 28 27.97 -49.42 22.63
N ILE J 29 27.61 -50.14 23.69
CA ILE J 29 26.86 -51.37 23.55
C ILE J 29 25.36 -51.09 23.45
N ALA J 30 24.95 -49.91 23.90
CA ALA J 30 23.56 -49.48 23.72
C ALA J 30 23.28 -49.14 22.25
N HIS J 31 24.09 -48.24 21.67
CA HIS J 31 23.91 -47.82 20.28
C HIS J 31 24.25 -48.96 19.32
N MET J 32 24.37 -50.16 19.87
CA MET J 32 24.71 -51.35 19.10
C MET J 32 23.65 -52.44 19.27
N VAL J 33 22.56 -52.09 19.94
CA VAL J 33 21.36 -52.93 19.98
C VAL J 33 20.29 -52.34 19.06
N GLU J 34 20.71 -51.36 18.24
CA GLU J 34 19.87 -50.80 17.19
C GLU J 34 20.12 -51.60 15.91
N ASP J 35 21.27 -51.36 15.31
CA ASP J 35 21.80 -52.21 14.26
C ASP J 35 22.27 -53.55 14.86
N ASP J 36 21.44 -54.09 15.75
CA ASP J 36 21.79 -55.23 16.59
C ASP J 36 22.67 -56.31 15.97
N CYS J 37 23.99 -56.16 16.12
CA CYS J 37 24.94 -57.21 15.77
C CYS J 37 24.89 -58.26 16.87
N VAL J 38 23.99 -58.07 17.82
CA VAL J 38 23.90 -58.92 19.00
C VAL J 38 23.61 -60.38 18.65
N ASP J 39 23.21 -60.63 17.40
CA ASP J 39 22.92 -61.97 16.94
C ASP J 39 24.08 -62.93 17.24
N ASN J 40 25.30 -62.47 16.97
CA ASN J 40 26.50 -63.26 17.22
C ASN J 40 27.24 -62.74 18.44
N GLY J 41 26.51 -62.06 19.33
CA GLY J 41 27.11 -61.42 20.49
C GLY J 41 27.92 -60.20 20.11
N VAL J 42 27.90 -59.18 20.96
CA VAL J 42 28.62 -57.94 20.68
C VAL J 42 30.14 -58.12 20.75
N PRO J 43 30.84 -57.95 19.61
CA PRO J 43 32.27 -58.19 19.50
C PRO J 43 33.02 -56.94 19.86
N LEU J 44 33.91 -57.00 20.84
CA LEU J 44 34.75 -55.88 21.15
C LEU J 44 36.21 -56.26 21.46
N PRO J 45 37.02 -56.30 20.42
CA PRO J 45 38.38 -56.83 20.41
C PRO J 45 39.44 -55.83 20.82
N ASN J 46 39.05 -54.79 21.54
CA ASN J 46 40.03 -53.80 21.98
C ASN J 46 40.05 -53.76 23.49
N VAL J 47 39.37 -54.74 24.09
CA VAL J 47 39.38 -54.91 25.54
C VAL J 47 40.00 -56.22 25.95
N THR J 48 41.08 -56.14 26.68
CA THR J 48 41.68 -57.31 27.30
C THR J 48 40.56 -58.00 28.08
N SER J 49 40.58 -59.33 28.12
CA SER J 49 39.54 -60.05 28.84
C SER J 49 39.63 -59.80 30.34
N LYS J 50 40.85 -59.83 30.84
CA LYS J 50 41.13 -59.47 32.23
C LYS J 50 40.48 -58.15 32.61
N ILE J 51 40.55 -57.18 31.72
CA ILE J 51 40.02 -55.83 31.95
C ILE J 51 38.51 -55.76 31.86
N LEU J 52 37.96 -56.30 30.78
CA LEU J 52 36.52 -56.33 30.57
C LEU J 52 35.84 -56.89 31.81
N ALA J 53 36.49 -57.88 32.42
CA ALA J 53 36.04 -58.48 33.67
C ALA J 53 35.87 -57.39 34.73
N LYS J 54 36.93 -56.64 34.95
CA LYS J 54 36.92 -55.58 35.94
C LYS J 54 35.88 -54.54 35.60
N VAL J 55 35.62 -54.32 34.31
CA VAL J 55 34.63 -53.32 33.88
C VAL J 55 33.21 -53.73 34.24
N ILE J 56 32.88 -54.99 33.94
CA ILE J 56 31.57 -55.53 34.28
C ILE J 56 31.33 -55.52 35.78
N GLU J 57 32.35 -55.84 36.56
CA GLU J 57 32.26 -55.76 38.00
C GLU J 57 31.79 -54.37 38.48
N TYR J 58 32.27 -53.32 37.84
CA TYR J 58 31.94 -51.96 38.25
C TYR J 58 30.49 -51.66 37.90
N CYS J 59 30.10 -51.95 36.67
CA CYS J 59 28.74 -51.70 36.23
C CYS J 59 27.75 -52.51 37.06
N LYS J 60 28.08 -53.77 37.31
CA LYS J 60 27.24 -54.62 38.14
C LYS J 60 26.85 -53.86 39.39
N ARG J 61 27.84 -53.43 40.16
CA ARG J 61 27.61 -52.80 41.46
C ARG J 61 26.88 -51.48 41.36
N HIS J 62 27.12 -50.72 40.30
CA HIS J 62 26.48 -49.41 40.17
C HIS J 62 25.00 -49.47 39.78
N VAL J 63 24.65 -50.45 38.94
CA VAL J 63 23.26 -50.71 38.59
C VAL J 63 22.43 -51.10 39.82
N GLU J 64 23.06 -51.82 40.74
CA GLU J 64 22.48 -52.12 42.05
C GLU J 64 22.45 -50.87 42.94
N ALA J 65 22.09 -49.75 42.35
CA ALA J 65 21.75 -48.56 43.11
C ALA J 65 20.27 -48.30 42.90
N ALA J 66 19.56 -49.36 42.48
CA ALA J 66 18.10 -49.37 42.47
C ALA J 66 17.60 -49.29 43.91
N ALA J 67 18.03 -50.27 44.71
CA ALA J 67 18.00 -50.13 46.15
C ALA J 67 18.97 -48.97 46.42
N ASP J 80 24.27 -44.09 48.78
CA ASP J 80 25.39 -43.31 48.24
C ASP J 80 26.62 -43.37 49.14
N ASP J 81 26.38 -43.52 50.43
CA ASP J 81 27.43 -43.50 51.43
C ASP J 81 28.44 -44.65 51.21
N ASP J 82 27.92 -45.83 50.91
CA ASP J 82 28.74 -47.03 50.78
C ASP J 82 29.28 -47.25 49.37
N LEU J 83 28.91 -46.36 48.45
CA LEU J 83 29.40 -46.42 47.08
C LEU J 83 30.80 -45.81 46.93
N LYS J 84 30.96 -44.55 47.33
CA LYS J 84 32.27 -43.93 47.33
C LYS J 84 33.24 -44.85 48.09
N ALA J 85 32.66 -45.68 48.96
CA ALA J 85 33.40 -46.70 49.68
C ALA J 85 33.96 -47.76 48.75
N TRP J 86 33.05 -48.52 48.12
CA TRP J 86 33.45 -49.57 47.17
C TRP J 86 34.32 -49.01 46.07
N ASP J 87 33.93 -47.83 45.58
CA ASP J 87 34.65 -47.16 44.50
C ASP J 87 36.12 -46.97 44.91
N ALA J 88 36.34 -46.29 46.02
CA ALA J 88 37.71 -46.07 46.50
C ALA J 88 38.49 -47.38 46.58
N ASP J 89 37.83 -48.43 47.09
CA ASP J 89 38.48 -49.72 47.25
C ASP J 89 38.68 -50.38 45.90
N PHE J 90 37.82 -50.03 44.95
CA PHE J 90 37.89 -50.63 43.61
C PHE J 90 39.10 -50.11 42.86
N MET J 91 39.58 -48.93 43.26
CA MET J 91 40.65 -48.23 42.56
C MET J 91 42.03 -48.56 43.08
N LYS J 92 42.10 -49.32 44.18
CA LYS J 92 43.37 -49.82 44.70
C LYS J 92 44.00 -50.82 43.75
N ILE J 93 44.42 -50.36 42.57
CA ILE J 93 45.05 -51.19 41.55
C ILE J 93 46.35 -50.53 41.10
N ASP J 94 47.15 -51.22 40.31
CA ASP J 94 48.41 -50.63 39.83
C ASP J 94 48.16 -49.65 38.70
N GLN J 95 49.09 -48.73 38.48
CA GLN J 95 48.94 -47.76 37.40
C GLN J 95 48.56 -48.42 36.08
N ALA J 96 49.45 -49.25 35.55
CA ALA J 96 49.21 -49.86 34.25
C ALA J 96 47.77 -50.35 34.09
N THR J 97 47.21 -50.93 35.14
CA THR J 97 45.83 -51.42 35.07
C THR J 97 44.86 -50.26 35.04
N LEU J 98 45.12 -49.27 35.88
CA LEU J 98 44.28 -48.07 35.95
C LEU J 98 44.13 -47.43 34.59
N PHE J 99 45.24 -47.28 33.88
CA PHE J 99 45.21 -46.67 32.56
C PHE J 99 44.37 -47.49 31.58
N GLU J 100 44.57 -48.81 31.59
CA GLU J 100 43.86 -49.71 30.69
C GLU J 100 42.36 -49.63 30.91
N LEU J 101 41.98 -49.13 32.08
CA LEU J 101 40.58 -49.00 32.45
C LEU J 101 39.98 -47.75 31.86
N ILE J 102 40.73 -46.65 31.97
CA ILE J 102 40.31 -45.40 31.36
C ILE J 102 40.11 -45.64 29.87
N LEU J 103 41.14 -46.17 29.22
CA LEU J 103 41.05 -46.52 27.81
C LEU J 103 39.83 -47.37 27.49
N ALA J 104 39.48 -48.27 28.40
CA ALA J 104 38.34 -49.15 28.23
C ALA J 104 37.03 -48.41 28.37
N ALA J 105 36.89 -47.60 29.42
CA ALA J 105 35.68 -46.79 29.57
C ALA J 105 35.43 -45.87 28.37
N ASN J 106 36.49 -45.38 27.76
CA ASN J 106 36.38 -44.49 26.63
C ASN J 106 36.03 -45.25 25.38
N TYR J 107 36.46 -46.52 25.31
CA TYR J 107 36.16 -47.40 24.17
C TYR J 107 34.70 -47.86 24.16
N LEU J 108 34.23 -48.26 25.33
CA LEU J 108 32.80 -48.37 25.57
C LEU J 108 32.42 -46.93 25.82
N ASN J 109 31.33 -46.66 26.51
CA ASN J 109 31.05 -45.26 26.78
C ASN J 109 30.49 -45.03 28.16
N ILE J 110 31.27 -45.38 29.17
CA ILE J 110 30.76 -45.39 30.51
C ILE J 110 31.14 -44.14 31.21
N LYS J 111 30.29 -43.12 31.15
CA LYS J 111 30.66 -41.81 31.66
C LYS J 111 30.94 -41.82 33.16
N ASN J 112 30.16 -42.58 33.92
CA ASN J 112 30.42 -42.69 35.36
C ASN J 112 31.77 -43.36 35.66
N LEU J 113 32.27 -44.17 34.74
CA LEU J 113 33.54 -44.88 34.96
C LEU J 113 34.74 -44.10 34.47
N LEU J 114 34.58 -43.39 33.37
CA LEU J 114 35.66 -42.59 32.90
C LEU J 114 35.87 -41.60 34.00
N ASP J 115 34.79 -40.97 34.43
CA ASP J 115 34.86 -39.90 35.44
C ASP J 115 35.75 -40.37 36.56
N LEU J 116 35.53 -41.57 37.08
CA LEU J 116 36.26 -42.02 38.27
C LEU J 116 37.77 -42.19 38.03
N THR J 117 38.07 -43.12 37.13
CA THR J 117 39.43 -43.49 36.81
C THR J 117 40.27 -42.29 36.40
N CYS J 118 39.71 -41.40 35.57
CA CYS J 118 40.41 -40.18 35.23
C CYS J 118 40.68 -39.37 36.48
N GLN J 119 39.66 -39.19 37.32
CA GLN J 119 39.83 -38.44 38.57
C GLN J 119 40.97 -39.01 39.41
N THR J 120 40.96 -40.33 39.60
CA THR J 120 42.04 -41.03 40.30
C THR J 120 43.42 -40.58 39.80
N VAL J 121 43.62 -40.67 38.49
CA VAL J 121 44.89 -40.27 37.89
C VAL J 121 45.17 -38.80 38.14
N ALA J 122 44.14 -37.96 38.20
CA ALA J 122 44.33 -36.55 38.49
C ALA J 122 44.66 -36.27 39.97
N ASP J 123 44.34 -37.20 40.85
CA ASP J 123 44.55 -36.89 42.26
C ASP J 123 45.96 -37.25 42.60
N MET J 124 46.55 -38.03 41.70
CA MET J 124 47.95 -38.35 41.82
C MET J 124 48.81 -37.15 41.41
N ILE J 125 48.24 -36.25 40.63
CA ILE J 125 48.97 -35.09 40.15
C ILE J 125 48.82 -33.91 41.09
N LYS J 126 47.66 -33.80 41.75
CA LYS J 126 47.35 -32.69 42.67
C LYS J 126 48.42 -32.59 43.76
N GLY J 127 48.83 -31.38 44.10
CA GLY J 127 49.91 -31.21 45.08
C GLY J 127 51.21 -31.16 44.34
N LYS J 128 51.65 -32.35 43.89
CA LYS J 128 52.93 -32.60 43.20
C LYS J 128 53.55 -31.47 42.35
N THR J 129 54.88 -31.48 42.37
CA THR J 129 55.68 -30.59 41.55
C THR J 129 56.00 -31.29 40.23
N PRO J 130 56.43 -30.54 39.21
CA PRO J 130 56.83 -31.10 37.92
C PRO J 130 57.74 -32.32 38.08
N GLU J 131 58.63 -32.25 39.06
CA GLU J 131 59.55 -33.34 39.25
C GLU J 131 58.80 -34.47 39.90
N GLU J 132 58.12 -34.16 40.98
CA GLU J 132 57.35 -35.18 41.69
C GLU J 132 56.41 -35.95 40.71
N ILE J 133 55.75 -35.21 39.81
CA ILE J 133 54.98 -35.85 38.75
C ILE J 133 55.86 -36.76 37.91
N ARG J 134 56.89 -36.18 37.29
CA ARG J 134 57.78 -36.92 36.38
C ARG J 134 58.22 -38.26 36.97
N THR J 135 58.57 -38.21 38.25
CA THR J 135 59.04 -39.36 39.01
C THR J 135 57.96 -40.41 39.15
N THR J 136 56.80 -39.99 39.62
CA THR J 136 55.78 -40.94 39.99
C THR J 136 55.22 -41.65 38.75
N PHE J 137 55.32 -41.02 37.58
CA PHE J 137 54.88 -41.64 36.30
C PHE J 137 56.01 -42.07 35.35
N ASN J 138 57.25 -41.96 35.85
CA ASN J 138 58.46 -42.15 35.06
C ASN J 138 58.39 -41.44 33.71
N ILE J 139 58.65 -40.13 33.76
CA ILE J 139 58.50 -39.21 32.62
C ILE J 139 59.74 -38.36 32.56
N LYS J 140 60.38 -38.35 31.40
CA LYS J 140 61.63 -37.62 31.23
C LYS J 140 61.37 -36.20 30.78
N ASN J 141 62.28 -35.32 31.17
CA ASN J 141 62.10 -33.91 30.94
C ASN J 141 62.76 -33.48 29.63
N ASP J 142 61.98 -33.47 28.55
CA ASP J 142 62.45 -33.07 27.21
C ASP J 142 62.66 -31.55 27.01
N PHE J 143 62.30 -30.75 28.02
CA PHE J 143 62.36 -29.27 27.93
C PHE J 143 63.77 -28.76 27.75
N THR J 144 63.96 -27.91 26.74
CA THR J 144 65.16 -27.09 26.62
C THR J 144 65.10 -26.01 27.72
N PRO J 145 66.19 -25.82 28.47
CA PRO J 145 66.24 -24.84 29.57
C PRO J 145 65.64 -23.46 29.26
N GLU J 146 65.85 -22.98 28.04
CA GLU J 146 65.20 -21.77 27.57
C GLU J 146 63.67 -21.93 27.67
N GLU J 147 63.11 -22.95 27.02
CA GLU J 147 61.67 -23.26 27.13
C GLU J 147 61.19 -23.45 28.57
N GLU J 148 61.70 -24.47 29.25
CA GLU J 148 61.36 -24.67 30.65
C GLU J 148 61.24 -23.33 31.34
N GLU J 149 62.25 -22.49 31.18
CA GLU J 149 62.21 -21.23 31.88
C GLU J 149 61.11 -20.34 31.29
N GLU J 150 61.15 -20.10 29.99
CA GLU J 150 60.17 -19.21 29.41
C GLU J 150 58.75 -19.63 29.78
N VAL J 151 58.55 -20.89 30.10
CA VAL J 151 57.26 -21.34 30.61
C VAL J 151 57.05 -20.92 32.09
N ARG J 152 57.98 -21.25 32.98
CA ARG J 152 57.92 -20.72 34.33
C ARG J 152 57.55 -19.26 34.25
N ARG J 153 58.39 -18.48 33.57
CA ARG J 153 58.10 -17.06 33.44
C ARG J 153 56.61 -16.83 33.20
N GLU J 154 56.02 -17.31 32.10
CA GLU J 154 54.62 -16.96 31.84
C GLU J 154 53.72 -17.39 33.00
N ASN J 155 54.06 -18.54 33.57
CA ASN J 155 53.23 -19.20 34.58
C ASN J 155 53.22 -18.46 35.90
N GLN J 156 54.38 -17.95 36.27
CA GLN J 156 54.60 -17.21 37.50
C GLN J 156 54.14 -15.75 37.38
N TRP J 157 54.74 -15.04 36.45
CA TRP J 157 54.45 -13.65 36.24
C TRP J 157 53.12 -13.29 35.53
N ALA J 158 52.73 -14.07 34.52
CA ALA J 158 51.63 -13.67 33.63
C ALA J 158 50.26 -14.40 33.69
N PHE J 159 50.20 -15.69 34.06
CA PHE J 159 48.91 -16.43 33.99
C PHE J 159 48.42 -17.25 35.23
N GLU J 160 47.12 -17.12 35.50
CA GLU J 160 46.39 -17.85 36.57
C GLU J 160 46.37 -17.15 37.92
N SER K 12 52.74 -57.44 22.51
CA SER K 12 52.21 -56.07 22.57
C SER K 12 52.95 -55.15 23.55
N CYS K 13 52.44 -53.93 23.67
CA CYS K 13 52.93 -52.98 24.65
C CYS K 13 51.75 -52.49 25.50
N VAL K 14 52.06 -52.08 26.73
CA VAL K 14 51.04 -51.65 27.68
C VAL K 14 50.75 -50.16 27.67
N ALA K 15 50.05 -49.74 28.71
CA ALA K 15 49.61 -48.37 28.80
C ALA K 15 50.38 -47.58 29.87
N THR K 16 50.41 -46.27 29.65
CA THR K 16 51.20 -45.32 30.40
C THR K 16 50.45 -44.01 30.43
N VAL K 17 50.74 -43.12 31.37
CA VAL K 17 49.97 -41.88 31.43
C VAL K 17 49.77 -41.31 30.05
N ASP K 18 50.79 -41.39 29.22
CA ASP K 18 50.78 -40.75 27.91
C ASP K 18 49.57 -41.16 27.01
N ASP K 19 49.02 -42.37 27.18
CA ASP K 19 47.83 -42.80 26.39
C ASP K 19 46.51 -42.36 27.04
N VAL K 20 46.55 -41.34 27.90
CA VAL K 20 45.46 -41.18 28.83
C VAL K 20 45.47 -39.75 29.38
N ILE K 21 46.60 -39.09 29.21
CA ILE K 21 46.77 -37.77 29.76
C ILE K 21 45.95 -36.72 28.99
N GLU K 22 45.80 -36.87 27.66
CA GLU K 22 45.01 -35.88 26.89
C GLU K 22 43.61 -35.79 27.48
N GLN K 23 43.29 -36.80 28.28
CA GLN K 23 41.98 -36.91 28.86
C GLN K 23 42.03 -36.50 30.32
N VAL K 24 43.06 -36.92 31.02
CA VAL K 24 43.11 -36.69 32.45
C VAL K 24 43.15 -35.20 32.73
N MET K 25 43.90 -34.49 31.88
CA MET K 25 44.23 -33.09 32.11
C MET K 25 42.97 -32.30 32.36
N THR K 26 41.95 -32.64 31.58
CA THR K 26 40.67 -31.95 31.58
C THR K 26 39.93 -32.16 32.89
N TYR K 27 40.55 -32.87 33.83
CA TYR K 27 39.96 -33.15 35.13
C TYR K 27 40.64 -32.40 36.19
N ILE K 28 41.53 -31.50 35.79
CA ILE K 28 42.34 -30.78 36.74
C ILE K 28 42.00 -29.32 36.65
N THR K 29 41.31 -28.86 37.66
CA THR K 29 40.74 -27.53 37.64
C THR K 29 41.65 -26.47 38.31
N ASP K 30 42.37 -26.86 39.38
CA ASP K 30 43.21 -25.91 40.11
C ASP K 30 44.31 -25.34 39.22
N PRO K 31 44.39 -24.00 39.12
CA PRO K 31 45.50 -23.37 38.38
C PRO K 31 46.87 -23.83 38.86
N LYS K 32 47.08 -23.91 40.17
CA LYS K 32 48.40 -24.28 40.68
C LYS K 32 48.84 -25.63 40.14
N ASP K 33 47.88 -26.53 39.99
CA ASP K 33 48.19 -27.84 39.44
C ASP K 33 48.34 -27.83 37.93
N ARG K 34 47.65 -26.94 37.20
CA ARG K 34 47.94 -26.84 35.78
C ARG K 34 49.38 -26.39 35.61
N ASP K 35 49.66 -25.21 36.16
CA ASP K 35 51.01 -24.69 36.24
C ASP K 35 52.00 -25.84 36.42
N SER K 36 52.00 -26.47 37.59
CA SER K 36 52.87 -27.62 37.84
C SER K 36 52.76 -28.76 36.79
N ALA K 37 51.59 -28.96 36.20
CA ALA K 37 51.42 -30.07 35.27
C ALA K 37 51.96 -29.68 33.92
N SER K 38 51.84 -28.41 33.58
CA SER K 38 52.38 -27.92 32.31
C SER K 38 53.89 -28.11 32.22
N LEU K 39 54.50 -28.58 33.28
CA LEU K 39 55.93 -28.48 33.31
C LEU K 39 56.59 -29.83 33.41
N VAL K 40 55.75 -30.86 33.57
CA VAL K 40 56.32 -32.18 33.75
C VAL K 40 57.09 -32.50 32.49
N CYS K 41 56.58 -32.06 31.36
CA CYS K 41 57.30 -32.28 30.09
C CYS K 41 56.62 -31.59 28.90
N ARG K 42 57.09 -31.88 27.70
CA ARG K 42 56.62 -31.15 26.53
C ARG K 42 55.21 -31.57 26.14
N ARG K 43 54.96 -32.87 26.06
CA ARG K 43 53.60 -33.28 25.78
C ARG K 43 52.59 -32.65 26.71
N TRP K 44 52.88 -32.61 28.02
CA TRP K 44 51.95 -32.01 28.99
C TRP K 44 51.77 -30.51 28.86
N PHE K 45 52.84 -29.80 28.53
CA PHE K 45 52.73 -28.40 28.16
C PHE K 45 51.68 -28.24 27.07
N LYS K 46 51.94 -28.84 25.91
CA LYS K 46 50.97 -28.82 24.80
C LYS K 46 49.57 -29.19 25.28
N ILE K 47 49.41 -30.39 25.83
CA ILE K 47 48.10 -30.88 26.25
C ILE K 47 47.40 -29.87 27.13
N ASP K 48 48.13 -29.38 28.13
CA ASP K 48 47.63 -28.35 29.04
C ASP K 48 47.11 -27.18 28.24
N SER K 49 47.95 -26.63 27.36
CA SER K 49 47.58 -25.42 26.63
C SER K 49 46.26 -25.55 25.88
N GLU K 50 46.02 -26.68 25.23
CA GLU K 50 44.84 -26.87 24.40
C GLU K 50 43.59 -27.18 25.21
N THR K 51 43.78 -27.56 26.47
CA THR K 51 42.66 -27.93 27.31
C THR K 51 42.33 -26.83 28.33
N ARG K 52 43.17 -25.80 28.38
CA ARG K 52 43.11 -24.86 29.49
C ARG K 52 41.93 -23.99 29.22
N GLU K 53 41.13 -23.77 30.25
CA GLU K 53 39.78 -23.27 30.10
C GLU K 53 39.63 -21.85 30.62
N HIS K 54 39.90 -21.63 31.90
CA HIS K 54 39.94 -20.26 32.39
C HIS K 54 41.34 -19.70 32.63
N VAL K 55 41.62 -18.46 32.21
CA VAL K 55 42.91 -17.87 32.54
C VAL K 55 42.77 -16.46 33.07
N THR K 56 43.49 -16.13 34.14
CA THR K 56 43.39 -14.81 34.78
C THR K 56 44.71 -14.03 34.78
N MET K 57 44.66 -12.76 34.42
CA MET K 57 45.85 -11.90 34.40
C MET K 57 45.68 -10.81 35.41
N ALA K 58 46.67 -10.62 36.27
CA ALA K 58 46.53 -9.62 37.32
C ALA K 58 46.95 -8.22 36.86
N LEU K 59 47.50 -8.17 35.64
CA LEU K 59 47.98 -6.93 35.07
C LEU K 59 48.12 -7.25 33.62
N CYS K 60 47.28 -6.61 32.82
CA CYS K 60 47.24 -6.79 31.39
C CYS K 60 48.59 -6.49 30.72
N TYR K 61 49.45 -5.74 31.40
CA TYR K 61 50.71 -5.33 30.80
C TYR K 61 51.83 -6.30 31.10
N THR K 62 51.43 -7.44 31.67
CA THR K 62 52.34 -8.48 32.12
C THR K 62 52.76 -9.42 30.96
N ALA K 63 51.94 -9.44 29.90
CA ALA K 63 52.14 -10.27 28.70
C ALA K 63 51.38 -9.66 27.52
N THR K 64 51.55 -10.20 26.33
CA THR K 64 50.89 -9.63 25.15
C THR K 64 49.75 -10.48 24.65
N PRO K 65 48.62 -9.85 24.29
CA PRO K 65 47.54 -10.68 23.75
C PRO K 65 48.09 -11.80 22.88
N ASP K 66 49.15 -11.50 22.14
CA ASP K 66 49.75 -12.50 21.29
C ASP K 66 50.28 -13.70 22.05
N ARG K 67 50.90 -13.46 23.19
CA ARG K 67 51.44 -14.57 23.96
C ARG K 67 50.32 -15.41 24.46
N LEU K 68 49.40 -14.79 25.19
CA LEU K 68 48.18 -15.45 25.66
C LEU K 68 47.46 -16.29 24.56
N SER K 69 47.01 -15.67 23.47
CA SER K 69 46.34 -16.41 22.36
C SER K 69 47.17 -17.47 21.61
N ARG K 70 48.49 -17.41 21.72
CA ARG K 70 49.30 -18.50 21.23
C ARG K 70 49.10 -19.62 22.25
N ARG K 71 49.71 -19.44 23.43
CA ARG K 71 49.67 -20.36 24.57
C ARG K 71 48.32 -21.04 24.90
N PHE K 72 47.24 -20.27 24.99
CA PHE K 72 45.95 -20.87 25.34
C PHE K 72 44.84 -20.79 24.27
N PRO K 73 45.07 -21.39 23.11
CA PRO K 73 44.18 -21.30 21.96
C PRO K 73 42.75 -21.55 22.35
N ASN K 74 42.54 -22.42 23.32
CA ASN K 74 41.19 -22.90 23.51
C ASN K 74 40.48 -22.30 24.71
N LEU K 75 41.08 -21.26 25.25
CA LEU K 75 40.48 -20.45 26.30
C LEU K 75 39.00 -20.32 26.10
N ARG K 76 38.27 -20.33 27.22
CA ARG K 76 36.83 -20.26 27.23
C ARG K 76 36.37 -19.04 28.03
N SER K 77 37.25 -18.57 28.92
CA SER K 77 36.97 -17.38 29.72
C SER K 77 38.25 -16.65 30.03
N LEU K 78 38.15 -15.32 30.05
CA LEU K 78 39.30 -14.47 30.31
C LEU K 78 38.89 -13.53 31.43
N LYS K 79 39.88 -13.14 32.26
CA LYS K 79 39.72 -12.08 33.26
C LYS K 79 40.99 -11.23 33.19
N LEU K 80 40.83 -9.94 32.90
CA LEU K 80 41.94 -9.04 32.69
C LEU K 80 41.85 -7.95 33.71
N LYS K 81 42.94 -7.66 34.42
CA LYS K 81 42.89 -6.53 35.32
C LYS K 81 43.81 -5.40 34.84
N GLY K 82 43.35 -4.15 34.92
CA GLY K 82 44.07 -3.02 34.34
C GLY K 82 44.80 -2.12 35.32
N LYS K 83 44.17 -1.01 35.69
CA LYS K 83 44.73 -0.10 36.71
C LYS K 83 44.95 -0.84 38.06
N PRO K 84 45.76 -0.25 38.94
CA PRO K 84 46.01 -0.68 40.31
C PRO K 84 44.93 -0.26 41.28
N ARG K 85 44.82 -0.98 42.40
CA ARG K 85 43.70 -0.86 43.33
C ARG K 85 43.51 0.58 43.73
N ALA K 86 44.63 1.28 43.74
CA ALA K 86 44.68 2.70 44.01
C ALA K 86 43.59 3.44 43.27
N ALA K 87 43.45 3.16 41.97
CA ALA K 87 42.51 3.87 41.10
C ALA K 87 40.99 3.67 41.40
N MET K 88 40.64 2.63 42.15
CA MET K 88 39.27 2.52 42.67
C MET K 88 39.12 3.40 43.92
N PHE K 89 39.98 4.42 44.00
CA PHE K 89 39.97 5.45 45.05
C PHE K 89 40.36 6.84 44.49
N ASN K 90 40.52 6.94 43.16
CA ASN K 90 40.82 8.23 42.50
C ASN K 90 42.26 8.75 42.71
N LEU K 91 43.15 7.86 43.16
CA LEU K 91 44.55 8.17 43.41
C LEU K 91 45.38 8.13 42.14
N ILE K 92 45.00 7.26 41.21
CA ILE K 92 45.69 7.11 39.94
C ILE K 92 45.11 8.07 38.89
N PRO K 93 45.91 8.41 37.84
CA PRO K 93 45.41 9.12 36.64
C PRO K 93 44.44 8.27 35.83
N GLU K 94 43.91 8.81 34.74
CA GLU K 94 42.83 8.15 34.00
C GLU K 94 43.43 7.65 32.69
N ASN K 95 44.10 8.56 32.00
CA ASN K 95 44.84 8.25 30.80
C ASN K 95 45.93 7.17 31.00
N TRP K 96 46.20 6.76 32.26
CA TRP K 96 47.19 5.69 32.54
C TRP K 96 46.68 4.40 31.96
N GLY K 97 45.38 4.21 32.19
CA GLY K 97 44.55 3.10 31.72
C GLY K 97 45.10 1.84 31.10
N GLY K 98 44.60 0.71 31.62
CA GLY K 98 44.69 -0.55 30.91
C GLY K 98 43.59 -0.61 29.86
N TYR K 99 43.99 -0.43 28.60
CA TYR K 99 43.04 -0.34 27.50
C TYR K 99 42.73 -1.75 27.11
N VAL K 100 41.48 -1.98 26.75
CA VAL K 100 41.00 -3.33 26.54
C VAL K 100 41.00 -3.66 25.04
N THR K 101 41.50 -2.76 24.20
CA THR K 101 41.27 -2.88 22.76
C THR K 101 42.06 -4.02 22.10
N PRO K 102 43.42 -3.96 22.17
CA PRO K 102 44.42 -5.01 21.93
C PRO K 102 43.92 -6.40 22.25
N TRP K 103 43.02 -6.47 23.22
CA TRP K 103 42.57 -7.73 23.80
C TRP K 103 41.31 -8.19 23.13
N VAL K 104 40.37 -7.28 22.88
CA VAL K 104 39.17 -7.67 22.13
C VAL K 104 39.64 -7.96 20.74
N THR K 105 40.62 -7.19 20.25
CA THR K 105 41.17 -7.45 18.92
C THR K 105 41.57 -8.91 18.76
N GLU K 106 42.39 -9.39 19.70
CA GLU K 106 42.81 -10.79 19.79
C GLU K 106 41.65 -11.79 19.90
N ILE K 107 40.86 -11.67 20.96
CA ILE K 107 39.63 -12.44 21.08
C ILE K 107 38.92 -12.59 19.74
N SER K 108 38.86 -11.48 19.00
CA SER K 108 38.08 -11.46 17.78
C SER K 108 38.79 -12.30 16.75
N ASN K 109 40.11 -12.18 16.70
CA ASN K 109 40.87 -13.04 15.82
C ASN K 109 41.04 -14.49 16.31
N ASN K 110 41.67 -14.67 17.47
CA ASN K 110 42.23 -15.97 17.85
C ASN K 110 41.61 -16.77 18.98
N LEU K 111 40.85 -16.13 19.86
CA LEU K 111 40.22 -16.89 20.91
C LEU K 111 38.82 -17.39 20.56
N ARG K 112 38.69 -18.16 19.48
CA ARG K 112 37.38 -18.34 18.87
C ARG K 112 36.41 -19.12 19.74
N GLN K 113 36.84 -19.45 20.96
CA GLN K 113 36.03 -20.27 21.86
C GLN K 113 35.66 -19.53 23.15
N LEU K 114 35.75 -18.21 23.15
CA LEU K 114 35.51 -17.45 24.36
C LEU K 114 34.02 -17.25 24.69
N LYS K 115 33.59 -17.67 25.87
CA LYS K 115 32.22 -17.41 26.26
C LYS K 115 32.11 -16.50 27.51
N SER K 116 33.22 -16.25 28.21
CA SER K 116 33.25 -15.22 29.26
C SER K 116 34.37 -14.19 29.06
N VAL K 117 34.03 -12.91 29.21
CA VAL K 117 35.08 -11.91 29.31
C VAL K 117 34.89 -11.13 30.63
N HIS K 118 35.97 -10.87 31.37
CA HIS K 118 35.82 -10.15 32.63
C HIS K 118 36.91 -9.10 32.69
N PHE K 119 36.52 -7.83 32.52
CA PHE K 119 37.42 -6.69 32.69
C PHE K 119 37.28 -6.08 34.09
N ARG K 120 38.39 -5.86 34.77
CA ARG K 120 38.42 -5.30 36.12
C ARG K 120 39.37 -4.12 36.14
N ARG K 121 38.86 -2.93 36.46
CA ARG K 121 39.66 -1.71 36.44
C ARG K 121 40.34 -1.40 35.09
N MET K 122 39.70 -1.79 33.98
CA MET K 122 40.22 -1.56 32.63
C MET K 122 39.46 -0.42 31.93
N ILE K 123 40.01 0.08 30.82
CA ILE K 123 39.24 1.00 30.00
C ILE K 123 38.64 0.34 28.74
N VAL K 124 37.43 0.75 28.38
CA VAL K 124 36.64 0.01 27.42
C VAL K 124 35.81 0.89 26.43
N SER K 125 36.23 0.96 25.16
CA SER K 125 35.56 1.76 24.11
C SER K 125 34.13 1.33 23.96
N ASP K 126 33.30 2.20 23.42
CA ASP K 126 32.15 1.69 22.70
C ASP K 126 32.77 0.87 21.59
N LEU K 127 33.79 1.42 20.94
CA LEU K 127 34.33 0.77 19.74
C LEU K 127 34.62 -0.68 19.98
N ASP K 128 35.51 -0.93 20.91
CA ASP K 128 35.94 -2.29 21.09
C ASP K 128 34.85 -3.08 21.82
N LEU K 129 33.93 -2.35 22.44
CA LEU K 129 32.77 -3.02 22.99
C LEU K 129 31.88 -3.53 21.85
N ASP K 130 31.73 -2.76 20.77
CA ASP K 130 30.94 -3.19 19.62
C ASP K 130 31.75 -4.19 18.81
N ARG K 131 33.08 -4.08 18.84
CA ARG K 131 33.90 -5.08 18.13
C ARG K 131 33.71 -6.45 18.75
N LEU K 132 33.62 -6.43 20.08
CA LEU K 132 33.51 -7.63 20.86
C LEU K 132 32.20 -8.32 20.49
N ALA K 133 31.13 -7.54 20.35
CA ALA K 133 29.81 -8.14 20.22
C ALA K 133 29.67 -8.81 18.87
N LYS K 134 29.99 -8.07 17.82
CA LYS K 134 30.03 -8.64 16.49
C LYS K 134 30.82 -9.95 16.56
N ALA K 135 32.04 -9.90 17.13
CA ALA K 135 32.99 -11.04 17.10
C ALA K 135 32.55 -12.28 17.90
N ARG K 136 32.10 -12.07 19.13
CA ARG K 136 31.62 -13.17 19.93
C ARG K 136 30.14 -13.53 19.67
N ALA K 137 29.30 -12.54 19.35
CA ALA K 137 27.93 -12.81 18.94
C ALA K 137 27.20 -13.59 20.00
N ASP K 138 26.28 -14.46 19.58
CA ASP K 138 25.39 -15.18 20.49
C ASP K 138 26.14 -16.18 21.34
N ASP K 139 27.45 -16.21 21.13
CA ASP K 139 28.29 -17.19 21.75
C ASP K 139 28.75 -16.69 23.12
N LEU K 140 28.93 -15.40 23.24
CA LEU K 140 29.38 -14.83 24.50
C LEU K 140 28.23 -14.82 25.51
N GLU K 141 28.53 -15.37 26.68
CA GLU K 141 27.54 -15.78 27.67
C GLU K 141 27.60 -14.84 28.86
N THR K 142 28.82 -14.46 29.22
CA THR K 142 29.03 -13.65 30.40
C THR K 142 30.02 -12.52 30.15
N LEU K 143 29.55 -11.29 30.34
CA LEU K 143 30.42 -10.14 30.29
C LEU K 143 30.42 -9.39 31.66
N LYS K 144 31.58 -8.89 32.06
CA LYS K 144 31.71 -8.20 33.32
C LYS K 144 32.60 -6.98 33.15
N LEU K 145 32.00 -5.82 32.90
CA LEU K 145 32.66 -4.53 33.10
C LEU K 145 32.56 -4.23 34.60
N ASP K 146 33.69 -3.95 35.25
CA ASP K 146 33.79 -4.13 36.70
C ASP K 146 34.77 -3.11 37.21
N LYS K 147 34.30 -2.00 37.76
CA LYS K 147 35.16 -0.83 37.90
C LYS K 147 35.80 -0.45 36.57
N CYS K 148 35.00 -0.36 35.51
CA CYS K 148 35.57 -0.08 34.18
C CYS K 148 35.14 1.30 33.66
N SER K 149 35.74 1.76 32.58
CA SER K 149 35.46 3.11 32.18
C SER K 149 35.72 3.38 30.71
N GLY K 150 35.13 4.46 30.20
CA GLY K 150 35.36 4.86 28.83
C GLY K 150 34.31 4.41 27.83
N PHE K 151 33.29 3.69 28.26
CA PHE K 151 32.27 3.26 27.30
C PHE K 151 31.05 4.11 27.52
N THR K 152 29.98 3.86 26.77
CA THR K 152 28.71 4.54 27.01
C THR K 152 27.57 3.61 26.66
N THR K 153 26.35 3.98 27.02
CA THR K 153 25.26 3.03 26.81
C THR K 153 25.18 2.50 25.36
N ASP K 154 25.87 3.14 24.43
CA ASP K 154 25.91 2.68 23.03
C ASP K 154 26.50 1.28 22.92
N GLY K 155 27.61 1.06 23.61
CA GLY K 155 28.26 -0.22 23.63
C GLY K 155 27.37 -1.25 24.29
N LEU K 156 26.75 -0.87 25.41
CA LEU K 156 25.88 -1.78 26.14
C LEU K 156 24.81 -2.30 25.21
N LEU K 157 24.22 -1.35 24.49
CA LEU K 157 23.14 -1.62 23.60
C LEU K 157 23.69 -2.46 22.46
N SER K 158 24.90 -2.14 22.04
CA SER K 158 25.55 -2.94 21.02
C SER K 158 25.73 -4.43 21.44
N ILE K 159 25.83 -4.72 22.74
CA ILE K 159 26.10 -6.12 23.09
C ILE K 159 24.84 -6.90 23.41
N VAL K 160 23.79 -6.21 23.83
CA VAL K 160 22.54 -6.92 24.07
C VAL K 160 21.89 -7.31 22.75
N THR K 161 22.08 -6.50 21.73
CA THR K 161 21.52 -6.80 20.43
C THR K 161 22.29 -7.88 19.64
N HIS K 162 23.62 -7.95 19.74
CA HIS K 162 24.37 -9.03 19.07
C HIS K 162 24.62 -10.32 19.91
N CYS K 163 24.28 -10.28 21.20
CA CYS K 163 24.54 -11.39 22.14
C CYS K 163 23.27 -11.76 22.89
N ARG K 164 22.37 -12.47 22.19
CA ARG K 164 20.98 -12.58 22.60
C ARG K 164 20.83 -13.75 23.50
N LYS K 165 21.93 -14.49 23.62
CA LYS K 165 21.94 -15.72 24.36
C LYS K 165 22.73 -15.59 25.66
N ILE K 166 22.90 -14.33 26.09
CA ILE K 166 23.63 -13.97 27.31
C ILE K 166 23.08 -14.49 28.62
N LYS K 167 24.01 -14.84 29.52
CA LYS K 167 23.66 -15.42 30.84
C LYS K 167 24.09 -14.52 32.02
N THR K 168 25.36 -14.07 32.04
CA THR K 168 25.78 -13.12 33.09
C THR K 168 26.21 -11.74 32.49
N LEU K 169 25.67 -10.65 33.02
CA LEU K 169 25.94 -9.29 32.52
C LEU K 169 26.00 -8.29 33.68
N LEU K 170 27.16 -7.70 33.89
CA LEU K 170 27.42 -6.91 35.10
C LEU K 170 28.17 -5.62 34.79
N MET K 171 27.83 -4.52 35.46
CA MET K 171 28.53 -3.26 35.25
C MET K 171 28.84 -2.61 36.59
N GLU K 172 29.28 -3.42 37.55
CA GLU K 172 29.12 -3.05 38.95
C GLU K 172 29.57 -1.66 39.39
N GLU K 173 30.82 -1.27 39.17
CA GLU K 173 31.20 0.06 39.68
C GLU K 173 31.77 0.87 38.56
N SER K 174 31.42 0.41 37.37
CA SER K 174 31.92 0.99 36.14
C SER K 174 31.35 2.38 35.99
N SER K 175 31.97 3.20 35.14
CA SER K 175 31.49 4.55 34.92
C SER K 175 31.55 4.99 33.45
N PHE K 176 30.36 5.11 32.90
CA PHE K 176 30.17 5.28 31.48
C PHE K 176 29.25 6.47 31.35
N SER K 177 28.85 6.75 30.10
CA SER K 177 27.91 7.80 29.72
C SER K 177 26.52 7.20 29.53
N GLU K 178 25.54 7.66 30.33
CA GLU K 178 24.15 7.22 30.15
C GLU K 178 23.32 8.02 29.14
N LYS K 179 23.40 7.67 27.84
CA LYS K 179 22.67 8.44 26.80
C LYS K 179 21.16 8.17 26.67
N ASP K 180 20.82 6.89 26.53
CA ASP K 180 19.42 6.50 26.50
C ASP K 180 19.22 5.26 27.32
N GLY K 181 18.01 4.74 27.33
CA GLY K 181 17.68 3.55 28.13
C GLY K 181 17.59 2.28 27.30
N LYS K 182 17.79 2.43 26.00
CA LYS K 182 17.59 1.36 25.03
C LYS K 182 18.07 -0.05 25.45
N TRP K 183 19.36 -0.24 25.65
CA TRP K 183 19.87 -1.57 25.99
C TRP K 183 18.98 -2.40 26.93
N LEU K 184 18.43 -1.82 28.00
CA LEU K 184 17.56 -2.62 28.90
C LEU K 184 16.35 -3.10 28.15
N HIS K 185 15.69 -2.17 27.48
CA HIS K 185 14.56 -2.54 26.67
C HIS K 185 14.93 -3.64 25.67
N GLU K 186 16.12 -3.59 25.09
CA GLU K 186 16.50 -4.64 24.15
C GLU K 186 16.52 -5.98 24.85
N LEU K 187 17.14 -6.01 26.02
CA LEU K 187 17.20 -7.21 26.84
C LEU K 187 15.83 -7.79 27.12
N ALA K 188 14.93 -6.91 27.55
CA ALA K 188 13.53 -7.24 27.71
C ALA K 188 13.02 -8.20 26.64
N GLN K 189 12.85 -7.70 25.42
CA GLN K 189 12.10 -8.46 24.42
C GLN K 189 12.82 -9.58 23.68
N HIS K 190 14.04 -9.91 24.08
CA HIS K 190 14.80 -10.85 23.26
C HIS K 190 15.60 -11.83 24.08
N ASN K 191 15.72 -11.57 25.37
CA ASN K 191 16.57 -12.40 26.21
C ASN K 191 15.78 -13.28 27.17
N THR K 192 16.22 -14.54 27.23
CA THR K 192 15.53 -15.62 27.91
C THR K 192 16.45 -16.20 28.97
N SER K 193 17.74 -15.90 28.80
CA SER K 193 18.80 -16.65 29.45
C SER K 193 19.54 -15.93 30.61
N LEU K 194 19.25 -14.66 30.85
CA LEU K 194 19.91 -14.01 31.95
C LEU K 194 19.81 -14.82 33.23
N GLU K 195 20.96 -15.11 33.83
CA GLU K 195 21.00 -15.70 35.16
C GLU K 195 21.38 -14.66 36.22
N VAL K 196 22.37 -13.83 35.90
CA VAL K 196 22.71 -12.74 36.79
C VAL K 196 22.85 -11.39 36.07
N LEU K 197 22.10 -10.41 36.54
CA LEU K 197 22.13 -9.08 35.96
C LEU K 197 22.48 -8.07 37.07
N ASN K 198 23.57 -7.36 36.85
CA ASN K 198 24.30 -6.86 38.00
C ASN K 198 24.91 -5.49 37.86
N PHE K 199 24.05 -4.50 37.73
CA PHE K 199 24.55 -3.15 37.74
C PHE K 199 24.37 -2.46 39.09
N TYR K 200 25.03 -3.00 40.12
CA TYR K 200 24.72 -2.69 41.53
C TYR K 200 24.37 -1.26 41.89
N MET K 201 25.32 -0.45 42.35
CA MET K 201 24.85 0.86 42.81
C MET K 201 25.10 1.98 41.80
N THR K 202 25.23 1.58 40.55
CA THR K 202 25.45 2.54 39.49
C THR K 202 24.13 3.21 39.06
N GLU K 203 24.06 4.53 39.25
CA GLU K 203 22.83 5.28 38.95
C GLU K 203 22.55 5.43 37.46
N PHE K 204 21.41 4.87 37.07
CA PHE K 204 20.94 4.85 35.70
C PHE K 204 19.61 5.59 35.58
N ALA K 205 19.57 6.90 35.72
CA ALA K 205 18.26 7.59 35.77
C ALA K 205 17.61 7.69 34.40
N LYS K 206 17.44 6.57 33.71
CA LYS K 206 17.06 6.62 32.32
C LYS K 206 16.60 5.30 31.75
N ILE K 207 16.45 4.29 32.60
CA ILE K 207 15.92 3.00 32.17
C ILE K 207 14.60 2.80 32.88
N SER K 208 13.80 1.83 32.43
CA SER K 208 12.44 1.63 32.94
C SER K 208 12.22 0.38 33.79
N PRO K 209 11.81 0.54 35.08
CA PRO K 209 11.41 -0.58 35.94
C PRO K 209 10.65 -1.62 35.15
N LYS K 210 9.68 -1.17 34.37
CA LYS K 210 8.91 -2.08 33.52
C LYS K 210 9.79 -3.05 32.73
N ASP K 211 10.79 -2.55 32.00
CA ASP K 211 11.69 -3.46 31.28
C ASP K 211 12.33 -4.49 32.20
N LEU K 212 12.41 -4.17 33.49
CA LEU K 212 12.92 -5.13 34.45
C LEU K 212 11.86 -6.21 34.70
N GLU K 213 10.63 -5.75 34.98
CA GLU K 213 9.44 -6.61 35.12
C GLU K 213 9.40 -7.63 33.99
N THR K 214 9.46 -7.16 32.74
CA THR K 214 9.41 -8.09 31.63
C THR K 214 10.56 -9.10 31.72
N ILE K 215 11.75 -8.59 31.99
CA ILE K 215 12.92 -9.47 32.16
C ILE K 215 12.69 -10.58 33.20
N ALA K 216 12.03 -10.23 34.30
CA ALA K 216 11.81 -11.21 35.35
C ALA K 216 10.93 -12.29 34.79
N ARG K 217 9.95 -11.88 33.98
CA ARG K 217 8.90 -12.78 33.50
C ARG K 217 9.31 -13.51 32.23
N ASN K 218 10.55 -13.30 31.80
CA ASN K 218 11.07 -13.92 30.58
C ASN K 218 12.22 -14.84 30.85
N CYS K 219 13.01 -14.49 31.86
CA CYS K 219 14.27 -15.17 32.12
C CYS K 219 14.06 -16.12 33.26
N ARG K 220 13.90 -17.40 32.94
CA ARG K 220 13.46 -18.34 33.95
C ARG K 220 14.58 -18.67 34.92
N SER K 221 15.81 -18.66 34.43
CA SER K 221 16.94 -19.03 35.28
C SER K 221 17.63 -17.83 35.95
N LEU K 222 16.87 -16.74 36.07
CA LEU K 222 17.34 -15.51 36.68
C LEU K 222 17.36 -15.61 38.19
N VAL K 223 18.55 -15.82 38.74
CA VAL K 223 18.69 -16.10 40.15
C VAL K 223 19.26 -14.93 40.95
N SER K 224 19.87 -13.95 40.28
CA SER K 224 20.45 -12.78 40.98
C SER K 224 20.47 -11.43 40.25
N VAL K 225 19.93 -10.38 40.90
CA VAL K 225 19.98 -9.01 40.36
C VAL K 225 20.24 -7.91 41.42
N LYS K 226 21.25 -7.12 41.15
CA LYS K 226 21.53 -5.99 42.00
C LYS K 226 21.24 -4.86 41.03
N VAL K 227 20.80 -3.70 41.52
CA VAL K 227 20.32 -2.67 40.64
C VAL K 227 20.35 -1.29 41.32
N GLY K 228 20.17 -0.23 40.51
CA GLY K 228 20.29 1.15 40.97
C GLY K 228 19.33 1.71 42.03
N ASP K 229 18.39 2.54 41.58
CA ASP K 229 17.60 3.41 42.46
C ASP K 229 16.09 3.24 42.36
N PHE K 230 15.60 2.14 41.81
CA PHE K 230 14.16 1.98 41.67
C PHE K 230 13.43 2.08 42.99
N GLU K 231 12.43 2.95 43.08
CA GLU K 231 11.55 2.88 44.24
C GLU K 231 10.91 1.49 44.21
N ILE K 232 11.17 0.75 45.27
CA ILE K 232 10.67 -0.60 45.40
C ILE K 232 9.26 -0.88 44.78
N LEU K 233 8.25 -0.07 45.09
CA LEU K 233 6.90 -0.32 44.53
C LEU K 233 6.91 -0.53 43.01
N GLU K 234 7.83 0.11 42.33
CA GLU K 234 7.91 -0.04 40.90
C GLU K 234 8.31 -1.46 40.52
N LEU K 235 8.90 -2.17 41.47
CA LEU K 235 9.43 -3.51 41.21
C LEU K 235 8.44 -4.63 41.41
N VAL K 236 7.41 -4.41 42.25
CA VAL K 236 6.55 -5.52 42.69
C VAL K 236 6.14 -6.47 41.56
N GLY K 237 5.73 -5.91 40.43
CA GLY K 237 5.61 -6.72 39.24
C GLY K 237 6.84 -7.62 39.14
N PHE K 238 7.97 -7.05 38.78
CA PHE K 238 9.25 -7.77 38.72
C PHE K 238 9.50 -8.84 39.82
N PHE K 239 9.19 -8.52 41.06
CA PHE K 239 9.42 -9.45 42.17
C PHE K 239 8.53 -10.69 42.04
N LYS K 240 7.22 -10.44 41.94
CA LYS K 240 6.27 -11.48 41.59
C LYS K 240 6.76 -12.33 40.39
N ALA K 241 7.34 -11.67 39.39
CA ALA K 241 7.73 -12.32 38.15
C ALA K 241 9.04 -13.11 38.25
N ALA K 242 9.74 -12.99 39.37
CA ALA K 242 11.08 -13.55 39.47
C ALA K 242 11.18 -14.79 40.34
N ALA K 243 10.40 -15.82 40.03
CA ALA K 243 10.25 -17.00 40.91
C ALA K 243 11.52 -17.50 41.57
N ASN K 244 12.57 -17.70 40.76
CA ASN K 244 13.80 -18.34 41.23
C ASN K 244 14.82 -17.44 41.96
N LEU K 245 14.51 -16.14 42.03
CA LEU K 245 15.43 -15.16 42.55
C LEU K 245 15.92 -15.47 43.94
N GLU K 246 17.24 -15.52 44.09
CA GLU K 246 17.89 -15.74 45.37
C GLU K 246 18.60 -14.49 45.85
N GLU K 247 18.99 -13.60 44.96
CA GLU K 247 19.75 -12.44 45.39
C GLU K 247 19.30 -11.12 44.74
N PHE K 248 19.09 -10.11 45.56
CA PHE K 248 18.72 -8.81 45.04
C PHE K 248 19.24 -7.67 45.91
N CYS K 249 19.85 -6.65 45.29
CA CYS K 249 20.36 -5.49 46.05
C CYS K 249 20.10 -4.19 45.31
N GLY K 250 19.88 -3.13 46.06
CA GLY K 250 19.63 -1.84 45.45
C GLY K 250 18.19 -1.38 45.61
N GLY K 251 17.73 -0.57 44.66
CA GLY K 251 16.41 0.03 44.76
C GLY K 251 16.46 1.25 45.65
N SER K 252 15.43 1.42 46.48
CA SER K 252 15.42 2.46 47.51
C SER K 252 14.11 2.40 48.29
N LEU K 253 14.21 2.36 49.61
CA LEU K 253 13.03 2.49 50.47
C LEU K 253 12.76 3.98 50.74
N ASN K 254 12.76 4.75 49.64
CA ASN K 254 12.38 6.16 49.63
C ASN K 254 10.94 6.27 50.13
N GLU K 255 10.77 6.42 51.44
CA GLU K 255 9.43 6.36 52.04
C GLU K 255 8.97 7.61 52.79
N ASP K 256 7.75 8.04 52.45
CA ASP K 256 7.07 9.14 53.14
C ASP K 256 6.43 8.69 54.47
N ILE K 257 6.15 9.68 55.31
CA ILE K 257 5.61 9.46 56.65
C ILE K 257 4.15 9.01 56.66
N GLY K 258 3.40 9.40 55.63
CA GLY K 258 1.97 9.12 55.55
C GLY K 258 1.52 7.69 55.28
N MET K 259 2.36 6.87 54.65
CA MET K 259 1.97 5.50 54.27
C MET K 259 2.65 4.41 55.11
N PRO K 260 2.46 4.44 56.45
CA PRO K 260 3.04 3.38 57.28
C PRO K 260 2.53 1.99 56.91
N GLU K 261 2.14 1.80 55.66
CA GLU K 261 1.74 0.49 55.14
C GLU K 261 2.22 0.35 53.70
N LYS K 262 3.00 1.32 53.23
CA LYS K 262 3.51 1.30 51.85
C LYS K 262 4.04 -0.08 51.59
N TYR K 263 5.11 -0.42 52.32
CA TYR K 263 5.83 -1.66 52.09
C TYR K 263 5.57 -2.79 53.09
N MET K 264 4.54 -2.74 53.93
CA MET K 264 4.24 -3.97 54.69
C MET K 264 3.49 -4.97 53.78
N ASN K 265 3.07 -4.47 52.62
CA ASN K 265 2.46 -5.32 51.61
C ASN K 265 3.40 -5.49 50.42
N LEU K 266 4.39 -6.38 50.59
CA LEU K 266 5.36 -6.68 49.55
C LEU K 266 5.46 -8.20 49.40
N VAL K 267 6.26 -8.66 48.45
CA VAL K 267 6.31 -10.06 48.11
C VAL K 267 7.74 -10.47 47.83
N PHE K 268 8.43 -11.16 48.74
CA PHE K 268 9.82 -11.49 48.40
C PHE K 268 10.06 -12.93 47.97
N PRO K 269 10.40 -13.11 46.69
CA PRO K 269 10.51 -14.38 45.96
C PRO K 269 10.93 -15.60 46.78
N ARG K 270 10.09 -16.02 47.73
CA ARG K 270 10.32 -17.20 48.59
C ARG K 270 11.79 -17.49 48.83
N LYS K 271 12.41 -18.12 47.84
CA LYS K 271 13.83 -18.48 47.84
C LYS K 271 14.85 -17.34 48.10
N LEU K 272 14.39 -16.10 48.12
CA LEU K 272 15.25 -14.92 48.25
C LEU K 272 15.94 -14.96 49.62
N CYS K 273 17.23 -14.64 49.63
CA CYS K 273 18.13 -15.05 50.73
C CYS K 273 19.49 -14.31 50.81
N ARG K 274 19.96 -13.78 49.69
CA ARG K 274 21.11 -12.88 49.68
C ARG K 274 20.61 -11.51 49.21
N LEU K 275 20.65 -10.53 50.10
CA LEU K 275 20.01 -9.25 49.81
C LEU K 275 20.59 -8.03 50.53
N GLY K 276 20.49 -6.86 49.88
CA GLY K 276 20.67 -5.57 50.52
C GLY K 276 19.71 -4.49 50.02
N LEU K 277 18.76 -4.10 50.85
CA LEU K 277 17.72 -3.17 50.38
C LEU K 277 18.10 -1.72 50.55
N SER K 278 18.66 -1.12 49.51
CA SER K 278 19.21 0.25 49.63
C SER K 278 18.65 1.08 50.79
N TYR K 279 18.07 2.23 50.55
CA TYR K 279 18.00 3.22 51.64
C TYR K 279 17.31 2.79 52.94
N MET K 280 16.97 1.50 53.02
CA MET K 280 16.25 0.87 54.14
C MET K 280 16.38 1.49 55.55
N GLY K 281 15.25 1.99 56.06
CA GLY K 281 15.18 2.59 57.38
C GLY K 281 14.59 1.64 58.40
N PRO K 282 14.35 2.16 59.62
CA PRO K 282 13.97 1.30 60.76
C PRO K 282 12.57 0.76 60.58
N ASN K 283 11.64 1.64 60.18
CA ASN K 283 10.24 1.25 59.94
C ASN K 283 10.14 0.09 58.96
N GLU K 284 10.47 0.33 57.70
CA GLU K 284 10.30 -0.69 56.65
C GLU K 284 11.11 -1.98 56.86
N MET K 285 11.94 -2.01 57.90
CA MET K 285 12.77 -3.18 58.16
C MET K 285 12.00 -4.51 58.39
N PRO K 286 10.92 -4.48 59.18
CA PRO K 286 10.15 -5.69 59.48
C PRO K 286 9.89 -6.62 58.31
N ILE K 287 9.67 -6.05 57.13
CA ILE K 287 9.40 -6.83 55.93
C ILE K 287 10.39 -7.97 55.72
N LEU K 288 11.37 -8.10 56.61
CA LEU K 288 12.41 -9.10 56.46
C LEU K 288 12.21 -10.28 57.41
N PHE K 289 11.65 -9.98 58.57
CA PHE K 289 11.39 -10.98 59.58
C PHE K 289 10.80 -12.28 59.01
N PRO K 290 9.67 -12.19 58.30
CA PRO K 290 9.07 -13.38 57.67
C PRO K 290 10.08 -14.46 57.27
N PHE K 291 11.24 -14.08 56.77
CA PHE K 291 12.19 -15.08 56.28
C PHE K 291 13.62 -14.84 56.74
N ALA K 292 13.80 -14.09 57.82
CA ALA K 292 15.14 -13.73 58.28
C ALA K 292 16.04 -14.94 58.56
N ALA K 293 15.44 -16.07 58.92
CA ALA K 293 16.21 -17.29 59.17
C ALA K 293 16.73 -17.87 57.86
N GLN K 294 16.36 -17.23 56.76
CA GLN K 294 16.77 -17.66 55.43
C GLN K 294 17.94 -16.80 54.98
N ILE K 295 17.99 -15.56 55.44
CA ILE K 295 19.05 -14.63 55.06
C ILE K 295 20.38 -15.33 55.28
N ARG K 296 21.15 -15.51 54.22
CA ARG K 296 22.46 -16.12 54.35
C ARG K 296 23.58 -15.04 54.18
N LYS K 297 23.23 -13.91 53.53
CA LYS K 297 24.16 -12.80 53.25
C LYS K 297 23.40 -11.46 53.26
N LEU K 298 23.92 -10.46 53.95
CA LEU K 298 23.17 -9.22 54.19
C LEU K 298 24.02 -7.95 53.99
N ASP K 299 23.63 -7.12 53.03
CA ASP K 299 24.43 -5.98 52.57
C ASP K 299 23.84 -4.64 53.08
N LEU K 300 24.16 -4.26 54.32
CA LEU K 300 23.56 -3.10 54.98
C LEU K 300 24.36 -1.85 54.76
N LEU K 301 25.13 -1.86 53.70
CA LEU K 301 26.10 -0.83 53.46
C LEU K 301 25.36 0.48 53.40
N TYR K 302 24.46 0.62 52.42
CA TYR K 302 23.69 1.85 52.23
C TYR K 302 22.32 1.82 52.89
N ALA K 303 22.10 0.83 53.75
CA ALA K 303 20.93 0.88 54.62
C ALA K 303 21.03 2.10 55.53
N LEU K 304 19.91 2.47 56.15
CA LEU K 304 19.88 3.72 56.86
C LEU K 304 19.75 3.47 58.35
N LEU K 305 19.15 2.33 58.68
CA LEU K 305 18.76 2.07 60.06
C LEU K 305 19.83 2.38 61.09
N GLU K 306 19.36 2.59 62.31
CA GLU K 306 20.18 3.06 63.41
C GLU K 306 20.97 1.90 64.02
N THR K 307 21.78 2.17 65.04
CA THR K 307 22.59 1.11 65.63
C THR K 307 21.81 0.17 66.53
N GLU K 308 20.90 0.72 67.34
CA GLU K 308 19.97 -0.06 68.16
C GLU K 308 19.08 -0.98 67.30
N ASP K 309 18.80 -0.51 66.09
CA ASP K 309 17.97 -1.25 65.14
C ASP K 309 18.81 -2.35 64.53
N HIS K 310 20.05 -2.02 64.18
CA HIS K 310 20.97 -2.99 63.62
C HIS K 310 20.86 -4.25 64.45
N CYS K 311 20.77 -4.10 65.78
CA CYS K 311 20.90 -5.25 66.67
C CYS K 311 19.67 -6.13 66.63
N THR K 312 18.51 -5.50 66.54
CA THR K 312 17.26 -6.23 66.55
C THR K 312 16.87 -6.68 65.13
N LEU K 313 17.86 -6.69 64.23
CA LEU K 313 17.75 -7.43 62.98
C LEU K 313 18.62 -8.69 63.09
N ILE K 314 19.92 -8.49 63.15
CA ILE K 314 20.90 -9.56 63.32
C ILE K 314 20.31 -10.70 64.18
N GLN K 315 19.82 -10.33 65.37
CA GLN K 315 19.30 -11.27 66.37
C GLN K 315 18.31 -12.31 65.78
N LYS K 316 17.91 -12.07 64.52
CA LYS K 316 16.85 -12.80 63.84
C LYS K 316 17.31 -13.52 62.58
N CYS K 317 18.63 -13.52 62.36
CA CYS K 317 19.23 -14.23 61.23
C CYS K 317 20.38 -15.09 61.72
N PRO K 318 20.05 -16.18 62.44
CA PRO K 318 21.01 -17.21 62.82
C PRO K 318 21.94 -17.61 61.68
N ASN K 319 21.40 -18.02 60.53
CA ASN K 319 22.27 -18.60 59.51
C ASN K 319 23.07 -17.58 58.72
N LEU K 320 23.16 -16.37 59.29
CA LEU K 320 23.93 -15.28 58.71
C LEU K 320 25.39 -15.64 58.56
N GLU K 321 25.91 -15.54 57.34
CA GLU K 321 27.29 -15.94 57.08
C GLU K 321 28.15 -14.89 56.36
N VAL K 322 27.50 -13.92 55.72
CA VAL K 322 28.19 -12.68 55.34
C VAL K 322 27.39 -11.50 55.83
N LEU K 323 28.05 -10.36 56.03
CA LEU K 323 27.43 -9.14 56.52
C LEU K 323 28.37 -7.97 56.27
N GLU K 324 27.96 -7.07 55.37
CA GLU K 324 28.75 -5.91 55.03
C GLU K 324 27.97 -4.74 55.58
N THR K 325 28.40 -4.17 56.70
CA THR K 325 27.68 -3.01 57.27
C THR K 325 28.49 -1.73 57.25
N ARG K 326 27.85 -0.62 57.61
CA ARG K 326 28.57 0.60 57.90
C ARG K 326 28.93 0.45 59.38
N ASN K 327 29.98 1.12 59.85
CA ASN K 327 30.40 1.00 61.26
C ASN K 327 29.32 1.33 62.31
N VAL K 328 28.20 1.92 61.90
CA VAL K 328 27.16 2.23 62.87
C VAL K 328 26.70 0.98 63.59
N ILE K 329 27.13 -0.19 63.13
CA ILE K 329 26.67 -1.41 63.78
C ILE K 329 27.07 -1.35 65.25
N GLY K 330 28.22 -0.71 65.51
CA GLY K 330 28.73 -0.48 66.86
C GLY K 330 28.86 -1.67 67.82
N ASP K 331 29.53 -1.43 68.94
CA ASP K 331 29.84 -2.48 69.90
C ASP K 331 28.69 -3.41 70.18
N ARG K 332 27.54 -2.82 70.48
CA ARG K 332 26.35 -3.63 70.74
C ARG K 332 26.12 -4.57 69.55
N GLY K 333 26.03 -4.02 68.35
CA GLY K 333 25.85 -4.85 67.18
C GLY K 333 26.81 -6.01 67.25
N LEU K 334 28.08 -5.66 67.28
CA LEU K 334 29.17 -6.64 67.28
C LEU K 334 28.92 -7.77 68.31
N GLU K 335 28.29 -7.44 69.42
CA GLU K 335 27.98 -8.44 70.44
C GLU K 335 26.81 -9.33 70.00
N VAL K 336 25.76 -8.67 69.52
CA VAL K 336 24.61 -9.38 69.00
C VAL K 336 25.13 -10.33 67.94
N LEU K 337 25.97 -9.78 67.06
CA LEU K 337 26.50 -10.54 65.94
C LEU K 337 27.13 -11.83 66.45
N ALA K 338 27.92 -11.66 67.51
CA ALA K 338 28.70 -12.72 68.16
C ALA K 338 27.90 -13.92 68.69
N GLN K 339 26.74 -13.69 69.30
CA GLN K 339 26.03 -14.80 69.91
C GLN K 339 24.92 -15.47 69.08
N TYR K 340 24.30 -14.74 68.14
CA TYR K 340 23.20 -15.36 67.37
C TYR K 340 23.64 -15.95 66.04
N CYS K 341 24.69 -15.36 65.49
CA CYS K 341 25.22 -15.72 64.17
C CYS K 341 26.51 -16.47 64.29
N LYS K 342 26.45 -17.72 64.69
CA LYS K 342 27.66 -18.47 65.01
C LYS K 342 28.56 -18.76 63.81
N GLN K 343 27.95 -19.12 62.69
CA GLN K 343 28.70 -19.46 61.48
C GLN K 343 28.80 -18.27 60.52
N LEU K 344 29.09 -17.10 61.07
CA LEU K 344 29.39 -15.93 60.26
C LEU K 344 30.75 -16.20 59.69
N LYS K 345 30.93 -15.99 58.38
CA LYS K 345 32.25 -16.24 57.80
C LYS K 345 32.90 -15.13 56.94
N ARG K 346 32.14 -14.12 56.54
CA ARG K 346 32.75 -12.89 56.00
C ARG K 346 32.08 -11.70 56.65
N LEU K 347 32.87 -10.77 57.18
CA LEU K 347 32.32 -9.55 57.77
C LEU K 347 33.15 -8.40 57.26
N ARG K 348 32.49 -7.29 56.97
CA ARG K 348 33.18 -6.14 56.47
C ARG K 348 32.43 -4.92 56.99
N ILE K 349 33.15 -3.94 57.53
CA ILE K 349 32.55 -2.74 58.09
C ILE K 349 33.21 -1.50 57.51
N GLU K 350 32.63 -0.87 56.49
CA GLU K 350 33.25 0.36 56.04
C GLU K 350 32.47 1.63 56.29
N ARG K 351 32.86 2.37 57.32
CA ARG K 351 32.30 3.69 57.51
C ARG K 351 32.78 4.64 56.42
N GLY K 352 31.85 5.47 55.97
CA GLY K 352 32.13 6.47 54.96
C GLY K 352 32.19 5.91 53.55
N ALA K 353 31.04 5.53 53.01
CA ALA K 353 30.94 5.21 51.58
C ALA K 353 30.31 6.39 50.81
N ASP K 354 29.77 7.36 51.58
CA ASP K 354 29.14 8.60 51.08
C ASP K 354 29.42 9.89 51.91
N GLU K 355 29.12 9.87 53.21
CA GLU K 355 29.18 11.11 54.05
C GLU K 355 30.11 11.08 55.27
N GLN K 356 30.35 12.27 55.85
CA GLN K 356 31.14 12.45 57.08
C GLN K 356 30.26 12.20 58.29
N GLY K 357 29.08 11.64 58.04
CA GLY K 357 28.02 11.48 59.02
C GLY K 357 28.42 11.20 60.46
N MET K 358 27.43 11.20 61.35
CA MET K 358 27.64 10.90 62.76
C MET K 358 28.40 9.59 62.92
N GLU K 359 28.38 8.77 61.87
CA GLU K 359 29.25 7.60 61.80
C GLU K 359 30.69 8.10 61.85
N ASP K 360 31.27 8.20 63.05
CA ASP K 360 32.69 8.54 63.21
C ASP K 360 33.16 8.39 64.66
N GLU K 361 34.24 7.65 64.85
CA GLU K 361 34.79 7.33 66.18
C GLU K 361 33.77 7.29 67.30
N GLU K 362 32.90 6.29 67.26
CA GLU K 362 31.93 6.10 68.31
C GLU K 362 31.74 4.60 68.46
N GLY K 363 30.52 4.17 68.12
CA GLY K 363 30.16 2.78 68.19
C GLY K 363 31.39 2.02 67.80
N LEU K 364 31.94 2.41 66.65
CA LEU K 364 33.05 1.70 65.99
C LEU K 364 33.52 0.42 66.68
N VAL K 365 34.11 0.61 67.85
CA VAL K 365 34.92 -0.43 68.42
C VAL K 365 35.30 -0.16 69.83
N SER K 366 34.46 -0.52 70.77
CA SER K 366 35.04 -0.88 72.03
C SER K 366 35.95 -1.97 71.50
N GLN K 367 37.16 -1.97 72.00
CA GLN K 367 38.03 -3.08 71.75
C GLN K 367 37.14 -4.28 72.10
N ARG K 368 36.20 -4.07 73.02
CA ARG K 368 35.19 -5.08 73.38
C ARG K 368 34.33 -5.50 72.20
N GLY K 369 34.02 -4.56 71.30
CA GLY K 369 33.34 -4.91 70.07
C GLY K 369 34.12 -6.03 69.42
N LEU K 370 35.27 -5.65 68.86
CA LEU K 370 36.15 -6.61 68.22
C LEU K 370 36.43 -7.84 69.07
N ILE K 371 36.60 -7.68 70.38
CA ILE K 371 36.94 -8.84 71.22
C ILE K 371 35.77 -9.80 71.36
N ALA K 372 34.55 -9.25 71.37
CA ALA K 372 33.36 -10.06 71.56
C ALA K 372 33.18 -10.85 70.30
N LEU K 373 33.32 -10.12 69.19
CA LEU K 373 33.16 -10.71 67.87
C LEU K 373 34.20 -11.79 67.64
N ALA K 374 35.42 -11.48 68.08
CA ALA K 374 36.58 -12.34 67.90
C ALA K 374 36.35 -13.68 68.56
N GLN K 375 35.79 -13.65 69.77
CA GLN K 375 35.46 -14.86 70.52
C GLN K 375 34.17 -15.58 70.08
N GLY K 376 33.13 -14.80 69.75
CA GLY K 376 31.90 -15.34 69.20
C GLY K 376 31.99 -16.04 67.83
N CYS K 377 32.31 -15.28 66.79
CA CYS K 377 32.43 -15.85 65.45
C CYS K 377 33.88 -16.30 65.18
N GLN K 378 34.07 -17.59 65.10
CA GLN K 378 35.41 -18.13 65.09
C GLN K 378 35.60 -18.84 63.79
N GLU K 379 34.49 -18.89 63.04
CA GLU K 379 34.42 -19.59 61.77
C GLU K 379 34.82 -18.60 60.67
N LEU K 380 34.96 -17.33 61.09
CA LEU K 380 35.36 -16.20 60.24
C LEU K 380 36.56 -16.51 59.33
N GLU K 381 36.45 -16.09 58.07
CA GLU K 381 37.46 -16.43 57.06
C GLU K 381 37.98 -15.17 56.40
N TYR K 382 37.23 -14.09 56.50
CA TYR K 382 37.68 -12.83 55.97
C TYR K 382 37.05 -11.75 56.82
N MET K 383 37.88 -10.79 57.20
CA MET K 383 37.42 -9.72 58.01
C MET K 383 38.13 -8.44 57.60
N ALA K 384 37.34 -7.38 57.46
CA ALA K 384 37.84 -6.10 56.99
C ALA K 384 37.10 -4.98 57.72
N VAL K 385 37.84 -4.26 58.53
CA VAL K 385 37.33 -3.35 59.52
C VAL K 385 37.92 -1.97 59.21
N TYR K 386 37.07 -0.95 59.17
CA TYR K 386 37.52 0.43 59.15
C TYR K 386 37.19 0.97 60.51
N VAL K 387 38.20 1.44 61.22
CA VAL K 387 38.00 1.72 62.61
C VAL K 387 38.72 2.97 63.14
N SER K 388 38.18 3.54 64.21
CA SER K 388 38.79 4.73 64.81
C SER K 388 40.02 4.45 65.65
N ASP K 389 39.95 3.47 66.55
CA ASP K 389 41.11 2.98 67.33
C ASP K 389 40.95 1.50 67.76
N ILE K 390 42.00 0.70 67.52
CA ILE K 390 42.14 -0.67 68.04
C ILE K 390 43.11 -0.59 69.20
N THR K 391 43.11 -1.61 70.06
CA THR K 391 44.16 -1.75 71.07
C THR K 391 44.94 -3.01 70.78
N ASN K 392 46.23 -3.01 71.06
CA ASN K 392 46.98 -4.26 70.98
C ASN K 392 46.08 -5.40 71.49
N GLU K 393 45.35 -5.13 72.58
CA GLU K 393 44.35 -6.03 73.15
C GLU K 393 43.37 -6.70 72.15
N SER K 394 42.83 -5.88 71.25
CA SER K 394 41.92 -6.32 70.19
C SER K 394 42.70 -7.26 69.33
N LEU K 395 43.75 -6.71 68.73
CA LEU K 395 44.56 -7.44 67.77
C LEU K 395 44.96 -8.78 68.35
N GLU K 396 45.54 -8.78 69.54
CA GLU K 396 45.95 -10.04 70.19
C GLU K 396 44.77 -10.99 70.31
N SER K 397 43.57 -10.42 70.33
CA SER K 397 42.40 -11.24 70.61
C SER K 397 41.97 -11.94 69.34
N ILE K 398 42.15 -11.25 68.22
CA ILE K 398 41.78 -11.76 66.90
C ILE K 398 42.69 -12.93 66.60
N GLY K 399 43.94 -12.80 67.02
CA GLY K 399 44.89 -13.86 66.82
C GLY K 399 44.54 -15.08 67.64
N THR K 400 44.09 -14.84 68.86
CA THR K 400 43.93 -15.96 69.77
C THR K 400 42.69 -16.75 69.38
N TYR K 401 41.70 -16.03 68.88
CA TYR K 401 40.39 -16.63 68.78
C TYR K 401 39.94 -17.18 67.42
N LEU K 402 40.18 -16.44 66.33
CA LEU K 402 39.66 -16.84 65.02
C LEU K 402 40.74 -17.41 64.12
N LYS K 403 41.05 -18.66 64.44
CA LYS K 403 42.21 -19.34 63.94
C LYS K 403 42.24 -19.52 62.41
N ASN K 404 41.16 -19.25 61.71
CA ASN K 404 41.28 -19.39 60.26
C ASN K 404 40.77 -18.27 59.33
N LEU K 405 41.08 -17.05 59.73
CA LEU K 405 41.15 -15.94 58.81
C LEU K 405 41.90 -16.31 57.56
N CYS K 406 41.66 -15.59 56.47
CA CYS K 406 42.50 -15.72 55.29
C CYS K 406 42.87 -14.31 54.85
N ASP K 407 41.97 -13.38 55.14
CA ASP K 407 42.09 -12.02 54.68
C ASP K 407 41.71 -11.11 55.82
N PHE K 408 42.70 -10.50 56.47
CA PHE K 408 42.40 -9.54 57.52
C PHE K 408 42.79 -8.15 57.06
N ARG K 409 41.98 -7.15 57.40
CA ARG K 409 42.19 -5.81 56.83
C ARG K 409 41.77 -4.63 57.70
N LEU K 410 42.72 -4.03 58.39
CA LEU K 410 42.46 -2.93 59.32
C LEU K 410 42.82 -1.59 58.73
N VAL K 411 41.91 -0.61 58.81
CA VAL K 411 42.22 0.80 58.46
C VAL K 411 41.87 1.76 59.60
N LEU K 412 42.84 2.53 60.07
CA LEU K 412 42.54 3.57 61.06
C LEU K 412 41.91 4.77 60.37
N LEU K 413 40.74 5.21 60.85
CA LEU K 413 40.09 6.35 60.20
C LEU K 413 40.47 7.62 60.93
N ASP K 414 40.66 7.52 62.24
CA ASP K 414 41.16 8.67 62.96
C ASP K 414 42.58 8.98 62.45
N ARG K 415 42.75 10.14 61.82
CA ARG K 415 44.03 10.52 61.24
C ARG K 415 45.00 11.14 62.27
N GLU K 416 44.43 11.69 63.35
CA GLU K 416 45.19 12.37 64.39
C GLU K 416 46.38 11.58 64.97
N GLU K 417 47.53 12.25 65.01
CA GLU K 417 48.75 11.69 65.53
C GLU K 417 48.64 11.47 67.03
N ARG K 418 48.76 10.21 67.45
CA ARG K 418 48.71 9.89 68.87
C ARG K 418 50.13 9.76 69.42
N ILE K 419 50.78 10.88 69.74
CA ILE K 419 52.15 10.79 70.27
C ILE K 419 52.22 10.13 71.66
N THR K 420 51.08 10.11 72.36
CA THR K 420 50.95 9.44 73.67
C THR K 420 49.93 8.29 73.66
N ASP K 421 49.72 7.69 72.49
CA ASP K 421 49.10 6.36 72.42
C ASP K 421 50.16 5.43 71.83
N LEU K 422 50.00 4.12 72.05
CA LEU K 422 51.08 3.18 71.72
C LEU K 422 51.09 2.56 70.30
N PRO K 423 52.23 1.94 69.95
CA PRO K 423 52.39 1.12 68.76
C PRO K 423 51.47 -0.08 68.86
N LEU K 424 51.24 -0.69 67.71
CA LEU K 424 50.42 -1.89 67.62
C LEU K 424 51.34 -3.09 67.59
N ASP K 425 52.65 -2.80 67.58
CA ASP K 425 53.72 -3.78 67.40
C ASP K 425 53.35 -5.16 67.93
N ASN K 426 52.92 -5.16 69.18
CA ASN K 426 52.74 -6.37 69.91
C ASN K 426 51.46 -7.06 69.50
N GLY K 427 50.48 -6.25 69.09
CA GLY K 427 49.20 -6.72 68.57
C GLY K 427 49.28 -7.42 67.21
N VAL K 428 49.80 -6.73 66.20
CA VAL K 428 50.00 -7.34 64.88
C VAL K 428 50.78 -8.61 65.04
N ARG K 429 51.87 -8.53 65.81
CA ARG K 429 52.64 -9.73 66.06
C ARG K 429 51.74 -10.84 66.60
N SER K 430 51.07 -10.58 67.71
CA SER K 430 50.30 -11.63 68.37
C SER K 430 49.27 -12.22 67.42
N LEU K 431 48.79 -11.37 66.50
CA LEU K 431 47.80 -11.69 65.46
C LEU K 431 48.35 -12.57 64.36
N LEU K 432 49.44 -12.13 63.73
CA LEU K 432 50.04 -12.87 62.62
C LEU K 432 50.51 -14.20 63.13
N ILE K 433 50.75 -14.26 64.44
CA ILE K 433 51.22 -15.51 65.00
C ILE K 433 50.08 -16.48 65.25
N GLY K 434 48.90 -15.92 65.50
CA GLY K 434 47.72 -16.74 65.76
C GLY K 434 47.06 -17.17 64.47
N CYS K 435 46.94 -16.21 63.58
CA CYS K 435 46.26 -16.41 62.30
C CYS K 435 47.17 -17.02 61.26
N LYS K 436 47.34 -18.34 61.29
CA LYS K 436 48.41 -18.91 60.46
C LYS K 436 48.02 -19.08 59.01
N LYS K 437 46.72 -19.19 58.74
CA LYS K 437 46.24 -19.46 57.40
C LYS K 437 45.94 -18.14 56.69
N LEU K 438 46.77 -17.15 56.93
CA LEU K 438 46.45 -15.81 56.46
C LEU K 438 47.17 -15.63 55.16
N ARG K 439 46.42 -15.29 54.11
CA ARG K 439 46.99 -15.11 52.76
C ARG K 439 46.99 -13.62 52.32
N ARG K 440 46.07 -12.83 52.85
CA ARG K 440 46.01 -11.41 52.51
C ARG K 440 45.93 -10.61 53.78
N PHE K 441 46.61 -9.47 53.78
CA PHE K 441 46.74 -8.67 54.96
C PHE K 441 46.98 -7.23 54.51
N ALA K 442 46.15 -6.33 55.02
CA ALA K 442 46.29 -4.93 54.75
C ALA K 442 46.17 -4.27 56.09
N PHE K 443 47.01 -3.26 56.28
CA PHE K 443 47.26 -2.74 57.60
C PHE K 443 47.53 -1.25 57.48
N TYR K 444 46.45 -0.49 57.29
CA TYR K 444 46.53 0.94 57.10
C TYR K 444 46.41 1.69 58.44
N LEU K 445 47.46 2.39 58.85
CA LEU K 445 47.47 3.10 60.13
C LEU K 445 47.80 4.56 60.01
N ARG K 446 48.20 5.19 61.12
CA ARG K 446 48.71 6.54 61.08
C ARG K 446 50.20 6.49 61.45
N GLN K 447 50.91 7.62 61.49
CA GLN K 447 52.39 7.58 61.65
C GLN K 447 52.95 7.23 63.06
N GLY K 448 52.08 6.85 63.98
CA GLY K 448 52.55 6.20 65.19
C GLY K 448 52.52 4.68 65.10
N GLY K 449 51.42 4.15 64.56
CA GLY K 449 50.97 2.79 64.78
C GLY K 449 51.96 1.68 64.98
N LEU K 450 52.91 1.59 64.06
CA LEU K 450 53.86 0.47 64.02
C LEU K 450 55.24 1.07 63.83
N THR K 451 56.13 0.68 64.76
CA THR K 451 57.56 1.03 64.82
C THR K 451 58.42 0.12 63.91
N ASP K 452 59.72 0.38 63.80
CA ASP K 452 60.50 -0.53 62.95
C ASP K 452 60.46 -1.93 63.53
N LEU K 453 60.25 -2.02 64.85
CA LEU K 453 60.23 -3.32 65.50
C LEU K 453 59.05 -4.12 65.01
N GLY K 454 57.91 -3.43 64.87
CA GLY K 454 56.65 -4.04 64.44
C GLY K 454 56.74 -4.44 62.99
N LEU K 455 57.09 -3.48 62.15
CA LEU K 455 57.39 -3.79 60.76
C LEU K 455 58.25 -5.07 60.66
N SER K 456 59.29 -5.14 61.48
CA SER K 456 60.17 -6.29 61.54
C SER K 456 59.43 -7.54 62.03
N TYR K 457 58.31 -7.33 62.73
CA TYR K 457 57.52 -8.44 63.24
C TYR K 457 56.71 -8.89 62.07
N ILE K 458 56.00 -7.93 61.47
CA ILE K 458 55.11 -8.17 60.32
C ILE K 458 55.72 -9.11 59.31
N GLY K 459 57.01 -8.89 59.05
CA GLY K 459 57.68 -9.51 57.93
C GLY K 459 58.19 -10.86 58.33
N GLN K 460 58.16 -11.09 59.63
CA GLN K 460 58.78 -12.25 60.23
C GLN K 460 57.72 -13.27 60.57
N TYR K 461 56.48 -12.98 60.23
CA TYR K 461 55.37 -13.82 60.68
C TYR K 461 54.23 -13.84 59.66
N SER K 462 54.54 -13.62 58.38
CA SER K 462 53.52 -13.74 57.33
C SER K 462 54.03 -14.60 56.18
N PRO K 463 54.10 -15.90 56.46
CA PRO K 463 54.63 -17.01 55.66
C PRO K 463 53.78 -17.18 54.43
N ASN K 464 52.48 -17.29 54.65
CA ASN K 464 51.51 -17.47 53.58
C ASN K 464 50.93 -16.18 52.99
N VAL K 465 51.48 -15.02 53.33
CA VAL K 465 50.85 -13.78 52.85
C VAL K 465 51.31 -13.41 51.44
N ARG K 466 50.38 -13.43 50.49
CA ARG K 466 50.79 -13.34 49.11
C ARG K 466 50.63 -11.90 48.71
N TRP K 467 49.85 -11.18 49.52
CA TRP K 467 49.60 -9.74 49.31
C TRP K 467 49.48 -8.93 50.62
N MET K 468 50.02 -7.73 50.58
CA MET K 468 49.92 -6.84 51.72
C MET K 468 49.74 -5.42 51.22
N LEU K 469 48.84 -4.73 51.92
CA LEU K 469 48.72 -3.30 51.78
C LEU K 469 49.15 -2.73 53.12
N LEU K 470 50.27 -2.03 53.15
CA LEU K 470 50.70 -1.48 54.41
C LEU K 470 50.47 0.01 54.42
N GLY K 471 49.96 0.44 55.59
CA GLY K 471 49.46 1.77 55.89
C GLY K 471 50.58 2.72 56.17
N TYR K 472 50.54 3.44 57.27
CA TYR K 472 51.70 4.27 57.51
C TYR K 472 52.65 3.54 58.45
N VAL K 473 53.46 2.63 57.91
CA VAL K 473 54.32 1.82 58.77
C VAL K 473 55.79 2.24 58.85
N GLY K 474 56.51 1.53 59.71
CA GLY K 474 57.87 1.85 60.08
C GLY K 474 58.16 3.21 60.72
N GLU K 475 59.47 3.49 60.82
CA GLU K 475 59.98 4.85 61.03
C GLU K 475 61.34 5.14 60.40
N SER K 476 62.23 4.17 60.28
CA SER K 476 63.38 4.38 59.36
C SER K 476 63.52 3.36 58.20
N ASP K 477 64.35 3.67 57.22
CA ASP K 477 64.49 2.66 56.19
C ASP K 477 64.89 1.34 56.83
N GLU K 478 65.32 1.39 58.10
CA GLU K 478 65.73 0.18 58.83
C GLU K 478 64.51 -0.68 59.00
N GLY K 479 63.38 -0.02 59.14
CA GLY K 479 62.14 -0.73 59.38
C GLY K 479 61.90 -1.56 58.17
N LEU K 480 61.93 -0.91 57.00
CA LEU K 480 61.65 -1.64 55.78
C LEU K 480 62.59 -2.82 55.62
N MET K 481 63.84 -2.67 56.07
CA MET K 481 64.85 -3.72 55.84
C MET K 481 64.59 -5.01 56.63
N GLU K 482 64.58 -4.94 57.96
CA GLU K 482 64.12 -6.09 58.74
C GLU K 482 62.99 -6.88 58.04
N PHE K 483 62.12 -6.12 57.36
CA PHE K 483 60.91 -6.67 56.79
C PHE K 483 61.30 -7.40 55.52
N SER K 484 62.24 -6.81 54.76
CA SER K 484 62.62 -7.34 53.46
C SER K 484 63.30 -8.67 53.61
N ARG K 485 63.73 -8.94 54.83
CA ARG K 485 64.30 -10.21 55.20
C ARG K 485 63.25 -11.29 55.44
N GLY K 486 61.97 -10.93 55.38
CA GLY K 486 60.91 -11.88 55.63
C GLY K 486 60.11 -12.17 54.39
N CYS K 487 58.80 -12.31 54.59
CA CYS K 487 57.79 -12.40 53.54
C CYS K 487 58.08 -13.31 52.35
N PRO K 488 58.42 -14.56 52.64
CA PRO K 488 58.72 -15.60 51.67
C PRO K 488 57.72 -15.72 50.51
N ASN K 489 56.47 -15.30 50.69
CA ASN K 489 55.49 -15.52 49.63
C ASN K 489 54.85 -14.26 49.09
N LEU K 490 55.38 -13.12 49.49
CA LEU K 490 54.81 -11.83 49.09
C LEU K 490 54.97 -11.59 47.60
N GLN K 491 53.85 -11.40 46.90
CA GLN K 491 53.92 -11.04 45.48
C GLN K 491 53.44 -9.62 45.22
N LYS K 492 52.29 -9.27 45.78
CA LYS K 492 51.79 -7.92 45.62
C LYS K 492 52.14 -7.18 46.90
N LEU K 493 52.78 -6.04 46.75
CA LEU K 493 53.05 -5.19 47.87
C LEU K 493 52.55 -3.78 47.52
N GLU K 494 51.63 -3.29 48.36
CA GLU K 494 51.20 -1.92 48.23
C GLU K 494 51.52 -1.22 49.55
N MET K 495 52.29 -0.12 49.44
CA MET K 495 52.64 0.73 50.57
C MET K 495 52.23 2.17 50.29
N ARG K 496 51.48 2.77 51.22
CA ARG K 496 51.02 4.15 51.08
C ARG K 496 51.48 4.93 52.25
N GLY K 497 51.93 6.15 52.01
CA GLY K 497 52.31 7.06 53.07
C GLY K 497 53.41 6.50 53.93
N CYS K 498 54.59 6.35 53.34
CA CYS K 498 55.66 5.71 54.06
C CYS K 498 56.92 6.55 54.02
N CYS K 499 57.57 6.66 55.17
CA CYS K 499 58.76 7.49 55.34
C CYS K 499 60.02 6.99 54.62
N PHE K 500 59.97 5.79 54.06
CA PHE K 500 61.14 5.12 53.48
C PHE K 500 61.82 5.88 52.36
N SER K 501 62.91 5.36 51.81
CA SER K 501 63.62 6.13 50.80
C SER K 501 63.91 5.33 49.52
N GLU K 502 64.19 6.01 48.42
CA GLU K 502 64.46 5.28 47.17
C GLU K 502 65.53 4.18 47.26
N ARG K 503 66.65 4.44 47.93
CA ARG K 503 67.70 3.39 48.01
C ARG K 503 67.23 2.23 48.87
N ALA K 504 66.37 2.52 49.84
CA ALA K 504 65.89 1.53 50.80
C ALA K 504 64.88 0.60 50.19
N ILE K 505 63.91 1.18 49.48
CA ILE K 505 62.91 0.37 48.79
C ILE K 505 63.59 -0.58 47.79
N ALA K 506 64.37 -0.01 46.85
CA ALA K 506 65.08 -0.83 45.87
C ALA K 506 65.84 -2.02 46.51
N ALA K 507 66.50 -1.77 47.65
CA ALA K 507 67.09 -2.85 48.41
C ALA K 507 66.02 -3.82 48.88
N ALA K 508 64.95 -3.27 49.45
CA ALA K 508 63.84 -4.09 49.89
C ALA K 508 63.37 -4.99 48.75
N VAL K 509 63.00 -4.37 47.64
CA VAL K 509 62.54 -5.12 46.46
C VAL K 509 63.51 -6.22 46.23
N THR K 510 64.75 -5.83 45.99
CA THR K 510 65.84 -6.78 45.80
C THR K 510 65.69 -7.99 46.73
N LYS K 511 65.83 -7.74 48.03
CA LYS K 511 65.80 -8.79 49.05
C LYS K 511 64.58 -9.73 48.91
N LEU K 512 63.37 -9.17 48.85
CA LEU K 512 62.13 -9.96 48.70
C LEU K 512 62.20 -10.95 47.54
N PRO K 513 61.86 -12.21 47.81
CA PRO K 513 62.13 -13.38 46.98
C PRO K 513 61.02 -13.70 46.03
N SER K 514 59.85 -13.08 46.21
CA SER K 514 58.66 -13.60 45.56
C SER K 514 57.83 -12.48 44.95
N LEU K 515 58.37 -11.28 44.96
CA LEU K 515 57.55 -10.12 44.68
C LEU K 515 57.42 -9.87 43.15
N ARG K 516 56.19 -9.86 42.63
CA ARG K 516 55.96 -9.57 41.22
C ARG K 516 55.29 -8.20 40.90
N TYR K 517 54.72 -7.57 41.92
CA TYR K 517 54.01 -6.29 41.75
C TYR K 517 54.20 -5.42 42.99
N LEU K 518 54.58 -4.14 42.76
CA LEU K 518 54.92 -3.19 43.82
C LEU K 518 54.36 -1.82 43.52
N TRP K 519 53.52 -1.34 44.43
CA TRP K 519 52.89 -0.05 44.27
C TRP K 519 53.13 0.67 45.58
N VAL K 520 53.85 1.79 45.46
CA VAL K 520 54.28 2.60 46.58
C VAL K 520 53.94 4.04 46.27
N GLN K 521 53.21 4.66 47.17
CA GLN K 521 52.91 6.06 47.00
C GLN K 521 53.32 6.71 48.27
N GLY K 522 54.14 7.76 48.16
CA GLY K 522 54.63 8.49 49.32
C GLY K 522 55.98 7.98 49.79
N TYR K 523 57.03 8.52 49.21
CA TYR K 523 58.35 8.09 49.57
C TYR K 523 59.32 9.25 49.49
N ARG K 524 60.06 9.47 50.59
CA ARG K 524 61.25 10.30 50.60
C ARG K 524 61.90 10.20 49.22
N ALA K 525 61.72 11.23 48.41
CA ALA K 525 61.96 11.19 46.98
C ALA K 525 63.43 11.09 46.54
N SER K 526 63.63 11.55 45.32
CA SER K 526 64.90 11.91 44.67
C SER K 526 64.41 12.68 43.44
N MET K 527 65.12 13.71 43.01
CA MET K 527 64.71 14.39 41.77
C MET K 527 65.45 13.77 40.59
N THR K 528 64.71 13.14 39.68
CA THR K 528 65.31 12.33 38.60
C THR K 528 66.42 11.49 39.25
N GLY K 529 65.99 10.48 39.98
CA GLY K 529 66.88 9.76 40.86
C GLY K 529 67.16 8.36 40.40
N GLN K 530 68.45 8.08 40.25
CA GLN K 530 68.97 6.75 40.05
C GLN K 530 69.18 6.07 41.37
N ASP K 531 68.28 6.23 42.32
CA ASP K 531 68.44 5.42 43.50
C ASP K 531 67.71 4.13 43.21
N LEU K 532 66.49 4.30 42.69
CA LEU K 532 65.62 3.18 42.39
C LEU K 532 66.38 2.19 41.56
N MET K 533 67.23 2.71 40.69
CA MET K 533 67.95 1.86 39.73
C MET K 533 68.56 0.59 40.30
N GLN K 534 69.22 0.65 41.45
CA GLN K 534 69.90 -0.54 42.01
C GLN K 534 68.93 -1.66 42.44
N MET K 535 67.81 -1.66 41.72
CA MET K 535 66.69 -2.57 41.86
C MET K 535 66.43 -3.15 40.49
N ALA K 536 66.95 -2.49 39.46
CA ALA K 536 66.68 -2.88 38.10
C ALA K 536 67.19 -4.27 37.76
N ARG K 537 66.23 -5.17 37.49
CA ARG K 537 66.47 -6.54 37.02
C ARG K 537 66.07 -6.58 35.55
N PRO K 538 66.19 -7.76 34.92
CA PRO K 538 65.80 -7.82 33.52
C PRO K 538 64.28 -7.68 33.25
N TYR K 539 63.48 -8.69 33.53
CA TYR K 539 62.12 -8.62 33.04
C TYR K 539 61.23 -7.66 33.89
N TRP K 540 61.89 -6.81 34.66
CA TRP K 540 61.24 -6.00 35.67
C TRP K 540 61.11 -4.58 35.16
N ASN K 541 59.86 -4.17 34.95
CA ASN K 541 59.51 -2.83 34.51
C ASN K 541 59.20 -1.92 35.69
N ILE K 542 59.79 -0.71 35.67
CA ILE K 542 59.42 0.31 36.64
C ILE K 542 58.77 1.52 35.95
N GLU K 543 57.71 2.07 36.54
CA GLU K 543 57.14 3.32 36.03
C GLU K 543 56.98 4.25 37.20
N LEU K 544 57.07 5.54 36.94
CA LEU K 544 56.88 6.59 37.93
C LEU K 544 55.65 7.42 37.61
N ILE K 545 54.89 7.77 38.64
CA ILE K 545 53.79 8.71 38.48
C ILE K 545 54.03 9.96 39.33
N PRO K 546 54.80 10.93 38.79
CA PRO K 546 55.37 12.00 39.63
C PRO K 546 54.37 12.87 40.42
N SER K 547 54.88 13.96 40.99
CA SER K 547 54.16 14.68 42.04
C SER K 547 53.29 15.81 41.55
N ARG K 548 51.99 15.55 41.39
CA ARG K 548 50.99 16.62 41.42
C ARG K 548 50.31 16.49 42.78
N PRO K 565 51.53 13.17 46.02
CA PRO K 565 52.72 12.34 46.29
C PRO K 565 53.12 11.42 45.14
N ALA K 566 54.40 11.34 44.81
CA ALA K 566 54.80 10.52 43.66
C ALA K 566 54.50 9.02 43.85
N HIS K 567 54.25 8.34 42.73
CA HIS K 567 53.97 6.92 42.78
C HIS K 567 55.08 6.12 42.10
N ILE K 568 55.16 4.87 42.50
CA ILE K 568 56.08 3.93 41.93
C ILE K 568 55.24 2.69 41.68
N LEU K 569 55.15 2.29 40.43
CA LEU K 569 54.58 1.00 40.13
C LEU K 569 55.66 0.24 39.37
N ALA K 570 55.84 -1.06 39.69
CA ALA K 570 56.91 -1.89 39.11
C ALA K 570 56.49 -3.36 39.08
N TYR K 571 56.69 -4.01 37.94
CA TYR K 571 56.13 -5.35 37.74
C TYR K 571 56.99 -6.21 36.81
N TYR K 572 56.88 -7.53 36.91
CA TYR K 572 57.52 -8.36 35.90
C TYR K 572 56.62 -8.34 34.70
N SER K 573 57.21 -8.38 33.52
CA SER K 573 56.43 -8.50 32.30
C SER K 573 57.29 -9.06 31.19
N LEU K 574 56.76 -10.10 30.52
CA LEU K 574 57.34 -10.62 29.30
C LEU K 574 56.94 -9.80 28.06
N ALA K 575 57.25 -8.50 28.06
CA ALA K 575 56.79 -7.60 27.00
C ALA K 575 57.52 -6.28 26.94
N GLY K 576 58.20 -5.96 28.04
CA GLY K 576 58.86 -4.68 28.15
C GLY K 576 57.95 -3.49 28.47
N GLN K 577 58.56 -2.31 28.39
CA GLN K 577 57.89 -1.08 28.73
C GLN K 577 56.68 -1.00 27.82
N ARG K 578 55.59 -0.44 28.34
CA ARG K 578 54.39 -0.29 27.55
C ARG K 578 54.61 0.61 26.35
N THR K 579 53.52 0.83 25.64
CA THR K 579 53.50 1.79 24.55
C THR K 579 52.56 2.95 24.83
N ASP K 580 51.43 2.60 25.43
CA ASP K 580 50.35 3.53 25.65
C ASP K 580 50.51 4.47 26.85
N CYS K 581 51.72 4.56 27.39
CA CYS K 581 51.99 5.52 28.47
C CYS K 581 51.50 6.94 28.26
N PRO K 582 50.87 7.50 29.30
CA PRO K 582 50.49 8.91 29.28
C PRO K 582 51.71 9.85 29.30
N THR K 583 51.43 11.14 29.48
CA THR K 583 52.47 12.15 29.62
C THR K 583 52.72 12.33 31.12
N THR K 584 51.78 11.83 31.93
CA THR K 584 51.86 11.81 33.39
C THR K 584 52.79 10.75 33.90
N VAL K 585 53.25 9.85 33.02
CA VAL K 585 54.01 8.70 33.49
C VAL K 585 55.40 8.64 32.92
N ARG K 586 56.37 8.41 33.79
CA ARG K 586 57.76 8.32 33.40
C ARG K 586 58.03 6.82 33.35
N VAL K 587 59.03 6.41 32.58
CA VAL K 587 59.45 5.01 32.56
C VAL K 587 60.96 4.94 32.78
N LEU K 588 61.43 4.58 33.98
CA LEU K 588 62.89 4.54 34.26
C LEU K 588 63.76 3.64 33.39
N LYS K 589 64.79 4.21 32.77
CA LYS K 589 65.67 3.47 31.83
C LYS K 589 67.19 3.47 32.17
N LYS L 5 33.38 28.58 -41.87
CA LYS L 5 31.98 28.98 -41.71
C LYS L 5 31.05 27.75 -41.65
N ILE L 6 30.09 27.77 -40.72
CA ILE L 6 29.12 26.67 -40.49
C ILE L 6 27.63 27.06 -40.59
N VAL L 7 26.77 26.11 -40.95
CA VAL L 7 25.34 26.39 -41.11
C VAL L 7 24.53 25.78 -39.97
N LEU L 8 23.69 26.59 -39.33
CA LEU L 8 22.81 26.12 -38.25
C LEU L 8 21.35 26.26 -38.64
N LYS L 9 20.64 25.15 -38.73
CA LYS L 9 19.24 25.21 -39.14
C LYS L 9 18.29 25.27 -37.93
N SER L 10 17.61 26.41 -37.78
CA SER L 10 16.76 26.67 -36.62
C SER L 10 15.45 25.85 -36.59
N SER L 11 14.66 26.05 -35.53
CA SER L 11 13.48 25.24 -35.28
C SER L 11 12.26 25.62 -36.12
N ASP L 12 12.50 26.37 -37.18
CA ASP L 12 11.44 26.70 -38.11
C ASP L 12 12.01 26.86 -39.52
N GLY L 13 12.98 25.99 -39.83
CA GLY L 13 13.71 26.05 -41.08
C GLY L 13 14.27 27.43 -41.30
N GLU L 14 15.54 27.63 -40.99
CA GLU L 14 16.10 28.97 -41.06
C GLU L 14 17.60 28.93 -41.03
N SER L 15 18.21 28.67 -42.18
CA SER L 15 19.67 28.58 -42.21
C SER L 15 20.33 29.82 -41.59
N PHE L 16 21.45 29.59 -40.89
CA PHE L 16 22.20 30.67 -40.25
C PHE L 16 23.69 30.57 -40.58
N GLU L 17 24.21 31.57 -41.28
CA GLU L 17 25.61 31.59 -41.65
C GLU L 17 26.42 32.08 -40.48
N VAL L 18 27.22 31.21 -39.88
CA VAL L 18 28.06 31.63 -38.75
C VAL L 18 29.51 31.15 -38.87
N GLU L 19 30.43 31.90 -38.24
CA GLU L 19 31.85 31.60 -38.37
C GLU L 19 32.22 30.32 -37.64
N GLU L 20 33.40 29.80 -37.98
CA GLU L 20 33.97 28.63 -37.33
C GLU L 20 33.96 28.76 -35.80
N ALA L 21 34.80 29.66 -35.29
CA ALA L 21 35.01 29.77 -33.85
C ALA L 21 33.79 30.27 -33.06
N VAL L 22 32.82 30.87 -33.75
CA VAL L 22 31.58 31.34 -33.12
C VAL L 22 30.63 30.20 -32.78
N ALA L 23 30.48 29.26 -33.71
CA ALA L 23 29.62 28.10 -33.46
C ALA L 23 30.24 27.11 -32.48
N LEU L 24 31.54 27.23 -32.24
CA LEU L 24 32.26 26.32 -31.33
C LEU L 24 32.15 26.71 -29.86
N GLU L 25 31.54 27.85 -29.57
CA GLU L 25 31.26 28.20 -28.19
C GLU L 25 30.32 27.16 -27.60
N SER L 26 29.45 26.61 -28.43
CA SER L 26 28.54 25.56 -28.00
C SER L 26 29.23 24.20 -28.07
N GLN L 27 29.52 23.62 -26.91
CA GLN L 27 30.09 22.27 -26.86
C GLN L 27 29.11 21.22 -27.39
N THR L 28 27.89 21.63 -27.71
CA THR L 28 26.95 20.73 -28.35
C THR L 28 27.23 20.68 -29.87
N ILE L 29 27.62 21.83 -30.42
CA ILE L 29 27.94 21.92 -31.84
C ILE L 29 29.39 21.53 -32.06
N ALA L 30 30.19 21.59 -31.00
CA ALA L 30 31.56 21.09 -31.05
C ALA L 30 31.58 19.56 -31.14
N HIS L 31 30.91 18.91 -30.18
CA HIS L 31 30.85 17.45 -30.16
C HIS L 31 30.00 16.90 -31.32
N MET L 32 29.69 17.77 -32.27
CA MET L 32 28.89 17.39 -33.43
C MET L 32 29.64 17.65 -34.75
N VAL L 33 30.91 18.01 -34.62
CA VAL L 33 31.80 18.10 -35.78
C VAL L 33 32.75 16.90 -35.76
N GLU L 34 32.44 15.93 -34.90
CA GLU L 34 33.15 14.65 -34.85
C GLU L 34 32.42 13.69 -35.77
N ASP L 35 31.25 13.26 -35.33
CA ASP L 35 30.30 12.53 -36.16
C ASP L 35 29.64 13.53 -37.13
N ASP L 36 30.47 14.42 -37.68
CA ASP L 36 30.02 15.57 -38.48
C ASP L 36 28.77 15.38 -39.34
N CYS L 37 27.61 15.68 -38.75
CA CYS L 37 26.36 15.77 -39.50
C CYS L 37 26.36 17.10 -40.25
N VAL L 38 27.47 17.82 -40.16
CA VAL L 38 27.61 19.17 -40.73
C VAL L 38 27.40 19.19 -42.25
N ASP L 39 27.42 18.00 -42.85
CA ASP L 39 27.21 17.85 -44.29
C ASP L 39 25.94 18.57 -44.75
N ASN L 40 24.86 18.38 -43.98
CA ASN L 40 23.58 19.03 -44.27
C ASN L 40 23.31 20.17 -43.30
N GLY L 41 24.39 20.71 -42.73
CA GLY L 41 24.29 21.73 -41.70
C GLY L 41 23.75 21.16 -40.40
N VAL L 42 24.25 21.68 -39.29
CA VAL L 42 23.82 21.23 -37.96
C VAL L 42 22.34 21.58 -37.62
N PRO L 43 21.49 20.56 -37.55
CA PRO L 43 20.04 20.74 -37.32
C PRO L 43 19.77 20.87 -35.84
N LEU L 44 19.19 21.97 -35.40
CA LEU L 44 18.78 22.05 -34.00
C LEU L 44 17.40 22.65 -33.83
N PRO L 45 16.37 21.79 -33.80
CA PRO L 45 14.95 22.14 -33.88
C PRO L 45 14.33 22.41 -32.52
N ASN L 46 15.14 22.74 -31.53
CA ASN L 46 14.60 23.08 -30.22
C ASN L 46 14.86 24.53 -29.87
N VAL L 47 15.39 25.26 -30.86
CA VAL L 47 15.67 26.68 -30.72
C VAL L 47 14.79 27.47 -31.67
N THR L 48 13.96 28.32 -31.09
CA THR L 48 13.26 29.36 -31.83
C THR L 48 14.29 30.14 -32.67
N SER L 49 13.91 30.54 -33.88
CA SER L 49 14.89 31.21 -34.73
C SER L 49 15.21 32.60 -34.18
N LYS L 50 14.17 33.27 -33.68
CA LYS L 50 14.32 34.53 -32.98
C LYS L 50 15.38 34.45 -31.86
N ILE L 51 15.40 33.33 -31.15
CA ILE L 51 16.30 33.11 -30.03
C ILE L 51 17.71 32.79 -30.50
N LEU L 52 17.81 31.81 -31.39
CA LEU L 52 19.11 31.40 -31.93
C LEU L 52 19.88 32.62 -32.39
N ALA L 53 19.13 33.58 -32.94
CA ALA L 53 19.66 34.85 -33.39
C ALA L 53 20.37 35.55 -32.26
N LYS L 54 19.64 35.72 -31.15
CA LYS L 54 20.17 36.38 -29.96
C LYS L 54 21.34 35.60 -29.38
N VAL L 55 21.34 34.27 -29.51
CA VAL L 55 22.44 33.46 -29.01
C VAL L 55 23.73 33.68 -29.79
N ILE L 56 23.64 33.71 -31.11
CA ILE L 56 24.80 33.94 -31.94
C ILE L 56 25.40 35.34 -31.69
N GLU L 57 24.53 36.33 -31.50
CA GLU L 57 24.95 37.69 -31.19
C GLU L 57 25.88 37.70 -29.97
N TYR L 58 25.54 36.91 -28.96
CA TYR L 58 26.32 36.84 -27.72
C TYR L 58 27.68 36.20 -28.00
N CYS L 59 27.66 35.04 -28.63
CA CYS L 59 28.91 34.36 -28.91
C CYS L 59 29.80 35.21 -29.81
N LYS L 60 29.22 35.83 -30.83
CA LYS L 60 29.96 36.73 -31.70
C LYS L 60 30.83 37.66 -30.86
N ARG L 61 30.19 38.43 -29.99
CA ARG L 61 30.88 39.47 -29.23
C ARG L 61 31.93 38.92 -28.27
N HIS L 62 31.67 37.75 -27.68
CA HIS L 62 32.58 37.19 -26.69
C HIS L 62 33.85 36.59 -27.30
N VAL L 63 33.71 36.00 -28.49
CA VAL L 63 34.85 35.52 -29.25
C VAL L 63 35.78 36.67 -29.63
N GLU L 64 35.18 37.84 -29.87
CA GLU L 64 35.95 39.06 -30.07
C GLU L 64 36.53 39.57 -28.75
N ALA L 65 37.05 38.66 -27.95
CA ALA L 65 37.88 39.02 -26.80
C ALA L 65 39.29 38.54 -27.10
N ALA L 66 39.58 38.32 -28.38
CA ALA L 66 40.94 38.08 -28.86
C ALA L 66 41.74 39.36 -28.66
N ALA L 67 41.28 40.44 -29.28
CA ALA L 67 41.67 41.76 -28.84
C ALA L 67 41.13 41.85 -27.41
N ASP L 80 38.02 43.64 -20.70
CA ASP L 80 37.05 43.09 -19.74
C ASP L 80 36.11 44.15 -19.21
N ASP L 81 36.58 45.38 -19.20
CA ASP L 81 35.81 46.48 -18.63
C ASP L 81 34.52 46.72 -19.39
N ASP L 82 34.61 46.67 -20.72
CA ASP L 82 33.48 46.99 -21.60
C ASP L 82 32.61 45.79 -21.93
N LEU L 83 32.97 44.63 -21.42
CA LEU L 83 32.19 43.42 -21.62
C LEU L 83 31.03 43.32 -20.63
N LYS L 84 31.32 43.44 -19.34
CA LYS L 84 30.26 43.46 -18.32
C LYS L 84 29.27 44.55 -18.69
N ALA L 85 29.76 45.53 -19.45
CA ALA L 85 28.95 46.59 -20.01
C ALA L 85 27.93 46.08 -21.05
N TRP L 86 28.42 45.52 -22.15
CA TRP L 86 27.55 44.96 -23.19
C TRP L 86 26.67 43.87 -22.61
N ASP L 87 27.24 43.04 -21.76
CA ASP L 87 26.51 41.95 -21.13
C ASP L 87 25.29 42.52 -20.41
N ALA L 88 25.50 43.43 -19.47
CA ALA L 88 24.40 44.05 -18.74
C ALA L 88 23.34 44.59 -19.69
N ASP L 89 23.77 45.24 -20.77
CA ASP L 89 22.83 45.83 -21.71
C ASP L 89 22.17 44.75 -22.56
N PHE L 90 22.85 43.62 -22.75
CA PHE L 90 22.30 42.51 -23.53
C PHE L 90 21.16 41.82 -22.80
N MET L 91 21.12 41.98 -21.48
CA MET L 91 20.14 41.30 -20.62
C MET L 91 18.86 42.11 -20.37
N LYS L 92 18.85 43.36 -20.81
CA LYS L 92 17.64 44.18 -20.74
C LYS L 92 16.57 43.62 -21.69
N ILE L 93 16.05 42.44 -21.37
CA ILE L 93 15.01 41.79 -22.16
C ILE L 93 13.90 41.40 -21.23
N ASP L 94 12.77 40.96 -21.78
CA ASP L 94 11.65 40.54 -20.94
C ASP L 94 11.89 39.15 -20.35
N GLN L 95 11.17 38.82 -19.28
CA GLN L 95 11.32 37.53 -18.63
C GLN L 95 11.21 36.38 -19.62
N ALA L 96 10.07 36.26 -20.26
CA ALA L 96 9.83 35.13 -21.13
C ALA L 96 11.02 34.89 -22.08
N THR L 97 11.61 35.96 -22.57
CA THR L 97 12.73 35.80 -23.48
C THR L 97 13.93 35.29 -22.70
N LEU L 98 14.15 35.88 -21.53
CA LEU L 98 15.27 35.53 -20.65
C LEU L 98 15.31 34.04 -20.40
N PHE L 99 14.16 33.48 -20.04
CA PHE L 99 14.06 32.05 -19.77
C PHE L 99 14.39 31.20 -21.00
N GLU L 100 13.81 31.58 -22.15
CA GLU L 100 14.05 30.87 -23.41
C GLU L 100 15.54 30.82 -23.77
N LEU L 101 16.30 31.79 -23.24
CA LEU L 101 17.73 31.88 -23.47
C LEU L 101 18.49 30.87 -22.62
N ILE L 102 18.08 30.78 -21.35
CA ILE L 102 18.67 29.81 -20.43
C ILE L 102 18.49 28.43 -21.03
N LEU L 103 17.21 28.10 -21.29
CA LEU L 103 16.88 26.83 -21.93
C LEU L 103 17.78 26.54 -23.15
N ALA L 104 18.04 27.60 -23.92
CA ALA L 104 18.81 27.50 -25.14
C ALA L 104 20.28 27.24 -24.87
N ALA L 105 20.85 27.96 -23.89
CA ALA L 105 22.28 27.78 -23.56
C ALA L 105 22.54 26.37 -23.03
N ASN L 106 21.55 25.84 -22.32
CA ASN L 106 21.60 24.49 -21.79
C ASN L 106 21.42 23.43 -22.88
N TYR L 107 20.63 23.74 -23.91
CA TYR L 107 20.42 22.85 -25.05
C TYR L 107 21.66 22.76 -25.96
N LEU L 108 22.28 23.92 -26.19
CA LEU L 108 23.62 23.96 -26.73
C LEU L 108 24.43 23.75 -25.47
N ASN L 109 25.68 24.16 -25.46
CA ASN L 109 26.40 24.02 -24.21
C ASN L 109 27.34 25.16 -23.92
N ILE L 110 26.74 26.33 -23.75
CA ILE L 110 27.52 27.54 -23.63
C ILE L 110 27.62 27.94 -22.17
N LYS L 111 28.70 27.51 -21.54
CA LYS L 111 28.84 27.71 -20.11
C LYS L 111 28.88 29.19 -19.74
N ASN L 112 29.59 30.00 -20.51
CA ASN L 112 29.63 31.42 -20.23
C ASN L 112 28.24 32.08 -20.34
N LEU L 113 27.35 31.46 -21.12
CA LEU L 113 26.01 32.03 -21.34
C LEU L 113 24.96 31.52 -20.38
N LEU L 114 24.99 30.23 -20.12
CA LEU L 114 24.09 29.68 -19.12
C LEU L 114 24.50 30.34 -17.83
N ASP L 115 25.80 30.34 -17.57
CA ASP L 115 26.36 30.96 -16.38
C ASP L 115 25.99 32.44 -16.38
N LEU L 116 25.41 32.93 -17.46
CA LEU L 116 24.99 34.33 -17.49
C LEU L 116 23.47 34.52 -17.41
N THR L 117 22.72 33.73 -18.17
CA THR L 117 21.28 33.86 -18.14
C THR L 117 20.76 33.42 -16.78
N CYS L 118 21.14 32.22 -16.34
CA CYS L 118 20.71 31.70 -15.04
C CYS L 118 21.09 32.66 -13.95
N GLN L 119 22.33 33.11 -13.98
CA GLN L 119 22.80 34.05 -12.98
C GLN L 119 22.01 35.34 -13.01
N THR L 120 21.44 35.67 -14.16
CA THR L 120 20.65 36.90 -14.32
C THR L 120 19.31 36.77 -13.62
N VAL L 121 18.70 35.61 -13.78
CA VAL L 121 17.48 35.26 -13.07
C VAL L 121 17.73 35.15 -11.58
N ALA L 122 18.81 34.46 -11.23
CA ALA L 122 19.17 34.32 -9.83
C ALA L 122 19.30 35.71 -9.20
N ASP L 123 19.83 36.68 -9.94
CA ASP L 123 20.08 38.00 -9.37
C ASP L 123 18.76 38.71 -9.04
N MET L 124 17.71 38.32 -9.75
CA MET L 124 16.37 38.88 -9.55
C MET L 124 15.79 38.42 -8.20
N ILE L 125 16.14 37.22 -7.81
CA ILE L 125 15.72 36.65 -6.53
C ILE L 125 16.57 37.19 -5.39
N LYS L 126 17.89 37.07 -5.52
CA LYS L 126 18.86 37.45 -4.48
C LYS L 126 18.49 38.79 -3.85
N GLY L 127 17.89 38.71 -2.66
CA GLY L 127 17.61 39.90 -1.89
C GLY L 127 16.13 40.06 -1.59
N LYS L 128 15.29 39.47 -2.42
CA LYS L 128 13.84 39.58 -2.24
C LYS L 128 13.33 38.64 -1.17
N THR L 129 12.11 38.89 -0.72
CA THR L 129 11.48 38.03 0.27
C THR L 129 10.49 37.16 -0.46
N PRO L 130 10.00 36.08 0.19
CA PRO L 130 9.15 35.10 -0.51
C PRO L 130 7.95 35.74 -1.19
N GLU L 131 7.39 36.78 -0.58
CA GLU L 131 6.29 37.49 -1.20
C GLU L 131 6.81 38.29 -2.40
N GLU L 132 7.77 39.17 -2.14
CA GLU L 132 8.41 39.94 -3.19
C GLU L 132 8.78 39.07 -4.40
N ILE L 133 9.20 37.82 -4.14
CA ILE L 133 9.52 36.88 -5.21
C ILE L 133 8.28 36.57 -6.05
N ARG L 134 7.30 35.91 -5.46
CA ARG L 134 6.16 35.43 -6.25
C ARG L 134 5.29 36.56 -6.78
N THR L 135 5.56 37.75 -6.27
CA THR L 135 5.06 38.98 -6.86
C THR L 135 5.71 39.17 -8.23
N THR L 136 7.03 39.35 -8.22
CA THR L 136 7.77 39.68 -9.43
C THR L 136 7.96 38.47 -10.37
N PHE L 137 7.09 37.48 -10.27
CA PHE L 137 7.17 36.30 -11.14
C PHE L 137 5.77 35.77 -11.32
N ASN L 138 4.84 36.38 -10.57
CA ASN L 138 3.45 35.97 -10.60
C ASN L 138 3.31 34.49 -10.34
N ILE L 139 3.56 34.08 -9.09
CA ILE L 139 3.45 32.69 -8.67
C ILE L 139 2.49 32.56 -7.51
N LYS L 140 1.51 31.68 -7.66
CA LYS L 140 0.53 31.49 -6.61
C LYS L 140 1.11 30.63 -5.50
N ASN L 141 1.06 31.18 -4.28
CA ASN L 141 1.47 30.50 -3.06
C ASN L 141 0.50 29.37 -2.65
N ASP L 142 0.90 28.13 -2.88
CA ASP L 142 0.06 26.96 -2.62
C ASP L 142 0.37 26.21 -1.31
N PHE L 143 1.02 26.92 -0.39
CA PHE L 143 1.37 26.36 0.92
C PHE L 143 0.19 26.35 1.88
N THR L 144 -0.22 25.18 2.37
CA THR L 144 -1.12 25.17 3.54
C THR L 144 -0.43 25.88 4.71
N PRO L 145 -1.20 26.53 5.58
CA PRO L 145 -0.52 27.37 6.57
C PRO L 145 0.39 26.58 7.50
N GLU L 146 0.09 25.30 7.72
CA GLU L 146 0.92 24.40 8.52
C GLU L 146 2.22 24.16 7.79
N GLU L 147 2.13 23.89 6.50
CA GLU L 147 3.34 23.68 5.71
C GLU L 147 4.25 24.88 5.81
N GLU L 148 3.74 26.03 5.40
CA GLU L 148 4.50 27.26 5.47
C GLU L 148 5.15 27.43 6.85
N GLU L 149 4.41 27.14 7.91
CA GLU L 149 4.91 27.34 9.26
C GLU L 149 6.04 26.40 9.56
N GLU L 150 5.83 25.12 9.28
CA GLU L 150 6.90 24.19 9.48
C GLU L 150 8.13 24.64 8.72
N VAL L 151 7.96 24.96 7.44
CA VAL L 151 9.11 25.35 6.63
C VAL L 151 9.82 26.53 7.23
N ARG L 152 9.03 27.53 7.59
CA ARG L 152 9.55 28.72 8.23
C ARG L 152 10.29 28.38 9.55
N ARG L 153 9.66 27.56 10.38
CA ARG L 153 10.30 27.12 11.61
C ARG L 153 11.64 26.41 11.36
N GLU L 154 11.62 25.39 10.50
CA GLU L 154 12.84 24.70 10.13
C GLU L 154 13.90 25.70 9.73
N ASN L 155 13.54 26.56 8.79
CA ASN L 155 14.43 27.61 8.30
C ASN L 155 15.06 28.56 9.34
N GLN L 156 14.32 28.90 10.39
CA GLN L 156 14.80 29.93 11.28
C GLN L 156 15.25 29.41 12.64
N TRP L 157 14.87 28.18 12.94
CA TRP L 157 15.22 27.58 14.21
C TRP L 157 16.33 26.53 14.12
N ALA L 158 16.35 25.77 13.03
CA ALA L 158 17.26 24.62 12.96
C ALA L 158 18.33 24.73 11.91
N PHE L 159 17.93 24.88 10.65
CA PHE L 159 18.85 24.77 9.52
C PHE L 159 19.32 26.07 8.86
N GLU L 160 20.57 26.46 9.13
CA GLU L 160 21.34 27.48 8.39
C GLU L 160 21.87 28.69 9.20
N SER M 12 4.84 24.75 -28.47
CA SER M 12 5.47 25.96 -27.94
C SER M 12 4.46 26.92 -27.30
N CYS M 13 4.43 26.90 -25.98
CA CYS M 13 3.64 27.86 -25.21
C CYS M 13 4.63 28.84 -24.56
N VAL M 14 4.13 30.00 -24.11
CA VAL M 14 4.98 30.99 -23.44
C VAL M 14 5.83 30.27 -22.38
N ALA M 15 7.12 30.58 -22.29
CA ALA M 15 7.97 29.93 -21.28
C ALA M 15 7.89 30.60 -19.90
N THR M 16 7.55 29.80 -18.88
CA THR M 16 7.39 30.29 -17.50
C THR M 16 8.70 30.17 -16.75
N VAL M 17 8.74 30.69 -15.52
CA VAL M 17 9.86 30.45 -14.62
C VAL M 17 9.94 28.98 -14.31
N ASP M 18 8.78 28.40 -14.04
CA ASP M 18 8.67 26.99 -13.72
C ASP M 18 9.40 26.11 -14.73
N ASP M 19 9.73 26.65 -15.91
CA ASP M 19 10.33 25.84 -16.97
C ASP M 19 11.85 25.94 -16.92
N VAL M 20 12.35 26.51 -15.84
CA VAL M 20 13.74 26.98 -15.84
C VAL M 20 14.32 27.08 -14.43
N ILE M 21 13.47 26.86 -13.43
CA ILE M 21 13.85 27.07 -12.04
C ILE M 21 14.80 26.01 -11.48
N GLU M 22 14.60 24.75 -11.89
CA GLU M 22 15.48 23.66 -11.46
C GLU M 22 16.92 24.01 -11.77
N GLN M 23 17.11 24.77 -12.84
CA GLN M 23 18.43 25.16 -13.34
C GLN M 23 19.00 26.34 -12.58
N VAL M 24 18.19 27.39 -12.48
CA VAL M 24 18.59 28.64 -11.85
C VAL M 24 18.97 28.45 -10.39
N MET M 25 18.16 27.66 -9.69
CA MET M 25 18.30 27.49 -8.25
C MET M 25 19.74 27.19 -7.85
N THR M 26 20.40 26.36 -8.64
CA THR M 26 21.79 25.98 -8.36
C THR M 26 22.78 27.15 -8.55
N TYR M 27 22.26 28.34 -8.85
CA TYR M 27 23.10 29.54 -8.97
C TYR M 27 22.89 30.48 -7.80
N ILE M 28 21.95 30.11 -6.93
CA ILE M 28 21.74 30.85 -5.69
C ILE M 28 22.55 30.15 -4.61
N THR M 29 23.49 30.89 -4.06
CA THR M 29 24.48 30.28 -3.18
C THR M 29 24.17 30.71 -1.75
N ASP M 30 23.72 31.95 -1.61
CA ASP M 30 23.46 32.57 -0.32
C ASP M 30 22.43 31.79 0.48
N PRO M 31 22.80 31.35 1.69
CA PRO M 31 21.93 30.56 2.59
C PRO M 31 20.67 31.29 2.98
N LYS M 32 20.67 32.61 2.87
CA LYS M 32 19.50 33.40 3.25
C LYS M 32 18.56 33.60 2.08
N ASP M 33 19.02 33.28 0.88
CA ASP M 33 18.19 33.41 -0.30
C ASP M 33 17.56 32.06 -0.62
N ARG M 34 18.30 30.99 -0.37
CA ARG M 34 17.73 29.66 -0.39
C ARG M 34 16.55 29.65 0.60
N ASP M 35 16.78 30.22 1.77
CA ASP M 35 15.77 30.31 2.80
C ASP M 35 14.49 30.89 2.21
N SER M 36 14.58 32.05 1.57
CA SER M 36 13.40 32.67 1.00
C SER M 36 12.85 31.80 -0.12
N ALA M 37 13.70 31.47 -1.09
CA ALA M 37 13.30 30.70 -2.26
C ALA M 37 12.49 29.45 -1.90
N SER M 38 12.82 28.83 -0.77
CA SER M 38 12.18 27.60 -0.32
C SER M 38 10.74 27.86 0.09
N LEU M 39 10.37 29.14 0.18
CA LEU M 39 9.09 29.52 0.74
C LEU M 39 8.13 30.15 -0.28
N VAL M 40 8.52 30.21 -1.55
CA VAL M 40 7.67 30.88 -2.54
C VAL M 40 6.53 29.99 -2.97
N CYS M 41 6.72 28.68 -2.85
CA CYS M 41 5.68 27.73 -3.19
C CYS M 41 6.19 26.30 -3.06
N ARG M 42 5.29 25.33 -3.11
CA ARG M 42 5.65 23.93 -2.96
C ARG M 42 6.72 23.42 -3.93
N ARG M 43 6.67 23.86 -5.18
CA ARG M 43 7.61 23.31 -6.14
C ARG M 43 9.01 23.80 -5.85
N TRP M 44 9.14 25.10 -5.67
CA TRP M 44 10.41 25.71 -5.34
C TRP M 44 10.99 25.11 -4.08
N PHE M 45 10.11 24.90 -3.12
CA PHE M 45 10.52 24.23 -1.90
C PHE M 45 11.16 22.87 -2.17
N LYS M 46 10.51 22.07 -3.01
CA LYS M 46 11.05 20.75 -3.33
C LYS M 46 12.35 20.85 -4.08
N ILE M 47 12.48 21.87 -4.92
CA ILE M 47 13.68 22.02 -5.72
C ILE M 47 14.87 22.42 -4.89
N ASP M 48 14.64 23.34 -3.96
CA ASP M 48 15.67 23.74 -3.00
C ASP M 48 16.08 22.52 -2.19
N SER M 49 15.09 21.81 -1.67
CA SER M 49 15.33 20.58 -0.91
C SER M 49 16.25 19.57 -1.59
N GLU M 50 16.11 19.38 -2.89
CA GLU M 50 16.89 18.37 -3.57
C GLU M 50 18.21 18.86 -4.09
N THR M 51 18.44 20.17 -4.00
CA THR M 51 19.68 20.73 -4.52
C THR M 51 20.60 21.34 -3.45
N ARG M 52 20.06 21.57 -2.25
CA ARG M 52 20.85 22.19 -1.19
C ARG M 52 22.05 21.32 -0.94
N GLU M 53 23.23 21.92 -0.95
CA GLU M 53 24.48 21.21 -0.78
C GLU M 53 25.03 21.33 0.63
N HIS M 54 24.94 22.50 1.24
CA HIS M 54 25.48 22.64 2.60
C HIS M 54 24.49 23.16 3.64
N VAL M 55 24.45 22.53 4.79
CA VAL M 55 23.62 23.02 5.89
C VAL M 55 24.43 23.15 7.16
N THR M 56 24.07 24.07 8.02
CA THR M 56 24.74 24.19 9.30
C THR M 56 23.72 24.24 10.43
N MET M 57 23.81 23.36 11.40
CA MET M 57 22.97 23.53 12.58
C MET M 57 23.75 24.20 13.71
N ALA M 58 23.31 25.37 14.16
CA ALA M 58 24.05 26.00 15.23
C ALA M 58 23.88 25.27 16.56
N LEU M 59 22.84 24.45 16.66
CA LEU M 59 22.60 23.66 17.85
C LEU M 59 21.97 22.37 17.42
N CYS M 60 22.69 21.28 17.61
CA CYS M 60 22.23 19.99 17.15
C CYS M 60 20.93 19.56 17.80
N TYR M 61 20.63 20.10 18.98
CA TYR M 61 19.44 19.64 19.71
C TYR M 61 18.21 20.33 19.20
N THR M 62 18.40 21.15 18.16
CA THR M 62 17.34 21.99 17.59
C THR M 62 16.39 21.21 16.68
N ALA M 63 16.87 20.09 16.11
CA ALA M 63 16.06 19.22 15.28
C ALA M 63 16.56 17.77 15.31
N THR M 64 15.67 16.84 14.95
CA THR M 64 16.01 15.43 14.80
C THR M 64 16.88 15.18 13.58
N PRO M 65 17.76 14.19 13.64
CA PRO M 65 18.52 13.95 12.41
C PRO M 65 17.61 13.40 11.31
N ASP M 66 16.49 12.81 11.69
CA ASP M 66 15.53 12.41 10.69
C ASP M 66 15.04 13.61 9.87
N ARG M 67 14.64 14.66 10.61
CA ARG M 67 14.07 15.87 10.03
C ARG M 67 15.00 16.51 9.04
N LEU M 68 16.29 16.46 9.33
CA LEU M 68 17.32 17.03 8.47
C LEU M 68 17.44 16.27 7.16
N SER M 69 17.50 14.94 7.25
CA SER M 69 17.74 14.12 6.07
C SER M 69 16.51 14.17 5.21
N ARG M 70 15.36 14.24 5.87
CA ARG M 70 14.09 14.32 5.14
C ARG M 70 14.02 15.60 4.32
N ARG M 71 14.48 16.71 4.90
CA ARG M 71 14.45 18.02 4.24
C ARG M 71 15.53 18.14 3.18
N PHE M 72 16.74 17.65 3.47
CA PHE M 72 17.86 17.86 2.55
C PHE M 72 18.63 16.61 2.23
N PRO M 73 18.01 15.70 1.51
CA PRO M 73 18.52 14.35 1.19
C PRO M 73 19.86 14.33 0.52
N ASN M 74 20.26 15.42 -0.11
CA ASN M 74 21.45 15.37 -0.94
C ASN M 74 22.53 16.32 -0.51
N LEU M 75 22.57 16.62 0.78
CA LEU M 75 23.67 17.36 1.35
C LEU M 75 24.98 16.78 0.87
N ARG M 76 25.94 17.67 0.67
CA ARG M 76 27.27 17.28 0.32
C ARG M 76 28.12 17.68 1.50
N SER M 77 27.71 18.73 2.19
CA SER M 77 28.44 19.23 3.35
C SER M 77 27.51 19.45 4.54
N LEU M 78 27.95 19.02 5.72
CA LEU M 78 27.21 19.25 6.97
C LEU M 78 28.10 19.88 8.06
N LYS M 79 27.47 20.59 8.99
CA LYS M 79 28.19 21.18 10.09
C LYS M 79 27.27 21.27 11.29
N LEU M 80 27.64 20.57 12.37
CA LEU M 80 26.84 20.61 13.59
C LEU M 80 27.63 21.20 14.73
N LYS M 81 26.97 22.03 15.53
CA LYS M 81 27.54 22.59 16.74
C LYS M 81 26.82 22.00 17.94
N GLY M 82 27.52 21.73 19.03
CA GLY M 82 26.89 21.14 20.19
C GLY M 82 26.84 22.01 21.40
N LYS M 83 27.77 21.76 22.32
CA LYS M 83 27.93 22.52 23.58
C LYS M 83 27.94 24.01 23.30
N PRO M 84 27.35 24.76 24.22
CA PRO M 84 27.27 26.21 24.22
C PRO M 84 28.66 26.80 24.09
N ARG M 85 28.74 28.07 23.73
CA ARG M 85 30.03 28.71 23.53
C ARG M 85 30.80 28.74 24.84
N ALA M 86 30.06 28.81 25.94
CA ALA M 86 30.66 28.91 27.26
C ALA M 86 31.60 27.74 27.53
N ALA M 87 31.42 26.66 26.79
CA ALA M 87 32.18 25.45 27.02
C ALA M 87 33.64 25.69 26.71
N MET M 88 33.91 26.66 25.84
CA MET M 88 35.29 26.97 25.42
C MET M 88 36.01 27.68 26.55
N PHE M 89 35.33 27.88 27.67
CA PHE M 89 35.90 28.57 28.83
C PHE M 89 35.73 27.77 30.11
N ASN M 90 35.62 26.46 29.95
CA ASN M 90 35.49 25.56 31.08
C ASN M 90 34.40 26.05 31.99
N LEU M 91 33.25 26.32 31.40
CA LEU M 91 32.08 26.73 32.16
C LEU M 91 30.99 25.68 32.04
N ILE M 92 31.09 24.88 31.00
CA ILE M 92 30.10 23.84 30.74
C ILE M 92 30.60 22.44 31.10
N PRO M 93 29.79 21.70 31.85
CA PRO M 93 30.06 20.32 32.27
C PRO M 93 30.45 19.47 31.12
N GLU M 94 31.36 18.53 31.36
CA GLU M 94 31.87 17.75 30.27
C GLU M 94 30.75 16.89 29.67
N ASN M 95 29.91 16.33 30.53
CA ASN M 95 28.90 15.37 30.10
C ASN M 95 27.65 16.03 29.55
N TRP M 96 27.71 17.33 29.33
CA TRP M 96 26.50 18.08 29.02
C TRP M 96 25.69 17.49 27.85
N GLY M 97 26.39 17.01 26.84
CA GLY M 97 25.73 16.50 25.65
C GLY M 97 26.37 17.05 24.42
N GLY M 98 25.84 16.68 23.26
CA GLY M 98 26.40 17.12 21.99
C GLY M 98 26.86 15.88 21.28
N TYR M 99 26.32 14.74 21.73
CA TYR M 99 26.69 13.44 21.19
C TYR M 99 26.39 13.39 19.68
N VAL M 100 27.30 12.82 18.93
CA VAL M 100 27.30 12.97 17.50
C VAL M 100 26.71 11.69 16.87
N THR M 101 26.53 10.64 17.67
CA THR M 101 26.21 9.32 17.10
C THR M 101 24.93 9.25 16.27
N PRO M 102 23.81 9.73 16.82
CA PRO M 102 22.54 9.74 16.09
C PRO M 102 22.72 10.39 14.73
N TRP M 103 23.62 11.37 14.68
CA TRP M 103 23.91 12.06 13.44
C TRP M 103 24.72 11.18 12.48
N VAL M 104 25.69 10.44 12.98
CA VAL M 104 26.38 9.59 12.04
C VAL M 104 25.52 8.36 11.63
N THR M 105 24.65 7.87 12.50
CA THR M 105 23.85 6.77 12.01
C THR M 105 22.85 7.28 10.96
N GLU M 106 22.47 8.54 11.06
CA GLU M 106 21.62 9.12 10.04
C GLU M 106 22.42 9.37 8.75
N ILE M 107 23.68 9.79 8.88
CA ILE M 107 24.54 9.99 7.72
C ILE M 107 24.81 8.68 7.02
N SER M 108 25.06 7.66 7.83
CA SER M 108 25.27 6.30 7.34
C SER M 108 24.10 5.84 6.44
N ASN M 109 22.90 6.24 6.81
CA ASN M 109 21.73 5.68 6.19
C ASN M 109 21.04 6.53 5.14
N ASN M 110 21.09 7.85 5.30
CA ASN M 110 20.23 8.71 4.49
C ASN M 110 20.91 9.91 3.83
N LEU M 111 22.14 10.22 4.25
CA LEU M 111 22.86 11.32 3.61
C LEU M 111 23.94 10.74 2.74
N ARG M 112 23.52 9.93 1.77
CA ARG M 112 24.43 9.11 0.99
C ARG M 112 25.29 9.94 0.04
N GLN M 113 25.23 11.26 0.18
CA GLN M 113 25.93 12.14 -0.74
C GLN M 113 27.03 12.95 -0.06
N LEU M 114 27.14 12.80 1.24
CA LEU M 114 27.96 13.65 2.10
C LEU M 114 29.42 13.42 1.82
N LYS M 115 30.14 14.49 1.59
CA LYS M 115 31.56 14.35 1.33
C LYS M 115 32.35 15.13 2.38
N SER M 116 31.65 15.93 3.20
CA SER M 116 32.33 16.73 4.21
C SER M 116 31.52 16.92 5.49
N VAL M 117 32.15 16.60 6.63
CA VAL M 117 31.53 16.74 7.94
C VAL M 117 32.34 17.59 8.90
N HIS M 118 31.69 18.53 9.56
CA HIS M 118 32.34 19.39 10.54
C HIS M 118 31.56 19.31 11.82
N PHE M 119 32.17 18.71 12.84
CA PHE M 119 31.59 18.74 14.17
C PHE M 119 32.29 19.82 14.99
N ARG M 120 31.51 20.57 15.77
CA ARG M 120 32.06 21.67 16.58
C ARG M 120 31.53 21.62 17.98
N ARG M 121 32.46 21.52 18.94
CA ARG M 121 32.10 21.38 20.34
C ARG M 121 31.18 20.23 20.57
N MET M 122 31.49 19.07 19.96
CA MET M 122 30.67 17.87 20.15
C MET M 122 31.36 16.68 20.83
N ILE M 123 30.58 15.66 21.19
CA ILE M 123 31.15 14.42 21.75
C ILE M 123 31.28 13.37 20.65
N VAL M 124 32.48 13.02 20.26
CA VAL M 124 32.67 12.03 19.21
C VAL M 124 33.40 10.78 19.76
N SER M 125 32.74 9.63 19.71
CA SER M 125 33.30 8.35 20.17
C SER M 125 34.06 7.59 19.09
N ASP M 126 34.96 6.70 19.51
CA ASP M 126 35.67 5.85 18.55
C ASP M 126 34.70 5.09 17.66
N LEU M 127 33.62 4.59 18.27
CA LEU M 127 32.66 3.79 17.55
C LEU M 127 32.04 4.64 16.50
N ASP M 128 31.50 5.77 16.92
CA ASP M 128 30.73 6.54 15.97
C ASP M 128 31.63 7.08 14.85
N LEU M 129 32.92 7.22 15.09
CA LEU M 129 33.72 7.57 13.92
C LEU M 129 34.26 6.38 13.10
N ASP M 130 34.43 5.22 13.71
CA ASP M 130 34.63 4.02 12.93
C ASP M 130 33.44 3.89 12.00
N ARG M 131 32.25 4.09 12.55
CA ARG M 131 31.02 4.00 11.77
C ARG M 131 30.97 4.97 10.59
N LEU M 132 31.33 6.22 10.87
CA LEU M 132 31.41 7.24 9.84
C LEU M 132 32.39 6.77 8.76
N ALA M 133 33.59 6.39 9.16
CA ALA M 133 34.65 6.01 8.21
C ALA M 133 34.19 4.94 7.25
N LYS M 134 33.65 3.86 7.79
CA LYS M 134 33.17 2.78 6.94
C LYS M 134 32.00 3.24 6.05
N ALA M 135 31.06 3.96 6.64
CA ALA M 135 29.84 4.37 5.93
C ALA M 135 30.09 5.30 4.77
N ARG M 136 31.06 6.18 4.93
CA ARG M 136 31.29 7.21 3.94
C ARG M 136 32.60 6.97 3.16
N ALA M 137 33.54 6.25 3.77
CA ALA M 137 34.80 5.82 3.14
C ALA M 137 35.48 6.80 2.19
N ASP M 138 35.87 6.28 1.04
CA ASP M 138 36.56 7.07 0.02
C ASP M 138 35.91 8.41 -0.33
N ASP M 139 34.58 8.48 -0.29
CA ASP M 139 33.83 9.71 -0.53
C ASP M 139 34.05 10.85 0.48
N LEU M 140 34.49 10.53 1.69
CA LEU M 140 34.75 11.55 2.67
C LEU M 140 35.98 12.36 2.31
N GLU M 141 35.76 13.57 1.80
CA GLU M 141 36.84 14.45 1.36
C GLU M 141 37.36 15.30 2.53
N THR M 142 36.46 15.74 3.41
CA THR M 142 36.91 16.51 4.55
C THR M 142 36.20 16.14 5.86
N LEU M 143 36.99 16.14 6.95
CA LEU M 143 36.52 15.84 8.30
C LEU M 143 37.09 16.83 9.33
N LYS M 144 36.22 17.55 10.01
CA LYS M 144 36.71 18.51 10.97
C LYS M 144 36.21 18.15 12.34
N LEU M 145 37.08 17.61 13.17
CA LEU M 145 36.75 17.44 14.61
C LEU M 145 37.15 18.68 15.43
N ASP M 146 36.24 19.65 15.48
CA ASP M 146 36.56 21.00 15.94
C ASP M 146 36.22 21.17 17.40
N LYS M 147 37.22 21.21 18.26
CA LYS M 147 36.98 21.30 19.70
C LYS M 147 36.02 20.19 20.20
N CYS M 148 36.21 18.95 19.75
CA CYS M 148 35.39 17.86 20.25
C CYS M 148 36.18 17.02 21.22
N SER M 149 35.47 16.10 21.87
CA SER M 149 36.05 15.20 22.84
C SER M 149 35.49 13.77 22.74
N GLY M 150 36.12 12.84 23.43
CA GLY M 150 35.53 11.54 23.60
C GLY M 150 35.98 10.40 22.71
N PHE M 151 37.01 10.64 21.90
CA PHE M 151 37.53 9.61 21.00
C PHE M 151 38.97 9.35 21.29
N THR M 152 39.59 8.53 20.45
CA THR M 152 41.01 8.18 20.62
C THR M 152 41.69 7.91 19.28
N THR M 153 42.99 7.66 19.32
CA THR M 153 43.71 7.39 18.09
C THR M 153 43.07 6.25 17.26
N ASP M 154 42.39 5.31 17.92
CA ASP M 154 41.77 4.22 17.20
C ASP M 154 40.75 4.77 16.18
N GLY M 155 39.91 5.68 16.66
CA GLY M 155 39.05 6.44 15.78
C GLY M 155 39.85 7.02 14.62
N LEU M 156 40.81 7.89 14.94
CA LEU M 156 41.64 8.50 13.90
C LEU M 156 42.10 7.46 12.88
N LEU M 157 42.75 6.39 13.37
CA LEU M 157 43.27 5.33 12.53
C LEU M 157 42.21 4.78 11.62
N SER M 158 41.00 4.60 12.19
CA SER M 158 39.89 4.10 11.41
C SER M 158 39.56 5.02 10.24
N ILE M 159 39.53 6.34 10.45
CA ILE M 159 39.15 7.19 9.31
C ILE M 159 40.28 7.38 8.28
N VAL M 160 41.53 7.25 8.69
CA VAL M 160 42.62 7.43 7.74
C VAL M 160 42.88 6.18 6.89
N THR M 161 42.42 5.02 7.35
CA THR M 161 42.60 3.78 6.60
C THR M 161 41.42 3.56 5.63
N HIS M 162 40.20 3.97 6.04
CA HIS M 162 39.00 3.70 5.25
C HIS M 162 38.66 4.84 4.28
N CYS M 163 39.04 6.06 4.66
CA CYS M 163 38.82 7.24 3.83
C CYS M 163 40.13 7.62 3.19
N ARG M 164 40.38 7.02 2.05
CA ARG M 164 41.74 7.00 1.51
C ARG M 164 41.99 8.29 0.76
N LYS M 165 40.92 9.04 0.52
CA LYS M 165 41.03 10.24 -0.27
C LYS M 165 40.86 11.55 0.47
N ILE M 166 40.93 11.52 1.80
CA ILE M 166 40.76 12.75 2.57
C ILE M 166 41.62 13.90 2.08
N LYS M 167 41.00 15.04 1.79
CA LYS M 167 41.69 16.24 1.35
C LYS M 167 42.00 17.11 2.55
N THR M 168 41.07 17.21 3.48
CA THR M 168 41.29 18.05 4.67
C THR M 168 40.84 17.34 5.95
N LEU M 169 41.76 17.24 6.91
CA LEU M 169 41.54 16.51 8.17
C LEU M 169 41.94 17.39 9.35
N LEU M 170 41.01 17.65 10.26
CA LEU M 170 41.26 18.63 11.32
C LEU M 170 40.83 18.21 12.74
N MET M 171 41.70 18.47 13.73
CA MET M 171 41.44 18.07 15.11
C MET M 171 41.61 19.20 16.08
N GLU M 172 41.90 20.38 15.57
CA GLU M 172 42.25 21.52 16.40
C GLU M 172 41.48 21.60 17.73
N GLU M 173 42.24 21.57 18.83
CA GLU M 173 41.74 21.83 20.17
C GLU M 173 40.83 20.73 20.64
N SER M 174 40.81 19.64 19.91
CA SER M 174 40.03 18.48 20.34
C SER M 174 40.82 17.74 21.38
N SER M 175 40.12 17.05 22.27
CA SER M 175 40.78 16.26 23.28
C SER M 175 40.39 14.78 23.22
N PHE M 176 41.40 13.92 23.15
CA PHE M 176 41.19 12.52 22.93
C PHE M 176 42.28 11.77 23.73
N SER M 177 42.22 10.44 23.70
CA SER M 177 43.19 9.61 24.39
C SER M 177 44.23 9.14 23.38
N GLU M 178 45.50 9.44 23.63
CA GLU M 178 46.50 9.05 22.64
C GLU M 178 47.14 7.73 23.00
N LYS M 179 46.85 6.70 22.21
CA LYS M 179 47.35 5.37 22.51
C LYS M 179 48.57 5.05 21.66
N ASP M 180 48.70 5.73 20.51
CA ASP M 180 49.84 5.53 19.62
C ASP M 180 49.94 6.55 18.49
N GLY M 181 50.75 6.22 17.50
CA GLY M 181 50.94 7.11 16.36
C GLY M 181 50.54 6.56 15.01
N LYS M 182 50.05 5.33 14.97
CA LYS M 182 49.83 4.67 13.68
C LYS M 182 48.95 5.50 12.74
N TRP M 183 47.98 6.24 13.28
CA TRP M 183 47.16 7.07 12.41
C TRP M 183 47.97 7.99 11.47
N LEU M 184 48.94 8.73 12.01
CA LEU M 184 49.78 9.60 11.17
C LEU M 184 50.57 8.79 10.16
N HIS M 185 51.07 7.66 10.61
CA HIS M 185 51.94 6.84 9.79
C HIS M 185 51.15 6.24 8.65
N GLU M 186 49.93 5.82 8.95
CA GLU M 186 49.03 5.30 7.94
C GLU M 186 48.68 6.38 6.89
N LEU M 187 48.67 7.65 7.30
CA LEU M 187 48.50 8.75 6.36
C LEU M 187 49.72 8.86 5.45
N ALA M 188 50.88 8.98 6.08
CA ALA M 188 52.15 9.00 5.40
C ALA M 188 52.27 7.90 4.35
N GLN M 189 51.92 6.68 4.73
CA GLN M 189 52.19 5.57 3.85
C GLN M 189 51.28 5.46 2.65
N HIS M 190 50.09 6.05 2.72
CA HIS M 190 49.11 5.85 1.64
C HIS M 190 48.36 7.09 1.14
N ASN M 191 48.42 8.20 1.87
CA ASN M 191 47.66 9.40 1.46
C ASN M 191 48.43 10.35 0.56
N THR M 192 47.70 10.91 -0.42
CA THR M 192 48.26 11.71 -1.49
C THR M 192 47.50 13.03 -1.60
N SER M 193 46.21 12.94 -1.31
CA SER M 193 45.24 13.97 -1.59
C SER M 193 45.24 15.13 -0.58
N LEU M 194 45.84 14.87 0.57
CA LEU M 194 45.86 15.85 1.64
C LEU M 194 46.16 17.29 1.17
N GLU M 195 45.24 18.20 1.47
CA GLU M 195 45.40 19.63 1.19
C GLU M 195 45.57 20.47 2.46
N VAL M 196 44.81 20.12 3.49
CA VAL M 196 44.99 20.75 4.80
C VAL M 196 44.91 19.78 5.99
N LEU M 197 45.96 19.82 6.80
CA LEU M 197 46.09 18.97 7.96
C LEU M 197 46.23 19.84 9.18
N ASN M 198 45.46 19.57 10.22
CA ASN M 198 45.42 20.50 11.33
C ASN M 198 45.19 19.83 12.68
N PHE M 199 46.26 19.69 13.48
CA PHE M 199 46.06 19.37 14.89
C PHE M 199 46.69 20.39 15.81
N TYR M 200 46.18 21.62 15.76
CA TYR M 200 46.87 22.79 16.27
C TYR M 200 46.94 22.91 17.78
N MET M 201 45.86 22.60 18.47
CA MET M 201 45.97 22.72 19.91
C MET M 201 45.90 21.36 20.58
N THR M 202 46.93 20.54 20.36
CA THR M 202 46.78 19.15 20.72
C THR M 202 48.02 18.53 21.30
N GLU M 203 47.82 17.74 22.36
CA GLU M 203 48.90 16.99 22.98
C GLU M 203 49.09 15.67 22.25
N PHE M 204 49.96 15.67 21.26
CA PHE M 204 50.37 14.41 20.66
C PHE M 204 51.82 14.19 21.06
N ALA M 205 52.12 13.05 21.65
CA ALA M 205 53.48 12.78 22.04
C ALA M 205 54.04 11.51 21.36
N LYS M 206 53.23 10.86 20.55
CA LYS M 206 53.62 9.59 19.99
C LYS M 206 53.68 9.59 18.47
N ILE M 207 53.64 10.77 17.85
CA ILE M 207 53.71 10.79 16.39
C ILE M 207 55.09 11.22 15.93
N SER M 208 55.53 10.65 14.82
CA SER M 208 56.88 10.86 14.31
C SER M 208 56.95 12.01 13.30
N PRO M 209 57.78 13.02 13.60
CA PRO M 209 57.96 14.07 12.60
C PRO M 209 58.33 13.49 11.22
N LYS M 210 59.02 12.35 11.18
CA LYS M 210 59.36 11.70 9.92
C LYS M 210 58.11 11.49 9.06
N ASP M 211 57.06 10.93 9.66
CA ASP M 211 55.81 10.70 8.96
C ASP M 211 55.26 11.99 8.39
N LEU M 212 55.31 13.06 9.19
CA LEU M 212 54.84 14.38 8.79
C LEU M 212 55.59 14.85 7.56
N GLU M 213 56.90 14.63 7.59
CA GLU M 213 57.74 14.90 6.46
C GLU M 213 57.39 14.02 5.25
N THR M 214 57.18 12.74 5.48
CA THR M 214 56.90 11.89 4.34
C THR M 214 55.53 12.22 3.70
N ILE M 215 54.69 12.89 4.48
CA ILE M 215 53.37 13.30 3.99
C ILE M 215 53.53 14.49 3.07
N ALA M 216 54.34 15.42 3.55
CA ALA M 216 54.66 16.64 2.81
C ALA M 216 55.27 16.26 1.47
N ARG M 217 56.04 15.18 1.47
CA ARG M 217 56.71 14.71 0.28
C ARG M 217 55.66 14.21 -0.70
N ASN M 218 54.67 13.46 -0.21
CA ASN M 218 53.65 12.79 -1.05
C ASN M 218 52.41 13.59 -1.47
N CYS M 219 52.11 14.67 -0.75
CA CYS M 219 50.88 15.42 -0.98
C CYS M 219 51.20 16.73 -1.68
N ARG M 220 51.04 16.73 -3.00
CA ARG M 220 51.50 17.84 -3.81
C ARG M 220 50.67 19.06 -3.52
N SER M 221 49.44 18.83 -3.10
CA SER M 221 48.57 19.97 -2.93
C SER M 221 48.48 20.48 -1.49
N LEU M 222 49.47 20.12 -0.68
CA LEU M 222 49.46 20.47 0.73
C LEU M 222 49.70 21.96 0.97
N VAL M 223 48.67 22.64 1.48
CA VAL M 223 48.70 24.09 1.54
C VAL M 223 48.77 24.57 2.96
N SER M 224 48.00 23.95 3.86
CA SER M 224 48.07 24.35 5.26
C SER M 224 48.33 23.18 6.20
N VAL M 225 49.25 23.38 7.14
CA VAL M 225 49.38 22.45 8.25
C VAL M 225 49.68 23.16 9.57
N LYS M 226 48.89 22.88 10.60
CA LYS M 226 49.10 23.40 11.92
C LYS M 226 49.31 22.20 12.79
N VAL M 227 50.05 22.36 13.88
CA VAL M 227 50.64 21.20 14.53
C VAL M 227 50.83 21.37 16.04
N GLY M 228 51.22 20.30 16.73
CA GLY M 228 51.47 20.37 18.16
C GLY M 228 52.85 20.87 18.58
N ASP M 229 53.34 20.39 19.72
CA ASP M 229 54.64 20.82 20.24
C ASP M 229 55.84 20.05 19.67
N PHE M 230 55.86 19.81 18.36
CA PHE M 230 57.05 19.29 17.67
C PHE M 230 58.21 20.27 17.83
N GLU M 231 59.43 19.75 17.95
CA GLU M 231 60.59 20.63 17.90
C GLU M 231 60.82 21.08 16.44
N ILE M 232 60.72 22.38 16.20
CA ILE M 232 60.88 22.89 14.86
C ILE M 232 62.04 22.24 14.12
N LEU M 233 63.20 22.16 14.78
CA LEU M 233 64.40 21.60 14.12
C LEU M 233 64.13 20.23 13.49
N GLU M 234 63.28 19.43 14.15
CA GLU M 234 62.90 18.11 13.64
C GLU M 234 62.05 18.19 12.38
N LEU M 235 61.64 19.42 12.02
CA LEU M 235 60.73 19.62 10.90
C LEU M 235 61.42 20.18 9.68
N VAL M 236 62.75 20.30 9.71
CA VAL M 236 63.42 20.89 8.56
C VAL M 236 63.23 20.03 7.32
N GLY M 237 63.29 18.71 7.52
CA GLY M 237 62.99 17.79 6.44
C GLY M 237 61.65 18.16 5.84
N PHE M 238 60.65 18.21 6.71
CA PHE M 238 59.31 18.67 6.38
C PHE M 238 59.30 19.93 5.51
N PHE M 239 59.82 21.02 6.05
CA PHE M 239 59.68 22.31 5.40
C PHE M 239 60.21 22.27 3.99
N LYS M 240 61.36 21.64 3.79
CA LYS M 240 61.93 21.54 2.45
C LYS M 240 61.01 20.78 1.50
N ALA M 241 60.38 19.74 2.00
CA ALA M 241 59.50 18.90 1.18
C ALA M 241 58.14 19.55 0.91
N ALA M 242 57.67 20.37 1.83
CA ALA M 242 56.35 21.02 1.70
C ALA M 242 56.33 22.26 0.81
N ALA M 243 56.59 22.06 -0.48
CA ALA M 243 56.78 23.14 -1.44
C ALA M 243 55.64 24.16 -1.46
N ASN M 244 54.41 23.68 -1.56
CA ASN M 244 53.32 24.60 -1.78
C ASN M 244 52.71 25.14 -0.50
N LEU M 245 53.40 24.94 0.60
CA LEU M 245 52.85 25.31 1.90
C LEU M 245 52.64 26.81 1.97
N GLU M 246 51.44 27.22 2.39
CA GLU M 246 51.10 28.63 2.54
C GLU M 246 50.87 28.98 4.01
N GLU M 247 50.46 27.99 4.79
CA GLU M 247 50.14 28.24 6.19
C GLU M 247 50.83 27.22 7.06
N PHE M 248 51.45 27.69 8.12
CA PHE M 248 51.97 26.80 9.14
C PHE M 248 51.85 27.46 10.51
N CYS M 249 51.23 26.76 11.45
CA CYS M 249 51.15 27.22 12.82
C CYS M 249 51.53 26.04 13.63
N GLY M 250 52.08 26.29 14.81
CA GLY M 250 52.40 25.24 15.77
C GLY M 250 53.87 25.03 15.93
N GLY M 251 54.25 23.84 16.34
CA GLY M 251 55.65 23.58 16.55
C GLY M 251 56.10 24.19 17.85
N SER M 252 57.39 24.03 18.14
CA SER M 252 57.99 24.43 19.40
C SER M 252 59.42 24.91 19.15
N LEU M 253 59.66 26.19 19.42
CA LEU M 253 61.01 26.74 19.41
C LEU M 253 61.56 26.65 20.82
N ASN M 254 62.53 25.76 20.99
CA ASN M 254 63.15 25.56 22.29
C ASN M 254 64.58 26.03 22.22
N GLU M 255 64.89 27.09 22.94
CA GLU M 255 66.24 27.59 22.92
C GLU M 255 67.00 27.02 24.09
N ASP M 256 68.19 26.48 23.82
CA ASP M 256 69.16 26.23 24.87
C ASP M 256 70.24 27.28 24.66
N ILE M 257 71.08 27.50 25.68
CA ILE M 257 72.11 28.52 25.58
C ILE M 257 73.30 28.01 24.80
N GLY M 258 73.51 26.70 24.87
CA GLY M 258 74.56 26.01 24.12
C GLY M 258 74.56 26.25 22.62
N MET M 259 73.43 26.71 22.09
CA MET M 259 73.35 27.11 20.70
C MET M 259 72.69 28.48 20.61
N PRO M 260 73.48 29.51 20.37
CA PRO M 260 72.95 30.87 20.22
C PRO M 260 72.31 30.99 18.85
N GLU M 261 72.86 30.26 17.89
CA GLU M 261 72.27 30.22 16.58
C GLU M 261 71.70 28.85 16.32
N LYS M 262 70.81 28.41 17.22
CA LYS M 262 70.14 27.13 17.05
C LYS M 262 69.29 27.12 15.78
N TYR M 263 68.59 28.23 15.53
CA TYR M 263 67.66 28.32 14.39
C TYR M 263 67.99 29.48 13.49
N MET M 264 69.08 29.45 12.75
CA MET M 264 69.29 30.58 11.84
C MET M 264 69.37 30.05 10.43
N ASN M 265 69.30 28.74 10.35
CA ASN M 265 69.36 28.05 9.08
C ASN M 265 68.04 27.33 8.82
N LEU M 266 66.95 28.09 8.82
CA LEU M 266 65.64 27.52 8.58
C LEU M 266 65.18 27.79 7.16
N VAL M 267 64.99 26.73 6.40
CA VAL M 267 64.31 26.85 5.12
C VAL M 267 62.81 26.93 5.40
N PHE M 268 62.19 28.10 5.28
CA PHE M 268 60.73 28.10 5.28
C PHE M 268 60.21 28.03 3.85
N PRO M 269 59.14 27.26 3.63
CA PRO M 269 58.64 27.13 2.26
C PRO M 269 58.44 28.50 1.65
N ARG M 270 58.65 28.62 0.35
CA ARG M 270 58.66 29.93 -0.27
C ARG M 270 57.32 30.67 -0.17
N LYS M 271 56.22 29.97 -0.35
CA LYS M 271 54.91 30.65 -0.37
C LYS M 271 54.35 31.00 1.01
N LEU M 272 55.01 30.54 2.07
CA LEU M 272 54.51 30.69 3.44
C LEU M 272 54.19 32.15 3.77
N CYS M 273 52.92 32.42 4.06
CA CYS M 273 52.45 33.79 4.27
C CYS M 273 51.41 33.92 5.40
N ARG M 274 51.03 32.78 5.97
CA ARG M 274 50.11 32.74 7.08
C ARG M 274 50.83 31.86 8.10
N LEU M 275 51.17 32.39 9.27
CA LEU M 275 51.90 31.57 10.24
C LEU M 275 51.91 32.03 11.70
N GLY M 276 52.41 31.14 12.56
CA GLY M 276 52.61 31.41 13.97
C GLY M 276 53.42 30.29 14.59
N LEU M 277 54.66 30.60 14.99
CA LEU M 277 55.52 29.61 15.64
C LEU M 277 55.40 29.67 17.14
N SER M 278 55.18 28.52 17.77
CA SER M 278 54.83 28.51 19.18
C SER M 278 56.07 28.72 20.03
N TYR M 279 55.91 29.47 21.11
CA TYR M 279 56.97 29.74 22.09
C TYR M 279 58.09 30.62 21.55
N MET M 280 57.90 31.16 20.35
CA MET M 280 58.88 32.02 19.71
C MET M 280 59.30 33.23 20.56
N GLY M 281 60.58 33.26 20.92
CA GLY M 281 61.15 34.34 21.67
C GLY M 281 61.85 35.38 20.81
N PRO M 282 62.48 36.38 21.45
CA PRO M 282 63.06 37.48 20.67
C PRO M 282 64.24 36.99 19.90
N ASN M 283 64.91 35.99 20.46
CA ASN M 283 66.11 35.42 19.86
C ASN M 283 65.85 34.74 18.51
N GLU M 284 64.73 34.02 18.42
CA GLU M 284 64.40 33.25 17.21
C GLU M 284 63.51 34.04 16.26
N MET M 285 62.87 35.09 16.79
CA MET M 285 61.99 36.01 16.04
C MET M 285 62.54 36.46 14.67
N PRO M 286 63.86 36.67 14.60
CA PRO M 286 64.47 37.16 13.37
C PRO M 286 64.37 36.24 12.17
N ILE M 287 64.09 34.95 12.37
CA ILE M 287 64.08 34.03 11.25
C ILE M 287 62.95 34.37 10.28
N LEU M 288 62.07 35.27 10.73
CA LEU M 288 60.90 35.69 9.95
C LEU M 288 61.19 36.88 9.05
N PHE M 289 62.20 37.68 9.41
CA PHE M 289 62.52 38.91 8.69
C PHE M 289 62.76 38.72 7.18
N PRO M 290 63.51 37.67 6.81
CA PRO M 290 63.81 37.36 5.41
C PRO M 290 62.61 37.42 4.45
N PHE M 291 61.38 37.43 4.98
CA PHE M 291 60.21 37.41 4.12
C PHE M 291 58.99 38.01 4.79
N ALA M 292 59.22 38.82 5.81
CA ALA M 292 58.13 39.45 6.52
C ALA M 292 57.22 40.27 5.59
N ALA M 293 57.75 40.72 4.46
CA ALA M 293 56.99 41.56 3.53
C ALA M 293 55.76 40.82 3.05
N GLN M 294 55.85 39.49 3.13
CA GLN M 294 54.96 38.56 2.46
C GLN M 294 53.85 38.04 3.41
N ILE M 295 54.15 38.06 4.70
CA ILE M 295 53.24 37.62 5.75
C ILE M 295 51.94 38.40 5.78
N ARG M 296 50.83 37.67 5.78
CA ARG M 296 49.50 38.29 5.77
C ARG M 296 48.67 37.92 7.00
N LYS M 297 49.05 36.84 7.67
CA LYS M 297 48.40 36.40 8.92
C LYS M 297 49.48 36.08 9.93
N LEU M 298 49.26 36.49 11.18
CA LEU M 298 50.26 36.30 12.22
C LEU M 298 49.61 35.81 13.49
N ASP M 299 50.15 34.73 14.06
CA ASP M 299 49.57 34.13 15.27
C ASP M 299 50.58 34.12 16.43
N LEU M 300 50.74 35.27 17.06
CA LEU M 300 51.65 35.39 18.19
C LEU M 300 50.87 35.11 19.46
N LEU M 301 49.85 34.28 19.31
CA LEU M 301 49.00 33.97 20.43
C LEU M 301 49.81 33.25 21.51
N TYR M 302 50.61 32.28 21.08
CA TYR M 302 51.36 31.42 22.00
C TYR M 302 52.86 31.74 21.91
N ALA M 303 53.15 33.01 21.63
CA ALA M 303 54.51 33.44 21.45
C ALA M 303 55.07 34.06 22.74
N LEU M 304 56.37 33.89 22.95
CA LEU M 304 57.03 34.33 24.17
C LEU M 304 57.80 35.61 23.95
N LEU M 305 57.24 36.56 23.23
CA LEU M 305 57.97 37.81 23.06
C LEU M 305 57.24 38.99 23.69
N GLU M 306 57.99 40.02 24.06
CA GLU M 306 57.48 41.13 24.87
C GLU M 306 57.11 42.35 24.05
N THR M 307 56.52 43.32 24.73
CA THR M 307 55.92 44.45 24.04
C THR M 307 56.86 45.09 23.01
N GLU M 308 58.13 45.24 23.38
CA GLU M 308 59.10 45.87 22.49
C GLU M 308 59.33 45.02 21.24
N ASP M 309 59.56 43.73 21.48
CA ASP M 309 59.74 42.75 20.42
C ASP M 309 58.55 42.72 19.46
N HIS M 310 57.35 42.98 19.96
CA HIS M 310 56.17 43.05 19.10
C HIS M 310 56.37 44.14 18.09
N CYS M 311 56.67 45.34 18.59
CA CYS M 311 56.74 46.50 17.71
C CYS M 311 57.73 46.25 16.61
N THR M 312 58.86 45.61 16.94
CA THR M 312 59.93 45.47 15.96
C THR M 312 59.53 44.54 14.81
N LEU M 313 58.67 43.55 15.12
CA LEU M 313 58.20 42.60 14.12
C LEU M 313 57.01 43.16 13.32
N ILE M 314 55.98 43.65 14.01
CA ILE M 314 54.81 44.23 13.36
C ILE M 314 55.25 45.26 12.34
N GLN M 315 56.20 46.08 12.76
CA GLN M 315 56.75 47.16 11.94
C GLN M 315 57.26 46.63 10.60
N LYS M 316 57.56 45.34 10.53
CA LYS M 316 58.14 44.73 9.31
C LYS M 316 57.13 44.11 8.36
N CYS M 317 55.85 44.15 8.70
CA CYS M 317 54.83 43.41 7.95
C CYS M 317 53.72 44.34 7.49
N PRO M 318 53.99 45.09 6.43
CA PRO M 318 53.07 46.11 5.93
C PRO M 318 51.81 45.48 5.33
N ASN M 319 51.90 44.20 4.96
CA ASN M 319 50.78 43.57 4.26
C ASN M 319 49.93 42.65 5.13
N LEU M 320 50.30 42.59 6.40
CA LEU M 320 49.53 41.91 7.41
C LEU M 320 48.07 42.32 7.35
N GLU M 321 47.16 41.36 7.22
CA GLU M 321 45.74 41.67 7.36
C GLU M 321 45.08 40.97 8.52
N VAL M 322 45.72 39.95 9.07
CA VAL M 322 45.18 39.33 10.26
C VAL M 322 46.26 39.17 11.30
N LEU M 323 45.98 39.67 12.50
CA LEU M 323 46.88 39.50 13.62
C LEU M 323 46.13 39.01 14.86
N GLU M 324 46.69 37.96 15.47
CA GLU M 324 46.17 37.47 16.72
C GLU M 324 47.32 37.53 17.70
N THR M 325 47.09 38.14 18.87
CA THR M 325 48.13 38.18 19.90
C THR M 325 47.57 38.31 21.30
N ARG M 326 48.45 38.30 22.29
CA ARG M 326 48.03 38.55 23.68
C ARG M 326 48.14 40.05 23.99
N ASN M 327 47.63 40.46 25.15
CA ASN M 327 47.59 41.89 25.49
C ASN M 327 48.97 42.51 25.69
N VAL M 328 49.98 41.66 25.76
CA VAL M 328 51.36 42.10 25.78
C VAL M 328 51.70 43.06 24.64
N ILE M 329 51.06 42.86 23.49
CA ILE M 329 51.21 43.76 22.35
C ILE M 329 51.29 45.21 22.81
N GLY M 330 50.53 45.54 23.86
CA GLY M 330 50.56 46.86 24.47
C GLY M 330 50.04 48.00 23.62
N ASP M 331 49.79 49.14 24.27
CA ASP M 331 49.41 50.34 23.56
C ASP M 331 50.49 50.67 22.56
N ARG M 332 51.74 50.54 22.98
CA ARG M 332 52.85 50.86 22.09
C ARG M 332 52.77 50.01 20.84
N GLY M 333 52.56 48.72 21.04
CA GLY M 333 52.42 47.79 19.92
C GLY M 333 51.29 48.19 18.99
N LEU M 334 50.14 48.50 19.58
CA LEU M 334 49.01 48.92 18.78
C LEU M 334 49.35 50.14 17.91
N GLU M 335 50.05 51.11 18.49
CA GLU M 335 50.45 52.31 17.75
C GLU M 335 51.30 51.97 16.55
N VAL M 336 52.23 51.02 16.72
CA VAL M 336 53.06 50.54 15.60
C VAL M 336 52.17 49.99 14.48
N LEU M 337 51.27 49.12 14.90
CA LEU M 337 50.33 48.46 14.01
C LEU M 337 49.60 49.51 13.21
N ALA M 338 49.27 50.60 13.92
CA ALA M 338 48.44 51.68 13.40
C ALA M 338 48.89 52.32 12.09
N GLN M 339 50.19 52.52 11.88
CA GLN M 339 50.55 53.07 10.57
C GLN M 339 51.35 52.17 9.63
N TYR M 340 51.83 51.03 10.11
CA TYR M 340 52.52 50.13 9.20
C TYR M 340 51.60 49.16 8.48
N CYS M 341 50.52 48.75 9.16
CA CYS M 341 49.60 47.77 8.60
C CYS M 341 48.25 48.41 8.38
N LYS M 342 48.06 48.97 7.20
CA LYS M 342 46.85 49.71 6.93
C LYS M 342 45.76 48.77 6.44
N GLN M 343 46.18 47.64 5.88
CA GLN M 343 45.25 46.68 5.28
C GLN M 343 44.72 45.67 6.31
N LEU M 344 45.03 45.90 7.58
CA LEU M 344 44.56 45.04 8.65
C LEU M 344 43.04 44.90 8.64
N LYS M 345 42.57 43.65 8.64
CA LYS M 345 41.14 43.33 8.60
C LYS M 345 40.62 42.67 9.89
N ARG M 346 41.48 41.90 10.54
CA ARG M 346 41.05 41.17 11.75
C ARG M 346 42.12 41.28 12.82
N LEU M 347 41.70 41.64 14.02
CA LEU M 347 42.60 41.77 15.16
C LEU M 347 42.01 41.17 16.42
N ARG M 348 42.76 40.26 17.02
CA ARG M 348 42.34 39.67 18.26
C ARG M 348 43.43 39.81 19.31
N ILE M 349 43.07 40.33 20.48
CA ILE M 349 44.00 40.54 21.57
C ILE M 349 43.55 39.74 22.80
N GLU M 350 43.86 38.44 22.84
CA GLU M 350 43.45 37.61 23.98
C GLU M 350 44.16 38.13 25.22
N ARG M 351 43.68 37.76 26.40
CA ARG M 351 44.29 38.23 27.62
C ARG M 351 45.39 37.31 28.16
N GLY M 352 46.56 37.91 28.44
CA GLY M 352 47.74 37.19 28.84
C GLY M 352 47.83 36.89 30.32
N ALA M 353 49.05 36.60 30.82
CA ALA M 353 49.20 36.26 32.23
C ALA M 353 48.95 37.44 33.16
N ASP M 354 47.72 37.52 33.68
CA ASP M 354 47.31 38.61 34.58
C ASP M 354 47.61 38.26 36.03
N GLU M 355 48.77 37.67 36.25
CA GLU M 355 49.19 37.23 37.57
C GLU M 355 50.35 38.09 38.10
N GLN M 356 51.57 37.79 37.65
CA GLN M 356 52.77 38.53 38.06
C GLN M 356 52.93 39.80 37.21
N GLY M 357 52.34 40.90 37.66
CA GLY M 357 52.17 42.09 36.82
C GLY M 357 51.45 41.66 35.56
N MET M 358 51.38 42.53 34.56
CA MET M 358 51.03 42.05 33.23
C MET M 358 52.24 41.21 32.80
N GLU M 359 52.51 41.09 31.51
CA GLU M 359 53.72 40.37 31.13
C GLU M 359 54.93 41.34 30.99
N ASP M 360 54.60 42.63 30.95
CA ASP M 360 55.54 43.73 31.21
C ASP M 360 54.78 44.96 31.74
N GLU M 361 55.43 46.13 31.76
CA GLU M 361 54.79 47.35 32.25
C GLU M 361 54.13 48.16 31.12
N GLU M 362 54.33 47.71 29.88
CA GLU M 362 53.62 48.26 28.73
C GLU M 362 52.52 47.29 28.27
N GLY M 363 52.44 46.13 28.93
CA GLY M 363 51.52 45.05 28.59
C GLY M 363 50.06 45.30 28.94
N LEU M 364 49.67 46.56 28.85
CA LEU M 364 48.31 46.98 29.03
C LEU M 364 47.88 47.58 27.71
N VAL M 365 46.63 47.34 27.32
CA VAL M 365 46.02 48.11 26.23
C VAL M 365 44.95 49.04 26.84
N SER M 366 44.80 50.21 26.22
CA SER M 366 43.97 51.27 26.80
C SER M 366 43.36 52.16 25.74
N GLN M 367 42.58 53.15 26.20
CA GLN M 367 42.03 54.21 25.36
C GLN M 367 43.06 54.61 24.34
N ARG M 368 44.30 54.75 24.81
CA ARG M 368 45.40 55.23 23.97
C ARG M 368 45.53 54.36 22.73
N GLY M 369 45.76 53.07 22.96
CA GLY M 369 45.94 52.11 21.89
C GLY M 369 44.72 52.04 20.98
N LEU M 370 43.55 51.96 21.59
CA LEU M 370 42.34 51.81 20.81
C LEU M 370 42.16 52.98 19.85
N ILE M 371 42.20 54.20 20.37
CA ILE M 371 41.94 55.36 19.54
C ILE M 371 43.00 55.54 18.47
N ALA M 372 44.22 55.06 18.78
CA ALA M 372 45.31 55.04 17.81
C ALA M 372 45.00 54.09 16.65
N LEU M 373 44.52 52.92 17.04
CA LEU M 373 44.21 51.84 16.11
C LEU M 373 43.07 52.24 15.21
N ALA M 374 42.06 52.85 15.82
CA ALA M 374 40.85 53.28 15.13
C ALA M 374 41.20 54.22 14.00
N GLN M 375 42.27 54.98 14.17
CA GLN M 375 42.65 55.95 13.17
C GLN M 375 43.48 55.31 12.06
N GLY M 376 44.33 54.36 12.41
CA GLY M 376 45.23 53.77 11.45
C GLY M 376 44.61 52.71 10.58
N CYS M 377 44.00 51.71 11.22
CA CYS M 377 43.52 50.51 10.53
C CYS M 377 42.03 50.57 10.27
N GLN M 378 41.63 51.35 9.29
CA GLN M 378 40.22 51.65 9.12
C GLN M 378 39.51 50.55 8.35
N GLU M 379 40.27 49.61 7.83
CA GLU M 379 39.65 48.55 7.05
C GLU M 379 39.19 47.40 7.94
N LEU M 380 39.43 47.53 9.24
CA LEU M 380 39.06 46.49 10.20
C LEU M 380 37.62 46.00 10.11
N GLU M 381 37.47 44.68 10.11
CA GLU M 381 36.17 44.01 10.01
C GLU M 381 35.92 43.20 11.29
N TYR M 382 36.99 42.73 11.90
CA TYR M 382 36.86 42.00 13.13
C TYR M 382 37.82 42.52 14.17
N MET M 383 37.29 42.86 15.33
CA MET M 383 38.08 43.37 16.41
C MET M 383 37.63 42.79 17.77
N ALA M 384 38.48 41.99 18.37
CA ALA M 384 38.18 41.48 19.68
C ALA M 384 39.35 41.77 20.59
N VAL M 385 39.07 42.39 21.74
CA VAL M 385 40.09 43.00 22.57
C VAL M 385 39.79 42.89 24.05
N TYR M 386 40.80 42.45 24.80
CA TYR M 386 40.75 42.50 26.26
C TYR M 386 41.53 43.74 26.69
N VAL M 387 40.83 44.75 27.15
CA VAL M 387 41.44 46.03 27.46
C VAL M 387 41.59 46.21 28.98
N SER M 388 42.60 46.97 29.42
CA SER M 388 42.76 47.21 30.85
C SER M 388 42.16 48.55 31.30
N ASP M 389 41.74 49.37 30.32
CA ASP M 389 41.14 50.68 30.60
C ASP M 389 40.51 51.35 29.35
N ILE M 390 39.27 51.80 29.46
CA ILE M 390 38.60 52.54 28.36
C ILE M 390 38.06 53.92 28.71
N THR M 391 37.71 54.65 27.66
CA THR M 391 37.09 55.95 27.78
C THR M 391 35.97 56.01 26.74
N ASN M 392 34.88 56.71 27.07
CA ASN M 392 33.85 56.94 26.09
C ASN M 392 34.43 57.45 24.79
N GLU M 393 35.50 58.22 24.89
CA GLU M 393 36.09 58.84 23.72
C GLU M 393 36.50 57.80 22.70
N SER M 394 37.20 56.77 23.18
CA SER M 394 37.74 55.73 22.32
C SER M 394 36.65 55.00 21.54
N LEU M 395 35.54 54.68 22.21
CA LEU M 395 34.44 54.05 21.49
C LEU M 395 33.92 54.98 20.36
N GLU M 396 33.92 56.28 20.60
CA GLU M 396 33.40 57.19 19.61
C GLU M 396 34.28 57.13 18.39
N SER M 397 35.58 57.00 18.61
CA SER M 397 36.53 56.99 17.49
C SER M 397 36.43 55.70 16.71
N ILE M 398 36.08 54.62 17.41
CA ILE M 398 35.79 53.36 16.76
C ILE M 398 34.67 53.60 15.79
N GLY M 399 33.53 53.99 16.32
CA GLY M 399 32.34 54.19 15.51
C GLY M 399 32.53 55.28 14.48
N THR M 400 33.60 56.04 14.63
CA THR M 400 33.79 57.18 13.77
C THR M 400 34.62 56.79 12.55
N TYR M 401 35.63 55.94 12.76
CA TYR M 401 36.65 55.67 11.72
C TYR M 401 36.53 54.34 10.97
N LEU M 402 36.18 53.26 11.68
CA LEU M 402 36.14 51.94 11.03
C LEU M 402 34.73 51.43 10.78
N LYS M 403 34.25 51.65 9.56
CA LYS M 403 32.86 51.51 9.29
C LYS M 403 32.47 50.08 9.04
N ASN M 404 33.32 49.32 8.35
CA ASN M 404 32.92 47.96 7.97
C ASN M 404 33.38 46.92 8.97
N LEU M 405 33.40 47.36 10.22
CA LEU M 405 33.44 46.50 11.39
C LEU M 405 32.17 45.64 11.45
N CYS M 406 32.35 44.33 11.42
CA CYS M 406 31.24 43.36 11.45
C CYS M 406 31.15 42.67 12.77
N ASP M 407 32.29 42.46 13.39
CA ASP M 407 32.36 41.74 14.66
C ASP M 407 33.20 42.58 15.63
N PHE M 408 32.58 43.02 16.72
CA PHE M 408 33.33 43.80 17.69
C PHE M 408 33.12 43.23 19.10
N ARG M 409 34.21 42.89 19.76
CA ARG M 409 34.11 42.37 21.12
C ARG M 409 35.10 43.07 22.03
N LEU M 410 34.61 43.51 23.19
CA LEU M 410 35.39 44.27 24.15
C LEU M 410 35.15 43.65 25.53
N VAL M 411 36.23 43.37 26.26
CA VAL M 411 36.09 42.89 27.63
C VAL M 411 37.08 43.68 28.47
N LEU M 412 36.65 44.32 29.57
CA LEU M 412 37.64 45.03 30.39
C LEU M 412 38.02 44.33 31.69
N LEU M 413 39.33 44.06 31.85
CA LEU M 413 39.86 43.30 32.96
C LEU M 413 39.63 43.98 34.31
N ASP M 414 39.46 43.16 35.35
CA ASP M 414 39.22 43.66 36.70
C ASP M 414 40.52 44.03 37.42
N ARG M 415 41.64 43.89 36.72
CA ARG M 415 42.97 44.19 37.26
C ARG M 415 43.02 45.61 37.80
N GLU M 416 42.63 46.56 36.96
CA GLU M 416 42.66 47.97 37.34
C GLU M 416 41.57 48.31 38.33
N GLU M 417 41.88 49.22 39.24
CA GLU M 417 40.97 49.60 40.32
C GLU M 417 40.05 50.72 39.89
N ARG M 418 40.63 51.83 39.44
CA ARG M 418 39.84 52.95 38.92
C ARG M 418 39.94 52.97 37.42
N ILE M 419 38.81 53.16 36.76
CA ILE M 419 38.81 53.30 35.30
C ILE M 419 38.45 54.74 34.98
N THR M 420 39.27 55.38 34.15
CA THR M 420 39.14 56.82 33.87
C THR M 420 37.72 57.33 34.00
N ASP M 421 36.99 57.35 32.90
CA ASP M 421 35.59 57.73 32.96
C ASP M 421 34.75 56.46 32.79
N LEU M 422 33.84 56.17 33.72
CA LEU M 422 33.20 54.87 33.63
C LEU M 422 31.93 54.80 32.80
N PRO M 423 30.78 55.24 33.35
CA PRO M 423 29.59 54.92 32.55
C PRO M 423 29.80 55.23 31.06
N LEU M 424 29.69 54.20 30.21
CA LEU M 424 30.08 54.29 28.80
C LEU M 424 28.87 54.53 27.88
N ASP M 425 27.73 54.85 28.47
CA ASP M 425 26.46 55.01 27.77
C ASP M 425 26.62 55.72 26.43
N ASN M 426 27.38 56.81 26.42
CA ASN M 426 27.45 57.65 25.22
C ASN M 426 28.43 57.15 24.19
N GLY M 427 29.44 56.43 24.65
CA GLY M 427 30.43 55.81 23.78
C GLY M 427 29.84 54.62 23.04
N VAL M 428 29.16 53.75 23.78
CA VAL M 428 28.53 52.59 23.17
C VAL M 428 27.66 53.10 22.07
N ARG M 429 26.83 54.07 22.42
CA ARG M 429 25.90 54.66 21.47
C ARG M 429 26.57 55.12 20.17
N SER M 430 27.58 55.97 20.25
CA SER M 430 28.19 56.47 19.02
C SER M 430 28.83 55.35 18.20
N LEU M 431 29.31 54.34 18.91
CA LEU M 431 29.89 53.19 18.25
C LEU M 431 28.83 52.44 17.46
N LEU M 432 27.75 52.04 18.13
CA LEU M 432 26.68 51.29 17.48
C LEU M 432 26.11 52.07 16.31
N ILE M 433 26.19 53.39 16.39
CA ILE M 433 25.61 54.27 15.37
C ILE M 433 26.54 54.42 14.16
N GLY M 434 27.84 54.40 14.41
CA GLY M 434 28.83 54.52 13.36
C GLY M 434 29.08 53.24 12.57
N CYS M 435 29.18 52.11 13.27
CA CYS M 435 29.39 50.82 12.61
C CYS M 435 28.06 50.14 12.37
N LYS M 436 27.46 50.39 11.22
CA LYS M 436 26.12 49.89 11.00
C LYS M 436 26.16 48.58 10.28
N LYS M 437 27.35 48.05 10.08
CA LYS M 437 27.49 46.76 9.42
C LYS M 437 27.59 45.65 10.48
N LEU M 438 27.62 46.07 11.74
CA LEU M 438 27.84 45.19 12.89
C LEU M 438 26.81 44.06 12.99
N ARG M 439 27.27 42.81 13.02
CA ARG M 439 26.39 41.65 13.14
C ARG M 439 26.59 40.90 14.45
N ARG M 440 27.82 40.90 14.98
CA ARG M 440 28.12 40.27 16.26
C ARG M 440 28.81 41.29 17.14
N PHE M 441 28.40 41.33 18.40
CA PHE M 441 28.83 42.38 19.30
C PHE M 441 28.90 41.83 20.72
N ALA M 442 30.05 41.98 21.35
CA ALA M 442 30.19 41.56 22.75
C ALA M 442 30.78 42.68 23.55
N PHE M 443 30.24 42.87 24.75
CA PHE M 443 30.55 44.00 25.60
C PHE M 443 30.55 43.53 27.06
N TYR M 444 31.72 43.30 27.63
CA TYR M 444 31.84 42.73 28.96
C TYR M 444 32.55 43.70 29.89
N LEU M 445 31.81 44.25 30.85
CA LEU M 445 32.36 45.30 31.72
C LEU M 445 32.45 44.91 33.21
N ARG M 446 32.62 45.93 34.06
CA ARG M 446 32.53 45.80 35.51
C ARG M 446 31.19 46.45 35.92
N GLN M 447 30.80 46.40 37.20
CA GLN M 447 29.40 46.76 37.52
C GLN M 447 28.97 48.16 37.05
N GLY M 448 29.67 49.19 37.49
CA GLY M 448 29.30 50.54 37.09
C GLY M 448 29.40 50.83 35.59
N GLY M 449 29.74 49.81 34.81
CA GLY M 449 30.09 50.02 33.42
C GLY M 449 29.03 50.66 32.55
N LEU M 450 27.78 50.28 32.74
CA LEU M 450 26.71 50.77 31.87
C LEU M 450 25.39 50.88 32.61
N THR M 451 24.75 52.04 32.47
CA THR M 451 23.52 52.35 33.17
C THR M 451 22.35 51.91 32.32
N ASP M 452 21.17 51.74 32.91
CA ASP M 452 20.02 51.28 32.15
C ASP M 452 19.81 52.13 30.91
N LEU M 453 20.15 53.41 31.00
CA LEU M 453 20.00 54.30 29.87
C LEU M 453 20.86 53.78 28.70
N GLY M 454 22.11 53.48 29.02
CA GLY M 454 23.04 52.99 28.01
C GLY M 454 22.62 51.64 27.46
N LEU M 455 22.23 50.74 28.36
CA LEU M 455 21.81 49.41 27.95
C LEU M 455 20.76 49.56 26.86
N SER M 456 19.77 50.41 27.09
CA SER M 456 18.71 50.55 26.11
C SER M 456 19.26 51.14 24.82
N TYR M 457 20.38 51.86 24.93
CA TYR M 457 21.04 52.42 23.76
C TYR M 457 21.48 51.29 22.85
N ILE M 458 21.94 50.22 23.49
CA ILE M 458 22.35 49.03 22.75
C ILE M 458 21.17 48.41 22.01
N GLY M 459 20.07 48.22 22.72
CA GLY M 459 18.88 47.70 22.10
C GLY M 459 18.50 48.58 20.92
N GLN M 460 18.52 49.87 21.17
CA GLN M 460 18.04 50.87 20.23
C GLN M 460 18.88 51.01 18.96
N TYR M 461 20.19 50.84 19.04
CA TYR M 461 21.04 51.10 17.88
C TYR M 461 21.80 49.90 17.29
N SER M 462 21.26 48.70 17.46
CA SER M 462 21.90 47.54 16.90
C SER M 462 20.93 46.72 16.06
N PRO M 463 20.56 47.26 14.89
CA PRO M 463 19.56 46.72 13.98
C PRO M 463 20.06 45.46 13.30
N ASN M 464 21.37 45.31 13.16
CA ASN M 464 21.89 44.19 12.40
C ASN M 464 22.50 43.05 13.21
N VAL M 465 22.65 43.28 14.51
CA VAL M 465 23.31 42.32 15.37
C VAL M 465 22.47 41.10 15.61
N ARG M 466 23.01 39.94 15.24
CA ARG M 466 22.37 38.65 15.45
C ARG M 466 22.83 38.00 16.72
N TRP M 467 24.08 38.27 17.14
CA TRP M 467 24.59 37.67 18.37
C TRP M 467 25.19 38.69 19.30
N MET M 468 24.85 38.60 20.58
CA MET M 468 25.38 39.50 21.60
C MET M 468 25.88 38.74 22.82
N LEU M 469 27.07 39.11 23.29
CA LEU M 469 27.55 38.66 24.60
C LEU M 469 27.67 39.90 25.45
N LEU M 470 26.85 39.96 26.52
CA LEU M 470 26.85 41.11 27.42
C LEU M 470 27.42 40.83 28.81
N GLY M 471 28.41 41.64 29.18
CA GLY M 471 29.15 41.50 30.42
C GLY M 471 28.39 41.91 31.66
N TYR M 472 28.78 43.03 32.27
CA TYR M 472 28.14 43.42 33.52
C TYR M 472 27.26 44.64 33.29
N VAL M 473 26.55 44.67 32.17
CA VAL M 473 25.77 45.84 31.82
C VAL M 473 24.58 46.07 32.74
N GLY M 474 24.07 47.30 32.72
CA GLY M 474 22.87 47.67 33.44
C GLY M 474 23.06 47.94 34.91
N GLU M 475 22.00 48.51 35.53
CA GLU M 475 21.95 48.69 36.97
C GLU M 475 20.71 48.03 37.57
N SER M 476 19.62 47.99 36.82
CA SER M 476 18.42 47.26 37.28
C SER M 476 17.67 46.65 36.12
N ASP M 477 16.63 45.89 36.44
CA ASP M 477 15.82 45.20 35.41
C ASP M 477 15.24 46.19 34.44
N GLU M 478 15.06 47.43 34.89
CA GLU M 478 14.62 48.51 34.01
C GLU M 478 15.43 48.53 32.71
N GLY M 479 16.75 48.33 32.83
CA GLY M 479 17.66 48.33 31.70
C GLY M 479 17.44 47.17 30.75
N LEU M 480 17.31 45.97 31.30
CA LEU M 480 17.05 44.81 30.49
C LEU M 480 15.74 44.98 29.72
N MET M 481 14.72 45.50 30.39
CA MET M 481 13.44 45.68 29.72
C MET M 481 13.57 46.71 28.58
N GLU M 482 14.25 47.82 28.84
CA GLU M 482 14.44 48.84 27.82
C GLU M 482 15.19 48.25 26.63
N PHE M 483 16.19 47.45 26.94
CA PHE M 483 16.94 46.74 25.93
C PHE M 483 16.00 45.89 25.10
N SER M 484 15.13 45.14 25.79
CA SER M 484 14.30 44.14 25.13
C SER M 484 13.31 44.70 24.12
N ARG M 485 13.06 46.00 24.15
CA ARG M 485 12.13 46.53 23.16
C ARG M 485 12.83 46.86 21.84
N GLY M 486 14.15 46.62 21.78
CA GLY M 486 14.92 46.82 20.56
C GLY M 486 15.38 45.50 19.98
N CYS M 487 16.60 45.49 19.45
CA CYS M 487 17.26 44.27 18.98
C CYS M 487 16.37 43.51 18.04
N PRO M 488 16.09 44.13 16.89
CA PRO M 488 15.19 43.59 15.90
C PRO M 488 15.64 42.19 15.51
N ASN M 489 16.93 42.04 15.26
CA ASN M 489 17.45 40.81 14.66
C ASN M 489 18.32 39.96 15.56
N LEU M 490 18.24 40.20 16.86
CA LEU M 490 19.01 39.44 17.83
C LEU M 490 18.54 38.00 17.84
N GLN M 491 19.44 37.07 17.55
CA GLN M 491 19.10 35.65 17.53
C GLN M 491 19.61 34.89 18.73
N LYS M 492 20.88 35.15 19.07
CA LYS M 492 21.56 34.48 20.17
C LYS M 492 21.97 35.54 21.17
N LEU M 493 21.64 35.31 22.45
CA LEU M 493 21.98 36.21 23.55
C LEU M 493 22.66 35.49 24.70
N GLU M 494 23.89 35.91 24.99
CA GLU M 494 24.68 35.37 26.10
C GLU M 494 24.99 36.49 27.06
N MET M 495 24.51 36.39 28.30
CA MET M 495 24.86 37.36 29.35
C MET M 495 25.31 36.63 30.60
N ARG M 496 26.42 37.09 31.18
CA ARG M 496 26.81 36.56 32.48
C ARG M 496 27.19 37.70 33.39
N GLY M 497 27.05 37.47 34.69
CA GLY M 497 27.39 38.45 35.69
C GLY M 497 26.46 39.62 35.60
N CYS M 498 25.17 39.35 35.53
CA CYS M 498 24.20 40.45 35.50
C CYS M 498 23.29 40.44 36.72
N CYS M 499 22.69 41.59 36.99
CA CYS M 499 21.91 41.79 38.20
C CYS M 499 20.40 41.63 37.99
N PHE M 500 20.00 41.07 36.85
CA PHE M 500 18.59 40.98 36.55
C PHE M 500 17.96 39.78 37.21
N SER M 501 16.63 39.79 37.31
CA SER M 501 15.89 38.79 38.07
C SER M 501 15.26 37.78 37.16
N GLU M 502 14.84 36.65 37.71
CA GLU M 502 14.23 35.63 36.86
C GLU M 502 13.11 36.23 35.99
N ARG M 503 12.13 36.85 36.64
CA ARG M 503 10.95 37.31 35.89
C ARG M 503 11.35 38.36 34.85
N ALA M 504 12.45 39.04 35.12
CA ALA M 504 12.94 40.11 34.25
C ALA M 504 13.50 39.56 32.95
N ILE M 505 14.30 38.51 33.08
CA ILE M 505 14.81 37.77 31.95
C ILE M 505 13.66 37.19 31.15
N ALA M 506 12.82 36.40 31.82
CA ALA M 506 11.72 35.73 31.14
C ALA M 506 10.90 36.74 30.37
N ALA M 507 10.72 37.91 30.96
CA ALA M 507 9.96 38.97 30.30
C ALA M 507 10.67 39.45 29.03
N ALA M 508 11.96 39.68 29.14
CA ALA M 508 12.72 40.21 28.02
C ALA M 508 12.77 39.21 26.87
N VAL M 509 12.81 37.94 27.20
CA VAL M 509 12.80 36.90 26.17
C VAL M 509 11.52 36.99 25.34
N THR M 510 10.40 37.23 26.03
CA THR M 510 9.12 37.31 25.39
C THR M 510 9.10 38.48 24.41
N LYS M 511 9.64 39.62 24.84
CA LYS M 511 9.66 40.85 24.03
C LYS M 511 10.53 40.73 22.75
N LEU M 512 11.59 39.95 22.82
CA LEU M 512 12.50 39.84 21.69
C LEU M 512 11.95 38.99 20.57
N PRO M 513 11.79 39.61 19.40
CA PRO M 513 11.21 39.03 18.19
C PRO M 513 12.03 37.88 17.65
N SER M 514 13.35 38.03 17.62
CA SER M 514 14.17 37.14 16.81
C SER M 514 14.91 36.08 17.61
N LEU M 515 14.92 36.25 18.93
CA LEU M 515 15.72 35.40 19.81
C LEU M 515 15.37 33.92 19.72
N ARG M 516 16.38 33.10 19.52
CA ARG M 516 16.20 31.65 19.47
C ARG M 516 17.16 30.87 20.40
N TYR M 517 18.06 31.59 21.08
CA TYR M 517 19.04 30.94 21.94
C TYR M 517 19.47 31.88 23.03
N LEU M 518 19.40 31.42 24.26
CA LEU M 518 19.71 32.24 25.41
C LEU M 518 20.54 31.47 26.38
N TRP M 519 21.71 32.00 26.71
CA TRP M 519 22.55 31.45 27.78
C TRP M 519 22.85 32.54 28.80
N VAL M 520 22.73 32.21 30.08
CA VAL M 520 22.91 33.17 31.15
C VAL M 520 23.58 32.49 32.33
N GLN M 521 24.58 33.14 32.90
CA GLN M 521 25.13 32.73 34.20
C GLN M 521 25.10 33.94 35.13
N GLY M 522 24.51 33.76 36.32
CA GLY M 522 24.41 34.84 37.30
C GLY M 522 23.20 35.75 37.16
N TYR M 523 22.27 35.59 38.08
CA TYR M 523 20.99 36.30 38.03
C TYR M 523 20.32 36.14 39.40
N ARG M 524 19.47 37.08 39.79
CA ARG M 524 18.70 36.90 41.03
C ARG M 524 17.68 35.76 40.87
N ALA M 525 17.92 34.64 41.55
CA ALA M 525 17.05 33.46 41.41
C ALA M 525 15.79 33.51 42.30
N SER M 526 15.29 32.33 42.64
CA SER M 526 14.22 32.16 43.64
C SER M 526 13.96 30.66 43.79
N MET M 527 13.95 30.18 45.02
CA MET M 527 13.85 28.74 45.26
C MET M 527 12.66 28.18 44.49
N THR M 528 11.58 28.97 44.46
CA THR M 528 10.41 28.64 43.66
C THR M 528 10.91 28.03 42.36
N GLY M 529 11.67 28.84 41.62
CA GLY M 529 12.12 28.50 40.28
C GLY M 529 11.10 29.04 39.29
N GLN M 530 9.89 29.30 39.78
CA GLN M 530 8.72 29.45 38.94
C GLN M 530 8.63 30.75 38.15
N ASP M 531 9.60 31.63 38.33
CA ASP M 531 9.52 32.92 37.65
C ASP M 531 10.00 32.79 36.22
N LEU M 532 11.03 31.97 36.03
CA LEU M 532 11.48 31.61 34.69
C LEU M 532 10.32 31.12 33.86
N MET M 533 9.44 30.33 34.48
CA MET M 533 8.30 29.76 33.79
C MET M 533 7.50 30.72 32.89
N GLN M 534 7.48 32.00 33.21
CA GLN M 534 6.62 32.89 32.46
C GLN M 534 7.16 33.16 31.05
N MET M 535 8.12 32.35 30.62
CA MET M 535 8.55 32.37 29.23
C MET M 535 8.24 31.07 28.50
N ALA M 536 7.57 30.15 29.19
CA ALA M 536 7.09 28.94 28.58
C ALA M 536 6.32 29.24 27.29
N ARG M 537 6.93 28.96 26.15
CA ARG M 537 6.25 28.95 24.87
C ARG M 537 6.33 27.50 24.42
N PRO M 538 5.55 27.13 23.41
CA PRO M 538 5.71 25.81 22.79
C PRO M 538 6.99 25.84 21.97
N TYR M 539 7.68 24.70 21.90
CA TYR M 539 8.96 24.57 21.18
C TYR M 539 10.15 25.22 21.88
N TRP M 540 9.88 25.92 22.99
CA TRP M 540 10.91 26.56 23.81
C TRP M 540 11.37 25.66 24.94
N ASN M 541 12.61 25.16 24.79
CA ASN M 541 13.24 24.27 25.76
C ASN M 541 14.08 25.11 26.70
N ILE M 542 13.87 24.98 28.00
CA ILE M 542 14.75 25.66 28.97
C ILE M 542 15.47 24.61 29.82
N GLU M 543 16.76 24.85 30.08
CA GLU M 543 17.64 23.96 30.86
C GLU M 543 18.43 24.70 31.94
N LEU M 544 18.67 24.05 33.08
CA LEU M 544 19.44 24.64 34.17
C LEU M 544 20.72 23.86 34.42
N ILE M 545 21.83 24.55 34.64
CA ILE M 545 23.16 23.92 34.69
C ILE M 545 24.02 24.32 35.90
N PRO M 546 25.03 23.49 36.24
CA PRO M 546 26.14 23.69 37.19
C PRO M 546 27.45 24.30 36.62
N SER M 547 28.50 23.49 36.43
CA SER M 547 29.79 23.94 35.85
C SER M 547 30.97 22.93 35.99
N ARG M 548 31.78 22.80 34.92
CA ARG M 548 32.95 21.89 34.86
C ARG M 548 34.06 22.43 33.94
N ARG M 549 34.96 21.54 33.53
CA ARG M 549 36.02 21.88 32.58
C ARG M 549 36.17 20.80 31.49
N GLU M 563 33.14 27.67 43.08
CA GLU M 563 31.76 28.17 43.04
C GLU M 563 31.36 28.61 41.64
N HIS M 564 30.45 27.86 41.03
CA HIS M 564 29.96 28.23 39.69
C HIS M 564 28.41 28.27 39.66
N PRO M 565 27.83 29.49 39.74
CA PRO M 565 26.38 29.76 39.84
C PRO M 565 25.55 29.11 38.73
N ALA M 566 24.23 29.06 38.89
CA ALA M 566 23.36 28.36 37.94
C ALA M 566 23.42 28.99 36.57
N HIS M 567 23.38 28.13 35.54
CA HIS M 567 23.26 28.61 34.17
C HIS M 567 21.84 28.42 33.71
N ILE M 568 21.38 29.30 32.86
CA ILE M 568 20.16 29.05 32.14
C ILE M 568 20.54 28.91 30.67
N LEU M 569 20.02 27.87 30.03
CA LEU M 569 20.18 27.73 28.60
C LEU M 569 18.84 27.41 28.02
N ALA M 570 18.35 28.24 27.11
CA ALA M 570 17.08 27.98 26.43
C ALA M 570 17.19 28.24 24.92
N TYR M 571 16.49 27.42 24.13
CA TYR M 571 16.59 27.47 22.70
C TYR M 571 15.31 26.90 22.12
N TYR M 572 15.01 27.26 20.89
CA TYR M 572 13.89 26.68 20.18
C TYR M 572 14.32 25.34 19.58
N SER M 573 13.41 24.37 19.62
CA SER M 573 13.68 23.07 19.03
C SER M 573 12.39 22.41 18.60
N LEU M 574 12.40 21.90 17.36
CA LEU M 574 11.28 21.20 16.77
C LEU M 574 11.27 19.76 17.24
N ALA M 575 12.15 19.43 18.16
CA ALA M 575 12.40 18.04 18.46
C ALA M 575 11.84 17.64 19.80
N GLY M 576 11.64 18.64 20.68
CA GLY M 576 11.21 18.38 22.04
C GLY M 576 12.41 18.30 22.97
N GLN M 577 12.20 17.94 24.23
CA GLN M 577 13.28 17.94 25.21
C GLN M 577 14.19 16.77 24.94
N ARG M 578 15.49 17.01 25.02
CA ARG M 578 16.50 15.98 24.75
C ARG M 578 16.44 14.83 25.74
N THR M 579 16.68 13.63 25.21
CA THR M 579 16.81 12.43 26.03
C THR M 579 18.09 12.34 26.87
N ASP M 580 19.17 12.86 26.33
CA ASP M 580 20.48 12.59 26.85
C ASP M 580 21.03 13.55 27.93
N CYS M 581 20.16 14.18 28.71
CA CYS M 581 20.67 15.02 29.79
C CYS M 581 21.51 14.28 30.87
N PRO M 582 22.60 14.90 31.31
CA PRO M 582 23.31 14.37 32.47
C PRO M 582 22.42 14.50 33.71
N THR M 583 22.97 14.13 34.86
CA THR M 583 22.30 14.35 36.14
C THR M 583 22.44 15.79 36.62
N THR M 584 23.61 16.40 36.37
CA THR M 584 23.81 17.83 36.65
C THR M 584 22.86 18.82 35.94
N VAL M 585 22.10 18.37 34.95
CA VAL M 585 21.33 19.32 34.15
C VAL M 585 19.82 19.13 34.25
N ARG M 586 19.09 20.17 34.64
CA ARG M 586 17.68 20.04 34.96
C ARG M 586 16.82 20.68 33.87
N VAL M 587 15.74 20.00 33.49
CA VAL M 587 14.88 20.51 32.42
C VAL M 587 13.61 21.03 33.05
N LEU M 588 13.37 22.34 32.96
CA LEU M 588 12.14 22.94 33.49
C LEU M 588 10.86 22.62 32.72
N LYS M 589 9.83 22.18 33.45
CA LYS M 589 8.58 21.71 32.84
C LYS M 589 7.34 22.11 33.62
N GLU M 590 6.94 23.38 33.52
CA GLU M 590 5.72 23.87 34.16
C GLU M 590 5.72 23.53 35.66
N PRO M 591 4.52 23.48 36.30
CA PRO M 591 4.54 23.00 37.69
C PRO M 591 5.19 21.62 37.87
N ILE M 592 6.15 21.53 38.78
CA ILE M 592 6.83 20.27 39.11
C ILE M 592 5.87 19.29 39.78
N GLU N 1 30.90 36.61 43.13
CA GLU N 1 32.28 36.77 42.70
C GLU N 1 32.56 36.06 41.37
N LEU N 2 32.10 36.61 40.25
CA LEU N 2 32.32 35.96 38.96
C LEU N 2 33.66 36.32 38.34
N PRO N 3 34.57 35.35 38.30
CA PRO N 3 35.92 35.61 37.79
C PRO N 3 35.92 35.58 36.27
N ILE N 4 36.74 36.39 35.63
CA ILE N 4 36.89 36.32 34.17
C ILE N 4 37.41 34.92 33.80
N ALA N 5 36.57 34.12 33.15
CA ALA N 5 36.97 32.76 32.75
C ALA N 5 37.93 32.81 31.59
N ARG N 6 38.97 32.01 31.69
CA ARG N 6 40.03 32.04 30.73
C ARG N 6 39.68 31.09 29.58
N ARG N 7 39.85 31.57 28.35
CA ARG N 7 39.70 30.73 27.15
C ARG N 7 40.64 29.56 27.24
N ALA N 8 40.09 28.35 27.12
CA ALA N 8 40.82 27.15 27.51
C ALA N 8 42.16 26.96 26.79
N SER N 9 42.21 27.36 25.53
CA SER N 9 43.44 27.23 24.76
C SER N 9 44.58 28.08 25.36
N LEU N 10 44.24 29.21 25.94
CA LEU N 10 45.25 30.06 26.59
C LEU N 10 45.58 29.57 27.99
N HIS N 11 44.56 29.17 28.74
CA HIS N 11 44.82 28.54 30.02
C HIS N 11 45.89 27.46 29.90
N ARG N 12 45.73 26.56 28.94
CA ARG N 12 46.66 25.45 28.76
C ARG N 12 48.05 25.99 28.50
N PHE N 13 48.14 27.05 27.71
CA PHE N 13 49.43 27.63 27.30
C PHE N 13 50.11 28.36 28.43
N LEU N 14 49.35 29.14 29.19
CA LEU N 14 49.90 29.93 30.30
C LEU N 14 50.55 29.06 31.38
N GLU N 15 50.08 27.82 31.49
CA GLU N 15 50.71 26.84 32.37
C GLU N 15 52.00 26.28 31.76
N LYS N 16 51.94 25.85 30.50
CA LYS N 16 53.13 25.39 29.79
C LYS N 16 54.20 26.46 29.84
N ARG N 17 53.78 27.72 29.83
CA ARG N 17 54.72 28.86 29.88
C ARG N 17 55.61 28.84 31.12
N LYS N 18 54.98 28.74 32.28
CA LYS N 18 55.72 28.66 33.54
C LYS N 18 56.37 27.27 33.76
N LYS O 5 -29.34 -18.95 49.07
CA LYS O 5 -27.89 -18.79 49.21
C LYS O 5 -27.13 -19.45 48.05
N ILE O 6 -26.14 -18.72 47.50
CA ILE O 6 -25.33 -19.18 46.35
C ILE O 6 -23.82 -19.19 46.65
N VAL O 7 -23.08 -20.05 45.94
CA VAL O 7 -21.63 -20.17 46.08
C VAL O 7 -20.86 -19.59 44.88
N LEU O 8 -19.92 -18.67 45.16
CA LEU O 8 -19.09 -18.04 44.13
C LEU O 8 -17.64 -18.41 44.30
N LYS O 9 -17.07 -19.12 43.33
CA LYS O 9 -15.68 -19.59 43.43
C LYS O 9 -14.72 -18.60 42.77
N SER O 10 -13.90 -17.95 43.60
CA SER O 10 -12.97 -16.92 43.15
C SER O 10 -11.76 -17.42 42.33
N SER O 11 -10.96 -16.48 41.83
CA SER O 11 -9.90 -16.81 40.89
C SER O 11 -8.67 -17.41 41.53
N ASP O 12 -8.81 -17.89 42.76
CA ASP O 12 -7.72 -18.59 43.42
C ASP O 12 -8.29 -19.68 44.34
N GLY O 13 -9.39 -20.29 43.88
CA GLY O 13 -10.13 -21.28 44.65
C GLY O 13 -10.53 -20.72 46.01
N GLU O 14 -11.75 -20.23 46.13
CA GLU O 14 -12.14 -19.53 47.34
C GLU O 14 -13.63 -19.41 47.45
N SER O 15 -14.30 -20.47 47.88
CA SER O 15 -15.75 -20.45 47.99
C SER O 15 -16.24 -19.21 48.76
N PHE O 16 -17.34 -18.62 48.29
CA PHE O 16 -17.97 -17.47 48.94
C PHE O 16 -19.47 -17.71 49.16
N GLU O 17 -19.87 -17.77 50.42
CA GLU O 17 -21.27 -17.95 50.79
C GLU O 17 -21.99 -16.61 50.69
N VAL O 18 -22.90 -16.47 49.72
CA VAL O 18 -23.64 -15.22 49.57
C VAL O 18 -25.12 -15.44 49.34
N GLU O 19 -25.94 -14.47 49.74
CA GLU O 19 -27.39 -14.62 49.69
C GLU O 19 -27.91 -14.61 48.27
N GLU O 20 -29.14 -15.08 48.11
CA GLU O 20 -29.81 -15.08 46.81
C GLU O 20 -29.75 -13.71 46.12
N ALA O 21 -30.44 -12.73 46.69
CA ALA O 21 -30.63 -11.43 46.04
C ALA O 21 -29.36 -10.59 45.94
N VAL O 22 -28.35 -10.94 46.73
CA VAL O 22 -27.05 -10.27 46.69
C VAL O 22 -26.24 -10.65 45.44
N ALA O 23 -26.19 -11.94 45.15
CA ALA O 23 -25.51 -12.42 43.95
C ALA O 23 -26.23 -12.03 42.67
N LEU O 24 -27.51 -11.65 42.78
CA LEU O 24 -28.32 -11.29 41.61
C LEU O 24 -28.14 -9.83 41.16
N GLU O 25 -27.35 -9.07 41.91
CA GLU O 25 -26.99 -7.73 41.48
C GLU O 25 -26.18 -7.82 40.20
N SER O 26 -25.42 -8.90 40.07
CA SER O 26 -24.66 -9.17 38.84
C SER O 26 -25.51 -9.87 37.78
N GLN O 27 -25.85 -9.15 36.72
CA GLN O 27 -26.57 -9.74 35.62
C GLN O 27 -25.74 -10.81 34.92
N THR O 28 -24.51 -10.99 35.37
CA THR O 28 -23.70 -12.07 34.82
C THR O 28 -23.98 -13.35 35.59
N ILE O 29 -24.21 -13.20 36.88
CA ILE O 29 -24.54 -14.34 37.71
C ILE O 29 -26.04 -14.63 37.61
N ALA O 30 -26.80 -13.63 37.20
CA ALA O 30 -28.22 -13.82 36.93
C ALA O 30 -28.45 -14.67 35.68
N HIS O 31 -27.86 -14.25 34.56
CA HIS O 31 -27.99 -14.97 33.30
C HIS O 31 -27.26 -16.31 33.35
N MET O 32 -26.86 -16.71 34.55
CA MET O 32 -26.12 -17.95 34.76
C MET O 32 -26.85 -18.87 35.75
N VAL O 33 -28.07 -18.48 36.12
CA VAL O 33 -28.96 -19.35 36.88
C VAL O 33 -30.04 -19.88 35.95
N GLU O 34 -29.84 -19.67 34.65
CA GLU O 34 -30.69 -20.23 33.60
C GLU O 34 -30.13 -21.58 33.18
N ASP O 35 -29.02 -21.52 32.46
CA ASP O 35 -28.18 -22.67 32.20
C ASP O 35 -27.42 -23.04 33.48
N ASP O 36 -28.14 -23.00 34.60
CA ASP O 36 -27.57 -23.11 35.95
C ASP O 36 -26.36 -24.04 36.14
N CYS O 37 -25.17 -23.47 35.98
CA CYS O 37 -23.93 -24.15 36.33
C CYS O 37 -23.78 -24.13 37.85
N VAL O 38 -24.79 -23.59 38.51
CA VAL O 38 -24.76 -23.37 39.95
C VAL O 38 -24.59 -24.68 40.73
N ASP O 39 -24.77 -25.80 40.04
CA ASP O 39 -24.62 -27.12 40.67
C ASP O 39 -23.28 -27.25 41.40
N ASN O 40 -22.22 -26.78 40.75
CA ASN O 40 -20.89 -26.81 41.34
C ASN O 40 -20.45 -25.42 41.77
N GLY O 41 -21.43 -24.55 42.02
CA GLY O 41 -21.16 -23.16 42.34
C GLY O 41 -20.69 -22.39 41.12
N VAL O 42 -21.06 -21.11 41.06
CA VAL O 42 -20.67 -20.26 39.93
C VAL O 42 -19.19 -19.91 39.91
N PRO O 43 -18.45 -20.43 38.89
CA PRO O 43 -17.00 -20.27 38.76
C PRO O 43 -16.66 -18.97 38.06
N LEU O 44 -15.93 -18.08 38.70
CA LEU O 44 -15.52 -16.86 38.01
C LEU O 44 -14.07 -16.52 38.32
N PRO O 45 -13.16 -17.01 37.47
CA PRO O 45 -11.71 -17.03 37.67
C PRO O 45 -11.03 -15.77 37.15
N ASN O 46 -11.80 -14.69 36.98
CA ASN O 46 -11.21 -13.43 36.55
C ASN O 46 -11.32 -12.36 37.62
N VAL O 47 -11.72 -12.80 38.81
CA VAL O 47 -11.79 -11.93 39.97
C VAL O 47 -10.85 -12.39 41.06
N THR O 48 -9.93 -11.53 41.42
CA THR O 48 -9.08 -11.72 42.59
C THR O 48 -10.04 -11.96 43.77
N SER O 49 -9.65 -12.82 44.70
CA SER O 49 -10.52 -13.10 45.85
C SER O 49 -10.68 -11.87 46.76
N LYS O 50 -9.56 -11.19 47.00
CA LYS O 50 -9.53 -9.92 47.72
C LYS O 50 -10.56 -8.91 47.16
N ILE O 51 -10.69 -8.91 45.84
CA ILE O 51 -11.58 -8.00 45.14
C ILE O 51 -13.03 -8.43 45.23
N LEU O 52 -13.29 -9.69 44.89
CA LEU O 52 -14.62 -10.26 44.95
C LEU O 52 -15.24 -9.96 46.32
N ALA O 53 -14.40 -10.03 47.35
CA ALA O 53 -14.79 -9.68 48.71
C ALA O 53 -15.38 -8.28 48.78
N LYS O 54 -14.59 -7.32 48.33
CA LYS O 54 -15.02 -5.93 48.29
C LYS O 54 -16.30 -5.74 47.46
N VAL O 55 -16.45 -6.53 46.39
CA VAL O 55 -17.62 -6.43 45.51
C VAL O 55 -18.89 -6.84 46.25
N ILE O 56 -18.82 -7.99 46.91
CA ILE O 56 -19.96 -8.50 47.68
C ILE O 56 -20.36 -7.52 48.80
N GLU O 57 -19.36 -6.91 49.43
CA GLU O 57 -19.61 -5.91 50.46
C GLU O 57 -20.49 -4.78 49.94
N TYR O 58 -20.22 -4.34 48.71
CA TYR O 58 -20.99 -3.27 48.07
C TYR O 58 -22.42 -3.72 47.81
N CYS O 59 -22.58 -4.86 47.16
CA CYS O 59 -23.91 -5.35 46.84
C CYS O 59 -24.70 -5.60 48.11
N LYS O 60 -24.06 -6.20 49.11
CA LYS O 60 -24.70 -6.44 50.40
C LYS O 60 -25.45 -5.17 50.84
N ARG O 61 -24.69 -4.08 50.99
CA ARG O 61 -25.23 -2.85 51.53
C ARG O 61 -26.33 -2.23 50.64
N HIS O 62 -26.19 -2.36 49.32
CA HIS O 62 -27.14 -1.73 48.40
C HIS O 62 -28.49 -2.44 48.34
N VAL O 63 -28.47 -3.76 48.47
CA VAL O 63 -29.69 -4.57 48.56
C VAL O 63 -30.48 -4.22 49.82
N GLU O 64 -29.77 -3.89 50.90
CA GLU O 64 -30.39 -3.38 52.12
C GLU O 64 -30.86 -1.93 51.93
N ALA O 65 -31.45 -1.66 50.77
CA ALA O 65 -32.19 -0.43 50.53
C ALA O 65 -33.67 -0.81 50.40
N ALA O 66 -34.01 -1.99 50.92
CA ALA O 66 -35.40 -2.41 51.09
C ALA O 66 -36.05 -1.52 52.15
N ALA O 67 -35.45 -1.52 53.34
CA ALA O 67 -35.65 -0.43 54.28
C ALA O 67 -35.08 0.80 53.56
N ASP O 80 -31.62 7.16 51.27
CA ASP O 80 -30.72 7.62 50.22
C ASP O 80 -29.62 8.55 50.74
N ASP O 81 -29.95 9.25 51.82
CA ASP O 81 -29.05 10.23 52.38
C ASP O 81 -27.75 9.58 52.86
N ASP O 82 -27.88 8.44 53.54
CA ASP O 82 -26.75 7.76 54.15
C ASP O 82 -26.02 6.81 53.20
N LEU O 83 -26.53 6.68 51.98
CA LEU O 83 -25.92 5.83 50.98
C LEU O 83 -24.76 6.52 50.28
N LYS O 84 -25.00 7.71 49.73
CA LYS O 84 -23.91 8.49 49.14
C LYS O 84 -22.79 8.66 50.17
N ALA O 85 -23.18 8.54 51.45
CA ALA O 85 -22.26 8.54 52.58
C ALA O 85 -21.33 7.31 52.56
N TRP O 86 -21.92 6.12 52.72
CA TRP O 86 -21.16 4.86 52.70
C TRP O 86 -20.37 4.72 51.41
N ASP O 87 -21.04 5.07 50.30
CA ASP O 87 -20.44 5.01 48.96
C ASP O 87 -19.13 5.81 48.91
N ALA O 88 -19.21 7.10 49.21
CA ALA O 88 -18.02 7.95 49.29
C ALA O 88 -16.91 7.34 50.17
N ASP O 89 -17.29 6.81 51.33
CA ASP O 89 -16.33 6.21 52.23
C ASP O 89 -15.82 4.88 51.68
N PHE O 90 -16.65 4.20 50.89
CA PHE O 90 -16.29 2.91 50.31
C PHE O 90 -15.19 3.09 49.26
N MET O 91 -15.12 4.29 48.69
CA MET O 91 -14.21 4.58 47.57
C MET O 91 -12.84 5.09 48.00
N LYS O 92 -12.68 5.39 49.28
CA LYS O 92 -11.37 5.73 49.82
C LYS O 92 -10.40 4.54 49.76
N ILE O 93 -10.02 4.18 48.54
CA ILE O 93 -9.08 3.08 48.28
C ILE O 93 -7.99 3.58 47.36
N ASP O 94 -6.91 2.82 47.21
CA ASP O 94 -5.85 3.20 46.28
C ASP O 94 -6.27 3.01 44.82
N GLN O 95 -5.59 3.71 43.93
CA GLN O 95 -5.91 3.61 42.50
C GLN O 95 -5.96 2.16 42.02
N ALA O 96 -4.83 1.47 42.13
CA ALA O 96 -4.72 0.12 41.61
C ALA O 96 -5.95 -0.74 42.00
N THR O 97 -6.41 -0.58 43.24
CA THR O 97 -7.58 -1.32 43.69
C THR O 97 -8.81 -0.82 42.96
N LEU O 98 -8.95 0.51 42.89
CA LEU O 98 -10.08 1.14 42.24
C LEU O 98 -10.26 0.61 40.83
N PHE O 99 -9.17 0.51 40.08
CA PHE O 99 -9.27 0.02 38.72
C PHE O 99 -9.74 -1.43 38.66
N GLU O 100 -9.15 -2.26 39.51
CA GLU O 100 -9.50 -3.69 39.60
C GLU O 100 -10.99 -3.91 39.87
N LEU O 101 -11.62 -2.90 40.50
CA LEU O 101 -13.05 -2.92 40.81
C LEU O 101 -13.89 -2.64 39.59
N ILE O 102 -13.46 -1.64 38.81
CA ILE O 102 -14.16 -1.31 37.58
C ILE O 102 -14.16 -2.53 36.69
N LEU O 103 -12.96 -3.04 36.43
CA LEU O 103 -12.80 -4.27 35.67
C LEU O 103 -13.72 -5.40 36.15
N ALA O 104 -13.87 -5.50 37.47
CA ALA O 104 -14.70 -6.52 38.10
C ALA O 104 -16.19 -6.28 37.85
N ALA O 105 -16.65 -5.05 38.05
CA ALA O 105 -18.05 -4.71 37.82
C ALA O 105 -18.44 -4.97 36.36
N ASN O 106 -17.47 -4.77 35.46
CA ASN O 106 -17.71 -4.98 34.03
C ASN O 106 -17.67 -6.47 33.66
N TYR O 107 -16.94 -7.24 34.43
CA TYR O 107 -16.85 -8.69 34.24
C TYR O 107 -18.11 -9.38 34.75
N LEU O 108 -18.56 -8.95 35.93
CA LEU O 108 -19.90 -9.25 36.39
C LEU O 108 -20.74 -8.24 35.62
N ASN O 109 -21.94 -7.91 36.08
CA ASN O 109 -22.63 -6.86 35.36
C ASN O 109 -23.41 -5.95 36.27
N ILE O 110 -22.69 -5.31 37.17
CA ILE O 110 -23.30 -4.50 38.19
C ILE O 110 -23.32 -3.04 37.76
N LYS O 111 -24.42 -2.62 37.14
CA LYS O 111 -24.47 -1.29 36.56
C LYS O 111 -24.36 -0.20 37.62
N ASN O 112 -24.94 -0.41 38.79
CA ASN O 112 -24.83 0.58 39.86
C ASN O 112 -23.39 0.72 40.34
N LEU O 113 -22.60 -0.33 40.14
CA LEU O 113 -21.17 -0.30 40.48
C LEU O 113 -20.27 0.22 39.32
N LEU O 114 -20.71 0.09 38.00
CA LEU O 114 -19.99 0.64 36.78
C LEU O 114 -20.28 2.12 36.67
N ASP O 115 -21.57 2.48 36.57
CA ASP O 115 -21.99 3.87 36.58
C ASP O 115 -21.44 4.54 37.83
N LEU O 116 -20.83 3.74 38.71
CA LEU O 116 -20.23 4.33 39.91
C LEU O 116 -18.71 4.33 39.93
N THR O 117 -18.09 3.21 39.58
CA THR O 117 -16.62 3.14 39.54
C THR O 117 -16.06 4.04 38.43
N CYS O 118 -16.52 3.86 37.20
CA CYS O 118 -16.14 4.70 36.07
C CYS O 118 -16.33 6.16 36.45
N GLN O 119 -17.52 6.50 36.94
CA GLN O 119 -17.83 7.89 37.33
C GLN O 119 -16.88 8.37 38.42
N THR O 120 -16.31 7.45 39.18
CA THR O 120 -15.38 7.81 40.25
C THR O 120 -14.02 8.21 39.69
N VAL O 121 -13.58 7.44 38.69
CA VAL O 121 -12.35 7.75 37.96
C VAL O 121 -12.56 9.03 37.16
N ALA O 122 -13.69 9.13 36.48
CA ALA O 122 -13.99 10.34 35.71
C ALA O 122 -13.93 11.57 36.63
N ASP O 123 -14.34 11.42 37.88
CA ASP O 123 -14.35 12.55 38.80
C ASP O 123 -12.95 13.01 39.16
N MET O 124 -12.00 12.08 39.06
CA MET O 124 -10.58 12.38 39.30
C MET O 124 -9.98 13.26 38.20
N ILE O 125 -10.50 13.09 36.98
CA ILE O 125 -10.07 13.89 35.84
C ILE O 125 -10.76 15.26 35.83
N LYS O 126 -12.09 15.23 35.94
CA LYS O 126 -12.92 16.43 35.83
C LYS O 126 -12.34 17.60 36.65
N GLY O 127 -11.68 18.52 35.95
CA GLY O 127 -11.17 19.72 36.58
C GLY O 127 -9.67 19.88 36.47
N LYS O 128 -8.98 18.77 36.24
CA LYS O 128 -7.53 18.82 36.14
C LYS O 128 -7.08 19.27 34.73
N THR O 129 -5.80 19.63 34.63
CA THR O 129 -5.20 19.98 33.35
C THR O 129 -4.39 18.79 32.86
N PRO O 130 -4.04 18.78 31.57
CA PRO O 130 -3.37 17.61 31.00
C PRO O 130 -2.17 17.18 31.83
N GLU O 131 -1.42 18.13 32.37
CA GLU O 131 -0.27 17.78 33.20
C GLU O 131 -0.73 17.17 34.53
N GLU O 132 -1.55 17.94 35.25
CA GLU O 132 -2.16 17.46 36.48
C GLU O 132 -2.71 16.03 36.33
N ILE O 133 -3.27 15.73 35.17
CA ILE O 133 -3.79 14.41 34.88
C ILE O 133 -2.67 13.39 34.91
N ARG O 134 -1.74 13.45 33.96
CA ARG O 134 -0.75 12.37 33.80
C ARG O 134 0.24 12.34 34.95
N THR O 135 0.17 13.37 35.77
CA THR O 135 0.79 13.38 37.10
C THR O 135 0.08 12.39 38.02
N THR O 136 -1.19 12.64 38.29
CA THR O 136 -1.97 11.81 39.22
C THR O 136 -2.41 10.46 38.61
N PHE O 137 -1.63 9.93 37.65
CA PHE O 137 -1.92 8.65 37.01
C PHE O 137 -0.61 8.06 36.53
N ASN O 138 0.43 8.89 36.64
CA ASN O 138 1.74 8.51 36.16
C ASN O 138 1.73 8.04 34.72
N ILE O 139 1.50 8.99 33.80
CA ILE O 139 1.43 8.66 32.37
C ILE O 139 2.45 9.49 31.64
N LYS O 140 3.30 8.81 30.87
CA LYS O 140 4.30 9.52 30.09
C LYS O 140 3.66 10.17 28.86
N ASN O 141 3.87 11.48 28.73
CA ASN O 141 3.45 12.27 27.57
C ASN O 141 4.26 11.98 26.30
N ASP O 142 3.66 11.26 25.34
CA ASP O 142 4.38 10.82 24.14
C ASP O 142 4.03 11.62 22.90
N PHE O 143 3.59 12.86 23.12
CA PHE O 143 3.26 13.76 22.03
C PHE O 143 4.48 14.47 21.46
N THR O 144 4.75 14.30 20.17
CA THR O 144 5.73 15.17 19.55
C THR O 144 5.21 16.60 19.68
N PRO O 145 6.11 17.58 19.74
CA PRO O 145 5.63 18.92 20.03
C PRO O 145 4.66 19.41 18.96
N GLU O 146 4.85 18.98 17.72
CA GLU O 146 3.97 19.37 16.62
C GLU O 146 2.58 18.83 16.84
N GLU O 147 2.51 17.56 17.22
CA GLU O 147 1.24 16.90 17.55
C GLU O 147 0.52 17.66 18.65
N GLU O 148 1.16 17.78 19.80
CA GLU O 148 0.59 18.51 20.90
C GLU O 148 0.05 19.89 20.43
N GLU O 149 0.80 20.60 19.62
CA GLU O 149 0.42 21.93 19.18
C GLU O 149 -0.82 21.91 18.30
N GLU O 150 -0.82 21.06 17.28
CA GLU O 150 -2.00 20.91 16.44
C GLU O 150 -3.19 20.55 17.28
N VAL O 151 -3.06 19.55 18.15
CA VAL O 151 -4.18 19.20 19.00
C VAL O 151 -4.68 20.39 19.82
N ARG O 152 -3.75 21.05 20.49
CA ARG O 152 -4.06 22.23 21.26
C ARG O 152 -4.72 23.27 20.37
N ARG O 153 -4.13 23.55 19.22
CA ARG O 153 -4.71 24.49 18.27
C ARG O 153 -6.19 24.14 17.92
N GLU O 154 -6.42 22.92 17.43
CA GLU O 154 -7.76 22.44 17.10
C GLU O 154 -8.65 22.70 18.28
N ASN O 155 -8.22 22.23 19.44
CA ASN O 155 -9.01 22.39 20.67
C ASN O 155 -9.43 23.82 21.04
N GLN O 156 -8.59 24.81 20.76
CA GLN O 156 -8.86 26.14 21.30
C GLN O 156 -9.32 27.13 20.22
N TRP O 157 -9.09 26.75 18.97
CA TRP O 157 -9.38 27.63 17.88
C TRP O 157 -10.57 27.22 17.06
N ALA O 158 -10.78 25.92 16.89
CA ALA O 158 -11.85 25.41 16.02
C ALA O 158 -12.99 24.65 16.71
N PHE O 159 -12.67 23.58 17.45
CA PHE O 159 -13.67 22.66 17.98
C PHE O 159 -14.00 22.74 19.47
N GLU O 160 -15.14 23.34 19.78
CA GLU O 160 -15.81 23.28 21.11
C GLU O 160 -16.10 24.61 21.81
N SER P 12 -2.35 -12.23 35.13
CA SER P 12 -2.78 -11.12 35.97
C SER P 12 -1.62 -10.24 36.41
N CYS P 13 -1.49 -9.09 35.76
CA CYS P 13 -0.53 -8.07 36.16
C CYS P 13 -1.33 -6.91 36.79
N VAL P 14 -0.66 -6.04 37.54
CA VAL P 14 -1.33 -4.89 38.16
C VAL P 14 -2.18 -4.20 37.10
N ALA P 15 -3.38 -3.75 37.46
CA ALA P 15 -4.25 -3.10 36.46
C ALA P 15 -3.98 -1.60 36.36
N THR P 16 -3.72 -1.12 35.15
CA THR P 16 -3.38 0.29 34.91
C THR P 16 -4.65 1.05 34.57
N VAL P 17 -4.53 2.36 34.43
CA VAL P 17 -5.60 3.16 33.87
C VAL P 17 -5.85 2.74 32.44
N ASP P 18 -4.76 2.51 31.71
CA ASP P 18 -4.84 2.14 30.32
C ASP P 18 -5.73 0.93 30.06
N ASP P 19 -6.09 0.22 31.14
CA ASP P 19 -6.87 -1.01 31.02
C ASP P 19 -8.36 -0.72 31.20
N VAL P 20 -8.72 0.55 31.19
CA VAL P 20 -10.00 0.93 31.73
C VAL P 20 -10.45 2.28 31.19
N ILE P 21 -9.58 2.94 30.44
CA ILE P 21 -9.84 4.31 30.03
C ILE P 21 -10.92 4.42 28.92
N GLU P 22 -10.89 3.47 27.97
CA GLU P 22 -11.86 3.42 26.89
C GLU P 22 -13.26 3.51 27.49
N GLN P 23 -13.41 2.98 28.71
CA GLN P 23 -14.69 2.86 29.40
C GLN P 23 -15.04 4.15 30.10
N VAL P 24 -14.09 4.63 30.88
CA VAL P 24 -14.29 5.84 31.70
C VAL P 24 -14.55 7.08 30.87
N MET P 25 -13.81 7.22 29.79
CA MET P 25 -13.91 8.39 28.94
C MET P 25 -15.36 8.77 28.59
N THR P 26 -16.18 7.75 28.36
CA THR P 26 -17.58 7.97 28.00
C THR P 26 -18.43 8.44 29.19
N TYR P 27 -17.78 8.71 30.32
CA TYR P 27 -18.43 9.30 31.49
C TYR P 27 -18.00 10.74 31.72
N ILE P 28 -17.08 11.20 30.88
CA ILE P 28 -16.70 12.60 30.87
C ILE P 28 -17.51 13.31 29.80
N THR P 29 -18.33 14.24 30.26
CA THR P 29 -19.32 14.86 29.41
C THR P 29 -18.89 16.29 29.09
N ASP P 30 -18.28 16.95 30.07
CA ASP P 30 -17.83 18.33 29.94
C ASP P 30 -16.85 18.55 28.78
N PRO P 31 -17.20 19.41 27.83
CA PRO P 31 -16.40 19.70 26.64
C PRO P 31 -15.00 20.20 26.99
N LYS P 32 -14.84 20.75 28.20
CA LYS P 32 -13.57 21.32 28.59
C LYS P 32 -12.71 20.26 29.24
N ASP P 33 -13.32 19.13 29.58
CA ASP P 33 -12.56 18.06 30.21
C ASP P 33 -12.12 17.07 29.16
N ARG P 34 -12.96 16.87 28.15
CA ARG P 34 -12.56 16.16 26.94
C ARG P 34 -11.34 16.87 26.34
N ASP P 35 -11.43 18.21 26.28
CA ASP P 35 -10.33 19.05 25.80
C ASP P 35 -9.02 18.63 26.48
N SER P 36 -9.00 18.61 27.81
CA SER P 36 -7.78 18.27 28.53
C SER P 36 -7.42 16.82 28.25
N ALA P 37 -8.37 15.93 28.52
CA ALA P 37 -8.14 14.50 28.38
C ALA P 37 -7.52 14.14 27.03
N SER P 38 -7.85 14.88 25.99
CA SER P 38 -7.35 14.60 24.67
C SER P 38 -5.87 14.88 24.56
N LEU P 39 -5.34 15.51 25.60
CA LEU P 39 -3.99 16.04 25.58
C LEU P 39 -3.04 15.37 26.57
N VAL P 40 -3.49 14.33 27.27
CA VAL P 40 -2.60 13.69 28.23
C VAL P 40 -1.63 12.75 27.52
N CYS P 41 -2.03 12.24 26.36
CA CYS P 41 -1.15 11.36 25.60
C CYS P 41 -1.82 10.83 24.33
N ARG P 42 -1.04 10.21 23.46
CA ARG P 42 -1.55 9.77 22.19
C ARG P 42 -2.74 8.81 22.30
N ARG P 43 -2.73 7.94 23.31
CA ARG P 43 -3.80 6.95 23.36
C ARG P 43 -5.12 7.58 23.76
N TRP P 44 -5.07 8.33 24.84
CA TRP P 44 -6.21 9.10 25.32
C TRP P 44 -6.75 9.99 24.23
N PHE P 45 -5.84 10.61 23.48
CA PHE P 45 -6.26 11.41 22.33
C PHE P 45 -7.10 10.60 21.35
N LYS P 46 -6.61 9.42 20.97
CA LYS P 46 -7.37 8.58 20.04
C LYS P 46 -8.70 8.14 20.63
N ILE P 47 -8.71 7.86 21.92
CA ILE P 47 -9.94 7.41 22.55
C ILE P 47 -11.01 8.50 22.57
N ASP P 48 -10.62 9.72 22.94
CA ASP P 48 -11.54 10.84 22.90
C ASP P 48 -12.02 11.06 21.47
N SER P 49 -11.10 10.98 20.52
CA SER P 49 -11.42 11.15 19.11
C SER P 49 -12.53 10.22 18.66
N GLU P 50 -12.47 8.97 19.09
CA GLU P 50 -13.44 7.99 18.59
C GLU P 50 -14.76 7.94 19.38
N THR P 51 -14.77 8.62 20.52
CA THR P 51 -15.94 8.62 21.39
C THR P 51 -16.67 9.98 21.52
N ARG P 52 -16.03 11.04 21.07
CA ARG P 52 -16.66 12.37 21.13
C ARG P 52 -17.96 12.33 20.35
N GLU P 53 -19.04 12.76 20.99
CA GLU P 53 -20.37 12.70 20.38
C GLU P 53 -20.84 14.06 19.80
N HIS P 54 -20.55 15.15 20.51
CA HIS P 54 -20.97 16.47 20.06
C HIS P 54 -19.84 17.50 19.93
N VAL P 55 -19.83 18.21 18.82
CA VAL P 55 -18.87 19.26 18.64
C VAL P 55 -19.58 20.52 18.17
N THR P 56 -19.05 21.68 18.53
CA THR P 56 -19.60 22.95 18.07
C THR P 56 -18.53 23.86 17.51
N MET P 57 -18.66 24.29 16.28
CA MET P 57 -17.74 25.27 15.76
C MET P 57 -18.33 26.65 15.88
N ALA P 58 -17.74 27.53 16.68
CA ALA P 58 -18.29 28.88 16.72
C ALA P 58 -18.13 29.68 15.40
N LEU P 59 -17.21 29.24 14.55
CA LEU P 59 -16.98 29.89 13.26
C LEU P 59 -16.53 28.82 12.32
N CYS P 60 -17.38 28.54 11.35
CA CYS P 60 -17.14 27.48 10.38
C CYS P 60 -15.88 27.71 9.56
N TYR P 61 -15.45 28.95 9.43
CA TYR P 61 -14.26 29.21 8.65
C TYR P 61 -12.96 28.93 9.43
N THR P 62 -13.13 28.44 10.64
CA THR P 62 -12.02 28.23 11.53
C THR P 62 -11.24 26.95 11.14
N ALA P 63 -11.90 26.01 10.47
CA ALA P 63 -11.26 24.75 10.07
C ALA P 63 -11.93 24.13 8.87
N THR P 64 -11.21 23.27 8.18
CA THR P 64 -11.75 22.51 7.06
C THR P 64 -12.73 21.44 7.52
N PRO P 65 -13.74 21.13 6.70
CA PRO P 65 -14.60 20.04 7.16
C PRO P 65 -13.85 18.74 7.13
N ASP P 66 -12.83 18.63 6.27
CA ASP P 66 -11.95 17.48 6.35
C ASP P 66 -11.33 17.29 7.75
N ARG P 67 -10.79 18.37 8.28
CA ARG P 67 -10.12 18.36 9.57
C ARG P 67 -11.02 17.90 10.68
N LEU P 68 -12.28 18.31 10.62
CA LEU P 68 -13.28 17.93 11.62
C LEU P 68 -13.60 16.45 11.59
N SER P 69 -13.82 15.91 10.39
CA SER P 69 -14.23 14.52 10.25
C SER P 69 -13.05 13.63 10.62
N ARG P 70 -11.85 14.08 10.28
CA ARG P 70 -10.64 13.33 10.59
C ARG P 70 -10.45 13.23 12.11
N ARG P 71 -10.73 14.31 12.82
CA ARG P 71 -10.59 14.34 14.28
C ARG P 71 -11.70 13.64 15.02
N PHE P 72 -12.93 13.78 14.56
CA PHE P 72 -14.06 13.19 15.27
C PHE P 72 -15.00 12.42 14.36
N PRO P 73 -14.58 11.27 13.87
CA PRO P 73 -15.29 10.44 12.88
C PRO P 73 -16.67 9.99 13.31
N ASN P 74 -16.95 10.02 14.61
CA ASN P 74 -18.19 9.44 15.11
C ASN P 74 -19.11 10.39 15.81
N LEU P 75 -19.05 11.65 15.40
CA LEU P 75 -19.97 12.66 15.89
C LEU P 75 -21.38 12.15 15.72
N ARG P 76 -22.21 12.49 16.72
CA ARG P 76 -23.62 12.16 16.68
C ARG P 76 -24.33 13.47 16.55
N SER P 77 -23.73 14.52 17.09
CA SER P 77 -24.30 15.85 16.98
C SER P 77 -23.28 16.90 16.50
N LEU P 78 -23.71 17.80 15.63
CA LEU P 78 -22.86 18.91 15.18
C LEU P 78 -23.59 20.25 15.24
N LYS P 79 -22.81 21.33 15.37
CA LYS P 79 -23.38 22.66 15.38
C LYS P 79 -22.39 23.64 14.81
N LEU P 80 -22.73 24.31 13.73
CA LEU P 80 -21.81 25.26 13.10
C LEU P 80 -22.43 26.62 13.11
N LYS P 81 -21.65 27.63 13.42
CA LYS P 81 -22.12 29.01 13.31
C LYS P 81 -21.38 29.64 12.14
N GLY P 82 -22.02 30.57 11.45
CA GLY P 82 -21.34 31.24 10.35
C GLY P 82 -21.17 32.75 10.53
N LYS P 83 -22.09 33.52 9.95
CA LYS P 83 -22.07 34.96 10.01
C LYS P 83 -21.86 35.41 11.42
N PRO P 84 -21.05 36.47 11.59
CA PRO P 84 -20.79 37.17 12.86
C PRO P 84 -22.09 37.55 13.56
N ARG P 85 -22.01 37.84 14.85
CA ARG P 85 -23.20 38.14 15.60
C ARG P 85 -23.89 39.38 15.05
N ALA P 86 -23.08 40.28 14.49
CA ALA P 86 -23.60 41.56 13.99
C ALA P 86 -24.63 41.36 12.92
N ALA P 87 -24.61 40.18 12.30
CA ALA P 87 -25.56 39.87 11.25
C ALA P 87 -27.02 39.89 11.76
N MET P 88 -27.22 39.60 13.04
CA MET P 88 -28.54 39.61 13.63
C MET P 88 -29.05 41.04 13.77
N PHE P 89 -28.26 42.02 13.30
CA PHE P 89 -28.63 43.42 13.42
C PHE P 89 -28.53 44.15 12.10
N ASN P 90 -28.63 43.38 11.01
CA ASN P 90 -28.57 43.90 9.65
C ASN P 90 -27.36 44.78 9.54
N LEU P 91 -26.21 44.26 9.97
CA LEU P 91 -24.97 44.99 9.84
C LEU P 91 -24.06 44.24 8.90
N ILE P 92 -24.31 42.94 8.75
CA ILE P 92 -23.49 42.12 7.86
C ILE P 92 -24.14 41.84 6.51
N PRO P 93 -23.37 42.03 5.42
CA PRO P 93 -23.82 41.82 4.05
C PRO P 93 -24.39 40.46 3.94
N GLU P 94 -25.37 40.31 3.06
CA GLU P 94 -26.07 39.04 2.93
C GLU P 94 -25.17 37.96 2.35
N ASN P 95 -24.36 38.36 1.39
CA ASN P 95 -23.49 37.43 0.69
C ASN P 95 -22.18 37.11 1.43
N TRP P 96 -22.07 37.56 2.69
CA TRP P 96 -20.78 37.47 3.40
C TRP P 96 -20.17 36.09 3.40
N GLY P 97 -21.00 35.06 3.52
CA GLY P 97 -20.52 33.70 3.55
C GLY P 97 -21.15 32.93 4.69
N GLY P 98 -20.79 31.65 4.82
CA GLY P 98 -21.32 30.83 5.88
C GLY P 98 -21.99 29.69 5.20
N TYR P 99 -21.61 29.51 3.93
CA TYR P 99 -22.21 28.47 3.09
C TYR P 99 -21.98 27.12 3.75
N VAL P 100 -23.01 26.28 3.70
CA VAL P 100 -23.09 25.08 4.52
C VAL P 100 -22.75 23.84 3.69
N THR P 101 -22.65 23.98 2.38
CA THR P 101 -22.53 22.82 1.46
C THR P 101 -21.29 21.91 1.66
N PRO P 102 -20.09 22.51 1.78
CA PRO P 102 -18.88 21.72 2.03
C PRO P 102 -19.06 20.86 3.27
N TRP P 103 -19.81 21.41 4.21
CA TRP P 103 -20.08 20.69 5.43
C TRP P 103 -21.05 19.53 5.20
N VAL P 104 -22.11 19.75 4.43
CA VAL P 104 -22.97 18.60 4.16
C VAL P 104 -22.34 17.56 3.21
N THR P 105 -21.51 17.97 2.25
CA THR P 105 -20.86 16.92 1.48
C THR P 105 -19.90 16.14 2.36
N GLU P 106 -19.35 16.78 3.40
CA GLU P 106 -18.51 16.05 4.31
C GLU P 106 -19.34 15.14 5.20
N ILE P 107 -20.50 15.63 5.66
CA ILE P 107 -21.40 14.82 6.47
C ILE P 107 -21.91 13.60 5.68
N SER P 108 -22.23 13.87 4.42
CA SER P 108 -22.67 12.83 3.50
C SER P 108 -21.67 11.70 3.43
N ASN P 109 -20.39 12.05 3.49
CA ASN P 109 -19.30 11.09 3.21
C ASN P 109 -18.57 10.50 4.40
N ASN P 110 -18.42 11.26 5.47
CA ASN P 110 -17.51 10.86 6.55
C ASN P 110 -18.08 10.94 7.95
N LEU P 111 -19.20 11.63 8.13
CA LEU P 111 -19.84 11.64 9.44
C LEU P 111 -21.09 10.76 9.45
N ARG P 112 -20.90 9.50 9.09
CA ARG P 112 -21.99 8.58 8.88
C ARG P 112 -22.73 8.21 10.17
N GLN P 113 -22.47 8.94 11.24
CA GLN P 113 -23.07 8.62 12.53
C GLN P 113 -23.99 9.75 13.01
N LEU P 114 -24.03 10.80 12.21
CA LEU P 114 -24.63 12.03 12.60
C LEU P 114 -26.13 11.86 12.68
N LYS P 115 -26.70 12.23 13.82
CA LYS P 115 -28.15 12.17 13.98
C LYS P 115 -28.76 13.57 14.18
N SER P 116 -27.93 14.59 14.41
CA SER P 116 -28.44 15.92 14.71
C SER P 116 -27.53 17.04 14.20
N VAL P 117 -28.10 17.98 13.47
CA VAL P 117 -27.32 19.05 12.89
C VAL P 117 -27.94 20.37 13.20
N HIS P 118 -27.13 21.31 13.67
CA HIS P 118 -27.62 22.67 13.98
C HIS P 118 -26.81 23.67 13.19
N PHE P 119 -27.42 24.35 12.25
CA PHE P 119 -26.76 25.45 11.57
C PHE P 119 -27.23 26.77 12.19
N ARG P 120 -26.32 27.70 12.41
CA ARG P 120 -26.67 28.99 13.02
C ARG P 120 -26.05 30.14 12.24
N ARG P 121 -26.91 31.03 11.74
CA ARG P 121 -26.46 32.14 10.91
C ARG P 121 -25.69 31.70 9.69
N MET P 122 -26.19 30.68 9.00
CA MET P 122 -25.53 30.18 7.80
C MET P 122 -26.37 30.28 6.53
N ILE P 123 -25.73 30.01 5.38
CA ILE P 123 -26.42 30.01 4.08
C ILE P 123 -26.73 28.56 3.72
N VAL P 124 -28.02 28.19 3.65
CA VAL P 124 -28.39 26.81 3.35
C VAL P 124 -29.22 26.77 2.09
N SER P 125 -28.71 26.10 1.06
CA SER P 125 -29.40 25.96 -0.24
C SER P 125 -30.33 24.74 -0.35
N ASP P 126 -31.28 24.79 -1.29
CA ASP P 126 -32.21 23.69 -1.46
C ASP P 126 -31.42 22.42 -1.72
N LEU P 127 -30.39 22.59 -2.54
CA LEU P 127 -29.59 21.45 -2.99
C LEU P 127 -28.91 20.85 -1.81
N ASP P 128 -28.18 21.69 -1.09
CA ASP P 128 -27.43 21.14 0.02
C ASP P 128 -28.37 20.54 1.08
N LEU P 129 -29.61 21.00 1.18
CA LEU P 129 -30.42 20.24 2.11
C LEU P 129 -31.18 19.05 1.53
N ASP P 130 -31.46 19.09 0.24
CA ASP P 130 -31.85 17.83 -0.40
C ASP P 130 -30.76 16.75 -0.13
N ARG P 131 -29.50 17.15 -0.30
CA ARG P 131 -28.33 16.27 -0.16
C ARG P 131 -28.21 15.70 1.23
N LEU P 132 -28.44 16.58 2.22
CA LEU P 132 -28.45 16.23 3.64
C LEU P 132 -29.52 15.20 3.91
N ALA P 133 -30.74 15.53 3.49
CA ALA P 133 -31.89 14.63 3.69
C ALA P 133 -31.62 13.20 3.17
N LYS P 134 -31.21 13.09 1.90
CA LYS P 134 -30.92 11.80 1.30
C LYS P 134 -29.78 11.10 2.01
N ALA P 135 -28.70 11.84 2.24
CA ALA P 135 -27.50 11.26 2.86
C ALA P 135 -27.73 10.70 4.27
N ARG P 136 -28.60 11.37 5.02
CA ARG P 136 -28.75 11.05 6.44
C ARG P 136 -30.11 10.38 6.71
N ALA P 137 -31.08 10.73 5.88
CA ALA P 137 -32.40 10.10 5.91
C ALA P 137 -32.94 9.76 7.32
N ASP P 138 -33.42 8.54 7.48
CA ASP P 138 -34.12 8.16 8.68
C ASP P 138 -33.34 8.47 9.93
N ASP P 139 -32.03 8.43 9.84
CA ASP P 139 -31.16 8.64 11.00
C ASP P 139 -31.19 10.06 11.58
N LEU P 140 -31.55 11.04 10.75
CA LEU P 140 -31.57 12.42 11.17
C LEU P 140 -32.71 12.66 12.15
N GLU P 141 -32.38 12.75 13.42
CA GLU P 141 -33.38 12.91 14.48
C GLU P 141 -33.72 14.38 14.69
N THR P 142 -32.72 15.25 14.61
CA THR P 142 -32.97 16.67 14.76
C THR P 142 -32.25 17.54 13.73
N LEU P 143 -32.91 18.62 13.30
CA LEU P 143 -32.39 19.58 12.34
C LEU P 143 -32.76 21.01 12.70
N LYS P 144 -31.78 21.84 12.95
CA LYS P 144 -32.08 23.21 13.36
C LYS P 144 -31.51 24.18 12.33
N LEU P 145 -32.38 24.75 11.51
CA LEU P 145 -31.98 25.86 10.66
C LEU P 145 -32.17 27.21 11.37
N ASP P 146 -31.18 27.61 12.15
CA ASP P 146 -31.30 28.68 13.11
C ASP P 146 -30.82 29.98 12.49
N LYS P 147 -31.73 30.87 12.18
CA LYS P 147 -31.37 32.16 11.57
C LYS P 147 -30.57 31.99 10.28
N CYS P 148 -30.89 30.97 9.49
CA CYS P 148 -30.26 30.80 8.18
C CYS P 148 -31.10 31.35 7.02
N SER P 149 -30.51 31.32 5.84
CA SER P 149 -31.12 31.87 4.66
C SER P 149 -30.73 31.06 3.43
N GLY P 150 -31.41 31.32 2.33
CA GLY P 150 -31.00 30.77 1.05
C GLY P 150 -31.63 29.48 0.56
N PHE P 151 -32.67 29.00 1.24
CA PHE P 151 -33.38 27.80 0.80
C PHE P 151 -34.84 28.11 0.52
N THR P 152 -35.61 27.06 0.25
CA THR P 152 -37.03 27.23 0.01
C THR P 152 -37.82 26.02 0.53
N THR P 153 -39.14 26.08 0.37
CA THR P 153 -39.99 24.99 0.82
C THR P 153 -39.59 23.65 0.18
N ASP P 154 -39.05 23.68 -1.03
CA ASP P 154 -38.58 22.45 -1.68
C ASP P 154 -37.58 21.70 -0.81
N GLY P 155 -36.59 22.42 -0.31
CA GLY P 155 -35.69 21.87 0.70
C GLY P 155 -36.45 21.27 1.85
N LEU P 156 -37.28 22.07 2.54
CA LEU P 156 -38.08 21.60 3.66
C LEU P 156 -38.77 20.30 3.29
N LEU P 157 -39.49 20.32 2.17
CA LEU P 157 -40.18 19.13 1.67
C LEU P 157 -39.25 17.94 1.56
N SER P 158 -38.10 18.16 0.95
CA SER P 158 -37.12 17.11 0.86
C SER P 158 -36.74 16.51 2.21
N ILE P 159 -36.55 17.31 3.26
CA ILE P 159 -36.12 16.68 4.51
C ILE P 159 -37.28 16.02 5.27
N VAL P 160 -38.51 16.49 5.06
CA VAL P 160 -39.62 15.86 5.78
C VAL P 160 -40.07 14.57 5.14
N THR P 161 -39.75 14.38 3.86
CA THR P 161 -40.16 13.16 3.17
C THR P 161 -39.11 12.05 3.36
N HIS P 162 -37.82 12.44 3.40
CA HIS P 162 -36.70 11.48 3.45
C HIS P 162 -36.25 11.14 4.87
N CYS P 163 -36.43 12.10 5.78
CA CYS P 163 -36.11 11.88 7.19
C CYS P 163 -37.40 11.63 7.97
N ARG P 164 -37.83 10.38 7.97
CA ARG P 164 -39.18 10.08 8.33
C ARG P 164 -39.33 10.07 9.82
N LYS P 165 -38.19 10.14 10.49
CA LYS P 165 -38.18 10.00 11.95
C LYS P 165 -37.76 11.24 12.74
N ILE P 166 -37.72 12.40 12.08
CA ILE P 166 -37.40 13.65 12.77
C ILE P 166 -38.14 13.82 14.08
N LYS P 167 -37.40 14.04 15.16
CA LYS P 167 -37.96 14.35 16.47
C LYS P 167 -38.04 15.85 16.68
N THR P 168 -37.03 16.59 16.24
CA THR P 168 -37.06 18.03 16.41
C THR P 168 -36.63 18.72 15.12
N LEU P 169 -37.47 19.67 14.63
CA LEU P 169 -37.28 20.42 13.37
C LEU P 169 -37.51 21.93 13.55
N LEU P 170 -36.52 22.74 13.21
CA LEU P 170 -36.53 24.13 13.64
C LEU P 170 -36.08 25.08 12.55
N MET P 171 -36.80 26.18 12.39
CA MET P 171 -36.47 27.16 11.36
C MET P 171 -36.41 28.57 11.88
N GLU P 172 -36.59 28.72 13.19
CA GLU P 172 -36.78 30.03 13.81
C GLU P 172 -35.92 31.14 13.19
N GLU P 173 -36.59 32.18 12.72
CA GLU P 173 -35.96 33.40 12.24
C GLU P 173 -35.16 33.16 10.96
N SER P 174 -35.32 32.00 10.38
CA SER P 174 -34.70 31.75 9.06
C SER P 174 -35.51 32.40 7.98
N SER P 175 -34.85 32.75 6.90
CA SER P 175 -35.56 33.36 5.78
C SER P 175 -35.36 32.59 4.48
N PHE P 176 -36.47 32.25 3.83
CA PHE P 176 -36.49 31.33 2.71
C PHE P 176 -37.58 31.81 1.78
N SER P 177 -37.69 31.15 0.64
CA SER P 177 -38.76 31.44 -0.32
C SER P 177 -39.94 30.47 -0.17
N GLU P 178 -41.13 30.99 0.07
CA GLU P 178 -42.25 30.08 0.30
C GLU P 178 -43.02 29.86 -0.96
N LYS P 179 -42.91 28.64 -1.50
CA LYS P 179 -43.54 28.29 -2.76
C LYS P 179 -44.84 27.53 -2.53
N ASP P 180 -44.93 26.89 -1.37
CA ASP P 180 -46.15 26.18 -0.98
C ASP P 180 -46.20 25.71 0.50
N GLY P 181 -47.15 24.80 0.76
CA GLY P 181 -47.31 24.24 2.08
C GLY P 181 -47.10 22.74 2.16
N LYS P 182 -46.75 22.08 1.06
CA LYS P 182 -46.73 20.63 1.13
C LYS P 182 -45.81 20.08 2.23
N TRP P 183 -44.74 20.80 2.54
CA TRP P 183 -43.85 20.33 3.59
C TRP P 183 -44.58 20.05 4.91
N LEU P 184 -45.42 20.99 5.36
CA LEU P 184 -46.19 20.80 6.61
C LEU P 184 -47.16 19.64 6.48
N HIS P 185 -47.78 19.54 5.31
CA HIS P 185 -48.79 18.53 5.09
C HIS P 185 -48.13 17.16 5.07
N GLU P 186 -46.98 17.08 4.42
CA GLU P 186 -46.23 15.82 4.39
C GLU P 186 -45.83 15.36 5.79
N LEU P 187 -45.61 16.30 6.69
CA LEU P 187 -45.36 15.98 8.09
C LEU P 187 -46.61 15.40 8.72
N ALA P 188 -47.71 16.12 8.56
CA ALA P 188 -49.02 15.71 9.07
C ALA P 188 -49.36 14.30 8.64
N GLN P 189 -49.21 14.04 7.36
CA GLN P 189 -49.65 12.76 6.86
C GLN P 189 -48.83 11.55 7.26
N HIS P 190 -47.55 11.74 7.60
CA HIS P 190 -46.65 10.59 7.89
C HIS P 190 -45.77 10.63 9.15
N ASN P 191 -45.61 11.79 9.79
CA ASN P 191 -44.73 11.88 10.95
C ASN P 191 -45.42 11.65 12.28
N THR P 192 -44.71 11.00 13.19
CA THR P 192 -45.26 10.54 14.46
C THR P 192 -44.35 10.94 15.59
N SER P 193 -43.06 11.01 15.26
CA SER P 193 -41.96 11.17 16.21
C SER P 193 -41.73 12.57 16.75
N LEU P 194 -42.28 13.54 16.04
CA LEU P 194 -42.08 14.94 16.36
C LEU P 194 -42.24 15.24 17.86
N GLU P 195 -41.23 15.89 18.41
CA GLU P 195 -41.21 16.29 19.81
C GLU P 195 -41.13 17.81 19.91
N VAL P 196 -40.38 18.43 19.02
CA VAL P 196 -40.36 19.89 18.99
C VAL P 196 -40.34 20.46 17.60
N LEU P 197 -41.30 21.32 17.32
CA LEU P 197 -41.46 21.92 16.02
C LEU P 197 -41.39 23.42 16.21
N ASN P 198 -40.59 24.10 15.39
CA ASN P 198 -40.32 25.51 15.64
C ASN P 198 -40.11 26.35 14.38
N PHE P 199 -41.10 27.16 14.02
CA PHE P 199 -40.88 28.18 13.00
C PHE P 199 -41.30 29.56 13.51
N TYR P 200 -40.65 30.01 14.57
CA TYR P 200 -41.19 31.07 15.39
C TYR P 200 -41.15 32.44 14.74
N MET P 201 -40.12 32.74 13.98
CA MET P 201 -40.06 34.09 13.46
C MET P 201 -40.10 34.05 11.97
N THR P 202 -41.21 33.56 11.45
CA THR P 202 -41.23 33.22 10.03
C THR P 202 -42.51 33.57 9.31
N GLU P 203 -42.36 34.10 8.10
CA GLU P 203 -43.49 34.43 7.25
C GLU P 203 -43.91 33.22 6.44
N PHE P 204 -44.85 32.46 6.98
CA PHE P 204 -45.47 31.37 6.22
C PHE P 204 -46.90 31.78 5.98
N ALA P 205 -47.32 31.78 4.72
CA ALA P 205 -48.67 32.18 4.44
C ALA P 205 -49.41 31.09 3.70
N LYS P 206 -48.75 29.96 3.47
CA LYS P 206 -49.34 28.91 2.66
C LYS P 206 -49.53 27.57 3.40
N ILE P 207 -49.40 27.59 4.72
CA ILE P 207 -49.56 26.34 5.45
C ILE P 207 -50.88 26.34 6.16
N SER P 208 -51.50 25.16 6.22
CA SER P 208 -52.83 25.01 6.80
C SER P 208 -52.81 24.66 8.30
N PRO P 209 -53.52 25.47 9.13
CA PRO P 209 -53.58 25.13 10.54
C PRO P 209 -54.11 23.72 10.74
N LYS P 210 -54.98 23.24 9.83
CA LYS P 210 -55.47 21.86 9.89
C LYS P 210 -54.32 20.86 10.04
N ASP P 211 -53.30 21.00 9.17
CA ASP P 211 -52.13 20.13 9.18
C ASP P 211 -51.45 20.15 10.56
N LEU P 212 -51.33 21.35 11.11
CA LEU P 212 -50.66 21.55 12.39
C LEU P 212 -51.43 20.81 13.43
N GLU P 213 -52.74 20.84 13.29
CA GLU P 213 -53.62 20.12 14.20
C GLU P 213 -53.47 18.63 14.02
N THR P 214 -53.46 18.20 12.76
CA THR P 214 -53.36 16.76 12.53
C THR P 214 -52.00 16.18 13.00
N ILE P 215 -51.01 17.05 13.11
CA ILE P 215 -49.70 16.67 13.61
C ILE P 215 -49.76 16.49 15.12
N ALA P 216 -50.49 17.40 15.76
CA ALA P 216 -50.64 17.40 17.21
C ALA P 216 -51.34 16.14 17.60
N ARG P 217 -52.23 15.70 16.72
CA ARG P 217 -53.06 14.54 16.97
C ARG P 217 -52.20 13.27 16.89
N ASN P 218 -51.24 13.26 15.97
CA ASN P 218 -50.40 12.09 15.67
C ASN P 218 -49.07 11.97 16.44
N CYS P 219 -48.59 13.06 17.03
CA CYS P 219 -47.28 13.04 17.66
C CYS P 219 -47.46 13.10 19.15
N ARG P 220 -47.48 11.93 19.77
CA ARG P 220 -47.82 11.83 21.17
C ARG P 220 -46.81 12.58 22.02
N SER P 221 -45.58 12.68 21.55
CA SER P 221 -44.53 13.23 22.38
C SER P 221 -44.26 14.70 22.11
N LEU P 222 -45.25 15.38 21.53
CA LEU P 222 -45.08 16.76 21.13
C LEU P 222 -45.09 17.69 22.32
N VAL P 223 -43.96 18.32 22.58
CA VAL P 223 -43.78 19.08 23.80
C VAL P 223 -43.70 20.56 23.53
N SER P 224 -42.95 20.94 22.50
CA SER P 224 -42.85 22.36 22.17
C SER P 224 -43.25 22.66 20.73
N VAL P 225 -44.04 23.70 20.53
CA VAL P 225 -44.21 24.24 19.19
C VAL P 225 -44.36 25.77 19.19
N LYS P 226 -43.52 26.42 18.39
CA LYS P 226 -43.56 27.85 18.22
C LYS P 226 -43.92 28.07 16.77
N VAL P 227 -44.58 29.18 16.46
CA VAL P 227 -45.27 29.30 15.19
C VAL P 227 -45.33 30.73 14.64
N GLY P 228 -45.83 30.90 13.41
CA GLY P 228 -45.89 32.19 12.75
C GLY P 228 -47.17 32.95 13.10
N ASP P 229 -47.64 33.78 12.16
CA ASP P 229 -48.84 34.59 12.40
C ASP P 229 -50.19 33.89 12.12
N PHE P 230 -50.31 32.62 12.52
CA PHE P 230 -51.60 31.93 12.54
C PHE P 230 -52.62 32.65 13.43
N GLU P 231 -53.88 32.66 13.03
CA GLU P 231 -54.90 33.19 13.91
C GLU P 231 -55.16 32.17 15.01
N ILE P 232 -54.92 32.56 16.25
CA ILE P 232 -55.11 31.66 17.37
C ILE P 232 -56.42 30.86 17.28
N LEU P 233 -57.52 31.53 16.98
CA LEU P 233 -58.78 30.82 16.91
C LEU P 233 -58.72 29.61 15.99
N GLU P 234 -57.93 29.70 14.93
CA GLU P 234 -57.79 28.60 13.98
C GLU P 234 -57.01 27.42 14.59
N LEU P 235 -56.50 27.63 15.80
CA LEU P 235 -55.67 26.63 16.43
C LEU P 235 -56.36 25.93 17.58
N VAL P 236 -57.64 26.17 17.77
CA VAL P 236 -58.29 25.53 18.91
C VAL P 236 -58.28 24.03 18.72
N GLY P 237 -58.45 23.60 17.47
CA GLY P 237 -58.40 22.19 17.16
C GLY P 237 -57.09 21.66 17.67
N PHE P 238 -56.03 22.33 17.21
CA PHE P 238 -54.68 22.06 17.63
C PHE P 238 -54.54 21.90 19.14
N PHE P 239 -54.84 22.97 19.90
CA PHE P 239 -54.63 22.97 21.34
C PHE P 239 -55.27 21.80 22.06
N LYS P 240 -56.49 21.45 21.68
CA LYS P 240 -57.16 20.29 22.28
C LYS P 240 -56.38 19.01 22.02
N ALA P 241 -55.88 18.87 20.79
CA ALA P 241 -55.18 17.66 20.38
C ALA P 241 -53.78 17.55 21.00
N ALA P 242 -53.15 18.68 21.26
CA ALA P 242 -51.79 18.74 21.75
C ALA P 242 -51.67 18.51 23.26
N ALA P 243 -52.07 17.33 23.72
CA ALA P 243 -52.14 17.02 25.14
C ALA P 243 -50.90 17.40 25.94
N ASN P 244 -49.74 16.93 25.48
CA ASN P 244 -48.51 17.02 26.27
C ASN P 244 -47.73 18.28 26.01
N LEU P 245 -48.34 19.22 25.31
CA LEU P 245 -47.67 20.47 25.04
C LEU P 245 -47.29 21.20 26.30
N GLU P 246 -46.03 21.62 26.37
CA GLU P 246 -45.49 22.39 27.50
C GLU P 246 -45.10 23.79 27.08
N GLU P 247 -44.77 23.97 25.79
CA GLU P 247 -44.34 25.26 25.31
C GLU P 247 -45.12 25.61 24.06
N PHE P 248 -45.57 26.85 23.97
CA PHE P 248 -46.12 27.39 22.75
C PHE P 248 -45.82 28.87 22.70
N CYS P 249 -45.24 29.32 21.60
CA CYS P 249 -45.06 30.72 21.33
C CYS P 249 -45.58 30.94 19.92
N GLY P 250 -45.98 32.15 19.61
CA GLY P 250 -46.33 32.48 18.26
C GLY P 250 -47.80 32.69 18.12
N GLY P 251 -48.31 32.53 16.91
CA GLY P 251 -49.72 32.78 16.67
C GLY P 251 -49.97 34.27 16.61
N SER P 252 -51.25 34.61 16.46
CA SER P 252 -51.69 35.99 16.25
C SER P 252 -53.07 36.19 16.89
N LEU P 253 -53.10 37.08 17.88
CA LEU P 253 -54.34 37.49 18.51
C LEU P 253 -54.83 38.74 17.79
N ASN P 254 -55.90 38.58 17.04
CA ASN P 254 -56.47 39.68 16.28
C ASN P 254 -57.83 40.00 16.84
N GLU P 255 -57.95 41.16 17.47
CA GLU P 255 -59.24 41.54 18.03
C GLU P 255 -59.98 42.39 17.04
N ASP P 256 -61.24 42.04 16.79
CA ASP P 256 -62.17 42.96 16.18
C ASP P 256 -63.12 43.42 17.27
N ILE P 257 -63.82 44.51 17.05
CA ILE P 257 -64.71 45.04 18.08
C ILE P 257 -65.99 44.23 18.11
N GLY P 258 -66.37 43.71 16.95
CA GLY P 258 -67.56 42.89 16.79
C GLY P 258 -67.63 41.70 17.73
N MET P 259 -66.48 41.33 18.29
CA MET P 259 -66.45 40.28 19.31
C MET P 259 -65.61 40.77 20.48
N PRO P 260 -66.26 41.14 21.57
CA PRO P 260 -65.57 41.60 22.77
C PRO P 260 -65.00 40.38 23.49
N GLU P 261 -65.73 39.27 23.40
CA GLU P 261 -65.26 38.02 23.94
C GLU P 261 -64.88 37.06 22.80
N LYS P 262 -64.00 37.51 21.92
CA LYS P 262 -63.53 36.68 20.82
C LYS P 262 -62.78 35.46 21.33
N TYR P 263 -61.94 35.69 22.34
CA TYR P 263 -61.08 34.65 22.91
C TYR P 263 -61.33 34.46 24.40
N MET P 264 -62.46 33.92 24.83
CA MET P 264 -62.58 33.69 26.26
C MET P 264 -62.82 32.22 26.49
N ASN P 265 -62.95 31.51 25.37
CA ASN P 265 -63.17 30.09 25.38
C ASN P 265 -61.99 29.35 24.76
N LEU P 266 -60.80 29.58 25.34
CA LEU P 266 -59.59 28.95 24.85
C LEU P 266 -59.18 27.78 25.73
N VAL P 267 -59.20 26.60 25.15
CA VAL P 267 -58.61 25.45 25.81
C VAL P 267 -57.10 25.56 25.62
N PHE P 268 -56.35 25.92 26.65
CA PHE P 268 -54.90 25.73 26.56
C PHE P 268 -54.48 24.38 27.15
N PRO P 269 -53.54 23.70 26.49
CA PRO P 269 -53.13 22.38 26.99
C PRO P 269 -52.82 22.48 28.46
N ARG P 270 -53.12 21.44 29.21
CA ARG P 270 -53.00 21.53 30.65
C ARG P 270 -51.56 21.78 31.13
N LYS P 271 -50.56 21.17 30.51
CA LYS P 271 -49.20 21.30 31.02
C LYS P 271 -48.48 22.60 30.58
N LEU P 272 -49.11 23.37 29.71
CA LEU P 272 -48.52 24.60 29.16
C LEU P 272 -47.97 25.51 30.25
N CYS P 273 -46.67 25.78 30.20
CA CYS P 273 -46.01 26.54 31.27
C CYS P 273 -44.89 27.44 30.73
N ARG P 274 -44.64 27.33 29.43
CA ARG P 274 -43.65 28.17 28.78
C ARG P 274 -44.36 28.74 27.56
N LEU P 275 -44.58 30.06 27.50
CA LEU P 275 -45.35 30.60 26.39
C LEU P 275 -45.19 32.09 26.06
N GLY P 276 -45.74 32.46 24.90
CA GLY P 276 -45.79 33.84 24.47
C GLY P 276 -46.71 33.99 23.28
N LEU P 277 -47.89 34.59 23.49
CA LEU P 277 -48.84 34.82 22.38
C LEU P 277 -48.61 36.15 21.69
N SER P 278 -48.51 36.11 20.36
CA SER P 278 -48.07 37.30 19.64
C SER P 278 -49.21 38.31 19.52
N TYR P 279 -48.87 39.58 19.66
CA TYR P 279 -49.82 40.68 19.51
C TYR P 279 -50.83 40.78 20.64
N MET P 280 -50.65 39.94 21.66
CA MET P 280 -51.56 39.92 22.79
C MET P 280 -51.76 41.30 23.44
N GLY P 281 -53.01 41.76 23.40
CA GLY P 281 -53.39 43.01 24.07
C GLY P 281 -53.98 42.83 25.46
N PRO P 282 -54.41 43.95 26.08
CA PRO P 282 -54.87 43.86 27.47
C PRO P 282 -56.21 43.14 27.51
N ASN P 283 -56.98 43.27 26.44
CA ASN P 283 -58.26 42.59 26.35
C ASN P 283 -58.17 41.06 26.40
N GLU P 284 -57.15 40.51 25.72
CA GLU P 284 -56.99 39.05 25.58
C GLU P 284 -56.06 38.50 26.66
N MET P 285 -55.25 39.38 27.23
CA MET P 285 -54.34 39.02 28.32
C MET P 285 -54.94 38.13 29.42
N PRO P 286 -56.21 38.31 29.74
CA PRO P 286 -56.86 37.54 30.81
C PRO P 286 -56.96 36.03 30.59
N ILE P 287 -56.81 35.55 29.35
CA ILE P 287 -56.99 34.13 29.09
C ILE P 287 -55.89 33.31 29.73
N LEU P 288 -54.87 34.01 30.23
CA LEU P 288 -53.72 33.41 30.90
C LEU P 288 -53.90 33.25 32.41
N PHE P 289 -54.78 34.05 33.00
CA PHE P 289 -54.97 34.03 34.46
C PHE P 289 -55.33 32.66 35.03
N PRO P 290 -56.23 31.93 34.35
CA PRO P 290 -56.66 30.59 34.78
C PRO P 290 -55.52 29.63 35.24
N PHE P 291 -54.29 29.92 34.85
CA PHE P 291 -53.19 29.02 35.12
C PHE P 291 -51.85 29.77 35.18
N ALA P 292 -51.89 31.07 35.44
CA ALA P 292 -50.67 31.86 35.59
C ALA P 292 -49.73 31.34 36.69
N ALA P 293 -50.29 30.67 37.69
CA ALA P 293 -49.52 30.10 38.78
C ALA P 293 -48.45 29.14 38.27
N GLN P 294 -48.70 28.61 37.09
CA GLN P 294 -47.96 27.49 36.52
C GLN P 294 -46.89 27.96 35.53
N ILE P 295 -47.07 29.15 34.99
CA ILE P 295 -46.17 29.75 34.01
C ILE P 295 -44.78 30.01 34.55
N ARG P 296 -43.78 29.54 33.80
CA ARG P 296 -42.40 29.59 34.21
C ARG P 296 -41.55 30.37 33.21
N LYS P 297 -42.05 30.49 31.98
CA LYS P 297 -41.36 31.28 30.97
C LYS P 297 -42.37 32.15 30.30
N LEU P 298 -42.01 33.41 30.05
CA LEU P 298 -42.93 34.38 29.44
C LEU P 298 -42.29 35.18 28.31
N ASP P 299 -42.93 35.22 27.15
CA ASP P 299 -42.37 35.90 25.99
C ASP P 299 -43.27 37.05 25.48
N LEU P 300 -43.26 38.15 26.21
CA LEU P 300 -44.07 39.31 25.85
C LEU P 300 -43.27 40.19 24.90
N LEU P 301 -42.40 39.55 24.15
CA LEU P 301 -41.51 40.27 23.30
C LEU P 301 -42.33 40.92 22.22
N TYR P 302 -43.29 40.18 21.69
CA TYR P 302 -44.06 40.65 20.56
C TYR P 302 -45.49 40.94 20.98
N ALA P 303 -45.62 41.37 22.23
CA ALA P 303 -46.93 41.63 22.83
C ALA P 303 -47.30 43.11 22.79
N LEU P 304 -48.61 43.35 22.67
CA LEU P 304 -49.15 44.69 22.53
C LEU P 304 -49.78 45.18 23.82
N LEU P 305 -49.13 44.92 24.95
CA LEU P 305 -49.68 45.47 26.18
C LEU P 305 -48.73 46.46 26.86
N GLU P 306 -49.31 47.36 27.66
CA GLU P 306 -48.59 48.54 28.14
C GLU P 306 -48.13 48.37 29.56
N THR P 307 -47.36 49.34 30.03
CA THR P 307 -46.65 49.21 31.30
C THR P 307 -47.57 48.75 32.44
N GLU P 308 -48.77 49.33 32.51
CA GLU P 308 -49.71 48.94 33.56
C GLU P 308 -50.12 47.47 33.44
N ASP P 309 -50.51 47.08 32.22
CA ASP P 309 -50.92 45.72 31.89
C ASP P 309 -49.82 44.71 32.22
N HIS P 310 -48.56 45.11 32.09
CA HIS P 310 -47.45 44.23 32.47
C HIS P 310 -47.56 43.90 33.94
N CYS P 311 -47.66 44.94 34.76
CA CYS P 311 -47.63 44.75 36.18
C CYS P 311 -48.72 43.80 36.61
N THR P 312 -49.89 43.94 35.99
CA THR P 312 -51.05 43.14 36.42
C THR P 312 -50.82 41.64 36.14
N LEU P 313 -50.08 41.35 35.08
CA LEU P 313 -49.81 39.97 34.70
C LEU P 313 -48.64 39.41 35.46
N ILE P 314 -47.51 40.10 35.43
CA ILE P 314 -46.32 39.67 36.16
C ILE P 314 -46.69 39.31 37.59
N GLN P 315 -47.51 40.15 38.18
CA GLN P 315 -47.95 40.04 39.56
C GLN P 315 -48.58 38.67 39.81
N LYS P 316 -49.04 38.03 38.75
CA LYS P 316 -49.80 36.78 38.87
C LYS P 316 -48.96 35.52 38.70
N CYS P 317 -47.67 35.70 38.44
CA CYS P 317 -46.80 34.59 38.08
C CYS P 317 -45.62 34.51 39.01
N PRO P 318 -45.85 33.97 40.21
CA PRO P 318 -44.84 33.84 41.26
C PRO P 318 -43.73 32.84 40.91
N ASN P 319 -44.01 31.94 39.97
CA ASN P 319 -43.06 30.89 39.65
C ASN P 319 -42.31 31.11 38.36
N LEU P 320 -42.56 32.26 37.74
CA LEU P 320 -41.80 32.75 36.61
C LEU P 320 -40.30 32.74 36.86
N GLU P 321 -39.54 32.06 36.00
CA GLU P 321 -38.09 32.12 36.07
C GLU P 321 -37.46 32.72 34.83
N VAL P 322 -38.19 32.74 33.72
CA VAL P 322 -37.69 33.44 32.56
C VAL P 322 -38.70 34.39 32.02
N LEU P 323 -38.26 35.64 31.80
CA LEU P 323 -39.10 36.67 31.23
C LEU P 323 -38.37 37.45 30.15
N GLU P 324 -38.97 37.55 28.98
CA GLU P 324 -38.42 38.37 27.91
C GLU P 324 -39.50 39.37 27.55
N THR P 325 -39.14 40.64 27.51
CA THR P 325 -40.08 41.69 27.16
C THR P 325 -39.41 42.92 26.52
N ARG P 326 -40.21 43.88 26.11
CA ARG P 326 -39.67 45.15 25.62
C ARG P 326 -39.56 46.14 26.78
N ASN P 327 -38.90 47.28 26.55
CA ASN P 327 -38.65 48.24 27.62
C ASN P 327 -39.93 48.86 28.21
N VAL P 328 -41.05 48.64 27.53
CA VAL P 328 -42.37 49.07 28.01
C VAL P 328 -42.66 48.58 29.42
N ILE P 329 -42.11 47.41 29.75
CA ILE P 329 -42.23 46.85 31.08
C ILE P 329 -42.13 47.96 32.13
N GLY P 330 -41.24 48.93 31.86
CA GLY P 330 -41.05 50.08 32.72
C GLY P 330 -40.42 49.83 34.09
N ASP P 331 -40.00 50.91 34.73
CA ASP P 331 -39.49 50.80 36.09
C ASP P 331 -40.56 50.22 36.96
N ARG P 332 -41.79 50.69 36.77
CA ARG P 332 -42.90 50.21 37.56
C ARG P 332 -43.01 48.70 37.41
N GLY P 333 -43.00 48.22 36.17
CA GLY P 333 -43.05 46.79 35.90
C GLY P 333 -41.94 46.03 36.63
N LEU P 334 -40.72 46.55 36.51
CA LEU P 334 -39.58 45.92 37.16
C LEU P 334 -39.78 45.78 38.66
N GLU P 335 -40.36 46.80 39.28
CA GLU P 335 -40.61 46.77 40.70
C GLU P 335 -41.59 45.64 41.07
N VAL P 336 -42.61 45.46 40.23
CA VAL P 336 -43.59 44.39 40.43
C VAL P 336 -42.88 43.05 40.41
N LEU P 337 -42.08 42.87 39.35
CA LEU P 337 -41.30 41.66 39.15
C LEU P 337 -40.46 41.37 40.38
N ALA P 338 -39.93 42.45 40.95
CA ALA P 338 -38.99 42.42 42.08
C ALA P 338 -39.46 41.63 43.29
N GLN P 339 -40.71 41.73 43.70
CA GLN P 339 -41.09 40.90 44.85
C GLN P 339 -42.10 39.78 44.60
N TYR P 340 -42.69 39.71 43.42
CA TYR P 340 -43.54 38.57 43.14
C TYR P 340 -42.83 37.33 42.55
N CYS P 341 -41.79 37.58 41.74
CA CYS P 341 -41.03 36.51 41.10
C CYS P 341 -39.62 36.43 41.65
N LYS P 342 -39.44 35.68 42.71
CA LYS P 342 -38.15 35.65 43.38
C LYS P 342 -37.23 34.65 42.71
N GLN P 343 -37.83 33.70 42.00
CA GLN P 343 -37.09 32.61 41.38
C GLN P 343 -36.62 32.96 39.99
N LEU P 344 -36.80 34.22 39.60
CA LEU P 344 -36.36 34.69 38.29
C LEU P 344 -34.88 34.42 38.02
N LYS P 345 -34.60 33.78 36.88
CA LYS P 345 -33.25 33.40 36.52
C LYS P 345 -32.75 34.09 35.27
N ARG P 346 -33.64 34.44 34.36
CA ARG P 346 -33.21 35.10 33.13
C ARG P 346 -34.19 36.20 32.76
N LEU P 347 -33.65 37.38 32.46
CA LEU P 347 -34.47 38.54 32.08
C LEU P 347 -33.86 39.27 30.90
N ARG P 348 -34.68 39.55 29.90
CA ARG P 348 -34.22 40.28 28.75
C ARG P 348 -35.22 41.39 28.53
N ILE P 349 -34.71 42.60 28.34
CA ILE P 349 -35.54 43.76 28.06
C ILE P 349 -35.10 44.38 26.74
N GLU P 350 -35.59 43.84 25.62
CA GLU P 350 -35.24 44.40 24.31
C GLU P 350 -35.80 45.82 24.20
N ARG P 351 -35.31 46.59 23.25
CA ARG P 351 -35.78 47.96 23.13
C ARG P 351 -36.97 48.10 22.15
N GLY P 352 -38.01 48.77 22.65
CA GLY P 352 -39.26 48.95 21.92
C GLY P 352 -39.29 50.14 20.98
N ALA P 353 -40.47 50.59 20.61
CA ALA P 353 -40.58 51.68 19.62
C ALA P 353 -40.09 53.01 20.17
N ASP P 354 -38.84 53.35 19.88
CA ASP P 354 -38.23 54.59 20.37
C ASP P 354 -38.47 55.72 19.37
N GLU P 355 -39.70 55.77 18.86
CA GLU P 355 -40.08 56.77 17.86
C GLU P 355 -41.08 57.80 18.45
N GLN P 356 -42.36 57.41 18.51
CA GLN P 356 -43.40 58.27 19.08
C GLN P 356 -43.46 58.14 20.61
N GLY P 357 -42.68 58.98 21.30
CA GLY P 357 -42.43 58.79 22.72
C GLY P 357 -41.84 57.40 22.91
N MET P 358 -41.72 56.93 24.14
CA MET P 358 -41.53 55.50 24.34
C MET P 358 -42.86 54.88 23.93
N GLU P 359 -43.24 53.72 24.47
CA GLU P 359 -44.56 53.19 24.13
C GLU P 359 -45.64 53.67 25.14
N ASP P 360 -45.15 54.23 26.25
CA ASP P 360 -45.92 55.09 27.17
C ASP P 360 -44.98 56.05 27.92
N GLU P 361 -45.45 56.70 28.98
CA GLU P 361 -44.61 57.63 29.76
C GLU P 361 -43.89 56.94 30.95
N GLU P 362 -44.24 55.67 31.19
CA GLU P 362 -43.54 54.83 32.16
C GLU P 362 -42.64 53.82 31.43
N GLY P 363 -42.69 53.83 30.09
CA GLY P 363 -41.95 52.90 29.25
C GLY P 363 -40.46 53.18 29.17
N LEU P 364 -39.91 53.66 30.29
CA LEU P 364 -38.49 53.86 30.45
C LEU P 364 -38.06 52.95 31.59
N VAL P 365 -36.89 52.32 31.45
CA VAL P 365 -36.25 51.64 32.58
C VAL P 365 -35.02 52.44 33.01
N SER P 366 -34.76 52.46 34.32
CA SER P 366 -33.76 53.36 34.88
C SER P 366 -33.07 52.77 36.12
N GLN P 367 -32.13 53.54 36.68
CA GLN P 367 -31.52 53.25 37.96
C GLN P 367 -32.56 52.65 38.89
N ARG P 368 -33.72 53.30 38.92
CA ARG P 368 -34.80 52.95 39.85
C ARG P 368 -35.16 51.48 39.71
N GLY P 369 -35.55 51.10 38.48
CA GLY P 369 -35.93 49.74 38.19
C GLY P 369 -34.78 48.78 38.47
N LEU P 370 -33.58 49.16 38.03
CA LEU P 370 -32.46 48.24 38.11
C LEU P 370 -32.16 47.90 39.56
N ILE P 371 -32.02 48.93 40.38
CA ILE P 371 -31.68 48.72 41.79
C ILE P 371 -32.79 47.99 42.56
N ALA P 372 -34.03 48.18 42.14
CA ALA P 372 -35.18 47.45 42.64
C ALA P 372 -35.05 45.96 42.33
N LEU P 373 -34.72 45.69 41.08
CA LEU P 373 -34.61 44.35 40.56
C LEU P 373 -33.47 43.60 41.21
N ALA P 374 -32.36 44.31 41.36
CA ALA P 374 -31.17 43.76 41.98
C ALA P 374 -31.47 43.24 43.37
N GLN P 375 -32.43 43.87 44.04
CA GLN P 375 -32.73 43.52 45.42
C GLN P 375 -33.73 42.37 45.49
N GLY P 376 -34.69 42.34 44.58
CA GLY P 376 -35.70 41.29 44.59
C GLY P 376 -35.30 39.94 44.03
N CYS P 377 -34.80 39.94 42.79
CA CYS P 377 -34.54 38.72 42.05
C CYS P 377 -33.07 38.34 42.11
N GLN P 378 -32.64 37.80 43.23
CA GLN P 378 -31.22 37.64 43.46
C GLN P 378 -30.70 36.36 42.82
N GLU P 379 -31.60 35.56 42.28
CA GLU P 379 -31.18 34.31 41.67
C GLU P 379 -30.81 34.47 40.18
N LEU P 380 -30.99 35.68 39.66
CA LEU P 380 -30.65 35.99 38.27
C LEU P 380 -29.29 35.51 37.82
N GLU P 381 -29.30 34.85 36.66
CA GLU P 381 -28.12 34.32 36.02
C GLU P 381 -27.88 35.00 34.69
N TYR P 382 -28.95 35.50 34.08
CA TYR P 382 -28.86 36.20 32.80
C TYR P 382 -29.70 37.46 32.84
N MET P 383 -29.06 38.57 32.52
CA MET P 383 -29.74 39.86 32.52
C MET P 383 -29.27 40.68 31.34
N ALA P 384 -30.16 40.91 30.40
CA ALA P 384 -29.83 41.80 29.29
C ALA P 384 -30.88 42.91 29.22
N VAL P 385 -30.41 44.16 29.17
CA VAL P 385 -31.27 45.30 29.36
C VAL P 385 -30.90 46.51 28.53
N TYR P 386 -31.90 47.09 27.86
CA TYR P 386 -31.75 48.38 27.21
C TYR P 386 -32.35 49.43 28.14
N VAL P 387 -31.49 50.20 28.79
CA VAL P 387 -31.89 51.18 29.78
C VAL P 387 -31.89 52.61 29.20
N SER P 388 -32.75 53.48 29.73
CA SER P 388 -32.80 54.86 29.26
C SER P 388 -31.99 55.79 30.18
N ASP P 389 -31.57 55.27 31.34
CA ASP P 389 -30.79 56.04 32.29
C ASP P 389 -30.16 55.17 33.37
N ILE P 390 -28.86 55.35 33.64
CA ILE P 390 -28.19 54.67 34.76
C ILE P 390 -27.46 55.56 35.76
N THR P 391 -27.06 54.94 36.86
CA THR P 391 -26.27 55.59 37.88
C THR P 391 -25.24 54.58 38.34
N ASN P 392 -24.04 55.06 38.69
CA ASN P 392 -23.03 54.19 39.29
C ASN P 392 -23.61 53.35 40.41
N GLU P 393 -24.56 53.93 41.14
CA GLU P 393 -25.14 53.28 42.30
C GLU P 393 -25.77 51.95 41.91
N SER P 394 -26.58 51.98 40.85
CA SER P 394 -27.29 50.80 40.39
C SER P 394 -26.33 49.64 40.05
N LEU P 395 -25.25 49.92 39.34
CA LEU P 395 -24.31 48.88 39.03
C LEU P 395 -23.77 48.26 40.32
N GLU P 396 -23.54 49.09 41.34
CA GLU P 396 -23.00 48.60 42.61
C GLU P 396 -23.95 47.60 43.24
N SER P 397 -25.23 47.88 43.15
CA SER P 397 -26.25 47.03 43.75
C SER P 397 -26.37 45.74 42.98
N ILE P 398 -26.15 45.82 41.67
CA ILE P 398 -26.05 44.62 40.86
C ILE P 398 -24.97 43.73 41.45
N GLY P 399 -23.75 44.24 41.42
CA GLY P 399 -22.60 43.49 41.88
C GLY P 399 -22.71 43.11 43.33
N THR P 400 -23.68 43.71 44.01
CA THR P 400 -23.78 43.51 45.44
C THR P 400 -24.76 42.40 45.80
N TYR P 401 -25.86 42.30 45.05
CA TYR P 401 -26.92 41.38 45.41
C TYR P 401 -27.01 40.09 44.59
N LEU P 402 -26.77 40.14 43.29
CA LEU P 402 -26.97 38.96 42.43
C LEU P 402 -25.67 38.32 41.95
N LYS P 403 -25.25 37.30 42.71
CA LYS P 403 -23.90 36.79 42.59
C LYS P 403 -23.70 35.84 41.44
N ASN P 404 -24.69 35.00 41.19
CA ASN P 404 -24.51 34.01 40.15
C ASN P 404 -24.99 34.47 38.79
N LEU P 405 -24.90 35.76 38.59
CA LEU P 405 -25.01 36.36 37.28
C LEU P 405 -23.88 35.87 36.40
N CYS P 406 -24.22 35.22 35.28
CA CYS P 406 -23.24 34.67 34.33
C CYS P 406 -23.14 35.47 33.05
N ASP P 407 -24.24 36.09 32.67
CA ASP P 407 -24.32 36.83 31.42
C ASP P 407 -24.97 38.18 31.76
N PHE P 408 -24.25 39.27 31.57
CA PHE P 408 -24.82 40.57 31.84
C PHE P 408 -24.58 41.51 30.67
N ARG P 409 -25.67 42.07 30.15
CA ARG P 409 -25.59 42.99 29.03
C ARG P 409 -26.39 44.25 29.29
N LEU P 410 -25.76 45.40 29.04
CA LEU P 410 -26.38 46.70 29.29
C LEU P 410 -26.14 47.56 28.09
N VAL P 411 -27.18 48.17 27.57
CA VAL P 411 -27.03 49.16 26.49
C VAL P 411 -27.86 50.39 26.85
N LEU P 412 -27.27 51.59 26.84
CA LEU P 412 -28.09 52.76 27.16
C LEU P 412 -28.49 53.61 25.95
N LEU P 413 -29.80 53.80 25.78
CA LEU P 413 -30.36 54.50 24.63
C LEU P 413 -29.96 55.98 24.53
N ASP P 414 -29.82 56.47 23.30
CA ASP P 414 -29.42 57.85 23.04
C ASP P 414 -30.61 58.80 23.09
N ARG P 415 -31.79 58.24 23.38
CA ARG P 415 -33.02 59.02 23.51
C ARG P 415 -32.87 60.17 24.50
N GLU P 416 -32.41 59.85 25.71
CA GLU P 416 -32.20 60.84 26.76
C GLU P 416 -30.99 61.74 26.50
N GLU P 417 -31.13 63.00 26.88
CA GLU P 417 -30.11 64.01 26.59
C GLU P 417 -29.08 64.02 27.70
N ARG P 418 -29.54 64.25 28.93
CA ARG P 418 -28.66 64.22 30.08
C ARG P 418 -28.86 62.91 30.82
N ILE P 419 -27.75 62.31 31.23
CA ILE P 419 -27.78 61.12 32.08
C ILE P 419 -27.24 61.50 33.45
N THR P 420 -28.03 61.19 34.48
CA THR P 420 -27.75 61.61 35.85
C THR P 420 -26.26 61.78 36.13
N ASP P 421 -25.61 60.74 36.63
CA ASP P 421 -24.16 60.80 36.81
C ASP P 421 -23.53 59.96 35.71
N LEU P 422 -22.58 60.50 34.95
CA LEU P 422 -22.15 59.73 33.79
C LEU P 422 -20.96 58.79 33.97
N PRO P 423 -19.73 59.31 34.06
CA PRO P 423 -18.62 58.33 34.02
C PRO P 423 -18.86 57.20 35.01
N LEU P 424 -18.96 55.97 34.49
CA LEU P 424 -19.45 54.83 35.29
C LEU P 424 -18.32 54.00 35.88
N ASP P 425 -17.11 54.54 35.79
CA ASP P 425 -15.88 53.85 36.17
C ASP P 425 -15.99 53.06 37.46
N ASN P 426 -16.67 53.61 38.46
CA ASN P 426 -16.68 52.99 39.78
C ASN P 426 -17.79 51.96 39.95
N GLY P 427 -18.86 52.17 39.20
CA GLY P 427 -19.97 51.22 39.12
C GLY P 427 -19.58 49.94 38.39
N VAL P 428 -19.00 50.08 37.20
CA VAL P 428 -18.55 48.93 36.43
C VAL P 428 -17.69 48.09 37.32
N ARG P 429 -16.74 48.76 37.97
CA ARG P 429 -15.79 48.10 38.83
C ARG P 429 -16.45 47.26 39.92
N SER P 430 -17.34 47.84 40.71
CA SER P 430 -17.95 47.08 41.80
C SER P 430 -18.80 45.93 41.29
N LEU P 431 -19.38 46.13 40.11
CA LEU P 431 -20.14 45.07 39.44
C LEU P 431 -19.26 43.88 39.07
N LEU P 432 -18.21 44.16 38.31
CA LEU P 432 -17.28 43.11 37.89
C LEU P 432 -16.67 42.39 39.10
N ILE P 433 -16.58 43.10 40.22
CA ILE P 433 -15.95 42.53 41.40
C ILE P 433 -16.93 41.68 42.22
N GLY P 434 -18.21 42.07 42.22
CA GLY P 434 -19.23 41.31 42.92
C GLY P 434 -19.69 40.05 42.20
N CYS P 435 -19.89 40.15 40.89
CA CYS P 435 -20.33 39.00 40.10
C CYS P 435 -19.13 38.31 39.52
N LYS P 436 -18.58 37.35 40.25
CA LYS P 436 -17.34 36.70 39.80
C LYS P 436 -17.62 35.43 39.01
N LYS P 437 -18.89 35.18 38.72
CA LYS P 437 -19.25 34.03 37.93
C LYS P 437 -19.44 34.44 36.46
N LEU P 438 -19.35 35.74 36.22
CA LEU P 438 -19.56 36.37 34.92
C LEU P 438 -18.69 35.82 33.78
N ARG P 439 -19.31 35.27 32.73
CA ARG P 439 -18.60 34.72 31.57
C ARG P 439 -18.80 35.56 30.31
N ARG P 440 -19.97 36.17 30.19
CA ARG P 440 -20.28 37.01 29.05
C ARG P 440 -20.73 38.38 29.53
N PHE P 441 -20.22 39.42 28.90
CA PHE P 441 -20.44 40.74 29.41
C PHE P 441 -20.52 41.72 28.23
N ALA P 442 -21.61 42.48 28.18
CA ALA P 442 -21.71 43.52 27.18
C ALA P 442 -22.10 44.83 27.82
N PHE P 443 -21.45 45.91 27.35
CA PHE P 443 -21.55 47.23 27.96
C PHE P 443 -21.51 48.26 26.85
N TYR P 444 -22.66 48.80 26.48
CA TYR P 444 -22.79 49.70 25.34
C TYR P 444 -23.28 51.07 25.81
N LEU P 445 -22.41 52.09 25.75
CA LEU P 445 -22.74 53.40 26.30
C LEU P 445 -22.72 54.52 25.25
N ARG P 446 -22.74 55.77 25.73
CA ARG P 446 -22.58 56.97 24.90
C ARG P 446 -21.17 57.46 25.18
N GLN P 447 -20.68 58.47 24.44
CA GLN P 447 -19.23 58.78 24.50
C GLN P 447 -18.67 59.00 25.91
N GLY P 448 -19.20 59.96 26.64
CA GLY P 448 -18.67 60.22 27.96
C GLY P 448 -18.82 59.05 28.95
N GLY P 449 -19.36 57.94 28.47
CA GLY P 449 -19.76 56.86 29.37
C GLY P 449 -18.70 56.27 30.28
N LEU P 450 -17.50 56.10 29.73
CA LEU P 450 -16.41 55.43 30.46
C LEU P 450 -15.02 55.98 30.09
N THR P 451 -14.25 56.28 31.13
CA THR P 451 -12.95 56.87 30.96
C THR P 451 -11.94 55.76 30.92
N ASP P 452 -10.76 56.04 30.36
CA ASP P 452 -9.71 55.04 30.21
C ASP P 452 -9.46 54.34 31.54
N LEU P 453 -9.64 55.08 32.63
CA LEU P 453 -9.46 54.51 33.96
C LEU P 453 -10.47 53.40 34.18
N GLY P 454 -11.72 53.67 33.86
CA GLY P 454 -12.79 52.69 33.98
C GLY P 454 -12.55 51.52 33.04
N LEU P 455 -12.24 51.82 31.78
CA LEU P 455 -12.03 50.77 30.80
C LEU P 455 -11.05 49.75 31.33
N SER P 456 -9.92 50.21 31.86
CA SER P 456 -8.92 49.29 32.39
C SER P 456 -9.45 48.51 33.59
N TYR P 457 -10.45 49.10 34.28
CA TYR P 457 -11.10 48.41 35.38
C TYR P 457 -11.74 47.14 34.87
N ILE P 458 -12.35 47.26 33.70
CA ILE P 458 -12.94 46.12 33.03
C ILE P 458 -11.91 45.04 32.74
N GLY P 459 -10.79 45.43 32.11
CA GLY P 459 -9.73 44.48 31.86
C GLY P 459 -9.28 43.84 33.16
N GLN P 460 -9.18 44.66 34.18
CA GLN P 460 -8.61 44.25 35.46
C GLN P 460 -9.51 43.31 36.26
N TYR P 461 -10.83 43.47 36.17
CA TYR P 461 -11.72 42.69 37.03
C TYR P 461 -12.66 41.70 36.33
N SER P 462 -12.27 41.17 35.19
CA SER P 462 -13.14 40.20 34.51
C SER P 462 -12.34 38.97 34.11
N PRO P 463 -11.96 38.19 35.13
CA PRO P 463 -11.10 37.02 34.99
C PRO P 463 -11.79 35.89 34.22
N ASN P 464 -13.12 35.86 34.27
CA ASN P 464 -13.85 34.73 33.76
C ASN P 464 -14.53 34.95 32.42
N VAL P 465 -14.61 36.21 32.04
CA VAL P 465 -15.30 36.62 30.83
C VAL P 465 -14.62 36.12 29.56
N ARG P 466 -15.37 35.34 28.78
CA ARG P 466 -14.89 34.82 27.50
C ARG P 466 -15.34 35.70 26.35
N TRP P 467 -16.49 36.34 26.50
CA TRP P 467 -17.01 37.18 25.45
C TRP P 467 -17.40 38.58 25.94
N MET P 468 -16.97 39.59 25.18
CA MET P 468 -17.33 40.96 25.51
C MET P 468 -17.85 41.74 24.30
N LEU P 469 -18.93 42.48 24.52
CA LEU P 469 -19.38 43.48 23.56
C LEU P 469 -19.30 44.84 24.22
N LEU P 470 -18.41 45.68 23.69
CA LEU P 470 -18.17 47.02 24.26
C LEU P 470 -18.68 48.15 23.36
N GLY P 471 -19.49 49.01 23.99
CA GLY P 471 -20.19 50.08 23.31
C GLY P 471 -19.30 51.25 22.99
N TYR P 472 -19.50 52.35 23.70
CA TYR P 472 -18.73 53.54 23.42
C TYR P 472 -17.69 53.81 24.52
N VAL P 473 -17.07 52.76 25.03
CA VAL P 473 -16.16 52.92 26.14
C VAL P 473 -14.88 53.69 25.81
N GLY P 474 -14.22 54.18 26.86
CA GLY P 474 -12.94 54.85 26.77
C GLY P 474 -12.99 56.28 26.28
N GLU P 475 -11.83 56.93 26.34
CA GLU P 475 -11.64 58.29 25.81
C GLU P 475 -10.47 58.33 24.84
N SER P 476 -9.44 57.53 25.08
CA SER P 476 -8.33 57.45 24.12
C SER P 476 -7.75 56.06 24.08
N ASP P 477 -6.86 55.81 23.13
CA ASP P 477 -6.22 54.51 22.98
C ASP P 477 -5.55 54.08 24.28
N GLU P 478 -5.19 55.04 25.12
CA GLU P 478 -4.66 54.75 26.45
C GLU P 478 -5.53 53.72 27.18
N GLY P 479 -6.85 53.89 27.07
CA GLY P 479 -7.80 53.00 27.71
C GLY P 479 -7.79 51.58 27.12
N LEU P 480 -7.77 51.51 25.80
CA LEU P 480 -7.76 50.22 25.13
C LEU P 480 -6.51 49.46 25.54
N MET P 481 -5.37 50.13 25.56
CA MET P 481 -4.12 49.47 25.94
C MET P 481 -4.17 48.99 27.40
N GLU P 482 -4.66 49.83 28.30
CA GLU P 482 -4.80 49.46 29.71
C GLU P 482 -5.72 48.24 29.87
N PHE P 483 -6.80 48.25 29.11
CA PHE P 483 -7.69 47.12 29.01
C PHE P 483 -6.92 45.87 28.58
N SER P 484 -6.12 46.00 27.52
CA SER P 484 -5.47 44.84 26.90
C SER P 484 -4.51 44.12 27.82
N ARG P 485 -4.09 44.74 28.91
CA ARG P 485 -3.19 44.02 29.78
C ARG P 485 -3.95 43.13 30.74
N GLY P 486 -5.27 43.18 30.67
CA GLY P 486 -6.10 42.32 31.49
C GLY P 486 -6.75 41.21 30.68
N CYS P 487 -8.00 40.89 31.03
CA CYS P 487 -8.81 39.95 30.25
C CYS P 487 -8.07 38.66 29.99
N PRO P 488 -7.80 37.90 31.07
CA PRO P 488 -7.05 36.64 31.01
C PRO P 488 -7.70 35.68 30.04
N ASN P 489 -9.04 35.60 30.09
CA ASN P 489 -9.79 34.58 29.39
C ASN P 489 -10.69 35.08 28.26
N LEU P 490 -10.48 36.33 27.84
CA LEU P 490 -11.28 36.89 26.77
C LEU P 490 -11.00 36.14 25.48
N GLN P 491 -12.05 35.61 24.86
CA GLN P 491 -11.92 34.86 23.61
C GLN P 491 -12.46 35.60 22.41
N LYS P 492 -13.63 36.18 22.59
CA LYS P 492 -14.31 36.90 21.52
C LYS P 492 -14.51 38.33 21.97
N LEU P 493 -14.13 39.27 21.10
CA LEU P 493 -14.27 40.69 21.40
C LEU P 493 -14.97 41.42 20.28
N GLU P 494 -16.09 42.04 20.61
CA GLU P 494 -16.88 42.86 19.69
C GLU P 494 -16.97 44.28 20.21
N MET P 495 -16.45 45.24 19.44
CA MET P 495 -16.56 46.66 19.83
C MET P 495 -17.01 47.46 18.64
N ARG P 496 -18.01 48.31 18.86
CA ARG P 496 -18.39 49.23 17.80
C ARG P 496 -18.56 50.63 18.39
N GLY P 497 -18.37 51.63 17.54
CA GLY P 497 -18.47 53.02 17.94
C GLY P 497 -17.40 53.40 18.94
N CYS P 498 -16.15 53.05 18.65
CA CYS P 498 -15.07 53.41 19.54
C CYS P 498 -14.10 54.34 18.87
N CYS P 499 -13.31 55.02 19.70
CA CYS P 499 -12.44 56.09 19.23
C CYS P 499 -11.01 55.64 19.03
N PHE P 500 -10.76 54.34 19.05
CA PHE P 500 -9.40 53.84 18.99
C PHE P 500 -8.87 53.76 17.57
N SER P 501 -7.55 53.73 17.44
CA SER P 501 -6.91 53.82 16.13
C SER P 501 -6.51 52.46 15.63
N GLU P 502 -6.24 52.33 14.34
CA GLU P 502 -5.83 51.03 13.83
C GLU P 502 -4.68 50.43 14.63
N ARG P 503 -3.57 51.17 14.78
CA ARG P 503 -2.39 50.61 15.45
C ARG P 503 -2.71 50.28 16.92
N ALA P 504 -3.71 50.96 17.46
CA ALA P 504 -4.10 50.78 18.85
C ALA P 504 -4.81 49.45 19.04
N ILE P 505 -5.70 49.16 18.11
CA ILE P 505 -6.40 47.87 18.06
C ILE P 505 -5.38 46.77 17.87
N ALA P 506 -4.58 46.89 16.81
CA ALA P 506 -3.65 45.82 16.46
C ALA P 506 -2.80 45.50 17.64
N ALA P 507 -2.41 46.55 18.35
CA ALA P 507 -1.57 46.41 19.54
C ALA P 507 -2.27 45.62 20.63
N ALA P 508 -3.52 46.00 20.89
CA ALA P 508 -4.31 45.37 21.96
C ALA P 508 -4.59 43.90 21.65
N VAL P 509 -4.68 43.58 20.37
CA VAL P 509 -4.90 42.20 19.96
C VAL P 509 -3.69 41.37 20.33
N THR P 510 -2.51 41.94 20.10
CA THR P 510 -1.28 41.23 20.39
C THR P 510 -1.16 40.93 21.88
N LYS P 511 -1.52 41.90 22.72
CA LYS P 511 -1.43 41.76 24.18
C LYS P 511 -2.39 40.73 24.76
N LEU P 512 -3.54 40.53 24.12
CA LEU P 512 -4.55 39.61 24.64
C LEU P 512 -4.19 38.14 24.43
N PRO P 513 -4.04 37.40 25.54
CA PRO P 513 -3.60 35.99 25.58
C PRO P 513 -4.57 35.06 24.92
N SER P 514 -5.86 35.26 25.18
CA SER P 514 -6.89 34.27 24.84
C SER P 514 -7.69 34.57 23.58
N LEU P 515 -7.55 35.79 23.07
CA LEU P 515 -8.39 36.25 21.98
C LEU P 515 -8.26 35.43 20.70
N ARG P 516 -9.40 34.99 20.18
CA ARG P 516 -9.41 34.28 18.92
C ARG P 516 -10.40 34.85 17.87
N TYR P 517 -11.14 35.89 18.26
CA TYR P 517 -12.17 36.44 17.37
C TYR P 517 -12.37 37.88 17.70
N LEU P 518 -12.29 38.74 16.68
CA LEU P 518 -12.43 40.17 16.90
C LEU P 518 -13.29 40.75 15.81
N TRP P 519 -14.34 41.45 16.21
CA TRP P 519 -15.13 42.18 15.24
C TRP P 519 -15.22 43.62 15.73
N VAL P 520 -15.05 44.56 14.81
CA VAL P 520 -15.05 45.99 15.13
C VAL P 520 -15.76 46.82 14.05
N GLN P 521 -16.62 47.74 14.47
CA GLN P 521 -17.13 48.75 13.54
C GLN P 521 -16.87 50.13 14.10
N GLY P 522 -16.21 50.99 13.32
CA GLY P 522 -15.92 52.33 13.78
C GLY P 522 -14.60 52.47 14.53
N TYR P 523 -13.65 53.14 13.89
CA TYR P 523 -12.29 53.26 14.39
C TYR P 523 -11.54 54.26 13.51
N ARG P 524 -10.58 54.97 14.07
CA ARG P 524 -9.76 55.88 13.27
C ARG P 524 -8.92 55.06 12.27
N ALA P 525 -9.28 55.13 10.98
CA ALA P 525 -8.61 54.37 9.93
C ALA P 525 -7.27 54.98 9.45
N SER P 526 -6.91 54.68 8.21
CA SER P 526 -5.81 55.33 7.51
C SER P 526 -5.74 54.73 6.11
N MET P 527 -5.74 55.58 5.08
CA MET P 527 -5.79 55.10 3.70
C MET P 527 -4.73 54.01 3.48
N THR P 528 -3.55 54.22 4.08
CA THR P 528 -2.49 53.22 4.08
C THR P 528 -3.16 51.86 4.24
N GLY P 529 -3.85 51.70 5.36
CA GLY P 529 -4.44 50.45 5.77
C GLY P 529 -3.45 49.68 6.61
N GLN P 530 -2.19 50.07 6.51
CA GLN P 530 -1.05 49.26 6.95
C GLN P 530 -0.83 49.19 8.44
N ASP P 531 -1.67 49.87 9.21
CA ASP P 531 -1.46 49.88 10.64
C ASP P 531 -2.04 48.63 11.25
N LEU P 532 -3.18 48.22 10.72
CA LEU P 532 -3.75 46.95 11.12
C LEU P 532 -2.72 45.86 11.01
N MET P 533 -1.94 45.90 9.93
CA MET P 533 -0.93 44.88 9.66
C MET P 533 -0.09 44.44 10.86
N GLN P 534 0.12 45.34 11.83
CA GLN P 534 1.04 45.02 12.91
C GLN P 534 0.44 43.99 13.88
N MET P 535 -0.64 43.34 13.48
CA MET P 535 -1.12 42.16 14.20
C MET P 535 -1.03 40.87 13.40
N ALA P 536 -0.45 40.95 12.19
CA ALA P 536 -0.18 39.77 11.38
C ALA P 536 0.55 38.68 12.20
N ARG P 537 -0.19 37.66 12.58
CA ARG P 537 0.38 36.44 13.13
C ARG P 537 0.12 35.40 12.07
N PRO P 538 0.77 34.25 12.17
CA PRO P 538 0.39 33.10 11.34
C PRO P 538 -0.92 32.54 11.86
N TYR P 539 -1.79 32.06 10.95
CA TYR P 539 -3.12 31.51 11.30
C TYR P 539 -4.14 32.59 11.59
N TRP P 540 -3.69 33.84 11.57
CA TRP P 540 -4.58 34.97 11.87
C TRP P 540 -5.09 35.57 10.60
N ASN P 541 -6.37 35.35 10.35
CA ASN P 541 -7.09 35.89 9.21
C ASN P 541 -7.74 37.23 9.59
N ILE P 542 -7.46 38.27 8.79
CA ILE P 542 -8.16 39.54 8.98
C ILE P 542 -8.96 39.88 7.70
N GLU P 543 -10.19 40.34 7.92
CA GLU P 543 -11.12 40.73 6.84
C GLU P 543 -11.72 42.16 7.03
N LEU P 544 -11.97 42.85 5.92
CA LEU P 544 -12.59 44.17 5.97
C LEU P 544 -13.93 44.18 5.25
N ILE P 545 -14.95 44.83 5.84
CA ILE P 545 -16.34 44.73 5.39
C ILE P 545 -17.03 46.11 5.27
N PRO P 546 -18.13 46.15 4.47
CA PRO P 546 -19.16 47.21 4.28
C PRO P 546 -20.41 47.15 5.20
N SER P 547 -21.57 46.76 4.66
CA SER P 547 -22.81 46.59 5.46
C SER P 547 -24.10 46.38 4.62
N ARG P 548 -24.99 45.49 5.10
CA ARG P 548 -26.27 45.14 4.43
C ARG P 548 -27.35 44.73 5.44
N ARG P 549 -28.41 44.07 4.93
CA ARG P 549 -29.48 43.53 5.77
C ARG P 549 -29.81 42.09 5.38
N GLU P 563 -25.13 55.07 5.50
CA GLU P 563 -23.71 55.12 5.84
C GLU P 563 -23.34 54.04 6.87
N HIS P 564 -22.59 53.05 6.44
CA HIS P 564 -22.14 52.01 7.37
C HIS P 564 -20.62 51.80 7.28
N PRO P 565 -19.87 52.38 8.24
CA PRO P 565 -18.40 52.40 8.30
C PRO P 565 -17.77 51.00 8.18
N ALA P 566 -16.47 50.96 7.90
CA ALA P 566 -15.77 49.68 7.70
C ALA P 566 -15.85 48.78 8.93
N HIS P 567 -15.97 47.48 8.68
CA HIS P 567 -15.83 46.52 9.76
C HIS P 567 -14.49 45.85 9.67
N ILE P 568 -13.99 45.44 10.82
CA ILE P 568 -12.84 44.58 10.88
C ILE P 568 -13.33 43.28 11.49
N LEU P 569 -13.00 42.19 10.84
CA LEU P 569 -13.26 40.88 11.40
C LEU P 569 -11.99 40.07 11.32
N ALA P 570 -11.50 39.60 12.45
CA ALA P 570 -10.36 38.73 12.42
C ALA P 570 -10.56 37.56 13.37
N TYR P 571 -10.01 36.40 13.00
CA TYR P 571 -10.18 35.17 13.75
C TYR P 571 -9.03 34.22 13.43
N TYR P 572 -8.76 33.29 14.34
CA TYR P 572 -7.77 32.28 14.06
C TYR P 572 -8.45 31.21 13.21
N SER P 573 -7.71 30.68 12.24
CA SER P 573 -8.14 29.55 11.43
C SER P 573 -7.01 28.67 10.97
N LEU P 574 -7.15 27.35 11.19
CA LEU P 574 -6.19 26.36 10.72
C LEU P 574 -6.30 26.11 9.23
N ALA P 575 -7.17 26.85 8.56
CA ALA P 575 -7.62 26.48 7.22
C ALA P 575 -7.03 27.38 6.16
N GLY P 576 -6.65 28.59 6.56
CA GLY P 576 -6.16 29.59 5.63
C GLY P 576 -7.28 30.53 5.24
N GLN P 577 -7.01 31.45 4.31
CA GLN P 577 -8.02 32.43 3.93
C GLN P 577 -9.09 31.78 3.10
N ARG P 578 -10.35 32.14 3.37
CA ARG P 578 -11.51 31.55 2.71
C ARG P 578 -11.53 31.83 1.22
N THR P 579 -11.92 30.83 0.45
CA THR P 579 -12.17 31.00 -0.98
C THR P 579 -13.40 31.83 -1.35
N ASP P 580 -14.46 31.72 -0.56
CA ASP P 580 -15.78 32.22 -0.91
C ASP P 580 -16.14 33.69 -0.57
N CYS P 581 -15.16 34.58 -0.48
CA CYS P 581 -15.46 35.98 -0.18
C CYS P 581 -16.28 36.66 -1.25
N PRO P 582 -17.24 37.50 -0.83
CA PRO P 582 -17.95 38.37 -1.76
C PRO P 582 -16.99 39.40 -2.33
N THR P 583 -17.50 40.27 -3.17
CA THR P 583 -16.73 41.41 -3.66
C THR P 583 -16.65 42.53 -2.62
N THR P 584 -17.72 42.71 -1.86
CA THR P 584 -17.69 43.68 -0.76
C THR P 584 -16.68 43.42 0.37
N VAL P 585 -16.03 42.25 0.40
CA VAL P 585 -15.20 41.93 1.54
C VAL P 585 -13.74 41.75 1.16
N ARG P 586 -12.85 42.49 1.82
CA ARG P 586 -11.45 42.49 1.43
C ARG P 586 -10.58 41.72 2.43
N VAL P 587 -9.65 40.90 1.93
CA VAL P 587 -8.78 40.13 2.83
C VAL P 587 -7.40 40.77 2.88
N LEU P 588 -7.01 41.27 4.05
CA LEU P 588 -5.67 41.88 4.20
C LEU P 588 -4.49 40.88 4.17
N LYS P 589 -3.48 41.17 3.34
CA LYS P 589 -2.34 40.26 3.15
C LYS P 589 -0.99 40.97 3.02
N GLU P 590 -0.46 41.45 4.13
CA GLU P 590 0.85 42.11 4.14
C GLU P 590 0.92 43.26 3.12
N PRO P 591 2.12 43.64 2.65
CA PRO P 591 2.13 44.64 1.57
C PRO P 591 1.33 44.21 0.34
N ILE P 592 0.44 45.10 -0.09
CA ILE P 592 -0.39 44.85 -1.27
C ILE P 592 0.48 44.84 -2.53
N GLU Q 1 -21.63 59.13 13.36
CA GLU Q 1 -23.02 58.98 13.79
C GLU Q 1 -23.48 57.53 13.80
N LEU Q 2 -23.03 56.74 14.78
CA LEU Q 2 -23.42 55.33 14.80
C LEU Q 2 -24.74 55.11 15.54
N PRO Q 3 -25.77 54.69 14.78
CA PRO Q 3 -27.11 54.56 15.34
C PRO Q 3 -27.23 53.21 16.03
N ILE Q 4 -28.01 53.13 17.09
CA ILE Q 4 -28.24 51.85 17.75
C ILE Q 4 -28.98 50.93 16.77
N ALA Q 5 -28.29 49.90 16.29
CA ALA Q 5 -28.88 48.96 15.34
C ALA Q 5 -29.94 48.11 16.01
N ARG Q 6 -31.06 47.98 15.35
CA ARG Q 6 -32.17 47.23 15.88
C ARG Q 6 -32.02 45.74 15.57
N ARG Q 7 -32.19 44.91 16.59
CA ARG Q 7 -32.23 43.47 16.39
C ARG Q 7 -33.32 43.15 15.37
N ALA Q 8 -32.95 42.45 14.30
CA ALA Q 8 -33.83 42.28 13.14
C ALA Q 8 -35.22 41.70 13.43
N SER Q 9 -35.32 40.79 14.41
CA SER Q 9 -36.62 40.20 14.74
C SER Q 9 -37.60 41.23 15.30
N LEU Q 10 -37.09 42.24 16.01
CA LEU Q 10 -37.91 43.33 16.52
C LEU Q 10 -38.17 44.39 15.47
N HIS Q 11 -37.16 44.72 14.69
CA HIS Q 11 -37.39 45.61 13.56
C HIS Q 11 -38.62 45.16 12.76
N ARG Q 12 -38.66 43.88 12.41
CA ARG Q 12 -39.73 43.33 11.58
C ARG Q 12 -41.07 43.55 12.28
N PHE Q 13 -41.05 43.35 13.61
CA PHE Q 13 -42.26 43.40 14.41
C PHE Q 13 -42.76 44.82 14.56
N LEU Q 14 -41.83 45.74 14.81
CA LEU Q 14 -42.20 47.11 15.07
C LEU Q 14 -42.90 47.73 13.87
N GLU Q 15 -42.61 47.20 12.68
CA GLU Q 15 -43.30 47.62 11.47
C GLU Q 15 -44.68 46.99 11.34
N LYS Q 16 -44.76 45.68 11.53
CA LYS Q 16 -46.05 44.99 11.57
C LYS Q 16 -46.97 45.67 12.58
N ARG Q 17 -46.37 46.17 13.66
CA ARG Q 17 -47.13 46.84 14.73
C ARG Q 17 -47.92 48.04 14.21
N LYS Q 18 -47.23 48.95 13.53
CA LYS Q 18 -47.90 50.09 12.93
C LYS Q 18 -48.69 49.70 11.66
N LYS R 5 49.90 48.50 -16.10
CA LYS R 5 51.25 48.30 -15.59
C LYS R 5 51.27 48.01 -14.09
N ILE R 6 52.03 46.99 -13.68
CA ILE R 6 52.12 46.56 -12.26
C ILE R 6 53.56 46.58 -11.70
N VAL R 7 53.67 46.72 -10.39
CA VAL R 7 54.97 46.76 -9.70
C VAL R 7 55.27 45.49 -8.89
N LEU R 8 56.41 44.86 -9.16
CA LEU R 8 56.85 43.65 -8.45
C LEU R 8 58.13 43.91 -7.65
N LYS R 9 58.04 43.81 -6.33
CA LYS R 9 59.19 44.09 -5.50
C LYS R 9 59.98 42.83 -5.16
N SER R 10 61.20 42.75 -5.70
CA SER R 10 62.07 41.58 -5.59
C SER R 10 62.65 41.33 -4.18
N SER R 11 63.36 40.22 -4.03
CA SER R 11 63.82 39.76 -2.71
C SER R 11 65.02 40.52 -2.17
N ASP R 12 65.29 41.68 -2.74
CA ASP R 12 66.36 42.54 -2.25
C ASP R 12 65.98 44.00 -2.47
N GLY R 13 64.69 44.30 -2.32
CA GLY R 13 64.13 45.61 -2.61
C GLY R 13 64.50 46.07 -4.00
N GLU R 14 63.61 45.89 -4.98
CA GLU R 14 63.96 46.16 -6.36
C GLU R 14 62.72 46.27 -7.22
N SER R 15 62.06 47.43 -7.19
CA SER R 15 60.86 47.60 -7.99
C SER R 15 61.06 47.19 -9.45
N PHE R 16 60.05 46.55 -10.03
CA PHE R 16 60.07 46.14 -11.43
C PHE R 16 58.81 46.59 -12.16
N GLU R 17 59.00 47.47 -13.14
CA GLU R 17 57.90 47.98 -13.95
C GLU R 17 57.52 46.94 -15.02
N VAL R 18 56.35 46.32 -14.89
CA VAL R 18 55.91 45.33 -15.87
C VAL R 18 54.46 45.53 -16.32
N GLU R 19 54.16 45.10 -17.54
CA GLU R 19 52.84 45.30 -18.13
C GLU R 19 51.78 44.44 -17.46
N GLU R 20 50.53 44.84 -17.66
CA GLU R 20 49.39 44.12 -17.12
C GLU R 20 49.47 42.62 -17.44
N ALA R 21 49.35 42.29 -18.72
CA ALA R 21 49.23 40.89 -19.19
C ALA R 21 50.50 40.05 -18.99
N VAL R 22 51.63 40.74 -18.81
CA VAL R 22 52.90 40.06 -18.57
C VAL R 22 52.95 39.48 -17.16
N ALA R 23 52.55 40.28 -16.16
CA ALA R 23 52.56 39.81 -14.78
C ALA R 23 51.46 38.76 -14.52
N LEU R 24 50.49 38.68 -15.42
CA LEU R 24 49.36 37.77 -15.23
C LEU R 24 49.67 36.35 -15.70
N GLU R 25 50.84 36.15 -16.29
CA GLU R 25 51.27 34.79 -16.62
C GLU R 25 51.39 33.97 -15.33
N SER R 26 51.79 34.65 -14.25
CA SER R 26 51.87 34.01 -12.95
C SER R 26 50.51 33.99 -12.27
N GLN R 27 49.93 32.80 -12.15
CA GLN R 27 48.69 32.64 -11.42
C GLN R 27 48.85 32.93 -9.94
N THR R 28 50.07 33.24 -9.51
CA THR R 28 50.31 33.67 -8.13
C THR R 28 50.09 35.17 -8.01
N ILE R 29 50.47 35.90 -9.05
CA ILE R 29 50.23 37.33 -9.09
C ILE R 29 48.82 37.64 -9.58
N ALA R 30 48.22 36.68 -10.30
CA ALA R 30 46.82 36.79 -10.71
C ALA R 30 45.88 36.69 -9.51
N HIS R 31 46.00 35.61 -8.72
CA HIS R 31 45.17 35.41 -7.53
C HIS R 31 45.53 36.40 -6.41
N MET R 32 46.29 37.44 -6.78
CA MET R 32 46.75 38.46 -5.85
C MET R 32 46.34 39.86 -6.31
N VAL R 33 45.53 39.90 -7.37
CA VAL R 33 44.86 41.15 -7.76
C VAL R 33 43.38 41.08 -7.35
N GLU R 34 43.05 40.07 -6.54
CA GLU R 34 41.72 39.94 -5.96
C GLU R 34 41.74 40.67 -4.62
N ASP R 35 42.39 40.04 -3.65
CA ASP R 35 42.75 40.70 -2.39
C ASP R 35 43.87 41.72 -2.64
N ASP R 36 43.73 42.47 -3.74
CA ASP R 36 44.78 43.34 -4.27
C ASP R 36 45.69 44.05 -3.28
N CYS R 37 46.80 43.38 -2.92
CA CYS R 37 47.86 44.00 -2.15
C CYS R 37 48.64 44.93 -3.08
N VAL R 38 48.17 45.02 -4.32
CA VAL R 38 48.88 45.74 -5.38
C VAL R 38 49.06 47.22 -5.04
N ASP R 39 48.36 47.68 -4.00
CA ASP R 39 48.44 49.07 -3.55
C ASP R 39 49.89 49.48 -3.31
N ASN R 40 50.64 48.61 -2.65
CA ASN R 40 52.04 48.85 -2.36
C ASN R 40 52.94 48.02 -3.26
N GLY R 41 52.42 47.61 -4.41
CA GLY R 41 53.11 46.71 -5.33
C GLY R 41 53.17 45.30 -4.76
N VAL R 42 53.09 44.30 -5.65
CA VAL R 42 53.13 42.90 -5.22
C VAL R 42 54.51 42.48 -4.68
N PRO R 43 54.57 42.16 -3.38
CA PRO R 43 55.83 41.80 -2.70
C PRO R 43 56.14 40.33 -2.84
N LEU R 44 57.28 39.99 -3.43
CA LEU R 44 57.67 38.59 -3.51
C LEU R 44 59.15 38.39 -3.21
N PRO R 45 59.45 38.18 -1.91
CA PRO R 45 60.80 38.15 -1.34
C PRO R 45 61.48 36.80 -1.41
N ASN R 46 61.03 35.93 -2.32
CA ASN R 46 61.65 34.62 -2.46
C ASN R 46 62.26 34.47 -3.84
N VAL R 47 62.27 35.59 -4.57
CA VAL R 47 62.89 35.64 -5.87
C VAL R 47 64.06 36.60 -5.86
N THR R 48 65.23 36.05 -6.18
CA THR R 48 66.43 36.84 -6.41
C THR R 48 66.07 37.83 -7.52
N SER R 49 66.59 39.06 -7.43
CA SER R 49 66.24 40.07 -8.42
C SER R 49 66.80 39.72 -9.80
N LYS R 50 68.03 39.23 -9.80
CA LYS R 50 68.66 38.71 -11.01
C LYS R 50 67.76 37.71 -11.74
N ILE R 51 67.06 36.88 -10.95
CA ILE R 51 66.24 35.80 -11.46
C ILE R 51 64.91 36.31 -11.96
N LEU R 52 64.22 37.07 -11.11
CA LEU R 52 62.95 37.69 -11.47
C LEU R 52 63.07 38.40 -12.83
N ALA R 53 64.22 39.04 -13.05
CA ALA R 53 64.54 39.65 -14.34
C ALA R 53 64.40 38.63 -15.46
N LYS R 54 65.11 37.52 -15.31
CA LYS R 54 65.07 36.47 -16.33
C LYS R 54 63.65 35.96 -16.54
N VAL R 55 62.88 35.91 -15.46
CA VAL R 55 61.50 35.39 -15.51
C VAL R 55 60.61 36.30 -16.37
N ILE R 56 60.69 37.61 -16.11
CA ILE R 56 59.89 38.59 -16.83
C ILE R 56 60.25 38.57 -18.32
N GLU R 57 61.55 38.40 -18.61
CA GLU R 57 62.00 38.29 -20.00
C GLU R 57 61.27 37.17 -20.76
N TYR R 58 61.07 36.04 -20.09
CA TYR R 58 60.38 34.89 -20.67
C TYR R 58 58.91 35.20 -20.92
N CYS R 59 58.24 35.71 -19.91
CA CYS R 59 56.83 36.03 -20.02
C CYS R 59 56.62 37.11 -21.09
N LYS R 60 57.49 38.10 -21.11
CA LYS R 60 57.43 39.16 -22.11
C LYS R 60 57.28 38.53 -23.48
N ARG R 61 58.26 37.71 -23.85
CA ARG R 61 58.29 37.13 -25.19
C ARG R 61 57.10 36.20 -25.52
N HIS R 62 56.63 35.46 -24.52
CA HIS R 62 55.55 34.50 -24.74
C HIS R 62 54.19 35.17 -24.96
N VAL R 63 53.96 36.25 -24.23
CA VAL R 63 52.74 37.04 -24.39
C VAL R 63 52.68 37.63 -25.82
N GLU R 64 53.83 37.97 -26.36
CA GLU R 64 53.95 38.40 -27.76
C GLU R 64 53.79 37.21 -28.70
N ALA R 65 52.84 36.33 -28.38
CA ALA R 65 52.35 35.32 -29.31
C ALA R 65 50.92 35.67 -29.71
N ALA R 66 50.56 36.94 -29.50
CA ALA R 66 49.33 37.52 -30.04
C ALA R 66 49.45 37.55 -31.57
N ALA R 67 50.49 38.25 -32.04
CA ALA R 67 50.97 38.01 -33.40
C ALA R 67 51.44 36.56 -33.38
N ASP R 80 54.97 29.86 -34.00
CA ASP R 80 55.41 28.74 -33.14
C ASP R 80 56.80 28.26 -33.51
N ASP R 81 57.15 28.42 -34.78
CA ASP R 81 58.41 27.92 -35.29
C ASP R 81 59.60 28.59 -34.59
N ASP R 82 59.50 29.91 -34.42
CA ASP R 82 60.60 30.71 -33.88
C ASP R 82 60.60 30.78 -32.36
N LEU R 83 59.61 30.15 -31.73
CA LEU R 83 59.52 30.14 -30.27
C LEU R 83 60.38 29.04 -29.62
N LYS R 84 60.21 27.80 -30.08
CA LYS R 84 61.10 26.73 -29.61
C LYS R 84 62.56 27.14 -29.86
N ALA R 85 62.75 28.05 -30.82
CA ALA R 85 64.04 28.67 -31.11
C ALA R 85 64.54 29.52 -29.95
N TRP R 86 63.83 30.60 -29.64
CA TRP R 86 64.18 31.49 -28.53
C TRP R 86 64.26 30.71 -27.24
N ASP R 87 63.29 29.81 -27.06
CA ASP R 87 63.23 28.97 -25.87
C ASP R 87 64.54 28.17 -25.67
N ALA R 88 64.91 27.39 -26.67
CA ALA R 88 66.18 26.66 -26.64
C ALA R 88 67.37 27.57 -26.29
N ASP R 89 67.40 28.75 -26.92
CA ASP R 89 68.48 29.69 -26.69
C ASP R 89 68.38 30.33 -25.30
N PHE R 90 67.17 30.44 -24.79
CA PHE R 90 66.95 31.04 -23.48
C PHE R 90 67.51 30.13 -22.39
N MET R 91 67.59 28.83 -22.70
CA MET R 91 67.95 27.82 -21.72
C MET R 91 69.47 27.55 -21.63
N LYS R 92 70.23 28.11 -22.55
CA LYS R 92 71.70 28.02 -22.47
C LYS R 92 72.20 28.81 -21.25
N ILE R 93 71.94 28.30 -20.06
CA ILE R 93 72.38 28.91 -18.81
C ILE R 93 73.02 27.82 -17.97
N ASP R 94 73.68 28.23 -16.88
CA ASP R 94 74.32 27.24 -16.00
C ASP R 94 73.29 26.51 -15.14
N GLN R 95 73.68 25.35 -14.63
CA GLN R 95 72.77 24.57 -13.81
C GLN R 95 72.19 25.38 -12.67
N ALA R 96 73.05 25.87 -11.79
CA ALA R 96 72.60 26.61 -10.62
C ALA R 96 71.51 27.65 -10.97
N THR R 97 71.66 28.31 -12.11
CA THR R 97 70.67 29.30 -12.53
C THR R 97 69.38 28.61 -13.00
N LEU R 98 69.55 27.57 -13.81
CA LEU R 98 68.42 26.76 -14.25
C LEU R 98 67.51 26.34 -13.08
N PHE R 99 68.12 25.77 -12.04
CA PHE R 99 67.36 25.34 -10.89
C PHE R 99 66.60 26.50 -10.24
N GLU R 100 67.30 27.62 -10.07
CA GLU R 100 66.70 28.78 -9.42
C GLU R 100 65.47 29.25 -10.20
N LEU R 101 65.42 28.86 -11.47
CA LEU R 101 64.31 29.26 -12.34
C LEU R 101 63.09 28.38 -12.12
N ILE R 102 63.35 27.10 -12.03
CA ILE R 102 62.27 26.16 -11.73
C ILE R 102 61.64 26.56 -10.41
N LEU R 103 62.45 26.62 -9.36
CA LEU R 103 61.97 27.09 -8.07
C LEU R 103 61.13 28.35 -8.20
N ALA R 104 61.52 29.24 -9.12
CA ALA R 104 60.85 30.54 -9.31
C ALA R 104 59.50 30.35 -9.98
N ALA R 105 59.48 29.57 -11.06
CA ALA R 105 58.21 29.30 -11.75
C ALA R 105 57.17 28.64 -10.83
N ASN R 106 57.65 27.78 -9.93
CA ASN R 106 56.79 27.12 -8.96
C ASN R 106 56.33 28.05 -7.81
N TYR R 107 57.12 29.08 -7.52
CA TYR R 107 56.80 30.07 -6.49
C TYR R 107 55.78 31.07 -7.00
N LEU R 108 55.98 31.49 -8.24
CA LEU R 108 54.90 32.12 -8.99
C LEU R 108 54.08 30.96 -9.50
N ASN R 109 53.30 31.11 -10.55
CA ASN R 109 52.64 29.91 -11.05
C ASN R 109 52.58 29.84 -12.57
N ILE R 110 53.77 29.79 -13.15
CA ILE R 110 53.88 29.85 -14.59
C ILE R 110 54.04 28.45 -15.16
N LYS R 111 52.91 27.86 -15.55
CA LYS R 111 52.91 26.47 -16.00
C LYS R 111 53.72 26.27 -17.28
N ASN R 112 53.66 27.23 -18.20
CA ASN R 112 54.45 27.15 -19.41
C ASN R 112 55.97 27.23 -19.13
N LEU R 113 56.33 27.90 -18.03
CA LEU R 113 57.74 28.06 -17.73
C LEU R 113 58.22 26.72 -17.23
N LEU R 114 57.48 25.72 -17.72
CA LEU R 114 57.58 24.45 -17.09
C LEU R 114 57.64 23.29 -18.06
N ASP R 115 56.60 23.11 -18.86
CA ASP R 115 56.61 22.03 -19.85
C ASP R 115 57.85 22.15 -20.75
N LEU R 116 58.57 23.26 -20.62
CA LEU R 116 59.80 23.45 -21.40
C LEU R 116 61.08 23.32 -20.57
N THR R 117 61.14 23.97 -19.42
CA THR R 117 62.34 23.86 -18.59
C THR R 117 62.56 22.45 -18.03
N CYS R 118 61.55 21.93 -17.36
CA CYS R 118 61.60 20.56 -16.86
C CYS R 118 61.92 19.56 -17.98
N GLN R 119 61.21 19.65 -19.11
CA GLN R 119 61.46 18.76 -20.25
C GLN R 119 62.90 18.90 -20.75
N THR R 120 63.50 20.06 -20.51
CA THR R 120 64.90 20.34 -20.89
C THR R 120 65.87 19.56 -19.99
N VAL R 121 65.61 19.60 -18.69
CA VAL R 121 66.34 18.79 -17.73
C VAL R 121 66.11 17.30 -17.97
N ALA R 122 64.86 16.93 -18.19
CA ALA R 122 64.54 15.55 -18.44
C ALA R 122 65.31 15.06 -19.65
N ASP R 123 65.50 15.93 -20.64
CA ASP R 123 66.20 15.54 -21.87
C ASP R 123 67.66 15.22 -21.62
N MET R 124 68.23 15.84 -20.57
CA MET R 124 69.62 15.62 -20.13
C MET R 124 69.81 14.24 -19.52
N ILE R 125 68.77 13.73 -18.87
CA ILE R 125 68.77 12.38 -18.33
C ILE R 125 68.52 11.34 -19.43
N LYS R 126 67.44 11.55 -20.19
CA LYS R 126 66.97 10.59 -21.19
C LYS R 126 68.11 10.03 -22.04
N GLY R 127 68.58 8.82 -21.69
CA GLY R 127 69.60 8.15 -22.47
C GLY R 127 70.82 7.80 -21.64
N LYS R 128 71.01 8.54 -20.55
CA LYS R 128 72.20 8.33 -19.72
C LYS R 128 72.04 7.14 -18.80
N THR R 129 73.15 6.64 -18.29
CA THR R 129 73.13 5.57 -17.32
C THR R 129 73.25 6.20 -15.95
N PRO R 130 72.99 5.42 -14.89
CA PRO R 130 73.01 5.98 -13.52
C PRO R 130 74.32 6.69 -13.18
N GLU R 131 75.44 6.15 -13.67
CA GLU R 131 76.71 6.81 -13.45
C GLU R 131 76.80 8.10 -14.27
N GLU R 132 76.68 7.96 -15.59
CA GLU R 132 76.63 9.11 -16.49
C GLU R 132 75.72 10.25 -15.97
N ILE R 133 74.65 9.87 -15.28
CA ILE R 133 73.76 10.84 -14.66
C ILE R 133 74.48 11.60 -13.54
N ARG R 134 74.78 10.92 -12.45
CA ARG R 134 75.28 11.63 -11.28
C ARG R 134 76.63 12.25 -11.54
N THR R 135 77.23 11.85 -12.67
CA THR R 135 78.41 12.53 -13.21
C THR R 135 78.01 13.93 -13.69
N THR R 136 77.10 13.98 -14.66
CA THR R 136 76.70 15.24 -15.27
C THR R 136 75.73 16.01 -14.40
N PHE R 137 75.78 15.82 -13.09
CA PHE R 137 74.95 16.57 -12.12
C PHE R 137 75.68 16.68 -10.81
N ASN R 138 76.79 15.96 -10.74
CA ASN R 138 77.60 15.89 -9.54
C ASN R 138 76.73 15.48 -8.36
N ILE R 139 76.36 14.21 -8.35
CA ILE R 139 75.58 13.66 -7.23
C ILE R 139 76.24 12.45 -6.64
N LYS R 140 76.45 12.50 -5.33
CA LYS R 140 77.10 11.38 -4.65
C LYS R 140 76.13 10.21 -4.50
N ASN R 141 76.53 9.05 -5.03
CA ASN R 141 75.82 7.79 -4.86
C ASN R 141 75.89 7.21 -3.42
N ASP R 142 74.81 7.38 -2.67
CA ASP R 142 74.71 6.95 -1.26
C ASP R 142 73.98 5.60 -1.05
N PHE R 143 73.97 4.78 -2.09
CA PHE R 143 73.37 3.44 -2.01
C PHE R 143 74.32 2.45 -1.35
N THR R 144 73.91 1.85 -0.22
CA THR R 144 74.65 0.66 0.24
C THR R 144 74.61 -0.41 -0.88
N PRO R 145 75.65 -1.28 -0.93
CA PRO R 145 75.73 -2.18 -2.11
C PRO R 145 74.55 -3.16 -2.21
N GLU R 146 73.97 -3.52 -1.06
CA GLU R 146 72.76 -4.36 -0.99
C GLU R 146 71.59 -3.62 -1.60
N GLU R 147 71.38 -2.38 -1.13
CA GLU R 147 70.32 -1.56 -1.66
C GLU R 147 70.43 -1.52 -3.18
N GLU R 148 71.55 -1.00 -3.68
CA GLU R 148 71.77 -0.89 -5.12
C GLU R 148 71.41 -2.20 -5.82
N GLU R 149 71.80 -3.31 -5.19
CA GLU R 149 71.65 -4.63 -5.81
C GLU R 149 70.17 -5.01 -5.88
N GLU R 150 69.49 -4.86 -4.75
CA GLU R 150 68.06 -5.10 -4.73
C GLU R 150 67.35 -4.25 -5.77
N VAL R 151 67.58 -2.93 -5.74
CA VAL R 151 66.94 -2.07 -6.73
C VAL R 151 67.21 -2.53 -8.16
N ARG R 152 68.50 -2.82 -8.43
CA ARG R 152 68.91 -3.28 -9.74
C ARG R 152 68.17 -4.59 -10.08
N ARG R 153 68.18 -5.53 -9.12
CA ARG R 153 67.43 -6.79 -9.28
C ARG R 153 65.94 -6.56 -9.64
N GLU R 154 65.25 -5.82 -8.76
CA GLU R 154 63.86 -5.48 -8.98
C GLU R 154 63.73 -4.94 -10.38
N ASN R 155 64.59 -3.99 -10.73
CA ASN R 155 64.51 -3.33 -12.02
C ASN R 155 64.65 -4.23 -13.25
N GLN R 156 65.46 -5.28 -13.13
CA GLN R 156 65.80 -6.05 -14.35
C GLN R 156 65.18 -7.43 -14.41
N TRP R 157 64.73 -7.88 -13.25
CA TRP R 157 64.08 -9.19 -13.12
C TRP R 157 62.54 -9.15 -13.01
N ALA R 158 62.01 -8.18 -12.27
CA ALA R 158 60.58 -8.14 -11.99
C ALA R 158 59.76 -7.02 -12.70
N PHE R 159 60.13 -5.76 -12.43
CA PHE R 159 59.30 -4.60 -12.83
C PHE R 159 59.75 -3.81 -14.06
N GLU R 160 59.07 -4.06 -15.18
CA GLU R 160 59.10 -3.17 -16.38
C GLU R 160 59.47 -3.84 -17.72
N SER S 12 68.75 32.64 -0.17
CA SER S 12 69.05 32.27 -1.55
C SER S 12 70.47 31.69 -1.69
N CYS S 13 70.54 30.36 -1.80
CA CYS S 13 71.78 29.66 -2.08
C CYS S 13 71.68 29.11 -3.50
N VAL S 14 72.82 28.73 -4.08
CA VAL S 14 72.82 28.19 -5.44
C VAL S 14 71.76 27.08 -5.55
N ALA S 15 70.98 27.10 -6.61
CA ALA S 15 69.94 26.08 -6.77
C ALA S 15 70.51 24.79 -7.33
N THR S 16 70.28 23.67 -6.61
CA THR S 16 70.73 22.33 -7.01
C THR S 16 69.68 21.59 -7.83
N VAL S 17 70.05 20.41 -8.36
CA VAL S 17 69.08 19.55 -9.03
C VAL S 17 68.10 19.11 -7.99
N ASP S 18 68.64 18.81 -6.81
CA ASP S 18 67.81 18.39 -5.69
C ASP S 18 66.64 19.32 -5.35
N ASP S 19 66.65 20.53 -5.88
CA ASP S 19 65.61 21.50 -5.57
C ASP S 19 64.56 21.51 -6.64
N VAL S 20 64.57 20.48 -7.48
CA VAL S 20 63.84 20.59 -8.73
C VAL S 20 63.46 19.22 -9.30
N ILE S 21 63.96 18.17 -8.66
CA ILE S 21 63.89 16.84 -9.23
C ILE S 21 62.48 16.26 -9.14
N GLU S 22 61.85 16.48 -7.98
CA GLU S 22 60.47 16.04 -7.76
C GLU S 22 59.59 16.43 -8.96
N GLN S 23 59.88 17.60 -9.53
CA GLN S 23 59.12 18.14 -10.64
C GLN S 23 59.49 17.50 -11.98
N VAL S 24 60.80 17.42 -12.23
CA VAL S 24 61.31 16.95 -13.51
C VAL S 24 60.90 15.51 -13.75
N MET S 25 61.00 14.73 -12.68
CA MET S 25 60.83 13.28 -12.76
C MET S 25 59.58 12.92 -13.53
N THR S 26 58.54 13.70 -13.28
CA THR S 26 57.25 13.44 -13.89
C THR S 26 57.23 13.80 -15.38
N TYR S 27 58.40 14.14 -15.95
CA TYR S 27 58.50 14.37 -17.40
C TYR S 27 59.31 13.29 -18.09
N ILE S 28 59.80 12.37 -17.26
CA ILE S 28 60.45 11.17 -17.77
C ILE S 28 59.41 10.06 -17.89
N THR S 29 59.15 9.67 -19.13
CA THR S 29 58.08 8.76 -19.41
C THR S 29 58.67 7.37 -19.69
N ASP S 30 59.82 7.34 -20.37
CA ASP S 30 60.45 6.09 -20.75
C ASP S 30 60.77 5.18 -19.54
N PRO S 31 60.21 3.96 -19.55
CA PRO S 31 60.41 2.97 -18.49
C PRO S 31 61.87 2.64 -18.27
N LYS S 32 62.70 2.86 -19.29
CA LYS S 32 64.12 2.48 -19.22
C LYS S 32 64.91 3.62 -18.61
N ASP S 33 64.29 4.80 -18.57
CA ASP S 33 64.97 5.98 -18.03
C ASP S 33 64.62 6.13 -16.56
N ARG S 34 63.37 5.78 -16.24
CA ARG S 34 62.98 5.67 -14.84
C ARG S 34 63.90 4.66 -14.19
N ASP S 35 64.13 3.55 -14.91
CA ASP S 35 64.98 2.46 -14.43
C ASP S 35 66.31 3.04 -13.97
N SER S 36 66.94 3.82 -14.85
CA SER S 36 68.25 4.44 -14.54
C SER S 36 68.11 5.43 -13.37
N ALA S 37 67.19 6.37 -13.57
CA ALA S 37 66.95 7.46 -12.63
C ALA S 37 66.78 6.94 -11.21
N SER S 38 66.16 5.78 -11.07
CA SER S 38 65.87 5.20 -9.76
C SER S 38 67.17 4.80 -9.07
N LEU S 39 68.25 4.81 -9.84
CA LEU S 39 69.49 4.22 -9.39
C LEU S 39 70.61 5.24 -9.13
N VAL S 40 70.31 6.53 -9.34
CA VAL S 40 71.35 7.54 -9.16
C VAL S 40 71.66 7.81 -7.69
N CYS S 41 70.70 7.58 -6.83
CA CYS S 41 70.91 7.78 -5.39
C CYS S 41 69.60 7.53 -4.64
N ARG S 42 69.67 7.50 -3.31
CA ARG S 42 68.49 7.23 -2.49
C ARG S 42 67.29 8.16 -2.69
N ARG S 43 67.54 9.45 -2.88
CA ARG S 43 66.44 10.38 -3.00
C ARG S 43 65.70 10.22 -4.31
N TRP S 44 66.46 10.21 -5.39
CA TRP S 44 65.90 9.96 -6.72
C TRP S 44 65.10 8.66 -6.75
N PHE S 45 65.65 7.62 -6.13
CA PHE S 45 64.95 6.36 -6.00
C PHE S 45 63.57 6.52 -5.38
N LYS S 46 63.52 7.19 -4.22
CA LYS S 46 62.25 7.44 -3.54
C LYS S 46 61.29 8.27 -4.40
N ILE S 47 61.80 9.26 -5.10
CA ILE S 47 60.91 10.07 -5.90
C ILE S 47 60.31 9.29 -7.08
N ASP S 48 61.11 8.42 -7.69
CA ASP S 48 60.61 7.63 -8.81
C ASP S 48 59.54 6.74 -8.23
N SER S 49 59.87 6.14 -7.09
CA SER S 49 58.96 5.23 -6.38
C SER S 49 57.57 5.82 -6.16
N GLU S 50 57.51 7.06 -5.73
CA GLU S 50 56.21 7.66 -5.41
C GLU S 50 55.55 8.28 -6.61
N THR S 51 56.20 8.26 -7.77
CA THR S 51 55.64 8.94 -8.92
C THR S 51 55.36 8.00 -10.07
N ARG S 52 55.92 6.80 -10.00
CA ARG S 52 55.78 5.83 -11.10
C ARG S 52 54.30 5.52 -11.28
N GLU S 53 53.80 5.63 -12.49
CA GLU S 53 52.38 5.45 -12.69
C GLU S 53 52.06 4.07 -13.26
N HIS S 54 52.88 3.57 -14.19
CA HIS S 54 52.64 2.27 -14.82
C HIS S 54 53.80 1.27 -14.68
N VAL S 55 53.46 0.05 -14.28
CA VAL S 55 54.40 -1.03 -14.21
C VAL S 55 53.90 -2.25 -14.94
N THR S 56 54.81 -3.03 -15.52
CA THR S 56 54.41 -4.27 -16.16
C THR S 56 55.25 -5.40 -15.65
N MET S 57 54.63 -6.45 -15.14
CA MET S 57 55.40 -7.66 -14.85
C MET S 57 55.27 -8.74 -15.97
N ALA S 58 56.38 -9.06 -16.62
CA ALA S 58 56.28 -10.02 -17.70
C ALA S 58 56.01 -11.42 -17.13
N LEU S 59 56.34 -11.63 -15.87
CA LEU S 59 56.06 -12.90 -15.23
C LEU S 59 55.69 -12.62 -13.78
N CYS S 60 54.43 -12.89 -13.42
CA CYS S 60 53.92 -12.57 -12.10
C CYS S 60 54.69 -13.32 -11.00
N TYR S 61 55.30 -14.44 -11.34
CA TYR S 61 55.96 -15.25 -10.31
C TYR S 61 57.33 -14.74 -9.99
N THR S 62 57.66 -13.62 -10.65
CA THR S 62 58.98 -12.98 -10.55
C THR S 62 59.20 -12.20 -9.24
N ALA S 63 58.09 -11.76 -8.62
CA ALA S 63 58.13 -11.03 -7.35
C ALA S 63 56.82 -11.19 -6.59
N THR S 64 56.89 -10.98 -5.27
CA THR S 64 55.70 -10.91 -4.40
C THR S 64 54.85 -9.66 -4.65
N PRO S 65 53.53 -9.77 -4.49
CA PRO S 65 52.75 -8.54 -4.66
C PRO S 65 53.09 -7.54 -3.55
N ASP S 66 53.49 -8.07 -2.40
CA ASP S 66 53.99 -7.16 -1.38
C ASP S 66 55.09 -6.25 -1.92
N ARG S 67 56.11 -6.89 -2.50
CA ARG S 67 57.29 -6.19 -3.02
C ARG S 67 56.92 -5.10 -4.02
N LEU S 68 55.90 -5.37 -4.84
CA LEU S 68 55.45 -4.43 -5.86
C LEU S 68 54.81 -3.18 -5.28
N SER S 69 53.89 -3.40 -4.33
CA SER S 69 53.18 -2.30 -3.68
C SER S 69 54.12 -1.47 -2.82
N ARG S 70 55.10 -2.13 -2.21
CA ARG S 70 56.12 -1.45 -1.41
C ARG S 70 56.97 -0.50 -2.27
N ARG S 71 57.35 -0.97 -3.46
CA ARG S 71 58.17 -0.18 -4.36
C ARG S 71 57.41 0.92 -5.10
N PHE S 72 56.18 0.62 -5.49
CA PHE S 72 55.41 1.58 -6.27
C PHE S 72 53.99 1.79 -5.74
N PRO S 73 53.87 2.38 -4.56
CA PRO S 73 52.62 2.62 -3.83
C PRO S 73 51.53 3.31 -4.65
N ASN S 74 51.90 4.10 -5.66
CA ASN S 74 50.91 4.96 -6.30
C ASN S 74 50.69 4.62 -7.74
N LEU S 75 50.84 3.36 -8.07
CA LEU S 75 50.54 2.92 -9.44
C LEU S 75 49.17 3.41 -9.85
N ARG S 76 49.03 3.72 -11.11
CA ARG S 76 47.76 4.08 -11.63
C ARG S 76 47.40 2.98 -12.60
N SER S 77 48.42 2.38 -13.21
CA SER S 77 48.19 1.30 -14.15
C SER S 77 49.08 0.09 -13.83
N LEU S 78 48.53 -1.12 -13.97
CA LEU S 78 49.28 -2.34 -13.77
C LEU S 78 49.06 -3.32 -14.93
N LYS S 79 50.03 -4.20 -15.17
CA LYS S 79 49.87 -5.22 -16.18
C LYS S 79 50.65 -6.42 -15.68
N LEU S 80 49.97 -7.56 -15.52
CA LEU S 80 50.64 -8.82 -15.15
C LEU S 80 50.47 -9.86 -16.25
N LYS S 81 51.55 -10.57 -16.55
CA LYS S 81 51.46 -11.73 -17.44
C LYS S 81 51.69 -13.00 -16.62
N GLY S 82 51.00 -14.08 -17.00
CA GLY S 82 51.18 -15.32 -16.26
C GLY S 82 51.82 -16.44 -17.07
N LYS S 83 50.97 -17.33 -17.55
CA LYS S 83 51.38 -18.49 -18.32
C LYS S 83 52.34 -18.03 -19.40
N PRO S 84 53.34 -18.86 -19.68
CA PRO S 84 54.31 -18.74 -20.75
C PRO S 84 53.61 -18.58 -22.09
N ARG S 85 54.33 -18.09 -23.07
CA ARG S 85 53.73 -17.81 -24.37
C ARG S 85 53.23 -19.08 -25.03
N ALA S 86 53.86 -20.20 -24.69
CA ALA S 86 53.52 -21.50 -25.27
C ALA S 86 52.05 -21.85 -25.05
N ALA S 87 51.49 -21.29 -23.97
CA ALA S 87 50.10 -21.53 -23.58
C ALA S 87 49.15 -21.10 -24.68
N MET S 88 49.56 -20.13 -25.51
CA MET S 88 48.73 -19.66 -26.63
C MET S 88 48.63 -20.71 -27.76
N PHE S 89 49.29 -21.85 -27.52
CA PHE S 89 49.35 -22.90 -28.52
C PHE S 89 49.01 -24.24 -27.93
N ASN S 90 48.24 -24.21 -26.84
CA ASN S 90 47.81 -25.45 -26.21
C ASN S 90 49.00 -26.35 -25.96
N LEU S 91 50.05 -25.76 -25.41
CA LEU S 91 51.21 -26.52 -25.01
C LEU S 91 51.38 -26.52 -23.51
N ILE S 92 50.77 -25.54 -22.84
CA ILE S 92 50.86 -25.45 -21.40
C ILE S 92 49.58 -25.96 -20.74
N PRO S 93 49.75 -26.77 -19.68
CA PRO S 93 48.66 -27.32 -18.85
C PRO S 93 47.77 -26.22 -18.35
N GLU S 94 46.49 -26.51 -18.25
CA GLU S 94 45.54 -25.48 -17.86
C GLU S 94 45.81 -25.00 -16.43
N ASN S 95 46.09 -25.94 -15.54
CA ASN S 95 46.24 -25.64 -14.13
C ASN S 95 47.63 -25.06 -13.78
N TRP S 96 48.40 -24.66 -14.80
CA TRP S 96 49.80 -24.36 -14.59
C TRP S 96 50.04 -23.31 -13.52
N GLY S 97 49.18 -22.32 -13.49
CA GLY S 97 49.34 -21.19 -12.58
C GLY S 97 49.13 -19.88 -13.31
N GLY S 98 49.32 -18.79 -12.57
CA GLY S 98 49.06 -17.47 -13.11
C GLY S 98 47.83 -16.92 -12.41
N TYR S 99 47.55 -17.50 -11.23
CA TYR S 99 46.44 -17.06 -10.41
C TYR S 99 46.59 -15.57 -10.02
N VAL S 100 45.49 -14.85 -10.08
CA VAL S 100 45.54 -13.42 -10.06
C VAL S 100 45.20 -12.93 -8.63
N THR S 101 44.68 -13.82 -7.79
CA THR S 101 44.03 -13.42 -6.54
C THR S 101 44.94 -12.64 -5.54
N PRO S 102 46.14 -13.14 -5.30
CA PRO S 102 47.07 -12.48 -4.37
C PRO S 102 47.33 -11.04 -4.83
N TRP S 103 47.30 -10.88 -6.16
CA TRP S 103 47.47 -9.58 -6.73
C TRP S 103 46.24 -8.71 -6.49
N VAL S 104 45.04 -9.25 -6.61
CA VAL S 104 43.93 -8.38 -6.32
C VAL S 104 43.76 -8.13 -4.82
N THR S 105 44.12 -9.08 -3.96
CA THR S 105 44.02 -8.69 -2.55
C THR S 105 45.05 -7.64 -2.21
N GLU S 106 46.15 -7.62 -2.96
CA GLU S 106 47.13 -6.53 -2.78
C GLU S 106 46.65 -5.18 -3.35
N ILE S 107 46.06 -5.19 -4.52
CA ILE S 107 45.47 -4.00 -5.08
C ILE S 107 44.36 -3.44 -4.18
N SER S 108 43.51 -4.33 -3.67
CA SER S 108 42.45 -3.98 -2.73
C SER S 108 43.01 -3.18 -1.54
N ASN S 109 44.20 -3.55 -1.10
CA ASN S 109 44.73 -3.04 0.15
C ASN S 109 45.75 -1.94 0.07
N ASN S 110 46.58 -1.93 -0.97
CA ASN S 110 47.76 -1.07 -0.96
C ASN S 110 47.94 -0.29 -2.24
N LEU S 111 47.25 -0.69 -3.31
CA LEU S 111 47.34 0.03 -4.56
C LEU S 111 46.10 0.89 -4.73
N ARG S 112 45.90 1.76 -3.74
CA ARG S 112 44.69 2.55 -3.63
C ARG S 112 44.54 3.60 -4.71
N GLN S 113 45.44 3.59 -5.69
CA GLN S 113 45.44 4.60 -6.72
C GLN S 113 45.11 4.03 -8.08
N LEU S 114 44.97 2.71 -8.12
CA LEU S 114 44.91 1.97 -9.38
C LEU S 114 43.66 2.30 -10.18
N LYS S 115 43.82 2.64 -11.45
CA LYS S 115 42.64 2.94 -12.23
C LYS S 115 42.56 2.00 -13.45
N SER S 116 43.62 1.21 -13.67
CA SER S 116 43.64 0.32 -14.84
C SER S 116 44.42 -0.98 -14.61
N VAL S 117 43.79 -2.10 -14.93
CA VAL S 117 44.39 -3.39 -14.71
C VAL S 117 44.33 -4.25 -15.96
N HIS S 118 45.48 -4.79 -16.33
CA HIS S 118 45.57 -5.67 -17.48
C HIS S 118 46.15 -7.02 -17.03
N PHE S 119 45.33 -8.07 -17.10
CA PHE S 119 45.81 -9.40 -16.86
C PHE S 119 46.00 -10.10 -18.19
N ARG S 120 47.12 -10.82 -18.34
CA ARG S 120 47.46 -11.47 -19.62
C ARG S 120 47.90 -12.91 -19.37
N ARG S 121 47.13 -13.83 -19.97
CA ARG S 121 47.35 -15.26 -19.79
C ARG S 121 47.33 -15.60 -18.32
N MET S 122 46.29 -15.16 -17.62
CA MET S 122 46.19 -15.48 -16.19
C MET S 122 44.92 -16.23 -15.79
N ILE S 123 44.89 -16.70 -14.54
CA ILE S 123 43.70 -17.37 -14.01
C ILE S 123 42.92 -16.36 -13.19
N VAL S 124 41.72 -15.99 -13.67
CA VAL S 124 40.89 -15.04 -12.96
C VAL S 124 39.55 -15.65 -12.49
N SER S 125 39.35 -15.70 -11.16
CA SER S 125 38.12 -16.27 -10.59
C SER S 125 36.97 -15.26 -10.40
N ASP S 126 35.72 -15.73 -10.37
CA ASP S 126 34.62 -14.82 -10.10
C ASP S 126 34.87 -14.08 -8.81
N LEU S 127 35.39 -14.78 -7.82
CA LEU S 127 35.59 -14.19 -6.53
C LEU S 127 36.59 -13.07 -6.65
N ASP S 128 37.74 -13.40 -7.21
CA ASP S 128 38.78 -12.38 -7.20
C ASP S 128 38.34 -11.20 -8.07
N LEU S 129 37.44 -11.40 -9.02
CA LEU S 129 37.02 -10.18 -9.70
C LEU S 129 35.82 -9.47 -9.11
N ASP S 130 35.00 -10.18 -8.35
CA ASP S 130 34.03 -9.49 -7.49
C ASP S 130 34.82 -8.59 -6.53
N ARG S 131 35.94 -9.12 -6.03
CA ARG S 131 36.75 -8.43 -5.03
C ARG S 131 37.35 -7.17 -5.58
N LEU S 132 37.84 -7.30 -6.82
CA LEU S 132 38.44 -6.19 -7.57
C LEU S 132 37.40 -5.10 -7.75
N ALA S 133 36.26 -5.46 -8.33
CA ALA S 133 35.18 -4.54 -8.57
C ALA S 133 34.79 -3.71 -7.34
N LYS S 134 34.48 -4.38 -6.25
CA LYS S 134 34.14 -3.65 -5.04
C LYS S 134 35.31 -2.79 -4.56
N ALA S 135 36.52 -3.37 -4.55
CA ALA S 135 37.68 -2.68 -4.00
C ALA S 135 38.01 -1.38 -4.74
N ARG S 136 37.73 -1.36 -6.03
CA ARG S 136 38.26 -0.32 -6.87
C ARG S 136 37.09 0.50 -7.41
N ALA S 137 35.93 -0.16 -7.51
CA ALA S 137 34.69 0.48 -7.94
C ALA S 137 34.81 1.55 -9.02
N ASP S 138 34.18 2.68 -8.77
CA ASP S 138 34.09 3.74 -9.76
C ASP S 138 35.44 4.16 -10.36
N ASP S 139 36.49 4.05 -9.58
CA ASP S 139 37.84 4.44 -9.99
C ASP S 139 38.44 3.57 -11.09
N LEU S 140 37.93 2.36 -11.27
CA LEU S 140 38.46 1.47 -12.31
C LEU S 140 38.02 1.93 -13.69
N GLU S 141 38.95 2.54 -14.42
CA GLU S 141 38.63 3.12 -15.72
C GLU S 141 38.78 2.08 -16.81
N THR S 142 39.79 1.21 -16.66
CA THR S 142 39.98 0.14 -17.63
C THR S 142 40.33 -1.24 -17.06
N LEU S 143 39.75 -2.26 -17.67
CA LEU S 143 40.00 -3.62 -17.23
C LEU S 143 40.25 -4.51 -18.46
N LYS S 144 41.42 -5.16 -18.50
CA LYS S 144 41.74 -6.03 -19.61
C LYS S 144 41.93 -7.47 -19.17
N LEU S 145 40.93 -8.32 -19.39
CA LEU S 145 41.10 -9.78 -19.20
C LEU S 145 41.59 -10.41 -20.52
N ASP S 146 42.91 -10.43 -20.67
CA ASP S 146 43.55 -10.76 -21.92
C ASP S 146 43.97 -12.24 -22.00
N LYS S 147 43.21 -13.04 -22.74
CA LYS S 147 43.51 -14.47 -22.82
C LYS S 147 43.58 -15.09 -21.41
N CYS S 148 42.63 -14.73 -20.55
CA CYS S 148 42.58 -15.40 -19.25
C CYS S 148 41.51 -16.48 -19.21
N SER S 149 41.44 -17.18 -18.09
CA SER S 149 40.44 -18.22 -17.90
C SER S 149 39.99 -18.26 -16.44
N GLY S 150 38.87 -18.94 -16.19
CA GLY S 150 38.52 -19.34 -14.83
C GLY S 150 37.49 -18.51 -14.12
N PHE S 151 36.78 -17.67 -14.87
CA PHE S 151 35.69 -16.84 -14.35
C PHE S 151 34.41 -17.09 -15.15
N THR S 152 33.36 -16.32 -14.84
CA THR S 152 32.08 -16.49 -15.49
C THR S 152 31.40 -15.13 -15.62
N THR S 153 30.23 -15.14 -16.26
CA THR S 153 29.43 -13.93 -16.41
C THR S 153 29.15 -13.26 -15.05
N ASP S 154 29.11 -14.02 -13.95
CA ASP S 154 28.86 -13.44 -12.63
C ASP S 154 29.93 -12.41 -12.32
N GLY S 155 31.17 -12.80 -12.54
CA GLY S 155 32.28 -11.86 -12.44
C GLY S 155 32.05 -10.63 -13.30
N LEU S 156 31.93 -10.83 -14.61
CA LEU S 156 31.59 -9.72 -15.48
C LEU S 156 30.53 -8.81 -14.86
N LEU S 157 29.36 -9.39 -14.53
CA LEU S 157 28.26 -8.63 -13.97
C LEU S 157 28.72 -7.84 -12.79
N SER S 158 29.57 -8.45 -11.96
CA SER S 158 30.05 -7.77 -10.78
C SER S 158 30.88 -6.53 -11.12
N ILE S 159 31.69 -6.59 -12.18
CA ILE S 159 32.49 -5.39 -12.42
C ILE S 159 31.72 -4.33 -13.21
N VAL S 160 30.71 -4.74 -13.99
CA VAL S 160 29.93 -3.72 -14.70
C VAL S 160 28.92 -3.00 -13.83
N THR S 161 28.58 -3.60 -12.68
CA THR S 161 27.63 -2.95 -11.79
C THR S 161 28.33 -2.03 -10.80
N HIS S 162 29.51 -2.44 -10.34
CA HIS S 162 30.23 -1.72 -9.28
C HIS S 162 31.18 -0.66 -9.85
N CYS S 163 31.64 -0.89 -11.08
CA CYS S 163 32.57 0.03 -11.76
C CYS S 163 31.79 0.75 -12.82
N ARG S 164 31.11 1.80 -12.41
CA ARG S 164 30.06 2.39 -13.23
C ARG S 164 30.68 3.29 -14.29
N LYS S 165 32.00 3.55 -14.15
CA LYS S 165 32.68 4.48 -15.03
C LYS S 165 33.72 3.87 -15.98
N ILE S 166 33.70 2.54 -16.14
CA ILE S 166 34.62 1.90 -17.07
C ILE S 166 34.64 2.55 -18.46
N LYS S 167 35.84 2.92 -18.89
CA LYS S 167 36.06 3.47 -20.24
C LYS S 167 36.48 2.36 -21.24
N THR S 168 37.34 1.45 -20.80
CA THR S 168 37.71 0.33 -21.64
C THR S 168 37.65 -1.06 -20.92
N LEU S 169 36.87 -1.96 -21.51
CA LEU S 169 36.61 -3.30 -20.95
C LEU S 169 36.88 -4.37 -22.01
N LEU S 170 37.81 -5.27 -21.71
CA LEU S 170 38.27 -6.22 -22.71
C LEU S 170 38.37 -7.69 -22.24
N MET S 171 37.89 -8.62 -23.05
CA MET S 171 37.93 -10.04 -22.70
C MET S 171 38.60 -10.93 -23.76
N GLU S 172 39.14 -10.29 -24.79
CA GLU S 172 39.55 -10.98 -26.01
C GLU S 172 40.26 -12.31 -25.75
N GLU S 173 39.71 -13.35 -26.36
CA GLU S 173 40.28 -14.70 -26.32
C GLU S 173 40.29 -15.31 -24.90
N SER S 174 39.56 -14.69 -23.98
CA SER S 174 39.44 -15.26 -22.67
C SER S 174 38.39 -16.34 -22.70
N SER S 175 38.52 -17.30 -21.80
CA SER S 175 37.53 -18.37 -21.72
C SER S 175 36.90 -18.45 -20.33
N PHE S 176 35.57 -18.48 -20.33
CA PHE S 176 34.80 -18.39 -19.11
C PHE S 176 33.53 -19.21 -19.32
N SER S 177 32.73 -19.33 -18.25
CA SER S 177 31.45 -20.00 -18.32
C SER S 177 30.36 -18.95 -18.55
N GLU S 178 29.60 -19.08 -19.63
CA GLU S 178 28.52 -18.12 -19.88
C GLU S 178 27.20 -18.58 -19.33
N LYS S 179 26.77 -17.96 -18.24
CA LYS S 179 25.52 -18.35 -17.56
C LYS S 179 24.31 -17.49 -18.03
N ASP S 180 24.61 -16.31 -18.57
CA ASP S 180 23.56 -15.42 -19.05
C ASP S 180 24.11 -14.18 -19.76
N GLY S 181 23.22 -13.23 -20.04
CA GLY S 181 23.58 -11.98 -20.71
C GLY S 181 23.47 -10.73 -19.87
N LYS S 182 23.06 -10.84 -18.60
CA LYS S 182 22.80 -9.64 -17.81
C LYS S 182 23.99 -8.65 -17.77
N TRP S 183 25.23 -9.15 -17.74
CA TRP S 183 26.39 -8.23 -17.75
C TRP S 183 26.35 -7.17 -18.88
N LEU S 184 26.10 -7.59 -20.13
CA LEU S 184 25.98 -6.65 -21.26
C LEU S 184 24.81 -5.69 -21.04
N HIS S 185 23.68 -6.23 -20.61
CA HIS S 185 22.48 -5.44 -20.45
C HIS S 185 22.69 -4.40 -19.36
N GLU S 186 23.42 -4.77 -18.32
CA GLU S 186 23.70 -3.84 -17.22
C GLU S 186 24.61 -2.74 -17.71
N LEU S 187 25.40 -3.03 -18.74
CA LEU S 187 26.21 -1.98 -19.35
C LEU S 187 25.33 -1.02 -20.12
N ALA S 188 24.52 -1.58 -21.01
CA ALA S 188 23.55 -0.82 -21.80
C ALA S 188 22.70 0.12 -20.93
N GLN S 189 22.19 -0.38 -19.82
CA GLN S 189 21.22 0.39 -19.07
C GLN S 189 21.84 1.52 -18.28
N HIS S 190 23.14 1.45 -17.97
CA HIS S 190 23.72 2.45 -17.05
C HIS S 190 25.05 3.08 -17.44
N ASN S 191 25.75 2.49 -18.42
CA ASN S 191 27.08 3.00 -18.79
C ASN S 191 27.09 3.99 -19.96
N THR S 192 27.98 4.97 -19.83
CA THR S 192 28.02 6.14 -20.70
C THR S 192 29.44 6.37 -21.21
N SER S 193 30.39 6.09 -20.33
CA SER S 193 31.80 6.38 -20.48
C SER S 193 32.58 5.46 -21.44
N LEU S 194 31.99 4.32 -21.77
CA LEU S 194 32.61 3.31 -22.62
C LEU S 194 33.27 3.92 -23.85
N GLU S 195 34.57 3.62 -24.01
CA GLU S 195 35.37 4.07 -25.17
C GLU S 195 35.82 2.89 -26.03
N VAL S 196 36.25 1.81 -25.37
CA VAL S 196 36.57 0.58 -26.09
C VAL S 196 36.07 -0.71 -25.40
N LEU S 197 35.32 -1.47 -26.18
CA LEU S 197 34.69 -2.67 -25.72
C LEU S 197 35.19 -3.80 -26.61
N ASN S 198 35.68 -4.87 -25.99
CA ASN S 198 36.32 -5.93 -26.76
C ASN S 198 36.08 -7.32 -26.22
N PHE S 199 35.27 -8.09 -26.91
CA PHE S 199 35.22 -9.53 -26.66
C PHE S 199 35.44 -10.31 -27.97
N TYR S 200 36.63 -10.14 -28.54
CA TYR S 200 36.83 -10.51 -29.93
C TYR S 200 36.87 -12.02 -30.20
N MET S 201 37.50 -12.79 -29.33
CA MET S 201 37.56 -14.21 -29.63
C MET S 201 36.78 -15.03 -28.63
N THR S 202 35.47 -14.87 -28.63
CA THR S 202 34.70 -15.38 -27.51
C THR S 202 33.35 -15.96 -27.91
N GLU S 203 33.03 -17.09 -27.30
CA GLU S 203 31.75 -17.72 -27.48
C GLU S 203 30.78 -17.07 -26.49
N PHE S 204 30.02 -16.10 -26.97
CA PHE S 204 28.89 -15.59 -26.22
C PHE S 204 27.65 -15.94 -27.02
N ALA S 205 26.70 -16.61 -26.40
CA ALA S 205 25.49 -16.96 -27.15
C ALA S 205 24.27 -16.43 -26.48
N LYS S 206 24.46 -15.72 -25.37
CA LYS S 206 23.33 -15.28 -24.56
C LYS S 206 23.22 -13.75 -24.45
N ILE S 207 23.96 -13.01 -25.26
CA ILE S 207 23.88 -11.57 -25.18
C ILE S 207 23.09 -11.05 -26.34
N SER S 208 22.31 -9.99 -26.08
CA SER S 208 21.40 -9.39 -27.06
C SER S 208 22.03 -8.29 -27.90
N PRO S 209 22.02 -8.42 -29.24
CA PRO S 209 22.57 -7.33 -30.06
C PRO S 209 21.87 -6.00 -29.72
N LYS S 210 20.59 -6.04 -29.34
CA LYS S 210 19.87 -4.83 -28.91
C LYS S 210 20.70 -4.04 -27.87
N ASP S 211 21.14 -4.71 -26.80
CA ASP S 211 21.97 -4.10 -25.74
C ASP S 211 23.23 -3.43 -26.31
N LEU S 212 23.84 -4.08 -27.30
CA LEU S 212 25.06 -3.60 -27.91
C LEU S 212 24.74 -2.30 -28.63
N GLU S 213 23.59 -2.30 -29.32
CA GLU S 213 23.10 -1.12 -29.98
C GLU S 213 22.75 -0.01 -28.97
N THR S 214 21.97 -0.34 -27.93
CA THR S 214 21.66 0.69 -26.94
C THR S 214 22.93 1.25 -26.25
N ILE S 215 24.04 0.52 -26.30
CA ILE S 215 25.28 1.00 -25.71
C ILE S 215 25.88 2.02 -26.63
N ALA S 216 25.79 1.69 -27.91
CA ALA S 216 26.36 2.52 -28.96
C ALA S 216 25.67 3.87 -28.89
N ARG S 217 24.36 3.79 -28.66
CA ARG S 217 23.51 4.95 -28.55
C ARG S 217 23.96 5.86 -27.37
N ASN S 218 24.32 5.26 -26.24
CA ASN S 218 24.60 5.99 -25.01
C ASN S 218 26.04 6.42 -24.77
N CYS S 219 26.98 5.80 -25.49
CA CYS S 219 28.41 6.07 -25.22
C CYS S 219 28.99 6.87 -26.36
N ARG S 220 29.06 8.19 -26.15
CA ARG S 220 29.39 9.11 -27.24
C ARG S 220 30.82 8.86 -27.67
N SER S 221 31.64 8.39 -26.75
CA SER S 221 33.07 8.32 -27.05
C SER S 221 33.51 6.94 -27.49
N LEU S 222 32.55 6.15 -27.97
CA LEU S 222 32.82 4.75 -28.33
C LEU S 222 33.56 4.69 -29.65
N VAL S 223 34.82 4.28 -29.55
CA VAL S 223 35.74 4.32 -30.69
C VAL S 223 36.00 2.92 -31.27
N SER S 224 36.30 1.94 -30.40
CA SER S 224 36.51 0.59 -30.86
C SER S 224 35.57 -0.43 -30.21
N VAL S 225 35.05 -1.33 -31.03
CA VAL S 225 34.39 -2.51 -30.50
C VAL S 225 34.66 -3.75 -31.37
N LYS S 226 35.16 -4.80 -30.73
CA LYS S 226 35.36 -6.11 -31.35
C LYS S 226 34.43 -7.10 -30.70
N VAL S 227 34.03 -8.13 -31.42
CA VAL S 227 32.84 -8.85 -30.99
C VAL S 227 32.85 -10.33 -31.40
N GLY S 228 31.89 -11.11 -30.87
CA GLY S 228 31.75 -12.52 -31.17
C GLY S 228 31.02 -12.83 -32.48
N ASP S 229 30.38 -13.99 -32.54
CA ASP S 229 29.70 -14.43 -33.77
C ASP S 229 28.29 -13.89 -33.92
N PHE S 230 28.10 -12.60 -33.65
CA PHE S 230 26.81 -11.92 -33.93
C PHE S 230 26.53 -11.92 -35.42
N GLU S 231 25.27 -12.07 -35.81
CA GLU S 231 24.93 -11.91 -37.22
C GLU S 231 25.01 -10.42 -37.57
N ILE S 232 25.87 -10.06 -38.51
CA ILE S 232 26.04 -8.65 -38.85
C ILE S 232 24.71 -7.92 -39.05
N LEU S 233 23.78 -8.54 -39.78
CA LEU S 233 22.49 -7.92 -40.04
C LEU S 233 21.79 -7.45 -38.77
N GLU S 234 21.95 -8.19 -37.67
CA GLU S 234 21.39 -7.82 -36.39
C GLU S 234 22.09 -6.59 -35.78
N LEU S 235 23.17 -6.15 -36.40
CA LEU S 235 23.95 -5.03 -35.88
C LEU S 235 23.75 -3.71 -36.63
N VAL S 236 22.80 -3.67 -37.56
CA VAL S 236 22.64 -2.45 -38.36
C VAL S 236 22.19 -1.32 -37.46
N GLY S 237 21.32 -1.66 -36.49
CA GLY S 237 20.88 -0.70 -35.49
C GLY S 237 22.11 -0.11 -34.84
N PHE S 238 22.92 -1.01 -34.27
CA PHE S 238 24.23 -0.66 -33.75
C PHE S 238 25.06 0.30 -34.63
N PHE S 239 25.38 -0.13 -35.86
CA PHE S 239 26.27 0.66 -36.71
C PHE S 239 25.81 2.10 -36.89
N LYS S 240 24.50 2.29 -37.12
CA LYS S 240 23.95 3.63 -37.28
C LYS S 240 24.20 4.45 -36.01
N ALA S 241 23.99 3.82 -34.87
CA ALA S 241 24.10 4.52 -33.60
C ALA S 241 25.56 4.82 -33.23
N ALA S 242 26.48 4.00 -33.69
CA ALA S 242 27.88 4.12 -33.28
C ALA S 242 28.65 5.15 -34.10
N ALA S 243 28.29 6.41 -33.98
CA ALA S 243 28.80 7.44 -34.88
C ALA S 243 30.32 7.53 -34.95
N ASN S 244 30.97 7.54 -33.80
CA ASN S 244 32.40 7.83 -33.75
C ASN S 244 33.28 6.61 -33.89
N LEU S 245 32.65 5.49 -34.24
CA LEU S 245 33.35 4.22 -34.30
C LEU S 245 34.46 4.28 -35.35
N GLU S 246 35.67 3.90 -34.93
CA GLU S 246 36.85 3.85 -35.81
C GLU S 246 37.30 2.41 -36.04
N GLU S 247 37.01 1.51 -35.10
CA GLU S 247 37.46 0.13 -35.23
C GLU S 247 36.30 -0.80 -34.97
N PHE S 248 36.19 -1.82 -35.81
CA PHE S 248 35.24 -2.91 -35.56
C PHE S 248 35.78 -4.20 -36.11
N CYS S 249 35.85 -5.22 -35.26
CA CYS S 249 36.23 -6.54 -35.70
C CYS S 249 35.18 -7.46 -35.15
N GLY S 250 34.99 -8.60 -35.78
CA GLY S 250 34.11 -9.61 -35.24
C GLY S 250 32.86 -9.73 -36.05
N GLY S 251 31.82 -10.29 -35.44
CA GLY S 251 30.57 -10.51 -36.13
C GLY S 251 30.65 -11.71 -37.04
N SER S 252 29.57 -11.93 -37.77
CA SER S 252 29.40 -13.13 -38.59
C SER S 252 28.60 -12.80 -39.85
N LEU S 253 29.27 -12.91 -41.00
CA LEU S 253 28.61 -12.81 -42.28
C LEU S 253 28.18 -14.20 -42.69
N ASN S 254 26.87 -14.43 -42.67
CA ASN S 254 26.29 -15.70 -43.06
C ASN S 254 25.47 -15.51 -44.31
N GLU S 255 25.95 -16.10 -45.41
CA GLU S 255 25.23 -16.00 -46.66
C GLU S 255 24.32 -17.20 -46.83
N ASP S 256 23.05 -16.94 -47.13
CA ASP S 256 22.18 -17.97 -47.67
C ASP S 256 22.01 -17.63 -49.14
N ILE S 257 21.56 -18.59 -49.93
CA ILE S 257 21.43 -18.37 -51.37
C ILE S 257 20.15 -17.59 -51.67
N GLY S 258 19.14 -17.79 -50.82
CA GLY S 258 17.88 -17.08 -50.91
C GLY S 258 18.00 -15.56 -50.94
N MET S 259 19.14 -15.03 -50.51
CA MET S 259 19.41 -13.60 -50.62
C MET S 259 20.80 -13.41 -51.23
N PRO S 260 20.84 -13.01 -52.51
CA PRO S 260 22.12 -12.77 -53.20
C PRO S 260 22.65 -11.41 -52.76
N GLU S 261 21.72 -10.50 -52.47
CA GLU S 261 22.11 -9.22 -51.92
C GLU S 261 21.65 -9.11 -50.46
N LYS S 262 22.05 -10.08 -49.64
CA LYS S 262 21.73 -10.06 -48.23
C LYS S 262 22.35 -8.83 -47.55
N TYR S 263 23.59 -8.51 -47.92
CA TYR S 263 24.33 -7.42 -47.30
C TYR S 263 24.80 -6.41 -48.31
N MET S 264 23.92 -5.64 -48.92
CA MET S 264 24.46 -4.61 -49.81
C MET S 264 24.01 -3.25 -49.30
N ASN S 265 23.20 -3.30 -48.26
CA ASN S 265 22.65 -2.11 -47.65
C ASN S 265 23.18 -1.97 -46.23
N LEU S 266 24.50 -1.93 -46.12
CA LEU S 266 25.15 -1.77 -44.82
C LEU S 266 25.67 -0.36 -44.59
N VAL S 267 25.08 0.29 -43.60
CA VAL S 267 25.62 1.55 -43.12
C VAL S 267 26.84 1.21 -42.26
N PHE S 268 28.05 1.44 -42.76
CA PHE S 268 29.18 1.43 -41.85
C PHE S 268 29.47 2.81 -41.31
N PRO S 269 29.79 2.92 -40.00
CA PRO S 269 30.11 4.23 -39.44
C PRO S 269 31.12 4.94 -40.33
N ARG S 270 30.97 6.25 -40.46
CA ARG S 270 31.78 6.99 -41.43
C ARG S 270 33.28 6.90 -41.13
N LYS S 271 33.67 6.97 -39.86
CA LYS S 271 35.11 7.06 -39.56
C LYS S 271 35.81 5.69 -39.55
N LEU S 272 35.02 4.63 -39.70
CA LEU S 272 35.54 3.24 -39.66
C LEU S 272 36.76 3.01 -40.58
N CYS S 273 37.90 2.69 -39.99
CA CYS S 273 39.15 2.63 -40.75
C CYS S 273 40.06 1.48 -40.28
N ARG S 274 39.65 0.78 -39.24
CA ARG S 274 40.41 -0.35 -38.74
C ARG S 274 39.34 -1.42 -38.60
N LEU S 275 39.41 -2.48 -39.40
CA LEU S 275 38.37 -3.52 -39.32
C LEU S 275 38.68 -4.95 -39.80
N GLY S 276 37.75 -5.86 -39.49
CA GLY S 276 37.82 -7.24 -39.91
C GLY S 276 36.50 -7.97 -39.66
N LEU S 277 35.77 -8.26 -40.73
CA LEU S 277 34.51 -8.99 -40.60
C LEU S 277 34.73 -10.49 -40.71
N SER S 278 34.19 -11.22 -39.74
CA SER S 278 34.47 -12.65 -39.66
C SER S 278 33.67 -13.39 -40.70
N TYR S 279 34.31 -14.41 -41.28
CA TYR S 279 33.66 -15.31 -42.26
C TYR S 279 33.32 -14.64 -43.59
N MET S 280 33.78 -13.40 -43.74
CA MET S 280 33.57 -12.64 -44.97
C MET S 280 34.05 -13.37 -46.25
N GLY S 281 33.08 -13.72 -47.11
CA GLY S 281 33.36 -14.33 -48.40
C GLY S 281 33.52 -13.33 -49.54
N PRO S 282 33.70 -13.86 -50.77
CA PRO S 282 33.95 -12.95 -51.91
C PRO S 282 32.68 -12.18 -52.25
N ASN S 283 31.54 -12.82 -52.01
CA ASN S 283 30.22 -12.21 -52.24
C ASN S 283 29.93 -10.98 -51.39
N GLU S 284 30.37 -10.98 -50.14
CA GLU S 284 30.09 -9.88 -49.24
C GLU S 284 31.26 -8.90 -49.16
N MET S 285 32.45 -9.36 -49.57
CA MET S 285 33.67 -8.53 -49.64
C MET S 285 33.49 -7.09 -50.23
N PRO S 286 32.61 -6.96 -51.26
CA PRO S 286 32.35 -5.66 -51.91
C PRO S 286 31.81 -4.54 -51.03
N ILE S 287 31.14 -4.88 -49.94
CA ILE S 287 30.59 -3.85 -49.07
C ILE S 287 31.69 -2.94 -48.48
N LEU S 288 32.94 -3.34 -48.69
CA LEU S 288 34.09 -2.59 -48.19
C LEU S 288 34.60 -1.54 -49.17
N PHE S 289 34.37 -1.80 -50.46
CA PHE S 289 34.85 -0.91 -51.53
C PHE S 289 34.51 0.58 -51.36
N PRO S 290 33.23 0.88 -51.06
CA PRO S 290 32.75 2.26 -50.84
C PRO S 290 33.71 3.17 -50.04
N PHE S 291 34.66 2.59 -49.30
CA PHE S 291 35.54 3.40 -48.42
C PHE S 291 36.87 2.72 -48.16
N ALA S 292 37.25 1.81 -49.07
CA ALA S 292 38.52 1.10 -48.98
C ALA S 292 39.72 2.09 -48.91
N ALA S 293 39.55 3.27 -49.51
CA ALA S 293 40.61 4.27 -49.50
C ALA S 293 41.07 4.61 -48.08
N GLN S 294 40.14 4.41 -47.15
CA GLN S 294 40.22 4.95 -45.81
C GLN S 294 40.77 3.94 -44.81
N ILE S 295 40.60 2.66 -45.16
CA ILE S 295 41.09 1.53 -44.36
C ILE S 295 42.61 1.48 -44.14
N ARG S 296 43.00 1.41 -42.88
CA ARG S 296 44.40 1.46 -42.49
C ARG S 296 44.81 0.21 -41.74
N LYS S 297 43.83 -0.54 -41.25
CA LYS S 297 44.06 -1.84 -40.60
C LYS S 297 43.08 -2.87 -41.15
N LEU S 298 43.60 -4.03 -41.53
CA LEU S 298 42.77 -5.11 -42.08
C LEU S 298 42.98 -6.45 -41.35
N ASP S 299 41.88 -7.09 -40.93
CA ASP S 299 41.96 -8.38 -40.22
C ASP S 299 41.20 -9.49 -40.96
N LEU S 300 41.84 -10.00 -42.01
CA LEU S 300 41.25 -11.10 -42.79
C LEU S 300 41.68 -12.44 -42.20
N LEU S 301 41.99 -12.39 -40.92
CA LEU S 301 42.46 -13.56 -40.22
C LEU S 301 41.39 -14.64 -40.31
N TYR S 302 40.14 -14.27 -40.06
CA TYR S 302 39.06 -15.25 -39.96
C TYR S 302 38.10 -15.10 -41.13
N ALA S 303 38.67 -14.69 -42.25
CA ALA S 303 37.91 -14.43 -43.47
C ALA S 303 37.90 -15.64 -44.40
N LEU S 304 36.78 -15.80 -45.10
CA LEU S 304 36.58 -16.92 -46.02
C LEU S 304 36.83 -16.58 -47.48
N LEU S 305 37.86 -15.80 -47.78
CA LEU S 305 38.09 -15.48 -49.18
C LEU S 305 39.46 -16.01 -49.66
N GLU S 306 39.55 -16.28 -50.97
CA GLU S 306 40.69 -17.00 -51.54
C GLU S 306 41.70 -16.08 -52.18
N THR S 307 42.82 -16.68 -52.61
CA THR S 307 43.99 -15.90 -52.97
C THR S 307 43.65 -14.76 -53.98
N GLU S 308 42.78 -15.08 -54.95
CA GLU S 308 42.39 -14.10 -55.97
C GLU S 308 41.65 -12.91 -55.34
N ASP S 309 40.64 -13.26 -54.55
CA ASP S 309 39.84 -12.28 -53.81
C ASP S 309 40.69 -11.38 -52.92
N HIS S 310 41.79 -11.92 -52.38
CA HIS S 310 42.72 -11.10 -51.60
C HIS S 310 43.23 -9.96 -52.45
N CYS S 311 43.78 -10.32 -53.61
CA CYS S 311 44.44 -9.36 -54.50
C CYS S 311 43.51 -8.23 -54.87
N THR S 312 42.26 -8.60 -55.18
CA THR S 312 41.26 -7.62 -55.59
C THR S 312 40.93 -6.59 -54.47
N LEU S 313 40.95 -7.05 -53.22
CA LEU S 313 40.71 -6.16 -52.10
C LEU S 313 41.97 -5.34 -51.70
N ILE S 314 43.10 -6.02 -51.48
CA ILE S 314 44.34 -5.35 -51.08
C ILE S 314 44.63 -4.22 -52.04
N GLN S 315 44.36 -4.51 -53.31
CA GLN S 315 44.61 -3.60 -54.42
C GLN S 315 43.86 -2.25 -54.23
N LYS S 316 42.78 -2.30 -53.44
CA LYS S 316 41.94 -1.12 -53.21
C LYS S 316 42.30 -0.26 -51.97
N CYS S 317 43.36 -0.63 -51.24
CA CYS S 317 43.65 -0.03 -49.95
C CYS S 317 45.08 0.47 -49.91
N PRO S 318 45.32 1.60 -50.58
CA PRO S 318 46.65 2.19 -50.68
C PRO S 318 47.19 2.67 -49.34
N ASN S 319 46.28 2.91 -48.39
CA ASN S 319 46.68 3.53 -47.12
C ASN S 319 46.76 2.56 -45.94
N LEU S 320 46.51 1.29 -46.27
CA LEU S 320 46.76 0.16 -45.38
C LEU S 320 48.17 0.17 -44.74
N GLU S 321 48.23 0.20 -43.42
CA GLU S 321 49.53 0.09 -42.76
C GLU S 321 49.61 -1.16 -41.88
N VAL S 322 48.46 -1.76 -41.59
CA VAL S 322 48.45 -3.06 -40.88
C VAL S 322 47.54 -4.07 -41.56
N LEU S 323 48.14 -5.22 -41.86
CA LEU S 323 47.40 -6.31 -42.45
C LEU S 323 47.71 -7.63 -41.71
N GLU S 324 46.63 -8.32 -41.34
CA GLU S 324 46.70 -9.64 -40.72
C GLU S 324 45.89 -10.57 -41.59
N THR S 325 46.52 -11.64 -42.05
CA THR S 325 45.82 -12.64 -42.86
C THR S 325 46.42 -14.06 -42.71
N ARG S 326 45.75 -15.03 -43.33
CA ARG S 326 46.26 -16.40 -43.37
C ARG S 326 47.14 -16.56 -44.62
N ASN S 327 47.87 -17.67 -44.72
CA ASN S 327 48.82 -17.86 -45.84
C ASN S 327 48.16 -17.91 -47.23
N VAL S 328 46.85 -18.12 -47.25
CA VAL S 328 46.05 -18.03 -48.47
C VAL S 328 46.34 -16.79 -49.31
N ILE S 329 46.67 -15.69 -48.63
CA ILE S 329 47.08 -14.44 -49.29
C ILE S 329 47.91 -14.78 -50.54
N GLY S 330 48.78 -15.79 -50.42
CA GLY S 330 49.62 -16.28 -51.51
C GLY S 330 50.77 -15.37 -51.93
N ASP S 331 51.67 -15.93 -52.74
CA ASP S 331 52.74 -15.13 -53.31
C ASP S 331 52.12 -14.00 -54.14
N ARG S 332 51.10 -14.38 -54.91
CA ARG S 332 50.39 -13.42 -55.76
C ARG S 332 49.87 -12.25 -54.93
N GLY S 333 49.14 -12.57 -53.86
CA GLY S 333 48.64 -11.58 -52.95
C GLY S 333 49.77 -10.69 -52.44
N LEU S 334 50.85 -11.31 -51.98
CA LEU S 334 51.99 -10.55 -51.50
C LEU S 334 52.49 -9.54 -52.54
N GLU S 335 52.53 -9.97 -53.80
CA GLU S 335 52.97 -9.10 -54.88
C GLU S 335 52.06 -7.86 -55.01
N VAL S 336 50.76 -8.09 -54.92
CA VAL S 336 49.78 -7.01 -54.98
C VAL S 336 50.07 -6.01 -53.89
N LEU S 337 50.20 -6.54 -52.69
CA LEU S 337 50.48 -5.74 -51.51
C LEU S 337 51.73 -4.86 -51.75
N ALA S 338 52.70 -5.46 -52.45
CA ALA S 338 54.04 -4.91 -52.66
C ALA S 338 54.07 -3.50 -53.29
N GLN S 339 53.20 -3.20 -54.24
CA GLN S 339 53.21 -1.83 -54.79
C GLN S 339 51.98 -0.96 -54.55
N TYR S 340 50.88 -1.53 -54.05
CA TYR S 340 49.72 -0.69 -53.71
C TYR S 340 49.78 -0.09 -52.31
N CYS S 341 50.38 -0.83 -51.38
CA CYS S 341 50.42 -0.44 -49.97
C CYS S 341 51.87 -0.19 -49.55
N LYS S 342 52.34 1.03 -49.79
CA LYS S 342 53.74 1.33 -49.54
C LYS S 342 53.96 1.66 -48.07
N GLN S 343 52.87 2.08 -47.41
CA GLN S 343 52.90 2.57 -46.02
C GLN S 343 52.73 1.44 -45.01
N LEU S 344 52.68 0.22 -45.52
CA LEU S 344 52.57 -0.95 -44.66
C LEU S 344 53.64 -0.98 -43.58
N LYS S 345 53.18 -1.13 -42.34
CA LYS S 345 54.09 -1.15 -41.19
C LYS S 345 54.12 -2.52 -40.49
N ARG S 346 52.98 -3.22 -40.52
CA ARG S 346 52.89 -4.49 -39.81
C ARG S 346 52.16 -5.50 -40.65
N LEU S 347 52.78 -6.66 -40.80
CA LEU S 347 52.20 -7.77 -41.56
C LEU S 347 52.31 -9.11 -40.83
N ARG S 348 51.18 -9.79 -40.70
CA ARG S 348 51.15 -11.11 -40.10
C ARG S 348 50.45 -12.09 -41.05
N ILE S 349 51.09 -13.23 -41.27
CA ILE S 349 50.53 -14.24 -42.15
C ILE S 349 50.40 -15.55 -41.38
N GLU S 350 49.36 -15.69 -40.55
CA GLU S 350 49.18 -16.93 -39.78
C GLU S 350 49.00 -18.08 -40.76
N ARG S 351 49.21 -19.30 -40.28
CA ARG S 351 49.07 -20.45 -41.17
C ARG S 351 47.64 -21.04 -41.23
N GLY S 352 47.15 -21.20 -42.45
CA GLY S 352 45.77 -21.62 -42.68
C GLY S 352 45.59 -23.13 -42.66
N ALA S 353 44.50 -23.62 -43.25
CA ALA S 353 44.20 -25.05 -43.22
C ALA S 353 45.19 -25.87 -44.05
N ASP S 354 46.19 -26.43 -43.37
CA ASP S 354 47.23 -27.23 -44.01
C ASP S 354 46.82 -28.70 -44.07
N GLU S 355 45.55 -28.92 -44.40
CA GLU S 355 44.99 -30.26 -44.47
C GLU S 355 44.66 -30.67 -45.93
N GLN S 356 43.52 -30.20 -46.44
CA GLN S 356 43.11 -30.51 -47.82
C GLN S 356 43.75 -29.54 -48.81
N GLY S 357 44.93 -29.89 -49.31
CA GLY S 357 45.78 -28.96 -50.03
C GLY S 357 46.03 -27.77 -49.12
N MET S 358 46.61 -26.69 -49.63
CA MET S 358 46.52 -25.43 -48.90
C MET S 358 45.03 -25.03 -49.02
N GLU S 359 44.71 -23.75 -48.96
CA GLU S 359 43.30 -23.40 -49.16
C GLU S 359 43.00 -23.13 -50.65
N ASP S 360 44.07 -22.98 -51.42
CA ASP S 360 44.06 -23.09 -52.89
C ASP S 360 45.45 -23.52 -53.40
N GLU S 361 45.69 -23.42 -54.71
CA GLU S 361 46.99 -23.81 -55.27
C GLU S 361 47.99 -22.62 -55.35
N GLU S 362 47.51 -21.42 -55.02
CA GLU S 362 48.38 -20.26 -54.87
C GLU S 362 48.58 -19.93 -53.38
N GLY S 363 47.92 -20.70 -52.51
CA GLY S 363 47.91 -20.51 -51.06
C GLY S 363 49.21 -20.90 -50.37
N LEU S 364 50.32 -20.70 -51.07
CA LEU S 364 51.65 -20.89 -50.54
C LEU S 364 52.35 -19.55 -50.61
N VAL S 365 53.10 -19.23 -49.58
CA VAL S 365 54.02 -18.09 -49.65
C VAL S 365 55.44 -18.61 -49.74
N SER S 366 56.29 -17.89 -50.47
CA SER S 366 57.62 -18.40 -50.82
C SER S 366 58.64 -17.26 -50.95
N GLN S 367 59.89 -17.66 -51.23
CA GLN S 367 60.97 -16.73 -51.61
C GLN S 367 60.42 -15.63 -52.50
N ARG S 368 59.58 -16.04 -53.47
CA ARG S 368 59.01 -15.14 -54.47
C ARG S 368 58.27 -13.98 -53.80
N GLY S 369 57.25 -14.34 -53.00
CA GLY S 369 56.45 -13.37 -52.28
C GLY S 369 57.30 -12.52 -51.34
N LEU S 370 58.19 -13.18 -50.60
CA LEU S 370 59.02 -12.48 -49.62
C LEU S 370 59.90 -11.42 -50.27
N ILE S 371 60.65 -11.82 -51.29
CA ILE S 371 61.54 -10.87 -51.94
C ILE S 371 60.76 -9.73 -52.63
N ALA S 372 59.58 -10.07 -53.18
CA ALA S 372 58.66 -9.07 -53.72
C ALA S 372 58.28 -8.02 -52.66
N LEU S 373 57.85 -8.54 -51.52
CA LEU S 373 57.42 -7.76 -50.38
C LEU S 373 58.56 -6.85 -49.84
N ALA S 374 59.77 -7.43 -49.75
CA ALA S 374 60.96 -6.75 -49.22
C ALA S 374 61.25 -5.51 -50.02
N GLN S 375 60.88 -5.57 -51.30
CA GLN S 375 61.14 -4.47 -52.22
C GLN S 375 60.07 -3.38 -52.19
N GLY S 376 58.80 -3.79 -52.08
CA GLY S 376 57.67 -2.86 -52.03
C GLY S 376 57.45 -2.08 -50.74
N CYS S 377 57.28 -2.82 -49.64
CA CYS S 377 56.86 -2.25 -48.35
C CYS S 377 58.06 -2.08 -47.43
N GLN S 378 58.86 -1.04 -47.69
CA GLN S 378 60.12 -0.91 -47.00
C GLN S 378 59.98 -0.26 -45.62
N GLU S 379 58.76 0.20 -45.32
CA GLU S 379 58.51 0.85 -44.02
C GLU S 379 58.12 -0.16 -42.92
N LEU S 380 58.06 -1.43 -43.30
CA LEU S 380 57.74 -2.54 -42.38
C LEU S 380 58.56 -2.53 -41.11
N GLU S 381 57.83 -2.65 -40.00
CA GLU S 381 58.40 -2.65 -38.66
C GLU S 381 58.17 -4.02 -38.00
N TYR S 382 57.07 -4.66 -38.42
CA TYR S 382 56.71 -5.95 -37.88
C TYR S 382 56.34 -6.87 -39.02
N MET S 383 57.02 -8.01 -39.06
CA MET S 383 56.72 -9.03 -40.04
C MET S 383 56.77 -10.44 -39.44
N ALA S 384 55.61 -11.08 -39.43
CA ALA S 384 55.53 -12.45 -38.94
C ALA S 384 54.84 -13.34 -39.98
N VAL S 385 55.54 -14.40 -40.37
CA VAL S 385 55.20 -15.16 -41.56
C VAL S 385 55.46 -16.66 -41.44
N TYR S 386 54.41 -17.43 -41.78
CA TYR S 386 54.49 -18.89 -41.99
C TYR S 386 54.68 -19.21 -43.46
N VAL S 387 55.90 -19.54 -43.82
CA VAL S 387 56.27 -19.70 -45.22
C VAL S 387 56.30 -21.19 -45.58
N SER S 388 56.05 -21.52 -46.85
CA SER S 388 56.10 -22.92 -47.31
C SER S 388 57.42 -23.23 -48.01
N ASP S 389 58.23 -22.19 -48.26
CA ASP S 389 59.54 -22.35 -48.91
C ASP S 389 60.41 -21.06 -48.89
N ILE S 390 61.67 -21.19 -48.45
CA ILE S 390 62.62 -20.05 -48.49
C ILE S 390 63.93 -20.29 -49.26
N THR S 391 64.63 -19.18 -49.47
CA THR S 391 65.94 -19.19 -50.08
C THR S 391 66.81 -18.17 -49.34
N ASN S 392 68.09 -18.49 -49.14
CA ASN S 392 69.01 -17.53 -48.56
C ASN S 392 68.85 -16.16 -49.20
N GLU S 393 68.48 -16.14 -50.49
CA GLU S 393 68.41 -14.90 -51.23
C GLU S 393 67.39 -13.97 -50.60
N SER S 394 66.22 -14.53 -50.31
CA SER S 394 65.11 -13.74 -49.78
C SER S 394 65.50 -13.06 -48.45
N LEU S 395 66.17 -13.79 -47.57
CA LEU S 395 66.60 -13.21 -46.29
C LEU S 395 67.53 -12.03 -46.52
N GLU S 396 68.35 -12.10 -47.55
CA GLU S 396 69.30 -11.03 -47.86
C GLU S 396 68.57 -9.75 -48.28
N SER S 397 67.50 -9.95 -49.05
CA SER S 397 66.68 -8.85 -49.53
C SER S 397 65.93 -8.20 -48.35
N ILE S 398 65.50 -9.02 -47.40
CA ILE S 398 64.92 -8.51 -46.17
C ILE S 398 65.90 -7.55 -45.53
N GLY S 399 67.05 -8.09 -45.11
CA GLY S 399 68.08 -7.33 -44.44
C GLY S 399 68.56 -6.18 -45.30
N THR S 400 68.24 -6.24 -46.58
CA THR S 400 68.76 -5.25 -47.51
C THR S 400 67.83 -4.01 -47.63
N TYR S 401 66.52 -4.28 -47.66
CA TYR S 401 65.53 -3.25 -48.01
C TYR S 401 64.73 -2.62 -46.85
N LEU S 402 64.33 -3.43 -45.87
CA LEU S 402 63.49 -2.90 -44.79
C LEU S 402 64.24 -2.78 -43.45
N LYS S 403 64.73 -1.57 -43.20
CA LYS S 403 65.72 -1.35 -42.17
C LYS S 403 65.11 -1.22 -40.76
N ASN S 404 63.94 -0.59 -40.68
CA ASN S 404 63.33 -0.37 -39.36
C ASN S 404 62.33 -1.47 -38.96
N LEU S 405 62.61 -2.66 -39.49
CA LEU S 405 62.09 -3.91 -38.97
C LEU S 405 62.53 -4.09 -37.49
N CYS S 406 61.54 -4.19 -36.60
CA CYS S 406 61.81 -4.34 -35.16
C CYS S 406 61.52 -5.75 -34.68
N ASP S 407 60.54 -6.37 -35.35
CA ASP S 407 60.02 -7.66 -34.95
C ASP S 407 59.93 -8.51 -36.19
N PHE S 408 60.73 -9.56 -36.23
CA PHE S 408 60.70 -10.46 -37.39
C PHE S 408 60.58 -11.93 -36.97
N ARG S 409 59.57 -12.59 -37.54
CA ARG S 409 59.32 -13.97 -37.17
C ARG S 409 59.04 -14.76 -38.43
N LEU S 410 59.73 -15.88 -38.54
CA LEU S 410 59.64 -16.75 -39.70
C LEU S 410 59.49 -18.19 -39.21
N VAL S 411 58.50 -18.89 -39.76
CA VAL S 411 58.32 -20.31 -39.45
C VAL S 411 58.07 -21.06 -40.75
N LEU S 412 58.84 -22.11 -41.05
CA LEU S 412 58.58 -22.81 -42.30
C LEU S 412 57.89 -24.14 -42.13
N LEU S 413 56.73 -24.26 -42.77
CA LEU S 413 55.88 -25.46 -42.70
C LEU S 413 56.55 -26.75 -43.21
N ASP S 414 56.19 -27.85 -42.58
CA ASP S 414 56.74 -29.16 -42.92
C ASP S 414 55.99 -29.81 -44.09
N ARG S 415 55.01 -29.07 -44.63
CA ARG S 415 54.19 -29.53 -45.75
C ARG S 415 55.06 -29.95 -46.93
N GLU S 416 55.95 -29.02 -47.32
CA GLU S 416 56.86 -29.25 -48.43
C GLU S 416 57.97 -30.25 -48.08
N GLU S 417 58.33 -31.07 -49.07
CA GLU S 417 59.31 -32.13 -48.88
C GLU S 417 60.72 -31.60 -49.08
N ARG S 418 60.98 -31.06 -50.28
CA ARG S 418 62.26 -30.44 -50.58
C ARG S 418 62.13 -28.95 -50.49
N ILE S 419 63.13 -28.32 -49.88
CA ILE S 419 63.20 -26.87 -49.87
C ILE S 419 64.40 -26.45 -50.72
N THR S 420 64.14 -25.58 -51.70
CA THR S 420 65.15 -25.13 -52.67
C THR S 420 66.59 -25.25 -52.12
N ASP S 421 67.13 -24.17 -51.56
CA ASP S 421 68.44 -24.25 -50.95
C ASP S 421 68.23 -24.24 -49.45
N LEU S 422 68.77 -25.22 -48.74
CA LEU S 422 68.43 -25.28 -47.32
C LEU S 422 69.33 -24.50 -46.33
N PRO S 423 70.53 -25.00 -45.99
CA PRO S 423 71.23 -24.31 -44.91
C PRO S 423 71.22 -22.79 -45.11
N LEU S 424 70.59 -22.06 -44.18
CA LEU S 424 70.29 -20.64 -44.34
C LEU S 424 71.35 -19.72 -43.72
N ASP S 425 72.46 -20.32 -43.32
CA ASP S 425 73.50 -19.65 -42.54
C ASP S 425 73.82 -18.23 -43.06
N ASN S 426 73.82 -18.07 -44.38
CA ASN S 426 74.31 -16.82 -44.95
C ASN S 426 73.20 -15.80 -45.12
N GLY S 427 71.98 -16.30 -45.31
CA GLY S 427 70.80 -15.46 -45.33
C GLY S 427 70.46 -14.84 -43.97
N VAL S 428 70.43 -15.68 -42.93
CA VAL S 428 70.16 -15.21 -41.57
C VAL S 428 71.14 -14.09 -41.28
N ARG S 429 72.41 -14.37 -41.56
CA ARG S 429 73.48 -13.43 -41.31
C ARG S 429 73.24 -12.04 -41.93
N SER S 430 73.00 -11.99 -43.24
CA SER S 430 72.82 -10.69 -43.91
C SER S 430 71.58 -9.96 -43.39
N LEU S 431 70.56 -10.76 -43.03
CA LEU S 431 69.35 -10.24 -42.41
C LEU S 431 69.65 -9.55 -41.06
N LEU S 432 70.21 -10.32 -40.12
CA LEU S 432 70.59 -9.77 -38.82
C LEU S 432 71.51 -8.52 -38.95
N ILE S 433 72.27 -8.49 -40.04
CA ILE S 433 73.24 -7.42 -40.25
C ILE S 433 72.60 -6.16 -40.86
N GLY S 434 71.62 -6.37 -41.77
CA GLY S 434 70.84 -5.30 -42.36
C GLY S 434 69.81 -4.61 -41.45
N CYS S 435 69.02 -5.38 -40.70
CA CYS S 435 68.03 -4.82 -39.77
C CYS S 435 68.64 -4.75 -38.39
N LYS S 436 69.23 -3.61 -38.06
CA LYS S 436 69.92 -3.44 -36.78
C LYS S 436 68.99 -2.81 -35.73
N LYS S 437 67.71 -2.66 -36.10
CA LYS S 437 66.70 -2.14 -35.18
C LYS S 437 65.91 -3.29 -34.53
N LEU S 438 66.19 -4.50 -35.00
CA LEU S 438 65.57 -5.73 -34.51
C LEU S 438 65.67 -5.97 -32.98
N ARG S 439 64.51 -6.05 -32.33
CA ARG S 439 64.47 -6.34 -30.88
C ARG S 439 63.91 -7.74 -30.55
N ARG S 440 63.01 -8.22 -31.41
CA ARG S 440 62.38 -9.52 -31.25
C ARG S 440 62.56 -10.29 -32.54
N PHE S 441 62.98 -11.54 -32.42
CA PHE S 441 63.30 -12.33 -33.59
C PHE S 441 62.96 -13.80 -33.36
N ALA S 442 62.19 -14.37 -34.29
CA ALA S 442 61.83 -15.77 -34.18
C ALA S 442 62.09 -16.49 -35.50
N PHE S 443 62.69 -17.66 -35.38
CA PHE S 443 63.22 -18.40 -36.53
C PHE S 443 63.01 -19.91 -36.32
N TYR S 444 61.97 -20.43 -36.95
CA TYR S 444 61.52 -21.79 -36.69
C TYR S 444 61.65 -22.60 -37.98
N LEU S 445 62.57 -23.57 -38.01
CA LEU S 445 62.86 -24.29 -39.27
C LEU S 445 62.64 -25.80 -39.15
N ARG S 446 63.14 -26.55 -40.13
CA ARG S 446 63.19 -28.01 -40.10
C ARG S 446 64.64 -28.38 -39.76
N GLN S 447 64.95 -29.67 -39.58
CA GLN S 447 66.27 -30.02 -39.02
C GLN S 447 67.52 -29.45 -39.78
N GLY S 448 67.68 -29.80 -41.05
CA GLY S 448 68.80 -29.26 -41.81
C GLY S 448 68.84 -27.74 -41.93
N GLY S 449 67.90 -27.05 -41.29
CA GLY S 449 67.70 -25.63 -41.56
C GLY S 449 68.89 -24.74 -41.31
N LEU S 450 69.60 -25.00 -40.22
CA LEU S 450 70.70 -24.14 -39.81
C LEU S 450 71.80 -24.94 -39.15
N THR S 451 73.03 -24.66 -39.57
CA THR S 451 74.21 -25.36 -39.07
C THR S 451 74.79 -24.56 -37.93
N ASP S 452 75.54 -25.23 -37.05
CA ASP S 452 76.15 -24.55 -35.92
C ASP S 452 76.85 -23.25 -36.33
N LEU S 453 77.36 -23.21 -37.55
CA LEU S 453 78.02 -22.01 -38.06
C LEU S 453 77.01 -20.88 -38.13
N GLY S 454 75.87 -21.17 -38.75
CA GLY S 454 74.80 -20.20 -38.87
C GLY S 454 74.23 -19.80 -37.52
N LEU S 455 73.99 -20.80 -36.66
CA LEU S 455 73.47 -20.54 -35.32
C LEU S 455 74.33 -19.47 -34.59
N SER S 456 75.66 -19.65 -34.59
CA SER S 456 76.54 -18.69 -33.95
C SER S 456 76.48 -17.32 -34.65
N TYR S 457 76.07 -17.32 -35.92
CA TYR S 457 75.86 -16.08 -36.68
C TYR S 457 74.79 -15.27 -36.00
N ILE S 458 73.74 -15.98 -35.58
CA ILE S 458 72.65 -15.37 -34.84
C ILE S 458 73.12 -14.73 -33.54
N GLY S 459 73.82 -15.51 -32.72
CA GLY S 459 74.42 -14.98 -31.51
C GLY S 459 75.25 -13.74 -31.81
N GLN S 460 76.06 -13.86 -32.87
CA GLN S 460 77.03 -12.85 -33.25
C GLN S 460 76.42 -11.53 -33.76
N TYR S 461 75.28 -11.59 -34.46
CA TYR S 461 74.75 -10.39 -35.14
C TYR S 461 73.39 -9.88 -34.66
N SER S 462 73.06 -10.16 -33.42
CA SER S 462 71.80 -9.67 -32.88
C SER S 462 72.04 -8.97 -31.53
N PRO S 463 72.60 -7.76 -31.59
CA PRO S 463 72.99 -6.93 -30.44
C PRO S 463 71.75 -6.37 -29.71
N ASN S 464 70.66 -6.21 -30.45
CA ASN S 464 69.47 -5.53 -29.93
C ASN S 464 68.31 -6.43 -29.52
N VAL S 465 68.39 -7.69 -29.93
CA VAL S 465 67.34 -8.66 -29.67
C VAL S 465 67.21 -9.04 -28.18
N ARG S 466 66.04 -8.73 -27.62
CA ARG S 466 65.72 -9.09 -26.24
C ARG S 466 64.96 -10.44 -26.16
N TRP S 467 64.19 -10.74 -27.20
CA TRP S 467 63.48 -12.01 -27.21
C TRP S 467 63.69 -12.83 -28.49
N MET S 468 63.96 -14.12 -28.30
CA MET S 468 64.15 -15.03 -29.43
C MET S 468 63.37 -16.32 -29.25
N LEU S 469 62.68 -16.71 -30.31
CA LEU S 469 62.05 -18.01 -30.41
C LEU S 469 62.75 -18.79 -31.52
N LEU S 470 63.45 -19.86 -31.15
CA LEU S 470 64.24 -20.63 -32.12
C LEU S 470 63.64 -21.99 -32.43
N GLY S 471 63.46 -22.23 -33.73
CA GLY S 471 62.83 -23.43 -34.24
C GLY S 471 63.70 -24.67 -34.16
N TYR S 472 64.14 -25.17 -35.31
CA TYR S 472 64.95 -26.39 -35.30
C TYR S 472 66.42 -26.12 -35.62
N VAL S 473 66.93 -25.00 -35.10
CA VAL S 473 68.26 -24.58 -35.48
C VAL S 473 69.36 -25.53 -35.00
N GLY S 474 70.53 -25.39 -35.62
CA GLY S 474 71.73 -26.09 -35.21
C GLY S 474 71.80 -27.54 -35.69
N GLU S 475 72.95 -28.16 -35.44
CA GLU S 475 73.18 -29.57 -35.70
C GLU S 475 73.69 -30.27 -34.45
N SER S 476 74.50 -29.57 -33.65
CA SER S 476 74.99 -30.12 -32.38
C SER S 476 75.12 -29.04 -31.32
N ASP S 477 75.39 -29.46 -30.07
CA ASP S 477 75.57 -28.52 -28.97
C ASP S 477 76.66 -27.49 -29.26
N GLU S 478 77.60 -27.84 -30.13
CA GLU S 478 78.59 -26.89 -30.60
C GLU S 478 77.93 -25.57 -31.02
N GLY S 479 76.80 -25.66 -31.73
CA GLY S 479 76.08 -24.50 -32.20
C GLY S 479 75.50 -23.65 -31.07
N LEU S 480 74.87 -24.32 -30.12
CA LEU S 480 74.26 -23.65 -28.97
C LEU S 480 75.33 -22.90 -28.16
N MET S 481 76.47 -23.54 -27.94
CA MET S 481 77.55 -22.90 -27.21
C MET S 481 78.07 -21.69 -27.98
N GLU S 482 78.27 -21.84 -29.29
CA GLU S 482 78.75 -20.72 -30.11
C GLU S 482 77.80 -19.54 -30.04
N PHE S 483 76.50 -19.87 -30.12
CA PHE S 483 75.42 -18.92 -29.93
C PHE S 483 75.52 -18.21 -28.58
N SER S 484 75.72 -18.99 -27.53
CA SER S 484 75.73 -18.48 -26.17
C SER S 484 76.82 -17.43 -25.87
N ARG S 485 77.85 -17.38 -26.71
CA ARG S 485 78.87 -16.37 -26.46
C ARG S 485 78.50 -14.99 -27.05
N GLY S 486 77.34 -14.95 -27.72
CA GLY S 486 76.82 -13.72 -28.26
C GLY S 486 75.63 -13.22 -27.46
N CYS S 487 74.65 -12.65 -28.18
CA CYS S 487 73.35 -12.24 -27.62
C CYS S 487 73.56 -11.40 -26.38
N PRO S 488 74.12 -10.20 -26.57
CA PRO S 488 74.43 -9.28 -25.46
C PRO S 488 73.19 -9.00 -24.63
N ASN S 489 72.07 -8.79 -25.33
CA ASN S 489 70.84 -8.27 -24.72
C ASN S 489 69.68 -9.23 -24.70
N LEU S 490 69.97 -10.51 -24.90
CA LEU S 490 68.93 -11.53 -24.91
C LEU S 490 68.40 -11.71 -23.51
N GLN S 491 67.08 -11.48 -23.34
CA GLN S 491 66.42 -11.58 -22.03
C GLN S 491 65.54 -12.84 -21.92
N LYS S 492 64.80 -13.11 -22.99
CA LYS S 492 63.89 -14.23 -23.01
C LYS S 492 64.24 -15.12 -24.21
N LEU S 493 64.41 -16.41 -23.90
CA LEU S 493 64.74 -17.41 -24.90
C LEU S 493 63.76 -18.61 -24.90
N GLU S 494 63.15 -18.82 -26.06
CA GLU S 494 62.22 -19.93 -26.25
C GLU S 494 62.73 -20.77 -27.42
N MET S 495 63.05 -22.04 -27.14
CA MET S 495 63.44 -22.98 -28.18
C MET S 495 62.68 -24.26 -28.03
N ARG S 496 62.11 -24.74 -29.12
CA ARG S 496 61.52 -26.07 -29.09
C ARG S 496 61.96 -26.85 -30.31
N GLY S 497 62.00 -28.19 -30.16
CA GLY S 497 62.43 -29.08 -31.22
C GLY S 497 63.91 -28.92 -31.54
N CYS S 498 64.72 -28.90 -30.48
CA CYS S 498 66.16 -28.79 -30.66
C CYS S 498 66.88 -30.05 -30.23
N CYS S 499 68.09 -30.20 -30.74
CA CYS S 499 68.90 -31.42 -30.54
C CYS S 499 69.92 -31.30 -29.40
N PHE S 500 69.82 -30.23 -28.61
CA PHE S 500 70.82 -29.95 -27.59
C PHE S 500 70.56 -30.73 -26.33
N SER S 501 71.59 -30.87 -25.51
CA SER S 501 71.55 -31.76 -24.36
C SER S 501 71.35 -30.94 -23.11
N GLU S 502 70.94 -31.59 -22.03
CA GLU S 502 70.73 -30.88 -20.76
C GLU S 502 71.94 -30.03 -20.38
N ARG S 503 73.13 -30.64 -20.30
CA ARG S 503 74.31 -29.91 -19.85
C ARG S 503 74.67 -28.78 -20.82
N ALA S 504 74.23 -28.96 -22.08
CA ALA S 504 74.53 -28.00 -23.15
C ALA S 504 73.74 -26.75 -22.94
N ILE S 505 72.46 -26.94 -22.66
CA ILE S 505 71.54 -25.86 -22.30
C ILE S 505 72.02 -25.14 -21.05
N ALA S 506 72.20 -25.91 -19.98
CA ALA S 506 72.58 -25.34 -18.70
C ALA S 506 73.82 -24.50 -18.86
N ALA S 507 74.73 -24.99 -19.70
CA ALA S 507 75.97 -24.28 -19.99
C ALA S 507 75.68 -22.94 -20.67
N ALA S 508 74.84 -22.99 -21.69
CA ALA S 508 74.55 -21.81 -22.50
C ALA S 508 73.86 -20.74 -21.66
N VAL S 509 73.03 -21.18 -20.71
CA VAL S 509 72.34 -20.26 -19.80
C VAL S 509 73.35 -19.49 -18.98
N THR S 510 74.38 -20.20 -18.51
CA THR S 510 75.41 -19.58 -17.68
C THR S 510 76.17 -18.51 -18.46
N LYS S 511 76.47 -18.82 -19.71
CA LYS S 511 77.19 -17.89 -20.57
C LYS S 511 76.40 -16.61 -20.93
N LEU S 512 75.08 -16.72 -21.03
CA LEU S 512 74.28 -15.56 -21.41
C LEU S 512 74.13 -14.52 -20.28
N PRO S 513 74.60 -13.28 -20.57
CA PRO S 513 74.63 -12.16 -19.63
C PRO S 513 73.23 -11.69 -19.20
N SER S 514 72.32 -11.60 -20.18
CA SER S 514 71.07 -10.86 -20.00
C SER S 514 69.86 -11.75 -19.75
N LEU S 515 70.04 -13.05 -19.91
CA LEU S 515 68.92 -13.96 -19.89
C LEU S 515 68.25 -14.01 -18.53
N ARG S 516 66.92 -13.83 -18.53
CA ARG S 516 66.12 -13.96 -17.29
C ARG S 516 64.90 -14.95 -17.41
N TYR S 517 64.68 -15.48 -18.61
CA TYR S 517 63.54 -16.36 -18.87
C TYR S 517 63.87 -17.35 -19.99
N LEU S 518 63.65 -18.62 -19.71
CA LEU S 518 63.99 -19.68 -20.63
C LEU S 518 62.89 -20.72 -20.67
N TRP S 519 62.35 -20.95 -21.86
CA TRP S 519 61.41 -22.03 -22.02
C TRP S 519 61.95 -22.92 -23.13
N VAL S 520 61.86 -24.24 -22.90
CA VAL S 520 62.36 -25.22 -23.87
C VAL S 520 61.48 -26.46 -23.92
N GLN S 521 61.15 -26.91 -25.14
CA GLN S 521 60.49 -28.20 -25.30
C GLN S 521 61.33 -29.02 -26.25
N GLY S 522 61.67 -30.25 -25.85
CA GLY S 522 62.46 -31.12 -26.70
C GLY S 522 63.95 -30.90 -26.58
N TYR S 523 64.62 -31.90 -25.98
CA TYR S 523 66.04 -31.81 -25.71
C TYR S 523 66.50 -33.20 -25.23
N ARG S 524 67.77 -33.54 -25.46
CA ARG S 524 68.33 -34.82 -24.97
C ARG S 524 68.37 -34.81 -23.45
N ALA S 525 67.46 -35.57 -22.83
CA ALA S 525 67.34 -35.60 -21.37
C ALA S 525 68.40 -36.50 -20.70
N SER S 526 68.04 -37.01 -19.52
CA SER S 526 68.79 -38.04 -18.80
C SER S 526 68.02 -38.34 -17.51
N MET S 527 67.74 -39.62 -17.25
CA MET S 527 66.92 -40.00 -16.11
C MET S 527 67.45 -39.35 -14.82
N THR S 528 68.79 -39.27 -14.72
CA THR S 528 69.45 -38.55 -13.63
C THR S 528 68.66 -37.28 -13.35
N GLY S 529 68.56 -36.44 -14.39
CA GLY S 529 67.94 -35.13 -14.33
C GLY S 529 69.00 -34.10 -14.00
N GLN S 530 70.12 -34.61 -13.48
CA GLN S 530 71.09 -33.80 -12.73
C GLN S 530 71.98 -32.91 -13.58
N ASP S 531 71.81 -32.97 -14.89
CA ASP S 531 72.67 -32.18 -15.76
C ASP S 531 72.17 -30.75 -15.80
N LEU S 532 70.84 -30.60 -15.82
CA LEU S 532 70.22 -29.28 -15.72
C LEU S 532 70.78 -28.53 -14.55
N MET S 533 70.99 -29.27 -13.46
CA MET S 533 71.46 -28.67 -12.20
C MET S 533 72.64 -27.73 -12.34
N GLN S 534 73.46 -27.91 -13.36
CA GLN S 534 74.68 -27.10 -13.44
C GLN S 534 74.40 -25.65 -13.89
N MET S 535 73.13 -25.25 -13.83
CA MET S 535 72.81 -23.82 -13.96
C MET S 535 72.21 -23.23 -12.69
N ALA S 536 72.21 -24.03 -11.62
CA ALA S 536 71.75 -23.58 -10.30
C ALA S 536 72.47 -22.29 -9.89
N ARG S 537 71.78 -21.17 -10.00
CA ARG S 537 72.22 -19.91 -9.41
C ARG S 537 71.24 -19.63 -8.30
N PRO S 538 71.55 -18.66 -7.44
CA PRO S 538 70.57 -18.14 -6.47
C PRO S 538 69.54 -17.28 -7.22
N TYR S 539 68.26 -17.34 -6.81
CA TYR S 539 67.17 -16.61 -7.47
C TYR S 539 66.77 -17.23 -8.79
N TRP S 540 67.44 -18.30 -9.18
CA TRP S 540 67.13 -18.96 -10.44
C TRP S 540 66.14 -20.14 -10.19
N ASN S 541 64.90 -19.95 -10.62
CA ASN S 541 63.91 -20.97 -10.44
C ASN S 541 63.88 -21.82 -11.72
N ILE S 542 63.96 -23.14 -11.57
CA ILE S 542 63.72 -24.02 -12.73
C ILE S 542 62.47 -24.94 -12.49
N GLU S 543 61.69 -25.18 -13.55
CA GLU S 543 60.49 -26.02 -13.48
C GLU S 543 60.45 -26.99 -14.65
N LEU S 544 59.82 -28.15 -14.43
CA LEU S 544 59.65 -29.14 -15.50
C LEU S 544 58.17 -29.42 -15.73
N ILE S 545 57.78 -29.54 -17.00
CA ILE S 545 56.35 -29.61 -17.35
C ILE S 545 56.01 -30.78 -18.32
N PRO S 546 54.69 -31.14 -18.39
CA PRO S 546 53.97 -32.01 -19.36
C PRO S 546 53.34 -31.31 -20.60
N SER S 547 52.01 -31.20 -20.64
CA SER S 547 51.31 -30.52 -21.74
C SER S 547 49.76 -30.69 -21.72
N ARG S 548 49.03 -29.62 -22.06
CA ARG S 548 47.55 -29.60 -22.11
C ARG S 548 47.04 -28.58 -23.14
N ARG S 549 45.74 -28.24 -23.01
CA ARG S 549 45.09 -27.24 -23.87
C ARG S 549 44.28 -26.23 -23.03
N GLU S 563 51.38 -37.23 -27.43
CA GLU S 563 52.76 -37.20 -26.93
C GLU S 563 53.30 -35.77 -26.86
N HIS S 564 53.52 -35.27 -25.66
CA HIS S 564 54.08 -33.92 -25.52
C HIS S 564 55.28 -33.96 -24.56
N PRO S 565 56.50 -33.95 -25.11
CA PRO S 565 57.78 -34.05 -24.40
C PRO S 565 57.95 -33.04 -23.28
N ALA S 566 58.94 -33.24 -22.41
CA ALA S 566 59.15 -32.40 -21.24
C ALA S 566 59.45 -30.96 -21.61
N HIS S 567 58.92 -30.02 -20.81
CA HIS S 567 59.24 -28.62 -20.96
C HIS S 567 60.16 -28.24 -19.85
N ILE S 568 61.06 -27.31 -20.16
CA ILE S 568 61.86 -26.67 -19.14
C ILE S 568 61.46 -25.22 -19.13
N LEU S 569 61.25 -24.70 -17.92
CA LEU S 569 60.93 -23.30 -17.78
C LEU S 569 61.77 -22.82 -16.62
N ALA S 570 62.61 -21.83 -16.87
CA ALA S 570 63.33 -21.22 -15.77
C ALA S 570 63.33 -19.71 -15.91
N TYR S 571 63.33 -19.04 -14.77
CA TYR S 571 63.23 -17.58 -14.73
C TYR S 571 63.86 -17.11 -13.41
N TYR S 572 64.24 -15.85 -13.39
CA TYR S 572 64.70 -15.22 -12.16
C TYR S 572 63.52 -14.73 -11.37
N SER S 573 63.60 -14.86 -10.05
CA SER S 573 62.56 -14.37 -9.16
C SER S 573 63.13 -14.05 -7.79
N LEU S 574 62.73 -12.89 -7.30
CA LEU S 574 63.08 -12.45 -5.96
C LEU S 574 62.19 -13.09 -4.91
N ALA S 575 61.31 -13.98 -5.33
CA ALA S 575 60.23 -14.38 -4.47
C ALA S 575 60.45 -15.76 -3.90
N GLY S 576 61.24 -16.58 -4.60
CA GLY S 576 61.42 -17.99 -4.23
C GLY S 576 60.52 -18.88 -5.06
N GLN S 577 60.55 -20.17 -4.79
CA GLN S 577 59.77 -21.09 -5.60
C GLN S 577 58.30 -20.94 -5.25
N ARG S 578 57.45 -20.97 -6.28
CA ARG S 578 56.00 -20.80 -6.14
C ARG S 578 55.32 -21.89 -5.31
N THR S 579 54.40 -21.47 -4.45
CA THR S 579 53.59 -22.38 -3.69
C THR S 579 52.58 -23.15 -4.54
N ASP S 580 52.09 -22.54 -5.62
CA ASP S 580 50.89 -23.00 -6.29
C ASP S 580 51.09 -23.94 -7.51
N CYS S 581 52.15 -24.72 -7.49
CA CYS S 581 52.35 -25.69 -8.58
C CYS S 581 51.30 -26.80 -8.64
N PRO S 582 50.89 -27.16 -9.88
CA PRO S 582 50.05 -28.33 -10.11
C PRO S 582 50.82 -29.58 -9.78
N THR S 583 50.17 -30.72 -9.92
CA THR S 583 50.83 -32.00 -9.75
C THR S 583 51.71 -32.29 -10.97
N THR S 584 51.24 -31.87 -12.14
CA THR S 584 51.99 -32.06 -13.38
C THR S 584 53.28 -31.28 -13.49
N VAL S 585 53.57 -30.40 -12.54
CA VAL S 585 54.78 -29.58 -12.68
C VAL S 585 55.78 -29.74 -11.57
N ARG S 586 57.03 -30.03 -11.92
CA ARG S 586 58.02 -30.41 -10.90
C ARG S 586 59.03 -29.30 -10.74
N VAL S 587 59.42 -29.02 -9.51
CA VAL S 587 60.39 -27.96 -9.22
C VAL S 587 61.74 -28.54 -8.85
N LEU S 588 62.75 -28.37 -9.71
CA LEU S 588 64.10 -28.89 -9.43
C LEU S 588 64.84 -28.18 -8.28
N LYS S 589 65.37 -28.97 -7.35
CA LYS S 589 66.02 -28.46 -6.14
C LYS S 589 67.27 -29.25 -5.72
N GLU S 590 68.38 -29.06 -6.44
CA GLU S 590 69.65 -29.70 -6.10
C GLU S 590 69.49 -31.22 -5.99
N PRO S 591 70.39 -31.91 -5.23
CA PRO S 591 70.12 -33.34 -5.03
C PRO S 591 68.75 -33.63 -4.40
N ILE S 592 67.98 -34.51 -5.04
CA ILE S 592 66.65 -34.92 -4.55
C ILE S 592 66.78 -35.71 -3.25
N GLU T 1 58.97 -36.40 -32.91
CA GLU T 1 57.99 -35.91 -33.89
C GLU T 1 57.25 -34.68 -33.36
N LEU T 2 57.92 -33.52 -33.35
CA LEU T 2 57.26 -32.31 -32.84
C LEU T 2 56.43 -31.58 -33.88
N PRO T 3 55.11 -31.62 -33.72
CA PRO T 3 54.20 -31.07 -34.74
C PRO T 3 54.10 -29.57 -34.55
N ILE T 4 53.89 -28.84 -35.64
CA ILE T 4 53.70 -27.39 -35.53
C ILE T 4 52.41 -27.14 -34.76
N ALA T 5 52.54 -26.61 -33.54
CA ALA T 5 51.38 -26.32 -32.70
C ALA T 5 50.61 -25.11 -33.23
N ARG T 6 49.30 -25.31 -33.34
CA ARG T 6 48.41 -24.32 -33.90
C ARG T 6 48.02 -23.31 -32.84
N ARG T 7 48.18 -22.02 -33.16
CA ARG T 7 47.71 -20.94 -32.27
C ARG T 7 46.23 -21.14 -31.96
N ALA T 8 45.88 -21.15 -30.68
CA ALA T 8 44.56 -21.64 -30.27
C ALA T 8 43.36 -20.92 -30.90
N SER T 9 43.50 -19.61 -31.10
CA SER T 9 42.45 -18.81 -31.72
C SER T 9 42.12 -19.29 -33.16
N LEU T 10 43.14 -19.75 -33.89
CA LEU T 10 42.93 -20.27 -35.24
C LEU T 10 42.45 -21.71 -35.24
N HIS T 11 42.97 -22.51 -34.33
CA HIS T 11 42.48 -23.85 -34.17
C HIS T 11 40.96 -23.84 -34.01
N ARG T 12 40.47 -23.00 -33.11
CA ARG T 12 39.03 -22.91 -32.85
C ARG T 12 38.28 -22.56 -34.14
N PHE T 13 38.84 -21.62 -34.90
CA PHE T 13 38.21 -21.14 -36.12
C PHE T 13 38.19 -22.19 -37.22
N LEU T 14 39.33 -22.84 -37.41
CA LEU T 14 39.47 -23.79 -38.50
C LEU T 14 38.44 -24.91 -38.35
N GLU T 15 38.00 -25.15 -37.13
CA GLU T 15 36.96 -26.15 -36.88
C GLU T 15 35.56 -25.59 -37.20
N LYS T 16 35.26 -24.40 -36.69
CA LYS T 16 34.02 -23.72 -37.03
C LYS T 16 33.88 -23.64 -38.54
N ARG T 17 35.00 -23.43 -39.22
CA ARG T 17 35.03 -23.33 -40.69
C ARG T 17 34.37 -24.54 -41.38
N LYS T 18 34.86 -25.73 -41.05
CA LYS T 18 34.31 -26.96 -41.61
C LYS T 18 32.96 -27.29 -40.95
N LYS U 5 -24.09 -2.44 -65.80
CA LYS U 5 -25.54 -2.42 -66.01
C LYS U 5 -26.27 -3.44 -65.14
N ILE U 6 -27.38 -3.03 -64.51
CA ILE U 6 -28.19 -3.90 -63.63
C ILE U 6 -29.67 -4.05 -64.04
N VAL U 7 -30.28 -5.18 -63.67
CA VAL U 7 -31.68 -5.46 -64.01
C VAL U 7 -32.60 -5.32 -62.78
N LEU U 8 -33.66 -4.53 -62.92
CA LEU U 8 -34.67 -4.34 -61.85
C LEU U 8 -36.03 -4.86 -62.30
N LYS U 9 -36.54 -5.87 -61.59
CA LYS U 9 -37.81 -6.46 -61.96
C LYS U 9 -38.98 -5.86 -61.16
N SER U 10 -39.83 -5.12 -61.86
CA SER U 10 -40.95 -4.38 -61.28
C SER U 10 -42.10 -5.24 -60.75
N SER U 11 -43.10 -4.59 -60.17
CA SER U 11 -44.17 -5.30 -59.44
C SER U 11 -45.21 -5.93 -60.36
N ASP U 12 -44.88 -6.06 -61.63
CA ASP U 12 -45.79 -6.70 -62.55
C ASP U 12 -44.99 -7.38 -63.64
N GLY U 13 -43.85 -7.93 -63.23
CA GLY U 13 -42.92 -8.56 -64.15
C GLY U 13 -42.55 -7.60 -65.25
N GLU U 14 -41.41 -6.92 -65.10
CA GLU U 14 -41.05 -5.88 -66.05
C GLU U 14 -39.58 -5.52 -65.96
N SER U 15 -38.73 -6.32 -66.59
CA SER U 15 -37.30 -6.04 -66.53
C SER U 15 -36.97 -4.60 -66.92
N PHE U 16 -36.04 -3.99 -66.18
CA PHE U 16 -35.57 -2.64 -66.45
C PHE U 16 -34.03 -2.59 -66.57
N GLU U 17 -33.55 -2.23 -67.76
CA GLU U 17 -32.12 -2.11 -68.00
C GLU U 17 -31.64 -0.75 -67.49
N VAL U 18 -30.85 -0.76 -66.42
CA VAL U 18 -30.32 0.50 -65.86
C VAL U 18 -28.84 0.43 -65.56
N GLU U 19 -28.18 1.59 -65.58
CA GLU U 19 -26.73 1.65 -65.43
C GLU U 19 -26.31 1.35 -64.00
N GLU U 20 -25.03 1.03 -63.83
CA GLU U 20 -24.45 0.76 -62.52
C GLU U 20 -24.78 1.86 -61.53
N ALA U 21 -24.22 3.06 -61.75
CA ALA U 21 -24.32 4.16 -60.79
C ALA U 21 -25.73 4.74 -60.64
N VAL U 22 -26.61 4.46 -61.60
CA VAL U 22 -28.00 4.93 -61.50
C VAL U 22 -28.79 4.13 -60.48
N ALA U 23 -28.64 2.81 -60.51
CA ALA U 23 -29.33 1.94 -59.56
C ALA U 23 -28.76 2.08 -58.15
N LEU U 24 -27.54 2.61 -58.04
CA LEU U 24 -26.91 2.75 -56.73
C LEU U 24 -27.36 3.99 -55.96
N GLU U 25 -28.22 4.81 -56.57
CA GLU U 25 -28.82 5.92 -55.84
C GLU U 25 -29.69 5.38 -54.70
N SER U 26 -30.30 4.21 -54.95
CA SER U 26 -31.07 3.51 -53.93
C SER U 26 -30.18 2.69 -53.00
N GLN U 27 -30.02 3.15 -51.77
CA GLN U 27 -29.29 2.38 -50.76
C GLN U 27 -29.95 1.03 -50.44
N THR U 28 -31.11 0.78 -51.06
CA THR U 28 -31.77 -0.50 -50.90
C THR U 28 -31.23 -1.46 -51.94
N ILE U 29 -30.95 -0.94 -53.12
CA ILE U 29 -30.36 -1.76 -54.17
C ILE U 29 -28.84 -1.81 -54.01
N ALA U 30 -28.28 -0.85 -53.27
CA ALA U 30 -26.87 -0.89 -52.90
C ALA U 30 -26.58 -2.01 -51.88
N HIS U 31 -27.30 -2.01 -50.76
CA HIS U 31 -27.13 -3.03 -49.73
C HIS U 31 -27.62 -4.40 -50.19
N MET U 32 -27.85 -4.52 -51.50
CA MET U 32 -28.36 -5.74 -52.12
C MET U 32 -27.44 -6.23 -53.24
N VAL U 33 -26.28 -5.59 -53.35
CA VAL U 33 -25.21 -6.08 -54.20
C VAL U 33 -24.11 -6.69 -53.31
N GLU U 34 -24.43 -6.85 -52.03
CA GLU U 34 -23.56 -7.55 -51.09
C GLU U 34 -23.94 -9.03 -51.10
N ASP U 35 -25.08 -9.33 -50.49
CA ASP U 35 -25.73 -10.63 -50.62
C ASP U 35 -26.32 -10.75 -52.03
N ASP U 36 -25.53 -10.33 -53.01
CA ASP U 36 -26.00 -10.14 -54.40
C ASP U 36 -27.04 -11.14 -54.94
N CYS U 37 -28.31 -10.80 -54.76
CA CYS U 37 -29.40 -11.53 -55.41
C CYS U 37 -29.45 -11.12 -56.88
N VAL U 38 -28.50 -10.27 -57.27
CA VAL U 38 -28.48 -9.68 -58.61
C VAL U 38 -28.36 -10.75 -59.70
N ASP U 39 -28.03 -11.97 -59.32
CA ASP U 39 -27.92 -13.09 -60.25
C ASP U 39 -29.17 -13.21 -61.12
N ASN U 40 -30.33 -13.09 -60.49
CA ASN U 40 -31.63 -13.15 -61.16
C ASN U 40 -32.27 -11.76 -61.28
N GLY U 41 -31.43 -10.74 -61.22
CA GLY U 41 -31.88 -9.36 -61.23
C GLY U 41 -32.54 -9.03 -59.91
N VAL U 42 -32.38 -7.79 -59.46
CA VAL U 42 -32.97 -7.34 -58.20
C VAL U 42 -34.50 -7.24 -58.25
N PRO U 43 -35.20 -8.09 -57.47
CA PRO U 43 -36.66 -8.17 -57.47
C PRO U 43 -37.27 -7.17 -56.51
N LEU U 44 -38.13 -6.28 -57.00
CA LEU U 44 -38.81 -5.35 -56.11
C LEU U 44 -40.27 -5.15 -56.47
N PRO U 45 -41.13 -6.01 -55.92
CA PRO U 45 -42.53 -6.16 -56.26
C PRO U 45 -43.46 -5.21 -55.52
N ASN U 46 -42.92 -4.12 -54.99
CA ASN U 46 -43.74 -3.13 -54.28
C ASN U 46 -43.74 -1.80 -55.03
N VAL U 47 -43.18 -1.84 -56.23
CA VAL U 47 -43.14 -0.68 -57.11
C VAL U 47 -43.91 -0.95 -58.39
N THR U 48 -44.96 -0.17 -58.61
CA THR U 48 -45.69 -0.17 -59.85
C THR U 48 -44.65 0.06 -60.95
N SER U 49 -44.82 -0.56 -62.11
CA SER U 49 -43.82 -0.39 -63.17
C SER U 49 -43.81 1.02 -63.72
N LYS U 50 -45.02 1.58 -63.87
CA LYS U 50 -45.21 2.98 -64.26
C LYS U 50 -44.39 3.93 -63.38
N ILE U 51 -44.37 3.64 -62.08
CA ILE U 51 -43.69 4.45 -61.08
C ILE U 51 -42.20 4.26 -61.10
N LEU U 52 -41.75 3.01 -61.07
CA LEU U 52 -40.33 2.67 -61.14
C LEU U 52 -39.67 3.39 -62.31
N ALA U 53 -40.40 3.49 -63.42
CA ALA U 53 -39.99 4.23 -64.61
C ALA U 53 -39.65 5.69 -64.24
N LYS U 54 -40.62 6.37 -63.64
CA LYS U 54 -40.44 7.75 -63.20
C LYS U 54 -39.28 7.89 -62.20
N VAL U 55 -39.06 6.86 -61.38
CA VAL U 55 -37.98 6.92 -60.39
C VAL U 55 -36.62 6.88 -61.06
N ILE U 56 -36.47 5.97 -62.02
CA ILE U 56 -35.21 5.85 -62.74
C ILE U 56 -34.90 7.14 -63.51
N GLU U 57 -35.93 7.75 -64.08
CA GLU U 57 -35.78 9.02 -64.80
C GLU U 57 -35.14 10.10 -63.91
N TYR U 58 -35.55 10.14 -62.65
CA TYR U 58 -35.02 11.10 -61.68
C TYR U 58 -33.54 10.81 -61.37
N CYS U 59 -33.24 9.55 -61.05
CA CYS U 59 -31.87 9.17 -60.73
C CYS U 59 -30.95 9.36 -61.92
N LYS U 60 -31.43 9.00 -63.11
CA LYS U 60 -30.69 9.24 -64.34
C LYS U 60 -30.15 10.66 -64.35
N ARG U 61 -31.06 11.63 -64.30
CA ARG U 61 -30.70 13.05 -64.42
C ARG U 61 -29.79 13.56 -63.29
N HIS U 62 -30.01 13.08 -62.08
CA HIS U 62 -29.22 13.56 -60.94
C HIS U 62 -27.77 13.06 -60.95
N VAL U 63 -27.58 11.82 -61.39
CA VAL U 63 -26.24 11.24 -61.54
C VAL U 63 -25.43 12.04 -62.58
N GLU U 64 -26.13 12.54 -63.60
CA GLU U 64 -25.53 13.45 -64.57
C GLU U 64 -25.33 14.84 -63.96
N ALA U 65 -24.85 14.85 -62.71
CA ALA U 65 -24.32 16.05 -62.07
C ALA U 65 -22.82 15.86 -61.89
N ALA U 66 -22.26 14.94 -62.67
CA ALA U 66 -20.81 14.79 -62.81
C ALA U 66 -20.26 16.02 -63.53
N ALA U 67 -20.75 16.25 -64.74
CA ALA U 67 -20.69 17.58 -65.34
C ALA U 67 -21.50 18.49 -64.40
N ASP U 80 -26.11 23.43 -60.94
CA ASP U 80 -27.15 23.44 -59.90
C ASP U 80 -28.35 24.31 -60.29
N ASP U 81 -28.08 25.32 -61.12
CA ASP U 81 -29.10 26.27 -61.50
C ASP U 81 -30.24 25.60 -62.27
N ASP U 82 -29.89 24.71 -63.19
CA ASP U 82 -30.85 24.07 -64.09
C ASP U 82 -31.45 22.79 -63.51
N LEU U 83 -31.00 22.42 -62.31
CA LEU U 83 -31.53 21.24 -61.63
C LEU U 83 -32.85 21.52 -60.88
N LYS U 84 -32.84 22.53 -60.02
CA LYS U 84 -34.08 22.96 -59.37
C LYS U 84 -35.12 23.26 -60.45
N ALA U 85 -34.63 23.54 -61.65
CA ALA U 85 -35.47 23.72 -62.83
C ALA U 85 -36.18 22.42 -63.23
N TRP U 86 -35.40 21.42 -63.64
CA TRP U 86 -35.93 20.10 -64.02
C TRP U 86 -36.75 19.51 -62.89
N ASP U 87 -36.24 19.64 -61.66
CA ASP U 87 -36.91 19.13 -60.48
C ASP U 87 -38.32 19.68 -60.38
N ALA U 88 -38.44 21.01 -60.32
CA ALA U 88 -39.76 21.66 -60.28
C ALA U 88 -40.69 21.14 -61.41
N ASP U 89 -40.14 21.01 -62.62
CA ASP U 89 -40.93 20.55 -63.75
C ASP U 89 -41.24 19.05 -63.61
N PHE U 90 -40.37 18.32 -62.92
CA PHE U 90 -40.56 16.89 -62.74
C PHE U 90 -41.72 16.62 -61.80
N MET U 91 -42.04 17.61 -60.96
CA MET U 91 -43.05 17.47 -59.91
C MET U 91 -44.47 17.87 -60.33
N LYS U 92 -44.59 18.46 -61.52
CA LYS U 92 -45.90 18.74 -62.10
C LYS U 92 -46.62 17.44 -62.45
N ILE U 93 -47.04 16.71 -61.41
CA ILE U 93 -47.80 15.46 -61.54
C ILE U 93 -49.02 15.53 -60.62
N ASP U 94 -49.94 14.58 -60.77
CA ASP U 94 -51.13 14.55 -59.91
C ASP U 94 -50.78 14.04 -58.51
N GLN U 95 -51.65 14.35 -57.54
CA GLN U 95 -51.39 13.92 -56.16
C GLN U 95 -51.15 12.43 -56.06
N ALA U 96 -52.14 11.65 -56.47
CA ALA U 96 -52.03 10.20 -56.36
C ALA U 96 -50.65 9.71 -56.81
N THR U 97 -50.14 10.27 -57.90
CA THR U 97 -48.83 9.85 -58.39
C THR U 97 -47.71 10.33 -57.48
N LEU U 98 -47.84 11.58 -57.04
CA LEU U 98 -46.90 12.15 -56.10
C LEU U 98 -46.68 11.28 -54.86
N PHE U 99 -47.78 10.85 -54.25
CA PHE U 99 -47.69 10.01 -53.06
C PHE U 99 -46.98 8.69 -53.37
N GLU U 100 -47.37 8.03 -54.47
CA GLU U 100 -46.80 6.74 -54.85
C GLU U 100 -45.28 6.84 -55.05
N LEU U 101 -44.82 8.06 -55.30
CA LEU U 101 -43.41 8.33 -55.48
C LEU U 101 -42.67 8.39 -54.15
N ILE U 102 -43.28 9.07 -53.18
CA ILE U 102 -42.74 9.15 -51.83
C ILE U 102 -42.62 7.73 -51.29
N LEU U 103 -43.72 7.00 -51.31
CA LEU U 103 -43.73 5.60 -50.90
C LEU U 103 -42.62 4.79 -51.56
N ALA U 104 -42.35 5.10 -52.83
CA ALA U 104 -41.33 4.42 -53.61
C ALA U 104 -39.92 4.78 -53.16
N ALA U 105 -39.65 6.07 -52.98
CA ALA U 105 -38.34 6.52 -52.52
C ALA U 105 -38.03 5.96 -51.15
N ASN U 106 -39.05 5.80 -50.32
CA ASN U 106 -38.88 5.20 -48.99
C ASN U 106 -38.69 3.67 -49.00
N TYR U 107 -39.25 3.03 -50.01
CA TYR U 107 -39.10 1.59 -50.25
C TYR U 107 -37.72 1.25 -50.76
N LEU U 108 -37.26 2.02 -51.75
CA LEU U 108 -35.85 2.06 -52.10
C LEU U 108 -35.24 2.92 -51.02
N ASN U 109 -34.10 3.55 -51.26
CA ASN U 109 -33.65 4.46 -50.22
C ASN U 109 -33.00 5.70 -50.76
N ILE U 110 -33.78 6.46 -51.51
CA ILE U 110 -33.25 7.60 -52.24
C ILE U 110 -33.50 8.87 -51.45
N LYS U 111 -32.51 9.27 -50.66
CA LYS U 111 -32.69 10.40 -49.75
C LYS U 111 -32.94 11.71 -50.48
N ASN U 112 -32.23 11.92 -51.58
CA ASN U 112 -32.46 13.11 -52.39
C ASN U 112 -33.87 13.15 -53.01
N LEU U 113 -34.51 11.99 -53.17
CA LEU U 113 -35.82 11.90 -53.83
C LEU U 113 -37.02 12.22 -52.96
N LEU U 114 -36.88 13.00 -51.95
CA LEU U 114 -37.93 12.99 -51.01
C LEU U 114 -37.98 14.41 -50.55
N ASP U 115 -36.79 14.95 -50.35
CA ASP U 115 -36.66 16.34 -50.00
C ASP U 115 -37.39 17.23 -51.01
N LEU U 116 -37.81 16.67 -52.14
CA LEU U 116 -38.54 17.46 -53.12
C LEU U 116 -40.06 17.18 -53.14
N THR U 117 -40.43 15.91 -53.14
CA THR U 117 -41.84 15.55 -53.17
C THR U 117 -42.54 15.98 -51.89
N CYS U 118 -41.99 15.55 -50.76
CA CYS U 118 -42.50 15.94 -49.44
C CYS U 118 -42.58 17.46 -49.29
N GLN U 119 -41.48 18.13 -49.60
CA GLN U 119 -41.47 19.57 -49.56
C GLN U 119 -42.54 20.19 -50.48
N THR U 120 -42.93 19.46 -51.54
CA THR U 120 -43.95 19.93 -52.49
C THR U 120 -45.34 19.87 -51.86
N VAL U 121 -45.59 18.76 -51.16
CA VAL U 121 -46.80 18.63 -50.38
C VAL U 121 -46.83 19.65 -49.25
N ALA U 122 -45.73 19.73 -48.51
CA ALA U 122 -45.64 20.68 -47.41
C ALA U 122 -45.94 22.10 -47.90
N ASP U 123 -45.54 22.42 -49.14
CA ASP U 123 -45.78 23.76 -49.66
C ASP U 123 -47.25 24.04 -49.92
N MET U 124 -48.00 22.96 -50.14
CA MET U 124 -49.45 23.06 -50.32
C MET U 124 -50.15 23.43 -49.03
N ILE U 125 -49.59 22.98 -47.90
CA ILE U 125 -50.10 23.33 -46.58
C ILE U 125 -49.70 24.74 -46.15
N LYS U 126 -48.39 25.01 -46.23
CA LYS U 126 -47.80 26.25 -45.71
C LYS U 126 -48.59 27.48 -46.13
N GLY U 127 -49.38 28.01 -45.19
CA GLY U 127 -50.15 29.22 -45.42
C GLY U 127 -51.65 29.04 -45.30
N LYS U 128 -52.10 27.80 -45.47
CA LYS U 128 -53.52 27.52 -45.40
C LYS U 128 -54.01 27.40 -43.96
N THR U 129 -55.33 27.53 -43.80
CA THR U 129 -55.97 27.37 -42.51
C THR U 129 -56.52 25.96 -42.43
N PRO U 130 -56.83 25.49 -41.22
CA PRO U 130 -57.25 24.09 -41.06
C PRO U 130 -58.38 23.75 -42.02
N GLU U 131 -59.33 24.67 -42.22
CA GLU U 131 -60.42 24.40 -43.15
C GLU U 131 -59.89 24.33 -44.58
N GLU U 132 -59.21 25.39 -45.00
CA GLU U 132 -58.58 25.47 -46.32
C GLU U 132 -57.76 24.21 -46.60
N ILE U 133 -57.15 23.63 -45.57
CA ILE U 133 -56.39 22.40 -45.72
C ILE U 133 -57.27 21.21 -46.11
N ARG U 134 -58.13 20.77 -45.19
CA ARG U 134 -58.93 19.58 -45.43
C ARG U 134 -59.93 19.77 -46.58
N THR U 135 -60.11 21.02 -47.00
CA THR U 135 -60.78 21.36 -48.25
C THR U 135 -59.93 20.82 -49.41
N THR U 136 -58.71 21.36 -49.53
CA THR U 136 -57.82 21.01 -50.64
C THR U 136 -57.14 19.64 -50.49
N PHE U 137 -57.77 18.74 -49.74
CA PHE U 137 -57.25 17.37 -49.58
C PHE U 137 -58.41 16.43 -49.34
N ASN U 138 -59.58 17.04 -49.22
CA ASN U 138 -60.80 16.30 -48.93
C ASN U 138 -60.60 15.38 -47.71
N ILE U 139 -60.54 16.02 -46.54
CA ILE U 139 -60.43 15.30 -45.27
C ILE U 139 -61.55 15.66 -44.31
N LYS U 140 -62.28 14.66 -43.85
CA LYS U 140 -63.37 14.92 -42.93
C LYS U 140 -62.84 15.26 -41.53
N ASN U 141 -63.29 16.41 -41.01
CA ASN U 141 -62.96 16.86 -39.67
C ASN U 141 -63.67 16.05 -38.58
N ASP U 142 -62.93 15.18 -37.89
CA ASP U 142 -63.53 14.29 -36.89
C ASP U 142 -63.30 14.74 -35.45
N PHE U 143 -63.10 16.03 -35.26
CA PHE U 143 -62.91 16.60 -33.94
C PHE U 143 -64.26 16.84 -33.24
N THR U 144 -64.45 16.23 -32.08
CA THR U 144 -65.55 16.69 -31.22
C THR U 144 -65.27 18.17 -30.89
N PRO U 145 -66.32 18.96 -30.73
CA PRO U 145 -66.06 20.40 -30.58
C PRO U 145 -65.20 20.74 -29.34
N GLU U 146 -65.27 19.94 -28.26
CA GLU U 146 -64.44 20.13 -27.05
C GLU U 146 -62.98 19.90 -27.41
N GLU U 147 -62.73 18.79 -28.11
CA GLU U 147 -61.41 18.48 -28.59
C GLU U 147 -60.87 19.71 -29.34
N GLU U 148 -61.51 20.03 -30.46
CA GLU U 148 -61.08 21.14 -31.27
C GLU U 148 -60.82 22.38 -30.41
N GLU U 149 -61.65 22.60 -29.41
CA GLU U 149 -61.53 23.83 -28.63
C GLU U 149 -60.31 23.75 -27.73
N GLU U 150 -60.13 22.61 -27.05
CA GLU U 150 -58.93 22.43 -26.25
C GLU U 150 -57.69 22.62 -27.13
N VAL U 151 -57.62 21.95 -28.27
CA VAL U 151 -56.44 22.05 -29.11
C VAL U 151 -56.17 23.50 -29.52
N ARG U 152 -57.23 24.16 -29.96
CA ARG U 152 -57.14 25.55 -30.34
C ARG U 152 -56.65 26.36 -29.11
N ARG U 153 -57.28 26.18 -27.96
CA ARG U 153 -56.84 26.87 -26.74
C ARG U 153 -55.35 26.65 -26.48
N GLU U 154 -54.94 25.40 -26.40
CA GLU U 154 -53.54 25.10 -26.18
C GLU U 154 -52.71 25.84 -27.20
N ASN U 155 -53.11 25.72 -28.47
CA ASN U 155 -52.37 26.37 -29.56
C ASN U 155 -52.23 27.90 -29.50
N GLN U 156 -53.22 28.60 -28.97
CA GLN U 156 -53.16 30.05 -29.00
C GLN U 156 -52.92 30.69 -27.67
N TRP U 157 -53.05 29.92 -26.60
CA TRP U 157 -52.81 30.46 -25.27
C TRP U 157 -51.51 30.01 -24.62
N ALA U 158 -51.08 28.78 -24.89
CA ALA U 158 -49.95 28.23 -24.14
C ALA U 158 -48.74 27.99 -25.00
N PHE U 159 -48.90 27.18 -26.05
CA PHE U 159 -47.75 26.64 -26.80
C PHE U 159 -47.47 27.26 -28.19
N GLU U 160 -46.45 28.11 -28.23
CA GLU U 160 -45.79 28.54 -29.47
C GLU U 160 -45.76 30.06 -29.71
N SER V 12 -53.16 -2.59 -54.32
CA SER V 12 -52.93 -1.21 -54.75
C SER V 12 -54.26 -0.45 -54.92
N CYS V 13 -54.56 0.39 -53.94
CA CYS V 13 -55.69 1.31 -54.03
C CYS V 13 -55.12 2.72 -54.24
N VAL V 14 -55.95 3.65 -54.72
CA VAL V 14 -55.50 5.02 -54.92
C VAL V 14 -54.77 5.50 -53.67
N ALA V 15 -53.66 6.20 -53.83
CA ALA V 15 -52.90 6.67 -52.66
C ALA V 15 -53.43 7.99 -52.10
N THR V 16 -53.77 8.00 -50.81
CA THR V 16 -54.31 9.19 -50.13
C THR V 16 -53.20 10.01 -49.50
N VAL V 17 -53.55 11.17 -48.97
CA VAL V 17 -52.60 11.96 -48.17
C VAL V 17 -52.25 11.16 -46.94
N ASP V 18 -53.24 10.52 -46.36
CA ASP V 18 -53.09 9.73 -45.14
C ASP V 18 -52.00 8.67 -45.26
N ASP V 19 -51.54 8.40 -46.47
CA ASP V 19 -50.54 7.35 -46.69
C ASP V 19 -49.12 7.93 -46.70
N VAL V 20 -48.96 9.18 -46.26
CA VAL V 20 -47.79 9.93 -46.65
C VAL V 20 -47.57 11.09 -45.70
N ILE V 21 -48.53 11.31 -44.81
CA ILE V 21 -48.53 12.52 -43.99
C ILE V 21 -47.50 12.46 -42.86
N GLU V 22 -47.32 11.27 -42.28
CA GLU V 22 -46.28 11.07 -41.27
C GLU V 22 -44.93 11.54 -41.75
N GLN V 23 -44.71 11.42 -43.06
CA GLN V 23 -43.46 11.82 -43.70
C GLN V 23 -43.38 13.33 -43.99
N VAL V 24 -44.41 13.85 -44.66
CA VAL V 24 -44.48 15.25 -45.03
C VAL V 24 -44.35 16.17 -43.80
N MET V 25 -45.06 15.82 -42.72
CA MET V 25 -45.17 16.67 -41.54
C MET V 25 -43.83 17.18 -41.05
N THR V 26 -42.84 16.34 -41.16
CA THR V 26 -41.51 16.69 -40.68
C THR V 26 -40.81 17.68 -41.63
N TYR V 27 -41.53 18.15 -42.65
CA TYR V 27 -41.01 19.18 -43.56
C TYR V 27 -41.70 20.52 -43.35
N ILE V 28 -42.65 20.52 -42.43
CA ILE V 28 -43.28 21.74 -42.00
C ILE V 28 -42.55 22.20 -40.77
N THR V 29 -41.93 23.37 -40.89
CA THR V 29 -41.06 23.87 -39.86
C THR V 29 -41.75 25.01 -39.13
N ASP V 30 -42.52 25.81 -39.89
CA ASP V 30 -43.19 27.00 -39.36
C ASP V 30 -44.15 26.66 -38.22
N PRO V 31 -43.92 27.24 -37.04
CA PRO V 31 -44.74 27.02 -35.84
C PRO V 31 -46.19 27.39 -36.05
N LYS V 32 -46.47 28.27 -37.02
CA LYS V 32 -47.84 28.69 -37.27
C LYS V 32 -48.54 27.74 -38.25
N ASP V 33 -47.76 26.88 -38.89
CA ASP V 33 -48.32 25.93 -39.85
C ASP V 33 -48.57 24.59 -39.15
N ARG V 34 -47.67 24.23 -38.24
CA ARG V 34 -47.92 23.12 -37.31
C ARG V 34 -49.21 23.38 -36.55
N ASP V 35 -49.38 24.63 -36.09
CA ASP V 35 -50.58 25.06 -35.39
C ASP V 35 -51.78 24.65 -36.24
N SER V 36 -51.79 25.03 -37.51
CA SER V 36 -52.94 24.73 -38.35
C SER V 36 -53.06 23.23 -38.54
N ALA V 37 -51.99 22.65 -39.06
CA ALA V 37 -51.93 21.23 -39.34
C ALA V 37 -52.49 20.37 -38.21
N SER V 38 -52.23 20.79 -36.98
CA SER V 38 -52.63 20.03 -35.82
C SER V 38 -54.16 20.00 -35.70
N LEU V 39 -54.81 20.87 -36.48
CA LEU V 39 -56.26 21.10 -36.34
C LEU V 39 -57.10 20.59 -37.50
N VAL V 40 -56.49 19.88 -38.45
CA VAL V 40 -57.24 19.43 -39.62
C VAL V 40 -58.03 18.19 -39.29
N CYS V 41 -57.52 17.41 -38.34
CA CYS V 41 -58.22 16.21 -37.92
C CYS V 41 -57.44 15.46 -36.85
N ARG V 42 -58.08 14.47 -36.23
CA ARG V 42 -57.47 13.73 -35.13
C ARG V 42 -56.14 13.05 -35.49
N ARG V 43 -56.01 12.52 -36.70
CA ARG V 43 -54.77 11.84 -37.03
C ARG V 43 -53.60 12.80 -37.19
N TRP V 44 -53.82 13.83 -38.00
CA TRP V 44 -52.85 14.88 -38.17
C TRP V 44 -52.44 15.43 -36.80
N PHE V 45 -53.44 15.68 -35.96
CA PHE V 45 -53.15 16.17 -34.64
C PHE V 45 -52.13 15.27 -33.92
N LYS V 46 -52.37 13.96 -33.92
CA LYS V 46 -51.46 13.03 -33.24
C LYS V 46 -50.09 13.00 -33.90
N ILE V 47 -50.03 13.11 -35.22
CA ILE V 47 -48.75 13.11 -35.90
C ILE V 47 -47.93 14.36 -35.60
N ASP V 48 -48.59 15.52 -35.55
CA ASP V 48 -47.87 16.73 -35.19
C ASP V 48 -47.36 16.56 -33.77
N SER V 49 -48.25 16.07 -32.88
CA SER V 49 -47.90 15.83 -31.48
C SER V 49 -46.63 15.01 -31.29
N GLU V 50 -46.47 13.94 -32.08
CA GLU V 50 -45.33 13.04 -31.89
C GLU V 50 -44.07 13.45 -32.65
N THR V 51 -44.19 14.49 -33.47
CA THR V 51 -43.07 14.94 -34.31
C THR V 51 -42.60 16.36 -33.99
N ARG V 52 -43.41 17.13 -33.26
CA ARG V 52 -43.04 18.50 -32.88
C ARG V 52 -41.72 18.44 -32.12
N GLU V 53 -40.75 19.26 -32.56
CA GLU V 53 -39.42 19.26 -31.96
C GLU V 53 -39.18 20.41 -30.97
N HIS V 54 -39.67 21.61 -31.32
CA HIS V 54 -39.49 22.77 -30.47
C HIS V 54 -40.80 23.49 -30.10
N VAL V 55 -40.96 23.75 -28.81
CA VAL V 55 -42.07 24.55 -28.30
C VAL V 55 -41.57 25.73 -27.48
N THR V 56 -42.33 26.82 -27.49
CA THR V 56 -41.97 27.95 -26.66
C THR V 56 -43.15 28.43 -25.86
N MET V 57 -43.01 28.49 -24.53
CA MET V 57 -44.10 29.07 -23.73
C MET V 57 -43.77 30.49 -23.34
N ALA V 58 -44.52 31.44 -23.85
CA ALA V 58 -44.23 32.83 -23.50
C ALA V 58 -44.52 33.12 -21.99
N LEU V 59 -45.35 32.30 -21.37
CA LEU V 59 -45.65 32.48 -19.96
C LEU V 59 -45.86 31.10 -19.39
N CYS V 60 -44.95 30.70 -18.52
CA CYS V 60 -44.95 29.37 -17.97
C CYS V 60 -46.24 29.11 -17.21
N TYR V 61 -46.89 30.17 -16.74
CA TYR V 61 -48.06 29.97 -15.89
C TYR V 61 -49.31 29.74 -16.71
N THR V 62 -49.11 29.68 -18.01
CA THR V 62 -50.18 29.51 -18.97
C THR V 62 -50.66 28.07 -19.10
N ALA V 63 -49.84 27.10 -18.68
CA ALA V 63 -50.26 25.68 -18.69
C ALA V 63 -49.44 24.84 -17.71
N THR V 64 -49.99 23.69 -17.35
CA THR V 64 -49.28 22.74 -16.50
C THR V 64 -48.14 22.08 -17.27
N PRO V 65 -47.07 21.71 -16.56
CA PRO V 65 -46.06 20.96 -17.30
C PRO V 65 -46.58 19.56 -17.71
N ASP V 66 -47.58 19.06 -16.99
CA ASP V 66 -48.21 17.83 -17.41
C ASP V 66 -48.80 17.98 -18.80
N ARG V 67 -49.55 19.06 -18.98
CA ARG V 67 -50.26 19.32 -20.24
C ARG V 67 -49.31 19.41 -21.44
N LEU V 68 -48.13 19.95 -21.17
CA LEU V 68 -47.12 20.15 -22.18
C LEU V 68 -46.49 18.82 -22.60
N SER V 69 -46.14 17.99 -21.62
CA SER V 69 -45.51 16.70 -21.92
C SER V 69 -46.52 15.71 -22.58
N ARG V 70 -47.77 15.82 -22.17
CA ARG V 70 -48.84 15.05 -22.76
C ARG V 70 -49.03 15.37 -24.25
N ARG V 71 -49.06 16.67 -24.58
CA ARG V 71 -49.22 17.15 -25.96
C ARG V 71 -48.01 16.91 -26.88
N PHE V 72 -46.79 17.11 -26.35
CA PHE V 72 -45.56 17.02 -27.15
C PHE V 72 -44.48 16.16 -26.49
N PRO V 73 -44.68 14.85 -26.42
CA PRO V 73 -43.82 13.89 -25.71
C PRO V 73 -42.38 13.84 -26.20
N ASN V 74 -42.14 14.27 -27.42
CA ASN V 74 -40.81 14.11 -28.01
C ASN V 74 -40.12 15.40 -28.36
N LEU V 75 -40.44 16.46 -27.60
CA LEU V 75 -39.70 17.69 -27.72
C LEU V 75 -38.20 17.40 -27.69
N ARG V 76 -37.48 18.15 -28.50
CA ARG V 76 -36.04 18.12 -28.48
C ARG V 76 -35.58 19.44 -27.87
N SER V 77 -36.35 20.50 -28.11
CA SER V 77 -36.01 21.82 -27.60
C SER V 77 -37.18 22.46 -26.87
N LEU V 78 -36.91 23.10 -25.72
CA LEU V 78 -37.95 23.83 -24.97
C LEU V 78 -37.49 25.23 -24.62
N LYS V 79 -38.45 26.14 -24.49
CA LYS V 79 -38.14 27.50 -24.07
C LYS V 79 -39.29 28.07 -23.23
N LEU V 80 -39.01 28.38 -21.96
CA LEU V 80 -40.03 28.91 -21.06
C LEU V 80 -39.68 30.31 -20.65
N LYS V 81 -40.66 31.20 -20.68
CA LYS V 81 -40.47 32.53 -20.15
C LYS V 81 -41.27 32.68 -18.84
N GLY V 82 -40.79 33.49 -17.91
CA GLY V 82 -41.47 33.64 -16.63
C GLY V 82 -41.95 35.05 -16.32
N LYS V 83 -41.23 35.70 -15.44
CA LYS V 83 -41.52 37.08 -15.10
C LYS V 83 -41.82 37.89 -16.35
N PRO V 84 -42.79 38.80 -16.23
CA PRO V 84 -43.16 39.83 -17.19
C PRO V 84 -41.94 40.60 -17.68
N ARG V 85 -42.08 41.27 -18.82
CA ARG V 85 -40.97 42.03 -19.37
C ARG V 85 -40.54 43.15 -18.44
N ALA V 86 -41.50 43.67 -17.69
CA ALA V 86 -41.24 44.77 -16.79
C ALA V 86 -40.13 44.41 -15.80
N ALA V 87 -39.93 43.12 -15.59
CA ALA V 87 -38.90 42.69 -14.65
C ALA V 87 -37.49 43.12 -15.08
N MET V 88 -37.30 43.30 -16.40
CA MET V 88 -36.00 43.72 -16.92
C MET V 88 -35.73 45.18 -16.58
N PHE V 89 -36.61 45.80 -15.80
CA PHE V 89 -36.48 47.22 -15.48
C PHE V 89 -36.68 47.48 -14.01
N ASN V 90 -36.44 46.43 -13.23
CA ASN V 90 -36.60 46.49 -11.78
C ASN V 90 -37.93 47.07 -11.43
N LEU V 91 -38.98 46.50 -12.02
CA LEU V 91 -40.35 46.92 -11.74
C LEU V 91 -41.10 45.78 -11.09
N ILE V 92 -40.61 44.56 -11.30
CA ILE V 92 -41.26 43.39 -10.76
C ILE V 92 -40.51 42.86 -9.55
N PRO V 93 -41.25 42.57 -8.48
CA PRO V 93 -40.74 41.96 -7.24
C PRO V 93 -39.92 40.74 -7.53
N GLU V 94 -38.90 40.52 -6.72
CA GLU V 94 -38.01 39.41 -6.98
C GLU V 94 -38.74 38.07 -6.82
N ASN V 95 -39.55 37.98 -5.78
CA ASN V 95 -40.19 36.72 -5.45
C ASN V 95 -41.42 36.40 -6.32
N TRP V 96 -41.63 37.19 -7.37
CA TRP V 96 -42.91 37.14 -8.09
C TRP V 96 -43.31 35.75 -8.54
N GLY V 97 -42.32 34.97 -8.94
CA GLY V 97 -42.56 33.65 -9.49
C GLY V 97 -41.80 33.40 -10.79
N GLY V 98 -41.97 32.21 -11.35
CA GLY V 98 -41.26 31.87 -12.55
C GLY V 98 -40.41 30.69 -12.19
N TYR V 99 -40.71 30.09 -11.04
CA TYR V 99 -39.95 28.92 -10.58
C TYR V 99 -39.94 27.81 -11.63
N VAL V 100 -38.80 27.16 -11.78
CA VAL V 100 -38.57 26.36 -12.95
C VAL V 100 -38.69 24.88 -12.58
N THR V 101 -38.75 24.60 -11.27
CA THR V 101 -38.60 23.22 -10.78
C THR V 101 -39.64 22.22 -11.35
N PRO V 102 -40.95 22.59 -11.31
CA PRO V 102 -42.04 21.73 -11.79
C PRO V 102 -41.76 21.33 -13.24
N TRP V 103 -41.13 22.25 -13.95
CA TRP V 103 -40.76 21.97 -15.32
C TRP V 103 -39.59 21.00 -15.42
N VAL V 104 -38.61 21.10 -14.52
CA VAL V 104 -37.53 20.15 -14.66
C VAL V 104 -37.92 18.81 -14.08
N THR V 105 -38.82 18.76 -13.11
CA THR V 105 -39.18 17.39 -12.70
C THR V 105 -39.98 16.73 -13.83
N GLU V 106 -40.65 17.56 -14.63
CA GLU V 106 -41.41 17.05 -15.76
C GLU V 106 -40.47 16.61 -16.88
N ILE V 107 -39.47 17.43 -17.16
CA ILE V 107 -38.42 17.07 -18.12
C ILE V 107 -37.70 15.79 -17.72
N SER V 108 -37.41 15.68 -16.43
CA SER V 108 -36.75 14.51 -15.85
C SER V 108 -37.56 13.25 -16.16
N ASN V 109 -38.87 13.38 -16.17
CA ASN V 109 -39.71 12.22 -16.19
C ASN V 109 -40.32 11.91 -17.50
N ASN V 110 -40.67 12.93 -18.28
CA ASN V 110 -41.53 12.72 -19.45
C ASN V 110 -41.01 13.31 -20.76
N LEU V 111 -40.04 14.20 -20.69
CA LEU V 111 -39.46 14.74 -21.90
C LEU V 111 -38.10 14.11 -22.15
N ARG V 112 -38.13 12.80 -22.28
CA ARG V 112 -36.91 11.98 -22.34
C ARG V 112 -36.09 12.21 -23.61
N GLN V 113 -36.42 13.25 -24.37
CA GLN V 113 -35.80 13.43 -25.67
C GLN V 113 -35.14 14.78 -25.73
N LEU V 114 -35.30 15.53 -24.66
CA LEU V 114 -34.92 16.93 -24.63
C LEU V 114 -33.41 17.06 -24.70
N LYS V 115 -32.94 17.90 -25.63
CA LYS V 115 -31.51 18.10 -25.78
C LYS V 115 -31.17 19.60 -25.56
N SER V 116 -32.20 20.45 -25.46
CA SER V 116 -31.96 21.88 -25.28
C SER V 116 -33.02 22.60 -24.47
N VAL V 117 -32.58 23.29 -23.43
CA VAL V 117 -33.49 24.07 -22.60
C VAL V 117 -33.10 25.53 -22.46
N HIS V 118 -34.06 26.42 -22.62
CA HIS V 118 -33.82 27.85 -22.51
C HIS V 118 -34.80 28.42 -21.50
N PHE V 119 -34.30 28.86 -20.36
CA PHE V 119 -35.17 29.52 -19.41
C PHE V 119 -34.95 31.02 -19.52
N ARG V 120 -36.03 31.79 -19.51
CA ARG V 120 -35.95 33.24 -19.70
C ARG V 120 -36.74 34.01 -18.64
N ARG V 121 -36.03 34.82 -17.86
CA ARG V 121 -36.63 35.51 -16.74
C ARG V 121 -37.27 34.54 -15.76
N MET V 122 -36.54 33.48 -15.40
CA MET V 122 -37.06 32.53 -14.44
C MET V 122 -36.23 32.37 -13.15
N ILE V 123 -36.79 31.65 -12.17
CA ILE V 123 -36.10 31.36 -10.91
C ILE V 123 -35.52 29.95 -11.01
N VAL V 124 -34.20 29.85 -11.08
CA VAL V 124 -33.56 28.55 -11.16
C VAL V 124 -32.70 28.25 -9.92
N SER V 125 -33.02 27.17 -9.20
CA SER V 125 -32.32 26.78 -7.98
C SER V 125 -31.18 25.77 -8.22
N ASP V 126 -30.22 25.72 -7.31
CA ASP V 126 -29.14 24.77 -7.46
C ASP V 126 -29.73 23.39 -7.58
N LEU V 127 -30.77 23.11 -6.80
CA LEU V 127 -31.29 21.76 -6.74
C LEU V 127 -31.87 21.45 -8.07
N ASP V 128 -32.74 22.33 -8.53
CA ASP V 128 -33.43 21.99 -9.75
C ASP V 128 -32.46 21.90 -10.93
N LEU V 129 -31.34 22.60 -10.88
CA LEU V 129 -30.41 22.32 -11.98
C LEU V 129 -29.46 21.16 -11.77
N ASP V 130 -29.17 20.81 -10.54
CA ASP V 130 -28.51 19.52 -10.31
C ASP V 130 -29.42 18.45 -10.89
N ARG V 131 -30.73 18.62 -10.72
CA ARG V 131 -31.70 17.61 -11.12
C ARG V 131 -31.72 17.47 -12.62
N LEU V 132 -31.68 18.63 -13.26
CA LEU V 132 -31.65 18.73 -14.71
C LEU V 132 -30.43 17.98 -15.23
N ALA V 133 -29.26 18.43 -14.76
CA ALA V 133 -27.99 17.87 -15.14
C ALA V 133 -28.00 16.35 -15.08
N LYS V 134 -28.35 15.79 -13.92
CA LYS V 134 -28.38 14.33 -13.79
C LYS V 134 -29.42 13.70 -14.74
N ALA V 135 -30.61 14.30 -14.79
CA ALA V 135 -31.69 13.71 -15.54
C ALA V 135 -31.41 13.67 -17.04
N ARG V 136 -30.71 14.66 -17.55
CA ARG V 136 -30.56 14.81 -18.98
C ARG V 136 -29.11 14.58 -19.43
N ALA V 137 -28.17 14.78 -18.51
CA ALA V 137 -26.75 14.43 -18.68
C ALA V 137 -26.19 14.67 -20.07
N ASP V 138 -25.52 13.64 -20.59
CA ASP V 138 -24.78 13.79 -21.83
C ASP V 138 -25.61 14.30 -22.97
N ASP V 139 -26.91 14.01 -22.93
CA ASP V 139 -27.86 14.42 -23.97
C ASP V 139 -28.15 15.91 -24.05
N LEU V 140 -27.93 16.64 -22.95
CA LEU V 140 -28.12 18.09 -22.94
C LEU V 140 -27.06 18.82 -23.78
N GLU V 141 -27.45 19.27 -24.96
CA GLU V 141 -26.51 19.90 -25.87
C GLU V 141 -26.45 21.39 -25.64
N THR V 142 -27.60 21.97 -25.30
CA THR V 142 -27.58 23.39 -24.99
C THR V 142 -28.42 23.78 -23.74
N LEU V 143 -27.95 24.78 -23.00
CA LEU V 143 -28.63 25.26 -21.82
C LEU V 143 -28.52 26.77 -21.74
N LYS V 144 -29.65 27.45 -21.71
CA LYS V 144 -29.63 28.91 -21.67
C LYS V 144 -30.33 29.43 -20.42
N LEU V 145 -29.54 29.85 -19.43
CA LEU V 145 -30.10 30.56 -18.26
C LEU V 145 -30.18 32.06 -18.51
N ASP V 146 -31.27 32.48 -19.13
CA ASP V 146 -31.37 33.81 -19.72
C ASP V 146 -32.06 34.80 -18.79
N LYS V 147 -31.28 35.67 -18.16
CA LYS V 147 -31.83 36.61 -17.20
C LYS V 147 -32.55 35.90 -16.06
N CYS V 148 -31.98 34.79 -15.58
CA CYS V 148 -32.58 34.09 -14.44
C CYS V 148 -31.85 34.38 -13.14
N SER V 149 -32.42 33.90 -12.04
CA SER V 149 -31.86 34.12 -10.72
C SER V 149 -32.06 32.89 -9.84
N GLY V 150 -31.40 32.89 -8.69
CA GLY V 150 -31.69 31.91 -7.65
C GLY V 150 -30.80 30.69 -7.54
N PHE V 151 -29.70 30.67 -8.30
CA PHE V 151 -28.78 29.52 -8.27
C PHE V 151 -27.39 29.99 -7.88
N THR V 152 -26.44 29.07 -7.90
CA THR V 152 -25.06 29.40 -7.58
C THR V 152 -24.08 28.58 -8.42
N THR V 153 -22.79 28.86 -8.28
CA THR V 153 -21.77 28.09 -8.98
C THR V 153 -21.92 26.57 -8.80
N ASP V 154 -22.46 26.12 -7.66
CA ASP V 154 -22.65 24.68 -7.43
C ASP V 154 -23.53 24.10 -8.54
N GLY V 155 -24.65 24.77 -8.79
CA GLY V 155 -25.47 24.42 -9.94
C GLY V 155 -24.65 24.33 -11.21
N LEU V 156 -24.07 25.45 -11.63
CA LEU V 156 -23.18 25.44 -12.78
C LEU V 156 -22.25 24.23 -12.79
N LEU V 157 -21.54 24.02 -11.67
CA LEU V 157 -20.59 22.91 -11.61
C LEU V 157 -21.29 21.59 -11.88
N SER V 158 -22.49 21.44 -11.32
CA SER V 158 -23.25 20.23 -11.54
C SER V 158 -23.53 20.00 -13.04
N ILE V 159 -23.92 21.03 -13.78
CA ILE V 159 -24.24 20.75 -15.18
C ILE V 159 -22.99 20.57 -16.04
N VAL V 160 -21.87 21.21 -15.69
CA VAL V 160 -20.69 21.02 -16.53
C VAL V 160 -20.01 19.67 -16.29
N THR V 161 -20.27 19.05 -15.15
CA THR V 161 -19.65 17.75 -14.84
C THR V 161 -20.48 16.60 -15.38
N HIS V 162 -21.81 16.74 -15.33
CA HIS V 162 -22.75 15.68 -15.74
C HIS V 162 -23.14 15.75 -17.22
N CYS V 163 -23.15 16.97 -17.77
CA CYS V 163 -23.44 17.15 -19.17
C CYS V 163 -22.17 17.43 -19.93
N ARG V 164 -21.50 16.35 -20.32
CA ARG V 164 -20.11 16.42 -20.74
C ARG V 164 -20.02 16.88 -22.18
N LYS V 165 -21.18 16.92 -22.85
CA LYS V 165 -21.18 17.25 -24.28
C LYS V 165 -21.85 18.57 -24.65
N ILE V 166 -22.06 19.44 -23.65
CA ILE V 166 -22.67 20.75 -23.92
C ILE V 166 -22.01 21.45 -25.10
N LYS V 167 -22.83 21.83 -26.09
CA LYS V 167 -22.37 22.66 -27.22
C LYS V 167 -22.55 24.16 -26.97
N THR V 168 -23.69 24.53 -26.37
CA THR V 168 -23.91 25.94 -26.03
C THR V 168 -24.40 26.14 -24.59
N LEU V 169 -23.68 26.98 -23.83
CA LEU V 169 -23.96 27.23 -22.40
C LEU V 169 -24.02 28.76 -22.14
N LEU V 170 -25.15 29.25 -21.64
CA LEU V 170 -25.37 30.68 -21.56
C LEU V 170 -25.95 31.17 -20.21
N MET V 171 -25.42 32.26 -19.67
CA MET V 171 -25.89 32.78 -18.38
C MET V 171 -26.20 34.25 -18.43
N GLU V 172 -26.09 34.82 -19.63
CA GLU V 172 -26.17 36.26 -19.81
C GLU V 172 -27.21 36.94 -18.90
N GLU V 173 -26.73 37.87 -18.09
CA GLU V 173 -27.58 38.76 -17.30
C GLU V 173 -28.26 38.01 -16.17
N SER V 174 -27.90 36.74 -15.99
CA SER V 174 -28.36 36.02 -14.83
C SER V 174 -27.65 36.46 -13.58
N SER V 175 -28.33 36.33 -12.44
CA SER V 175 -27.71 36.68 -11.18
C SER V 175 -27.73 35.49 -10.24
N PHE V 176 -26.57 35.20 -9.66
CA PHE V 176 -26.36 34.01 -8.86
C PHE V 176 -25.32 34.32 -7.81
N SER V 177 -25.07 33.35 -6.95
CA SER V 177 -24.09 33.51 -5.90
C SER V 177 -22.80 32.84 -6.35
N GLU V 178 -21.71 33.61 -6.38
CA GLU V 178 -20.46 33.03 -6.85
C GLU V 178 -19.62 32.56 -5.68
N LYS V 179 -19.50 31.25 -5.54
CA LYS V 179 -18.78 30.68 -4.41
C LYS V 179 -17.35 30.29 -4.80
N ASP V 180 -17.16 30.06 -6.09
CA ASP V 180 -15.86 29.71 -6.64
C ASP V 180 -15.77 29.71 -8.18
N GLY V 181 -14.69 29.14 -8.69
CA GLY V 181 -14.50 29.05 -10.12
C GLY V 181 -14.46 27.65 -10.69
N LYS V 182 -14.65 26.61 -9.87
CA LYS V 182 -14.42 25.26 -10.37
C LYS V 182 -15.26 24.92 -11.62
N TRP V 183 -16.46 25.47 -11.71
CA TRP V 183 -17.26 25.23 -12.91
C TRP V 183 -16.53 25.51 -14.23
N LEU V 184 -15.91 26.68 -14.39
CA LEU V 184 -15.14 27.02 -15.60
C LEU V 184 -13.97 26.06 -15.81
N HIS V 185 -13.29 25.74 -14.73
CA HIS V 185 -12.11 24.93 -14.78
C HIS V 185 -12.50 23.52 -15.18
N GLU V 186 -13.64 23.06 -14.68
CA GLU V 186 -14.16 21.73 -15.04
C GLU V 186 -14.54 21.65 -16.51
N LEU V 187 -14.87 22.79 -17.09
CA LEU V 187 -15.14 22.87 -18.53
C LEU V 187 -13.85 22.76 -19.29
N ALA V 188 -12.89 23.61 -18.91
CA ALA V 188 -11.54 23.59 -19.47
C ALA V 188 -10.94 22.18 -19.48
N GLN V 189 -11.00 21.50 -18.34
CA GLN V 189 -10.32 20.24 -18.21
C GLN V 189 -10.94 19.08 -19.00
N HIS V 190 -12.22 19.15 -19.34
CA HIS V 190 -12.86 17.99 -19.97
C HIS V 190 -13.77 18.25 -21.19
N ASN V 191 -14.14 19.51 -21.44
CA ASN V 191 -15.06 19.81 -22.55
C ASN V 191 -14.37 20.13 -23.86
N THR V 192 -15.01 19.68 -24.93
CA THR V 192 -14.46 19.72 -26.27
C THR V 192 -15.45 20.31 -27.27
N SER V 193 -16.72 20.04 -26.99
CA SER V 193 -17.83 20.28 -27.89
C SER V 193 -18.30 21.74 -27.91
N LEU V 194 -17.90 22.49 -26.90
CA LEU V 194 -18.32 23.87 -26.77
C LEU V 194 -18.29 24.64 -28.08
N GLU V 195 -19.44 25.19 -28.47
CA GLU V 195 -19.59 26.04 -29.66
C GLU V 195 -19.93 27.50 -29.31
N VAL V 196 -20.79 27.68 -28.31
CA VAL V 196 -20.99 29.04 -27.82
C VAL V 196 -21.09 29.13 -26.31
N LEU V 197 -20.33 30.07 -25.74
CA LEU V 197 -20.23 30.23 -24.31
C LEU V 197 -20.54 31.67 -24.01
N ASN V 198 -21.42 31.91 -23.07
CA ASN V 198 -21.91 33.25 -22.88
C ASN V 198 -22.21 33.58 -21.43
N PHE V 199 -21.36 34.39 -20.78
CA PHE V 199 -21.77 34.99 -19.51
C PHE V 199 -21.66 36.52 -19.51
N TYR V 200 -22.41 37.15 -20.40
CA TYR V 200 -22.12 38.51 -20.85
C TYR V 200 -22.37 39.62 -19.83
N MET V 201 -23.44 39.50 -19.06
CA MET V 201 -23.67 40.56 -18.11
C MET V 201 -23.56 40.02 -16.71
N THR V 202 -22.36 39.60 -16.33
CA THR V 202 -22.23 38.85 -15.10
C THR V 202 -21.01 39.21 -14.27
N GLU V 203 -21.22 39.30 -12.96
CA GLU V 203 -20.15 39.54 -12.00
C GLU V 203 -19.51 38.22 -11.65
N PHE V 204 -18.45 37.85 -12.35
CA PHE V 204 -17.68 36.70 -11.94
C PHE V 204 -16.33 37.24 -11.53
N ALA V 205 -15.89 36.92 -10.33
CA ALA V 205 -14.60 37.40 -9.85
C ALA V 205 -13.66 36.26 -9.47
N LYS V 206 -14.08 35.03 -9.69
CA LYS V 206 -13.31 33.93 -9.19
C LYS V 206 -12.97 32.96 -10.29
N ILE V 207 -13.15 33.36 -11.55
CA ILE V 207 -12.77 32.45 -12.65
C ILE V 207 -11.49 32.89 -13.31
N SER V 208 -10.69 31.92 -13.71
CA SER V 208 -9.34 32.17 -14.24
C SER V 208 -9.32 32.32 -15.77
N PRO V 209 -8.82 33.47 -16.28
CA PRO V 209 -8.74 33.61 -17.74
C PRO V 209 -7.96 32.44 -18.33
N LYS V 210 -7.03 31.87 -17.58
CA LYS V 210 -6.27 30.71 -18.04
C LYS V 210 -7.23 29.64 -18.53
N ASP V 211 -8.21 29.29 -17.69
CA ASP V 211 -9.20 28.24 -18.02
C ASP V 211 -9.91 28.55 -19.33
N LEU V 212 -10.27 29.83 -19.51
CA LEU V 212 -10.99 30.31 -20.67
C LEU V 212 -10.15 30.09 -21.92
N GLU V 213 -8.87 30.34 -21.77
CA GLU V 213 -7.90 30.10 -22.82
C GLU V 213 -7.77 28.60 -23.08
N THR V 214 -7.61 27.80 -22.03
CA THR V 214 -7.46 26.37 -22.25
C THR V 214 -8.68 25.76 -22.92
N ILE V 215 -9.83 26.41 -22.74
CA ILE V 215 -11.07 25.98 -23.39
C ILE V 215 -11.00 26.28 -24.87
N ALA V 216 -10.51 27.48 -25.17
CA ALA V 216 -10.38 27.95 -26.54
C ALA V 216 -9.45 27.00 -27.26
N ARG V 217 -8.49 26.49 -26.52
CA ARG V 217 -7.50 25.62 -27.10
C ARG V 217 -8.13 24.29 -27.47
N ASN V 218 -9.04 23.81 -26.61
CA ASN V 218 -9.64 22.47 -26.77
C ASN V 218 -10.92 22.33 -27.62
N CYS V 219 -11.63 23.44 -27.81
CA CYS V 219 -12.94 23.40 -28.48
C CYS V 219 -12.81 23.99 -29.88
N ARG V 220 -12.61 23.07 -30.84
CA ARG V 220 -12.32 23.48 -32.20
C ARG V 220 -13.46 24.26 -32.80
N SER V 221 -14.67 24.05 -32.31
CA SER V 221 -15.84 24.64 -32.98
C SER V 221 -16.35 25.88 -32.26
N LEU V 222 -15.47 26.49 -31.47
CA LEU V 222 -15.84 27.63 -30.64
C LEU V 222 -16.02 28.88 -31.48
N VAL V 223 -17.27 29.32 -31.59
CA VAL V 223 -17.62 30.40 -32.51
C VAL V 223 -17.95 31.71 -31.78
N SER V 224 -18.73 31.63 -30.71
CA SER V 224 -19.06 32.82 -29.95
C SER V 224 -18.74 32.69 -28.47
N VAL V 225 -18.12 33.73 -27.93
CA VAL V 225 -17.98 33.85 -26.48
C VAL V 225 -18.13 35.29 -26.03
N LYS V 226 -19.04 35.51 -25.08
CA LYS V 226 -19.24 36.81 -24.44
C LYS V 226 -18.91 36.62 -22.99
N VAL V 227 -18.47 37.69 -22.34
CA VAL V 227 -17.77 37.52 -21.07
C VAL V 227 -17.94 38.68 -20.10
N GLY V 228 -17.44 38.50 -18.86
CA GLY V 228 -17.54 39.51 -17.81
C GLY V 228 -16.45 40.57 -17.86
N ASP V 229 -16.12 41.14 -16.70
CA ASP V 229 -15.09 42.19 -16.63
C ASP V 229 -13.63 41.67 -16.57
N PHE V 230 -13.29 40.67 -17.40
CA PHE V 230 -11.90 40.22 -17.56
C PHE V 230 -11.06 41.35 -18.12
N GLU V 231 -9.79 41.43 -17.70
CA GLU V 231 -8.88 42.39 -18.33
C GLU V 231 -8.50 41.82 -19.70
N ILE V 232 -8.80 42.57 -20.76
CA ILE V 232 -8.52 42.10 -22.11
C ILE V 232 -7.10 41.53 -22.24
N LEU V 233 -6.12 42.26 -21.70
CA LEU V 233 -4.73 41.82 -21.80
C LEU V 233 -4.52 40.40 -21.29
N GLU V 234 -5.31 39.99 -20.31
CA GLU V 234 -5.23 38.63 -19.76
C GLU V 234 -5.78 37.60 -20.73
N LEU V 235 -6.40 38.07 -21.81
CA LEU V 235 -7.06 37.19 -22.77
C LEU V 235 -6.29 37.01 -24.07
N VAL V 236 -5.06 37.48 -24.12
CA VAL V 236 -4.33 37.42 -25.38
C VAL V 236 -4.05 35.96 -25.69
N GLY V 237 -3.73 35.20 -24.64
CA GLY V 237 -3.56 33.75 -24.77
C GLY V 237 -4.79 33.19 -25.46
N PHE V 238 -5.94 33.46 -24.83
CA PHE V 238 -7.24 33.12 -25.37
C PHE V 238 -7.37 33.46 -26.87
N PHE V 239 -7.30 34.74 -27.21
CA PHE V 239 -7.57 35.14 -28.59
C PHE V 239 -6.75 34.40 -29.63
N LYS V 240 -5.47 34.18 -29.33
CA LYS V 240 -4.62 33.41 -30.23
C LYS V 240 -5.15 31.99 -30.41
N ALA V 241 -5.55 31.37 -29.30
CA ALA V 241 -6.04 30.00 -29.32
C ALA V 241 -7.42 29.86 -30.01
N ALA V 242 -8.26 30.88 -29.88
CA ALA V 242 -9.63 30.81 -30.40
C ALA V 242 -9.74 31.05 -31.92
N ALA V 243 -9.10 30.20 -32.70
CA ALA V 243 -9.03 30.37 -34.16
C ALA V 243 -10.38 30.74 -34.84
N ASN V 244 -11.42 29.96 -34.57
CA ASN V 244 -12.65 30.07 -35.35
C ASN V 244 -13.63 31.09 -34.81
N LEU V 245 -13.16 31.84 -33.82
CA LEU V 245 -14.04 32.79 -33.14
C LEU V 245 -14.60 33.83 -34.11
N GLU V 246 -15.93 34.02 -34.06
CA GLU V 246 -16.62 34.97 -34.93
C GLU V 246 -17.27 36.07 -34.10
N GLU V 247 -17.53 35.78 -32.84
CA GLU V 247 -18.18 36.75 -31.98
C GLU V 247 -17.43 36.81 -30.67
N PHE V 248 -17.16 38.04 -30.22
CA PHE V 248 -16.70 38.26 -28.87
C PHE V 248 -17.27 39.55 -28.33
N CYS V 249 -17.92 39.47 -27.16
CA CYS V 249 -18.38 40.64 -26.45
C CYS V 249 -17.87 40.49 -25.05
N GLY V 250 -17.64 41.62 -24.38
CA GLY V 250 -17.32 41.61 -22.96
C GLY V 250 -15.90 42.05 -22.73
N GLY V 251 -15.35 41.60 -21.61
CA GLY V 251 -14.03 41.99 -21.20
C GLY V 251 -14.00 43.43 -20.73
N SER V 252 -12.80 43.88 -20.41
CA SER V 252 -12.58 45.17 -19.80
C SER V 252 -11.31 45.81 -20.34
N LEU V 253 -11.48 46.96 -20.97
CA LEU V 253 -10.36 47.77 -21.41
C LEU V 253 -10.09 48.79 -20.31
N ASN V 254 -8.98 48.59 -19.60
CA ASN V 254 -8.56 49.49 -18.52
C ASN V 254 -7.29 50.21 -18.90
N GLU V 255 -7.40 51.51 -19.13
CA GLU V 255 -6.23 52.28 -19.52
C GLU V 255 -5.62 52.89 -18.27
N ASP V 256 -4.31 52.71 -18.11
CA ASP V 256 -3.54 53.54 -17.19
C ASP V 256 -2.73 54.47 -18.08
N ILE V 257 -2.22 55.54 -17.49
CA ILE V 257 -1.46 56.52 -18.28
C ILE V 257 -0.04 56.02 -18.52
N GLY V 258 0.46 55.23 -17.56
CA GLY V 258 1.77 54.62 -17.65
C GLY V 258 2.01 53.82 -18.92
N MET V 259 0.94 53.42 -19.59
CA MET V 259 1.04 52.75 -20.89
C MET V 259 0.10 53.43 -21.88
N PRO V 260 0.67 54.23 -22.80
CA PRO V 260 -0.14 54.90 -23.81
C PRO V 260 -0.48 53.88 -24.88
N GLU V 261 0.43 52.95 -25.10
CA GLU V 261 0.16 51.88 -26.03
C GLU V 261 0.00 50.58 -25.28
N LYS V 262 -0.92 50.57 -24.32
CA LYS V 262 -1.22 49.36 -23.54
C LYS V 262 -1.75 48.25 -24.46
N TYR V 263 -2.65 48.64 -25.35
CA TYR V 263 -3.31 47.69 -26.25
C TYR V 263 -3.09 48.01 -27.71
N MET V 264 -1.90 47.85 -28.25
CA MET V 264 -1.80 48.10 -29.68
C MET V 264 -1.32 46.83 -30.35
N ASN V 265 -1.01 45.86 -29.50
CA ASN V 265 -0.52 44.57 -29.94
C ASN V 265 -1.53 43.49 -29.62
N LEU V 266 -2.74 43.69 -30.14
CA LEU V 266 -3.83 42.73 -29.95
C LEU V 266 -4.06 41.84 -31.16
N VAL V 267 -3.79 40.56 -30.98
CA VAL V 267 -4.20 39.56 -31.95
C VAL V 267 -5.70 39.32 -31.78
N PHE V 268 -6.53 39.87 -32.67
CA PHE V 268 -7.94 39.40 -32.69
C PHE V 268 -8.11 38.25 -33.68
N PRO V 269 -8.89 37.24 -33.29
CA PRO V 269 -9.09 36.11 -34.20
C PRO V 269 -9.47 36.62 -35.58
N ARG V 270 -9.04 35.93 -36.61
CA ARG V 270 -9.17 36.43 -37.97
C ARG V 270 -10.62 36.60 -38.36
N LYS V 271 -11.47 35.65 -37.98
CA LYS V 271 -12.85 35.68 -38.48
C LYS V 271 -13.79 36.65 -37.72
N LEU V 272 -13.27 37.23 -36.63
CA LEU V 272 -14.07 38.05 -35.71
C LEU V 272 -14.79 39.16 -36.46
N CYS V 273 -16.12 39.17 -36.39
CA CYS V 273 -16.95 40.07 -37.20
C CYS V 273 -18.22 40.54 -36.48
N ARG V 274 -18.41 40.05 -35.26
CA ARG V 274 -19.52 40.46 -34.40
C ARG V 274 -18.89 40.73 -33.05
N LEU V 275 -18.88 41.99 -32.61
CA LEU V 275 -18.20 42.28 -31.34
C LEU V 275 -18.59 43.56 -30.55
N GLY V 276 -18.10 43.61 -29.32
CA GLY V 276 -18.30 44.74 -28.44
C GLY V 276 -17.35 44.64 -27.24
N LEU V 277 -16.33 45.50 -27.22
CA LEU V 277 -15.41 45.55 -26.07
C LEU V 277 -15.87 46.53 -25.00
N SER V 278 -15.96 46.06 -23.77
CA SER V 278 -16.55 46.88 -22.72
C SER V 278 -15.60 47.97 -22.23
N TYR V 279 -16.16 49.15 -21.98
CA TYR V 279 -15.40 50.31 -21.47
C TYR V 279 -14.45 50.94 -22.50
N MET V 280 -14.50 50.43 -23.73
CA MET V 280 -13.64 50.90 -24.80
C MET V 280 -13.70 52.44 -25.01
N GLY V 281 -12.57 53.10 -24.73
CA GLY V 281 -12.43 54.53 -24.94
C GLY V 281 -11.89 54.88 -26.32
N PRO V 282 -11.65 56.19 -26.57
CA PRO V 282 -11.21 56.63 -27.90
C PRO V 282 -9.77 56.19 -28.14
N ASN V 283 -8.99 56.09 -27.05
CA ASN V 283 -7.60 55.63 -27.09
C ASN V 283 -7.40 54.20 -27.60
N GLU V 284 -8.30 53.30 -27.19
CA GLU V 284 -8.19 51.89 -27.54
C GLU V 284 -9.04 51.53 -28.77
N MET V 285 -10.01 52.40 -29.06
CA MET V 285 -10.86 52.28 -30.22
C MET V 285 -10.18 51.88 -31.53
N PRO V 286 -8.96 52.38 -31.76
CA PRO V 286 -8.23 52.10 -33.01
C PRO V 286 -7.86 50.64 -33.27
N ILE V 287 -7.86 49.82 -32.22
CA ILE V 287 -7.42 48.43 -32.41
C ILE V 287 -8.38 47.68 -33.34
N LEU V 288 -9.52 48.30 -33.59
CA LEU V 288 -10.57 47.72 -34.44
C LEU V 288 -10.38 48.04 -35.92
N PHE V 289 -9.73 49.18 -36.20
CA PHE V 289 -9.55 49.65 -37.57
C PHE V 289 -8.96 48.58 -38.51
N PRO V 290 -7.94 47.83 -38.04
CA PRO V 290 -7.27 46.79 -38.83
C PRO V 290 -8.19 45.85 -39.61
N PHE V 291 -9.47 45.82 -39.24
CA PHE V 291 -10.43 44.89 -39.84
C PHE V 291 -11.87 45.36 -39.72
N ALA V 292 -12.06 46.66 -39.52
CA ALA V 292 -13.40 47.24 -39.46
C ALA V 292 -14.24 46.92 -40.70
N ALA V 293 -13.57 46.64 -41.82
CA ALA V 293 -14.30 46.35 -43.07
C ALA V 293 -15.21 45.12 -42.91
N GLN V 294 -14.82 44.29 -41.96
CA GLN V 294 -15.32 42.94 -41.81
C GLN V 294 -16.44 42.86 -40.74
N ILE V 295 -16.45 43.84 -39.84
CA ILE V 295 -17.42 43.94 -38.76
C ILE V 295 -18.86 44.13 -39.24
N ARG V 296 -19.73 43.25 -38.74
CA ARG V 296 -21.13 43.24 -39.14
C ARG V 296 -22.09 43.51 -37.98
N LYS V 297 -21.60 43.31 -36.75
CA LYS V 297 -22.37 43.60 -35.54
C LYS V 297 -21.50 44.37 -34.56
N LEU V 298 -22.08 45.42 -33.99
CA LEU V 298 -21.32 46.28 -33.09
C LEU V 298 -22.06 46.58 -31.79
N ASP V 299 -21.38 46.36 -30.67
CA ASP V 299 -22.03 46.54 -29.37
C ASP V 299 -21.34 47.60 -28.49
N LEU V 300 -21.60 48.87 -28.81
CA LEU V 300 -20.97 49.97 -28.10
C LEU V 300 -21.88 50.35 -26.97
N LEU V 301 -22.59 49.36 -26.49
CA LEU V 301 -23.57 49.61 -25.48
C LEU V 301 -22.84 50.07 -24.22
N TYR V 302 -21.76 49.37 -23.90
CA TYR V 302 -21.07 49.60 -22.65
C TYR V 302 -19.72 50.23 -22.95
N ALA V 303 -19.71 51.03 -24.02
CA ALA V 303 -18.49 51.68 -24.47
C ALA V 303 -18.37 53.12 -23.92
N LEU V 304 -17.13 53.51 -23.65
CA LEU V 304 -16.84 54.82 -23.08
C LEU V 304 -16.37 55.82 -24.12
N LEU V 305 -16.97 55.82 -25.29
CA LEU V 305 -16.54 56.81 -26.28
C LEU V 305 -17.67 57.80 -26.62
N GLU V 306 -17.28 58.99 -27.09
CA GLU V 306 -18.20 60.12 -27.23
C GLU V 306 -18.64 60.35 -28.66
N THR V 307 -19.58 61.27 -28.82
CA THR V 307 -20.28 61.38 -30.08
C THR V 307 -19.33 61.45 -31.29
N GLU V 308 -18.24 62.19 -31.14
CA GLU V 308 -17.28 62.34 -32.22
C GLU V 308 -16.61 61.00 -32.55
N ASP V 309 -16.14 60.34 -31.50
CA ASP V 309 -15.50 59.02 -31.61
C ASP V 309 -16.41 57.99 -32.28
N HIS V 310 -17.72 58.12 -32.09
CA HIS V 310 -18.67 57.22 -32.74
C HIS V 310 -18.56 57.38 -34.23
N CYS V 311 -18.65 58.63 -34.68
CA CYS V 311 -18.70 58.90 -36.11
C CYS V 311 -17.47 58.32 -36.79
N THR V 312 -16.31 58.48 -36.14
CA THR V 312 -15.04 58.09 -36.75
C THR V 312 -15.00 56.58 -36.96
N LEU V 313 -15.63 55.83 -36.04
CA LEU V 313 -15.66 54.36 -36.09
C LEU V 313 -16.75 53.85 -37.05
N ILE V 314 -17.99 54.29 -36.83
CA ILE V 314 -19.10 53.92 -37.71
C ILE V 314 -18.72 54.10 -39.18
N GLN V 315 -18.07 55.23 -39.43
CA GLN V 315 -17.65 55.63 -40.76
C GLN V 315 -16.76 54.54 -41.41
N LYS V 316 -16.11 53.73 -40.58
CA LYS V 316 -15.20 52.70 -41.08
C LYS V 316 -15.82 51.31 -41.34
N CYS V 317 -17.12 51.16 -41.09
CA CYS V 317 -17.76 49.84 -41.11
C CYS V 317 -18.95 49.85 -42.05
N PRO V 318 -18.66 49.77 -43.36
CA PRO V 318 -19.67 49.82 -44.44
C PRO V 318 -20.57 48.60 -44.44
N ASN V 319 -20.11 47.51 -43.83
CA ASN V 319 -20.84 46.26 -43.88
C ASN V 319 -21.62 45.92 -42.60
N LEU V 320 -21.53 46.83 -41.64
CA LEU V 320 -22.33 46.80 -40.42
C LEU V 320 -23.80 46.59 -40.74
N GLU V 321 -24.42 45.55 -40.17
CA GLU V 321 -25.87 45.40 -40.27
C GLU V 321 -26.59 45.48 -38.91
N VAL V 322 -25.86 45.32 -37.83
CA VAL V 322 -26.44 45.50 -36.51
C VAL V 322 -25.56 46.38 -35.65
N LEU V 323 -26.20 47.39 -35.07
CA LEU V 323 -25.49 48.30 -34.18
C LEU V 323 -26.35 48.53 -32.97
N GLU V 324 -25.73 48.39 -31.80
CA GLU V 324 -26.39 48.73 -30.54
C GLU V 324 -25.55 49.77 -29.85
N THR V 325 -26.17 50.88 -29.46
CA THR V 325 -25.40 51.91 -28.76
C THR V 325 -26.25 52.74 -27.81
N ARG V 326 -25.61 53.65 -27.06
CA ARG V 326 -26.34 54.58 -26.20
C ARG V 326 -26.59 55.85 -26.97
N ASN V 327 -27.42 56.75 -26.42
CA ASN V 327 -27.89 57.93 -27.18
C ASN V 327 -26.77 58.91 -27.49
N VAL V 328 -25.62 58.71 -26.85
CA VAL V 328 -24.41 59.46 -27.14
C VAL V 328 -24.07 59.47 -28.63
N ILE V 329 -24.39 58.39 -29.32
CA ILE V 329 -24.23 58.32 -30.76
C ILE V 329 -24.60 59.64 -31.44
N GLY V 330 -25.61 60.32 -30.91
CA GLY V 330 -26.00 61.64 -31.34
C GLY V 330 -26.61 61.73 -32.74
N ASP V 331 -27.26 62.85 -33.02
CA ASP V 331 -27.78 63.09 -34.36
C ASP V 331 -26.66 62.99 -35.36
N ARG V 332 -25.51 63.57 -35.01
CA ARG V 332 -24.33 63.56 -35.88
C ARG V 332 -23.91 62.12 -36.23
N GLY V 333 -23.84 61.29 -35.18
CA GLY V 333 -23.53 59.88 -35.32
C GLY V 333 -24.50 59.23 -36.28
N LEU V 334 -25.79 59.46 -36.05
CA LEU V 334 -26.82 58.88 -36.89
C LEU V 334 -26.62 59.26 -38.35
N GLU V 335 -26.26 60.52 -38.60
CA GLU V 335 -26.03 61.00 -39.96
C GLU V 335 -24.88 60.24 -40.63
N VAL V 336 -23.83 59.98 -39.85
CA VAL V 336 -22.70 59.19 -40.36
C VAL V 336 -23.18 57.80 -40.81
N LEU V 337 -23.91 57.17 -39.90
CA LEU V 337 -24.47 55.83 -40.10
C LEU V 337 -25.27 55.80 -41.38
N ALA V 338 -25.97 56.92 -41.62
CA ALA V 338 -26.93 57.06 -42.72
C ALA V 338 -26.38 56.78 -44.12
N GLN V 339 -25.15 57.19 -44.43
CA GLN V 339 -24.67 56.85 -45.78
C GLN V 339 -23.49 55.87 -45.85
N TYR V 340 -22.84 55.58 -44.73
CA TYR V 340 -21.78 54.57 -44.77
C TYR V 340 -22.28 53.10 -44.63
N CYS V 341 -23.34 52.92 -43.84
CA CYS V 341 -23.86 51.60 -43.55
C CYS V 341 -25.26 51.49 -44.14
N LYS V 342 -25.32 51.06 -45.40
CA LYS V 342 -26.60 50.98 -46.09
C LYS V 342 -27.33 49.67 -45.78
N GLN V 343 -26.55 48.66 -45.41
CA GLN V 343 -27.07 47.32 -45.17
C GLN V 343 -27.55 47.15 -43.73
N LEU V 344 -27.57 48.25 -42.97
CA LEU V 344 -28.03 48.20 -41.59
C LEU V 344 -29.44 47.59 -41.48
N LYS V 345 -29.57 46.58 -40.62
CA LYS V 345 -30.83 45.87 -40.44
C LYS V 345 -31.44 46.12 -39.04
N ARG V 346 -30.59 46.29 -38.04
CA ARG V 346 -31.10 46.44 -36.68
C ARG V 346 -30.32 47.54 -35.97
N LEU V 347 -31.05 48.45 -35.35
CA LEU V 347 -30.43 49.53 -34.60
C LEU V 347 -31.13 49.72 -33.27
N ARG V 348 -30.33 49.77 -32.21
CA ARG V 348 -30.86 50.04 -30.86
C ARG V 348 -30.08 51.19 -30.24
N ILE V 349 -30.80 52.17 -29.72
CA ILE V 349 -30.16 53.32 -29.07
C ILE V 349 -30.66 53.42 -27.64
N GLU V 350 -30.09 52.62 -26.73
CA GLU V 350 -30.50 52.68 -25.32
C GLU V 350 -30.20 54.08 -24.78
N ARG V 351 -30.82 54.44 -23.65
CA ARG V 351 -30.58 55.77 -23.11
C ARG V 351 -29.43 55.81 -22.11
N GLY V 352 -28.50 56.75 -22.33
CA GLY V 352 -27.30 56.91 -21.53
C GLY V 352 -27.47 57.70 -20.23
N ALA V 353 -26.37 58.19 -19.68
CA ALA V 353 -26.44 58.92 -18.42
C ALA V 353 -27.15 60.27 -18.56
N ASP V 354 -28.44 60.28 -18.20
CA ASP V 354 -29.26 61.49 -18.30
C ASP V 354 -29.20 62.28 -17.01
N GLU V 355 -27.99 62.38 -16.46
CA GLU V 355 -27.76 63.08 -15.21
C GLU V 355 -26.98 64.39 -15.42
N GLN V 356 -25.66 64.28 -15.56
CA GLN V 356 -24.79 65.44 -15.78
C GLN V 356 -24.75 65.82 -17.27
N GLY V 357 -25.68 66.67 -17.69
CA GLY V 357 -25.93 66.90 -19.11
C GLY V 357 -26.27 65.55 -19.73
N MET V 358 -26.33 65.47 -21.06
CA MET V 358 -26.28 64.17 -21.69
C MET V 358 -24.84 63.68 -21.45
N GLU V 359 -24.29 62.85 -22.31
CA GLU V 359 -22.89 62.48 -22.12
C GLU V 359 -21.94 63.43 -22.89
N ASP V 360 -22.55 64.21 -23.79
CA ASP V 360 -21.97 65.43 -24.36
C ASP V 360 -23.10 66.39 -24.81
N GLU V 361 -22.76 67.41 -25.59
CA GLU V 361 -23.78 68.37 -26.07
C GLU V 361 -24.38 67.99 -27.44
N GLU V 362 -23.82 66.95 -28.06
CA GLU V 362 -24.39 66.33 -29.26
C GLU V 362 -25.09 65.00 -28.92
N GLY V 363 -25.01 64.60 -27.64
CA GLY V 363 -25.54 63.34 -27.12
C GLY V 363 -27.06 63.30 -27.01
N LEU V 364 -27.71 64.00 -27.94
CA LEU V 364 -29.15 63.99 -28.08
C LEU V 364 -29.43 63.41 -29.45
N VAL V 365 -30.48 62.59 -29.54
CA VAL V 365 -31.02 62.21 -30.85
C VAL V 365 -32.37 62.90 -31.04
N SER V 366 -32.67 63.26 -32.29
CA SER V 366 -33.83 64.11 -32.61
C SER V 366 -34.40 63.82 -33.99
N GLN V 367 -35.47 64.56 -34.32
CA GLN V 367 -36.08 64.58 -35.66
C GLN V 367 -34.99 64.50 -36.71
N ARG V 368 -33.94 65.29 -36.48
CA ARG V 368 -32.84 65.43 -37.42
C ARG V 368 -32.24 64.07 -37.71
N GLY V 369 -31.74 63.45 -36.64
CA GLY V 369 -31.12 62.14 -36.78
C GLY V 369 -32.08 61.11 -37.37
N LEU V 370 -33.29 61.07 -36.83
CA LEU V 370 -34.26 60.09 -37.28
C LEU V 370 -34.50 60.20 -38.79
N ILE V 371 -34.90 61.39 -39.26
CA ILE V 371 -35.23 61.56 -40.67
C ILE V 371 -34.01 61.32 -41.58
N ALA V 372 -32.82 61.63 -41.06
CA ALA V 372 -31.58 61.31 -41.75
C ALA V 372 -31.45 59.79 -41.95
N LEU V 373 -31.65 59.08 -40.85
CA LEU V 373 -31.53 57.63 -40.78
C LEU V 373 -32.53 56.93 -41.69
N ALA V 374 -33.76 57.44 -41.65
CA ALA V 374 -34.87 56.91 -42.43
C ALA V 374 -34.52 56.91 -43.91
N GLN V 375 -33.71 57.89 -44.31
CA GLN V 375 -33.36 58.05 -45.71
C GLN V 375 -32.19 57.16 -46.10
N GLY V 376 -31.22 57.01 -45.22
CA GLY V 376 -30.04 56.21 -45.52
C GLY V 376 -30.22 54.71 -45.43
N CYS V 377 -30.67 54.23 -44.26
CA CYS V 377 -30.67 52.80 -43.95
C CYS V 377 -32.05 52.24 -44.18
N GLN V 378 -32.39 52.00 -45.43
CA GLN V 378 -33.77 51.65 -45.74
C GLN V 378 -34.06 50.16 -45.55
N GLU V 379 -33.01 49.39 -45.28
CA GLU V 379 -33.18 47.96 -45.09
C GLU V 379 -33.51 47.59 -43.64
N LEU V 380 -33.59 48.61 -42.77
CA LEU V 380 -33.92 48.44 -41.36
C LEU V 380 -35.17 47.59 -41.09
N GLU V 381 -34.99 46.61 -40.22
CA GLU V 381 -36.06 45.70 -39.83
C GLU V 381 -36.37 45.90 -38.36
N TYR V 382 -35.35 46.31 -37.58
CA TYR V 382 -35.53 46.55 -36.14
C TYR V 382 -34.94 47.88 -35.74
N MET V 383 -35.78 48.71 -35.15
CA MET V 383 -35.36 50.02 -34.72
C MET V 383 -35.94 50.39 -33.36
N ALA V 384 -35.08 50.45 -32.35
CA ALA V 384 -35.51 50.88 -31.03
C ALA V 384 -34.67 52.07 -30.58
N VAL V 385 -35.37 53.14 -30.20
CA VAL V 385 -34.71 54.42 -30.00
C VAL V 385 -35.26 55.22 -28.81
N TYR V 386 -34.35 55.69 -27.96
CA TYR V 386 -34.71 56.68 -26.94
C TYR V 386 -34.35 58.05 -27.48
N VAL V 387 -35.35 58.82 -27.87
CA VAL V 387 -35.15 60.10 -28.50
C VAL V 387 -35.37 61.26 -27.50
N SER V 388 -34.69 62.40 -27.70
CA SER V 388 -34.88 63.58 -26.82
C SER V 388 -35.86 64.58 -27.42
N ASP V 389 -36.21 64.39 -28.69
CA ASP V 389 -37.14 65.28 -29.38
C ASP V 389 -37.63 64.71 -30.73
N ILE V 390 -38.95 64.71 -30.96
CA ILE V 390 -39.53 64.30 -32.27
C ILE V 390 -40.41 65.33 -32.96
N THR V 391 -40.70 65.05 -34.22
CA THR V 391 -41.66 65.80 -35.00
C THR V 391 -42.52 64.84 -35.82
N ASN V 392 -43.80 65.19 -36.00
CA ASN V 392 -44.65 64.38 -36.86
C ASN V 392 -43.95 64.02 -38.15
N GLU V 393 -43.12 64.95 -38.64
CA GLU V 393 -42.46 64.80 -39.93
C GLU V 393 -41.61 63.53 -39.97
N SER V 394 -40.81 63.37 -38.92
CA SER V 394 -39.88 62.25 -38.83
C SER V 394 -40.63 60.93 -38.92
N LEU V 395 -41.71 60.80 -38.17
CA LEU V 395 -42.47 59.57 -38.24
C LEU V 395 -42.92 59.28 -39.68
N GLU V 396 -43.31 60.34 -40.38
CA GLU V 396 -43.78 60.18 -41.76
C GLU V 396 -42.68 59.61 -42.63
N SER V 397 -41.45 60.10 -42.41
CA SER V 397 -40.32 59.66 -43.21
C SER V 397 -39.97 58.21 -42.90
N ILE V 398 -40.17 57.83 -41.63
CA ILE V 398 -40.03 56.43 -41.24
C ILE V 398 -40.95 55.59 -42.13
N GLY V 399 -42.25 55.86 -41.97
CA GLY V 399 -43.28 55.10 -42.67
C GLY V 399 -43.12 55.23 -44.17
N THR V 400 -42.29 56.17 -44.58
CA THR V 400 -42.19 56.46 -46.00
C THR V 400 -41.04 55.68 -46.65
N TYR V 401 -39.92 55.54 -45.91
CA TYR V 401 -38.70 55.00 -46.51
C TYR V 401 -38.33 53.56 -46.15
N LEU V 402 -38.57 53.15 -44.90
CA LEU V 402 -38.14 51.80 -44.48
C LEU V 402 -39.29 50.82 -44.28
N LYS V 403 -39.51 50.01 -45.30
CA LYS V 403 -40.78 49.31 -45.41
C LYS V 403 -40.79 48.01 -44.65
N ASN V 404 -39.65 47.33 -44.62
CA ASN V 404 -39.62 46.03 -43.93
C ASN V 404 -39.12 46.14 -42.49
N LEU V 405 -39.44 47.28 -41.90
CA LEU V 405 -39.46 47.47 -40.46
C LEU V 405 -40.49 46.54 -39.81
N CYS V 406 -40.01 45.64 -38.95
CA CYS V 406 -40.87 44.65 -38.27
C CYS V 406 -41.09 45.06 -36.82
N ASP V 407 -40.07 45.68 -36.24
CA ASP V 407 -40.07 45.96 -34.82
C ASP V 407 -39.68 47.43 -34.70
N PHE V 408 -40.57 48.24 -34.15
CA PHE V 408 -40.25 49.64 -33.97
C PHE V 408 -40.64 50.12 -32.59
N ARG V 409 -39.66 50.68 -31.90
CA ARG V 409 -39.87 51.16 -30.52
C ARG V 409 -39.29 52.56 -30.31
N LEU V 410 -40.11 53.44 -29.75
CA LEU V 410 -39.76 54.84 -29.61
C LEU V 410 -40.13 55.23 -28.20
N VAL V 411 -39.19 55.87 -27.51
CA VAL V 411 -39.48 56.40 -26.17
C VAL V 411 -38.88 57.79 -26.11
N LEU V 412 -39.66 58.79 -25.73
CA LEU V 412 -39.08 60.12 -25.61
C LEU V 412 -38.84 60.59 -24.18
N LEU V 413 -37.57 60.93 -23.91
CA LEU V 413 -37.10 61.35 -22.59
C LEU V 413 -37.73 62.64 -22.07
N ASP V 414 -37.92 62.70 -20.75
CA ASP V 414 -38.58 63.82 -20.10
C ASP V 414 -37.59 64.95 -19.82
N ARG V 415 -36.34 64.73 -20.23
CA ARG V 415 -35.26 65.71 -20.07
C ARG V 415 -35.65 67.08 -20.65
N GLU V 416 -36.07 67.06 -21.91
CA GLU V 416 -36.47 68.27 -22.62
C GLU V 416 -37.81 68.79 -22.10
N GLU V 417 -37.91 70.12 -22.07
CA GLU V 417 -39.09 70.80 -21.55
C GLU V 417 -40.15 71.00 -22.64
N ARG V 418 -39.76 71.68 -23.70
CA ARG V 418 -40.65 71.85 -24.83
C ARG V 418 -40.23 70.90 -25.93
N ILE V 419 -41.23 70.25 -26.52
CA ILE V 419 -41.02 69.42 -27.71
C ILE V 419 -41.64 70.13 -28.91
N THR V 420 -40.83 70.35 -29.93
CA THR V 420 -41.23 71.09 -31.13
C THR V 420 -42.74 71.05 -31.38
N ASP V 421 -43.20 70.11 -32.20
CA ASP V 421 -44.64 69.95 -32.39
C ASP V 421 -45.06 68.70 -31.64
N LEU V 422 -46.04 68.81 -30.76
CA LEU V 422 -46.33 67.65 -29.92
C LEU V 422 -47.36 66.62 -30.44
N PRO V 423 -48.67 66.91 -30.37
CA PRO V 423 -49.59 65.81 -30.71
C PRO V 423 -49.16 65.12 -32.02
N LEU V 424 -48.86 63.82 -31.92
CA LEU V 424 -48.18 63.08 -33.00
C LEU V 424 -49.16 62.31 -33.87
N ASP V 425 -50.44 62.55 -33.61
CA ASP V 425 -51.54 61.82 -34.24
C ASP V 425 -51.31 61.47 -35.72
N ASN V 426 -50.77 62.43 -36.47
CA ASN V 426 -50.66 62.27 -37.92
C ASN V 426 -49.36 61.59 -38.37
N GLY V 427 -48.34 61.71 -37.52
CA GLY V 427 -47.10 61.01 -37.72
C GLY V 427 -47.25 59.53 -37.45
N VAL V 428 -47.81 59.20 -36.29
CA VAL V 428 -48.02 57.79 -35.94
C VAL V 428 -48.72 57.13 -37.12
N ARG V 429 -49.81 57.79 -37.53
CA ARG V 429 -50.67 57.27 -38.58
C ARG V 429 -49.90 56.93 -39.85
N SER V 430 -49.13 57.89 -40.38
CA SER V 430 -48.42 57.63 -41.64
C SER V 430 -47.40 56.49 -41.47
N LEU V 431 -46.81 56.42 -40.29
CA LEU V 431 -45.85 55.39 -39.97
C LEU V 431 -46.51 54.01 -40.01
N LEU V 432 -47.57 53.85 -39.23
CA LEU V 432 -48.31 52.59 -39.17
C LEU V 432 -48.79 52.17 -40.57
N ILE V 433 -49.03 53.18 -41.42
CA ILE V 433 -49.58 52.94 -42.74
C ILE V 433 -48.51 52.57 -43.76
N GLY V 434 -47.32 53.14 -43.57
CA GLY V 434 -46.16 52.85 -44.40
C GLY V 434 -45.48 51.51 -44.12
N CYS V 435 -45.26 51.21 -42.85
CA CYS V 435 -44.62 49.95 -42.46
C CYS V 435 -45.67 48.90 -42.15
N LYS V 436 -46.06 48.13 -43.16
CA LYS V 436 -47.17 47.21 -42.98
C LYS V 436 -46.64 45.83 -42.59
N LYS V 437 -45.33 45.75 -42.37
CA LYS V 437 -44.73 44.48 -41.98
C LYS V 437 -44.57 44.45 -40.45
N LEU V 438 -44.90 45.58 -39.84
CA LEU V 438 -44.76 45.77 -38.39
C LEU V 438 -45.52 44.75 -37.50
N ARG V 439 -44.77 44.02 -36.66
CA ARG V 439 -45.37 43.01 -35.78
C ARG V 439 -45.31 43.42 -34.31
N ARG V 440 -44.26 44.16 -33.93
CA ARG V 440 -44.08 44.63 -32.55
C ARG V 440 -43.84 46.13 -32.62
N PHE V 441 -44.49 46.83 -31.72
CA PHE V 441 -44.52 48.29 -31.78
C PHE V 441 -44.63 48.88 -30.37
N ALA V 442 -43.71 49.75 -30.04
CA ALA V 442 -43.73 50.41 -28.74
C ALA V 442 -43.61 51.93 -28.90
N PHE V 443 -44.41 52.64 -28.11
CA PHE V 443 -44.57 54.06 -28.30
C PHE V 443 -44.77 54.68 -26.94
N TYR V 444 -43.70 55.24 -26.38
CA TYR V 444 -43.72 55.75 -25.02
C TYR V 444 -43.50 57.25 -25.01
N LEU V 445 -44.54 58.02 -24.67
CA LEU V 445 -44.47 59.49 -24.76
C LEU V 445 -44.66 60.21 -23.41
N ARG V 446 -44.85 61.53 -23.47
CA ARG V 446 -45.21 62.36 -22.31
C ARG V 446 -46.69 62.65 -22.47
N GLN V 447 -47.32 63.30 -21.49
CA GLN V 447 -48.81 63.36 -21.50
C GLN V 447 -49.45 63.91 -22.82
N GLY V 448 -49.12 65.13 -23.19
CA GLY V 448 -49.71 65.67 -24.39
C GLY V 448 -49.38 64.92 -25.67
N GLY V 449 -48.63 63.83 -25.54
CA GLY V 449 -48.06 63.16 -26.70
C GLY V 449 -49.03 62.67 -27.77
N LEU V 450 -50.19 62.16 -27.34
CA LEU V 450 -51.13 61.59 -28.30
C LEU V 450 -52.55 61.77 -27.81
N THR V 451 -53.41 62.25 -28.71
CA THR V 451 -54.81 62.51 -28.41
C THR V 451 -55.61 61.26 -28.74
N ASP V 452 -56.79 61.13 -28.13
CA ASP V 452 -57.64 59.98 -28.39
C ASP V 452 -57.80 59.71 -29.90
N LEU V 453 -57.77 60.77 -30.70
CA LEU V 453 -57.89 60.62 -32.14
C LEU V 453 -56.71 59.80 -32.64
N GLY V 454 -55.52 60.19 -32.22
CA GLY V 454 -54.30 59.49 -32.60
C GLY V 454 -54.31 58.06 -32.09
N LEU V 455 -54.66 57.90 -30.81
CA LEU V 455 -54.67 56.58 -30.20
C LEU V 455 -55.45 55.63 -31.07
N SER V 456 -56.65 56.04 -31.47
CA SER V 456 -57.50 55.17 -32.29
C SER V 456 -56.85 54.90 -33.66
N TYR V 457 -55.99 55.82 -34.09
CA TYR V 457 -55.25 55.65 -35.34
C TYR V 457 -54.41 54.42 -35.24
N ILE V 458 -53.82 54.25 -34.05
CA ILE V 458 -52.99 53.09 -33.76
C ILE V 458 -53.80 51.80 -33.87
N GLY V 459 -54.95 51.77 -33.17
CA GLY V 459 -55.86 50.64 -33.25
C GLY V 459 -56.19 50.35 -34.70
N GLN V 460 -56.49 51.43 -35.41
CA GLN V 460 -56.95 51.37 -36.78
C GLN V 460 -55.92 50.89 -37.81
N TYR V 461 -54.65 51.21 -37.61
CA TYR V 461 -53.65 50.95 -38.65
C TYR V 461 -52.54 49.96 -38.29
N SER V 462 -52.81 49.06 -37.35
CA SER V 462 -51.79 48.08 -36.99
C SER V 462 -52.37 46.66 -37.04
N PRO V 463 -52.60 46.17 -38.26
CA PRO V 463 -53.24 44.88 -38.53
C PRO V 463 -52.32 43.73 -38.15
N ASN V 464 -51.01 43.98 -38.17
CA ASN V 464 -50.09 42.87 -37.99
C ASN V 464 -49.42 42.78 -36.64
N VAL V 465 -49.57 43.86 -35.87
CA VAL V 465 -48.96 43.96 -34.55
C VAL V 465 -49.51 42.99 -33.48
N ARG V 466 -48.63 42.13 -33.00
CA ARG V 466 -48.99 41.17 -31.97
C ARG V 466 -48.65 41.73 -30.58
N TRP V 467 -47.63 42.57 -30.50
CA TRP V 467 -47.25 43.13 -29.21
C TRP V 467 -47.11 44.64 -29.22
N MET V 468 -47.71 45.28 -28.23
CA MET V 468 -47.59 46.72 -28.09
C MET V 468 -47.21 47.16 -26.67
N LEU V 469 -46.27 48.10 -26.61
CA LEU V 469 -45.94 48.80 -25.38
C LEU V 469 -46.29 50.28 -25.57
N LEU V 470 -47.28 50.74 -24.82
CA LEU V 470 -47.77 52.11 -24.95
C LEU V 470 -47.42 52.97 -23.75
N GLY V 471 -46.77 54.10 -24.05
CA GLY V 471 -46.27 55.03 -23.06
C GLY V 471 -47.35 55.86 -22.40
N TYR V 472 -47.37 57.16 -22.72
CA TYR V 472 -48.35 58.06 -22.11
C TYR V 472 -49.45 58.47 -23.09
N VAL V 473 -49.88 57.55 -23.93
CA VAL V 473 -50.83 57.88 -24.98
C VAL V 473 -52.20 58.28 -24.45
N GLY V 474 -52.96 58.94 -25.31
CA GLY V 474 -54.35 59.30 -25.03
C GLY V 474 -54.54 60.51 -24.12
N GLU V 475 -55.80 60.93 -24.01
CA GLU V 475 -56.21 62.00 -23.10
C GLU V 475 -57.35 61.55 -22.18
N SER V 476 -58.23 60.69 -22.70
CA SER V 476 -59.29 60.09 -21.88
C SER V 476 -59.62 58.66 -22.33
N ASP V 477 -60.45 57.98 -21.53
CA ASP V 477 -60.81 56.61 -21.82
C ASP V 477 -61.42 56.47 -23.24
N GLU V 478 -62.00 57.57 -23.74
CA GLU V 478 -62.51 57.60 -25.10
C GLU V 478 -61.48 57.02 -26.06
N GLY V 479 -60.21 57.37 -25.83
CA GLY V 479 -59.13 56.94 -26.71
C GLY V 479 -58.86 55.45 -26.60
N LEU V 480 -58.81 54.96 -25.36
CA LEU V 480 -58.61 53.54 -25.13
C LEU V 480 -59.71 52.71 -25.79
N MET V 481 -60.96 53.14 -25.61
CA MET V 481 -62.07 52.46 -26.24
C MET V 481 -61.94 52.50 -27.78
N GLU V 482 -61.61 53.66 -28.33
CA GLU V 482 -61.46 53.75 -29.79
C GLU V 482 -60.39 52.80 -30.29
N PHE V 483 -59.30 52.76 -29.55
CA PHE V 483 -58.18 51.84 -29.80
C PHE V 483 -58.66 50.39 -29.79
N SER V 484 -59.46 50.06 -28.77
CA SER V 484 -59.90 48.68 -28.56
C SER V 484 -60.77 48.12 -29.71
N ARG V 485 -61.33 48.98 -30.56
CA ARG V 485 -62.11 48.42 -31.63
C ARG V 485 -61.24 48.03 -32.83
N GLY V 486 -59.93 48.27 -32.71
CA GLY V 486 -59.00 47.84 -33.75
C GLY V 486 -58.13 46.71 -33.27
N CYS V 487 -56.86 46.73 -33.68
CA CYS V 487 -55.89 45.76 -33.20
C CYS V 487 -56.39 44.33 -33.37
N PRO V 488 -56.55 43.91 -34.63
CA PRO V 488 -57.04 42.58 -34.98
C PRO V 488 -56.19 41.51 -34.33
N ASN V 489 -54.87 41.69 -34.39
CA ASN V 489 -53.95 40.65 -34.01
C ASN V 489 -53.11 40.93 -32.77
N LEU V 490 -53.53 41.91 -31.99
CA LEU V 490 -52.83 42.24 -30.75
C LEU V 490 -52.95 41.09 -29.73
N GLN V 491 -51.81 40.57 -29.27
CA GLN V 491 -51.80 39.45 -28.35
C GLN V 491 -51.36 39.87 -26.96
N LYS V 492 -50.30 40.67 -26.94
CA LYS V 492 -49.72 41.14 -25.68
C LYS V 492 -49.78 42.67 -25.66
N LEU V 493 -50.27 43.22 -24.54
CA LEU V 493 -50.42 44.64 -24.40
C LEU V 493 -49.84 45.10 -23.09
N GLU V 494 -48.87 46.02 -23.18
CA GLU V 494 -48.22 46.57 -21.99
C GLU V 494 -48.40 48.07 -22.03
N MET V 495 -49.06 48.64 -21.03
CA MET V 495 -49.17 50.08 -20.94
C MET V 495 -48.85 50.54 -19.55
N ARG V 496 -48.04 51.59 -19.44
CA ARG V 496 -47.78 52.21 -18.13
C ARG V 496 -47.86 53.71 -18.23
N GLY V 497 -48.17 54.35 -17.10
CA GLY V 497 -48.35 55.79 -17.06
C GLY V 497 -49.50 56.26 -17.94
N CYS V 498 -50.66 55.61 -17.81
CA CYS V 498 -51.82 56.04 -18.57
C CYS V 498 -52.94 56.53 -17.67
N CYS V 499 -53.84 57.30 -18.26
CA CYS V 499 -54.85 58.00 -17.51
C CYS V 499 -56.18 57.26 -17.52
N PHE V 500 -56.19 56.02 -17.99
CA PHE V 500 -57.45 55.30 -18.13
C PHE V 500 -57.91 54.72 -16.79
N SER V 501 -59.19 54.39 -16.71
CA SER V 501 -59.82 53.93 -15.46
C SER V 501 -59.97 52.42 -15.44
N GLU V 502 -60.23 51.86 -14.28
CA GLU V 502 -60.38 50.42 -14.21
C GLU V 502 -61.39 49.92 -15.22
N ARG V 503 -62.62 50.44 -15.16
CA ARG V 503 -63.69 49.92 -16.01
C ARG V 503 -63.38 50.13 -17.48
N ALA V 504 -62.55 51.14 -17.76
CA ALA V 504 -62.15 51.47 -19.13
C ALA V 504 -61.24 50.42 -19.70
N ILE V 505 -60.26 50.01 -18.89
CA ILE V 505 -59.35 48.91 -19.23
C ILE V 505 -60.16 47.63 -19.43
N ALA V 506 -60.92 47.28 -18.41
CA ALA V 506 -61.63 46.01 -18.42
C ALA V 506 -62.47 45.93 -19.67
N ALA V 507 -63.04 47.08 -20.05
CA ALA V 507 -63.88 47.16 -21.22
C ALA V 507 -63.05 46.86 -22.48
N ALA V 508 -61.91 47.54 -22.58
CA ALA V 508 -61.04 47.41 -23.75
C ALA V 508 -60.54 45.98 -23.92
N VAL V 509 -60.30 45.31 -22.80
CA VAL V 509 -59.86 43.93 -22.84
C VAL V 509 -60.92 43.06 -23.48
N THR V 510 -62.18 43.36 -23.16
CA THR V 510 -63.30 42.57 -23.66
C THR V 510 -63.42 42.74 -25.18
N LYS V 511 -63.22 43.97 -25.63
CA LYS V 511 -63.30 44.27 -27.07
C LYS V 511 -62.17 43.68 -27.94
N LEU V 512 -61.01 43.47 -27.34
CA LEU V 512 -59.87 42.91 -28.08
C LEU V 512 -59.95 41.41 -28.34
N PRO V 513 -60.06 41.05 -29.62
CA PRO V 513 -60.23 39.68 -30.10
C PRO V 513 -59.04 38.81 -29.73
N SER V 514 -57.83 39.33 -29.89
CA SER V 514 -56.66 38.46 -29.88
C SER V 514 -55.91 38.48 -28.56
N LEU V 515 -56.28 39.42 -27.70
CA LEU V 515 -55.48 39.66 -26.49
C LEU V 515 -55.39 38.45 -25.55
N ARG V 516 -54.16 38.07 -25.16
CA ARG V 516 -53.95 37.00 -24.21
C ARG V 516 -53.06 37.36 -23.01
N TYR V 517 -52.52 38.57 -23.03
CA TYR V 517 -51.60 39.03 -21.97
C TYR V 517 -51.69 40.54 -21.82
N LEU V 518 -51.90 40.99 -20.58
CA LEU V 518 -52.04 42.39 -20.27
C LEU V 518 -51.26 42.74 -19.05
N TRP V 519 -50.33 43.70 -19.19
CA TRP V 519 -49.63 44.27 -18.05
C TRP V 519 -49.84 45.78 -18.06
N VAL V 520 -50.13 46.34 -16.89
CA VAL V 520 -50.41 47.76 -16.75
C VAL V 520 -49.86 48.30 -15.46
N GLN V 521 -49.19 49.44 -15.52
CA GLN V 521 -48.85 50.20 -14.31
C GLN V 521 -49.37 51.62 -14.44
N GLY V 522 -50.10 52.07 -13.42
CA GLY V 522 -50.63 53.43 -13.41
C GLY V 522 -51.97 53.53 -14.12
N TYR V 523 -53.01 53.74 -13.31
CA TYR V 523 -54.38 53.80 -13.83
C TYR V 523 -55.28 54.31 -12.71
N ARG V 524 -56.37 55.01 -13.06
CA ARG V 524 -57.34 55.47 -12.04
C ARG V 524 -57.98 54.26 -11.36
N ALA V 525 -57.61 54.01 -10.11
CA ALA V 525 -58.11 52.83 -9.37
C ALA V 525 -59.52 53.01 -8.79
N SER V 526 -59.78 52.29 -7.71
CA SER V 526 -60.97 52.47 -6.88
C SER V 526 -60.89 51.46 -5.74
N MET V 527 -61.04 51.92 -4.50
CA MET V 527 -60.87 51.05 -3.33
C MET V 527 -61.73 49.79 -3.48
N THR V 528 -62.94 49.95 -4.00
CA THR V 528 -63.79 48.82 -4.36
C THR V 528 -62.92 47.70 -4.92
N GLY V 529 -62.24 48.02 -6.02
CA GLY V 529 -61.43 47.08 -6.78
C GLY V 529 -62.29 46.48 -7.87
N GLN V 530 -63.59 46.59 -7.68
CA GLN V 530 -64.56 45.77 -8.38
C GLN V 530 -64.81 46.13 -9.82
N ASP V 531 -64.14 47.17 -10.31
CA ASP V 531 -64.36 47.60 -11.66
C ASP V 531 -63.58 46.74 -12.65
N LEU V 532 -62.38 46.35 -12.25
CA LEU V 532 -61.59 45.38 -12.99
C LEU V 532 -62.38 44.12 -13.27
N MET V 533 -63.15 43.70 -12.28
CA MET V 533 -63.98 42.50 -12.37
C MET V 533 -64.76 42.32 -13.67
N GLN V 534 -65.18 43.40 -14.30
CA GLN V 534 -66.05 43.29 -15.45
C GLN V 534 -65.29 42.74 -16.69
N MET V 535 -64.10 42.20 -16.46
CA MET V 535 -63.42 41.44 -17.51
C MET V 535 -63.26 39.96 -17.15
N ALA V 536 -63.84 39.57 -16.02
CA ALA V 536 -63.89 38.16 -15.62
C ALA V 536 -64.44 37.28 -16.76
N ARG V 537 -63.54 36.55 -17.41
CA ARG V 537 -63.89 35.48 -18.33
C ARG V 537 -63.42 34.22 -17.64
N PRO V 538 -63.81 33.07 -18.16
CA PRO V 538 -63.23 31.81 -17.70
C PRO V 538 -61.83 31.67 -18.31
N TYR V 539 -60.87 31.09 -17.56
CA TYR V 539 -59.47 30.94 -18.02
C TYR V 539 -58.67 32.25 -17.97
N TRP V 540 -59.33 33.35 -17.61
CA TRP V 540 -58.65 34.63 -17.52
C TRP V 540 -58.22 34.87 -16.09
N ASN V 541 -56.91 34.84 -15.88
CA ASN V 541 -56.31 35.07 -14.57
C ASN V 541 -55.95 36.54 -14.48
N ILE V 542 -56.36 37.20 -13.39
CA ILE V 542 -55.90 38.58 -13.15
C ILE V 542 -55.13 38.65 -11.82
N GLU V 543 -54.02 39.40 -11.81
CA GLU V 543 -53.16 39.57 -10.61
C GLU V 543 -52.87 41.04 -10.35
N LEU V 544 -52.71 41.38 -9.07
CA LEU V 544 -52.31 42.74 -8.66
C LEU V 544 -50.95 42.79 -7.94
N ILE V 545 -50.11 43.78 -8.26
CA ILE V 545 -48.71 43.78 -7.84
C ILE V 545 -48.28 45.11 -7.24
N PRO V 546 -47.17 45.10 -6.45
CA PRO V 546 -46.32 46.21 -5.91
C PRO V 546 -45.09 46.65 -6.78
N SER V 547 -43.86 46.32 -6.34
CA SER V 547 -42.64 46.64 -7.11
C SER V 547 -41.32 46.40 -6.34
N ARG V 548 -40.29 45.89 -7.05
CA ARG V 548 -38.95 45.58 -6.49
C ARG V 548 -37.83 45.72 -7.54
N ARG V 549 -36.68 45.10 -7.25
CA ARG V 549 -35.54 45.05 -8.17
C ARG V 549 -34.93 43.64 -8.26
N GLU V 563 -41.86 55.00 -4.43
CA GLU V 563 -43.28 54.88 -4.79
C GLU V 563 -43.47 54.13 -6.11
N HIS V 564 -44.04 52.94 -6.04
CA HIS V 564 -44.30 52.18 -7.26
C HIS V 564 -45.76 51.69 -7.29
N PRO V 565 -46.61 52.39 -8.07
CA PRO V 565 -48.07 52.19 -8.13
C PRO V 565 -48.46 50.75 -8.48
N ALA V 566 -49.75 50.42 -8.32
CA ALA V 566 -50.22 49.06 -8.55
C ALA V 566 -50.04 48.58 -9.99
N HIS V 567 -49.64 47.32 -10.14
CA HIS V 567 -49.61 46.71 -11.45
C HIS V 567 -50.83 45.83 -11.62
N ILE V 568 -51.27 45.73 -12.86
CA ILE V 568 -52.24 44.74 -13.24
C ILE V 568 -51.56 43.79 -14.22
N LEU V 569 -51.70 42.51 -13.94
CA LEU V 569 -51.19 41.53 -14.86
C LEU V 569 -52.32 40.54 -15.06
N ALA V 570 -52.75 40.36 -16.31
CA ALA V 570 -53.71 39.31 -16.60
C ALA V 570 -53.34 38.54 -17.86
N TYR V 571 -53.63 37.24 -17.86
CA TYR V 571 -53.24 36.35 -18.96
C TYR V 571 -54.24 35.18 -19.02
N TYR V 572 -54.31 34.54 -20.18
CA TYR V 572 -55.10 33.32 -20.29
C TYR V 572 -54.24 32.18 -19.78
N SER V 573 -54.86 31.22 -19.09
CA SER V 573 -54.19 30.01 -18.66
C SER V 573 -55.16 28.87 -18.50
N LEU V 574 -54.82 27.74 -19.11
CA LEU V 574 -55.57 26.50 -18.98
C LEU V 574 -55.39 25.81 -17.62
N ALA V 575 -54.65 26.45 -16.72
CA ALA V 575 -54.11 25.78 -15.54
C ALA V 575 -54.79 26.21 -14.27
N GLY V 576 -55.38 27.41 -14.32
CA GLY V 576 -56.05 28.01 -13.20
C GLY V 576 -55.10 28.95 -12.49
N GLN V 577 -55.51 29.46 -11.33
CA GLN V 577 -54.64 30.40 -10.62
C GLN V 577 -53.45 29.69 -9.99
N ARG V 578 -52.28 30.34 -10.10
CA ARG V 578 -51.02 29.79 -9.58
C ARG V 578 -51.00 29.63 -8.06
N THR V 579 -50.41 28.53 -7.61
CA THR V 579 -50.19 28.27 -6.20
C THR V 579 -49.12 29.17 -5.56
N ASP V 580 -48.08 29.48 -6.32
CA ASP V 580 -46.85 30.04 -5.77
C ASP V 580 -46.78 31.57 -5.65
N CYS V 581 -47.90 32.24 -5.44
CA CYS V 581 -47.86 33.70 -5.31
C CYS V 581 -47.10 34.13 -4.06
N PRO V 582 -46.34 35.23 -4.18
CA PRO V 582 -45.76 35.90 -3.01
C PRO V 582 -46.87 36.50 -2.18
N THR V 583 -46.49 37.14 -1.07
CA THR V 583 -47.45 37.89 -0.27
C THR V 583 -47.75 39.23 -0.92
N THR V 584 -46.74 39.82 -1.56
CA THR V 584 -46.97 41.06 -2.30
C THR V 584 -47.96 41.00 -3.47
N VAL V 585 -48.42 39.82 -3.87
CA VAL V 585 -49.21 39.74 -5.09
C VAL V 585 -50.57 39.18 -4.82
N ARG V 586 -51.60 39.91 -5.23
CA ARG V 586 -52.98 39.53 -4.93
C ARG V 586 -53.71 38.97 -6.17
N VAL V 587 -54.41 37.85 -5.99
CA VAL V 587 -55.20 37.27 -7.08
C VAL V 587 -56.70 37.63 -7.00
N LEU V 588 -57.21 38.42 -7.97
CA LEU V 588 -58.62 38.81 -7.94
C LEU V 588 -59.58 37.65 -8.28
N LYS V 589 -60.62 37.49 -7.45
CA LYS V 589 -61.60 36.40 -7.55
C LYS V 589 -63.06 36.78 -7.25
N GLU V 590 -63.70 37.50 -8.17
CA GLU V 590 -65.11 37.86 -8.02
C GLU V 590 -65.33 38.61 -6.69
N PRO V 591 -66.58 38.61 -6.16
CA PRO V 591 -66.74 39.21 -4.83
C PRO V 591 -65.83 38.58 -3.77
N ILE V 592 -65.09 39.42 -3.04
CA ILE V 592 -64.21 38.97 -1.96
C ILE V 592 -65.03 38.44 -0.78
N GLU W 1 -45.91 60.71 -10.31
CA GLU W 1 -44.55 60.95 -10.78
C GLU W 1 -43.84 59.67 -11.26
N LEU W 2 -44.20 59.17 -12.44
CA LEU W 2 -43.59 57.92 -12.91
C LEU W 2 -42.28 58.16 -13.64
N PRO W 3 -41.15 57.74 -13.03
CA PRO W 3 -39.83 57.99 -13.59
C PRO W 3 -39.52 56.96 -14.67
N ILE W 4 -38.78 57.35 -15.70
CA ILE W 4 -38.39 56.39 -16.73
C ILE W 4 -37.49 55.35 -16.05
N ALA W 5 -37.97 54.11 -15.95
CA ALA W 5 -37.20 53.05 -15.35
C ALA W 5 -36.04 52.62 -16.25
N ARG W 6 -34.88 52.48 -15.64
CA ARG W 6 -33.68 52.16 -16.37
C ARG W 6 -33.60 50.64 -16.56
N ARG W 7 -33.34 50.20 -17.80
CA ARG W 7 -33.06 48.79 -18.04
C ARG W 7 -31.88 48.34 -17.16
N ALA W 8 -32.09 47.28 -16.38
CA ALA W 8 -31.15 46.93 -15.31
C ALA W 8 -29.69 46.72 -15.74
N SER W 9 -29.49 46.19 -16.94
CA SER W 9 -28.14 45.95 -17.44
C SER W 9 -27.36 47.26 -17.59
N LEU W 10 -28.07 48.32 -17.97
CA LEU W 10 -27.43 49.64 -18.11
C LEU W 10 -27.30 50.35 -16.79
N HIS W 11 -28.31 50.25 -15.93
CA HIS W 11 -28.17 50.76 -14.58
C HIS W 11 -26.87 50.29 -13.92
N ARG W 12 -26.64 48.98 -13.96
CA ARG W 12 -25.42 48.40 -13.40
C ARG W 12 -24.16 49.04 -13.98
N PHE W 13 -24.15 49.22 -15.30
CA PHE W 13 -23.00 49.76 -16.02
C PHE W 13 -22.78 51.22 -15.70
N LEU W 14 -23.85 52.00 -15.69
CA LEU W 14 -23.74 53.45 -15.49
C LEU W 14 -23.11 53.76 -14.14
N GLU W 15 -23.26 52.83 -13.18
CA GLU W 15 -22.60 52.96 -11.88
C GLU W 15 -21.12 52.58 -11.92
N LYS W 16 -20.83 51.42 -12.52
CA LYS W 16 -19.45 51.03 -12.77
C LYS W 16 -18.70 52.14 -13.51
N ARG W 17 -19.40 52.83 -14.40
CA ARG W 17 -18.81 53.91 -15.17
C ARG W 17 -18.20 54.99 -14.30
N LYS W 18 -19.00 55.51 -13.37
CA LYS W 18 -18.52 56.51 -12.43
C LYS W 18 -17.61 55.91 -11.34
#